data_9HXW
#
_entry.id   9HXW
#
_cell.length_a   1.00
_cell.length_b   1.00
_cell.length_c   1.00
_cell.angle_alpha   90.00
_cell.angle_beta   90.00
_cell.angle_gamma   90.00
#
_symmetry.space_group_name_H-M   'P 1'
#
loop_
_entity.id
_entity.type
_entity.pdbx_description
1 polymer 'E3 ubiquitin-protein ligase KCMF1'
2 polymer Calmodulin-1
3 polymer 'E3 ubiquitin-protein ligase UBR4'
4 non-polymer 'ZINC ION'
#
loop_
_entity_poly.entity_id
_entity_poly.type
_entity_poly.pdbx_seq_one_letter_code
_entity_poly.pdbx_strand_id
1 'polypeptide(L)'
;MSRHEGVSCDACLKGNFRGRRYKCLICYDYDLCASCYESGATTTRHTTDHPMQCILTRVDFDLYYGGEAFSVEQPQSFTC
PYCGKMGYTETSLQEHVTSEHAETSTEVICPICAALPGGDPNHVTDDFAAHLTLEHRAPRDLDESSGVRHVRRMFHPGRG
LGGPRARRSNMHFTSSSTGGLSSSQSSYSPSNREAMDPIAELLSQLSGVRRSAGGQLNSSGPSASQLQQLQMQLQLERQH
AQAARQQLETARNATRRTNTSSVTTTITQSTATTNIANTESSQQTLQNSQFLLTRLNDPKMSETERQSMESERADRSLFV
QELLLSTLVRE
;
D,C
2 'polypeptide(L)'
;MDYKDDDDKMADQLTEEQIAEFKEAFSLFDKDGDGTITTKELGTVMRSLGQNPTEAELQDMINEVDADGNGTIDFPEFLT
MMARKMKDTDSEEEIREAFRVFDKDGNGYISAAELRHVMTNLGEKLTDEEVDEMIREADIDGDGQVNYEEFVQMMTAK
;
E,F
3 'polypeptide(L)'
;MATSGGEEAAAAAPAPGTPATGADTTPGWEVAVRPLLSASYSAFEMKELPQLVASVIESESEILHHEKQYEPFYSSFVAL
STHYITTVCSLIPRNQLQSVAAACKVLIEFSLLRLENPDEACAVSQKHLILLIKGLCTGCSRLDRTEIITFTAMMKSAKL
PQTVKTLSDVEDQKELASPVSPELRQKEVQMNFLNQLTSVFNPRTVASQPISTQTLVEGENDEQSSTDQASAIKTKNVFI
AQNVASLQELGGSEKLLRVCLNLPYFLRYINRFQDAVLANSFFIMPATVADATAVRNGFHSLVIDVTMALDTLSLPVLEP
LNPSRLQDVTVLSLSCLYAGVSVATCMAILHVGSAQQVRTGSTSSKEDDYESDAATIVQKCLEIYDMIGQAISSSRRAGG
EHYQNFQLLGAWCLLNSLFLILNLSPTALADKGKEKDPLAALRVRDILSRTKEGVGSPKLGPGKGHQGFGVLSVILANHA
IKLLTSLFQDLQVEALHKGWETDGPPAALSIMAQSTSIQRIQRLIDSVPLMNLLLTLLSTSYRKACVLQRQRKGSMSSDA
SASTDSNTYYEDDFSSTEEDSSQDDDSEPILGQWFEETISPSKEKAAPPPPPPPPPLESSPRVKSPSKQAPGEKGNILAS
RKDPELFLGLASNILNFITSSMLNSRNNFIRNYLSVSLSEHHMATLASIIKEVDKDGLKGSSDEEFAAALYHFNHSLVTS
DLQSPNLQNTLLQQLGVAPFSEGPWPLYIHPQSLSVLSRLLLIWQHKASAQGDPDVPECLKVWDRFLSTMKQNALQGVVP
SETEDLNVEHLQMLLLIFHNFTETGRRAILSLFVQIIQELSVNMDAQMRFVPLILARLLLIFDYLLHQYSKAPVYLFEQV
QHNLLSPPFGWASGSQDSNSRRATTPLYHGFKEVEENWSKHFSSDAVPHPRFYCVLSPEASEDDLNRLDSVACDVLFSKL
VKYDELYAALTALLAAGSQLDTVRRKENKNVTALEACALQYYFLILWRILGILPPSKTYINQLSMNSPEMSECDILHTLR
WSSRLRISSYVNWIKDHLIKQGMKAEHASSLLELASTTKCSSVKYDVEIVEEYFARQISSFCSIDCTTILQLHEIPSLQS
IYTLDAAISKVQVSLDEHFSKMAAETDPHKSSEITKNLLPATLQLIDTYASFTRAYLLQNFNEEGTTEKPSKEKLQGFAA
VLAIGSSRCKANTLGPTLVQNLPSSVQTVCESWNNINTNEFPNIGSWRNAFANDTIPSESYISAVQAAHLGTLCSQSLPL
AASLKHTLLSLVRLTGDLIVWSDEMNPPQVIRTLLPLLLESSTESVAEISSNSLERILGPAESDEFLARVYEKLITGCYN
ILANHADPNSGLDESILEECLQYLEKQLESSQARKAMEEFFSDSGELVQIMMATANENLSAKFCNRVLKFFTKLFQLTEK
SPNPSLLHLCGSLAQLACVEPVRLQAWLTRMTTSPPKDSDQLDVIQENRQLLQLLTTYIVRENSQVGEGVCAVLLGTLTP
MATEMLANGDGTGFPELMVVMATLASAGQGAGHLQLHNAAVDWLSRCKKYLSQKNVVEKLNANVMHGKHVMILECTCHIM
SYLADVTNALSQSNGQGPSHLSVDGEERAIEVDSDWVEELAVEEEDSQAEDSDEDSLCNKLCTFTITQKEFMNQHWYHCH
TCKMVDGVGVCTVCAKVCHKDHEISYAKYGSFFCDCGAKEDGSCLALVKRTPSSGMSSTMKESAFQSEPRISESLVRHAS
TSSPADKAKVTISDGKVADEEKPKKSSLCRTVEGCREELQNQANFSFAPLVLDMLNFLMDAIQTNFQQASAVGSSSRAQQ
ALSELHTVEKAVEMTDQLMVPTLGSQEGAFENVRMNYSGDQGQTIRQLISAHVLRRVAMCVLSSPHGRRQHLAVSHEKGK
ITVLQLSALLKQADSSKRKLTLTRLASAPVPFTVLSLTGNPCKEDYLAVCGLKDCHVLTFSSSGSVSDHLVLHPQLATGN
FIIKAVWLPGSQTELAIVTADFVKIYDLCVDALSPTFYFLLPSSKIRDVTFLFNEEGKNIIVIMSSAGYIYTQLMEEASS
AQQGPFYVTNVLEINHEDLKDSNSQVAGGGVSVYYSHVLQMLFFSYCQGKSFAATISRTTLEVLQLFPINIKSSNGGSKT
SPALCQWSEVMNHPGLVCCVQQTTGVPLVVMVKPDTFLIQEIKTLPAKAKIQDMVAIRHTACNEQQRTTMILLCEDGSLR
IYMANVENTSYWLQPSLQPSSVISIMKPVRKRKTATITTRTSSQVTFPIDFFEHNQQLTDVEFGGNDLLQVYNAQQIKHR
LNSTGMYVANTKPGGFTIEISNNNSTMVMTGMRIQIGTQAIERAPSYIEIFGRTMQLNLSRSRWFDFPFTREEALQADKK
LNLFIGASVDPAGVTMIDAVKIYGKTKEQFGWPDEPPEEFPSASVSNICPSNLNQSNGTGDSDSAAPTTTSGTVLERLVV
SSLEALESCFAVGPIIEKERNKNAAQELATLLLSLPAPASVQQQSKSLLASLHTSRSAYHSHKDQALLSKAVQCLNTSSK
EGKDLDPEVFQRLVITARSIAIMRPNNLVHFTESKLPQMETEGMDEGKEPQKQLEGDCCSFITQLVNHFWKLHASKPKNA
FLAPACLPGLTHIEATVNALVDIIHGYCTCELDCINTASKIYMQMLLCPDPAVSFSCKQALIRVLRPRNKRRHVTLPSSP
RSNTPMGDKDDDDDDDADEKMQSSGIPNGGHIRQESQEQSEVDHGDFEMVSESMVLETAENVNNGNPSPLEALLAGAEGF
PPMLDIPPDADDETMVELAIALSLQQDQQGSSSSALGLQSLGLSGQAPSSSSLDAGTLSDTTASAPASDDEGSTAATDGS
TLRTSPADHGGSVGSESGGSAVDSVAGEHSVSGRSSAYGDATAEGHPAGPGSVSSSTGAISTTTGHQEGDGSEGEGEGET
EGDVHTSNRLHMVRLMLLERLLQTLPQLRNVGGVRAIPYMQVILMLTTDLDGEDEKDKGALDNLLSQLIAELGMDKKDVS
KKNERSALNEVHLVVMRLLSVFMSRTKSGSKSSICESSSLISSATAAALLSSGAVDYCLHVLKSLLEYWKSQQNDEEPVA
TSQLLKPHTTSSPPDMSPFFLRQYVKGHAADVFEAYTQLLTEMVLRLPYQIKKITDTNSRIPPPVFDHSWFYFLSEYLMI
QQTPFVRRQVRKLLLFICGSKEKYRQLRDLHTLDSHVRGIKKLLEEQGIFLRASVVTASSGSALQYDTLISLMEHLKACA
EIAAQRTINWQKFCIKDDSVLYFLLQVSFLVDEGVSPVLLQLLSCALCGSKVLAALAASSGSSSASSSSAPVAASSGQAT
TQSKSSTKKSKKEEKEKEKDGETSGSQEDQLCTALVNQLNKFADKETLIQFLRCFLLESNSSSVRWQAHCLTLHIYRNSS
KSQQELLLDLMWSIWPELPAYGRKAAQFVDLLGYFSLKTPQTEKKLKEYSQKAVEILRTQNHILTNHPNSNIYNTLSGLV
EFDGYYLESDPCLVCNNPEVPFCYIKLSSIKVDTRYTTTQQVVKLIGSHTISKVTVKIGDLKRTKMVRTINLYYNNRTVQ
AIVELKNKPARWHKAKKVQLTPGQTEVKIDLPLPIVASNLMIEFADFYENYQASTETLQCPRCSASVPANPGVCGNCGEN
VYQCHKCRSINYDEKDPFLCNACGFCKYARFDFMLYAKPCCAVDPIENEEDRKKAVSNINTLLDKADRVYHQLMGHRPQL
ENLLCKVNEAAPEKPQDDSGTAGGISSTSASVNRYILQLAQEYCGDCKNSFDELSKIIQKVFASRKELLEYDLQQREAAT
KSSRTSVQPTFTASQYRALSVLGCGHTSSTKCYGCASAVTEHCITLLRALATNPALRHILVSQGLIRELFDYNLRRGAAA
MREEVRQLMCLLTRDNPEATQQMNDLIIGKVSTALKGHWANPDLASSLQYEMLLLTDSISKEDSCWELRLRCALSLFLMA
VNIKTPVVVENITLMCLRILQKLIKPPAPTSKKNKDVPVEALTTVKPYCNEIHAQAQLWLKRDPKASYDAWKKCLPIRGI
DGNGKAPSKSELRHLYLTEKYVWRWKQFLSRRGKRTSPLDLKLGHNNWLRQVLFTPATQAARQAACTIVEALATIPSRKQ
QVLDLLTSYLDELSIAGECAAEYLALYQKLITSAHWKVYLAARGVLPYVGNLITKEIARLLALEEATLSTDLQQGYALKS
LTGLLSSFVEVESIKRHFKSRLVGTVLNGYLCLRKLVVQRTKLIDETQDMLLEMLEDMTTGTESETKAFMAVCIETAKRY
NLDDYRTPVFIFERLCSIIYPEENEVTEFFVTLEKDPQQEDFLQGRMPGNPYSSNEPGIGPLMRDIKNKICQDCDLVALL
EDDSGMELLVNNKIISLDLPVAEVYKKVWCTTNEGEPMRIVYRMRGLLGDATEEFIESLDSTTDEEEDEEEVYKMAGVMA
QCGGLECMLNRLAGIRDFKQGRHLLTVLLKLFSYCVKVKVNRQQLVKLEMNTLNVMLGTLNLALVAEQESKDSGGAAVAE
QVLSIMEIILDESNAEPLSEDKGNLLLTGDKDQLVMLLDQINSTFVRSNPSVLQGLLRIIPYLSFGEVEKMQILVERFKP
YCNFDKYDEDHSGDDKVFLDCFCKIAAGIKNNSNGHQLKDLILQKGITQNALDYMKKHIPSAKNLDADIWKKFLSRPALP
FILRLLRGLAIQHPGTQVLIGTDSIPNLHKLEQVSSDEGIGTLAENLLEALREHPDVNKKI
;
A,B
#
loop_
_chem_comp.id
_chem_comp.type
_chem_comp.name
_chem_comp.formula
ZN non-polymer 'ZINC ION' 'Zn 2'
#
# COMPACT_ATOMS: atom_id res chain seq x y z
N MET A 1 26.59 41.01 15.59
CA MET A 1 26.12 42.36 15.89
C MET A 1 26.36 42.72 17.35
N SER A 2 27.24 43.71 17.57
CA SER A 2 27.59 44.15 18.91
C SER A 2 27.39 45.64 19.11
N ARG A 3 26.83 46.35 18.12
CA ARG A 3 26.62 47.79 18.20
C ARG A 3 25.19 48.12 17.81
N HIS A 4 24.61 49.08 18.52
CA HIS A 4 23.23 49.52 18.27
C HIS A 4 23.23 50.45 17.05
N GLU A 5 23.24 49.82 15.87
CA GLU A 5 23.27 50.58 14.63
C GLU A 5 21.97 51.36 14.44
N GLY A 6 22.11 52.59 13.97
CA GLY A 6 20.96 53.45 13.72
C GLY A 6 20.38 54.14 14.94
N VAL A 7 20.96 53.92 16.12
CA VAL A 7 20.47 54.52 17.36
C VAL A 7 21.65 55.18 18.07
N SER A 8 21.47 56.43 18.48
CA SER A 8 22.49 57.19 19.19
C SER A 8 21.94 57.67 20.52
N CYS A 9 22.76 57.60 21.56
CA CYS A 9 22.35 58.10 22.87
C CYS A 9 22.17 59.60 22.80
N ASP A 10 21.09 60.09 23.41
CA ASP A 10 20.75 61.51 23.33
C ASP A 10 21.44 62.35 24.40
N ALA A 11 22.17 61.73 25.33
CA ALA A 11 22.87 62.47 26.36
C ALA A 11 24.32 62.74 25.97
N CYS A 12 25.08 61.69 25.67
CA CYS A 12 26.48 61.81 25.29
C CYS A 12 26.68 61.94 23.79
N LEU A 13 25.59 61.87 23.01
CA LEU A 13 25.66 62.05 21.55
C LEU A 13 26.62 61.06 20.90
N LYS A 14 26.55 59.80 21.32
CA LYS A 14 27.38 58.75 20.77
C LYS A 14 26.51 57.80 19.94
N GLY A 15 26.91 57.58 18.69
CA GLY A 15 26.20 56.69 17.79
C GLY A 15 26.84 55.32 17.70
N ASN A 16 26.01 54.31 17.49
CA ASN A 16 26.46 52.92 17.37
C ASN A 16 27.25 52.49 18.59
N PHE A 17 26.72 52.82 19.77
CA PHE A 17 27.37 52.51 21.03
C PHE A 17 27.19 51.04 21.37
N ARG A 18 28.11 50.52 22.18
CA ARG A 18 28.11 49.12 22.57
C ARG A 18 27.58 48.95 23.99
N GLY A 19 26.59 48.08 24.13
CA GLY A 19 25.97 47.85 25.43
C GLY A 19 24.45 47.85 25.36
N ARG A 20 23.81 48.22 26.47
CA ARG A 20 22.36 48.16 26.59
C ARG A 20 21.75 49.48 26.11
N ARG A 21 20.98 49.41 25.02
CA ARG A 21 20.24 50.57 24.55
C ARG A 21 19.00 50.79 25.41
N TYR A 22 18.73 52.05 25.72
CA TYR A 22 17.64 52.42 26.62
C TYR A 22 16.65 53.31 25.90
N LYS A 23 15.40 52.84 25.79
CA LYS A 23 14.35 53.52 25.06
C LYS A 23 13.24 53.94 26.01
N CYS A 24 12.89 55.23 25.96
CA CYS A 24 11.87 55.80 26.82
C CYS A 24 10.48 55.49 26.28
N LEU A 25 9.61 54.95 27.13
CA LEU A 25 8.28 54.50 26.71
C LEU A 25 7.24 55.60 26.75
N ILE A 26 7.58 56.78 27.26
CA ILE A 26 6.73 57.96 27.19
C ILE A 26 7.37 59.06 26.35
N CYS A 27 8.70 59.04 26.26
CA CYS A 27 9.46 60.16 25.72
C CYS A 27 9.92 59.84 24.30
N TYR A 28 9.61 60.73 23.36
CA TYR A 28 9.65 60.40 21.94
C TYR A 28 11.07 60.31 21.38
N ASP A 29 11.40 59.13 20.86
CA ASP A 29 12.59 58.90 20.03
C ASP A 29 13.88 59.39 20.67
N TYR A 30 13.93 59.50 21.99
CA TYR A 30 15.19 59.71 22.70
C TYR A 30 15.66 58.41 23.31
N ASP A 31 16.96 58.13 23.16
CA ASP A 31 17.56 56.89 23.62
C ASP A 31 18.76 57.21 24.51
N LEU A 32 19.10 56.26 25.38
CA LEU A 32 20.22 56.44 26.30
C LEU A 32 21.11 55.21 26.25
N CYS A 33 22.39 55.43 26.52
CA CYS A 33 23.35 54.35 26.64
C CYS A 33 23.39 53.86 28.08
N ALA A 34 24.06 52.73 28.29
CA ALA A 34 24.14 52.17 29.64
C ALA A 34 24.84 53.13 30.60
N SER A 35 25.95 53.73 30.17
CA SER A 35 26.69 54.64 31.04
C SER A 35 25.87 55.89 31.36
N CYS A 36 25.22 56.48 30.36
CA CYS A 36 24.40 57.66 30.61
C CYS A 36 23.15 57.31 31.40
N TYR A 37 22.58 56.13 31.16
CA TYR A 37 21.41 55.73 31.94
C TYR A 37 21.75 55.53 33.42
N GLU A 38 22.88 54.89 33.71
CA GLU A 38 23.27 54.70 35.10
C GLU A 38 23.70 55.99 35.77
N SER A 39 24.07 57.00 35.00
CA SER A 39 24.49 58.29 35.55
C SER A 39 23.31 59.23 35.82
N GLY A 40 22.09 58.80 35.56
CA GLY A 40 20.93 59.65 35.77
C GLY A 40 20.87 60.85 34.84
N ALA A 41 21.17 60.65 33.56
CA ALA A 41 21.12 61.73 32.59
C ALA A 41 19.67 62.14 32.35
N THR A 42 19.35 63.39 32.65
CA THR A 42 18.00 63.92 32.53
C THR A 42 18.02 65.18 31.68
N THR A 43 16.93 65.40 30.95
CA THR A 43 16.75 66.58 30.11
C THR A 43 15.52 67.35 30.58
N THR A 44 15.17 68.39 29.83
CA THR A 44 13.99 69.19 30.17
C THR A 44 12.69 68.41 30.00
N ARG A 45 12.67 67.41 29.12
CA ARG A 45 11.47 66.63 28.86
C ARG A 45 11.53 65.21 29.43
N HIS A 46 12.72 64.68 29.68
CA HIS A 46 12.89 63.32 30.16
C HIS A 46 13.39 63.34 31.59
N THR A 47 12.82 62.48 32.43
CA THR A 47 13.19 62.33 33.83
C THR A 47 13.57 60.89 34.12
N THR A 48 14.25 60.68 35.24
CA THR A 48 14.63 59.33 35.66
C THR A 48 13.41 58.49 36.02
N ASP A 49 12.27 59.10 36.29
CA ASP A 49 11.07 58.37 36.66
C ASP A 49 10.30 57.83 35.45
N HIS A 50 10.73 58.16 34.24
CA HIS A 50 10.05 57.65 33.05
C HIS A 50 10.22 56.12 32.99
N PRO A 51 9.16 55.38 32.69
CA PRO A 51 9.32 53.94 32.46
C PRO A 51 10.32 53.68 31.35
N MET A 52 11.12 52.62 31.51
CA MET A 52 12.37 52.47 30.77
C MET A 52 12.46 51.09 30.13
N GLN A 53 12.69 51.02 28.82
CA GLN A 53 12.81 49.74 28.16
C GLN A 53 14.26 49.51 27.72
N CYS A 54 14.71 48.27 27.83
CA CYS A 54 16.09 47.90 27.50
C CYS A 54 16.11 46.99 26.28
N ILE A 55 16.95 47.31 25.30
CA ILE A 55 17.14 46.52 24.09
C ILE A 55 18.62 46.21 23.97
N LEU A 56 18.95 44.97 23.69
CA LEU A 56 20.34 44.51 23.64
C LEU A 56 20.76 44.22 22.20
N THR A 57 22.08 44.15 22.01
CA THR A 57 22.65 43.71 20.75
C THR A 57 22.73 42.18 20.73
N ARG A 58 23.04 41.63 19.55
CA ARG A 58 23.11 40.18 19.42
C ARG A 58 24.21 39.59 20.29
N VAL A 59 25.38 40.24 20.33
CA VAL A 59 26.43 39.82 21.26
C VAL A 59 25.95 39.98 22.69
N ASP A 60 25.32 41.12 22.99
CA ASP A 60 24.72 41.29 24.31
C ASP A 60 23.61 40.28 24.55
N PHE A 61 22.86 39.91 23.51
CA PHE A 61 21.78 38.94 23.68
C PHE A 61 22.33 37.57 24.08
N ASP A 62 23.29 37.04 23.31
CA ASP A 62 23.78 35.71 23.64
C ASP A 62 24.73 35.73 24.84
N LEU A 63 25.22 36.90 25.25
CA LEU A 63 25.92 37.01 26.52
C LEU A 63 24.96 36.98 27.69
N TYR A 64 23.84 37.69 27.57
CA TYR A 64 22.88 37.77 28.67
C TYR A 64 22.08 36.47 28.80
N TYR A 65 21.62 35.92 27.68
CA TYR A 65 20.78 34.72 27.67
C TYR A 65 21.57 33.49 27.22
N GLY A 66 22.84 33.40 27.63
CA GLY A 66 23.66 32.26 27.29
C GLY A 66 23.09 30.95 27.83
N GLY A 67 22.96 29.95 26.96
CA GLY A 67 22.41 28.67 27.32
C GLY A 67 20.96 28.47 26.91
N GLU A 68 20.25 29.55 26.59
CA GLU A 68 18.87 29.47 26.15
C GLU A 68 18.77 29.61 24.64
N ALA A 69 17.62 29.21 24.10
CA ALA A 69 17.38 29.24 22.67
C ALA A 69 16.70 30.51 22.20
N PHE A 70 16.43 31.46 23.10
CA PHE A 70 15.79 32.70 22.72
C PHE A 70 16.71 33.54 21.84
N SER A 71 16.12 34.25 20.89
CA SER A 71 16.85 35.04 19.90
C SER A 71 16.54 36.52 20.10
N VAL A 72 17.20 37.35 19.27
CA VAL A 72 16.99 38.80 19.33
C VAL A 72 15.58 39.14 18.90
N GLU A 73 15.03 38.40 17.94
CA GLU A 73 13.70 38.68 17.41
C GLU A 73 12.61 38.30 18.40
N GLN A 74 12.99 37.79 19.57
CA GLN A 74 12.06 37.38 20.61
C GLN A 74 12.44 38.07 21.92
N PRO A 75 12.09 39.35 22.09
CA PRO A 75 12.35 40.03 23.36
C PRO A 75 11.58 39.37 24.50
N GLN A 76 12.18 39.39 25.69
CA GLN A 76 11.62 38.73 26.84
C GLN A 76 11.32 39.65 28.02
N SER A 77 11.80 40.89 28.00
CA SER A 77 11.56 41.84 29.08
C SER A 77 10.84 43.06 28.52
N PHE A 78 9.70 43.39 29.12
CA PHE A 78 8.90 44.55 28.72
C PHE A 78 8.57 45.36 29.97
N THR A 79 8.64 46.68 29.83
CA THR A 79 8.44 47.59 30.96
C THR A 79 7.00 48.12 30.96
N CYS A 80 6.42 48.23 32.15
CA CYS A 80 5.12 48.87 32.30
C CYS A 80 5.23 50.34 31.95
N PRO A 81 4.69 50.78 30.81
CA PRO A 81 4.95 52.16 30.34
C PRO A 81 4.25 53.24 31.16
N TYR A 82 3.37 52.88 32.09
CA TYR A 82 2.77 53.85 33.00
C TYR A 82 3.42 53.78 34.38
N CYS A 83 3.76 52.59 34.81
CA CYS A 83 4.01 52.27 36.20
C CYS A 83 5.49 52.35 36.59
N GLY A 84 6.39 52.13 35.63
CA GLY A 84 7.79 51.94 35.96
C GLY A 84 8.15 50.52 36.30
N LYS A 85 7.17 49.64 36.48
CA LYS A 85 7.44 48.22 36.71
C LYS A 85 8.03 47.61 35.45
N MET A 86 8.92 46.63 35.64
CA MET A 86 9.71 46.08 34.54
C MET A 86 9.74 44.56 34.65
N GLY A 87 10.36 43.94 33.65
CA GLY A 87 10.53 42.50 33.65
C GLY A 87 9.24 41.71 33.57
N TYR A 88 8.35 42.10 32.67
CA TYR A 88 7.12 41.37 32.41
C TYR A 88 7.21 40.64 31.09
N THR A 89 6.75 39.39 31.06
CA THR A 89 6.56 38.70 29.80
C THR A 89 5.39 39.34 29.04
N GLU A 90 5.20 38.90 27.80
CA GLU A 90 4.08 39.41 27.01
C GLU A 90 2.76 39.15 27.71
N THR A 91 2.53 37.91 28.14
CA THR A 91 1.34 37.59 28.92
C THR A 91 1.34 38.33 30.24
N SER A 92 2.50 38.37 30.92
CA SER A 92 2.58 39.09 32.18
C SER A 92 2.31 40.58 32.00
N LEU A 93 2.87 41.17 30.93
CA LEU A 93 2.64 42.60 30.69
C LEU A 93 1.17 42.89 30.40
N GLN A 94 0.53 42.06 29.56
CA GLN A 94 -0.87 42.33 29.24
C GLN A 94 -1.75 42.11 30.46
N GLU A 95 -1.44 41.10 31.28
CA GLU A 95 -2.20 40.89 32.52
C GLU A 95 -2.05 42.08 33.46
N HIS A 96 -0.82 42.59 33.62
CA HIS A 96 -0.60 43.75 34.48
C HIS A 96 -1.34 44.97 33.98
N VAL A 97 -1.29 45.23 32.66
CA VAL A 97 -1.97 46.39 32.10
C VAL A 97 -3.48 46.26 32.26
N THR A 98 -4.02 45.07 32.00
CA THR A 98 -5.46 44.87 32.14
C THR A 98 -5.92 44.99 33.59
N SER A 99 -5.12 44.50 34.54
CA SER A 99 -5.55 44.49 35.93
C SER A 99 -5.34 45.85 36.60
N GLU A 100 -4.10 46.32 36.66
CA GLU A 100 -3.77 47.50 37.46
C GLU A 100 -4.02 48.82 36.73
N HIS A 101 -4.07 48.82 35.40
CA HIS A 101 -4.17 50.05 34.62
C HIS A 101 -5.21 49.92 33.53
N ALA A 102 -6.39 49.41 33.87
CA ALA A 102 -7.44 49.25 32.86
C ALA A 102 -7.93 50.59 32.35
N GLU A 103 -8.07 51.58 33.23
CA GLU A 103 -8.64 52.87 32.86
C GLU A 103 -7.59 53.94 32.57
N THR A 104 -6.32 53.58 32.46
CA THR A 104 -5.28 54.54 32.13
C THR A 104 -5.20 54.69 30.61
N SER A 105 -5.24 55.94 30.13
CA SER A 105 -5.25 56.22 28.70
C SER A 105 -4.16 57.23 28.30
N THR A 106 -3.14 57.40 29.13
CA THR A 106 -2.05 58.31 28.77
C THR A 106 -1.25 57.75 27.61
N GLU A 107 -0.73 58.65 26.77
CA GLU A 107 0.05 58.24 25.61
C GLU A 107 1.38 57.63 26.06
N VAL A 108 1.74 56.51 25.44
CA VAL A 108 2.99 55.81 25.75
C VAL A 108 3.54 55.19 24.47
N ILE A 109 4.84 54.93 24.48
CA ILE A 109 5.50 54.10 23.48
C ILE A 109 5.57 52.69 24.04
N CYS A 110 4.92 51.75 23.38
CA CYS A 110 4.81 50.41 23.95
C CYS A 110 6.14 49.67 23.85
N PRO A 111 6.57 48.99 24.91
CA PRO A 111 7.91 48.39 24.91
C PRO A 111 8.12 47.30 23.86
N ILE A 112 7.07 46.57 23.48
CA ILE A 112 7.28 45.30 22.79
C ILE A 112 7.78 45.53 21.36
N CYS A 113 6.99 46.19 20.51
CA CYS A 113 7.44 46.37 19.14
C CYS A 113 8.50 47.46 19.05
N ALA A 114 8.67 48.24 20.12
CA ALA A 114 9.82 49.12 20.22
C ALA A 114 11.11 48.32 20.35
N ALA A 115 11.09 47.25 21.16
CA ALA A 115 12.26 46.39 21.30
C ALA A 115 12.26 45.27 20.28
N LEU A 116 11.15 45.05 19.59
CA LEU A 116 11.10 44.01 18.57
C LEU A 116 11.91 44.45 17.35
N PRO A 117 12.85 43.63 16.88
CA PRO A 117 13.62 44.01 15.68
C PRO A 117 12.71 44.08 14.45
N GLY A 118 12.81 45.19 13.73
CA GLY A 118 11.97 45.43 12.57
C GLY A 118 10.66 46.10 12.85
N GLY A 119 10.30 46.28 14.12
CA GLY A 119 9.06 46.94 14.47
C GLY A 119 9.21 48.45 14.53
N ASP A 120 8.16 49.10 15.03
CA ASP A 120 8.18 50.56 15.17
C ASP A 120 8.84 50.93 16.50
N PRO A 121 10.01 51.57 16.49
CA PRO A 121 10.68 51.89 17.76
C PRO A 121 9.97 52.97 18.57
N ASN A 122 9.10 53.76 17.96
CA ASN A 122 8.42 54.86 18.64
C ASN A 122 6.94 54.85 18.32
N HIS A 123 6.32 53.67 18.38
CA HIS A 123 4.90 53.53 18.10
C HIS A 123 4.10 54.18 19.21
N VAL A 124 3.17 55.07 18.85
CA VAL A 124 2.39 55.85 19.80
C VAL A 124 0.98 55.30 19.83
N THR A 125 0.48 54.98 21.02
CA THR A 125 -0.87 54.48 21.21
C THR A 125 -1.45 55.05 22.49
N ASP A 126 -2.63 55.66 22.39
CA ASP A 126 -3.31 56.18 23.57
C ASP A 126 -4.00 55.08 24.37
N ASP A 127 -4.24 53.92 23.76
CA ASP A 127 -4.81 52.76 24.44
C ASP A 127 -3.82 51.60 24.30
N PHE A 128 -2.85 51.55 25.21
CA PHE A 128 -1.88 50.45 25.19
C PHE A 128 -2.53 49.12 25.53
N ALA A 129 -3.67 49.16 26.23
CA ALA A 129 -4.46 47.94 26.39
C ALA A 129 -4.93 47.41 25.03
N ALA A 130 -5.37 48.32 24.16
CA ALA A 130 -5.74 47.92 22.80
C ALA A 130 -4.52 47.43 22.03
N HIS A 131 -3.37 48.06 22.23
CA HIS A 131 -2.13 47.53 21.68
C HIS A 131 -1.91 46.08 22.08
N LEU A 132 -1.98 45.78 23.37
CA LEU A 132 -1.66 44.46 23.85
C LEU A 132 -2.71 43.43 23.44
N THR A 133 -3.96 43.86 23.30
CA THR A 133 -5.03 42.90 23.03
C THR A 133 -5.25 42.70 21.53
N LEU A 134 -4.85 43.65 20.69
CA LEU A 134 -5.23 43.61 19.29
C LEU A 134 -4.12 43.05 18.39
N GLU A 135 -2.95 43.70 18.41
CA GLU A 135 -1.87 43.30 17.49
C GLU A 135 -0.70 42.66 18.23
N HIS A 136 -0.66 42.78 19.55
CA HIS A 136 0.51 42.37 20.32
C HIS A 136 0.31 41.02 20.99
N ARG A 137 -0.70 40.27 20.53
CA ARG A 137 -1.09 39.00 21.13
C ARG A 137 -0.22 37.90 20.54
N ALA A 138 0.25 36.99 21.38
CA ALA A 138 1.06 35.87 20.91
C ALA A 138 0.16 34.72 20.48
N SER A 289 45.34 -25.74 64.07
CA SER A 289 46.45 -24.99 64.64
C SER A 289 46.34 -24.92 66.16
N GLN A 290 45.12 -25.12 66.67
CA GLN A 290 44.88 -25.07 68.11
C GLN A 290 45.27 -26.36 68.82
N PHE A 291 45.58 -27.43 68.10
CA PHE A 291 45.97 -28.66 68.73
C PHE A 291 47.30 -28.49 69.45
N LEU A 292 47.34 -28.90 70.72
CA LEU A 292 48.57 -28.74 71.51
C LEU A 292 49.61 -29.78 71.12
N LEU A 293 49.18 -31.00 70.82
CA LEU A 293 50.11 -32.08 70.58
C LEU A 293 50.82 -31.97 69.24
N THR A 294 50.32 -31.14 68.33
CA THR A 294 50.96 -30.98 67.03
C THR A 294 52.18 -30.07 67.07
N ARG A 295 52.41 -29.37 68.18
CA ARG A 295 53.53 -28.46 68.31
C ARG A 295 54.68 -29.05 69.12
N LEU A 296 54.61 -30.35 69.44
CA LEU A 296 55.63 -30.97 70.27
C LEU A 296 56.98 -31.13 69.58
N ASN A 297 57.04 -30.92 68.26
CA ASN A 297 58.28 -31.05 67.51
C ASN A 297 59.02 -29.71 67.55
N ASP A 298 59.99 -29.60 68.46
CA ASP A 298 60.79 -28.39 68.62
C ASP A 298 62.27 -28.75 68.64
N PRO A 299 62.85 -29.10 67.50
CA PRO A 299 64.27 -29.46 67.46
C PRO A 299 65.19 -28.26 67.28
N LYS A 300 66.12 -28.08 68.20
CA LYS A 300 67.12 -27.02 68.10
C LYS A 300 68.49 -27.58 68.47
N MET A 301 69.53 -26.97 67.92
CA MET A 301 70.87 -27.51 68.06
C MET A 301 71.88 -26.37 67.90
N SER A 302 72.87 -26.34 68.79
CA SER A 302 73.85 -25.24 68.81
C SER A 302 74.95 -25.48 67.78
N GLU A 303 75.90 -24.54 67.73
CA GLU A 303 76.92 -24.56 66.68
C GLU A 303 77.98 -25.63 66.91
N THR A 304 78.45 -25.79 68.15
CA THR A 304 79.51 -26.76 68.42
C THR A 304 79.04 -28.19 68.14
N GLU A 305 77.83 -28.52 68.60
CA GLU A 305 77.28 -29.83 68.27
C GLU A 305 77.00 -29.95 66.78
N ARG A 306 76.78 -28.83 66.09
CA ARG A 306 76.64 -28.88 64.64
C ARG A 306 77.95 -29.28 63.97
N GLN A 307 79.07 -28.70 64.41
CA GLN A 307 80.37 -29.12 63.90
C GLN A 307 80.62 -30.59 64.19
N SER A 308 80.29 -31.03 65.41
CA SER A 308 80.46 -32.43 65.76
C SER A 308 79.62 -33.33 64.86
N MET A 309 78.38 -32.94 64.60
CA MET A 309 77.50 -33.72 63.74
C MET A 309 78.03 -33.79 62.31
N GLU A 310 78.56 -32.68 61.79
CA GLU A 310 79.12 -32.69 60.44
C GLU A 310 80.34 -33.62 60.37
N SER A 311 81.20 -33.56 61.37
CA SER A 311 82.35 -34.45 61.40
C SER A 311 81.93 -35.91 61.48
N GLU A 312 80.91 -36.20 62.29
CA GLU A 312 80.43 -37.57 62.41
C GLU A 312 79.82 -38.06 61.09
N ARG A 313 79.10 -37.19 60.40
CA ARG A 313 78.54 -37.56 59.09
C ARG A 313 79.66 -37.88 58.10
N ALA A 314 80.71 -37.06 58.09
CA ALA A 314 81.86 -37.36 57.22
C ALA A 314 82.48 -38.70 57.56
N ASP A 315 82.65 -38.98 58.86
CA ASP A 315 83.24 -40.26 59.27
C ASP A 315 82.38 -41.43 58.83
N ARG A 316 81.06 -41.31 58.99
CA ARG A 316 80.18 -42.41 58.60
C ARG A 316 80.17 -42.61 57.10
N SER A 317 80.22 -41.52 56.33
CA SER A 317 80.32 -41.64 54.88
C SER A 317 81.60 -42.38 54.48
N LEU A 318 82.72 -42.04 55.12
CA LEU A 318 83.96 -42.75 54.85
C LEU A 318 83.83 -44.23 55.20
N PHE A 319 83.19 -44.52 56.33
CA PHE A 319 83.05 -45.91 56.75
C PHE A 319 82.23 -46.72 55.76
N VAL A 320 81.11 -46.16 55.28
CA VAL A 320 80.29 -46.92 54.35
C VAL A 320 81.00 -47.05 52.99
N GLN A 321 81.74 -46.02 52.58
CA GLN A 321 82.55 -46.14 51.38
C GLN A 321 83.51 -47.31 51.47
N GLU A 322 84.26 -47.39 52.58
CA GLU A 322 85.19 -48.51 52.76
C GLU A 322 84.45 -49.84 52.83
N LEU A 323 83.30 -49.85 53.51
CA LEU A 323 82.57 -51.08 53.75
C LEU A 323 82.08 -51.69 52.44
N LEU A 324 81.58 -50.87 51.52
CA LEU A 324 81.13 -51.43 50.26
C LEU A 324 82.23 -51.51 49.22
N LEU A 325 83.36 -50.82 49.42
CA LEU A 325 84.55 -51.12 48.65
C LEU A 325 85.08 -52.51 48.96
N SER A 326 84.92 -52.95 50.21
CA SER A 326 85.40 -54.28 50.62
C SER A 326 84.68 -55.42 49.90
N THR A 327 83.54 -55.14 49.27
CA THR A 327 82.74 -56.18 48.65
C THR A 327 83.08 -56.41 47.18
N LEU A 328 83.86 -55.53 46.57
CA LEU A 328 84.22 -55.67 45.17
C LEU A 328 85.62 -56.23 44.94
N VAL A 329 86.35 -56.55 46.01
CA VAL A 329 87.69 -57.11 45.83
C VAL A 329 87.59 -58.46 45.14
N ARG A 330 88.70 -58.88 44.50
CA ARG A 330 88.70 -60.11 43.75
C ARG A 330 88.90 -61.33 44.65
N GLU A 331 88.08 -62.36 44.44
CA GLU A 331 88.20 -63.58 45.23
C GLU A 331 88.89 -64.71 44.46
N MET B 10 5.54 -109.88 85.81
CA MET B 10 6.84 -109.92 85.15
C MET B 10 7.45 -108.53 85.04
N ALA B 11 6.61 -107.51 85.15
CA ALA B 11 7.04 -106.12 85.09
C ALA B 11 7.25 -105.49 86.46
N ASP B 12 7.21 -106.29 87.52
CA ASP B 12 7.38 -105.76 88.87
C ASP B 12 8.82 -105.32 89.14
N GLN B 13 9.78 -105.80 88.36
CA GLN B 13 11.18 -105.41 88.54
C GLN B 13 11.45 -103.98 88.10
N LEU B 14 10.49 -103.32 87.47
CA LEU B 14 10.67 -101.97 86.94
C LEU B 14 10.17 -100.95 87.96
N THR B 15 11.02 -99.98 88.30
CA THR B 15 10.67 -98.99 89.31
C THR B 15 9.59 -98.05 88.80
N GLU B 16 8.86 -97.46 89.76
CA GLU B 16 7.63 -96.74 89.44
C GLU B 16 7.88 -95.56 88.51
N GLU B 17 9.00 -94.85 88.71
CA GLU B 17 9.28 -93.70 87.85
C GLU B 17 9.47 -94.11 86.40
N GLN B 18 9.99 -95.32 86.15
CA GLN B 18 10.14 -95.77 84.78
C GLN B 18 8.78 -96.06 84.14
N ILE B 19 7.85 -96.64 84.89
CA ILE B 19 6.48 -96.80 84.38
C ILE B 19 5.86 -95.44 84.11
N ALA B 20 6.11 -94.47 85.01
CA ALA B 20 5.55 -93.13 84.80
C ALA B 20 6.10 -92.50 83.53
N GLU B 21 7.39 -92.66 83.27
CA GLU B 21 7.98 -92.03 82.09
C GLU B 21 7.60 -92.77 80.82
N PHE B 22 7.39 -94.09 80.90
CA PHE B 22 6.85 -94.83 79.77
C PHE B 22 5.43 -94.38 79.45
N LYS B 23 4.61 -94.16 80.48
CA LYS B 23 3.27 -93.64 80.26
C LYS B 23 3.33 -92.23 79.67
N GLU B 24 4.28 -91.42 80.13
CA GLU B 24 4.53 -90.11 79.54
C GLU B 24 4.77 -90.22 78.04
N ALA B 25 5.70 -91.10 77.66
CA ALA B 25 6.03 -91.25 76.24
C ALA B 25 4.84 -91.77 75.44
N PHE B 26 4.14 -92.77 75.98
CA PHE B 26 3.02 -93.36 75.25
C PHE B 26 1.91 -92.33 75.03
N SER B 27 1.58 -91.58 76.08
CA SER B 27 0.53 -90.57 75.98
C SER B 27 0.94 -89.46 75.02
N LEU B 28 2.19 -89.01 75.08
CA LEU B 28 2.64 -87.99 74.13
C LEU B 28 2.61 -88.52 72.70
N PHE B 29 2.84 -89.82 72.53
CA PHE B 29 2.79 -90.44 71.21
C PHE B 29 1.40 -90.90 70.80
N ASP B 30 0.39 -90.69 71.63
CA ASP B 30 -0.98 -91.02 71.26
C ASP B 30 -1.46 -90.04 70.18
N LYS B 31 -2.06 -90.57 69.11
CA LYS B 31 -2.60 -89.70 68.07
C LYS B 31 -4.03 -89.29 68.39
N ASP B 32 -4.94 -90.24 68.47
CA ASP B 32 -6.36 -89.97 68.58
C ASP B 32 -6.87 -89.93 70.03
N GLY B 33 -6.00 -90.08 71.01
CA GLY B 33 -6.42 -89.98 72.40
C GLY B 33 -7.12 -91.19 72.96
N ASP B 34 -7.06 -92.33 72.28
CA ASP B 34 -7.70 -93.55 72.76
C ASP B 34 -6.78 -94.43 73.58
N GLY B 35 -5.55 -93.99 73.85
CA GLY B 35 -4.59 -94.83 74.53
C GLY B 35 -4.03 -95.92 73.67
N THR B 36 -4.07 -95.76 72.35
CA THR B 36 -3.60 -96.78 71.41
C THR B 36 -2.91 -96.08 70.25
N ILE B 37 -1.76 -96.62 69.84
CA ILE B 37 -0.96 -96.03 68.78
C ILE B 37 -0.78 -97.04 67.66
N THR B 38 -0.24 -96.57 66.53
CA THR B 38 0.04 -97.41 65.39
C THR B 38 1.48 -97.89 65.41
N THR B 39 1.73 -99.01 64.73
CA THR B 39 3.02 -99.67 64.78
C THR B 39 4.08 -99.03 63.88
N LYS B 40 3.68 -98.16 62.95
CA LYS B 40 4.67 -97.47 62.14
C LYS B 40 5.53 -96.54 62.99
N GLU B 41 4.93 -95.85 63.95
CA GLU B 41 5.65 -95.01 64.88
C GLU B 41 6.07 -95.75 66.14
N LEU B 42 5.84 -97.08 66.18
CA LEU B 42 6.22 -97.86 67.35
C LEU B 42 7.71 -97.74 67.63
N GLY B 43 8.53 -97.70 66.58
CA GLY B 43 9.95 -97.49 66.79
C GLY B 43 10.24 -96.19 67.51
N THR B 44 9.60 -95.11 67.07
CA THR B 44 9.89 -93.77 67.57
C THR B 44 9.63 -93.63 69.07
N VAL B 45 8.75 -94.46 69.64
CA VAL B 45 8.31 -94.22 71.01
C VAL B 45 9.44 -94.50 72.00
N MET B 46 9.89 -95.76 72.09
CA MET B 46 11.04 -96.02 72.95
C MET B 46 12.36 -95.66 72.28
N ARG B 47 12.35 -95.50 70.96
CA ARG B 47 13.40 -94.78 70.24
C ARG B 47 13.62 -93.37 70.81
N SER B 48 12.56 -92.71 71.26
CA SER B 48 12.68 -91.39 71.85
C SER B 48 13.18 -91.43 73.29
N LEU B 49 13.22 -92.59 73.93
CA LEU B 49 13.58 -92.69 75.34
C LEU B 49 15.09 -92.82 75.57
N GLY B 50 15.90 -92.84 74.51
CA GLY B 50 17.33 -92.91 74.64
C GLY B 50 17.94 -94.26 74.28
N GLN B 51 17.15 -95.21 73.81
CA GLN B 51 17.70 -96.47 73.35
C GLN B 51 17.77 -96.44 71.83
N ASN B 52 18.65 -97.27 71.27
CA ASN B 52 18.90 -97.26 69.84
C ASN B 52 18.65 -98.63 69.23
N PRO B 53 17.53 -98.83 68.52
CA PRO B 53 17.23 -100.15 67.95
C PRO B 53 17.68 -100.28 66.50
N THR B 54 17.56 -101.47 65.95
CA THR B 54 17.77 -101.70 64.52
C THR B 54 16.44 -102.12 63.89
N GLU B 55 16.43 -102.13 62.56
CA GLU B 55 15.20 -102.45 61.84
C GLU B 55 14.77 -103.89 62.10
N ALA B 56 15.73 -104.82 62.18
CA ALA B 56 15.41 -106.20 62.52
C ALA B 56 14.82 -106.28 63.92
N GLU B 57 15.41 -105.55 64.87
CA GLU B 57 14.81 -105.43 66.20
C GLU B 57 13.37 -104.97 66.13
N LEU B 58 13.11 -103.94 65.33
CA LEU B 58 11.78 -103.38 65.26
C LEU B 58 10.78 -104.38 64.69
N GLN B 59 11.16 -105.06 63.61
CA GLN B 59 10.24 -106.01 62.99
C GLN B 59 10.01 -107.21 63.90
N ASP B 60 11.06 -107.64 64.61
CA ASP B 60 10.90 -108.73 65.58
C ASP B 60 9.95 -108.33 66.71
N MET B 61 10.07 -107.09 67.21
CA MET B 61 9.19 -106.63 68.26
C MET B 61 7.74 -106.54 67.78
N ILE B 62 7.54 -106.07 66.55
CA ILE B 62 6.19 -106.06 65.98
C ILE B 62 5.65 -107.48 65.89
N ASN B 63 6.50 -108.42 65.44
CA ASN B 63 6.05 -109.80 65.27
C ASN B 63 5.64 -110.41 66.62
N GLU B 64 6.44 -110.17 67.66
CA GLU B 64 6.22 -110.86 68.93
C GLU B 64 4.85 -110.55 69.52
N VAL B 65 4.43 -109.29 69.46
CA VAL B 65 3.17 -108.86 70.06
C VAL B 65 2.04 -108.83 69.05
N ASP B 66 2.23 -108.14 67.92
CA ASP B 66 1.19 -107.99 66.91
C ASP B 66 1.03 -109.30 66.14
N ALA B 67 0.50 -110.31 66.83
CA ALA B 67 0.21 -111.59 66.19
C ALA B 67 -1.03 -111.52 65.32
N ASP B 68 -2.03 -110.74 65.72
CA ASP B 68 -3.25 -110.61 64.93
C ASP B 68 -3.03 -109.78 63.67
N GLY B 69 -1.93 -109.04 63.58
CA GLY B 69 -1.64 -108.25 62.40
C GLY B 69 -2.37 -106.94 62.30
N ASN B 70 -2.99 -106.47 63.40
CA ASN B 70 -3.71 -105.20 63.36
C ASN B 70 -2.76 -104.02 63.23
N GLY B 71 -1.54 -104.14 63.73
CA GLY B 71 -0.62 -103.02 63.73
C GLY B 71 -1.02 -101.89 64.64
N THR B 72 -1.50 -102.20 65.85
CA THR B 72 -1.95 -101.18 66.79
C THR B 72 -1.71 -101.69 68.20
N ILE B 73 -1.12 -100.85 69.04
CA ILE B 73 -0.59 -101.26 70.34
C ILE B 73 -1.12 -100.34 71.42
N ASP B 74 -1.52 -100.92 72.56
CA ASP B 74 -1.90 -100.17 73.74
C ASP B 74 -0.99 -100.54 74.93
N PHE B 75 -1.31 -99.96 76.09
CA PHE B 75 -0.33 -99.85 77.18
C PHE B 75 0.16 -101.17 77.76
N PRO B 76 -0.69 -102.14 78.11
CA PRO B 76 -0.16 -103.35 78.78
C PRO B 76 0.91 -104.10 77.99
N GLU B 77 0.67 -104.40 76.72
CA GLU B 77 1.70 -105.07 75.94
C GLU B 77 2.88 -104.15 75.67
N PHE B 78 2.69 -102.83 75.68
CA PHE B 78 3.82 -101.93 75.60
C PHE B 78 4.75 -102.11 76.79
N LEU B 79 4.17 -102.16 78.00
CA LEU B 79 4.97 -102.46 79.18
C LEU B 79 5.60 -103.84 79.07
N THR B 80 4.88 -104.79 78.46
CA THR B 80 5.45 -106.11 78.23
C THR B 80 6.72 -106.03 77.41
N MET B 81 6.70 -105.29 76.29
CA MET B 81 7.90 -105.13 75.49
C MET B 81 9.01 -104.45 76.28
N MET B 82 8.69 -103.36 76.98
CA MET B 82 9.74 -102.60 77.65
C MET B 82 10.38 -103.39 78.79
N ALA B 83 9.61 -104.23 79.47
CA ALA B 83 10.16 -104.99 80.59
C ALA B 83 11.29 -105.91 80.17
N ARG B 84 11.39 -106.25 78.88
CA ARG B 84 12.42 -107.15 78.39
C ARG B 84 13.49 -106.43 77.57
N LYS B 85 13.80 -105.18 77.91
CA LYS B 85 14.75 -104.39 77.14
C LYS B 85 15.98 -103.96 77.92
N MET B 86 15.84 -103.53 79.18
CA MET B 86 16.99 -103.05 79.93
C MET B 86 17.83 -104.18 80.51
N LYS B 87 17.39 -105.42 80.39
CA LYS B 87 18.15 -106.54 80.95
C LYS B 87 19.51 -106.65 80.27
N ASP B 88 20.55 -106.82 81.08
CA ASP B 88 21.92 -106.91 80.56
C ASP B 88 22.35 -108.36 80.33
N THR B 89 22.10 -109.23 81.30
CA THR B 89 22.44 -110.64 81.17
C THR B 89 21.38 -111.30 80.30
N ASP B 90 21.77 -111.72 79.10
CA ASP B 90 20.83 -112.35 78.18
C ASP B 90 20.34 -113.67 78.74
N SER B 91 19.04 -113.93 78.58
CA SER B 91 18.46 -115.17 79.07
C SER B 91 19.08 -116.36 78.36
N GLU B 92 19.38 -117.41 79.12
CA GLU B 92 20.06 -118.57 78.56
C GLU B 92 19.25 -119.26 77.48
N GLU B 93 17.93 -119.10 77.49
CA GLU B 93 17.11 -119.60 76.38
C GLU B 93 17.48 -118.88 75.09
N GLU B 94 17.70 -117.56 75.16
CA GLU B 94 18.04 -116.79 73.97
C GLU B 94 19.40 -117.20 73.43
N ILE B 95 20.40 -117.36 74.32
CA ILE B 95 21.72 -117.81 73.89
C ILE B 95 21.64 -119.21 73.29
N ARG B 96 20.86 -120.10 73.91
CA ARG B 96 20.74 -121.44 73.39
C ARG B 96 20.06 -121.45 72.01
N GLU B 97 19.08 -120.58 71.81
CA GLU B 97 18.42 -120.52 70.51
C GLU B 97 19.37 -119.97 69.46
N ALA B 98 20.20 -118.99 69.84
CA ALA B 98 21.23 -118.51 68.92
C ALA B 98 22.22 -119.63 68.57
N PHE B 99 22.60 -120.43 69.55
CA PHE B 99 23.45 -121.59 69.30
C PHE B 99 22.79 -122.55 68.32
N ARG B 100 21.49 -122.82 68.51
CA ARG B 100 20.77 -123.70 67.60
C ARG B 100 20.72 -123.13 66.19
N VAL B 101 20.50 -121.82 66.08
CA VAL B 101 20.45 -121.18 64.76
C VAL B 101 21.80 -121.29 64.07
N PHE B 102 22.89 -121.05 64.82
CA PHE B 102 24.22 -121.25 64.26
C PHE B 102 24.46 -122.72 63.92
N ASP B 103 23.98 -123.63 64.77
CA ASP B 103 24.15 -125.07 64.55
C ASP B 103 23.00 -125.57 63.69
N LYS B 104 23.15 -125.39 62.37
CA LYS B 104 22.08 -125.75 61.45
C LYS B 104 21.82 -127.26 61.46
N ASP B 105 22.88 -128.07 61.47
CA ASP B 105 22.70 -129.51 61.44
C ASP B 105 22.32 -130.10 62.79
N GLY B 106 22.37 -129.31 63.86
CA GLY B 106 21.99 -129.81 65.17
C GLY B 106 23.00 -130.73 65.81
N ASN B 107 24.26 -130.69 65.37
CA ASN B 107 25.30 -131.54 65.93
C ASN B 107 26.00 -130.91 67.13
N GLY B 108 25.69 -129.66 67.46
CA GLY B 108 26.27 -129.00 68.61
C GLY B 108 27.60 -128.33 68.36
N TYR B 109 28.18 -128.46 67.16
CA TYR B 109 29.47 -127.86 66.85
C TYR B 109 29.31 -126.97 65.63
N ILE B 110 29.63 -125.69 65.78
CA ILE B 110 29.51 -124.73 64.69
C ILE B 110 30.86 -124.64 63.99
N SER B 111 30.99 -125.36 62.87
CA SER B 111 32.19 -125.28 62.07
C SER B 111 32.20 -123.99 61.26
N ALA B 112 33.23 -123.84 60.43
CA ALA B 112 33.35 -122.63 59.63
C ALA B 112 32.25 -122.52 58.59
N ALA B 113 31.79 -123.65 58.05
CA ALA B 113 30.87 -123.63 56.92
C ALA B 113 29.52 -123.05 57.30
N GLU B 114 28.97 -123.45 58.44
CA GLU B 114 27.70 -122.90 58.89
C GLU B 114 27.82 -121.41 59.17
N LEU B 115 28.96 -121.00 59.73
CA LEU B 115 29.23 -119.58 59.92
C LEU B 115 29.23 -118.83 58.59
N ARG B 116 29.87 -119.40 57.56
CA ARG B 116 29.85 -118.78 56.24
C ARG B 116 28.43 -118.67 55.71
N HIS B 117 27.63 -119.73 55.87
CA HIS B 117 26.26 -119.70 55.40
C HIS B 117 25.47 -118.58 56.07
N VAL B 118 25.60 -118.46 57.40
CA VAL B 118 24.83 -117.46 58.12
C VAL B 118 25.31 -116.05 57.79
N MET B 119 26.62 -115.88 57.59
CA MET B 119 27.16 -114.56 57.27
C MET B 119 26.79 -114.14 55.85
N THR B 120 26.74 -115.10 54.92
CA THR B 120 26.25 -114.79 53.58
C THR B 120 24.77 -114.46 53.60
N ASN B 121 23.99 -115.15 54.44
CA ASN B 121 22.58 -114.82 54.58
C ASN B 121 22.40 -113.41 55.12
N LEU B 122 23.25 -113.02 56.08
CA LEU B 122 23.21 -111.64 56.58
C LEU B 122 23.55 -110.62 55.50
N GLY B 123 24.23 -111.04 54.43
CA GLY B 123 24.69 -110.13 53.40
C GLY B 123 26.14 -109.70 53.54
N GLU B 124 26.78 -110.04 54.65
CA GLU B 124 28.17 -109.69 54.87
C GLU B 124 29.10 -110.65 54.13
N LYS B 125 30.22 -110.12 53.63
CA LYS B 125 31.22 -110.90 52.94
C LYS B 125 32.53 -110.85 53.71
N LEU B 126 33.20 -111.99 53.80
CA LEU B 126 34.51 -112.07 54.44
C LEU B 126 35.33 -113.15 53.76
N THR B 127 36.65 -113.07 53.95
CA THR B 127 37.57 -114.03 53.38
C THR B 127 37.64 -115.28 54.25
N ASP B 128 38.16 -116.36 53.66
CA ASP B 128 38.32 -117.61 54.41
C ASP B 128 39.33 -117.44 55.54
N GLU B 129 40.40 -116.67 55.29
CA GLU B 129 41.41 -116.46 56.32
C GLU B 129 40.83 -115.73 57.52
N GLU B 130 40.00 -114.70 57.28
CA GLU B 130 39.43 -113.93 58.39
C GLU B 130 38.49 -114.78 59.24
N VAL B 131 37.66 -115.61 58.60
CA VAL B 131 36.71 -116.41 59.38
C VAL B 131 37.44 -117.50 60.13
N ASP B 132 38.46 -118.09 59.51
CA ASP B 132 39.31 -119.04 60.24
C ASP B 132 39.97 -118.36 61.44
N GLU B 133 40.42 -117.11 61.26
CA GLU B 133 41.07 -116.38 62.33
C GLU B 133 40.11 -116.13 63.49
N MET B 134 38.88 -115.70 63.19
CA MET B 134 37.93 -115.43 64.25
C MET B 134 37.48 -116.72 64.93
N ILE B 135 37.42 -117.82 64.18
CA ILE B 135 37.09 -119.11 64.78
C ILE B 135 38.19 -119.53 65.75
N ARG B 136 39.45 -119.38 65.32
CA ARG B 136 40.56 -119.82 66.17
C ARG B 136 40.77 -118.91 67.36
N GLU B 137 40.34 -117.65 67.28
CA GLU B 137 40.33 -116.81 68.48
C GLU B 137 39.09 -117.01 69.33
N ALA B 138 38.13 -117.81 68.87
CA ALA B 138 36.97 -118.18 69.66
C ALA B 138 37.12 -119.56 70.29
N ASP B 139 38.31 -120.15 70.21
CA ASP B 139 38.56 -121.51 70.67
C ASP B 139 39.55 -121.46 71.83
N ILE B 140 39.23 -122.19 72.91
CA ILE B 140 40.08 -122.23 74.09
C ILE B 140 40.66 -123.62 74.29
N ASP B 141 39.94 -124.64 73.83
CA ASP B 141 40.41 -126.02 73.97
C ASP B 141 41.43 -126.41 72.91
N GLY B 142 41.69 -125.55 71.93
CA GLY B 142 42.69 -125.81 70.92
C GLY B 142 42.25 -126.71 69.79
N ASP B 143 41.00 -127.15 69.77
CA ASP B 143 40.53 -128.02 68.70
C ASP B 143 40.03 -127.25 67.48
N GLY B 144 39.97 -125.92 67.55
CA GLY B 144 39.45 -125.13 66.44
C GLY B 144 37.98 -125.40 66.15
N GLN B 145 37.17 -125.53 67.21
CA GLN B 145 35.76 -125.85 67.04
C GLN B 145 35.01 -125.33 68.27
N VAL B 146 34.01 -124.49 68.02
CA VAL B 146 33.30 -123.81 69.10
C VAL B 146 32.09 -124.65 69.51
N ASN B 147 31.83 -124.70 70.82
CA ASN B 147 30.74 -125.46 71.39
C ASN B 147 29.91 -124.56 72.31
N TYR B 148 28.94 -125.17 72.98
CA TYR B 148 27.99 -124.40 73.78
C TYR B 148 28.68 -123.68 74.94
N GLU B 149 29.58 -124.37 75.64
CA GLU B 149 30.28 -123.73 76.76
C GLU B 149 31.14 -122.58 76.28
N GLU B 150 31.80 -122.74 75.12
CA GLU B 150 32.59 -121.67 74.55
C GLU B 150 31.72 -120.47 74.19
N PHE B 151 30.55 -120.73 73.59
CA PHE B 151 29.65 -119.64 73.22
C PHE B 151 29.16 -118.90 74.47
N VAL B 152 28.81 -119.65 75.51
CA VAL B 152 28.31 -119.03 76.74
C VAL B 152 29.38 -118.19 77.40
N GLN B 153 30.60 -118.72 77.51
CA GLN B 153 31.69 -117.95 78.09
C GLN B 153 32.11 -116.80 77.20
N MET B 154 31.82 -116.88 75.89
CA MET B 154 32.08 -115.77 74.99
C MET B 154 31.12 -114.63 75.21
N MET B 155 29.83 -114.94 75.34
CA MET B 155 28.82 -113.89 75.52
C MET B 155 28.82 -113.32 76.93
N THR B 156 29.36 -114.04 77.91
CA THR B 156 29.44 -113.52 79.26
C THR B 156 30.69 -112.67 79.50
N ALA B 157 31.61 -112.63 78.55
CA ALA B 157 32.83 -111.84 78.71
C ALA B 157 32.51 -110.35 78.65
N LYS B 158 33.04 -109.60 79.60
CA LYS B 158 32.81 -108.15 79.65
C LYS B 158 34.13 -107.39 79.75
N MET C 10 125.27 -48.21 37.93
CA MET C 10 124.45 -48.77 38.99
C MET C 10 123.13 -49.32 38.44
N ALA C 11 122.79 -48.92 37.22
CA ALA C 11 121.57 -49.36 36.55
C ALA C 11 121.81 -50.52 35.60
N ASP C 12 123.00 -51.11 35.61
CA ASP C 12 123.30 -52.22 34.71
C ASP C 12 122.55 -53.49 35.07
N GLN C 13 122.07 -53.60 36.32
CA GLN C 13 121.32 -54.78 36.74
C GLN C 13 119.93 -54.86 36.13
N LEU C 14 119.48 -53.81 35.44
CA LEU C 14 118.14 -53.76 34.89
C LEU C 14 118.16 -54.22 33.43
N THR C 15 117.30 -55.17 33.10
CA THR C 15 117.29 -55.74 31.76
C THR C 15 116.75 -54.73 30.74
N GLU C 16 117.17 -54.91 29.49
CA GLU C 16 116.97 -53.88 28.47
C GLU C 16 115.50 -53.58 28.23
N GLU C 17 114.64 -54.60 28.27
CA GLU C 17 113.23 -54.38 28.04
C GLU C 17 112.62 -53.47 29.11
N GLN C 18 113.11 -53.55 30.35
CA GLN C 18 112.61 -52.66 31.39
C GLN C 18 113.01 -51.22 31.11
N ILE C 19 114.23 -50.97 30.63
CA ILE C 19 114.61 -49.63 30.22
C ILE C 19 113.74 -49.15 29.07
N ALA C 20 113.46 -50.04 28.11
CA ALA C 20 112.62 -49.65 26.98
C ALA C 20 111.23 -49.26 27.44
N GLU C 21 110.65 -50.01 28.37
CA GLU C 21 109.28 -49.71 28.81
C GLU C 21 109.27 -48.48 29.73
N PHE C 22 110.35 -48.25 30.48
CA PHE C 22 110.49 -46.99 31.21
C PHE C 22 110.55 -45.81 30.26
N LYS C 23 111.29 -45.95 29.16
CA LYS C 23 111.34 -44.90 28.14
C LYS C 23 109.97 -44.67 27.52
N GLU C 24 109.25 -45.74 27.24
CA GLU C 24 107.90 -45.62 26.71
C GLU C 24 107.01 -44.83 27.66
N ALA C 25 107.04 -45.18 28.94
CA ALA C 25 106.22 -44.47 29.93
C ALA C 25 106.63 -43.02 30.05
N PHE C 26 107.94 -42.74 30.08
CA PHE C 26 108.40 -41.37 30.22
C PHE C 26 107.97 -40.53 29.02
N SER C 27 108.17 -41.05 27.81
CA SER C 27 107.80 -40.32 26.61
C SER C 27 106.29 -40.09 26.54
N LEU C 28 105.49 -41.09 26.89
CA LEU C 28 104.04 -40.90 26.91
C LEU C 28 103.64 -39.86 27.95
N PHE C 29 104.36 -39.81 29.07
CA PHE C 29 104.10 -38.81 30.10
C PHE C 29 104.80 -37.48 29.83
N ASP C 30 105.58 -37.38 28.76
CA ASP C 30 106.20 -36.11 28.40
C ASP C 30 105.14 -35.20 27.79
N LYS C 31 105.08 -33.95 28.26
CA LYS C 31 104.07 -33.01 27.78
C LYS C 31 104.55 -32.20 26.59
N ASP C 32 105.62 -31.43 26.76
CA ASP C 32 106.04 -30.45 25.77
C ASP C 32 107.04 -31.01 24.75
N GLY C 33 107.37 -32.30 24.82
CA GLY C 33 108.23 -32.89 23.82
C GLY C 33 109.71 -32.66 24.02
N ASP C 34 110.12 -32.16 25.19
CA ASP C 34 111.52 -31.90 25.48
C ASP C 34 112.20 -33.05 26.23
N GLY C 35 111.49 -34.15 26.48
CA GLY C 35 112.06 -35.23 27.25
C GLY C 35 112.17 -34.94 28.73
N THR C 36 111.39 -33.99 29.23
CA THR C 36 111.45 -33.59 30.63
C THR C 36 110.03 -33.34 31.13
N ILE C 37 109.71 -33.85 32.31
CA ILE C 37 108.35 -33.73 32.85
C ILE C 37 108.36 -32.96 34.16
N THR C 38 107.18 -32.64 34.68
CA THR C 38 107.02 -31.97 35.96
C THR C 38 106.80 -32.99 37.07
N THR C 39 107.12 -32.58 38.29
CA THR C 39 107.10 -33.50 39.42
C THR C 39 105.70 -33.72 39.98
N LYS C 40 104.72 -32.91 39.60
CA LYS C 40 103.35 -33.13 40.06
C LYS C 40 102.80 -34.44 39.51
N GLU C 41 103.11 -34.77 38.26
CA GLU C 41 102.70 -36.02 37.66
C GLU C 41 103.75 -37.12 37.80
N LEU C 42 104.83 -36.85 38.53
CA LEU C 42 105.88 -37.85 38.72
C LEU C 42 105.31 -39.09 39.39
N GLY C 43 104.36 -38.92 40.30
CA GLY C 43 103.74 -40.07 40.93
C GLY C 43 103.03 -40.95 39.94
N THR C 44 102.30 -40.35 38.99
CA THR C 44 101.53 -41.12 38.02
C THR C 44 102.40 -41.94 37.09
N VAL C 45 103.64 -41.51 36.83
CA VAL C 45 104.47 -42.19 35.84
C VAL C 45 104.77 -43.62 36.29
N MET C 46 105.47 -43.76 37.43
CA MET C 46 105.69 -45.09 37.97
C MET C 46 104.46 -45.67 38.66
N ARG C 47 103.45 -44.83 38.93
CA ARG C 47 102.19 -45.34 39.46
C ARG C 47 101.41 -46.09 38.38
N SER C 48 101.68 -45.77 37.11
CA SER C 48 101.07 -46.42 35.97
C SER C 48 101.78 -47.70 35.56
N LEU C 49 102.97 -47.96 36.10
CA LEU C 49 103.73 -49.14 35.70
C LEU C 49 103.39 -50.39 36.49
N GLY C 50 102.50 -50.29 37.48
CA GLY C 50 102.08 -51.43 38.26
C GLY C 50 102.54 -51.41 39.71
N GLN C 51 103.37 -50.45 40.10
CA GLN C 51 103.78 -50.34 41.48
C GLN C 51 103.04 -49.19 42.18
N ASN C 52 102.83 -49.37 43.48
CA ASN C 52 101.95 -48.49 44.24
C ASN C 52 102.75 -47.79 45.35
N PRO C 53 103.03 -46.49 45.22
CA PRO C 53 103.72 -45.78 46.30
C PRO C 53 102.76 -45.04 47.22
N THR C 54 103.26 -44.47 48.31
CA THR C 54 102.48 -43.61 49.18
C THR C 54 102.92 -42.16 49.02
N GLU C 55 102.17 -41.26 49.65
CA GLU C 55 102.47 -39.84 49.52
C GLU C 55 103.82 -39.49 50.13
N ALA C 56 104.15 -40.09 51.28
CA ALA C 56 105.45 -39.89 51.88
C ALA C 56 106.56 -40.41 50.97
N GLU C 57 106.33 -41.59 50.37
CA GLU C 57 107.24 -42.11 49.35
C GLU C 57 107.49 -41.09 48.25
N LEU C 58 106.41 -40.49 47.73
CA LEU C 58 106.54 -39.55 46.64
C LEU C 58 107.32 -38.31 47.07
N GLN C 59 106.97 -37.75 48.22
CA GLN C 59 107.64 -36.54 48.68
C GLN C 59 109.12 -36.79 48.90
N ASP C 60 109.45 -37.93 49.52
CA ASP C 60 110.84 -38.32 49.68
C ASP C 60 111.58 -38.52 48.37
N MET C 61 110.93 -39.14 47.38
CA MET C 61 111.59 -39.36 46.10
C MET C 61 111.87 -38.04 45.38
N ILE C 62 110.91 -37.11 45.40
CA ILE C 62 111.17 -35.81 44.78
C ILE C 62 112.19 -35.02 45.59
N ASN C 63 112.26 -35.26 46.90
CA ASN C 63 113.28 -34.60 47.71
C ASN C 63 114.67 -35.08 47.35
N GLU C 64 114.84 -36.40 47.21
CA GLU C 64 116.17 -36.97 47.00
C GLU C 64 116.80 -36.47 45.71
N VAL C 65 116.00 -36.32 44.65
CA VAL C 65 116.50 -35.96 43.33
C VAL C 65 116.42 -34.46 43.08
N ASP C 66 115.23 -33.87 43.25
CA ASP C 66 115.03 -32.43 42.99
C ASP C 66 115.62 -31.63 44.15
N ALA C 67 116.95 -31.65 44.23
CA ALA C 67 117.64 -30.86 45.24
C ALA C 67 117.62 -29.37 44.92
N ASP C 68 117.70 -29.02 43.64
CA ASP C 68 117.65 -27.62 43.25
C ASP C 68 116.25 -27.03 43.41
N GLY C 69 115.23 -27.86 43.54
CA GLY C 69 113.87 -27.39 43.73
C GLY C 69 113.16 -26.91 42.48
N ASN C 70 113.69 -27.22 41.29
CA ASN C 70 113.04 -26.81 40.06
C ASN C 70 111.70 -27.50 39.87
N GLY C 71 111.62 -28.78 40.19
CA GLY C 71 110.40 -29.53 39.95
C GLY C 71 110.28 -30.06 38.54
N THR C 72 111.36 -30.64 38.01
CA THR C 72 111.39 -31.11 36.63
C THR C 72 112.39 -32.25 36.52
N ILE C 73 111.97 -33.34 35.89
CA ILE C 73 112.75 -34.58 35.87
C ILE C 73 113.02 -34.97 34.42
N ASP C 74 114.27 -35.36 34.15
CA ASP C 74 114.71 -35.89 32.87
C ASP C 74 115.03 -37.39 32.99
N PHE C 75 115.50 -37.98 31.88
CA PHE C 75 115.56 -39.44 31.79
C PHE C 75 116.64 -40.08 32.64
N PRO C 76 117.93 -39.72 32.54
CA PRO C 76 118.95 -40.46 33.30
C PRO C 76 118.68 -40.49 34.81
N GLU C 77 118.22 -39.38 35.38
CA GLU C 77 117.89 -39.37 36.79
C GLU C 77 116.57 -40.08 37.08
N PHE C 78 115.66 -40.16 36.10
CA PHE C 78 114.50 -41.04 36.25
C PHE C 78 114.94 -42.51 36.36
N LEU C 79 115.89 -42.92 35.52
CA LEU C 79 116.45 -44.27 35.65
C LEU C 79 117.14 -44.44 36.99
N THR C 80 117.82 -43.40 37.46
CA THR C 80 118.42 -43.42 38.79
C THR C 80 117.37 -43.70 39.85
N MET C 81 116.24 -42.99 39.81
CA MET C 81 115.16 -43.25 40.77
C MET C 81 114.66 -44.68 40.63
N MET C 82 114.45 -45.13 39.39
CA MET C 82 113.79 -46.42 39.18
C MET C 82 114.65 -47.57 39.66
N ALA C 83 115.97 -47.51 39.43
CA ALA C 83 116.84 -48.65 39.69
C ALA C 83 116.82 -49.09 41.15
N ARG C 84 116.38 -48.22 42.06
CA ARG C 84 116.33 -48.53 43.48
C ARG C 84 114.92 -48.82 43.97
N LYS C 85 114.08 -49.43 43.13
CA LYS C 85 112.70 -49.72 43.48
C LYS C 85 112.35 -51.20 43.50
N MET C 86 112.81 -51.98 42.52
CA MET C 86 112.47 -53.40 42.48
C MET C 86 113.30 -54.24 43.46
N LYS C 87 114.29 -53.64 44.12
CA LYS C 87 115.10 -54.41 45.07
C LYS C 87 114.23 -54.91 46.22
N ASP C 88 114.38 -56.19 46.55
CA ASP C 88 113.59 -56.82 47.60
C ASP C 88 114.32 -56.80 48.94
N THR C 89 115.59 -57.19 48.96
CA THR C 89 116.39 -57.16 50.17
C THR C 89 116.81 -55.72 50.43
N ASP C 90 116.28 -55.12 51.49
CA ASP C 90 116.60 -53.74 51.82
C ASP C 90 118.06 -53.60 52.19
N SER C 91 118.68 -52.53 51.72
CA SER C 91 120.09 -52.29 52.01
C SER C 91 120.29 -52.11 53.50
N GLU C 92 121.37 -52.72 54.03
CA GLU C 92 121.60 -52.69 55.46
C GLU C 92 121.82 -51.27 55.98
N GLU C 93 122.26 -50.34 55.12
CA GLU C 93 122.32 -48.94 55.52
C GLU C 93 120.93 -48.41 55.84
N GLU C 94 119.94 -48.78 55.03
CA GLU C 94 118.57 -48.32 55.27
C GLU C 94 118.02 -48.89 56.57
N ILE C 95 118.26 -50.18 56.81
CA ILE C 95 117.81 -50.81 58.06
C ILE C 95 118.48 -50.16 59.26
N ARG C 96 119.79 -49.90 59.16
CA ARG C 96 120.50 -49.27 60.27
C ARG C 96 120.01 -47.85 60.50
N GLU C 97 119.67 -47.13 59.43
CA GLU C 97 119.15 -45.78 59.58
C GLU C 97 117.77 -45.80 60.24
N ALA C 98 116.94 -46.77 59.87
CA ALA C 98 115.66 -46.94 60.55
C ALA C 98 115.84 -47.27 62.03
N PHE C 99 116.83 -48.11 62.33
CA PHE C 99 117.19 -48.39 63.72
C PHE C 99 117.56 -47.11 64.45
N ARG C 100 118.39 -46.27 63.83
CA ARG C 100 118.81 -45.02 64.45
C ARG C 100 117.63 -44.09 64.68
N VAL C 101 116.71 -44.02 63.72
CA VAL C 101 115.53 -43.18 63.90
C VAL C 101 114.68 -43.70 65.06
N PHE C 102 114.52 -45.03 65.14
CA PHE C 102 113.80 -45.61 66.28
C PHE C 102 114.56 -45.38 67.58
N ASP C 103 115.90 -45.43 67.52
CA ASP C 103 116.74 -45.22 68.70
C ASP C 103 117.09 -43.74 68.80
N LYS C 104 116.15 -42.98 69.39
CA LYS C 104 116.33 -41.53 69.46
C LYS C 104 117.52 -41.16 70.34
N ASP C 105 117.67 -41.81 71.49
CA ASP C 105 118.76 -41.48 72.40
C ASP C 105 120.11 -42.03 71.94
N GLY C 106 120.13 -42.90 70.95
CA GLY C 106 121.39 -43.46 70.46
C GLY C 106 121.98 -44.53 71.34
N ASN C 107 121.21 -45.12 72.24
CA ASN C 107 121.70 -46.16 73.13
C ASN C 107 121.63 -47.55 72.52
N GLY C 108 121.04 -47.70 71.34
CA GLY C 108 120.97 -48.98 70.67
C GLY C 108 119.82 -49.87 71.09
N TYR C 109 119.01 -49.46 72.06
CA TYR C 109 117.89 -50.25 72.54
C TYR C 109 116.60 -49.46 72.37
N ILE C 110 115.65 -50.02 71.63
CA ILE C 110 114.38 -49.34 71.36
C ILE C 110 113.42 -49.68 72.50
N SER C 111 113.31 -48.77 73.46
CA SER C 111 112.36 -48.94 74.54
C SER C 111 110.94 -48.69 74.04
N ALA C 112 109.97 -49.01 74.91
CA ALA C 112 108.57 -48.80 74.55
C ALA C 112 108.25 -47.32 74.38
N ALA C 113 108.86 -46.46 75.20
CA ALA C 113 108.52 -45.04 75.17
C ALA C 113 108.94 -44.39 73.85
N GLU C 114 110.10 -44.75 73.32
CA GLU C 114 110.51 -44.24 72.01
C GLU C 114 109.56 -44.70 70.92
N LEU C 115 109.10 -45.96 71.01
CA LEU C 115 108.08 -46.45 70.10
C LEU C 115 106.81 -45.61 70.20
N ARG C 116 106.39 -45.28 71.42
CA ARG C 116 105.21 -44.43 71.60
C ARG C 116 105.41 -43.07 70.96
N HIS C 117 106.58 -42.48 71.16
CA HIS C 117 106.85 -41.17 70.56
C HIS C 117 106.78 -41.24 69.04
N VAL C 118 107.40 -42.27 68.45
CA VAL C 118 107.44 -42.36 66.99
C VAL C 118 106.06 -42.66 66.42
N MET C 119 105.24 -43.42 67.16
CA MET C 119 103.89 -43.73 66.69
C MET C 119 102.96 -42.54 66.83
N THR C 120 103.09 -41.79 67.94
CA THR C 120 102.27 -40.60 68.12
C THR C 120 102.62 -39.53 67.09
N ASN C 121 103.91 -39.36 66.80
CA ASN C 121 104.29 -38.42 65.74
C ASN C 121 103.72 -38.86 64.40
N LEU C 122 103.59 -40.17 64.18
CA LEU C 122 102.96 -40.67 62.96
C LEU C 122 101.48 -40.35 62.89
N GLY C 123 100.86 -39.96 64.00
CA GLY C 123 99.44 -39.73 64.06
C GLY C 123 98.62 -40.93 64.49
N GLU C 124 99.26 -42.08 64.69
CA GLU C 124 98.54 -43.29 65.04
C GLU C 124 98.50 -43.51 66.55
N LYS C 125 97.41 -44.10 67.03
CA LYS C 125 97.16 -44.28 68.45
C LYS C 125 97.02 -45.76 68.78
N LEU C 126 97.58 -46.16 69.92
CA LEU C 126 97.40 -47.51 70.46
C LEU C 126 97.44 -47.45 71.99
N THR C 127 96.97 -48.51 72.62
CA THR C 127 97.02 -48.65 74.06
C THR C 127 98.40 -49.10 74.51
N ASP C 128 98.66 -48.98 75.81
CA ASP C 128 99.92 -49.46 76.38
C ASP C 128 100.03 -50.98 76.27
N GLU C 129 98.91 -51.69 76.47
CA GLU C 129 98.93 -53.14 76.42
C GLU C 129 99.32 -53.64 75.04
N GLU C 130 98.78 -53.02 73.98
CA GLU C 130 99.08 -53.48 72.62
C GLU C 130 100.55 -53.28 72.27
N VAL C 131 101.13 -52.13 72.65
CA VAL C 131 102.52 -51.88 72.29
C VAL C 131 103.43 -52.78 73.12
N ASP C 132 103.09 -53.02 74.39
CA ASP C 132 103.83 -54.00 75.16
C ASP C 132 103.76 -55.38 74.51
N GLU C 133 102.58 -55.74 74.00
CA GLU C 133 102.40 -57.04 73.37
C GLU C 133 103.26 -57.18 72.12
N MET C 134 103.27 -56.14 71.28
CA MET C 134 104.09 -56.22 70.07
C MET C 134 105.58 -56.21 70.40
N ILE C 135 105.97 -55.48 71.44
CA ILE C 135 107.37 -55.49 71.87
C ILE C 135 107.77 -56.88 72.34
N ARG C 136 106.91 -57.51 73.13
CA ARG C 136 107.25 -58.83 73.66
C ARG C 136 107.19 -59.92 72.59
N GLU C 137 106.39 -59.72 71.54
CA GLU C 137 106.48 -60.62 70.39
C GLU C 137 107.60 -60.26 69.45
N ALA C 138 108.24 -59.10 69.62
CA ALA C 138 109.43 -58.75 68.86
C ALA C 138 110.72 -59.13 69.58
N ASP C 139 110.61 -59.82 70.71
CA ASP C 139 111.75 -60.18 71.54
C ASP C 139 111.98 -61.69 71.50
N ILE C 140 113.24 -62.10 71.36
CA ILE C 140 113.58 -63.51 71.29
C ILE C 140 114.47 -63.90 72.46
N ASP C 141 115.24 -62.95 72.98
CA ASP C 141 116.12 -63.21 74.10
C ASP C 141 115.40 -63.18 75.45
N GLY C 142 114.13 -62.80 75.47
CA GLY C 142 113.35 -62.80 76.69
C GLY C 142 113.52 -61.59 77.58
N ASP C 143 114.34 -60.62 77.19
CA ASP C 143 114.55 -59.42 78.00
C ASP C 143 113.53 -58.33 77.72
N GLY C 144 112.67 -58.51 76.72
CA GLY C 144 111.69 -57.47 76.37
C GLY C 144 112.31 -56.19 75.90
N GLN C 145 113.35 -56.28 75.06
CA GLN C 145 114.05 -55.10 74.57
C GLN C 145 114.58 -55.40 73.17
N VAL C 146 114.28 -54.52 72.23
CA VAL C 146 114.60 -54.74 70.81
C VAL C 146 115.97 -54.16 70.53
N ASN C 147 116.85 -54.99 69.97
CA ASN C 147 118.21 -54.60 69.60
C ASN C 147 118.40 -54.77 68.10
N TYR C 148 119.62 -54.44 67.64
CA TYR C 148 119.88 -54.39 66.20
C TYR C 148 119.73 -55.75 65.55
N GLU C 149 120.25 -56.81 66.19
CA GLU C 149 120.12 -58.15 65.62
C GLU C 149 118.65 -58.57 65.53
N GLU C 150 117.87 -58.21 66.55
CA GLU C 150 116.44 -58.52 66.53
C GLU C 150 115.75 -57.80 65.37
N PHE C 151 116.07 -56.52 65.16
CA PHE C 151 115.47 -55.77 64.06
C PHE C 151 115.86 -56.38 62.71
N VAL C 152 117.13 -56.75 62.55
CA VAL C 152 117.59 -57.30 61.29
C VAL C 152 116.91 -58.64 61.01
N GLN C 153 116.85 -59.53 62.01
CA GLN C 153 116.18 -60.80 61.81
C GLN C 153 114.66 -60.63 61.68
N MET C 154 114.12 -59.51 62.16
CA MET C 154 112.70 -59.24 61.98
C MET C 154 112.40 -58.84 60.54
N MET C 155 113.23 -57.97 59.97
CA MET C 155 112.98 -57.50 58.60
C MET C 155 113.37 -58.54 57.56
N THR C 156 114.21 -59.51 57.91
CA THR C 156 114.57 -60.57 56.97
C THR C 156 113.59 -61.72 56.98
N ALA C 157 112.64 -61.75 57.92
CA ALA C 157 111.67 -62.83 57.98
C ALA C 157 110.69 -62.75 56.81
N LYS C 158 110.46 -63.88 56.15
CA LYS C 158 109.54 -63.92 55.02
C LYS C 158 108.50 -65.02 55.21
N GLY D 28 -23.21 111.66 -67.87
CA GLY D 28 -23.10 111.14 -69.23
C GLY D 28 -23.95 109.92 -69.48
N TRP D 29 -24.20 109.62 -70.76
CA TRP D 29 -24.99 108.45 -71.11
C TRP D 29 -24.21 107.16 -71.06
N GLU D 30 -22.87 107.23 -71.17
CA GLU D 30 -22.06 106.01 -71.11
C GLU D 30 -22.18 105.34 -69.76
N VAL D 31 -22.02 106.12 -68.68
CA VAL D 31 -22.21 105.56 -67.34
C VAL D 31 -23.65 105.16 -67.10
N ALA D 32 -24.60 105.80 -67.77
CA ALA D 32 -26.00 105.41 -67.66
C ALA D 32 -26.26 104.04 -68.28
N VAL D 33 -25.65 103.74 -69.43
CA VAL D 33 -25.82 102.44 -70.07
C VAL D 33 -24.84 101.40 -69.54
N ARG D 34 -23.87 101.78 -68.73
CA ARG D 34 -22.93 100.84 -68.14
C ARG D 34 -23.59 99.67 -67.40
N PRO D 35 -24.58 99.88 -66.52
CA PRO D 35 -25.15 98.72 -65.81
C PRO D 35 -25.75 97.67 -66.72
N LEU D 36 -26.44 98.09 -67.78
CA LEU D 36 -26.99 97.12 -68.72
C LEU D 36 -25.89 96.36 -69.44
N LEU D 37 -24.82 97.04 -69.83
CA LEU D 37 -23.68 96.37 -70.47
C LEU D 37 -23.06 95.35 -69.53
N SER D 38 -22.88 95.72 -68.26
CA SER D 38 -22.31 94.77 -67.30
C SER D 38 -23.22 93.58 -67.09
N ALA D 39 -24.53 93.82 -66.97
CA ALA D 39 -25.47 92.74 -66.73
C ALA D 39 -25.77 91.90 -67.96
N SER D 40 -25.34 92.33 -69.15
CA SER D 40 -25.57 91.54 -70.35
C SER D 40 -24.93 90.16 -70.27
N TYR D 41 -23.92 89.99 -69.43
CA TYR D 41 -23.24 88.70 -69.27
C TYR D 41 -23.63 87.97 -68.00
N SER D 42 -24.61 88.48 -67.24
CA SER D 42 -24.99 87.87 -65.97
C SER D 42 -26.46 88.19 -65.73
N ALA D 43 -26.90 88.03 -64.48
CA ALA D 43 -28.22 88.50 -64.07
C ALA D 43 -28.15 90.01 -63.84
N PHE D 44 -29.20 90.59 -63.29
CA PHE D 44 -29.26 92.02 -63.03
C PHE D 44 -29.12 92.25 -61.53
N GLU D 45 -28.06 92.95 -61.14
CA GLU D 45 -27.77 93.17 -59.72
C GLU D 45 -28.80 94.09 -59.10
N MET D 46 -29.18 93.78 -57.86
CA MET D 46 -30.13 94.61 -57.13
C MET D 46 -29.65 96.06 -57.03
N LYS D 47 -28.33 96.24 -56.89
CA LYS D 47 -27.78 97.58 -56.76
C LYS D 47 -28.02 98.43 -58.01
N GLU D 48 -28.00 97.81 -59.19
CA GLU D 48 -28.01 98.56 -60.45
C GLU D 48 -29.38 99.10 -60.84
N LEU D 49 -30.46 98.71 -60.14
CA LEU D 49 -31.79 99.19 -60.53
C LEU D 49 -32.00 100.67 -60.25
N PRO D 50 -31.82 101.19 -59.04
CA PRO D 50 -32.24 102.59 -58.78
C PRO D 50 -31.56 103.62 -59.68
N GLN D 51 -30.28 103.44 -59.98
CA GLN D 51 -29.61 104.37 -60.90
C GLN D 51 -30.17 104.26 -62.31
N LEU D 52 -30.50 103.05 -62.74
CA LEU D 52 -31.14 102.88 -64.05
C LEU D 52 -32.47 103.62 -64.08
N VAL D 53 -33.27 103.46 -63.03
CA VAL D 53 -34.58 104.13 -62.97
C VAL D 53 -34.39 105.64 -63.02
N ALA D 54 -33.43 106.15 -62.24
CA ALA D 54 -33.16 107.59 -62.23
C ALA D 54 -32.74 108.07 -63.63
N SER D 55 -31.93 107.27 -64.32
CA SER D 55 -31.56 107.61 -65.68
C SER D 55 -32.77 107.70 -66.60
N VAL D 56 -33.72 106.76 -66.46
CA VAL D 56 -34.92 106.83 -67.29
C VAL D 56 -35.73 108.07 -66.98
N ILE D 57 -35.93 108.40 -65.70
CA ILE D 57 -36.76 109.55 -65.36
C ILE D 57 -36.11 110.86 -65.82
N GLU D 58 -34.82 111.03 -65.53
CA GLU D 58 -34.16 112.30 -65.84
C GLU D 58 -34.04 112.53 -67.34
N SER D 59 -33.96 111.47 -68.14
CA SER D 59 -33.83 111.63 -69.59
C SER D 59 -35.17 111.75 -70.30
N GLU D 60 -36.28 111.75 -69.55
CA GLU D 60 -37.62 111.77 -70.16
C GLU D 60 -37.78 112.89 -71.19
N SER D 61 -37.31 114.09 -70.86
CA SER D 61 -37.49 115.22 -71.75
C SER D 61 -36.87 114.97 -73.12
N GLU D 62 -35.90 114.05 -73.18
CA GLU D 62 -35.21 113.81 -74.44
C GLU D 62 -35.68 112.53 -75.12
N ILE D 63 -35.98 111.47 -74.36
CA ILE D 63 -36.12 110.12 -74.92
C ILE D 63 -37.11 110.07 -76.09
N LEU D 64 -38.09 110.98 -76.10
CA LEU D 64 -39.17 110.88 -77.06
C LEU D 64 -38.96 111.73 -78.32
N HIS D 65 -38.09 112.74 -78.26
CA HIS D 65 -37.84 113.64 -79.38
C HIS D 65 -36.40 113.48 -79.81
N HIS D 66 -36.17 112.90 -80.99
CA HIS D 66 -34.82 112.56 -81.41
C HIS D 66 -34.71 112.50 -82.92
N GLU D 67 -33.46 112.48 -83.39
CA GLU D 67 -33.14 112.40 -84.81
C GLU D 67 -32.95 110.94 -85.22
N LYS D 68 -32.80 110.72 -86.53
CA LYS D 68 -32.76 109.36 -87.07
C LYS D 68 -31.54 108.59 -86.59
N GLN D 69 -30.37 109.24 -86.57
CA GLN D 69 -29.12 108.52 -86.32
C GLN D 69 -29.05 107.94 -84.91
N TYR D 70 -29.68 108.58 -83.93
CA TYR D 70 -29.66 108.10 -82.55
C TYR D 70 -30.79 107.12 -82.24
N GLU D 71 -31.80 107.06 -83.10
CA GLU D 71 -33.02 106.31 -82.78
C GLU D 71 -32.77 104.84 -82.48
N PRO D 72 -32.03 104.07 -83.30
CA PRO D 72 -31.85 102.64 -82.97
C PRO D 72 -31.20 102.42 -81.62
N PHE D 73 -30.22 103.24 -81.26
CA PHE D 73 -29.50 103.06 -79.99
C PHE D 73 -30.45 103.24 -78.81
N TYR D 74 -31.31 104.27 -78.87
CA TYR D 74 -32.35 104.44 -77.87
C TYR D 74 -33.34 103.28 -77.87
N SER D 75 -33.69 102.78 -79.06
CA SER D 75 -34.62 101.66 -79.14
C SER D 75 -34.09 100.45 -78.38
N SER D 76 -32.85 100.07 -78.67
CA SER D 76 -32.27 98.89 -78.03
C SER D 76 -32.00 99.13 -76.55
N PHE D 77 -31.60 100.35 -76.18
CA PHE D 77 -31.45 100.66 -74.77
C PHE D 77 -32.75 100.46 -74.01
N VAL D 78 -33.85 100.96 -74.57
CA VAL D 78 -35.16 100.80 -73.94
C VAL D 78 -35.54 99.33 -73.89
N ALA D 79 -35.30 98.59 -74.97
CA ALA D 79 -35.65 97.17 -74.99
C ALA D 79 -34.92 96.40 -73.91
N LEU D 80 -33.60 96.61 -73.80
CA LEU D 80 -32.83 95.93 -72.77
C LEU D 80 -33.26 96.34 -71.37
N SER D 81 -33.51 97.64 -71.17
CA SER D 81 -33.93 98.11 -69.85
C SER D 81 -35.26 97.48 -69.46
N THR D 82 -36.22 97.45 -70.38
CA THR D 82 -37.51 96.81 -70.11
C THR D 82 -37.31 95.34 -69.77
N HIS D 83 -36.54 94.63 -70.60
CA HIS D 83 -36.29 93.21 -70.34
C HIS D 83 -35.74 93.02 -68.94
N TYR D 84 -34.82 93.88 -68.52
CA TYR D 84 -34.19 93.70 -67.21
C TYR D 84 -35.13 94.06 -66.05
N ILE D 85 -35.96 95.10 -66.21
CA ILE D 85 -36.91 95.42 -65.15
C ILE D 85 -37.94 94.32 -64.97
N THR D 86 -38.49 93.81 -66.08
CA THR D 86 -39.47 92.74 -65.95
C THR D 86 -38.88 91.41 -65.48
N THR D 87 -37.55 91.28 -65.44
CA THR D 87 -36.97 90.06 -64.87
C THR D 87 -37.16 90.00 -63.36
N VAL D 88 -37.52 91.11 -62.72
CA VAL D 88 -37.73 91.11 -61.28
C VAL D 88 -39.06 91.77 -60.94
N GLN D 96 -39.79 102.48 -53.19
CA GLN D 96 -39.04 102.22 -54.41
C GLN D 96 -39.95 101.79 -55.55
N LEU D 97 -41.17 101.37 -55.20
CA LEU D 97 -42.13 100.93 -56.22
C LEU D 97 -42.59 102.10 -57.08
N GLN D 98 -42.68 103.30 -56.51
CA GLN D 98 -43.16 104.46 -57.26
C GLN D 98 -42.21 104.80 -58.40
N SER D 99 -40.91 104.79 -58.14
CA SER D 99 -39.94 105.10 -59.20
C SER D 99 -39.99 104.04 -60.30
N VAL D 100 -40.09 102.77 -59.91
CA VAL D 100 -40.20 101.69 -60.90
C VAL D 100 -41.45 101.87 -61.74
N ALA D 101 -42.57 102.23 -61.11
CA ALA D 101 -43.80 102.46 -61.85
C ALA D 101 -43.66 103.63 -62.81
N ALA D 102 -42.99 104.70 -62.38
CA ALA D 102 -42.78 105.84 -63.27
C ALA D 102 -41.94 105.44 -64.48
N ALA D 103 -40.86 104.69 -64.24
CA ALA D 103 -40.03 104.24 -65.35
C ALA D 103 -40.79 103.32 -66.30
N CYS D 104 -41.61 102.42 -65.74
CA CYS D 104 -42.38 101.49 -66.57
C CYS D 104 -43.41 102.25 -67.40
N LYS D 105 -44.05 103.26 -66.81
CA LYS D 105 -44.96 104.10 -67.58
C LYS D 105 -44.22 104.83 -68.69
N VAL D 106 -42.99 105.28 -68.40
CA VAL D 106 -42.18 105.97 -69.40
C VAL D 106 -41.93 105.05 -70.59
N LEU D 107 -41.49 103.82 -70.30
CA LEU D 107 -41.16 102.88 -71.37
C LEU D 107 -42.41 102.46 -72.14
N ILE D 108 -43.54 102.27 -71.44
CA ILE D 108 -44.79 101.90 -72.10
C ILE D 108 -45.23 103.00 -73.05
N GLU D 109 -45.17 104.26 -72.60
CA GLU D 109 -45.50 105.38 -73.48
C GLU D 109 -44.59 105.42 -74.70
N PHE D 110 -43.28 105.24 -74.48
CA PHE D 110 -42.32 105.26 -75.58
C PHE D 110 -42.66 104.20 -76.61
N SER D 111 -42.85 102.95 -76.16
CA SER D 111 -43.22 101.88 -77.06
C SER D 111 -44.56 102.14 -77.73
N LEU D 112 -45.47 102.85 -77.06
CA LEU D 112 -46.75 103.16 -77.67
C LEU D 112 -46.57 104.07 -78.88
N LEU D 113 -45.86 105.19 -78.73
CA LEU D 113 -45.75 106.03 -79.92
C LEU D 113 -44.79 105.43 -80.93
N ARG D 114 -43.96 104.46 -80.53
CA ARG D 114 -43.22 103.69 -81.53
C ARG D 114 -44.14 102.73 -82.30
N LEU D 115 -45.17 102.20 -81.65
CA LEU D 115 -46.19 101.43 -82.35
C LEU D 115 -47.05 102.27 -83.27
N GLU D 116 -47.24 103.56 -82.96
CA GLU D 116 -48.10 104.38 -83.81
C GLU D 116 -47.39 104.76 -85.12
N ASN D 117 -46.23 105.41 -85.01
CA ASN D 117 -45.41 105.93 -86.11
C ASN D 117 -44.65 104.92 -86.97
N PRO D 118 -44.37 103.68 -86.49
CA PRO D 118 -43.00 103.12 -86.58
C PRO D 118 -42.19 103.51 -87.81
N ASP D 119 -40.98 104.00 -87.55
CA ASP D 119 -40.03 104.42 -88.56
C ASP D 119 -39.25 103.21 -89.09
N GLU D 120 -38.65 103.38 -90.25
CA GLU D 120 -37.89 102.30 -90.87
C GLU D 120 -36.66 101.94 -90.05
N ALA D 121 -36.05 102.92 -89.38
CA ALA D 121 -34.77 102.75 -88.71
C ALA D 121 -34.93 102.42 -87.23
N CYS D 122 -36.00 101.71 -86.86
CA CYS D 122 -36.17 101.28 -85.48
C CYS D 122 -35.44 99.97 -85.26
N ALA D 123 -34.57 99.93 -84.25
CA ALA D 123 -33.76 98.75 -84.00
C ALA D 123 -34.60 97.56 -83.56
N VAL D 124 -35.80 97.80 -83.06
CA VAL D 124 -36.68 96.75 -82.54
C VAL D 124 -38.01 96.88 -83.28
N SER D 125 -38.38 95.84 -84.02
CA SER D 125 -39.56 95.91 -84.89
C SER D 125 -40.84 95.80 -84.08
N GLN D 126 -41.97 95.96 -84.77
CA GLN D 126 -43.26 96.19 -84.09
C GLN D 126 -43.67 95.00 -83.24
N LYS D 127 -43.42 93.76 -83.70
CA LYS D 127 -43.84 92.62 -82.92
C LYS D 127 -43.08 92.53 -81.60
N HIS D 128 -41.81 92.91 -81.60
CA HIS D 128 -41.05 92.81 -80.36
C HIS D 128 -41.45 93.91 -79.38
N LEU D 129 -41.82 95.10 -79.88
CA LEU D 129 -42.41 96.08 -78.97
C LEU D 129 -43.75 95.60 -78.42
N ILE D 130 -44.56 94.93 -79.24
CA ILE D 130 -45.84 94.45 -78.75
C ILE D 130 -45.65 93.38 -77.67
N LEU D 131 -44.70 92.46 -77.87
CA LEU D 131 -44.52 91.43 -76.85
C LEU D 131 -43.75 91.98 -75.66
N LEU D 132 -43.00 93.07 -75.84
CA LEU D 132 -42.39 93.77 -74.72
C LEU D 132 -43.44 94.41 -73.84
N ILE D 133 -44.40 95.10 -74.45
CA ILE D 133 -45.50 95.69 -73.70
C ILE D 133 -46.29 94.60 -72.98
N LYS D 134 -46.51 93.46 -73.65
CA LYS D 134 -47.16 92.34 -72.99
C LYS D 134 -46.34 91.85 -71.80
N GLY D 135 -45.02 91.74 -71.97
CA GLY D 135 -44.17 91.24 -70.90
C GLY D 135 -44.14 92.15 -69.70
N LEU D 136 -44.18 93.46 -69.93
CA LEU D 136 -44.21 94.40 -68.81
C LEU D 136 -45.51 94.28 -68.03
N CYS D 137 -46.57 93.86 -68.70
CA CYS D 137 -47.86 93.61 -68.04
C CYS D 137 -48.03 92.14 -67.66
N THR D 138 -47.00 91.32 -67.80
CA THR D 138 -47.07 89.90 -67.45
C THR D 138 -45.78 89.44 -66.79
N GLY D 139 -45.56 88.12 -66.75
CA GLY D 139 -44.44 87.57 -66.02
C GLY D 139 -43.17 87.34 -66.81
N CYS D 140 -42.94 88.16 -67.84
CA CYS D 140 -41.68 88.20 -68.57
C CYS D 140 -41.30 86.84 -69.17
N SER D 141 -42.10 86.41 -70.14
CA SER D 141 -41.84 85.17 -70.86
C SER D 141 -42.00 85.38 -72.37
N ARG D 142 -41.50 86.50 -72.88
CA ARG D 142 -41.63 86.82 -74.30
C ARG D 142 -40.28 86.94 -74.99
N LEU D 143 -39.36 87.76 -74.46
CA LEU D 143 -38.08 87.97 -75.11
C LEU D 143 -37.21 86.72 -74.99
N ASP D 144 -36.30 86.55 -75.95
CA ASP D 144 -35.39 85.41 -75.99
C ASP D 144 -33.95 85.90 -76.10
N ARG D 145 -33.03 85.02 -75.67
CA ARG D 145 -31.60 85.32 -75.71
C ARG D 145 -31.17 85.68 -77.13
N THR D 146 -31.69 84.96 -78.13
CA THR D 146 -31.28 85.10 -79.52
C THR D 146 -31.49 86.50 -80.08
N GLU D 147 -32.39 87.27 -79.47
CA GLU D 147 -32.59 88.65 -79.87
C GLU D 147 -31.85 89.66 -79.01
N ILE D 148 -31.68 89.39 -77.72
CA ILE D 148 -30.96 90.37 -76.89
C ILE D 148 -29.47 90.31 -77.17
N ILE D 149 -28.95 89.21 -77.73
CA ILE D 149 -27.56 89.26 -78.21
C ILE D 149 -27.41 90.26 -79.33
N THR D 150 -28.35 90.24 -80.30
CA THR D 150 -28.31 91.24 -81.36
C THR D 150 -28.51 92.64 -80.80
N PHE D 151 -29.37 92.77 -79.80
CA PHE D 151 -29.58 94.08 -79.17
C PHE D 151 -28.29 94.60 -78.55
N THR D 152 -27.54 93.73 -77.86
CA THR D 152 -26.27 94.14 -77.27
C THR D 152 -25.22 94.43 -78.34
N ALA D 153 -25.18 93.63 -79.40
CA ALA D 153 -24.22 93.89 -80.46
C ALA D 153 -24.47 95.26 -81.10
N MET D 154 -25.73 95.58 -81.38
CA MET D 154 -26.05 96.88 -81.94
C MET D 154 -25.79 97.98 -80.91
N MET D 155 -26.18 97.75 -79.65
CA MET D 155 -25.78 98.57 -78.51
C MET D 155 -24.32 99.01 -78.62
N LYS D 156 -23.41 98.05 -78.76
CA LYS D 156 -22.01 98.39 -78.94
C LYS D 156 -21.78 99.14 -80.25
N SER D 157 -22.45 98.74 -81.33
CA SER D 157 -22.17 99.31 -82.65
C SER D 157 -22.77 100.69 -82.86
N ALA D 158 -23.57 101.20 -81.95
CA ALA D 158 -24.29 102.45 -82.14
C ALA D 158 -23.52 103.63 -81.56
N LYS D 159 -23.72 104.80 -82.17
CA LYS D 159 -23.05 106.02 -81.72
C LYS D 159 -23.84 106.67 -80.59
N LEU D 160 -23.11 107.27 -79.65
CA LEU D 160 -23.68 107.86 -78.45
C LEU D 160 -24.28 109.23 -78.74
N PRO D 161 -25.23 109.68 -77.91
CA PRO D 161 -25.87 110.99 -78.19
C PRO D 161 -24.95 112.17 -77.90
N GLN D 162 -24.26 112.15 -76.77
CA GLN D 162 -23.41 113.27 -76.37
C GLN D 162 -22.03 113.24 -77.01
N THR D 163 -21.53 112.05 -77.36
CA THR D 163 -20.20 111.90 -77.94
C THR D 163 -20.30 111.13 -79.25
N VAL D 164 -19.48 111.54 -80.22
CA VAL D 164 -19.44 110.86 -81.51
C VAL D 164 -18.94 109.43 -81.36
N LYS D 165 -18.12 109.15 -80.33
CA LYS D 165 -17.59 107.81 -80.12
C LYS D 165 -18.72 106.82 -79.87
N THR D 166 -18.65 105.67 -80.54
CA THR D 166 -19.63 104.61 -80.34
C THR D 166 -19.29 103.78 -79.10
N LEU D 167 -20.24 102.95 -78.69
CA LEU D 167 -20.03 102.10 -77.52
C LEU D 167 -19.01 101.00 -77.76
N SER D 168 -18.71 100.69 -79.02
CA SER D 168 -17.71 99.67 -79.33
C SER D 168 -16.32 100.29 -79.49
N GLU D 183 -23.19 114.21 -53.02
CA GLU D 183 -22.81 113.34 -54.13
C GLU D 183 -24.03 112.71 -54.80
N LEU D 184 -23.84 111.55 -55.41
CA LEU D 184 -24.94 110.90 -56.12
C LEU D 184 -25.92 110.25 -55.17
N ARG D 185 -25.44 109.67 -54.07
CA ARG D 185 -26.33 108.98 -53.14
C ARG D 185 -27.33 109.94 -52.51
N GLN D 186 -26.84 111.11 -52.08
CA GLN D 186 -27.74 112.09 -51.48
C GLN D 186 -28.76 112.59 -52.50
N LYS D 187 -28.33 112.78 -53.75
CA LYS D 187 -29.25 113.26 -54.79
C LYS D 187 -30.35 112.24 -55.06
N GLU D 188 -29.97 110.97 -55.24
CA GLU D 188 -30.97 109.95 -55.52
C GLU D 188 -31.90 109.74 -54.33
N VAL D 189 -31.36 109.80 -53.11
CA VAL D 189 -32.20 109.68 -51.92
C VAL D 189 -33.19 110.84 -51.85
N GLN D 190 -32.73 112.05 -52.18
CA GLN D 190 -33.62 113.21 -52.14
C GLN D 190 -34.73 113.10 -53.19
N MET D 191 -34.39 112.64 -54.40
CA MET D 191 -35.42 112.45 -55.42
C MET D 191 -36.43 111.38 -54.98
N ASN D 192 -35.94 110.28 -54.41
CA ASN D 192 -36.85 109.25 -53.92
C ASN D 192 -37.76 109.79 -52.82
N PHE D 193 -37.19 110.58 -51.90
CA PHE D 193 -37.97 111.19 -50.84
C PHE D 193 -39.06 112.10 -51.40
N LEU D 194 -38.70 112.95 -52.37
CA LEU D 194 -39.69 113.84 -52.96
C LEU D 194 -40.77 113.06 -53.70
N ASN D 195 -40.39 112.00 -54.40
CA ASN D 195 -41.36 111.19 -55.13
C ASN D 195 -42.35 110.55 -54.17
N GLN D 196 -41.85 109.98 -53.07
CA GLN D 196 -42.75 109.41 -52.07
C GLN D 196 -43.62 110.48 -51.43
N LEU D 197 -43.04 111.66 -51.18
CA LEU D 197 -43.78 112.74 -50.52
C LEU D 197 -44.93 113.23 -51.39
N THR D 198 -44.71 113.35 -52.71
CA THR D 198 -45.71 113.98 -53.56
C THR D 198 -46.96 113.12 -53.70
N SER D 199 -46.81 111.83 -53.93
CA SER D 199 -47.93 110.94 -54.19
C SER D 199 -47.86 109.73 -53.27
N VAL D 200 -49.03 109.17 -52.98
CA VAL D 200 -49.16 108.05 -52.06
C VAL D 200 -49.40 106.78 -52.87
N PHE D 201 -48.56 105.78 -52.66
CA PHE D 201 -48.71 104.50 -53.34
C PHE D 201 -49.69 103.62 -52.56
N ASN D 202 -50.46 102.81 -53.30
CA ASN D 202 -51.81 102.36 -52.94
C ASN D 202 -51.96 102.02 -51.46
N PRO D 203 -51.27 101.00 -50.88
CA PRO D 203 -50.67 99.78 -51.43
C PRO D 203 -51.66 98.62 -51.37
N ARG D 204 -52.50 98.60 -50.35
CA ARG D 204 -53.34 97.46 -50.01
C ARG D 204 -54.69 97.47 -50.72
N THR D 205 -54.99 98.51 -51.49
CA THR D 205 -56.28 98.57 -52.19
C THR D 205 -56.42 97.47 -53.23
N VAL D 206 -55.34 97.12 -53.94
CA VAL D 206 -55.40 96.06 -54.92
C VAL D 206 -55.72 94.72 -54.26
N ALA D 207 -55.05 94.43 -53.15
CA ALA D 207 -55.26 93.18 -52.44
C ALA D 207 -56.61 93.18 -51.71
N ALA D 230 -45.14 83.89 -51.35
CA ALA D 230 -46.13 84.78 -50.78
C ALA D 230 -45.77 86.24 -51.03
N SER D 231 -44.55 86.63 -50.62
CA SER D 231 -44.08 87.98 -50.88
C SER D 231 -43.90 88.23 -52.38
N ALA D 232 -43.31 87.26 -53.08
CA ALA D 232 -43.03 87.43 -54.50
C ALA D 232 -44.32 87.62 -55.29
N ILE D 233 -45.35 86.83 -54.99
CA ILE D 233 -46.58 86.92 -55.77
C ILE D 233 -47.29 88.25 -55.55
N LYS D 234 -47.31 88.75 -54.31
CA LYS D 234 -48.00 90.01 -54.06
C LYS D 234 -47.22 91.18 -54.64
N THR D 235 -45.88 91.14 -54.57
CA THR D 235 -45.09 92.16 -55.24
C THR D 235 -45.32 92.14 -56.75
N LYS D 236 -45.37 90.95 -57.34
CA LYS D 236 -45.66 90.85 -58.76
C LYS D 236 -47.03 91.42 -59.08
N ASN D 237 -48.04 91.10 -58.26
CA ASN D 237 -49.40 91.56 -58.51
C ASN D 237 -49.49 93.09 -58.45
N VAL D 238 -48.84 93.69 -57.45
CA VAL D 238 -48.86 95.15 -57.38
C VAL D 238 -48.09 95.75 -58.55
N PHE D 239 -47.03 95.08 -59.01
CA PHE D 239 -46.30 95.55 -60.18
C PHE D 239 -47.19 95.58 -61.42
N ILE D 240 -47.92 94.48 -61.66
CA ILE D 240 -48.83 94.43 -62.81
C ILE D 240 -49.93 95.47 -62.66
N ALA D 241 -50.43 95.66 -61.44
CA ALA D 241 -51.48 96.66 -61.23
C ALA D 241 -50.99 98.05 -61.61
N GLN D 242 -49.78 98.40 -61.17
CA GLN D 242 -49.24 99.70 -61.53
C GLN D 242 -49.00 99.82 -63.02
N ASN D 243 -48.49 98.75 -63.65
CA ASN D 243 -48.23 98.80 -65.09
C ASN D 243 -49.51 98.98 -65.89
N VAL D 244 -50.58 98.28 -65.52
CA VAL D 244 -51.84 98.44 -66.25
C VAL D 244 -52.47 99.79 -65.95
N ALA D 245 -52.28 100.31 -64.73
CA ALA D 245 -52.71 101.68 -64.47
C ALA D 245 -52.02 102.65 -65.43
N SER D 246 -50.72 102.49 -65.61
CA SER D 246 -49.99 103.30 -66.59
C SER D 246 -50.54 103.10 -67.99
N LEU D 247 -50.82 101.84 -68.37
CA LEU D 247 -51.19 101.56 -69.76
C LEU D 247 -52.54 102.16 -70.12
N GLN D 248 -53.59 101.82 -69.37
CA GLN D 248 -54.88 102.45 -69.63
C GLN D 248 -54.91 103.93 -69.23
N GLU D 249 -53.90 104.43 -68.52
CA GLU D 249 -53.88 105.87 -68.26
C GLU D 249 -53.52 106.64 -69.53
N LEU D 250 -52.63 106.08 -70.35
CA LEU D 250 -52.24 106.73 -71.61
C LEU D 250 -53.28 106.56 -72.70
N GLY D 251 -54.38 105.86 -72.45
CA GLY D 251 -55.32 105.56 -73.50
C GLY D 251 -54.75 104.65 -74.57
N GLY D 252 -53.91 103.70 -74.17
CA GLY D 252 -53.27 102.82 -75.13
C GLY D 252 -54.20 101.82 -75.79
N SER D 253 -55.38 101.60 -75.21
CA SER D 253 -56.33 100.66 -75.79
C SER D 253 -56.76 101.11 -77.19
N GLU D 254 -57.13 102.39 -77.31
CA GLU D 254 -57.57 102.91 -78.61
C GLU D 254 -56.44 102.86 -79.62
N LYS D 255 -55.23 103.25 -79.23
CA LYS D 255 -54.10 103.23 -80.15
C LYS D 255 -53.77 101.80 -80.60
N LEU D 256 -53.78 100.85 -79.67
CA LEU D 256 -53.49 99.47 -80.03
C LEU D 256 -54.55 98.90 -80.96
N LEU D 257 -55.83 99.18 -80.69
CA LEU D 257 -56.89 98.71 -81.56
C LEU D 257 -56.78 99.33 -82.94
N ARG D 258 -56.47 100.63 -83.00
CA ARG D 258 -56.30 101.29 -84.29
C ARG D 258 -55.12 100.73 -85.06
N VAL D 259 -54.05 100.37 -84.35
CA VAL D 259 -52.89 99.76 -84.99
C VAL D 259 -53.27 98.39 -85.56
N CYS D 260 -53.98 97.59 -84.79
CA CYS D 260 -54.37 96.26 -85.25
C CYS D 260 -55.37 96.32 -86.40
N LEU D 261 -56.22 97.34 -86.45
CA LEU D 261 -57.26 97.40 -87.47
C LEU D 261 -56.67 97.62 -88.86
N ASN D 262 -55.77 98.58 -89.00
CA ASN D 262 -55.25 98.97 -90.32
C ASN D 262 -53.93 98.26 -90.63
N LEU D 263 -53.97 96.94 -90.57
CA LEU D 263 -52.77 96.19 -90.94
C LEU D 263 -52.63 96.11 -92.46
N PRO D 264 -51.41 96.06 -92.97
CA PRO D 264 -51.22 96.02 -94.44
C PRO D 264 -51.61 94.71 -95.07
N TYR D 265 -51.83 93.65 -94.28
CA TYR D 265 -52.14 92.32 -94.80
C TYR D 265 -53.55 91.86 -94.46
N PHE D 266 -54.06 92.15 -93.26
CA PHE D 266 -55.45 91.86 -92.96
C PHE D 266 -56.41 92.76 -93.72
N LEU D 267 -55.92 93.82 -94.36
CA LEU D 267 -56.81 94.79 -95.01
C LEU D 267 -57.64 94.14 -96.09
N ARG D 268 -57.04 93.27 -96.90
CA ARG D 268 -57.79 92.60 -97.96
C ARG D 268 -58.89 91.72 -97.37
N TYR D 269 -58.58 90.99 -96.29
CA TYR D 269 -59.59 90.15 -95.66
C TYR D 269 -60.73 91.00 -95.09
N ILE D 270 -60.40 92.12 -94.46
CA ILE D 270 -61.43 93.00 -93.91
C ILE D 270 -62.33 93.53 -95.02
N ASN D 271 -61.71 93.98 -96.12
CA ASN D 271 -62.50 94.50 -97.24
C ASN D 271 -63.41 93.43 -97.82
N ARG D 272 -62.88 92.21 -98.00
CA ARG D 272 -63.67 91.13 -98.55
C ARG D 272 -64.83 90.77 -97.64
N PHE D 273 -64.59 90.74 -96.32
CA PHE D 273 -65.68 90.49 -95.39
C PHE D 273 -66.75 91.58 -95.49
N GLN D 274 -66.32 92.83 -95.64
CA GLN D 274 -67.28 93.92 -95.78
C GLN D 274 -68.13 93.76 -97.03
N ASP D 275 -67.50 93.43 -98.17
CA ASP D 275 -68.29 93.22 -99.38
C ASP D 275 -69.23 92.02 -99.24
N ALA D 276 -68.76 90.95 -98.58
CA ALA D 276 -69.61 89.78 -98.39
C ALA D 276 -70.83 90.13 -97.56
N VAL D 277 -70.64 90.87 -96.47
CA VAL D 277 -71.77 91.24 -95.62
C VAL D 277 -72.68 92.23 -96.32
N LEU D 278 -72.14 93.07 -97.20
CA LEU D 278 -72.97 94.03 -97.91
C LEU D 278 -73.79 93.36 -98.99
N ALA D 279 -73.23 92.38 -99.70
CA ALA D 279 -73.90 91.72 -100.81
C ALA D 279 -74.65 90.46 -100.39
N ASN D 280 -74.63 90.11 -99.11
CA ASN D 280 -75.40 89.00 -98.55
C ASN D 280 -74.86 87.66 -99.04
N SER D 281 -73.90 87.68 -99.96
CA SER D 281 -73.29 86.48 -100.49
C SER D 281 -72.06 86.12 -99.66
N PHE D 282 -71.28 85.16 -100.15
CA PHE D 282 -70.03 84.76 -99.51
C PHE D 282 -68.95 84.65 -100.57
N PHE D 283 -67.81 85.29 -100.32
CA PHE D 283 -66.69 85.27 -101.25
C PHE D 283 -65.51 84.56 -100.62
N ILE D 284 -64.98 83.57 -101.32
CA ILE D 284 -63.66 82.99 -101.05
C ILE D 284 -62.95 82.86 -102.38
N MET D 285 -61.70 83.35 -102.44
CA MET D 285 -60.92 83.32 -103.68
C MET D 285 -59.56 82.67 -103.47
N PRO D 286 -59.53 81.34 -103.30
CA PRO D 286 -58.33 80.60 -103.70
C PRO D 286 -58.30 80.32 -105.19
N ALA D 287 -59.46 80.34 -105.84
CA ALA D 287 -59.62 80.25 -107.30
C ALA D 287 -58.98 78.94 -107.77
N THR D 288 -58.09 78.95 -108.75
CA THR D 288 -57.51 77.75 -109.29
C THR D 288 -56.28 77.33 -108.48
N VAL D 289 -55.62 76.25 -108.92
CA VAL D 289 -54.43 75.77 -108.23
C VAL D 289 -53.32 76.81 -108.31
N ALA D 290 -53.15 77.44 -109.47
CA ALA D 290 -52.14 78.50 -109.60
C ALA D 290 -52.46 79.67 -108.70
N ASP D 291 -53.72 80.08 -108.65
CA ASP D 291 -54.11 81.15 -107.73
C ASP D 291 -53.97 80.72 -106.28
N ALA D 292 -54.20 79.44 -105.99
CA ALA D 292 -53.98 78.94 -104.63
C ALA D 292 -52.51 79.05 -104.25
N THR D 293 -51.61 78.70 -105.17
CA THR D 293 -50.18 78.87 -104.91
C THR D 293 -49.82 80.35 -104.75
N ALA D 294 -50.42 81.21 -105.56
CA ALA D 294 -50.15 82.65 -105.45
C ALA D 294 -50.60 83.20 -104.10
N VAL D 295 -51.76 82.77 -103.62
CA VAL D 295 -52.21 83.15 -102.28
C VAL D 295 -51.27 82.54 -101.24
N ARG D 296 -50.77 81.34 -101.51
CA ARG D 296 -49.76 80.74 -100.66
C ARG D 296 -48.44 81.50 -100.83
N ASN D 297 -47.39 80.99 -100.16
CA ASN D 297 -46.04 81.53 -100.22
C ASN D 297 -45.94 82.90 -99.57
N GLY D 298 -47.06 83.45 -99.13
CA GLY D 298 -47.08 84.65 -98.32
C GLY D 298 -47.59 84.32 -96.94
N PHE D 299 -47.59 83.02 -96.62
CA PHE D 299 -48.24 82.55 -95.40
C PHE D 299 -47.48 82.98 -94.14
N HIS D 300 -46.16 83.17 -94.23
CA HIS D 300 -45.39 83.55 -93.05
C HIS D 300 -45.78 84.93 -92.54
N SER D 301 -46.08 85.86 -93.45
CA SER D 301 -46.57 87.17 -93.04
C SER D 301 -47.90 87.05 -92.32
N LEU D 302 -48.79 86.19 -92.83
CA LEU D 302 -50.07 85.98 -92.16
C LEU D 302 -49.87 85.38 -90.77
N VAL D 303 -48.91 84.47 -90.63
CA VAL D 303 -48.65 83.86 -89.33
C VAL D 303 -48.14 84.90 -88.34
N ILE D 304 -47.18 85.72 -88.76
CA ILE D 304 -46.64 86.71 -87.83
C ILE D 304 -47.73 87.73 -87.49
N ASP D 305 -48.59 88.05 -88.46
CA ASP D 305 -49.68 89.00 -88.21
C ASP D 305 -50.67 88.44 -87.20
N VAL D 306 -51.10 87.19 -87.38
CA VAL D 306 -52.08 86.62 -86.46
C VAL D 306 -51.49 86.46 -85.07
N THR D 307 -50.20 86.12 -84.99
CA THR D 307 -49.55 86.01 -83.68
C THR D 307 -49.53 87.36 -82.97
N MET D 308 -49.13 88.41 -83.69
CA MET D 308 -49.07 89.73 -83.05
C MET D 308 -50.47 90.24 -82.70
N ALA D 309 -51.46 89.97 -83.54
CA ALA D 309 -52.83 90.38 -83.25
C ALA D 309 -53.39 89.66 -82.03
N LEU D 310 -53.14 88.35 -81.92
CA LEU D 310 -53.58 87.61 -80.75
C LEU D 310 -52.91 88.14 -79.49
N ASP D 311 -51.60 88.42 -79.57
CA ASP D 311 -50.91 88.97 -78.40
C ASP D 311 -51.48 90.32 -78.01
N THR D 312 -51.77 91.18 -79.00
CA THR D 312 -52.36 92.48 -78.70
C THR D 312 -53.73 92.33 -78.06
N LEU D 313 -54.57 91.43 -78.58
CA LEU D 313 -55.89 91.23 -78.02
C LEU D 313 -55.86 90.53 -76.67
N SER D 314 -54.75 89.92 -76.30
CA SER D 314 -54.63 89.30 -74.98
C SER D 314 -54.41 90.32 -73.86
N LEU D 315 -54.11 91.57 -74.20
CA LEU D 315 -53.94 92.60 -73.18
C LEU D 315 -55.30 93.18 -72.76
N PRO D 316 -55.42 93.69 -71.54
CA PRO D 316 -56.68 94.31 -71.12
C PRO D 316 -56.89 95.66 -71.77
N VAL D 317 -57.36 95.67 -73.00
CA VAL D 317 -57.57 96.91 -73.75
C VAL D 317 -58.96 96.93 -74.37
N LEU D 318 -59.91 96.21 -73.76
CA LEU D 318 -61.21 95.98 -74.37
C LEU D 318 -62.41 96.41 -73.52
N GLU D 319 -62.20 96.85 -72.28
CA GLU D 319 -63.33 97.06 -71.38
C GLU D 319 -64.34 98.08 -71.88
N PRO D 320 -63.97 99.31 -72.27
CA PRO D 320 -65.03 100.29 -72.61
C PRO D 320 -65.67 100.03 -73.97
N LEU D 321 -66.54 99.01 -74.02
CA LEU D 321 -67.15 98.57 -75.27
C LEU D 321 -68.26 99.54 -75.67
N ASN D 322 -67.84 100.68 -76.20
CA ASN D 322 -68.78 101.60 -76.84
C ASN D 322 -69.27 100.98 -78.15
N PRO D 323 -70.43 101.43 -78.65
CA PRO D 323 -70.92 100.88 -79.92
C PRO D 323 -69.91 100.95 -81.06
N SER D 324 -69.17 102.06 -81.19
CA SER D 324 -68.12 102.14 -82.20
C SER D 324 -67.01 101.14 -81.92
N ARG D 325 -66.58 101.06 -80.65
CA ARG D 325 -65.58 100.08 -80.28
C ARG D 325 -66.09 98.66 -80.49
N LEU D 326 -67.37 98.43 -80.18
CA LEU D 326 -67.98 97.14 -80.46
C LEU D 326 -67.86 96.78 -81.94
N GLN D 327 -68.26 97.71 -82.81
CA GLN D 327 -68.22 97.44 -84.25
C GLN D 327 -66.80 97.16 -84.71
N ASP D 328 -65.83 97.94 -84.23
CA ASP D 328 -64.44 97.71 -84.61
C ASP D 328 -63.98 96.32 -84.17
N VAL D 329 -64.31 95.93 -82.94
CA VAL D 329 -63.85 94.65 -82.41
C VAL D 329 -64.44 93.50 -83.21
N THR D 330 -65.75 93.54 -83.48
CA THR D 330 -66.35 92.47 -84.27
C THR D 330 -65.80 92.45 -85.69
N VAL D 331 -65.56 93.62 -86.28
CA VAL D 331 -64.95 93.66 -87.61
C VAL D 331 -63.62 92.92 -87.60
N LEU D 332 -62.76 93.24 -86.63
CA LEU D 332 -61.44 92.61 -86.58
C LEU D 332 -61.55 91.10 -86.38
N SER D 333 -62.37 90.68 -85.41
CA SER D 333 -62.47 89.25 -85.10
C SER D 333 -63.04 88.47 -86.26
N LEU D 334 -64.09 88.99 -86.89
CA LEU D 334 -64.71 88.29 -88.01
C LEU D 334 -63.80 88.26 -89.24
N SER D 335 -63.02 89.33 -89.45
CA SER D 335 -62.04 89.31 -90.53
C SER D 335 -60.97 88.25 -90.28
N CYS D 336 -60.53 88.11 -89.03
CA CYS D 336 -59.55 87.07 -88.72
C CYS D 336 -60.14 85.68 -88.95
N LEU D 337 -61.41 85.49 -88.56
CA LEU D 337 -62.08 84.22 -88.85
C LEU D 337 -62.18 83.97 -90.35
N TYR D 338 -62.47 85.02 -91.12
CA TYR D 338 -62.49 84.91 -92.58
C TYR D 338 -61.13 84.48 -93.11
N ALA D 339 -60.05 85.05 -92.55
CA ALA D 339 -58.71 84.66 -92.98
C ALA D 339 -58.45 83.18 -92.71
N GLY D 340 -58.85 82.69 -91.54
CA GLY D 340 -58.71 81.27 -91.26
C GLY D 340 -59.51 80.41 -92.23
N VAL D 341 -60.73 80.83 -92.53
CA VAL D 341 -61.55 80.11 -93.50
C VAL D 341 -60.86 80.08 -94.86
N SER D 342 -60.28 81.20 -95.27
CA SER D 342 -59.67 81.30 -96.59
C SER D 342 -58.42 80.43 -96.69
N VAL D 343 -57.60 80.41 -95.64
CA VAL D 343 -56.42 79.55 -95.70
C VAL D 343 -56.82 78.07 -95.68
N ALA D 344 -57.89 77.73 -94.95
CA ALA D 344 -58.38 76.36 -95.00
C ALA D 344 -58.84 75.98 -96.40
N THR D 345 -59.58 76.88 -97.06
CA THR D 345 -60.03 76.61 -98.42
C THR D 345 -58.85 76.48 -99.38
N CYS D 346 -57.83 77.34 -99.21
CA CYS D 346 -56.66 77.26 -100.07
C CYS D 346 -55.94 75.93 -99.92
N MET D 347 -55.77 75.47 -98.67
CA MET D 347 -55.11 74.18 -98.46
C MET D 347 -55.94 73.04 -99.02
N ALA D 348 -57.27 73.10 -98.88
CA ALA D 348 -58.11 72.06 -99.46
C ALA D 348 -58.00 72.04 -100.99
N ILE D 349 -57.98 73.21 -101.61
CA ILE D 349 -57.84 73.27 -103.07
C ILE D 349 -56.49 72.71 -103.49
N LEU D 350 -55.43 73.03 -102.74
CA LEU D 350 -54.11 72.48 -103.06
C LEU D 350 -54.11 70.96 -102.95
N HIS D 351 -54.75 70.42 -101.92
CA HIS D 351 -54.78 68.97 -101.76
C HIS D 351 -55.60 68.31 -102.87
N VAL D 352 -56.71 68.93 -103.28
CA VAL D 352 -57.49 68.39 -104.39
C VAL D 352 -56.67 68.39 -105.68
N GLY D 353 -55.96 69.50 -105.94
CA GLY D 353 -55.12 69.56 -107.12
C GLY D 353 -53.99 68.55 -107.08
N SER D 354 -53.44 68.29 -105.90
CA SER D 354 -52.43 67.25 -105.75
C SER D 354 -53.02 65.87 -106.02
N ALA D 355 -54.27 65.66 -105.62
CA ALA D 355 -54.96 64.41 -105.93
C ALA D 355 -55.26 64.29 -107.43
N GLN D 356 -55.35 65.42 -108.14
CA GLN D 356 -55.62 65.37 -109.57
C GLN D 356 -54.49 64.65 -110.31
N GLN D 357 -53.24 64.99 -110.00
CA GLN D 357 -52.07 64.43 -110.68
C GLN D 357 -51.35 63.46 -109.75
N VAL D 358 -51.11 62.25 -110.24
CA VAL D 358 -50.47 61.20 -109.44
C VAL D 358 -48.96 61.42 -109.55
N ARG D 359 -48.39 62.08 -108.55
CA ARG D 359 -46.95 62.27 -108.45
C ARG D 359 -46.43 61.52 -107.23
N THR D 360 -45.34 60.77 -107.42
CA THR D 360 -44.78 59.92 -106.40
C THR D 360 -43.59 60.56 -105.69
N GLY D 361 -43.38 61.86 -105.88
CA GLY D 361 -42.27 62.53 -105.21
C GLY D 361 -42.40 62.47 -103.70
N SER D 362 -41.26 62.36 -103.04
CA SER D 362 -41.25 62.26 -101.58
C SER D 362 -41.70 63.57 -100.95
N THR D 363 -42.23 63.46 -99.73
CA THR D 363 -42.71 64.63 -99.00
C THR D 363 -41.58 65.61 -98.72
N SER D 364 -41.60 66.76 -99.36
CA SER D 364 -40.57 67.76 -99.18
C SER D 364 -40.80 68.54 -97.88
N SER D 365 -39.78 69.31 -97.49
CA SER D 365 -39.87 70.10 -96.27
C SER D 365 -40.78 71.31 -96.45
N LYS D 366 -40.83 71.87 -97.66
CA LYS D 366 -41.60 73.10 -97.88
C LYS D 366 -43.09 72.85 -97.72
N GLU D 367 -43.61 71.74 -98.27
CA GLU D 367 -45.03 71.44 -98.11
C GLU D 367 -45.38 71.14 -96.66
N ASP D 368 -44.49 70.47 -95.93
CA ASP D 368 -44.70 70.24 -94.51
C ASP D 368 -44.76 71.55 -93.74
N ASP D 369 -43.86 72.48 -94.06
CA ASP D 369 -43.91 73.79 -93.44
C ASP D 369 -45.22 74.51 -93.78
N TYR D 370 -45.67 74.36 -95.03
CA TYR D 370 -46.89 75.03 -95.45
C TYR D 370 -48.11 74.50 -94.69
N GLU D 371 -48.19 73.17 -94.53
CA GLU D 371 -49.33 72.61 -93.80
C GLU D 371 -49.27 72.96 -92.31
N SER D 372 -48.07 72.96 -91.73
CA SER D 372 -47.93 73.38 -90.34
C SER D 372 -48.37 74.83 -90.16
N ASP D 373 -47.97 75.69 -91.11
CA ASP D 373 -48.35 77.09 -91.06
C ASP D 373 -49.86 77.26 -91.18
N ALA D 374 -50.48 76.49 -92.07
CA ALA D 374 -51.94 76.55 -92.21
C ALA D 374 -52.64 76.13 -90.92
N ALA D 375 -52.17 75.05 -90.30
CA ALA D 375 -52.75 74.63 -89.02
C ALA D 375 -52.59 75.71 -87.96
N THR D 376 -51.40 76.30 -87.89
CA THR D 376 -51.16 77.34 -86.89
C THR D 376 -52.08 78.54 -87.10
N ILE D 377 -52.24 78.97 -88.35
CA ILE D 377 -53.04 80.16 -88.59
C ILE D 377 -54.51 79.90 -88.32
N VAL D 378 -55.03 78.72 -88.69
CA VAL D 378 -56.44 78.46 -88.41
C VAL D 378 -56.67 78.35 -86.91
N GLN D 379 -55.75 77.70 -86.18
CA GLN D 379 -55.93 77.57 -84.74
C GLN D 379 -55.87 78.93 -84.06
N LYS D 380 -54.96 79.80 -84.48
CA LYS D 380 -54.89 81.14 -83.91
C LYS D 380 -56.13 81.96 -84.25
N CYS D 381 -56.67 81.79 -85.46
CA CYS D 381 -57.89 82.50 -85.82
C CYS D 381 -59.05 82.08 -84.94
N LEU D 382 -59.20 80.78 -84.70
CA LEU D 382 -60.25 80.31 -83.81
C LEU D 382 -60.04 80.82 -82.40
N GLU D 383 -58.78 80.85 -81.93
CA GLU D 383 -58.51 81.38 -80.60
C GLU D 383 -58.92 82.84 -80.48
N ILE D 384 -58.61 83.65 -81.49
CA ILE D 384 -58.99 85.06 -81.47
C ILE D 384 -60.51 85.19 -81.44
N TYR D 385 -61.20 84.40 -82.27
CA TYR D 385 -62.66 84.49 -82.31
C TYR D 385 -63.26 84.14 -80.95
N ASP D 386 -62.78 83.07 -80.32
CA ASP D 386 -63.31 82.68 -79.02
C ASP D 386 -63.01 83.71 -77.95
N MET D 387 -61.80 84.27 -77.95
CA MET D 387 -61.46 85.28 -76.96
C MET D 387 -62.34 86.52 -77.11
N ILE D 388 -62.58 86.96 -78.35
CA ILE D 388 -63.43 88.13 -78.57
C ILE D 388 -64.86 87.83 -78.15
N GLY D 389 -65.36 86.62 -78.45
CA GLY D 389 -66.70 86.25 -78.03
C GLY D 389 -66.85 86.25 -76.52
N GLN D 390 -65.86 85.70 -75.81
CA GLN D 390 -65.91 85.71 -74.36
C GLN D 390 -65.85 87.12 -73.81
N ALA D 391 -65.03 87.99 -74.42
CA ALA D 391 -64.97 89.38 -73.98
C ALA D 391 -66.32 90.07 -74.17
N ILE D 392 -66.99 89.80 -75.29
CA ILE D 392 -68.28 90.44 -75.55
C ILE D 392 -69.34 89.91 -74.59
N SER D 393 -69.31 88.61 -74.29
CA SER D 393 -70.36 88.02 -73.46
C SER D 393 -70.31 88.54 -72.03
N SER D 394 -69.12 88.65 -71.45
CA SER D 394 -68.97 89.02 -70.05
C SER D 394 -68.87 90.52 -69.80
N SER D 395 -69.00 91.34 -70.84
CA SER D 395 -68.88 92.78 -70.68
C SER D 395 -70.06 93.34 -69.91
N ARG D 396 -69.88 94.54 -69.37
CA ARG D 396 -70.92 95.27 -68.67
C ARG D 396 -71.56 96.35 -69.54
N ARG D 397 -71.24 96.38 -70.83
CA ARG D 397 -71.88 97.29 -71.76
C ARG D 397 -72.45 96.60 -72.98
N ALA D 398 -72.00 95.39 -73.31
CA ALA D 398 -72.57 94.57 -74.37
C ALA D 398 -73.07 93.27 -73.76
N GLY D 399 -74.32 92.93 -74.02
CA GLY D 399 -74.94 91.81 -73.35
C GLY D 399 -75.30 90.62 -74.21
N GLY D 400 -76.44 90.01 -73.91
CA GLY D 400 -76.81 88.77 -74.58
C GLY D 400 -77.13 88.93 -76.05
N GLU D 401 -77.80 90.02 -76.41
CA GLU D 401 -78.20 90.21 -77.81
C GLU D 401 -76.98 90.35 -78.72
N HIS D 402 -75.98 91.11 -78.29
CA HIS D 402 -74.77 91.27 -79.09
C HIS D 402 -74.00 89.96 -79.20
N TYR D 403 -73.96 89.19 -78.11
CA TYR D 403 -73.33 87.88 -78.16
C TYR D 403 -74.05 86.95 -79.13
N GLN D 404 -75.39 87.00 -79.13
CA GLN D 404 -76.17 86.20 -80.07
C GLN D 404 -75.85 86.59 -81.52
N ASN D 405 -75.78 87.90 -81.80
CA ASN D 405 -75.45 88.35 -83.14
C ASN D 405 -74.05 87.91 -83.54
N PHE D 406 -73.10 87.98 -82.59
CA PHE D 406 -71.73 87.53 -82.85
C PHE D 406 -71.69 86.05 -83.21
N GLN D 407 -72.42 85.24 -82.44
CA GLN D 407 -72.50 83.81 -82.72
C GLN D 407 -73.14 83.55 -84.09
N LEU D 408 -74.18 84.31 -84.41
CA LEU D 408 -74.85 84.13 -85.70
C LEU D 408 -73.90 84.45 -86.85
N LEU D 409 -73.14 85.54 -86.75
CA LEU D 409 -72.20 85.89 -87.81
C LEU D 409 -71.12 84.81 -87.96
N GLY D 410 -70.57 84.34 -86.84
CA GLY D 410 -69.57 83.29 -86.91
C GLY D 410 -70.10 82.02 -87.54
N ALA D 411 -71.31 81.61 -87.14
CA ALA D 411 -71.91 80.40 -87.70
C ALA D 411 -72.20 80.56 -89.19
N TRP D 412 -72.66 81.74 -89.60
CA TRP D 412 -72.91 82.00 -91.02
C TRP D 412 -71.64 81.83 -91.83
N CYS D 413 -70.55 82.47 -91.39
CA CYS D 413 -69.28 82.35 -92.11
C CYS D 413 -68.82 80.90 -92.15
N LEU D 414 -68.88 80.21 -91.01
CA LEU D 414 -68.38 78.85 -90.94
C LEU D 414 -69.17 77.91 -91.85
N LEU D 415 -70.51 78.05 -91.85
CA LEU D 415 -71.34 77.17 -92.65
C LEU D 415 -71.14 77.43 -94.14
N ASN D 416 -71.05 78.71 -94.54
CA ASN D 416 -70.78 78.99 -95.94
C ASN D 416 -69.43 78.41 -96.37
N SER D 417 -68.42 78.54 -95.51
CA SER D 417 -67.10 77.98 -95.84
C SER D 417 -67.18 76.47 -95.97
N LEU D 418 -67.90 75.80 -95.07
CA LEU D 418 -68.00 74.35 -95.14
C LEU D 418 -68.72 73.91 -96.40
N PHE D 419 -69.79 74.61 -96.77
CA PHE D 419 -70.50 74.28 -98.01
C PHE D 419 -69.59 74.43 -99.22
N LEU D 420 -68.83 75.53 -99.29
CA LEU D 420 -67.92 75.74 -100.41
C LEU D 420 -66.85 74.66 -100.46
N ILE D 421 -66.24 74.34 -99.31
CA ILE D 421 -65.14 73.38 -99.31
C ILE D 421 -65.65 71.98 -99.62
N LEU D 422 -66.89 71.65 -99.27
CA LEU D 422 -67.44 70.35 -99.61
C LEU D 422 -68.04 70.30 -101.01
N ASN D 423 -68.20 71.44 -101.68
CA ASN D 423 -68.68 71.46 -103.05
C ASN D 423 -67.55 71.52 -104.07
N LEU D 424 -66.31 71.34 -103.65
CA LEU D 424 -65.19 71.35 -104.59
C LEU D 424 -65.25 70.13 -105.50
N SER D 425 -65.12 70.37 -106.80
CA SER D 425 -65.06 69.27 -107.75
C SER D 425 -63.67 68.64 -107.74
N PRO D 426 -63.58 67.33 -108.02
CA PRO D 426 -62.25 66.71 -108.10
C PRO D 426 -61.41 67.28 -109.23
N THR D 427 -61.91 67.21 -110.46
CA THR D 427 -61.21 67.76 -111.62
C THR D 427 -62.08 68.67 -112.46
N ALA D 428 -63.38 68.40 -112.56
CA ALA D 428 -64.22 69.04 -113.57
C ALA D 428 -64.23 70.56 -113.41
N LEU D 429 -64.80 71.05 -112.29
CA LEU D 429 -64.85 72.50 -112.10
C LEU D 429 -63.47 73.08 -111.81
N ALA D 430 -62.58 72.28 -111.21
CA ALA D 430 -61.23 72.77 -110.93
C ALA D 430 -60.46 73.00 -112.22
N ASP D 431 -60.53 72.06 -113.17
CA ASP D 431 -59.82 72.25 -114.44
C ASP D 431 -60.53 73.25 -115.34
N LYS D 432 -61.87 73.22 -115.37
CA LYS D 432 -62.60 74.16 -116.21
C LYS D 432 -62.58 75.58 -115.65
N GLY D 433 -62.17 75.75 -114.41
CA GLY D 433 -62.00 77.08 -113.84
C GLY D 433 -60.72 77.77 -114.22
N LYS D 434 -59.85 77.09 -114.96
CA LYS D 434 -58.59 77.68 -115.43
C LYS D 434 -58.83 78.64 -116.57
N ARG D 443 -67.93 81.85 -105.56
CA ARG D 443 -69.04 82.41 -104.79
C ARG D 443 -69.98 81.30 -104.33
N VAL D 444 -71.13 81.68 -103.79
CA VAL D 444 -72.13 80.71 -103.33
C VAL D 444 -73.45 80.94 -104.05
N ARG D 445 -73.70 82.17 -104.50
CA ARG D 445 -74.93 82.44 -105.24
C ARG D 445 -74.85 81.87 -106.64
N ASP D 446 -73.69 82.01 -107.31
CA ASP D 446 -73.52 81.42 -108.63
C ASP D 446 -73.61 79.91 -108.57
N ILE D 447 -73.02 79.30 -107.53
CA ILE D 447 -73.09 77.85 -107.37
C ILE D 447 -74.53 77.40 -107.19
N LEU D 448 -75.28 78.10 -106.34
CA LEU D 448 -76.68 77.75 -106.12
C LEU D 448 -77.48 77.90 -107.41
N SER D 449 -77.24 78.97 -108.15
CA SER D 449 -77.97 79.19 -109.41
C SER D 449 -77.66 78.10 -110.43
N ARG D 450 -76.38 77.72 -110.55
CA ARG D 450 -76.03 76.71 -111.54
C ARG D 450 -76.51 75.33 -111.14
N THR D 451 -76.58 75.04 -109.82
CA THR D 451 -77.14 73.78 -109.39
C THR D 451 -78.65 73.74 -109.60
N LYS D 452 -79.34 74.87 -109.38
CA LYS D 452 -80.77 74.91 -109.59
C LYS D 452 -81.13 74.82 -111.07
N GLU D 453 -80.33 75.47 -111.94
CA GLU D 453 -80.64 75.46 -113.36
C GLU D 453 -80.58 74.05 -113.94
N GLY D 454 -79.56 73.28 -113.56
CA GLY D 454 -79.45 71.91 -114.01
C GLY D 454 -80.59 71.04 -113.55
N VAL D 455 -81.16 70.24 -114.47
CA VAL D 455 -82.26 69.35 -114.11
C VAL D 455 -81.79 68.32 -113.09
N GLY D 456 -80.61 67.74 -113.32
CA GLY D 456 -80.04 66.78 -112.39
C GLY D 456 -79.08 67.45 -111.44
N SER D 457 -79.22 67.15 -110.15
CA SER D 457 -78.32 67.69 -109.15
C SER D 457 -76.92 67.10 -109.31
N PRO D 458 -75.89 67.81 -108.85
CA PRO D 458 -74.53 67.26 -108.93
C PRO D 458 -74.43 65.94 -108.18
N LYS D 459 -74.05 64.89 -108.90
CA LYS D 459 -74.04 63.53 -108.37
C LYS D 459 -72.82 63.35 -107.48
N LEU D 460 -72.99 63.66 -106.21
CA LEU D 460 -71.96 63.39 -105.19
C LEU D 460 -72.18 62.04 -104.52
N GLY D 461 -72.30 61.00 -105.34
CA GLY D 461 -72.61 59.68 -104.86
C GLY D 461 -71.39 58.92 -104.38
N PRO D 462 -71.30 57.63 -104.73
CA PRO D 462 -70.18 56.81 -104.28
C PRO D 462 -68.87 57.04 -105.03
N GLY D 463 -68.77 58.09 -105.83
CA GLY D 463 -67.55 58.38 -106.56
C GLY D 463 -66.46 58.95 -105.66
N LYS D 464 -65.29 59.15 -106.27
CA LYS D 464 -64.12 59.66 -105.58
C LYS D 464 -64.06 61.19 -105.59
N GLY D 465 -65.20 61.85 -105.74
CA GLY D 465 -65.20 63.31 -105.78
C GLY D 465 -64.83 63.93 -104.46
N HIS D 466 -65.32 63.38 -103.35
CA HIS D 466 -65.11 63.94 -102.02
C HIS D 466 -63.72 63.54 -101.50
N GLN D 467 -62.69 64.02 -102.20
CA GLN D 467 -61.31 63.85 -101.79
C GLN D 467 -60.72 65.10 -101.18
N GLY D 468 -61.56 66.02 -100.72
CA GLY D 468 -61.10 67.22 -100.05
C GLY D 468 -60.99 66.98 -98.56
N PHE D 469 -61.79 67.70 -97.77
CA PHE D 469 -61.89 67.45 -96.33
C PHE D 469 -60.55 67.67 -95.64
N GLY D 470 -60.35 67.04 -94.49
CA GLY D 470 -59.11 67.13 -93.76
C GLY D 470 -59.33 67.56 -92.33
N VAL D 471 -58.21 67.72 -91.61
CA VAL D 471 -58.26 68.12 -90.21
C VAL D 471 -58.87 69.52 -90.06
N LEU D 472 -58.48 70.44 -90.95
CA LEU D 472 -59.01 71.79 -90.88
C LEU D 472 -60.51 71.80 -91.07
N SER D 473 -61.02 70.98 -91.99
CA SER D 473 -62.46 70.85 -92.17
C SER D 473 -63.12 70.35 -90.89
N VAL D 474 -62.51 69.39 -90.22
CA VAL D 474 -63.08 68.84 -88.99
C VAL D 474 -63.15 69.91 -87.90
N ILE D 475 -62.07 70.69 -87.75
CA ILE D 475 -62.05 71.73 -86.72
C ILE D 475 -63.11 72.79 -87.01
N LEU D 476 -63.20 73.22 -88.27
CA LEU D 476 -64.19 74.21 -88.65
C LEU D 476 -65.61 73.68 -88.42
N ALA D 477 -65.84 72.42 -88.77
CA ALA D 477 -67.15 71.82 -88.55
C ALA D 477 -67.49 71.73 -87.07
N ASN D 478 -66.50 71.40 -86.23
CA ASN D 478 -66.75 71.34 -84.80
C ASN D 478 -67.17 72.70 -84.26
N HIS D 479 -66.45 73.75 -84.65
CA HIS D 479 -66.83 75.08 -84.18
C HIS D 479 -68.21 75.49 -84.70
N ALA D 480 -68.49 75.17 -85.97
CA ALA D 480 -69.79 75.49 -86.53
C ALA D 480 -70.91 74.76 -85.78
N ILE D 481 -70.68 73.50 -85.43
CA ILE D 481 -71.70 72.73 -84.73
C ILE D 481 -71.89 73.25 -83.31
N LYS D 482 -70.82 73.75 -82.67
CA LYS D 482 -70.98 74.37 -81.36
C LYS D 482 -71.85 75.62 -81.45
N LEU D 483 -71.57 76.48 -82.44
CA LEU D 483 -72.40 77.67 -82.62
C LEU D 483 -73.84 77.28 -82.93
N LEU D 484 -74.03 76.24 -83.75
CA LEU D 484 -75.38 75.82 -84.12
C LEU D 484 -76.16 75.29 -82.92
N THR D 485 -75.53 74.46 -82.08
CA THR D 485 -76.25 73.94 -80.93
C THR D 485 -76.56 75.07 -79.94
N SER D 486 -75.66 76.04 -79.80
CA SER D 486 -75.98 77.20 -78.95
C SER D 486 -77.21 77.94 -79.48
N LEU D 487 -77.23 78.21 -80.80
CA LEU D 487 -78.35 78.94 -81.38
C LEU D 487 -79.66 78.17 -81.25
N PHE D 488 -79.63 76.86 -81.48
CA PHE D 488 -80.86 76.08 -81.44
C PHE D 488 -81.36 75.91 -80.00
N GLN D 489 -80.45 75.74 -79.05
CA GLN D 489 -80.86 75.73 -77.65
C GLN D 489 -81.50 77.06 -77.25
N ASP D 490 -80.95 78.16 -77.77
CA ASP D 490 -81.60 79.45 -77.56
C ASP D 490 -83.00 79.47 -78.18
N LEU D 491 -83.14 78.89 -79.37
CA LEU D 491 -84.43 78.92 -80.06
C LEU D 491 -85.48 78.10 -79.32
N GLN D 492 -85.07 76.99 -78.68
CA GLN D 492 -86.05 76.07 -78.11
C GLN D 492 -86.93 76.76 -77.07
N VAL D 493 -86.35 77.55 -76.18
CA VAL D 493 -87.13 78.23 -75.15
C VAL D 493 -87.78 79.47 -75.71
N THR D 502 -94.12 84.73 -88.20
CA THR D 502 -94.94 85.44 -89.18
C THR D 502 -94.23 85.52 -90.53
N ASP D 503 -93.22 84.67 -90.71
CA ASP D 503 -92.40 84.64 -91.92
C ASP D 503 -91.81 86.02 -92.22
N GLY D 504 -91.10 86.56 -91.21
CA GLY D 504 -90.50 87.85 -91.34
C GLY D 504 -89.18 87.80 -92.10
N PRO D 505 -88.51 88.93 -92.16
CA PRO D 505 -87.24 89.01 -92.88
C PRO D 505 -86.15 88.28 -92.12
N PRO D 506 -85.12 87.80 -92.81
CA PRO D 506 -83.99 87.19 -92.12
C PRO D 506 -83.27 88.18 -91.23
N ALA D 507 -82.73 87.68 -90.12
CA ALA D 507 -82.07 88.54 -89.15
C ALA D 507 -80.92 89.30 -89.77
N ALA D 508 -80.84 90.60 -89.47
CA ALA D 508 -79.79 91.43 -90.03
C ALA D 508 -78.42 90.98 -89.53
N LEU D 509 -77.43 91.05 -90.41
CA LEU D 509 -76.08 90.59 -90.09
C LEU D 509 -75.23 91.72 -89.51
N SER D 510 -75.73 92.34 -88.45
CA SER D 510 -75.01 93.40 -87.75
C SER D 510 -75.03 93.10 -86.25
N ILE D 511 -73.93 93.44 -85.58
CA ILE D 511 -73.82 93.18 -84.15
C ILE D 511 -74.84 93.98 -83.35
N MET D 512 -75.35 95.08 -83.90
CA MET D 512 -76.34 95.89 -83.23
C MET D 512 -77.78 95.54 -83.62
N ALA D 513 -77.97 94.52 -84.44
CA ALA D 513 -79.31 94.17 -84.89
C ALA D 513 -80.14 93.57 -83.77
N GLN D 514 -81.45 93.77 -83.85
CA GLN D 514 -82.41 93.21 -82.92
C GLN D 514 -83.26 92.19 -83.67
N SER D 515 -83.25 90.95 -83.21
CA SER D 515 -83.99 89.89 -83.89
C SER D 515 -84.24 88.75 -82.91
N THR D 516 -85.21 87.91 -83.24
CA THR D 516 -85.52 86.73 -82.47
C THR D 516 -84.69 85.53 -82.95
N SER D 517 -84.70 84.47 -82.16
CA SER D 517 -83.94 83.27 -82.51
C SER D 517 -84.45 82.65 -83.81
N ILE D 518 -85.77 82.65 -84.00
CA ILE D 518 -86.34 82.11 -85.23
C ILE D 518 -85.82 82.88 -86.44
N GLN D 519 -85.70 84.21 -86.31
CA GLN D 519 -85.18 85.01 -87.41
C GLN D 519 -83.75 84.64 -87.74
N ARG D 520 -82.91 84.45 -86.72
CA ARG D 520 -81.52 84.07 -86.97
C ARG D 520 -81.42 82.70 -87.63
N ILE D 521 -82.21 81.74 -87.14
CA ILE D 521 -82.17 80.39 -87.72
C ILE D 521 -82.68 80.42 -89.15
N GLN D 522 -83.71 81.24 -89.42
CA GLN D 522 -84.24 81.34 -90.77
C GLN D 522 -83.26 82.03 -91.71
N ARG D 523 -82.49 83.00 -91.20
CA ARG D 523 -81.42 83.58 -92.00
C ARG D 523 -80.36 82.54 -92.34
N LEU D 524 -79.99 81.71 -91.36
CA LEU D 524 -79.03 80.64 -91.62
C LEU D 524 -79.57 79.67 -92.68
N ILE D 525 -80.85 79.33 -92.58
CA ILE D 525 -81.46 78.42 -93.57
C ILE D 525 -81.46 79.08 -94.94
N ASP D 526 -81.80 80.37 -95.01
CA ASP D 526 -81.82 81.08 -96.28
C ASP D 526 -80.44 81.09 -96.92
N SER D 527 -79.39 81.28 -96.12
CA SER D 527 -78.04 81.33 -96.67
C SER D 527 -77.66 80.00 -97.32
N VAL D 528 -77.95 78.89 -96.65
CA VAL D 528 -77.50 77.57 -97.09
C VAL D 528 -78.53 76.52 -96.66
N PRO D 529 -78.85 75.53 -97.51
CA PRO D 529 -79.70 74.43 -97.05
C PRO D 529 -78.98 73.56 -96.04
N LEU D 530 -79.39 73.66 -94.78
CA LEU D 530 -78.60 73.13 -93.68
C LEU D 530 -78.58 71.60 -93.65
N MET D 531 -79.76 70.97 -93.80
CA MET D 531 -79.85 69.54 -93.53
C MET D 531 -78.99 68.73 -94.51
N ASN D 532 -79.04 69.08 -95.79
CA ASN D 532 -78.22 68.39 -96.77
C ASN D 532 -76.74 68.55 -96.46
N LEU D 533 -76.33 69.77 -96.09
CA LEU D 533 -74.93 70.00 -95.74
C LEU D 533 -74.52 69.16 -94.55
N LEU D 534 -75.35 69.11 -93.51
CA LEU D 534 -75.02 68.36 -92.31
C LEU D 534 -74.87 66.87 -92.62
N LEU D 535 -75.81 66.31 -93.38
CA LEU D 535 -75.73 64.89 -93.72
C LEU D 535 -74.54 64.61 -94.62
N THR D 536 -74.20 65.55 -95.51
CA THR D 536 -73.03 65.37 -96.37
C THR D 536 -71.75 65.32 -95.54
N LEU D 537 -71.59 66.23 -94.57
CA LEU D 537 -70.41 66.18 -93.72
C LEU D 537 -70.38 64.90 -92.90
N LEU D 538 -71.54 64.48 -92.38
CA LEU D 538 -71.59 63.22 -91.63
C LEU D 538 -71.11 62.05 -92.48
N SER D 539 -71.65 61.92 -93.69
CA SER D 539 -71.28 60.81 -94.56
C SER D 539 -69.80 60.88 -94.93
N THR D 540 -69.31 62.06 -95.31
CA THR D 540 -67.92 62.18 -95.72
C THR D 540 -66.98 61.88 -94.57
N SER D 541 -67.28 62.36 -93.37
CA SER D 541 -66.44 62.10 -92.22
C SER D 541 -66.40 60.61 -91.90
N TYR D 542 -67.56 59.94 -91.92
CA TYR D 542 -67.56 58.51 -91.65
C TYR D 542 -66.80 57.73 -92.72
N ARG D 543 -66.96 58.13 -93.99
CA ARG D 543 -66.24 57.45 -95.06
C ARG D 543 -64.73 57.60 -94.89
N LYS D 544 -64.27 58.81 -94.59
CA LYS D 544 -62.84 59.02 -94.38
C LYS D 544 -62.33 58.22 -93.19
N ALA D 545 -63.10 58.20 -92.09
CA ALA D 545 -62.69 57.45 -90.91
C ALA D 545 -62.58 55.97 -91.21
N CYS D 546 -63.58 55.41 -91.91
CA CYS D 546 -63.56 53.98 -92.21
C CYS D 546 -62.43 53.64 -93.19
N VAL D 547 -62.18 54.51 -94.18
CA VAL D 547 -61.09 54.27 -95.11
C VAL D 547 -59.75 54.29 -94.39
N LEU D 548 -59.56 55.26 -93.49
CA LEU D 548 -58.32 55.32 -92.73
C LEU D 548 -58.16 54.11 -91.82
N GLN D 549 -59.25 53.66 -91.20
CA GLN D 549 -59.19 52.47 -90.35
C GLN D 549 -58.82 51.24 -91.18
N ARG D 550 -59.38 51.12 -92.37
CA ARG D 550 -59.02 50.00 -93.24
C ARG D 550 -57.55 50.07 -93.64
N GLN D 551 -57.07 51.26 -93.97
CA GLN D 551 -55.67 51.42 -94.36
C GLN D 551 -54.71 51.12 -93.21
N ARG D 552 -55.10 51.45 -91.97
CA ARG D 552 -54.22 51.26 -90.83
C ARG D 552 -53.88 49.79 -90.62
N LYS D 553 -54.88 48.91 -90.73
CA LYS D 553 -54.66 47.49 -90.51
C LYS D 553 -53.90 46.85 -91.66
N SER D 640 -52.62 63.62 -86.09
CA SER D 640 -53.96 64.14 -86.30
C SER D 640 -54.61 63.50 -87.51
N ARG D 641 -54.13 63.87 -88.71
CA ARG D 641 -54.68 63.33 -89.95
C ARG D 641 -54.41 61.84 -90.12
N LYS D 642 -53.49 61.26 -89.35
CA LYS D 642 -53.21 59.84 -89.44
C LYS D 642 -54.08 59.01 -88.51
N ASP D 643 -54.88 59.66 -87.67
CA ASP D 643 -55.76 58.92 -86.77
C ASP D 643 -57.22 59.07 -87.22
N PRO D 644 -58.02 58.01 -87.09
CA PRO D 644 -59.43 58.08 -87.53
C PRO D 644 -60.40 58.57 -86.48
N GLU D 645 -60.04 58.57 -85.20
CA GLU D 645 -60.99 58.88 -84.14
C GLU D 645 -61.53 60.30 -84.25
N LEU D 646 -60.77 61.22 -84.83
CA LEU D 646 -61.22 62.60 -84.93
C LEU D 646 -62.43 62.73 -85.86
N PHE D 647 -62.35 62.12 -87.05
CA PHE D 647 -63.46 62.17 -87.99
C PHE D 647 -64.68 61.42 -87.45
N LEU D 648 -64.44 60.28 -86.80
CA LEU D 648 -65.55 59.54 -86.19
C LEU D 648 -66.23 60.37 -85.11
N GLY D 649 -65.44 61.07 -84.30
CA GLY D 649 -66.02 61.94 -83.28
C GLY D 649 -66.82 63.07 -83.90
N LEU D 650 -66.32 63.65 -84.99
CA LEU D 650 -67.08 64.69 -85.67
C LEU D 650 -68.41 64.16 -86.19
N ALA D 651 -68.39 62.96 -86.78
CA ALA D 651 -69.63 62.35 -87.27
C ALA D 651 -70.61 62.10 -86.13
N SER D 652 -70.11 61.56 -85.02
CA SER D 652 -70.98 61.31 -83.87
C SER D 652 -71.56 62.62 -83.33
N ASN D 653 -70.75 63.67 -83.28
CA ASN D 653 -71.22 64.95 -82.75
C ASN D 653 -72.27 65.56 -83.66
N ILE D 654 -72.08 65.51 -84.98
CA ILE D 654 -73.08 66.10 -85.87
C ILE D 654 -74.38 65.30 -85.81
N LEU D 655 -74.27 63.98 -85.72
CA LEU D 655 -75.48 63.16 -85.59
C LEU D 655 -76.21 63.49 -84.28
N ASN D 656 -75.47 63.62 -83.19
CA ASN D 656 -76.09 63.95 -81.90
C ASN D 656 -76.75 65.31 -81.93
N PHE D 657 -76.13 66.27 -82.63
CA PHE D 657 -76.76 67.58 -82.81
C PHE D 657 -78.08 67.44 -83.57
N ILE D 658 -78.08 66.68 -84.66
CA ILE D 658 -79.31 66.50 -85.42
C ILE D 658 -80.40 65.86 -84.55
N THR D 659 -80.01 64.89 -83.72
CA THR D 659 -80.99 64.27 -82.82
C THR D 659 -81.55 65.26 -81.81
N SER D 660 -80.68 65.80 -80.96
CA SER D 660 -81.14 66.59 -79.82
C SER D 660 -81.77 67.91 -80.26
N SER D 661 -81.11 68.65 -81.16
CA SER D 661 -81.57 69.99 -81.48
C SER D 661 -82.79 69.98 -82.38
N MET D 662 -82.84 69.08 -83.37
CA MET D 662 -83.88 69.11 -84.39
C MET D 662 -84.99 68.10 -84.14
N LEU D 663 -84.64 66.82 -83.99
CA LEU D 663 -85.66 65.77 -83.90
C LEU D 663 -86.54 65.94 -82.66
N ASN D 664 -85.93 66.29 -81.53
CA ASN D 664 -86.67 66.42 -80.28
C ASN D 664 -87.20 67.83 -80.04
N SER D 665 -87.04 68.74 -81.00
CA SER D 665 -87.48 70.11 -80.79
C SER D 665 -89.00 70.19 -80.70
N ARG D 666 -89.48 71.09 -79.84
CA ARG D 666 -90.91 71.32 -79.67
C ARG D 666 -91.46 72.40 -80.60
N ASN D 667 -90.59 73.21 -81.21
CA ASN D 667 -91.07 74.29 -82.05
C ASN D 667 -91.70 73.74 -83.33
N ASN D 668 -92.79 74.37 -83.75
CA ASN D 668 -93.54 73.88 -84.90
C ASN D 668 -92.81 74.19 -86.21
N PHE D 669 -92.21 75.38 -86.31
CA PHE D 669 -91.60 75.80 -87.57
C PHE D 669 -90.41 74.92 -87.94
N ILE D 670 -89.56 74.59 -86.95
CA ILE D 670 -88.40 73.76 -87.24
C ILE D 670 -88.84 72.35 -87.63
N ARG D 671 -89.91 71.84 -87.01
CA ARG D 671 -90.43 70.53 -87.41
C ARG D 671 -90.98 70.58 -88.83
N ASN D 672 -91.65 71.67 -89.21
CA ASN D 672 -92.12 71.81 -90.57
C ASN D 672 -90.96 71.83 -91.55
N TYR D 673 -89.89 72.56 -91.22
CA TYR D 673 -88.71 72.58 -92.07
C TYR D 673 -88.09 71.20 -92.19
N LEU D 674 -88.00 70.47 -91.07
CA LEU D 674 -87.42 69.13 -91.11
C LEU D 674 -88.26 68.18 -91.96
N SER D 675 -89.59 68.29 -91.85
CA SER D 675 -90.46 67.46 -92.68
C SER D 675 -90.29 67.79 -94.15
N VAL D 676 -90.14 69.07 -94.48
CA VAL D 676 -90.01 69.47 -95.88
C VAL D 676 -88.65 69.04 -96.44
N SER D 677 -87.60 69.16 -95.65
CA SER D 677 -86.23 69.09 -96.15
C SER D 677 -85.63 67.68 -96.13
N LEU D 678 -86.39 66.66 -95.72
CA LEU D 678 -85.88 65.30 -95.75
C LEU D 678 -86.05 64.72 -97.15
N SER D 679 -85.00 64.05 -97.64
CA SER D 679 -84.96 63.56 -99.01
C SER D 679 -84.64 62.08 -99.04
N GLU D 680 -85.01 61.43 -100.15
CA GLU D 680 -84.76 60.01 -100.33
C GLU D 680 -83.28 59.70 -100.37
N HIS D 681 -82.49 60.57 -101.03
CA HIS D 681 -81.05 60.37 -101.09
C HIS D 681 -80.44 60.33 -99.70
N HIS D 682 -80.99 61.11 -98.76
CA HIS D 682 -80.56 61.02 -97.37
C HIS D 682 -80.85 59.65 -96.79
N MET D 683 -82.00 59.07 -97.12
CA MET D 683 -82.31 57.71 -96.65
C MET D 683 -81.34 56.70 -97.24
N ALA D 684 -80.97 56.86 -98.52
CA ALA D 684 -79.99 55.98 -99.12
C ALA D 684 -78.63 56.08 -98.42
N THR D 685 -78.21 57.31 -98.11
CA THR D 685 -76.96 57.50 -97.39
C THR D 685 -77.02 56.86 -96.01
N LEU D 686 -78.15 57.02 -95.32
CA LEU D 686 -78.31 56.42 -94.00
C LEU D 686 -78.26 54.90 -94.07
N ALA D 687 -78.89 54.32 -95.10
CA ALA D 687 -78.84 52.88 -95.29
C ALA D 687 -77.41 52.40 -95.54
N SER D 688 -76.65 53.17 -96.34
CA SER D 688 -75.26 52.82 -96.57
C SER D 688 -74.46 52.86 -95.28
N ILE D 689 -74.68 53.87 -94.44
CA ILE D 689 -73.98 53.95 -93.16
C ILE D 689 -74.34 52.77 -92.28
N ILE D 690 -75.63 52.42 -92.23
CA ILE D 690 -76.07 51.29 -91.41
C ILE D 690 -75.42 50.00 -91.88
N LYS D 691 -75.40 49.79 -93.21
CA LYS D 691 -74.76 48.58 -93.74
C LYS D 691 -73.29 48.54 -93.39
N GLU D 692 -72.60 49.67 -93.53
CA GLU D 692 -71.17 49.71 -93.22
C GLU D 692 -70.95 49.36 -91.75
N VAL D 693 -71.73 49.95 -90.85
CA VAL D 693 -71.49 49.75 -89.43
C VAL D 693 -71.84 48.32 -89.01
N ASP D 694 -72.88 47.73 -89.60
CA ASP D 694 -73.24 46.38 -89.20
C ASP D 694 -72.27 45.34 -89.78
N LYS D 695 -71.85 45.53 -91.03
CA LYS D 695 -70.86 44.62 -91.61
C LYS D 695 -69.54 44.71 -90.86
N ASP D 696 -69.11 45.92 -90.52
CA ASP D 696 -67.83 46.10 -89.85
C ASP D 696 -67.85 45.49 -88.45
N GLY D 697 -68.93 45.70 -87.71
CA GLY D 697 -69.02 45.19 -86.36
C GLY D 697 -68.30 46.08 -85.36
N LEU D 698 -68.19 45.56 -84.14
CA LEU D 698 -67.55 46.29 -83.04
C LEU D 698 -66.04 46.32 -83.23
N LYS D 699 -65.46 47.52 -83.16
CA LYS D 699 -64.02 47.69 -83.28
C LYS D 699 -63.40 48.36 -82.06
N GLY D 700 -63.94 49.49 -81.61
CA GLY D 700 -63.31 50.25 -80.54
C GLY D 700 -64.31 51.15 -79.84
N SER D 701 -63.79 51.88 -78.84
CA SER D 701 -64.64 52.74 -78.02
C SER D 701 -65.30 53.84 -78.84
N SER D 702 -64.53 54.49 -79.71
CA SER D 702 -65.12 55.50 -80.60
C SER D 702 -66.18 54.87 -81.49
N ASP D 703 -65.94 53.63 -81.94
CA ASP D 703 -66.95 52.91 -82.69
C ASP D 703 -68.20 52.67 -81.85
N GLU D 704 -68.02 52.36 -80.56
CA GLU D 704 -69.18 52.19 -79.68
C GLU D 704 -69.99 53.47 -79.56
N GLU D 705 -69.30 54.60 -79.37
CA GLU D 705 -70.00 55.88 -79.26
C GLU D 705 -70.74 56.21 -80.56
N PHE D 706 -70.08 55.99 -81.70
CA PHE D 706 -70.74 56.25 -82.98
C PHE D 706 -71.95 55.34 -83.17
N ALA D 707 -71.84 54.08 -82.77
CA ALA D 707 -72.97 53.16 -82.87
C ALA D 707 -74.14 53.63 -82.01
N ALA D 708 -73.85 54.07 -80.78
CA ALA D 708 -74.91 54.58 -79.92
C ALA D 708 -75.57 55.79 -80.55
N ALA D 709 -74.77 56.71 -81.09
CA ALA D 709 -75.34 57.90 -81.72
C ALA D 709 -76.23 57.52 -82.91
N LEU D 710 -75.75 56.60 -83.76
CA LEU D 710 -76.52 56.19 -84.92
C LEU D 710 -77.82 55.50 -84.53
N TYR D 711 -77.76 54.64 -83.51
CA TYR D 711 -78.97 53.99 -83.00
C TYR D 711 -79.98 55.03 -82.54
N HIS D 712 -79.52 56.02 -81.76
CA HIS D 712 -80.44 57.01 -81.21
C HIS D 712 -81.06 57.87 -82.30
N PHE D 713 -80.25 58.33 -83.26
CA PHE D 713 -80.74 59.08 -84.40
C PHE D 713 -81.76 58.27 -85.19
N ASN D 714 -81.43 57.01 -85.47
CA ASN D 714 -82.33 56.15 -86.21
C ASN D 714 -83.68 55.99 -85.52
N HIS D 715 -83.66 55.68 -84.23
CA HIS D 715 -84.95 55.49 -83.57
C HIS D 715 -85.70 56.81 -83.36
N SER D 716 -84.99 57.91 -83.08
CA SER D 716 -85.68 59.20 -82.94
C SER D 716 -86.34 59.62 -84.25
N LEU D 717 -85.65 59.41 -85.38
CA LEU D 717 -86.26 59.67 -86.67
C LEU D 717 -87.46 58.78 -86.91
N VAL D 718 -87.36 57.49 -86.58
CA VAL D 718 -88.49 56.59 -86.83
C VAL D 718 -89.69 57.00 -85.98
N THR D 719 -89.49 57.24 -84.69
CA THR D 719 -90.63 57.39 -83.78
C THR D 719 -91.37 58.71 -84.00
N SER D 720 -90.65 59.82 -84.12
CA SER D 720 -91.29 61.13 -84.02
C SER D 720 -91.85 61.62 -85.35
N ASP D 721 -92.58 60.76 -86.05
CA ASP D 721 -93.56 61.11 -87.08
C ASP D 721 -93.29 62.33 -87.96
N LEU D 722 -92.07 62.49 -88.48
CA LEU D 722 -91.84 63.46 -89.54
C LEU D 722 -91.70 62.82 -90.92
N GLN D 723 -91.01 61.68 -91.02
CA GLN D 723 -90.78 61.07 -92.32
C GLN D 723 -92.08 60.52 -92.89
N SER D 724 -92.32 60.81 -94.16
CA SER D 724 -93.50 60.29 -94.83
C SER D 724 -93.37 58.79 -95.03
N PRO D 725 -94.50 58.08 -95.16
CA PRO D 725 -94.42 56.61 -95.32
C PRO D 725 -93.59 56.17 -96.51
N ASN D 726 -93.62 56.93 -97.61
CA ASN D 726 -92.79 56.57 -98.77
C ASN D 726 -91.31 56.63 -98.42
N LEU D 727 -90.91 57.58 -97.57
CA LEU D 727 -89.52 57.63 -97.13
C LEU D 727 -89.16 56.41 -96.31
N GLN D 728 -90.08 55.96 -95.45
CA GLN D 728 -89.84 54.75 -94.67
C GLN D 728 -89.71 53.53 -95.58
N ASN D 729 -90.56 53.45 -96.60
CA ASN D 729 -90.45 52.35 -97.56
C ASN D 729 -89.14 52.41 -98.32
N THR D 730 -88.68 53.62 -98.67
CA THR D 730 -87.40 53.77 -99.33
C THR D 730 -86.26 53.28 -98.44
N LEU D 731 -86.31 53.63 -97.16
CA LEU D 731 -85.29 53.16 -96.22
C LEU D 731 -85.31 51.64 -96.13
N LEU D 732 -86.51 51.06 -96.03
CA LEU D 732 -86.63 49.60 -95.98
C LEU D 732 -86.03 48.96 -97.22
N GLN D 733 -86.39 49.47 -98.40
CA GLN D 733 -85.92 48.87 -99.65
C GLN D 733 -84.41 49.00 -99.78
N GLN D 734 -83.86 50.17 -99.45
CA GLN D 734 -82.41 50.35 -99.50
C GLN D 734 -81.72 49.45 -98.48
N LEU D 735 -82.41 49.11 -97.39
CA LEU D 735 -81.88 48.13 -96.45
C LEU D 735 -82.01 46.70 -96.95
N GLY D 736 -82.80 46.48 -98.02
CA GLY D 736 -82.97 45.15 -98.56
C GLY D 736 -83.96 44.28 -97.81
N VAL D 737 -84.76 44.86 -96.92
CA VAL D 737 -85.69 44.10 -96.10
C VAL D 737 -87.09 44.66 -96.27
N ALA D 738 -87.38 45.19 -97.45
CA ALA D 738 -88.70 45.78 -97.70
C ALA D 738 -89.78 44.72 -97.57
N PRO D 739 -90.89 45.01 -96.88
CA PRO D 739 -91.93 44.00 -96.70
C PRO D 739 -92.62 43.58 -98.00
N PHE D 740 -92.54 44.39 -99.05
CA PHE D 740 -93.20 44.09 -100.32
C PHE D 740 -92.21 43.64 -101.39
N SER D 741 -90.99 43.28 -101.00
CA SER D 741 -90.02 42.78 -101.97
C SER D 741 -90.46 41.42 -102.50
N GLU D 742 -90.04 41.12 -103.73
CA GLU D 742 -90.42 39.87 -104.38
C GLU D 742 -89.42 38.75 -104.19
N GLY D 743 -88.17 39.06 -103.85
CA GLY D 743 -87.15 38.05 -103.66
C GLY D 743 -87.34 37.28 -102.37
N PRO D 744 -86.50 36.27 -102.15
CA PRO D 744 -86.59 35.51 -100.90
C PRO D 744 -86.29 36.39 -99.71
N TRP D 745 -86.98 36.14 -98.61
CA TRP D 745 -86.78 36.91 -97.40
C TRP D 745 -85.41 36.60 -96.81
N PRO D 746 -84.59 37.60 -96.49
CA PRO D 746 -83.29 37.32 -95.87
C PRO D 746 -83.46 36.85 -94.44
N LEU D 747 -83.08 35.60 -94.17
CA LEU D 747 -83.36 35.01 -92.87
C LEU D 747 -82.44 35.53 -91.78
N TYR D 748 -81.32 36.16 -92.14
CA TYR D 748 -80.43 36.79 -91.17
C TYR D 748 -80.47 38.30 -91.35
N ILE D 749 -80.79 39.00 -90.27
CA ILE D 749 -80.86 40.46 -90.27
C ILE D 749 -79.89 40.98 -89.22
N HIS D 750 -79.04 41.91 -89.62
CA HIS D 750 -78.05 42.46 -88.70
C HIS D 750 -78.74 43.31 -87.63
N PRO D 751 -78.12 43.43 -86.45
CA PRO D 751 -78.84 44.01 -85.30
C PRO D 751 -79.43 45.38 -85.55
N GLN D 752 -78.71 46.28 -86.23
CA GLN D 752 -79.24 47.62 -86.45
C GLN D 752 -80.43 47.61 -87.40
N SER D 753 -80.29 46.88 -88.52
CA SER D 753 -81.38 46.76 -89.48
C SER D 753 -82.58 46.07 -88.83
N LEU D 754 -82.32 45.02 -88.05
CA LEU D 754 -83.41 44.34 -87.35
C LEU D 754 -84.12 45.28 -86.39
N SER D 755 -83.34 46.09 -85.66
CA SER D 755 -83.93 47.03 -84.71
C SER D 755 -84.84 48.02 -85.41
N VAL D 756 -84.35 48.67 -86.47
CA VAL D 756 -85.18 49.68 -87.13
C VAL D 756 -86.40 49.04 -87.79
N LEU D 757 -86.21 47.87 -88.43
CA LEU D 757 -87.32 47.20 -89.09
C LEU D 757 -88.41 46.82 -88.08
N SER D 758 -88.00 46.22 -86.96
CA SER D 758 -88.97 45.83 -85.95
C SER D 758 -89.67 47.06 -85.36
N ARG D 759 -88.91 48.14 -85.14
CA ARG D 759 -89.51 49.35 -84.62
C ARG D 759 -90.62 49.85 -85.54
N LEU D 760 -90.33 49.96 -86.83
CA LEU D 760 -91.34 50.45 -87.77
C LEU D 760 -92.54 49.51 -87.85
N LEU D 761 -92.30 48.21 -87.93
CA LEU D 761 -93.41 47.27 -88.05
C LEU D 761 -94.29 47.31 -86.80
N LEU D 762 -93.68 47.35 -85.62
CA LEU D 762 -94.46 47.38 -84.39
C LEU D 762 -95.22 48.70 -84.24
N ILE D 763 -94.63 49.81 -84.69
CA ILE D 763 -95.34 51.07 -84.68
C ILE D 763 -96.57 51.00 -85.58
N TRP D 764 -96.40 50.44 -86.78
CA TRP D 764 -97.54 50.29 -87.68
C TRP D 764 -98.63 49.44 -87.07
N GLN D 765 -98.24 48.30 -86.47
CA GLN D 765 -99.22 47.41 -85.86
C GLN D 765 -99.95 48.09 -84.71
N HIS D 766 -99.21 48.81 -83.85
CA HIS D 766 -99.83 49.49 -82.73
C HIS D 766 -100.82 50.55 -83.20
N LYS D 767 -100.43 51.33 -84.21
CA LYS D 767 -101.34 52.36 -84.73
C LYS D 767 -102.60 51.74 -85.32
N ALA D 768 -102.43 50.67 -86.11
CA ALA D 768 -103.59 50.03 -86.72
C ALA D 768 -104.51 49.42 -85.68
N SER D 769 -103.95 48.77 -84.66
CA SER D 769 -104.77 48.15 -83.63
C SER D 769 -105.50 49.20 -82.80
N ALA D 770 -104.81 50.29 -82.45
CA ALA D 770 -105.45 51.34 -81.67
C ALA D 770 -106.56 52.02 -82.45
N GLN D 771 -106.34 52.30 -83.74
CA GLN D 771 -107.37 52.95 -84.53
C GLN D 771 -108.51 51.99 -84.84
N GLY D 772 -108.19 50.73 -85.13
CA GLY D 772 -109.19 49.75 -85.55
C GLY D 772 -109.02 49.27 -86.98
N ASP D 773 -107.97 49.68 -87.67
CA ASP D 773 -107.69 49.20 -89.00
C ASP D 773 -107.46 47.69 -88.95
N PRO D 774 -108.05 46.92 -89.86
CA PRO D 774 -107.73 45.48 -89.93
C PRO D 774 -106.24 45.26 -90.16
N ASP D 775 -105.85 43.98 -90.11
CA ASP D 775 -104.45 43.60 -90.04
C ASP D 775 -103.64 44.24 -91.17
N VAL D 776 -102.49 44.77 -90.82
CA VAL D 776 -101.64 45.49 -91.78
C VAL D 776 -101.15 44.52 -92.84
N PRO D 777 -101.31 44.84 -94.13
CA PRO D 777 -100.85 43.91 -95.17
C PRO D 777 -99.34 43.66 -95.13
N GLU D 778 -98.56 44.59 -94.60
CA GLU D 778 -97.11 44.40 -94.56
C GLU D 778 -96.72 43.20 -93.72
N CYS D 779 -97.34 43.04 -92.55
CA CYS D 779 -97.01 41.90 -91.68
C CYS D 779 -97.47 40.59 -92.31
N LEU D 780 -98.66 40.58 -92.93
CA LEU D 780 -99.11 39.38 -93.63
C LEU D 780 -98.12 39.00 -94.73
N LYS D 781 -97.67 39.97 -95.51
CA LYS D 781 -96.74 39.69 -96.59
C LYS D 781 -95.40 39.20 -96.06
N VAL D 782 -94.92 39.80 -94.96
CA VAL D 782 -93.63 39.37 -94.43
C VAL D 782 -93.72 37.95 -93.89
N TRP D 783 -94.83 37.60 -93.23
CA TRP D 783 -94.99 36.23 -92.76
C TRP D 783 -95.09 35.26 -93.92
N ASP D 784 -95.83 35.62 -94.97
CA ASP D 784 -95.95 34.74 -96.13
C ASP D 784 -94.61 34.53 -96.80
N ARG D 785 -93.82 35.59 -96.96
CA ARG D 785 -92.52 35.48 -97.60
C ARG D 785 -91.56 34.66 -96.75
N PHE D 786 -91.59 34.86 -95.42
CA PHE D 786 -90.73 34.07 -94.55
C PHE D 786 -91.08 32.58 -94.65
N LEU D 787 -92.37 32.27 -94.65
CA LEU D 787 -92.80 30.88 -94.75
C LEU D 787 -92.42 30.29 -96.10
N SER D 788 -92.56 31.06 -97.18
CA SER D 788 -92.21 30.55 -98.50
C SER D 788 -90.71 30.27 -98.62
N THR D 789 -89.88 31.19 -98.13
CA THR D 789 -88.44 30.97 -98.16
C THR D 789 -88.07 29.77 -97.30
N MET D 790 -88.71 29.62 -96.14
CA MET D 790 -88.44 28.48 -95.28
C MET D 790 -88.81 27.18 -95.98
N LYS D 791 -89.95 27.16 -96.67
CA LYS D 791 -90.38 25.96 -97.40
C LYS D 791 -89.40 25.62 -98.52
N GLN D 792 -88.95 26.62 -99.27
CA GLN D 792 -88.00 26.35 -100.36
C GLN D 792 -86.69 25.80 -99.81
N ASN D 793 -86.19 26.39 -98.72
CA ASN D 793 -84.95 25.90 -98.14
C ASN D 793 -85.11 24.48 -97.60
N ALA D 794 -86.27 24.19 -97.00
CA ALA D 794 -86.53 22.83 -96.50
C ALA D 794 -86.59 21.83 -97.65
N LEU D 795 -87.24 22.21 -98.75
CA LEU D 795 -87.31 21.32 -99.91
C LEU D 795 -85.94 21.05 -100.48
N GLN D 796 -85.12 22.09 -100.62
CA GLN D 796 -83.78 21.89 -101.18
C GLN D 796 -82.84 21.15 -100.24
N GLY D 797 -83.18 21.02 -98.96
CA GLY D 797 -82.32 20.33 -98.02
C GLY D 797 -80.98 21.00 -97.85
N VAL D 798 -81.00 22.32 -97.69
CA VAL D 798 -79.79 23.13 -97.65
C VAL D 798 -79.48 23.48 -96.20
N VAL D 799 -78.21 23.32 -95.81
CA VAL D 799 -77.74 23.71 -94.49
C VAL D 799 -77.05 25.06 -94.63
N PRO D 800 -77.61 26.13 -94.08
CA PRO D 800 -77.02 27.46 -94.25
C PRO D 800 -75.79 27.64 -93.36
N SER D 801 -75.09 28.74 -93.58
CA SER D 801 -73.92 29.10 -92.80
C SER D 801 -74.35 29.71 -91.46
N GLU D 802 -73.37 29.93 -90.58
CA GLU D 802 -73.68 30.47 -89.26
C GLU D 802 -74.26 31.88 -89.36
N THR D 803 -73.75 32.69 -90.28
CA THR D 803 -74.24 34.06 -90.48
C THR D 803 -75.17 34.18 -91.67
N GLU D 804 -76.00 33.17 -91.91
CA GLU D 804 -76.85 33.16 -93.11
C GLU D 804 -78.34 33.17 -92.80
N ASP D 805 -78.83 32.32 -91.89
CA ASP D 805 -80.27 32.15 -91.74
C ASP D 805 -80.70 32.12 -90.28
N LEU D 806 -81.70 32.96 -89.97
CA LEU D 806 -82.58 32.82 -88.80
C LEU D 806 -81.79 32.86 -87.49
N ASN D 807 -81.25 34.04 -87.20
CA ASN D 807 -80.82 34.34 -85.84
C ASN D 807 -82.03 34.48 -84.91
N VAL D 808 -81.77 34.40 -83.61
CA VAL D 808 -82.85 34.23 -82.64
C VAL D 808 -83.73 35.47 -82.55
N GLU D 809 -83.13 36.66 -82.56
CA GLU D 809 -83.90 37.89 -82.38
C GLU D 809 -84.88 38.10 -83.54
N HIS D 810 -84.46 37.74 -84.75
CA HIS D 810 -85.36 37.75 -85.90
C HIS D 810 -86.61 36.94 -85.61
N LEU D 811 -86.43 35.72 -85.11
CA LEU D 811 -87.56 34.86 -84.80
C LEU D 811 -88.42 35.44 -83.69
N GLN D 812 -87.79 36.02 -82.67
CA GLN D 812 -88.57 36.60 -81.57
C GLN D 812 -89.44 37.75 -82.06
N MET D 813 -88.89 38.63 -82.90
CA MET D 813 -89.71 39.75 -83.38
C MET D 813 -90.82 39.22 -84.29
N LEU D 814 -90.52 38.18 -85.09
CA LEU D 814 -91.56 37.59 -85.92
C LEU D 814 -92.70 37.03 -85.07
N LEU D 815 -92.35 36.34 -83.97
CA LEU D 815 -93.38 35.77 -83.10
C LEU D 815 -94.23 36.87 -82.47
N LEU D 816 -93.57 37.94 -81.97
CA LEU D 816 -94.33 39.04 -81.37
C LEU D 816 -95.23 39.70 -82.41
N ILE D 817 -94.76 39.82 -83.65
CA ILE D 817 -95.58 40.34 -84.73
C ILE D 817 -96.79 39.45 -84.96
N PHE D 818 -96.58 38.13 -84.90
CA PHE D 818 -97.69 37.19 -85.06
C PHE D 818 -98.73 37.36 -83.96
N HIS D 819 -98.27 37.58 -82.72
CA HIS D 819 -99.20 37.66 -81.59
C HIS D 819 -100.18 38.82 -81.75
N ASN D 820 -99.72 39.93 -82.33
CA ASN D 820 -100.58 41.11 -82.47
C ASN D 820 -101.69 40.93 -83.49
N PHE D 821 -101.68 39.84 -84.26
CA PHE D 821 -102.66 39.65 -85.31
C PHE D 821 -104.05 39.40 -84.73
N THR D 822 -105.04 39.45 -85.61
CA THR D 822 -106.39 39.06 -85.27
C THR D 822 -106.50 37.53 -85.30
N GLU D 823 -107.67 37.01 -84.91
CA GLU D 823 -107.87 35.57 -84.95
C GLU D 823 -107.84 35.05 -86.37
N THR D 824 -108.40 35.81 -87.33
CA THR D 824 -108.43 35.37 -88.71
C THR D 824 -107.03 35.19 -89.28
N GLY D 825 -106.16 36.17 -89.05
CA GLY D 825 -104.79 36.05 -89.54
C GLY D 825 -104.06 34.88 -88.91
N ARG D 826 -104.25 34.68 -87.61
CA ARG D 826 -103.55 33.60 -86.92
C ARG D 826 -104.03 32.24 -87.42
N ARG D 827 -105.35 32.07 -87.62
CA ARG D 827 -105.83 30.78 -88.13
C ARG D 827 -105.40 30.56 -89.56
N ALA D 828 -105.34 31.63 -90.37
CA ALA D 828 -104.84 31.51 -91.72
C ALA D 828 -103.37 31.07 -91.72
N ILE D 829 -102.57 31.64 -90.83
CA ILE D 829 -101.15 31.29 -90.77
C ILE D 829 -100.99 29.85 -90.28
N LEU D 830 -101.83 29.41 -89.34
CA LEU D 830 -101.76 28.04 -88.88
C LEU D 830 -102.15 27.06 -89.97
N SER D 831 -103.18 27.40 -90.75
CA SER D 831 -103.58 26.56 -91.87
C SER D 831 -102.48 26.50 -92.93
N LEU D 832 -101.83 27.63 -93.21
CA LEU D 832 -100.72 27.63 -94.15
C LEU D 832 -99.58 26.75 -93.65
N PHE D 833 -99.28 26.83 -92.36
CA PHE D 833 -98.25 25.99 -91.77
C PHE D 833 -98.59 24.51 -91.91
N VAL D 834 -99.85 24.16 -91.64
CA VAL D 834 -100.29 22.77 -91.79
C VAL D 834 -100.14 22.32 -93.23
N GLN D 835 -100.52 23.17 -94.18
CA GLN D 835 -100.36 22.84 -95.59
C GLN D 835 -98.90 22.61 -95.94
N ILE D 836 -98.01 23.46 -95.42
CA ILE D 836 -96.58 23.29 -95.68
C ILE D 836 -96.11 21.94 -95.16
N ILE D 837 -96.50 21.59 -93.94
CA ILE D 837 -96.07 20.33 -93.34
C ILE D 837 -96.59 19.15 -94.15
N GLN D 838 -97.87 19.20 -94.54
CA GLN D 838 -98.45 18.10 -95.33
C GLN D 838 -97.74 17.95 -96.67
N GLU D 839 -97.52 19.07 -97.37
CA GLU D 839 -96.93 19.00 -98.70
C GLU D 839 -95.49 18.52 -98.66
N LEU D 840 -94.72 18.99 -97.68
CA LEU D 840 -93.28 18.76 -97.67
C LEU D 840 -92.89 17.33 -97.30
N SER D 841 -93.83 16.53 -96.79
CA SER D 841 -93.54 15.16 -96.39
C SER D 841 -93.77 14.14 -97.49
N VAL D 842 -94.21 14.57 -98.68
CA VAL D 842 -94.53 13.62 -99.74
C VAL D 842 -93.26 13.00 -100.32
N ASN D 843 -92.18 13.76 -100.39
CA ASN D 843 -90.92 13.29 -100.96
C ASN D 843 -89.97 12.82 -99.84
N MET D 844 -90.44 11.83 -99.08
CA MET D 844 -89.69 11.36 -97.91
C MET D 844 -88.38 10.71 -98.30
N ASP D 845 -88.34 10.01 -99.44
CA ASP D 845 -87.10 9.34 -99.86
C ASP D 845 -85.97 10.33 -100.06
N ALA D 846 -86.27 11.49 -100.67
CA ALA D 846 -85.26 12.54 -100.77
C ALA D 846 -84.90 13.11 -99.40
N GLN D 847 -85.89 13.21 -98.51
CA GLN D 847 -85.62 13.75 -97.17
C GLN D 847 -84.69 12.86 -96.37
N MET D 848 -84.73 11.54 -96.60
CA MET D 848 -83.95 10.61 -95.78
C MET D 848 -82.46 10.88 -95.85
N ARG D 849 -81.97 11.54 -96.90
CA ARG D 849 -80.55 11.83 -97.04
C ARG D 849 -80.22 13.29 -96.72
N PHE D 850 -81.21 14.13 -96.50
CA PHE D 850 -80.97 15.53 -96.19
C PHE D 850 -80.63 15.72 -94.72
N VAL D 851 -80.14 16.91 -94.40
CA VAL D 851 -79.87 17.31 -93.02
C VAL D 851 -81.03 18.20 -92.55
N PRO D 852 -81.83 17.75 -91.59
CA PRO D 852 -83.01 18.54 -91.16
C PRO D 852 -82.68 19.66 -90.17
N LEU D 853 -82.24 20.79 -90.72
CA LEU D 853 -82.02 22.00 -89.93
C LEU D 853 -83.13 23.04 -90.13
N ILE D 854 -83.55 23.25 -91.38
CA ILE D 854 -84.72 24.07 -91.63
C ILE D 854 -85.97 23.40 -91.05
N LEU D 855 -86.04 22.07 -91.19
CA LEU D 855 -87.16 21.32 -90.63
C LEU D 855 -87.24 21.50 -89.12
N ALA D 856 -86.09 21.51 -88.44
CA ALA D 856 -86.10 21.67 -86.99
C ALA D 856 -86.65 23.03 -86.59
N ARG D 857 -86.25 24.09 -87.29
CA ARG D 857 -86.75 25.42 -86.97
C ARG D 857 -88.25 25.50 -87.26
N LEU D 858 -88.70 24.90 -88.37
CA LEU D 858 -90.12 24.87 -88.69
C LEU D 858 -90.91 24.18 -87.58
N LEU D 859 -90.42 23.03 -87.13
CA LEU D 859 -91.12 22.28 -86.09
C LEU D 859 -91.12 23.04 -84.77
N LEU D 860 -90.02 23.75 -84.47
CA LEU D 860 -89.98 24.58 -83.26
C LEU D 860 -91.02 25.68 -83.32
N ILE D 861 -91.13 26.35 -84.47
CA ILE D 861 -92.13 27.40 -84.63
C ILE D 861 -93.53 26.82 -84.46
N PHE D 862 -93.78 25.65 -85.06
CA PHE D 862 -95.09 25.02 -84.94
C PHE D 862 -95.40 24.64 -83.49
N ASP D 863 -94.40 24.15 -82.76
CA ASP D 863 -94.60 23.81 -81.35
C ASP D 863 -94.96 25.05 -80.55
N TYR D 864 -94.24 26.16 -80.79
CA TYR D 864 -94.57 27.40 -80.11
C TYR D 864 -95.99 27.85 -80.44
N LEU D 865 -96.38 27.76 -81.71
CA LEU D 865 -97.73 28.15 -82.09
C LEU D 865 -98.76 27.29 -81.38
N LEU D 866 -98.50 25.98 -81.29
CA LEU D 866 -99.43 25.09 -80.60
C LEU D 866 -99.53 25.42 -79.12
N HIS D 867 -98.42 25.81 -78.48
CA HIS D 867 -98.45 26.09 -77.06
C HIS D 867 -99.16 27.40 -76.75
N GLN D 868 -98.89 28.46 -77.51
CA GLN D 868 -99.33 29.82 -77.18
C GLN D 868 -100.06 30.44 -78.36
N TYR D 869 -101.05 29.74 -78.90
CA TYR D 869 -101.78 30.25 -80.06
C TYR D 869 -102.58 31.50 -79.73
N SER D 870 -103.06 31.62 -78.50
CA SER D 870 -103.97 32.71 -78.13
C SER D 870 -103.22 33.89 -77.50
N LYS D 871 -102.47 33.64 -76.44
CA LYS D 871 -101.84 34.70 -75.65
C LYS D 871 -100.34 34.72 -75.91
N ALA D 872 -99.68 35.76 -75.39
CA ALA D 872 -98.26 36.01 -75.63
C ALA D 872 -97.52 36.06 -74.29
N PRO D 873 -96.43 35.32 -74.14
CA PRO D 873 -95.75 35.24 -72.85
C PRO D 873 -95.00 36.53 -72.52
N VAL D 874 -94.77 36.72 -71.22
CA VAL D 874 -94.12 37.93 -70.73
C VAL D 874 -92.64 37.94 -71.13
N TYR D 875 -91.98 36.78 -71.04
CA TYR D 875 -90.57 36.73 -71.38
C TYR D 875 -90.33 37.10 -72.84
N LEU D 876 -91.31 36.88 -73.71
CA LEU D 876 -91.18 37.34 -75.08
C LEU D 876 -91.11 38.86 -75.15
N PHE D 877 -92.00 39.54 -74.41
CA PHE D 877 -91.94 40.99 -74.35
C PHE D 877 -90.62 41.48 -73.79
N GLU D 878 -90.14 40.84 -72.71
CA GLU D 878 -88.89 41.26 -72.11
C GLU D 878 -87.72 41.07 -73.08
N GLN D 879 -87.69 39.94 -73.78
CA GLN D 879 -86.61 39.67 -74.71
C GLN D 879 -86.64 40.64 -75.90
N VAL D 880 -87.82 40.87 -76.46
CA VAL D 880 -87.91 41.79 -77.60
C VAL D 880 -87.58 43.21 -77.17
N GLN D 881 -87.85 43.57 -75.91
CA GLN D 881 -87.42 44.88 -75.42
C GLN D 881 -85.91 44.95 -75.29
N HIS D 882 -85.30 43.95 -74.66
CA HIS D 882 -83.88 44.03 -74.33
C HIS D 882 -83.00 43.88 -75.57
N ASN D 883 -83.31 42.92 -76.44
CA ASN D 883 -82.40 42.61 -77.54
C ASN D 883 -82.51 43.59 -78.70
N LEU D 884 -83.68 44.19 -78.90
CA LEU D 884 -83.92 45.02 -80.08
C LEU D 884 -84.15 46.49 -79.73
N LEU D 885 -85.10 46.79 -78.86
CA LEU D 885 -85.47 48.18 -78.58
C LEU D 885 -84.56 48.87 -77.58
N SER D 886 -83.73 48.13 -76.84
CA SER D 886 -82.83 48.76 -75.90
C SER D 886 -81.62 49.35 -76.62
N PRO D 887 -81.09 50.47 -76.14
CA PRO D 887 -79.90 51.05 -76.75
C PRO D 887 -78.70 50.13 -76.56
N PRO D 888 -77.73 50.15 -77.49
CA PRO D 888 -76.54 49.31 -77.40
C PRO D 888 -75.42 49.94 -76.57
N THR D 905 -74.48 40.47 -75.30
CA THR D 905 -75.04 39.18 -75.69
C THR D 905 -76.56 39.20 -75.62
N PRO D 906 -77.21 38.53 -76.57
CA PRO D 906 -78.68 38.43 -76.54
C PRO D 906 -79.12 37.48 -75.44
N LEU D 907 -80.43 37.52 -75.17
CA LEU D 907 -81.05 36.69 -74.15
C LEU D 907 -82.11 35.81 -74.81
N TYR D 908 -82.03 34.51 -74.58
CA TYR D 908 -82.90 33.54 -75.21
C TYR D 908 -83.09 32.36 -74.27
N HIS D 909 -83.66 31.27 -74.79
CA HIS D 909 -84.04 30.11 -74.00
C HIS D 909 -83.58 28.83 -74.68
N GLY D 910 -82.31 28.80 -75.10
CA GLY D 910 -81.82 27.71 -75.91
C GLY D 910 -81.81 26.37 -75.18
N PHE D 911 -81.84 25.30 -75.97
CA PHE D 911 -81.79 23.94 -75.44
C PHE D 911 -80.50 23.72 -74.66
N LYS D 912 -80.64 23.34 -73.39
CA LYS D 912 -79.46 23.11 -72.57
C LYS D 912 -78.65 21.92 -73.09
N GLU D 913 -79.32 20.83 -73.45
CA GLU D 913 -78.61 19.62 -73.84
C GLU D 913 -77.87 19.81 -75.17
N VAL D 914 -78.53 20.36 -76.17
CA VAL D 914 -77.89 20.55 -77.48
C VAL D 914 -76.75 21.55 -77.37
N GLU D 915 -77.00 22.67 -76.68
CA GLU D 915 -75.95 23.66 -76.49
C GLU D 915 -74.79 23.12 -75.68
N GLU D 916 -75.03 22.12 -74.81
CA GLU D 916 -73.93 21.48 -74.11
C GLU D 916 -72.94 20.87 -75.08
N ASN D 917 -73.43 20.07 -76.03
CA ASN D 917 -72.56 19.47 -77.03
C ASN D 917 -71.93 20.53 -77.92
N TRP D 918 -72.71 21.54 -78.32
CA TRP D 918 -72.18 22.57 -79.21
C TRP D 918 -71.03 23.34 -78.54
N SER D 919 -71.20 23.71 -77.27
CA SER D 919 -70.14 24.40 -76.55
C SER D 919 -68.95 23.48 -76.27
N LYS D 920 -69.22 22.20 -75.99
CA LYS D 920 -68.12 21.26 -75.77
C LYS D 920 -67.25 21.14 -77.01
N HIS D 921 -67.86 21.05 -78.18
CA HIS D 921 -67.07 20.98 -79.41
C HIS D 921 -66.47 22.33 -79.78
N PHE D 922 -67.10 23.44 -79.38
CA PHE D 922 -66.49 24.75 -79.57
C PHE D 922 -65.37 25.01 -78.58
N SER D 923 -65.38 24.34 -77.43
CA SER D 923 -64.27 24.31 -76.49
C SER D 923 -63.99 25.66 -75.85
N SER D 924 -63.33 26.56 -76.59
CA SER D 924 -62.73 27.75 -75.98
C SER D 924 -63.74 28.83 -75.61
N ASP D 925 -64.68 28.49 -74.72
CA ASP D 925 -65.53 29.39 -73.96
C ASP D 925 -65.92 30.68 -74.69
N ALA D 926 -66.37 30.56 -75.94
CA ALA D 926 -66.76 31.72 -76.74
C ALA D 926 -68.26 31.74 -77.03
N VAL D 927 -68.77 30.68 -77.67
CA VAL D 927 -70.16 30.54 -78.11
C VAL D 927 -70.74 31.90 -78.52
N PRO D 928 -70.17 32.56 -79.53
CA PRO D 928 -70.65 33.91 -79.86
C PRO D 928 -71.96 33.90 -80.62
N HIS D 929 -72.17 32.91 -81.49
CA HIS D 929 -73.37 32.83 -82.29
C HIS D 929 -74.23 31.67 -81.83
N PRO D 930 -75.43 31.91 -81.29
CA PRO D 930 -76.31 30.81 -80.89
C PRO D 930 -77.07 30.27 -82.10
N ARG D 931 -76.87 28.98 -82.40
CA ARG D 931 -77.52 28.35 -83.52
C ARG D 931 -78.60 27.35 -83.11
N PHE D 932 -78.55 26.81 -81.90
CA PHE D 932 -79.55 25.88 -81.39
C PHE D 932 -80.26 26.55 -80.23
N TYR D 933 -81.44 27.10 -80.49
CA TYR D 933 -82.18 27.87 -79.51
C TYR D 933 -83.62 27.37 -79.43
N CYS D 934 -84.26 27.64 -78.30
CA CYS D 934 -85.67 27.34 -78.09
C CYS D 934 -86.38 28.62 -77.67
N VAL D 935 -87.60 28.81 -78.17
CA VAL D 935 -88.35 30.02 -77.88
C VAL D 935 -89.12 29.91 -76.57
N LEU D 936 -89.79 28.79 -76.34
CA LEU D 936 -90.55 28.62 -75.11
C LEU D 936 -89.61 28.50 -73.90
N SER D 937 -90.10 28.95 -72.75
CA SER D 937 -89.30 28.90 -71.54
C SER D 937 -89.15 27.46 -71.05
N PRO D 938 -88.07 27.16 -70.33
CA PRO D 938 -87.92 25.81 -69.74
C PRO D 938 -88.97 25.49 -68.69
N GLU D 939 -89.65 26.50 -68.13
CA GLU D 939 -90.63 26.25 -67.09
C GLU D 939 -91.76 25.36 -67.58
N ALA D 940 -92.07 25.40 -68.88
CA ALA D 940 -93.10 24.54 -69.46
C ALA D 940 -92.66 23.10 -69.62
N SER D 941 -91.49 22.72 -69.09
CA SER D 941 -91.04 21.33 -69.21
C SER D 941 -91.96 20.37 -68.46
N GLU D 942 -92.62 20.85 -67.42
CA GLU D 942 -93.55 20.01 -66.66
C GLU D 942 -94.77 19.67 -67.50
N ASP D 943 -95.26 18.44 -67.35
CA ASP D 943 -96.44 18.00 -68.08
C ASP D 943 -97.72 18.45 -67.38
N ASN D 946 -96.91 21.74 -70.46
CA ASN D 946 -97.13 21.08 -71.74
C ASN D 946 -98.62 20.99 -72.05
N ARG D 947 -99.39 21.98 -71.62
CA ARG D 947 -100.83 22.00 -71.83
C ARG D 947 -101.11 22.58 -73.22
N LEU D 948 -101.69 21.75 -74.08
CA LEU D 948 -102.04 22.18 -75.43
C LEU D 948 -103.14 23.24 -75.37
N ASP D 949 -103.10 24.17 -76.32
CA ASP D 949 -104.04 25.28 -76.33
C ASP D 949 -105.39 24.86 -76.88
N SER D 950 -106.46 25.28 -76.19
CA SER D 950 -107.80 24.87 -76.59
C SER D 950 -108.17 25.40 -77.97
N VAL D 951 -107.86 26.67 -78.24
CA VAL D 951 -108.17 27.22 -79.56
C VAL D 951 -107.34 26.54 -80.64
N ALA D 952 -106.11 26.15 -80.32
CA ALA D 952 -105.26 25.47 -81.29
C ALA D 952 -105.90 24.16 -81.76
N CYS D 953 -106.33 23.32 -80.81
CA CYS D 953 -106.97 22.07 -81.19
C CYS D 953 -108.36 22.29 -81.78
N ASP D 954 -109.04 23.36 -81.38
CA ASP D 954 -110.32 23.69 -82.01
C ASP D 954 -110.12 23.98 -83.50
N VAL D 955 -109.07 24.74 -83.83
CA VAL D 955 -108.70 24.93 -85.24
C VAL D 955 -108.29 23.61 -85.86
N LEU D 956 -107.53 22.80 -85.13
CA LEU D 956 -106.99 21.55 -85.66
C LEU D 956 -108.10 20.57 -86.02
N PHE D 957 -109.14 20.51 -85.20
CA PHE D 957 -110.27 19.59 -85.46
C PHE D 957 -111.42 20.36 -86.10
N SER D 958 -111.21 20.74 -87.36
CA SER D 958 -112.19 21.52 -88.09
C SER D 958 -111.86 21.46 -89.58
N LYS D 959 -112.56 22.27 -90.35
CA LYS D 959 -112.36 22.38 -91.79
C LYS D 959 -111.13 23.24 -92.05
N LEU D 960 -110.70 23.27 -93.31
CA LEU D 960 -109.51 23.95 -93.82
C LEU D 960 -108.21 23.28 -93.38
N VAL D 961 -108.28 22.24 -92.53
CA VAL D 961 -107.13 21.42 -92.19
C VAL D 961 -107.59 19.96 -92.22
N LYS D 962 -106.70 19.08 -92.67
CA LYS D 962 -106.98 17.65 -92.76
C LYS D 962 -106.08 16.94 -91.75
N TYR D 963 -106.66 16.61 -90.60
CA TYR D 963 -105.87 16.22 -89.44
C TYR D 963 -105.24 14.84 -89.60
N ASP D 964 -105.94 13.91 -90.28
CA ASP D 964 -105.46 12.54 -90.36
C ASP D 964 -104.14 12.44 -91.12
N GLU D 965 -104.10 13.01 -92.33
CA GLU D 965 -102.85 13.05 -93.08
C GLU D 965 -101.80 13.91 -92.39
N LEU D 966 -102.23 14.90 -91.60
CA LEU D 966 -101.30 15.70 -90.83
C LEU D 966 -100.56 14.85 -89.79
N TYR D 967 -101.32 14.05 -89.05
CA TYR D 967 -100.71 13.11 -88.09
C TYR D 967 -99.85 12.09 -88.80
N ALA D 968 -100.31 11.61 -89.96
CA ALA D 968 -99.51 10.66 -90.73
C ALA D 968 -98.18 11.27 -91.17
N ALA D 969 -98.21 12.54 -91.58
CA ALA D 969 -96.99 13.21 -92.01
C ALA D 969 -96.02 13.39 -90.84
N LEU D 970 -96.53 13.79 -89.67
CA LEU D 970 -95.64 13.89 -88.52
C LEU D 970 -95.13 12.53 -88.06
N THR D 971 -95.91 11.46 -88.27
CA THR D 971 -95.40 10.13 -87.97
C THR D 971 -94.28 9.74 -88.94
N ALA D 972 -94.45 10.03 -90.23
CA ALA D 972 -93.47 9.63 -91.23
C ALA D 972 -92.20 10.46 -91.15
N LEU D 973 -92.30 11.74 -90.76
CA LEU D 973 -91.15 12.64 -90.74
C LEU D 973 -90.11 12.26 -89.69
N LEU D 974 -90.36 11.23 -88.88
CA LEU D 974 -89.39 10.82 -87.86
C LEU D 974 -88.14 10.20 -88.45
N ALA D 975 -88.15 9.85 -89.75
CA ALA D 975 -87.01 9.27 -90.43
C ALA D 975 -86.40 10.24 -91.44
N ALA D 976 -86.30 11.51 -91.06
CA ALA D 976 -85.83 12.56 -91.96
C ALA D 976 -84.32 12.65 -92.03
N GLY D 977 -83.59 11.85 -91.26
CA GLY D 977 -82.14 11.89 -91.31
C GLY D 977 -81.49 10.53 -91.12
N SER D 978 -82.25 9.47 -91.38
CA SER D 978 -81.77 8.12 -91.10
C SER D 978 -80.58 7.75 -92.00
N GLN D 979 -80.61 8.19 -93.25
CA GLN D 979 -79.63 7.75 -94.24
C GLN D 979 -78.39 8.65 -94.30
N LEU D 980 -78.31 9.69 -93.46
CA LEU D 980 -77.20 10.63 -93.56
C LEU D 980 -75.87 9.96 -93.24
N ASP D 981 -75.82 9.13 -92.20
CA ASP D 981 -74.55 8.53 -91.79
C ASP D 981 -74.00 7.59 -92.85
N THR D 982 -74.87 6.98 -93.65
CA THR D 982 -74.44 6.04 -94.67
C THR D 982 -73.71 6.74 -95.83
N LYS D 986 -70.13 5.47 -95.86
CA LYS D 986 -69.94 4.82 -97.15
C LYS D 986 -68.87 5.55 -97.95
N GLU D 987 -68.92 6.88 -97.95
CA GLU D 987 -67.93 7.71 -98.61
C GLU D 987 -66.70 7.97 -97.75
N ASN D 988 -66.65 7.38 -96.55
CA ASN D 988 -65.60 7.63 -95.57
C ASN D 988 -65.52 9.09 -95.16
N LYS D 989 -66.60 9.85 -95.38
CA LYS D 989 -66.64 11.25 -95.01
C LYS D 989 -67.06 11.40 -93.56
N ASN D 990 -66.50 12.39 -92.89
CA ASN D 990 -66.75 12.59 -91.47
C ASN D 990 -68.03 13.38 -91.28
N VAL D 991 -68.71 13.10 -90.16
CA VAL D 991 -69.95 13.77 -89.81
C VAL D 991 -69.61 14.90 -88.83
N THR D 992 -69.69 16.14 -89.31
CA THR D 992 -69.26 17.28 -88.52
C THR D 992 -70.21 17.51 -87.34
N ALA D 993 -69.74 18.32 -86.39
CA ALA D 993 -70.52 18.58 -85.18
C ALA D 993 -71.85 19.23 -85.50
N LEU D 994 -71.87 20.12 -86.49
CA LEU D 994 -73.10 20.83 -86.83
C LEU D 994 -74.20 19.87 -87.23
N GLU D 995 -73.88 18.90 -88.09
CA GLU D 995 -74.91 17.96 -88.54
C GLU D 995 -75.38 17.05 -87.41
N ALA D 996 -74.46 16.53 -86.60
CA ALA D 996 -74.86 15.65 -85.51
C ALA D 996 -75.79 16.39 -84.54
N CYS D 997 -75.40 17.61 -84.16
CA CYS D 997 -76.27 18.43 -83.32
C CYS D 997 -77.59 18.72 -84.01
N ALA D 998 -77.59 18.88 -85.34
CA ALA D 998 -78.81 19.16 -86.06
C ALA D 998 -79.79 17.99 -85.99
N LEU D 999 -79.30 16.78 -86.25
CA LEU D 999 -80.17 15.61 -86.10
C LEU D 999 -80.67 15.44 -84.68
N GLN D 1000 -79.81 15.60 -83.68
CA GLN D 1000 -80.28 15.41 -82.31
C GLN D 1000 -81.32 16.46 -81.93
N TYR D 1001 -81.07 17.71 -82.32
CA TYR D 1001 -82.02 18.80 -82.11
C TYR D 1001 -83.36 18.51 -82.77
N TYR D 1002 -83.33 18.11 -84.05
CA TYR D 1002 -84.55 17.81 -84.78
C TYR D 1002 -85.32 16.66 -84.16
N PHE D 1003 -84.61 15.59 -83.78
CA PHE D 1003 -85.30 14.44 -83.21
C PHE D 1003 -85.95 14.81 -81.88
N LEU D 1004 -85.24 15.57 -81.04
CA LEU D 1004 -85.83 15.99 -79.77
C LEU D 1004 -87.07 16.84 -79.99
N ILE D 1005 -87.01 17.78 -80.95
CA ILE D 1005 -88.17 18.64 -81.20
C ILE D 1005 -89.35 17.82 -81.70
N LEU D 1006 -89.10 16.91 -82.64
CA LEU D 1006 -90.18 16.10 -83.19
C LEU D 1006 -90.77 15.17 -82.15
N TRP D 1007 -89.92 14.60 -81.29
CA TRP D 1007 -90.42 13.75 -80.22
C TRP D 1007 -91.27 14.54 -79.25
N ARG D 1008 -90.86 15.77 -78.94
CA ARG D 1008 -91.68 16.60 -78.05
C ARG D 1008 -93.03 16.92 -78.67
N ILE D 1009 -93.04 17.34 -79.94
CA ILE D 1009 -94.32 17.74 -80.54
C ILE D 1009 -95.23 16.54 -80.74
N LEU D 1010 -94.66 15.36 -81.04
CA LEU D 1010 -95.51 14.18 -81.22
C LEU D 1010 -96.14 13.73 -79.91
N GLY D 1011 -95.54 14.09 -78.78
CA GLY D 1011 -96.07 13.71 -77.48
C GLY D 1011 -97.18 14.59 -76.95
N ILE D 1012 -97.58 15.62 -77.69
CA ILE D 1012 -98.60 16.55 -77.24
C ILE D 1012 -99.88 16.43 -78.08
N LEU D 1013 -99.73 16.23 -79.38
CA LEU D 1013 -100.89 16.11 -80.26
C LEU D 1013 -101.69 14.85 -79.91
N PRO D 1014 -103.00 14.95 -79.72
CA PRO D 1014 -103.79 13.76 -79.45
C PRO D 1014 -103.84 12.86 -80.68
N PRO D 1015 -103.90 11.55 -80.49
CA PRO D 1015 -103.91 10.64 -81.64
C PRO D 1015 -105.18 10.78 -82.46
N SER D 1016 -105.04 10.53 -83.76
CA SER D 1016 -106.17 10.60 -84.66
C SER D 1016 -106.93 9.28 -84.67
N LYS D 1017 -108.19 9.35 -85.14
CA LYS D 1017 -109.01 8.14 -85.24
C LYS D 1017 -108.42 7.13 -86.21
N THR D 1018 -107.72 7.62 -87.25
CA THR D 1018 -107.09 6.70 -88.19
C THR D 1018 -106.01 5.87 -87.52
N TYR D 1019 -105.27 6.45 -86.56
CA TYR D 1019 -104.31 5.68 -85.79
C TYR D 1019 -105.01 4.62 -84.94
N ILE D 1020 -106.14 5.01 -84.33
CA ILE D 1020 -106.91 4.09 -83.50
C ILE D 1020 -107.34 2.88 -84.33
N ASN D 1021 -107.83 3.11 -85.54
CA ASN D 1021 -108.26 2.01 -86.38
C ASN D 1021 -107.07 1.27 -87.01
N GLN D 1022 -105.95 1.94 -87.21
CA GLN D 1022 -104.79 1.29 -87.81
C GLN D 1022 -104.13 0.32 -86.85
N LEU D 1023 -104.21 0.57 -85.54
CA LEU D 1023 -103.59 -0.33 -84.58
C LEU D 1023 -104.58 -1.00 -83.64
N SER D 1024 -105.89 -0.80 -83.82
CA SER D 1024 -106.86 -1.25 -82.83
C SER D 1024 -107.08 -2.75 -82.93
N MET D 1025 -107.59 -3.23 -84.06
CA MET D 1025 -107.86 -4.66 -84.21
C MET D 1025 -106.65 -5.43 -84.74
N ASN D 1026 -105.72 -4.73 -85.39
CA ASN D 1026 -104.50 -5.36 -85.89
C ASN D 1026 -103.45 -4.28 -86.06
N SER D 1027 -102.18 -4.71 -86.19
CA SER D 1027 -101.05 -3.80 -86.36
C SER D 1027 -100.17 -4.26 -87.51
N PRO D 1028 -100.67 -4.22 -88.74
CA PRO D 1028 -99.86 -4.64 -89.89
C PRO D 1028 -99.17 -3.48 -90.59
N GLU D 1029 -98.25 -3.84 -91.49
CA GLU D 1029 -97.37 -2.90 -92.22
C GLU D 1029 -96.91 -1.73 -91.35
N MET D 1030 -96.21 -2.06 -90.27
CA MET D 1030 -95.59 -1.05 -89.43
C MET D 1030 -94.12 -0.88 -89.81
N SER D 1031 -93.57 0.30 -89.50
CA SER D 1031 -92.19 0.63 -89.80
C SER D 1031 -91.46 1.03 -88.52
N GLU D 1032 -90.19 1.41 -88.67
CA GLU D 1032 -89.37 1.78 -87.51
C GLU D 1032 -89.95 3.01 -86.80
N CYS D 1033 -90.30 4.04 -87.57
CA CYS D 1033 -90.96 5.20 -86.97
C CYS D 1033 -92.31 4.81 -86.38
N ASP D 1034 -93.06 3.96 -87.08
CA ASP D 1034 -94.31 3.46 -86.55
C ASP D 1034 -94.09 2.70 -85.25
N ILE D 1035 -93.03 1.89 -85.19
CA ILE D 1035 -92.75 1.11 -83.98
C ILE D 1035 -92.41 2.05 -82.82
N LEU D 1036 -91.57 3.06 -83.08
CA LEU D 1036 -91.19 4.00 -82.03
C LEU D 1036 -92.40 4.76 -81.51
N HIS D 1037 -93.27 5.24 -82.40
CA HIS D 1037 -94.45 5.95 -81.95
C HIS D 1037 -95.41 5.01 -81.21
N THR D 1038 -95.58 3.79 -81.72
CA THR D 1038 -96.56 2.87 -81.17
C THR D 1038 -96.17 2.40 -79.78
N LEU D 1039 -94.87 2.19 -79.55
CA LEU D 1039 -94.45 1.74 -78.22
C LEU D 1039 -94.82 2.76 -77.15
N ARG D 1040 -94.49 4.03 -77.40
CA ARG D 1040 -94.84 5.07 -76.44
C ARG D 1040 -96.35 5.24 -76.32
N TRP D 1041 -97.07 5.19 -77.44
CA TRP D 1041 -98.51 5.38 -77.37
C TRP D 1041 -99.18 4.27 -76.58
N SER D 1042 -98.80 3.01 -76.84
CA SER D 1042 -99.39 1.88 -76.14
C SER D 1042 -99.03 1.91 -74.66
N SER D 1043 -97.79 2.24 -74.32
CA SER D 1043 -97.42 2.36 -72.91
C SER D 1043 -98.18 3.50 -72.24
N ARG D 1044 -98.55 4.53 -73.02
CA ARG D 1044 -99.20 5.70 -72.44
C ARG D 1044 -100.62 5.39 -71.98
N LEU D 1045 -101.41 4.71 -72.80
CA LEU D 1045 -102.81 4.44 -72.49
C LEU D 1045 -103.01 3.18 -71.65
N ARG D 1046 -102.27 3.04 -70.55
CA ARG D 1046 -102.38 1.85 -69.72
C ARG D 1046 -102.87 2.16 -68.32
N ILE D 1047 -102.15 3.01 -67.57
CA ILE D 1047 -102.50 3.25 -66.18
C ILE D 1047 -102.52 4.74 -65.84
N SER D 1048 -101.93 5.56 -66.71
CA SER D 1048 -101.64 6.95 -66.38
C SER D 1048 -102.78 7.91 -66.73
N SER D 1049 -103.99 7.39 -66.92
CA SER D 1049 -105.19 8.21 -67.13
C SER D 1049 -105.08 9.12 -68.34
N TYR D 1050 -104.35 8.72 -69.38
CA TYR D 1050 -104.49 9.38 -70.67
C TYR D 1050 -105.68 8.87 -71.45
N VAL D 1051 -106.30 7.78 -71.00
CA VAL D 1051 -107.43 7.20 -71.73
C VAL D 1051 -108.59 8.18 -71.79
N ASN D 1052 -108.87 8.85 -70.66
CA ASN D 1052 -109.96 9.83 -70.64
C ASN D 1052 -109.66 10.99 -71.58
N TRP D 1053 -108.41 11.46 -71.61
CA TRP D 1053 -108.02 12.50 -72.56
C TRP D 1053 -108.26 12.04 -74.00
N ILE D 1054 -107.90 10.79 -74.30
CA ILE D 1054 -108.06 10.28 -75.66
C ILE D 1054 -109.54 10.21 -76.04
N LYS D 1055 -110.40 9.72 -75.14
CA LYS D 1055 -111.81 9.63 -75.51
C LYS D 1055 -112.43 11.01 -75.60
N ASP D 1056 -112.00 11.95 -74.74
CA ASP D 1056 -112.51 13.31 -74.83
C ASP D 1056 -112.17 13.95 -76.16
N HIS D 1057 -110.93 13.74 -76.64
CA HIS D 1057 -110.58 14.26 -77.95
C HIS D 1057 -111.27 13.49 -79.07
N LEU D 1058 -111.53 12.19 -78.86
CA LEU D 1058 -112.29 11.42 -79.84
C LEU D 1058 -113.73 11.91 -79.96
N ILE D 1059 -114.26 12.49 -78.89
CA ILE D 1059 -115.58 13.13 -78.97
C ILE D 1059 -115.53 14.25 -80.00
N LYS D 1060 -114.49 15.06 -79.97
CA LYS D 1060 -114.23 16.01 -81.03
C LYS D 1060 -113.88 15.27 -82.33
N GLN D 1061 -113.90 16.00 -83.44
CA GLN D 1061 -113.60 15.51 -84.79
C GLN D 1061 -114.65 14.52 -85.28
N GLY D 1062 -115.67 14.25 -84.47
CA GLY D 1062 -116.81 13.47 -84.91
C GLY D 1062 -116.79 11.98 -84.63
N MET D 1063 -116.60 11.59 -83.38
CA MET D 1063 -116.81 10.22 -82.93
C MET D 1063 -117.49 10.27 -81.56
N LYS D 1064 -118.76 9.88 -81.51
CA LYS D 1064 -119.49 9.88 -80.25
C LYS D 1064 -118.98 8.79 -79.31
N ALA D 1065 -119.32 8.95 -78.03
CA ALA D 1065 -118.62 8.22 -76.96
C ALA D 1065 -118.78 6.71 -77.07
N GLU D 1066 -119.89 6.24 -77.65
CA GLU D 1066 -120.13 4.81 -77.68
C GLU D 1066 -119.09 4.08 -78.53
N HIS D 1067 -118.74 4.63 -79.70
CA HIS D 1067 -117.64 4.06 -80.47
C HIS D 1067 -116.30 4.26 -79.75
N ALA D 1068 -116.09 5.44 -79.17
CA ALA D 1068 -114.78 5.75 -78.61
C ALA D 1068 -114.43 4.83 -77.47
N SER D 1069 -115.36 4.61 -76.54
CA SER D 1069 -115.11 3.72 -75.41
C SER D 1069 -114.85 2.29 -75.88
N SER D 1070 -115.62 1.82 -76.87
CA SER D 1070 -115.44 0.46 -77.36
C SER D 1070 -114.06 0.29 -78.01
N LEU D 1071 -113.66 1.24 -78.85
CA LEU D 1071 -112.35 1.13 -79.48
C LEU D 1071 -111.23 1.24 -78.46
N LEU D 1072 -111.37 2.13 -77.47
CA LEU D 1072 -110.35 2.22 -76.43
C LEU D 1072 -110.25 0.92 -75.63
N GLU D 1073 -111.39 0.32 -75.31
CA GLU D 1073 -111.39 -0.92 -74.54
C GLU D 1073 -110.77 -2.07 -75.33
N LEU D 1074 -111.10 -2.19 -76.61
CA LEU D 1074 -110.62 -3.32 -77.40
C LEU D 1074 -109.26 -3.07 -78.03
N ALA D 1075 -108.70 -1.86 -77.91
CA ALA D 1075 -107.36 -1.60 -78.42
C ALA D 1075 -106.29 -2.19 -77.51
N SER D 1076 -106.51 -2.14 -76.20
CA SER D 1076 -105.58 -2.66 -75.22
C SER D 1076 -106.30 -3.62 -74.30
N THR D 1077 -105.75 -4.81 -74.11
CA THR D 1077 -106.35 -5.82 -73.25
C THR D 1077 -105.36 -6.32 -72.21
N SER D 1082 -102.20 -7.15 -71.98
CA SER D 1082 -101.19 -6.11 -71.98
C SER D 1082 -99.82 -6.66 -72.32
N VAL D 1083 -99.33 -7.60 -71.49
CA VAL D 1083 -98.04 -8.22 -71.73
C VAL D 1083 -98.06 -9.00 -73.04
N LYS D 1084 -99.19 -9.65 -73.34
CA LYS D 1084 -99.30 -10.40 -74.58
C LYS D 1084 -99.13 -9.50 -75.80
N TYR D 1085 -99.73 -8.31 -75.76
CA TYR D 1085 -99.57 -7.35 -76.85
C TYR D 1085 -98.11 -6.99 -77.05
N ASP D 1086 -97.40 -6.71 -75.94
CA ASP D 1086 -96.00 -6.31 -76.02
C ASP D 1086 -95.14 -7.42 -76.61
N VAL D 1087 -95.29 -8.64 -76.08
CA VAL D 1087 -94.46 -9.74 -76.57
C VAL D 1087 -94.80 -10.05 -78.02
N GLU D 1088 -96.07 -9.93 -78.40
CA GLU D 1088 -96.46 -10.18 -79.79
C GLU D 1088 -95.79 -9.19 -80.73
N ILE D 1089 -95.92 -7.89 -80.44
CA ILE D 1089 -95.39 -6.89 -81.36
C ILE D 1089 -93.86 -7.00 -81.43
N VAL D 1090 -93.21 -7.20 -80.27
CA VAL D 1090 -91.75 -7.26 -80.31
C VAL D 1090 -91.27 -8.56 -80.96
N GLU D 1091 -91.99 -9.67 -80.79
CA GLU D 1091 -91.64 -10.89 -81.51
C GLU D 1091 -91.75 -10.69 -83.01
N GLU D 1092 -92.81 -10.01 -83.46
CA GLU D 1092 -92.94 -9.75 -84.89
C GLU D 1092 -91.81 -8.85 -85.39
N TYR D 1093 -91.43 -7.84 -84.61
CA TYR D 1093 -90.30 -6.99 -84.99
C TYR D 1093 -89.00 -7.79 -85.05
N PHE D 1094 -88.79 -8.68 -84.08
CA PHE D 1094 -87.60 -9.53 -84.10
C PHE D 1094 -87.60 -10.43 -85.32
N ALA D 1095 -88.76 -10.98 -85.68
CA ALA D 1095 -88.86 -11.81 -86.88
C ALA D 1095 -88.52 -11.00 -88.12
N ARG D 1096 -89.03 -9.77 -88.22
CA ARG D 1096 -88.70 -8.92 -89.36
C ARG D 1096 -87.20 -8.66 -89.45
N GLN D 1097 -86.58 -8.32 -88.32
CA GLN D 1097 -85.14 -8.03 -88.32
C GLN D 1097 -84.33 -9.26 -88.69
N ILE D 1098 -84.70 -10.42 -88.15
CA ILE D 1098 -83.99 -11.66 -88.46
C ILE D 1098 -84.15 -12.00 -89.94
N SER D 1099 -85.35 -11.83 -90.48
CA SER D 1099 -85.56 -12.10 -91.90
C SER D 1099 -84.73 -11.15 -92.77
N SER D 1100 -84.64 -9.88 -92.37
CA SER D 1100 -83.84 -8.93 -93.13
C SER D 1100 -82.35 -9.29 -93.09
N PHE D 1101 -81.85 -9.70 -91.92
CA PHE D 1101 -80.44 -10.02 -91.79
C PHE D 1101 -80.07 -11.43 -92.25
N CYS D 1102 -81.06 -12.30 -92.48
CA CYS D 1102 -80.76 -13.68 -92.87
C CYS D 1102 -80.18 -13.77 -94.28
N SER D 1103 -80.29 -12.72 -95.09
CA SER D 1103 -79.70 -12.73 -96.42
C SER D 1103 -78.19 -12.88 -96.39
N ILE D 1104 -77.56 -12.60 -95.25
CA ILE D 1104 -76.13 -12.76 -95.06
C ILE D 1104 -75.92 -13.85 -94.03
N ASP D 1105 -75.14 -14.87 -94.39
CA ASP D 1105 -74.91 -16.01 -93.51
C ASP D 1105 -73.45 -16.43 -93.64
N CYS D 1106 -73.14 -17.63 -93.15
CA CYS D 1106 -71.78 -18.17 -93.14
C CYS D 1106 -70.87 -17.31 -92.27
N THR D 1107 -69.56 -17.40 -92.48
CA THR D 1107 -68.57 -16.63 -91.73
C THR D 1107 -67.72 -15.86 -92.73
N THR D 1108 -68.20 -14.67 -93.10
CA THR D 1108 -67.49 -13.78 -94.02
C THR D 1108 -67.43 -12.40 -93.41
N ILE D 1109 -66.39 -11.66 -93.78
CA ILE D 1109 -66.19 -10.31 -93.23
C ILE D 1109 -67.15 -9.35 -93.92
N LEU D 1110 -67.97 -8.66 -93.13
CA LEU D 1110 -68.98 -7.77 -93.67
C LEU D 1110 -68.45 -6.35 -93.75
N GLN D 1111 -68.83 -5.66 -94.83
CA GLN D 1111 -68.40 -4.28 -95.04
C GLN D 1111 -69.15 -3.34 -94.10
N LEU D 1112 -68.68 -2.09 -94.03
CA LEU D 1112 -69.37 -1.08 -93.24
C LEU D 1112 -70.76 -0.79 -93.77
N HIS D 1113 -70.92 -0.76 -95.10
CA HIS D 1113 -72.17 -0.31 -95.69
C HIS D 1113 -73.34 -1.22 -95.37
N GLU D 1114 -73.11 -2.51 -95.11
CA GLU D 1114 -74.20 -3.41 -94.77
C GLU D 1114 -74.53 -3.40 -93.29
N ILE D 1115 -73.80 -2.64 -92.48
CA ILE D 1115 -74.14 -2.48 -91.06
C ILE D 1115 -75.38 -1.61 -90.94
N PRO D 1116 -76.34 -1.95 -90.09
CA PRO D 1116 -77.58 -1.16 -90.02
C PRO D 1116 -77.33 0.29 -89.61
N SER D 1117 -78.20 1.16 -90.09
CA SER D 1117 -78.13 2.58 -89.74
C SER D 1117 -78.56 2.78 -88.29
N LEU D 1118 -78.25 3.97 -87.77
CA LEU D 1118 -78.46 4.25 -86.36
C LEU D 1118 -79.93 4.12 -85.96
N GLN D 1119 -80.84 4.50 -86.87
CA GLN D 1119 -82.27 4.47 -86.55
C GLN D 1119 -82.72 3.05 -86.20
N SER D 1120 -82.32 2.07 -87.01
CA SER D 1120 -82.68 0.68 -86.73
C SER D 1120 -82.06 0.22 -85.41
N ILE D 1121 -80.83 0.63 -85.13
CA ILE D 1121 -80.16 0.20 -83.91
C ILE D 1121 -80.91 0.70 -82.69
N TYR D 1122 -81.23 1.99 -82.63
CA TYR D 1122 -81.92 2.46 -81.44
C TYR D 1122 -83.39 2.04 -81.41
N THR D 1123 -84.01 1.77 -82.56
CA THR D 1123 -85.35 1.17 -82.55
C THR D 1123 -85.31 -0.20 -81.87
N LEU D 1124 -84.36 -1.04 -82.27
CA LEU D 1124 -84.22 -2.35 -81.65
C LEU D 1124 -83.90 -2.22 -80.17
N ASP D 1125 -83.05 -1.26 -79.81
CA ASP D 1125 -82.70 -1.06 -78.41
C ASP D 1125 -83.93 -0.67 -77.59
N ALA D 1126 -84.76 0.24 -78.10
CA ALA D 1126 -85.98 0.61 -77.40
C ALA D 1126 -86.90 -0.58 -77.26
N ALA D 1127 -87.01 -1.41 -78.31
CA ALA D 1127 -87.86 -2.59 -78.23
C ALA D 1127 -87.40 -3.54 -77.12
N ILE D 1128 -86.10 -3.83 -77.07
CA ILE D 1128 -85.63 -4.76 -76.04
C ILE D 1128 -85.76 -4.15 -74.65
N SER D 1129 -85.55 -2.83 -74.53
CA SER D 1129 -85.72 -2.20 -73.23
C SER D 1129 -87.16 -2.29 -72.74
N LYS D 1130 -88.13 -2.05 -73.63
CA LYS D 1130 -89.53 -2.18 -73.25
C LYS D 1130 -89.86 -3.62 -72.86
N VAL D 1131 -89.36 -4.59 -73.64
CA VAL D 1131 -89.64 -5.98 -73.31
C VAL D 1131 -89.05 -6.35 -71.96
N GLN D 1132 -87.82 -5.91 -71.69
CA GLN D 1132 -87.20 -6.21 -70.40
C GLN D 1132 -88.00 -5.62 -69.26
N VAL D 1133 -88.42 -4.36 -69.38
CA VAL D 1133 -89.18 -3.72 -68.31
C VAL D 1133 -90.50 -4.44 -68.08
N SER D 1134 -91.23 -4.72 -69.16
CA SER D 1134 -92.54 -5.35 -69.02
C SER D 1134 -92.42 -6.76 -68.45
N LEU D 1135 -91.48 -7.55 -68.96
CA LEU D 1135 -91.31 -8.90 -68.45
C LEU D 1135 -90.88 -8.89 -66.99
N ASP D 1136 -89.98 -7.97 -66.62
CA ASP D 1136 -89.54 -7.91 -65.23
C ASP D 1136 -90.68 -7.54 -64.30
N GLU D 1137 -91.51 -6.56 -64.69
CA GLU D 1137 -92.63 -6.20 -63.82
C GLU D 1137 -93.65 -7.33 -63.74
N HIS D 1138 -93.89 -8.02 -64.86
CA HIS D 1138 -94.82 -9.14 -64.84
C HIS D 1138 -94.34 -10.26 -63.92
N PHE D 1139 -93.06 -10.60 -64.01
CA PHE D 1139 -92.54 -11.67 -63.17
C PHE D 1139 -92.36 -11.22 -61.71
N SER D 1140 -92.17 -9.93 -61.47
CA SER D 1140 -92.10 -9.45 -60.09
C SER D 1140 -93.47 -9.49 -59.43
N LYS D 1141 -94.53 -9.15 -60.18
CA LYS D 1141 -95.87 -9.32 -59.63
C LYS D 1141 -96.27 -10.78 -59.56
N MET D 1142 -95.69 -11.63 -60.41
CA MET D 1142 -95.91 -13.07 -60.34
C MET D 1142 -95.07 -13.75 -59.27
N ALA D 1143 -94.13 -13.02 -58.65
CA ALA D 1143 -93.39 -13.58 -57.52
C ALA D 1143 -94.33 -13.92 -56.38
N ALA D 1144 -95.38 -13.13 -56.21
CA ALA D 1144 -96.44 -13.46 -55.26
C ALA D 1144 -97.38 -14.47 -55.91
N GLU D 1145 -98.54 -14.70 -55.28
CA GLU D 1145 -99.55 -15.64 -55.78
C GLU D 1145 -99.03 -17.07 -55.80
N THR D 1146 -99.90 -18.02 -56.14
CA THR D 1146 -99.55 -19.43 -56.12
C THR D 1146 -99.53 -20.06 -57.50
N ASP D 1147 -99.65 -19.26 -58.56
CA ASP D 1147 -99.70 -19.77 -59.94
C ASP D 1147 -98.70 -19.02 -60.80
N PRO D 1148 -97.42 -19.37 -60.74
CA PRO D 1148 -96.41 -18.74 -61.60
C PRO D 1148 -96.14 -19.49 -62.91
N HIS D 1149 -96.80 -20.62 -63.14
CA HIS D 1149 -96.55 -21.42 -64.33
C HIS D 1149 -97.29 -20.92 -65.56
N LYS D 1150 -98.22 -19.99 -65.42
CA LYS D 1150 -99.01 -19.48 -66.53
C LYS D 1150 -98.29 -18.39 -67.33
N SER D 1151 -96.97 -18.28 -67.19
CA SER D 1151 -96.20 -17.28 -67.90
C SER D 1151 -95.06 -17.85 -68.74
N SER D 1152 -94.87 -19.18 -68.73
CA SER D 1152 -93.81 -19.78 -69.52
C SER D 1152 -94.19 -19.97 -70.99
N GLU D 1153 -95.49 -20.06 -71.30
CA GLU D 1153 -95.91 -20.29 -72.67
C GLU D 1153 -95.80 -19.06 -73.55
N ILE D 1154 -95.70 -17.87 -72.95
CA ILE D 1154 -95.56 -16.66 -73.75
C ILE D 1154 -94.14 -16.44 -74.24
N THR D 1155 -93.14 -17.03 -73.57
CA THR D 1155 -91.75 -16.91 -73.96
C THR D 1155 -91.24 -18.14 -74.70
N LYS D 1156 -92.15 -18.97 -75.20
CA LYS D 1156 -91.75 -20.18 -75.93
C LYS D 1156 -91.04 -19.85 -77.25
N ASN D 1157 -91.18 -18.62 -77.76
CA ASN D 1157 -90.57 -18.24 -79.02
C ASN D 1157 -89.57 -17.11 -78.90
N LEU D 1158 -89.54 -16.39 -77.76
CA LEU D 1158 -88.60 -15.29 -77.60
C LEU D 1158 -87.16 -15.76 -77.62
N LEU D 1159 -86.88 -16.90 -76.98
CA LEU D 1159 -85.50 -17.33 -76.79
C LEU D 1159 -84.75 -17.60 -78.09
N PRO D 1160 -85.26 -18.41 -79.03
CA PRO D 1160 -84.48 -18.64 -80.26
C PRO D 1160 -84.22 -17.37 -81.05
N ALA D 1161 -85.23 -16.50 -81.15
CA ALA D 1161 -85.05 -15.23 -81.85
C ALA D 1161 -84.00 -14.38 -81.18
N THR D 1162 -84.02 -14.33 -79.84
CA THR D 1162 -83.02 -13.56 -79.12
C THR D 1162 -81.62 -14.10 -79.35
N LEU D 1163 -81.47 -15.43 -79.33
CA LEU D 1163 -80.13 -16.00 -79.56
C LEU D 1163 -79.62 -15.71 -80.97
N GLN D 1164 -80.47 -15.88 -81.99
CA GLN D 1164 -80.00 -15.61 -83.35
C GLN D 1164 -79.67 -14.13 -83.53
N LEU D 1165 -80.47 -13.25 -82.93
CA LEU D 1165 -80.19 -11.82 -83.01
C LEU D 1165 -78.88 -11.49 -82.31
N ILE D 1166 -78.61 -12.13 -81.16
CA ILE D 1166 -77.34 -11.91 -80.46
C ILE D 1166 -76.17 -12.36 -81.32
N ASP D 1167 -76.30 -13.53 -81.96
CA ASP D 1167 -75.23 -14.00 -82.84
C ASP D 1167 -75.00 -13.03 -84.00
N THR D 1168 -76.09 -12.54 -84.60
CA THR D 1168 -75.97 -11.61 -85.70
C THR D 1168 -75.28 -10.32 -85.27
N TYR D 1169 -75.63 -9.80 -84.10
CA TYR D 1169 -75.02 -8.54 -83.65
C TYR D 1169 -73.58 -8.73 -83.22
N ALA D 1170 -73.24 -9.90 -82.68
CA ALA D 1170 -71.84 -10.19 -82.39
C ALA D 1170 -71.03 -10.22 -83.68
N SER D 1171 -71.57 -10.86 -84.72
CA SER D 1171 -70.90 -10.82 -86.02
C SER D 1171 -70.79 -9.39 -86.52
N PHE D 1172 -71.83 -8.58 -86.31
CA PHE D 1172 -71.83 -7.20 -86.79
C PHE D 1172 -70.73 -6.38 -86.14
N THR D 1173 -70.60 -6.48 -84.81
CA THR D 1173 -69.57 -5.71 -84.13
C THR D 1173 -68.17 -6.23 -84.47
N ARG D 1174 -68.03 -7.55 -84.64
CA ARG D 1174 -66.75 -8.09 -85.07
C ARG D 1174 -66.35 -7.54 -86.43
N ALA D 1175 -67.30 -7.51 -87.38
CA ALA D 1175 -67.01 -6.96 -88.70
C ALA D 1175 -66.70 -5.47 -88.63
N TYR D 1176 -67.43 -4.74 -87.78
CA TYR D 1176 -67.18 -3.30 -87.64
C TYR D 1176 -65.78 -3.04 -87.14
N LEU D 1177 -65.32 -3.81 -86.15
CA LEU D 1177 -63.94 -3.67 -85.69
C LEU D 1177 -62.95 -4.06 -86.78
N LEU D 1178 -63.23 -5.16 -87.50
CA LEU D 1178 -62.27 -5.68 -88.46
C LEU D 1178 -62.06 -4.72 -89.63
N GLN D 1179 -63.15 -4.27 -90.26
CA GLN D 1179 -63.03 -3.48 -91.48
C GLN D 1179 -62.42 -2.11 -91.24
N ASN D 1180 -62.34 -1.67 -89.99
CA ASN D 1180 -61.74 -0.37 -89.67
C ASN D 1180 -60.24 -0.46 -89.43
N PHE D 1181 -59.65 -1.65 -89.57
CA PHE D 1181 -58.24 -1.83 -89.28
C PHE D 1181 -57.37 -1.27 -90.41
N LYS D 1189 -54.54 0.30 -97.30
CA LYS D 1189 -55.66 -0.63 -97.45
C LYS D 1189 -55.21 -2.07 -97.24
N PRO D 1190 -55.47 -2.61 -96.06
CA PRO D 1190 -55.16 -4.03 -95.82
C PRO D 1190 -55.96 -4.94 -96.74
N SER D 1191 -55.35 -6.04 -97.13
CA SER D 1191 -55.98 -6.99 -98.03
C SER D 1191 -56.88 -7.94 -97.26
N LYS D 1192 -57.71 -8.67 -98.01
CA LYS D 1192 -58.70 -9.54 -97.39
C LYS D 1192 -58.08 -10.77 -96.73
N GLU D 1193 -56.97 -11.28 -97.28
CA GLU D 1193 -56.40 -12.53 -96.76
C GLU D 1193 -55.86 -12.34 -95.35
N LYS D 1194 -55.03 -11.32 -95.14
CA LYS D 1194 -54.59 -11.08 -93.77
C LYS D 1194 -55.70 -10.50 -92.91
N LEU D 1195 -56.76 -9.97 -93.52
CA LEU D 1195 -57.95 -9.63 -92.74
C LEU D 1195 -58.57 -10.88 -92.13
N GLN D 1196 -58.69 -11.95 -92.92
CA GLN D 1196 -59.17 -13.22 -92.38
C GLN D 1196 -58.21 -13.77 -91.34
N GLY D 1197 -56.90 -13.62 -91.58
CA GLY D 1197 -55.93 -14.01 -90.58
C GLY D 1197 -56.10 -13.28 -89.26
N PHE D 1198 -56.31 -11.96 -89.34
CA PHE D 1198 -56.55 -11.17 -88.13
C PHE D 1198 -57.85 -11.60 -87.45
N ALA D 1199 -58.87 -11.94 -88.25
CA ALA D 1199 -60.11 -12.45 -87.69
C ALA D 1199 -59.87 -13.74 -86.90
N ALA D 1200 -59.08 -14.65 -87.47
CA ALA D 1200 -58.77 -15.89 -86.78
C ALA D 1200 -57.98 -15.62 -85.50
N VAL D 1201 -57.06 -14.66 -85.55
CA VAL D 1201 -56.28 -14.32 -84.36
C VAL D 1201 -57.17 -13.76 -83.27
N LEU D 1202 -58.07 -12.84 -83.64
CA LEU D 1202 -58.89 -12.14 -82.65
C LEU D 1202 -60.07 -12.97 -82.15
N ALA D 1203 -60.51 -13.97 -82.91
CA ALA D 1203 -61.63 -14.80 -82.46
C ALA D 1203 -61.29 -15.53 -81.17
N ILE D 1204 -60.02 -15.85 -80.95
CA ILE D 1204 -59.57 -16.51 -79.73
C ILE D 1204 -58.81 -15.52 -78.84
N GLY D 1205 -59.09 -14.22 -78.99
CA GLY D 1205 -58.42 -13.22 -78.19
C GLY D 1205 -59.06 -13.03 -76.83
N SER D 1206 -59.33 -11.77 -76.47
CA SER D 1206 -60.00 -11.40 -75.22
C SER D 1206 -59.14 -11.67 -74.00
N SER D 1207 -59.33 -10.87 -72.95
CA SER D 1207 -58.61 -11.05 -71.70
C SER D 1207 -59.52 -11.01 -70.48
N ARG D 1208 -60.81 -10.73 -70.65
CA ARG D 1208 -61.74 -10.66 -69.52
C ARG D 1208 -62.07 -12.03 -68.95
N CYS D 1209 -61.70 -13.10 -69.63
CA CYS D 1209 -61.89 -14.46 -69.13
C CYS D 1209 -60.56 -15.03 -68.66
N LYS D 1210 -60.52 -15.52 -67.44
CA LYS D 1210 -59.29 -16.06 -66.86
C LYS D 1210 -58.96 -17.46 -67.36
N ALA D 1211 -59.87 -18.10 -68.11
CA ALA D 1211 -59.64 -19.48 -68.52
C ALA D 1211 -58.51 -19.58 -69.54
N ASN D 1212 -58.50 -18.71 -70.54
CA ASN D 1212 -57.46 -18.75 -71.56
C ASN D 1212 -56.22 -17.99 -71.10
N THR D 1213 -55.12 -18.23 -71.79
CA THR D 1213 -53.86 -17.56 -71.51
C THR D 1213 -53.22 -16.97 -72.76
N LEU D 1214 -53.44 -17.57 -73.92
CA LEU D 1214 -52.82 -17.08 -75.15
C LEU D 1214 -53.35 -15.72 -75.53
N GLY D 1215 -54.65 -15.49 -75.36
CA GLY D 1215 -55.36 -14.34 -75.89
C GLY D 1215 -54.61 -13.02 -75.80
N PRO D 1216 -54.31 -12.58 -74.57
CA PRO D 1216 -53.56 -11.32 -74.43
C PRO D 1216 -52.22 -11.33 -75.14
N THR D 1217 -51.48 -12.43 -75.08
CA THR D 1217 -50.16 -12.49 -75.71
C THR D 1217 -50.27 -12.38 -77.23
N LEU D 1218 -51.17 -13.16 -77.83
CA LEU D 1218 -51.34 -13.13 -79.28
C LEU D 1218 -51.86 -11.78 -79.75
N VAL D 1219 -52.73 -11.15 -78.95
CA VAL D 1219 -53.21 -9.82 -79.31
C VAL D 1219 -52.07 -8.80 -79.23
N GLN D 1220 -51.24 -8.89 -78.18
CA GLN D 1220 -50.22 -7.89 -77.95
C GLN D 1220 -48.99 -8.03 -78.84
N ASN D 1221 -48.69 -9.23 -79.34
CA ASN D 1221 -47.46 -9.38 -80.11
C ASN D 1221 -47.58 -8.86 -81.54
N LEU D 1222 -48.78 -8.58 -82.03
CA LEU D 1222 -48.90 -7.96 -83.34
C LEU D 1222 -48.37 -6.53 -83.28
N PRO D 1223 -47.65 -6.07 -84.31
CA PRO D 1223 -46.81 -4.87 -84.14
C PRO D 1223 -47.53 -3.56 -83.91
N SER D 1224 -48.39 -3.12 -84.84
CA SER D 1224 -48.91 -1.76 -84.78
C SER D 1224 -50.40 -1.61 -85.03
N SER D 1225 -51.04 -2.51 -85.78
CA SER D 1225 -52.39 -2.25 -86.26
C SER D 1225 -53.43 -2.47 -85.17
N VAL D 1226 -53.35 -3.60 -84.47
CA VAL D 1226 -54.43 -4.05 -83.60
C VAL D 1226 -54.13 -3.75 -82.12
N GLN D 1227 -53.27 -2.77 -81.84
CA GLN D 1227 -53.08 -2.29 -80.47
C GLN D 1227 -53.64 -0.88 -80.29
N THR D 1228 -53.18 0.09 -81.08
CA THR D 1228 -53.72 1.43 -80.96
C THR D 1228 -55.21 1.45 -81.28
N VAL D 1229 -55.59 0.84 -82.40
CA VAL D 1229 -57.00 0.80 -82.80
C VAL D 1229 -57.82 0.03 -81.77
N CYS D 1230 -57.32 -1.12 -81.33
CA CYS D 1230 -58.08 -1.94 -80.38
C CYS D 1230 -58.24 -1.25 -79.04
N GLU D 1231 -57.20 -0.56 -78.56
CA GLU D 1231 -57.31 0.16 -77.30
C GLU D 1231 -58.24 1.35 -77.43
N SER D 1232 -58.19 2.07 -78.56
CA SER D 1232 -59.11 3.19 -78.75
C SER D 1232 -60.56 2.70 -78.82
N TRP D 1233 -60.79 1.54 -79.44
CA TRP D 1233 -62.14 1.00 -79.51
C TRP D 1233 -62.59 0.43 -78.18
N ASN D 1234 -61.65 -0.07 -77.37
CA ASN D 1234 -61.98 -0.60 -76.05
C ASN D 1234 -62.08 0.47 -74.98
N ASN D 1235 -61.75 1.72 -75.31
CA ASN D 1235 -61.89 2.83 -74.38
C ASN D 1235 -63.23 3.52 -74.51
N ILE D 1236 -64.13 3.02 -75.36
CA ILE D 1236 -65.47 3.59 -75.49
C ILE D 1236 -66.34 3.06 -74.36
N ASN D 1237 -66.39 3.80 -73.26
CA ASN D 1237 -67.23 3.46 -72.14
C ASN D 1237 -68.66 3.90 -72.39
N THR D 1238 -69.62 3.14 -71.85
CA THR D 1238 -71.03 3.38 -72.09
C THR D 1238 -71.77 3.74 -70.81
N ASN D 1239 -71.15 4.53 -69.94
CA ASN D 1239 -71.80 4.89 -68.68
C ASN D 1239 -72.88 5.95 -68.86
N GLU D 1240 -72.85 6.70 -69.97
CA GLU D 1240 -73.87 7.71 -70.19
C GLU D 1240 -75.25 7.11 -70.33
N PHE D 1241 -75.34 5.83 -70.67
CA PHE D 1241 -76.61 5.13 -70.75
C PHE D 1241 -77.16 4.89 -69.35
N PRO D 1242 -78.47 4.63 -69.23
CA PRO D 1242 -79.02 4.31 -67.92
C PRO D 1242 -78.44 3.01 -67.38
N ASN D 1243 -78.50 2.88 -66.05
CA ASN D 1243 -77.84 1.78 -65.36
C ASN D 1243 -78.65 0.49 -65.54
N ILE D 1244 -78.27 -0.55 -64.78
CA ILE D 1244 -78.89 -1.86 -64.95
C ILE D 1244 -80.38 -1.80 -64.58
N GLY D 1245 -80.67 -1.49 -63.33
CA GLY D 1245 -82.05 -1.42 -62.88
C GLY D 1245 -82.46 -0.02 -62.48
N SER D 1246 -81.91 0.98 -63.17
CA SER D 1246 -82.23 2.37 -62.86
C SER D 1246 -83.71 2.68 -63.09
N TRP D 1247 -84.40 1.87 -63.88
CA TRP D 1247 -85.83 2.05 -64.09
C TRP D 1247 -86.67 1.66 -62.88
N ARG D 1248 -86.07 1.00 -61.89
CA ARG D 1248 -86.81 0.60 -60.69
C ARG D 1248 -86.72 1.63 -59.57
N ASN D 1249 -85.61 2.35 -59.46
CA ASN D 1249 -85.39 3.26 -58.34
C ASN D 1249 -85.53 4.73 -58.74
N ALA D 1250 -84.77 5.17 -59.74
CA ALA D 1250 -84.74 6.57 -60.12
C ALA D 1250 -85.85 6.95 -61.10
N PHE D 1251 -86.54 5.98 -61.68
CA PHE D 1251 -87.55 6.25 -62.70
C PHE D 1251 -88.95 5.79 -62.32
N ALA D 1252 -89.12 5.11 -61.19
CA ALA D 1252 -90.44 4.64 -60.77
C ALA D 1252 -91.30 5.74 -60.16
N ASN D 1253 -90.72 6.90 -59.86
CA ASN D 1253 -91.49 7.98 -59.25
C ASN D 1253 -92.57 8.49 -60.18
N ASP D 1254 -92.26 8.63 -61.47
CA ASP D 1254 -93.19 9.20 -62.44
C ASP D 1254 -94.31 8.20 -62.74
N THR D 1255 -95.23 8.63 -63.62
CA THR D 1255 -96.41 7.83 -63.93
C THR D 1255 -96.02 6.55 -64.67
N ILE D 1256 -95.24 6.66 -65.73
CA ILE D 1256 -94.87 5.51 -66.55
C ILE D 1256 -93.36 5.37 -66.59
N PRO D 1257 -92.76 4.54 -65.72
CA PRO D 1257 -91.30 4.41 -65.71
C PRO D 1257 -90.73 3.90 -67.02
N SER D 1258 -91.48 3.05 -67.74
CA SER D 1258 -90.97 2.53 -69.01
C SER D 1258 -90.75 3.64 -70.02
N GLU D 1259 -91.67 4.60 -70.09
CA GLU D 1259 -91.51 5.71 -71.04
C GLU D 1259 -90.27 6.53 -70.71
N SER D 1260 -90.04 6.81 -69.42
CA SER D 1260 -88.84 7.55 -69.03
C SER D 1260 -87.58 6.77 -69.36
N TYR D 1261 -87.60 5.45 -69.13
CA TYR D 1261 -86.45 4.62 -69.48
C TYR D 1261 -86.17 4.67 -70.98
N ILE D 1262 -87.22 4.57 -71.79
CA ILE D 1262 -87.05 4.64 -73.24
C ILE D 1262 -86.50 5.99 -73.66
N SER D 1263 -87.00 7.08 -73.04
CA SER D 1263 -86.50 8.40 -73.37
C SER D 1263 -85.02 8.54 -73.02
N ALA D 1264 -84.62 8.02 -71.85
CA ALA D 1264 -83.21 8.08 -71.47
C ALA D 1264 -82.34 7.28 -72.43
N VAL D 1265 -82.80 6.08 -72.81
CA VAL D 1265 -82.04 5.25 -73.75
C VAL D 1265 -81.91 5.95 -75.09
N GLN D 1266 -83.01 6.56 -75.56
CA GLN D 1266 -82.97 7.26 -76.84
C GLN D 1266 -82.02 8.44 -76.80
N ALA D 1267 -82.02 9.19 -75.68
CA ALA D 1267 -81.08 10.31 -75.54
C ALA D 1267 -79.64 9.80 -75.56
N ALA D 1268 -79.37 8.69 -74.86
CA ALA D 1268 -78.03 8.12 -74.85
C ALA D 1268 -77.60 7.71 -76.25
N HIS D 1269 -78.50 7.08 -77.01
CA HIS D 1269 -78.18 6.69 -78.38
C HIS D 1269 -77.92 7.90 -79.25
N LEU D 1270 -78.73 8.95 -79.10
CA LEU D 1270 -78.57 10.15 -79.93
C LEU D 1270 -77.29 10.88 -79.59
N GLY D 1271 -76.81 10.77 -78.35
CA GLY D 1271 -75.60 11.48 -77.95
C GLY D 1271 -74.35 11.04 -78.66
N THR D 1272 -74.33 9.84 -79.23
CA THR D 1272 -73.12 9.29 -79.82
C THR D 1272 -72.78 9.89 -81.18
N LEU D 1273 -73.72 10.58 -81.82
CA LEU D 1273 -73.49 11.07 -83.18
C LEU D 1273 -72.37 12.10 -83.26
N CYS D 1274 -72.03 12.76 -82.16
CA CYS D 1274 -71.01 13.81 -82.21
C CYS D 1274 -69.61 13.25 -82.36
N SER D 1275 -69.40 11.97 -82.06
CA SER D 1275 -68.07 11.38 -82.13
C SER D 1275 -67.59 11.33 -83.58
N GLN D 1276 -66.26 11.42 -83.74
CA GLN D 1276 -65.64 11.40 -85.05
C GLN D 1276 -64.67 10.25 -85.26
N SER D 1277 -64.33 9.49 -84.22
CA SER D 1277 -63.39 8.38 -84.35
C SER D 1277 -64.11 7.06 -84.58
N LEU D 1278 -64.98 6.67 -83.65
CA LEU D 1278 -65.75 5.43 -83.74
C LEU D 1278 -67.14 5.69 -83.17
N PRO D 1279 -68.05 6.24 -83.98
CA PRO D 1279 -69.37 6.61 -83.46
C PRO D 1279 -70.22 5.43 -83.02
N LEU D 1280 -70.36 4.42 -83.90
CA LEU D 1280 -71.29 3.33 -83.66
C LEU D 1280 -70.84 2.38 -82.55
N ALA D 1281 -69.61 2.53 -82.04
CA ALA D 1281 -69.08 1.58 -81.07
C ALA D 1281 -69.93 1.56 -79.81
N ALA D 1282 -70.26 2.73 -79.27
CA ALA D 1282 -71.05 2.79 -78.03
C ALA D 1282 -72.42 2.17 -78.22
N SER D 1283 -73.09 2.49 -79.33
CA SER D 1283 -74.42 1.95 -79.60
C SER D 1283 -74.38 0.43 -79.72
N LEU D 1284 -73.40 -0.10 -80.46
CA LEU D 1284 -73.30 -1.55 -80.61
C LEU D 1284 -73.00 -2.23 -79.28
N LYS D 1285 -72.08 -1.66 -78.50
CA LYS D 1285 -71.77 -2.24 -77.19
C LYS D 1285 -73.00 -2.28 -76.30
N HIS D 1286 -73.73 -1.16 -76.23
CA HIS D 1286 -74.89 -1.11 -75.36
C HIS D 1286 -75.98 -2.06 -75.82
N THR D 1287 -76.25 -2.12 -77.13
CA THR D 1287 -77.31 -3.02 -77.60
C THR D 1287 -76.93 -4.48 -77.37
N LEU D 1288 -75.65 -4.84 -77.55
CA LEU D 1288 -75.23 -6.20 -77.25
C LEU D 1288 -75.37 -6.50 -75.77
N LEU D 1289 -74.99 -5.56 -74.91
CA LEU D 1289 -75.11 -5.77 -73.47
C LEU D 1289 -76.57 -5.96 -73.06
N SER D 1290 -77.47 -5.12 -73.58
CA SER D 1290 -78.87 -5.25 -73.26
C SER D 1290 -79.44 -6.57 -73.78
N LEU D 1291 -79.01 -6.98 -74.97
CA LEU D 1291 -79.49 -8.25 -75.54
C LEU D 1291 -79.08 -9.42 -74.67
N VAL D 1292 -77.82 -9.45 -74.24
CA VAL D 1292 -77.37 -10.59 -73.44
C VAL D 1292 -78.01 -10.57 -72.05
N ARG D 1293 -78.22 -9.37 -71.48
CA ARG D 1293 -78.90 -9.30 -70.20
C ARG D 1293 -80.35 -9.77 -70.30
N LEU D 1294 -81.04 -9.40 -71.39
CA LEU D 1294 -82.39 -9.89 -71.59
C LEU D 1294 -82.40 -11.40 -71.77
N THR D 1295 -81.40 -11.94 -72.49
CA THR D 1295 -81.29 -13.38 -72.63
C THR D 1295 -81.11 -14.07 -71.28
N GLY D 1296 -80.26 -13.50 -70.43
CA GLY D 1296 -80.07 -14.07 -69.09
C GLY D 1296 -81.33 -14.02 -68.25
N ASP D 1297 -82.02 -12.89 -68.26
CA ASP D 1297 -83.27 -12.79 -67.51
C ASP D 1297 -84.30 -13.78 -68.02
N LEU D 1298 -84.42 -13.92 -69.34
CA LEU D 1298 -85.36 -14.89 -69.90
C LEU D 1298 -84.99 -16.31 -69.52
N ILE D 1299 -83.70 -16.64 -69.58
CA ILE D 1299 -83.27 -17.99 -69.20
C ILE D 1299 -83.55 -18.25 -67.74
N VAL D 1300 -83.52 -17.20 -66.92
CA VAL D 1300 -83.95 -17.33 -65.52
C VAL D 1300 -85.44 -17.63 -65.45
N TRP D 1301 -86.25 -16.87 -66.19
CA TRP D 1301 -87.71 -16.96 -66.08
C TRP D 1301 -88.32 -18.08 -66.92
N SER D 1302 -87.60 -18.65 -67.88
CA SER D 1302 -88.18 -19.63 -68.79
C SER D 1302 -88.19 -21.01 -68.17
N ASP D 1303 -89.36 -21.65 -68.18
CA ASP D 1303 -89.45 -23.03 -67.73
C ASP D 1303 -88.78 -23.98 -68.72
N GLU D 1304 -88.99 -23.75 -70.02
CA GLU D 1304 -88.34 -24.53 -71.05
C GLU D 1304 -86.94 -23.99 -71.31
N MET D 1305 -85.97 -24.88 -71.35
CA MET D 1305 -84.56 -24.49 -71.45
C MET D 1305 -83.83 -25.59 -72.21
N ASN D 1306 -83.19 -25.23 -73.32
CA ASN D 1306 -82.61 -26.23 -74.22
C ASN D 1306 -81.13 -25.91 -74.36
N PRO D 1307 -80.24 -26.76 -73.85
CA PRO D 1307 -78.83 -26.35 -73.60
C PRO D 1307 -78.04 -26.01 -74.86
N PRO D 1308 -77.94 -26.92 -75.85
CA PRO D 1308 -76.85 -26.75 -76.83
C PRO D 1308 -76.88 -25.44 -77.61
N GLN D 1309 -78.06 -24.94 -77.98
CA GLN D 1309 -78.09 -23.68 -78.72
C GLN D 1309 -77.54 -22.53 -77.88
N VAL D 1310 -78.00 -22.42 -76.63
CA VAL D 1310 -77.56 -21.30 -75.81
C VAL D 1310 -76.08 -21.44 -75.48
N ILE D 1311 -75.60 -22.67 -75.25
CA ILE D 1311 -74.18 -22.82 -74.93
C ILE D 1311 -73.31 -22.46 -76.13
N ARG D 1312 -73.68 -22.89 -77.34
CA ARG D 1312 -72.83 -22.56 -78.48
C ARG D 1312 -72.99 -21.11 -78.91
N THR D 1313 -74.12 -20.48 -78.60
CA THR D 1313 -74.28 -19.08 -78.94
C THR D 1313 -73.79 -18.14 -77.85
N LEU D 1314 -73.41 -18.66 -76.69
CA LEU D 1314 -72.85 -17.83 -75.63
C LEU D 1314 -71.38 -18.07 -75.38
N LEU D 1315 -70.85 -19.25 -75.74
CA LEU D 1315 -69.43 -19.53 -75.53
C LEU D 1315 -68.50 -18.57 -76.26
N PRO D 1316 -68.69 -18.26 -77.54
CA PRO D 1316 -67.74 -17.33 -78.21
C PRO D 1316 -67.72 -15.95 -77.60
N LEU D 1317 -68.77 -15.54 -76.88
CA LEU D 1317 -68.81 -14.20 -76.33
C LEU D 1317 -67.69 -13.98 -75.31
N LEU D 1318 -67.44 -14.97 -74.45
CA LEU D 1318 -66.36 -14.84 -73.47
C LEU D 1318 -64.99 -14.83 -74.13
N LEU D 1319 -64.82 -15.60 -75.19
CA LEU D 1319 -63.50 -15.80 -75.81
C LEU D 1319 -63.22 -14.84 -76.95
N GLU D 1320 -64.12 -13.90 -77.24
CA GLU D 1320 -63.96 -12.99 -78.36
C GLU D 1320 -63.35 -11.68 -77.89
N SER D 1321 -62.29 -11.25 -78.57
CA SER D 1321 -61.67 -9.97 -78.24
C SER D 1321 -62.60 -8.80 -78.58
N SER D 1322 -63.42 -8.95 -79.61
CA SER D 1322 -64.36 -7.90 -80.00
C SER D 1322 -65.51 -7.75 -79.03
N THR D 1323 -65.65 -8.65 -78.05
CA THR D 1323 -66.68 -8.58 -77.03
C THR D 1323 -66.04 -8.80 -75.67
N GLU D 1324 -65.56 -7.72 -75.05
CA GLU D 1324 -64.97 -7.79 -73.72
C GLU D 1324 -65.73 -7.01 -72.66
N SER D 1325 -66.50 -5.99 -73.05
CA SER D 1325 -67.36 -5.28 -72.11
C SER D 1325 -68.63 -6.04 -71.79
N VAL D 1326 -68.86 -7.18 -72.46
CA VAL D 1326 -70.07 -7.97 -72.27
C VAL D 1326 -69.79 -9.36 -71.72
N ALA D 1327 -68.58 -9.89 -71.92
CA ALA D 1327 -68.29 -11.30 -71.62
C ALA D 1327 -68.56 -11.65 -70.16
N GLU D 1328 -68.42 -10.69 -69.25
CA GLU D 1328 -68.64 -10.99 -67.84
C GLU D 1328 -70.08 -11.40 -67.56
N ILE D 1329 -71.05 -10.70 -68.16
CA ILE D 1329 -72.45 -11.06 -68.00
C ILE D 1329 -72.70 -12.44 -68.60
N SER D 1330 -72.07 -12.74 -69.73
CA SER D 1330 -72.21 -14.06 -70.33
C SER D 1330 -71.69 -15.14 -69.40
N SER D 1331 -70.53 -14.91 -68.78
CA SER D 1331 -69.98 -15.87 -67.84
C SER D 1331 -70.91 -16.05 -66.64
N ASN D 1332 -71.46 -14.95 -66.13
CA ASN D 1332 -72.37 -15.03 -64.99
C ASN D 1332 -73.60 -15.85 -65.34
N SER D 1333 -74.17 -15.63 -66.53
CA SER D 1333 -75.37 -16.36 -66.91
C SER D 1333 -75.08 -17.83 -67.18
N LEU D 1334 -73.90 -18.13 -67.75
CA LEU D 1334 -73.58 -19.51 -68.07
C LEU D 1334 -73.18 -20.31 -66.84
N GLU D 1335 -72.57 -19.67 -65.85
CA GLU D 1335 -72.08 -20.39 -64.67
C GLU D 1335 -73.23 -21.01 -63.88
N ARG D 1336 -74.33 -20.28 -63.70
CA ARG D 1336 -75.41 -20.77 -62.84
C ARG D 1336 -76.17 -21.93 -63.46
N ILE D 1337 -76.00 -22.20 -64.75
CA ILE D 1337 -76.82 -23.18 -65.43
C ILE D 1337 -75.99 -24.33 -65.98
N LEU D 1338 -74.72 -24.06 -66.30
CA LEU D 1338 -73.89 -25.06 -66.98
C LEU D 1338 -72.66 -25.49 -66.21
N GLY D 1339 -72.42 -24.96 -65.01
CA GLY D 1339 -71.29 -25.40 -64.22
C GLY D 1339 -70.69 -24.31 -63.36
N PRO D 1340 -70.12 -24.69 -62.21
CA PRO D 1340 -69.59 -23.68 -61.27
C PRO D 1340 -68.33 -22.99 -61.77
N ALA D 1341 -67.98 -23.22 -63.03
CA ALA D 1341 -66.94 -22.54 -63.80
C ALA D 1341 -65.53 -23.02 -63.45
N GLU D 1342 -65.36 -23.95 -62.51
CA GLU D 1342 -64.03 -24.47 -62.18
C GLU D 1342 -63.91 -25.96 -62.40
N SER D 1343 -64.86 -26.75 -61.91
CA SER D 1343 -64.75 -28.20 -61.93
C SER D 1343 -65.61 -28.87 -63.00
N ASP D 1344 -66.70 -28.24 -63.43
CA ASP D 1344 -67.63 -28.89 -64.34
C ASP D 1344 -67.06 -28.96 -65.75
N GLU D 1345 -67.89 -29.46 -66.67
CA GLU D 1345 -67.51 -29.63 -68.07
C GLU D 1345 -67.29 -28.31 -68.79
N PHE D 1346 -67.68 -27.18 -68.20
CA PHE D 1346 -67.50 -25.89 -68.85
C PHE D 1346 -66.02 -25.58 -69.09
N LEU D 1347 -65.16 -25.92 -68.13
CA LEU D 1347 -63.74 -25.72 -68.31
C LEU D 1347 -63.21 -26.54 -69.48
N ALA D 1348 -63.67 -27.80 -69.59
CA ALA D 1348 -63.26 -28.64 -70.70
C ALA D 1348 -63.77 -28.08 -72.03
N ARG D 1349 -64.98 -27.51 -72.04
CA ARG D 1349 -65.50 -26.89 -73.25
C ARG D 1349 -64.65 -25.69 -73.66
N VAL D 1350 -64.25 -24.87 -72.69
CA VAL D 1350 -63.38 -23.74 -72.98
C VAL D 1350 -62.05 -24.21 -73.56
N TYR D 1351 -61.47 -25.25 -72.94
CA TYR D 1351 -60.22 -25.81 -73.44
C TYR D 1351 -60.39 -26.34 -74.86
N GLU D 1352 -61.51 -27.01 -75.13
CA GLU D 1352 -61.79 -27.50 -76.48
C GLU D 1352 -61.87 -26.37 -77.49
N LYS D 1353 -62.52 -25.26 -77.11
CA LYS D 1353 -62.56 -24.10 -77.98
C LYS D 1353 -61.15 -23.57 -78.25
N LEU D 1354 -60.32 -23.53 -77.21
CA LEU D 1354 -58.94 -23.08 -77.38
C LEU D 1354 -58.18 -23.97 -78.37
N ILE D 1355 -58.31 -25.29 -78.24
CA ILE D 1355 -57.63 -26.20 -79.15
C ILE D 1355 -58.16 -26.03 -80.57
N THR D 1356 -59.47 -25.84 -80.72
CA THR D 1356 -60.04 -25.63 -82.05
C THR D 1356 -59.45 -24.40 -82.70
N GLY D 1357 -59.40 -23.30 -81.96
CA GLY D 1357 -58.81 -22.08 -82.50
C GLY D 1357 -57.35 -22.25 -82.85
N CYS D 1358 -56.60 -22.94 -81.98
CA CYS D 1358 -55.18 -23.15 -82.23
C CYS D 1358 -54.94 -23.98 -83.49
N TYR D 1359 -55.71 -25.06 -83.66
CA TYR D 1359 -55.58 -25.86 -84.87
C TYR D 1359 -55.93 -25.02 -86.09
N ASN D 1360 -57.00 -24.23 -86.00
CA ASN D 1360 -57.41 -23.41 -87.14
C ASN D 1360 -56.29 -22.46 -87.56
N ILE D 1361 -55.72 -21.74 -86.61
CA ILE D 1361 -54.71 -20.75 -86.98
C ILE D 1361 -53.44 -21.45 -87.48
N LEU D 1362 -53.05 -22.56 -86.84
CA LEU D 1362 -51.85 -23.26 -87.24
C LEU D 1362 -51.98 -23.81 -88.66
N ALA D 1363 -53.13 -24.37 -89.00
CA ALA D 1363 -53.28 -25.07 -90.28
C ALA D 1363 -53.65 -24.14 -91.43
N ASN D 1364 -54.58 -23.22 -91.22
CA ASN D 1364 -55.16 -22.49 -92.35
C ASN D 1364 -54.29 -21.31 -92.77
N HIS D 1365 -53.74 -20.57 -91.82
CA HIS D 1365 -53.09 -19.30 -92.10
C HIS D 1365 -51.59 -19.36 -91.84
N ALA D 1366 -50.96 -20.46 -92.23
CA ALA D 1366 -49.52 -20.61 -92.03
C ALA D 1366 -48.71 -19.72 -92.97
N ASP D 1367 -49.33 -19.19 -94.02
CA ASP D 1367 -48.60 -18.36 -94.97
C ASP D 1367 -48.10 -17.09 -94.29
N PRO D 1368 -46.93 -16.57 -94.66
CA PRO D 1368 -46.42 -15.36 -94.00
C PRO D 1368 -47.11 -14.09 -94.43
N ASN D 1369 -47.94 -14.12 -95.48
CA ASN D 1369 -48.64 -12.94 -95.96
C ASN D 1369 -50.01 -12.78 -95.32
N SER D 1370 -50.36 -13.63 -94.36
CA SER D 1370 -51.63 -13.54 -93.65
C SER D 1370 -51.54 -12.68 -92.40
N GLY D 1371 -50.61 -11.72 -92.36
CA GLY D 1371 -50.45 -10.88 -91.19
C GLY D 1371 -49.98 -11.60 -89.97
N LEU D 1372 -49.35 -12.76 -90.14
CA LEU D 1372 -48.96 -13.61 -89.03
C LEU D 1372 -47.45 -13.52 -88.80
N ASP D 1373 -47.05 -13.27 -87.56
CA ASP D 1373 -45.66 -13.36 -87.16
C ASP D 1373 -45.38 -14.77 -86.65
N GLU D 1374 -44.12 -15.20 -86.82
CA GLU D 1374 -43.73 -16.54 -86.37
C GLU D 1374 -43.97 -16.71 -84.87
N SER D 1375 -43.87 -15.61 -84.11
CA SER D 1375 -44.04 -15.69 -82.67
C SER D 1375 -45.43 -16.16 -82.26
N ILE D 1376 -46.45 -15.82 -83.05
CA ILE D 1376 -47.81 -16.24 -82.71
C ILE D 1376 -47.94 -17.76 -82.78
N LEU D 1377 -47.46 -18.35 -83.87
CA LEU D 1377 -47.46 -19.81 -83.99
C LEU D 1377 -46.61 -20.44 -82.90
N GLU D 1378 -45.45 -19.83 -82.62
CA GLU D 1378 -44.58 -20.35 -81.56
C GLU D 1378 -45.32 -20.39 -80.23
N GLU D 1379 -45.99 -19.29 -79.89
CA GLU D 1379 -46.67 -19.18 -78.60
C GLU D 1379 -47.84 -20.16 -78.51
N CYS D 1380 -48.65 -20.27 -79.56
CA CYS D 1380 -49.78 -21.19 -79.48
C CYS D 1380 -49.31 -22.63 -79.42
N LEU D 1381 -48.23 -22.96 -80.13
CA LEU D 1381 -47.69 -24.31 -80.05
C LEU D 1381 -47.20 -24.62 -78.64
N GLN D 1382 -46.49 -23.66 -78.04
CA GLN D 1382 -46.01 -23.84 -76.67
C GLN D 1382 -47.18 -24.04 -75.71
N TYR D 1383 -48.24 -23.24 -75.87
CA TYR D 1383 -49.41 -23.38 -75.01
C TYR D 1383 -50.04 -24.75 -75.17
N LEU D 1384 -50.19 -25.21 -76.41
CA LEU D 1384 -50.92 -26.45 -76.58
C LEU D 1384 -50.09 -27.65 -76.14
N GLU D 1385 -48.76 -27.56 -76.24
CA GLU D 1385 -47.91 -28.54 -75.55
C GLU D 1385 -48.10 -28.50 -74.05
N LYS D 1386 -48.13 -27.30 -73.47
CA LYS D 1386 -48.28 -27.19 -72.01
C LYS D 1386 -49.58 -27.82 -71.55
N GLN D 1387 -50.66 -27.59 -72.28
CA GLN D 1387 -51.94 -28.23 -71.95
C GLN D 1387 -51.94 -29.72 -72.31
N LEU D 1388 -51.15 -30.13 -73.30
CA LEU D 1388 -51.04 -31.55 -73.60
C LEU D 1388 -50.36 -32.30 -72.47
N GLU D 1389 -49.48 -31.62 -71.73
CA GLU D 1389 -48.84 -32.25 -70.57
C GLU D 1389 -49.88 -32.59 -69.51
N SER D 1390 -50.84 -31.69 -69.29
CA SER D 1390 -51.87 -31.90 -68.29
C SER D 1390 -52.88 -32.93 -68.78
N SER D 1391 -53.26 -33.86 -67.90
CA SER D 1391 -54.14 -34.96 -68.30
C SER D 1391 -55.54 -34.47 -68.67
N GLN D 1392 -56.12 -33.59 -67.85
CA GLN D 1392 -57.49 -33.16 -68.08
C GLN D 1392 -57.62 -32.41 -69.41
N ALA D 1393 -56.58 -31.64 -69.76
CA ALA D 1393 -56.60 -30.98 -71.06
C ALA D 1393 -56.23 -31.95 -72.18
N ARG D 1394 -55.37 -32.94 -71.88
CA ARG D 1394 -55.00 -33.92 -72.89
C ARG D 1394 -56.21 -34.74 -73.33
N LYS D 1395 -57.16 -34.94 -72.43
CA LYS D 1395 -58.41 -35.62 -72.80
C LYS D 1395 -59.08 -34.90 -73.96
N ALA D 1396 -59.49 -33.64 -73.74
CA ALA D 1396 -60.16 -32.88 -74.79
C ALA D 1396 -59.26 -32.72 -76.01
N MET D 1397 -57.94 -32.64 -75.79
CA MET D 1397 -56.99 -32.64 -76.89
C MET D 1397 -57.22 -33.82 -77.81
N GLU D 1398 -57.28 -35.02 -77.23
CA GLU D 1398 -57.44 -36.22 -78.05
C GLU D 1398 -58.85 -36.32 -78.63
N GLU D 1399 -59.88 -35.96 -77.86
CA GLU D 1399 -61.23 -35.97 -78.43
C GLU D 1399 -61.34 -35.05 -79.63
N PHE D 1400 -60.72 -33.86 -79.56
CA PHE D 1400 -60.85 -32.94 -80.68
C PHE D 1400 -60.03 -33.38 -81.88
N PHE D 1401 -58.80 -33.87 -81.67
CA PHE D 1401 -58.09 -34.43 -82.83
C PHE D 1401 -58.68 -35.75 -83.33
N SER D 1402 -59.58 -36.37 -82.57
CA SER D 1402 -60.29 -37.53 -83.10
C SER D 1402 -61.57 -37.16 -83.82
N ASP D 1403 -62.21 -36.06 -83.42
CA ASP D 1403 -63.46 -35.65 -84.05
C ASP D 1403 -63.22 -34.94 -85.38
N SER D 1404 -62.51 -33.80 -85.34
CA SER D 1404 -62.28 -33.01 -86.54
C SER D 1404 -60.84 -32.56 -86.73
N GLY D 1405 -60.01 -32.57 -85.69
CA GLY D 1405 -58.64 -32.13 -85.83
C GLY D 1405 -57.77 -33.15 -86.55
N GLU D 1406 -56.53 -32.74 -86.83
CA GLU D 1406 -55.58 -33.59 -87.53
C GLU D 1406 -54.17 -33.15 -87.17
N LEU D 1407 -53.44 -34.02 -86.46
CA LEU D 1407 -52.05 -33.73 -86.13
C LEU D 1407 -51.17 -33.61 -87.36
N VAL D 1408 -51.56 -34.23 -88.47
CA VAL D 1408 -50.74 -34.22 -89.68
C VAL D 1408 -50.71 -32.85 -90.33
N GLN D 1409 -51.77 -32.05 -90.17
CA GLN D 1409 -51.78 -30.73 -90.80
C GLN D 1409 -50.67 -29.84 -90.26
N ILE D 1410 -50.34 -29.98 -88.97
CA ILE D 1410 -49.28 -29.16 -88.37
C ILE D 1410 -47.96 -29.45 -89.05
N MET D 1411 -47.65 -30.73 -89.28
CA MET D 1411 -46.39 -31.08 -89.92
C MET D 1411 -46.41 -30.81 -91.41
N MET D 1412 -47.58 -30.87 -92.06
CA MET D 1412 -47.67 -30.42 -93.45
C MET D 1412 -47.40 -28.93 -93.56
N ALA D 1413 -47.78 -28.15 -92.54
CA ALA D 1413 -47.54 -26.72 -92.56
C ALA D 1413 -46.06 -26.38 -92.64
N THR D 1414 -45.18 -27.32 -92.27
CA THR D 1414 -43.74 -27.07 -92.34
C THR D 1414 -43.22 -27.05 -93.77
N ALA D 1415 -43.94 -27.69 -94.70
CA ALA D 1415 -43.47 -27.76 -96.08
C ALA D 1415 -43.45 -26.40 -96.76
N ASN D 1416 -44.08 -25.39 -96.17
CA ASN D 1416 -44.08 -24.04 -96.72
C ASN D 1416 -42.67 -23.49 -96.73
N GLU D 1417 -42.11 -23.29 -97.92
CA GLU D 1417 -40.76 -22.75 -98.06
C GLU D 1417 -40.65 -21.30 -97.63
N ASN D 1418 -41.78 -20.61 -97.42
CA ASN D 1418 -41.76 -19.20 -97.05
C ASN D 1418 -41.48 -18.97 -95.57
N LEU D 1419 -41.40 -20.03 -94.77
CA LEU D 1419 -41.20 -19.91 -93.33
C LEU D 1419 -39.84 -20.44 -92.93
N SER D 1420 -39.28 -19.86 -91.87
CA SER D 1420 -37.97 -20.24 -91.40
C SER D 1420 -37.99 -21.65 -90.79
N ALA D 1421 -36.79 -22.17 -90.52
CA ALA D 1421 -36.66 -23.51 -89.96
C ALA D 1421 -36.91 -23.57 -88.46
N LYS D 1422 -37.04 -22.42 -87.79
CA LYS D 1422 -37.33 -22.42 -86.36
C LYS D 1422 -38.74 -22.95 -86.09
N PHE D 1423 -39.71 -22.58 -86.93
CA PHE D 1423 -41.06 -23.12 -86.79
C PHE D 1423 -41.06 -24.63 -86.98
N CYS D 1424 -40.32 -25.12 -87.99
CA CYS D 1424 -40.20 -26.55 -88.20
C CYS D 1424 -39.54 -27.22 -87.00
N ASN D 1425 -38.52 -26.58 -86.43
CA ASN D 1425 -37.86 -27.12 -85.25
C ASN D 1425 -38.84 -27.25 -84.09
N ARG D 1426 -39.67 -26.22 -83.88
CA ARG D 1426 -40.60 -26.25 -82.76
C ARG D 1426 -41.64 -27.36 -82.95
N VAL D 1427 -42.19 -27.49 -84.17
CA VAL D 1427 -43.24 -28.51 -84.37
C VAL D 1427 -42.64 -29.92 -84.28
N LEU D 1428 -41.41 -30.08 -84.78
CA LEU D 1428 -40.75 -31.38 -84.65
C LEU D 1428 -40.44 -31.71 -83.20
N LYS D 1429 -40.02 -30.71 -82.41
CA LYS D 1429 -39.88 -30.89 -80.97
C LYS D 1429 -41.22 -31.21 -80.32
N PHE D 1430 -42.30 -30.66 -80.88
CA PHE D 1430 -43.65 -31.00 -80.45
C PHE D 1430 -43.91 -32.50 -80.60
N PHE D 1431 -43.60 -33.05 -81.77
CA PHE D 1431 -43.75 -34.50 -81.94
C PHE D 1431 -42.84 -35.27 -81.01
N THR D 1432 -41.59 -34.82 -80.87
CA THR D 1432 -40.67 -35.50 -79.97
C THR D 1432 -41.26 -35.58 -78.56
N LYS D 1433 -41.82 -34.47 -78.09
CA LYS D 1433 -42.33 -34.44 -76.73
C LYS D 1433 -43.64 -35.20 -76.57
N LEU D 1434 -44.53 -35.18 -77.57
CA LEU D 1434 -45.76 -35.95 -77.36
C LEU D 1434 -45.46 -37.44 -77.38
N PHE D 1435 -44.52 -37.88 -78.23
CA PHE D 1435 -44.15 -39.28 -78.19
C PHE D 1435 -43.37 -39.64 -76.92
N GLN D 1436 -42.58 -38.70 -76.39
CA GLN D 1436 -41.91 -38.95 -75.12
C GLN D 1436 -42.92 -39.12 -73.99
N LEU D 1437 -43.94 -38.24 -73.95
CA LEU D 1437 -44.98 -38.38 -72.94
C LEU D 1437 -45.81 -39.64 -73.17
N THR D 1438 -45.97 -40.06 -74.42
CA THR D 1438 -46.60 -41.34 -74.72
C THR D 1438 -45.81 -42.49 -74.11
N GLU D 1439 -44.49 -42.44 -74.26
CA GLU D 1439 -43.66 -43.55 -73.77
C GLU D 1439 -43.60 -43.58 -72.25
N LYS D 1440 -43.39 -42.42 -71.61
CA LYS D 1440 -43.21 -42.42 -70.17
C LYS D 1440 -44.51 -42.65 -69.42
N SER D 1441 -45.60 -42.03 -69.88
CA SER D 1441 -46.90 -42.10 -69.20
C SER D 1441 -47.97 -42.49 -70.22
N PRO D 1442 -48.09 -43.79 -70.51
CA PRO D 1442 -49.06 -44.23 -71.53
C PRO D 1442 -50.49 -44.16 -71.01
N ASN D 1443 -51.36 -43.54 -71.81
CA ASN D 1443 -52.78 -43.47 -71.55
C ASN D 1443 -53.52 -43.69 -72.87
N PRO D 1444 -54.79 -44.09 -72.82
CA PRO D 1444 -55.51 -44.40 -74.07
C PRO D 1444 -55.55 -43.23 -75.06
N SER D 1445 -55.60 -41.99 -74.56
CA SER D 1445 -55.56 -40.84 -75.46
C SER D 1445 -54.25 -40.79 -76.24
N LEU D 1446 -53.13 -41.02 -75.55
CA LEU D 1446 -51.83 -41.01 -76.22
C LEU D 1446 -51.70 -42.18 -77.21
N LEU D 1447 -52.23 -43.34 -76.87
CA LEU D 1447 -52.23 -44.46 -77.82
C LEU D 1447 -53.07 -44.12 -79.05
N HIS D 1448 -54.22 -43.50 -78.85
CA HIS D 1448 -55.07 -43.13 -79.98
C HIS D 1448 -54.39 -42.09 -80.86
N LEU D 1449 -53.70 -41.12 -80.27
CA LEU D 1449 -53.01 -40.15 -81.10
C LEU D 1449 -51.78 -40.76 -81.78
N CYS D 1450 -51.17 -41.77 -81.17
CA CYS D 1450 -50.12 -42.51 -81.85
C CYS D 1450 -50.67 -43.22 -83.08
N GLY D 1451 -51.87 -43.81 -82.95
CA GLY D 1451 -52.53 -44.39 -84.11
C GLY D 1451 -53.06 -43.37 -85.10
N SER D 1452 -53.21 -42.11 -84.66
CA SER D 1452 -53.78 -41.08 -85.52
C SER D 1452 -52.90 -40.80 -86.73
N LEU D 1453 -51.58 -40.76 -86.55
CA LEU D 1453 -50.69 -40.43 -87.66
C LEU D 1453 -50.65 -41.51 -88.74
N ALA D 1454 -51.44 -42.58 -88.61
CA ALA D 1454 -51.47 -43.61 -89.63
C ALA D 1454 -52.04 -43.10 -90.95
N GLN D 1455 -52.69 -41.94 -90.95
CA GLN D 1455 -53.26 -41.36 -92.16
C GLN D 1455 -52.22 -40.71 -93.06
N LEU D 1456 -50.93 -40.90 -92.76
CA LEU D 1456 -49.88 -40.41 -93.65
C LEU D 1456 -49.95 -41.07 -95.01
N ALA D 1457 -50.53 -42.28 -95.09
CA ALA D 1457 -50.71 -42.94 -96.37
C ALA D 1457 -51.72 -42.20 -97.24
N CYS D 1458 -52.76 -41.61 -96.63
CA CYS D 1458 -53.75 -40.84 -97.38
C CYS D 1458 -53.17 -39.58 -97.98
N VAL D 1459 -51.98 -39.16 -97.57
CA VAL D 1459 -51.33 -37.99 -98.12
C VAL D 1459 -50.93 -38.26 -99.57
N GLU D 1460 -51.29 -37.34 -100.47
CA GLU D 1460 -50.90 -37.49 -101.86
C GLU D 1460 -49.40 -37.27 -102.02
N PRO D 1461 -48.79 -37.91 -103.02
CA PRO D 1461 -47.31 -37.97 -103.06
C PRO D 1461 -46.62 -36.62 -103.21
N VAL D 1462 -47.25 -35.64 -103.88
CA VAL D 1462 -46.53 -34.41 -104.18
C VAL D 1462 -46.22 -33.62 -102.92
N ARG D 1463 -47.22 -33.46 -102.03
CA ARG D 1463 -46.99 -32.65 -100.83
C ARG D 1463 -46.01 -33.34 -99.88
N LEU D 1464 -46.08 -34.67 -99.77
CA LEU D 1464 -45.15 -35.36 -98.88
C LEU D 1464 -43.74 -35.36 -99.46
N GLN D 1465 -43.62 -35.44 -100.79
CA GLN D 1465 -42.30 -35.32 -101.41
C GLN D 1465 -41.71 -33.94 -101.17
N ALA D 1466 -42.51 -32.90 -101.33
CA ALA D 1466 -42.02 -31.55 -101.05
C ALA D 1466 -41.65 -31.38 -99.59
N TRP D 1467 -42.46 -31.92 -98.68
CA TRP D 1467 -42.17 -31.81 -97.26
C TRP D 1467 -40.86 -32.52 -96.92
N LEU D 1468 -40.67 -33.74 -97.41
CA LEU D 1468 -39.42 -34.45 -97.19
C LEU D 1468 -38.25 -33.71 -97.81
N THR D 1469 -38.46 -33.09 -98.97
CA THR D 1469 -37.40 -32.29 -99.59
C THR D 1469 -37.05 -31.08 -98.74
N ARG D 1470 -38.01 -30.58 -97.96
CA ARG D 1470 -37.72 -29.41 -97.11
C ARG D 1470 -36.60 -29.69 -96.13
N MET D 1471 -36.67 -30.82 -95.40
CA MET D 1471 -35.59 -31.09 -94.45
C MET D 1471 -34.42 -31.81 -95.12
N THR D 1472 -34.69 -32.78 -96.01
CA THR D 1472 -33.62 -33.60 -96.58
C THR D 1472 -32.65 -32.78 -97.42
N THR D 1473 -33.09 -31.66 -97.98
CA THR D 1473 -32.17 -30.80 -98.74
C THR D 1473 -31.15 -30.18 -97.80
N SER D 1474 -29.88 -30.26 -98.18
CA SER D 1474 -28.83 -29.67 -97.36
C SER D 1474 -28.91 -28.15 -97.42
N PRO D 1475 -29.00 -27.46 -96.29
CA PRO D 1475 -29.07 -26.00 -96.31
C PRO D 1475 -27.76 -25.39 -96.78
N PRO D 1476 -27.77 -24.15 -97.25
CA PRO D 1476 -26.51 -23.49 -97.61
C PRO D 1476 -25.60 -23.37 -96.40
N LYS D 1477 -24.30 -23.51 -96.64
CA LYS D 1477 -23.32 -23.47 -95.55
C LYS D 1477 -23.09 -22.07 -95.02
N ASP D 1478 -23.64 -21.04 -95.66
CA ASP D 1478 -23.57 -19.68 -95.16
C ASP D 1478 -24.80 -19.29 -94.35
N SER D 1479 -25.74 -20.20 -94.16
CA SER D 1479 -26.97 -19.91 -93.42
C SER D 1479 -26.77 -20.11 -91.94
N ASP D 1480 -27.53 -19.37 -91.14
CA ASP D 1480 -27.48 -19.47 -89.70
C ASP D 1480 -28.31 -20.63 -89.15
N GLN D 1481 -29.07 -21.32 -90.00
CA GLN D 1481 -29.94 -22.40 -89.59
C GLN D 1481 -29.31 -23.78 -89.81
N LEU D 1482 -28.01 -23.84 -90.07
CA LEU D 1482 -27.34 -25.12 -90.22
C LEU D 1482 -27.44 -25.96 -88.96
N ASP D 1483 -27.20 -25.36 -87.80
CA ASP D 1483 -27.35 -26.07 -86.54
C ASP D 1483 -28.80 -26.49 -86.32
N VAL D 1484 -29.74 -25.61 -86.64
CA VAL D 1484 -31.16 -25.92 -86.45
C VAL D 1484 -31.54 -27.13 -87.30
N ILE D 1485 -31.11 -27.14 -88.56
CA ILE D 1485 -31.44 -28.27 -89.43
C ILE D 1485 -30.70 -29.53 -89.01
N GLN D 1486 -29.50 -29.38 -88.44
CA GLN D 1486 -28.79 -30.56 -87.93
C GLN D 1486 -29.56 -31.20 -86.77
N GLU D 1487 -29.99 -30.39 -85.80
CA GLU D 1487 -30.82 -30.94 -84.74
C GLU D 1487 -32.14 -31.46 -85.27
N ASN D 1488 -32.68 -30.83 -86.32
CA ASN D 1488 -33.89 -31.34 -86.95
C ASN D 1488 -33.68 -32.73 -87.52
N ARG D 1489 -32.54 -32.96 -88.17
CA ARG D 1489 -32.22 -34.29 -88.66
C ARG D 1489 -32.09 -35.28 -87.51
N GLN D 1490 -31.44 -34.87 -86.43
CA GLN D 1490 -31.28 -35.76 -85.27
C GLN D 1490 -32.64 -36.18 -84.72
N LEU D 1491 -33.51 -35.21 -84.44
CA LEU D 1491 -34.82 -35.54 -83.91
C LEU D 1491 -35.73 -36.19 -84.96
N LEU D 1492 -35.44 -36.01 -86.25
CA LEU D 1492 -36.18 -36.74 -87.27
C LEU D 1492 -35.84 -38.21 -87.22
N GLN D 1493 -34.56 -38.53 -87.06
CA GLN D 1493 -34.18 -39.92 -86.83
C GLN D 1493 -34.80 -40.45 -85.54
N LEU D 1494 -34.84 -39.62 -84.49
CA LEU D 1494 -35.40 -40.05 -83.22
C LEU D 1494 -36.90 -40.36 -83.36
N LEU D 1495 -37.64 -39.48 -84.04
CA LEU D 1495 -39.07 -39.73 -84.23
C LEU D 1495 -39.30 -40.91 -85.17
N THR D 1496 -38.41 -41.12 -86.14
CA THR D 1496 -38.50 -42.31 -86.98
C THR D 1496 -38.37 -43.57 -86.14
N THR D 1497 -37.40 -43.59 -85.22
CA THR D 1497 -37.29 -44.71 -84.29
C THR D 1497 -38.56 -44.83 -83.46
N TYR D 1498 -39.17 -43.72 -83.09
CA TYR D 1498 -40.43 -43.76 -82.36
C TYR D 1498 -41.54 -44.43 -83.16
N ILE D 1499 -41.66 -44.10 -84.45
CA ILE D 1499 -42.71 -44.72 -85.28
C ILE D 1499 -42.43 -46.20 -85.48
N VAL D 1500 -41.19 -46.57 -85.80
CA VAL D 1500 -40.90 -47.92 -86.25
C VAL D 1500 -40.98 -48.92 -85.10
N ARG D 1501 -41.24 -48.44 -83.88
CA ARG D 1501 -41.36 -49.33 -82.74
C ARG D 1501 -42.58 -50.23 -82.89
N GLU D 1502 -42.45 -51.47 -82.39
CA GLU D 1502 -43.55 -52.41 -82.44
C GLU D 1502 -44.74 -51.93 -81.61
N ASN D 1503 -44.47 -51.36 -80.44
CA ASN D 1503 -45.55 -50.85 -79.58
C ASN D 1503 -46.28 -49.67 -80.20
N SER D 1504 -45.63 -48.96 -81.13
CA SER D 1504 -46.30 -47.86 -81.82
C SER D 1504 -47.42 -48.41 -82.71
N GLN D 1505 -48.52 -47.67 -82.79
CA GLN D 1505 -49.72 -48.10 -83.46
C GLN D 1505 -49.83 -47.59 -84.90
N VAL D 1506 -48.79 -46.94 -85.42
CA VAL D 1506 -48.86 -46.34 -86.74
C VAL D 1506 -49.00 -47.41 -87.82
N GLY D 1507 -48.25 -48.50 -87.70
CA GLY D 1507 -48.36 -49.61 -88.61
C GLY D 1507 -47.27 -49.59 -89.69
N GLU D 1508 -47.14 -50.75 -90.35
CA GLU D 1508 -46.09 -50.96 -91.34
C GLU D 1508 -46.40 -50.37 -92.71
N GLY D 1509 -47.66 -50.07 -93.00
CA GLY D 1509 -47.99 -49.47 -94.29
C GLY D 1509 -47.40 -48.09 -94.45
N VAL D 1510 -47.45 -47.28 -93.38
CA VAL D 1510 -46.83 -45.96 -93.41
C VAL D 1510 -45.34 -46.08 -93.63
N CYS D 1511 -44.70 -47.05 -92.97
CA CYS D 1511 -43.27 -47.26 -93.16
C CYS D 1511 -42.96 -47.67 -94.59
N ALA D 1512 -43.78 -48.55 -95.16
CA ALA D 1512 -43.55 -48.99 -96.53
C ALA D 1512 -43.67 -47.84 -97.53
N VAL D 1513 -44.72 -47.02 -97.37
CA VAL D 1513 -44.89 -45.90 -98.29
C VAL D 1513 -43.79 -44.86 -98.08
N LEU D 1514 -43.34 -44.68 -96.85
CA LEU D 1514 -42.23 -43.76 -96.60
C LEU D 1514 -40.95 -44.26 -97.28
N LEU D 1515 -40.68 -45.55 -97.22
CA LEU D 1515 -39.54 -46.11 -97.94
C LEU D 1515 -39.69 -45.89 -99.45
N GLY D 1516 -40.89 -46.13 -99.96
CA GLY D 1516 -41.13 -45.97 -101.39
C GLY D 1516 -40.96 -44.54 -101.87
N THR D 1517 -41.35 -43.57 -101.05
CA THR D 1517 -41.16 -42.16 -101.41
C THR D 1517 -39.92 -41.54 -100.76
N LEU D 1518 -39.01 -42.37 -100.24
CA LEU D 1518 -37.70 -41.88 -99.85
C LEU D 1518 -36.59 -42.43 -100.73
N THR D 1519 -36.79 -43.61 -101.33
CA THR D 1519 -35.78 -44.18 -102.20
C THR D 1519 -35.48 -43.35 -103.45
N PRO D 1520 -36.48 -42.87 -104.24
CA PRO D 1520 -36.16 -42.33 -105.57
C PRO D 1520 -35.29 -41.08 -105.56
N MET D 1521 -35.69 -40.03 -104.84
CA MET D 1521 -34.85 -38.83 -104.81
C MET D 1521 -33.57 -39.04 -104.01
N ALA D 1522 -33.51 -40.05 -103.14
CA ALA D 1522 -32.22 -40.45 -102.60
C ALA D 1522 -31.29 -40.92 -103.71
N THR D 1523 -31.79 -41.79 -104.59
CA THR D 1523 -31.00 -42.18 -105.76
C THR D 1523 -30.65 -40.97 -106.61
N GLU D 1524 -31.59 -40.03 -106.72
CA GLU D 1524 -31.39 -38.84 -107.55
C GLU D 1524 -30.23 -37.99 -107.02
N MET D 1525 -30.28 -37.63 -105.73
CA MET D 1525 -29.23 -36.76 -105.20
C MET D 1525 -27.93 -37.50 -104.96
N LEU D 1526 -27.96 -38.83 -104.91
CA LEU D 1526 -26.72 -39.58 -105.04
C LEU D 1526 -26.17 -39.51 -106.47
N ALA D 1527 -27.06 -39.40 -107.46
CA ALA D 1527 -26.63 -39.40 -108.86
C ALA D 1527 -26.17 -38.02 -109.32
N ASN D 1528 -27.09 -37.05 -109.33
CA ASN D 1528 -26.78 -35.74 -109.89
C ASN D 1528 -25.95 -34.90 -108.93
N GLY D 1529 -26.21 -35.00 -107.62
CA GLY D 1529 -25.54 -34.18 -106.64
C GLY D 1529 -24.21 -34.76 -106.20
N ASP D 1530 -23.59 -34.07 -105.25
CA ASP D 1530 -22.33 -34.50 -104.65
C ASP D 1530 -22.55 -35.40 -103.43
N GLY D 1531 -23.78 -35.82 -103.18
CA GLY D 1531 -24.06 -36.63 -102.01
C GLY D 1531 -24.11 -35.88 -100.71
N THR D 1532 -24.36 -34.57 -100.75
CA THR D 1532 -24.43 -33.79 -99.52
C THR D 1532 -25.64 -34.23 -98.69
N GLY D 1533 -25.42 -34.39 -97.39
CA GLY D 1533 -26.46 -34.86 -96.50
C GLY D 1533 -26.74 -36.34 -96.57
N PHE D 1534 -26.06 -37.07 -97.44
CA PHE D 1534 -26.26 -38.52 -97.53
C PHE D 1534 -25.84 -39.27 -96.28
N PRO D 1535 -24.66 -39.03 -95.68
CA PRO D 1535 -24.17 -39.95 -94.64
C PRO D 1535 -25.11 -40.17 -93.46
N GLU D 1536 -26.06 -39.28 -93.22
CA GLU D 1536 -27.04 -39.49 -92.16
C GLU D 1536 -28.42 -39.87 -92.70
N LEU D 1537 -28.55 -40.13 -94.00
CA LEU D 1537 -29.82 -40.59 -94.54
C LEU D 1537 -30.10 -42.04 -94.14
N MET D 1538 -29.09 -42.91 -94.21
CA MET D 1538 -29.30 -44.33 -93.94
C MET D 1538 -29.93 -44.56 -92.58
N VAL D 1539 -29.64 -43.68 -91.60
CA VAL D 1539 -30.24 -43.81 -90.28
C VAL D 1539 -31.77 -43.72 -90.37
N VAL D 1540 -32.30 -43.08 -91.41
CA VAL D 1540 -33.74 -42.89 -91.52
C VAL D 1540 -34.39 -44.11 -92.17
N MET D 1541 -34.11 -44.36 -93.45
CA MET D 1541 -34.83 -45.44 -94.11
C MET D 1541 -34.30 -46.82 -93.74
N ALA D 1542 -33.08 -46.93 -93.21
CA ALA D 1542 -32.64 -48.20 -92.64
C ALA D 1542 -33.49 -48.57 -91.44
N THR D 1543 -33.78 -47.59 -90.58
CA THR D 1543 -34.69 -47.83 -89.46
C THR D 1543 -36.12 -48.04 -89.96
N LEU D 1544 -36.49 -47.37 -91.06
CA LEU D 1544 -37.79 -47.65 -91.69
C LEU D 1544 -37.89 -49.12 -92.06
N ALA D 1545 -36.83 -49.66 -92.67
CA ALA D 1545 -36.83 -51.08 -93.05
C ALA D 1545 -36.89 -51.98 -91.82
N SER D 1546 -36.41 -51.50 -90.67
CA SER D 1546 -36.41 -52.29 -89.46
C SER D 1546 -37.80 -52.49 -88.88
N ALA D 1547 -38.81 -51.78 -89.39
CA ALA D 1547 -40.16 -51.91 -88.86
C ALA D 1547 -40.72 -53.30 -89.12
N GLY D 1548 -41.39 -53.86 -88.10
CA GLY D 1548 -42.00 -55.16 -88.26
C GLY D 1548 -40.98 -56.26 -88.44
N GLN D 1549 -41.26 -57.17 -89.36
CA GLN D 1549 -40.41 -58.33 -89.63
C GLN D 1549 -39.19 -57.99 -90.48
N GLY D 1550 -39.09 -56.76 -90.99
CA GLY D 1550 -37.99 -56.39 -91.84
C GLY D 1550 -38.27 -56.51 -93.32
N ALA D 1551 -39.49 -56.18 -93.76
CA ALA D 1551 -39.80 -56.25 -95.18
C ALA D 1551 -39.08 -55.16 -95.97
N GLY D 1552 -38.80 -54.02 -95.34
CA GLY D 1552 -38.15 -52.93 -96.05
C GLY D 1552 -36.78 -53.30 -96.59
N HIS D 1553 -36.07 -54.21 -95.90
CA HIS D 1553 -34.78 -54.66 -96.38
C HIS D 1553 -34.87 -55.31 -97.75
N LEU D 1554 -36.04 -55.86 -98.10
CA LEU D 1554 -36.22 -56.43 -99.43
C LEU D 1554 -36.12 -55.38 -100.52
N GLN D 1555 -36.38 -54.11 -100.20
CA GLN D 1555 -36.31 -53.05 -101.19
C GLN D 1555 -35.04 -52.22 -101.07
N LEU D 1556 -34.76 -51.72 -99.86
CA LEU D 1556 -33.64 -50.80 -99.69
C LEU D 1556 -32.31 -51.43 -100.10
N HIS D 1557 -32.09 -52.69 -99.71
CA HIS D 1557 -30.89 -53.39 -100.14
C HIS D 1557 -30.75 -53.37 -101.65
N ASN D 1558 -31.86 -53.60 -102.36
CA ASN D 1558 -31.83 -53.51 -103.82
C ASN D 1558 -31.28 -52.17 -104.28
N ALA D 1559 -31.78 -51.08 -103.69
CA ALA D 1559 -31.22 -49.77 -103.99
C ALA D 1559 -29.73 -49.73 -103.70
N ALA D 1560 -29.33 -50.23 -102.53
CA ALA D 1560 -27.91 -50.30 -102.20
C ALA D 1560 -27.16 -51.06 -103.29
N VAL D 1561 -27.80 -52.09 -103.85
CA VAL D 1561 -27.14 -52.89 -104.88
C VAL D 1561 -26.65 -52.01 -106.03
N ASP D 1562 -27.50 -51.09 -106.49
CA ASP D 1562 -27.02 -50.19 -107.52
C ASP D 1562 -26.22 -49.04 -106.91
N TRP D 1563 -26.62 -48.60 -105.71
CA TRP D 1563 -26.12 -47.34 -105.16
C TRP D 1563 -24.59 -47.37 -105.04
N LEU D 1564 -24.05 -48.38 -104.37
CA LEU D 1564 -22.60 -48.47 -104.25
C LEU D 1564 -21.96 -48.66 -105.62
N SER D 1565 -22.60 -49.44 -106.49
CA SER D 1565 -22.15 -49.52 -107.88
C SER D 1565 -22.13 -48.13 -108.50
N ARG D 1566 -23.22 -47.38 -108.31
CA ARG D 1566 -23.22 -45.97 -108.70
C ARG D 1566 -22.05 -45.24 -108.07
N CYS D 1567 -21.87 -45.41 -106.76
CA CYS D 1567 -20.73 -44.80 -106.09
C CYS D 1567 -19.42 -45.32 -106.67
N LYS D 1568 -19.38 -46.60 -107.05
CA LYS D 1568 -18.20 -47.13 -107.72
C LYS D 1568 -17.92 -46.34 -108.99
N LYS D 1569 -18.96 -46.03 -109.75
CA LYS D 1569 -18.80 -45.31 -111.02
C LYS D 1569 -18.27 -43.91 -110.78
N TYR D 1570 -18.08 -43.53 -109.51
CA TYR D 1570 -17.41 -42.27 -109.21
C TYR D 1570 -15.99 -42.45 -108.69
N LEU D 1571 -15.68 -43.55 -108.00
CA LEU D 1571 -14.36 -43.70 -107.42
C LEU D 1571 -13.38 -44.40 -108.36
N SER D 1572 -13.84 -44.84 -109.53
CA SER D 1572 -12.97 -45.54 -110.47
C SER D 1572 -12.28 -44.60 -111.46
N GLN D 1573 -12.70 -43.34 -111.52
CA GLN D 1573 -12.11 -42.40 -112.47
C GLN D 1573 -10.67 -42.07 -112.08
N LYS D 1574 -9.85 -41.78 -113.10
CA LYS D 1574 -8.45 -41.48 -112.87
C LYS D 1574 -8.29 -40.18 -112.08
N ASN D 1575 -9.11 -39.18 -112.36
CA ASN D 1575 -9.04 -37.93 -111.60
C ASN D 1575 -9.37 -38.18 -110.13
N VAL D 1576 -10.39 -38.99 -109.86
CA VAL D 1576 -10.80 -39.23 -108.48
C VAL D 1576 -9.74 -40.00 -107.71
N VAL D 1577 -9.17 -41.04 -108.33
CA VAL D 1577 -8.14 -41.80 -107.64
C VAL D 1577 -6.87 -40.95 -107.46
N GLU D 1578 -6.57 -40.07 -108.42
CA GLU D 1578 -5.44 -39.17 -108.27
C GLU D 1578 -5.68 -38.23 -107.09
N LYS D 1579 -6.90 -37.69 -106.98
CA LYS D 1579 -7.23 -36.82 -105.86
C LYS D 1579 -7.13 -37.57 -104.54
N LEU D 1580 -7.54 -38.84 -104.52
CA LEU D 1580 -7.36 -39.67 -103.33
C LEU D 1580 -5.88 -39.84 -103.00
N ASN D 1581 -5.05 -40.07 -104.02
CA ASN D 1581 -3.62 -40.24 -103.79
C ASN D 1581 -2.98 -38.97 -103.23
N ALA D 1582 -3.52 -37.80 -103.60
CA ALA D 1582 -3.05 -36.55 -103.04
C ALA D 1582 -3.38 -36.40 -101.56
N ASN D 1583 -4.27 -37.25 -101.03
CA ASN D 1583 -4.66 -37.24 -99.62
C ASN D 1583 -5.23 -35.88 -99.21
N VAL D 1584 -6.35 -35.53 -99.85
CA VAL D 1584 -7.04 -34.27 -99.60
C VAL D 1584 -8.39 -34.58 -98.97
N MET D 1585 -8.70 -33.91 -97.87
CA MET D 1585 -9.98 -34.12 -97.19
C MET D 1585 -11.13 -33.50 -97.99
N HIS D 1586 -10.96 -32.28 -98.47
CA HIS D 1586 -12.03 -31.58 -99.16
C HIS D 1586 -12.21 -32.12 -100.58
N GLY D 1587 -13.45 -32.30 -100.97
CA GLY D 1587 -13.78 -32.85 -102.28
C GLY D 1587 -14.92 -33.85 -102.16
N LYS D 1588 -15.50 -34.18 -103.31
CA LYS D 1588 -16.62 -35.13 -103.34
C LYS D 1588 -16.15 -36.56 -103.18
N HIS D 1589 -14.88 -36.85 -103.47
CA HIS D 1589 -14.38 -38.23 -103.41
C HIS D 1589 -14.43 -38.79 -101.98
N VAL D 1590 -13.99 -38.00 -101.00
CA VAL D 1590 -13.99 -38.49 -99.62
C VAL D 1590 -15.41 -38.65 -99.12
N MET D 1591 -16.29 -37.69 -99.43
CA MET D 1591 -17.68 -37.80 -99.04
C MET D 1591 -18.32 -39.05 -99.64
N ILE D 1592 -18.02 -39.33 -100.91
CA ILE D 1592 -18.62 -40.49 -101.55
C ILE D 1592 -18.04 -41.78 -100.98
N LEU D 1593 -16.78 -41.80 -100.55
CA LEU D 1593 -16.27 -43.03 -99.96
C LEU D 1593 -16.90 -43.28 -98.59
N GLU D 1594 -17.17 -42.21 -97.82
CA GLU D 1594 -17.95 -42.40 -96.61
C GLU D 1594 -19.36 -42.86 -96.92
N CYS D 1595 -19.94 -42.36 -98.00
CA CYS D 1595 -21.28 -42.80 -98.41
C CYS D 1595 -21.29 -44.30 -98.71
N THR D 1596 -20.27 -44.78 -99.42
CA THR D 1596 -20.09 -46.22 -99.58
C THR D 1596 -20.02 -46.90 -98.23
N CYS D 1597 -18.99 -46.59 -97.44
CA CYS D 1597 -18.83 -47.14 -96.10
C CYS D 1597 -20.18 -47.30 -95.41
N HIS D 1598 -21.03 -46.27 -95.52
CA HIS D 1598 -22.34 -46.32 -94.88
C HIS D 1598 -23.31 -47.28 -95.56
N ILE D 1599 -23.37 -47.30 -96.90
CA ILE D 1599 -24.40 -48.10 -97.55
C ILE D 1599 -24.11 -49.59 -97.40
N MET D 1600 -22.87 -50.02 -97.63
CA MET D 1600 -22.70 -51.41 -97.21
C MET D 1600 -22.38 -51.60 -95.73
N SER D 1601 -22.32 -50.54 -94.92
CA SER D 1601 -22.54 -50.73 -93.48
C SER D 1601 -23.96 -51.19 -93.21
N TYR D 1602 -24.94 -50.59 -93.91
CA TYR D 1602 -26.31 -51.09 -93.85
C TYR D 1602 -26.41 -52.51 -94.38
N LEU D 1603 -25.66 -52.80 -95.45
CA LEU D 1603 -25.57 -54.18 -95.92
C LEU D 1603 -25.09 -55.11 -94.81
N ALA D 1604 -24.09 -54.66 -94.04
CA ALA D 1604 -23.67 -55.43 -92.87
C ALA D 1604 -24.81 -55.59 -91.88
N ASP D 1605 -25.55 -54.50 -91.64
CA ASP D 1605 -26.63 -54.53 -90.65
C ASP D 1605 -27.69 -55.56 -91.01
N VAL D 1606 -27.94 -55.75 -92.30
CA VAL D 1606 -28.94 -56.74 -92.68
C VAL D 1606 -28.33 -58.15 -92.73
N THR D 1607 -27.08 -58.28 -93.21
CA THR D 1607 -26.54 -59.62 -93.41
C THR D 1607 -26.20 -60.28 -92.07
N ASN D 1608 -25.82 -59.49 -91.06
CA ASN D 1608 -25.56 -60.10 -89.76
C ASN D 1608 -26.82 -60.69 -89.16
N ALA D 1609 -27.94 -59.97 -89.26
CA ALA D 1609 -29.21 -60.50 -88.80
C ALA D 1609 -29.61 -61.74 -89.59
N LEU D 1610 -29.41 -61.70 -90.91
CA LEU D 1610 -29.84 -62.84 -91.73
C LEU D 1610 -28.95 -64.06 -91.48
N SER D 1611 -27.68 -63.83 -91.17
CA SER D 1611 -26.74 -64.90 -90.82
C SER D 1611 -27.01 -65.45 -89.43
N GLN D 1612 -27.48 -64.62 -88.50
CA GLN D 1612 -27.88 -65.10 -87.18
C GLN D 1612 -29.31 -65.61 -87.16
N SER D 1613 -30.01 -65.53 -88.28
CA SER D 1613 -31.37 -66.06 -88.41
C SER D 1613 -31.41 -67.59 -88.47
N ASN D 1614 -30.24 -68.24 -88.55
CA ASN D 1614 -30.19 -69.70 -88.58
C ASN D 1614 -30.79 -70.31 -87.32
N ASP D 1655 16.22 -74.04 -31.85
CA ASP D 1655 17.63 -74.07 -31.45
C ASP D 1655 18.04 -72.73 -30.83
N SER D 1656 17.78 -71.64 -31.56
CA SER D 1656 18.13 -70.31 -31.05
C SER D 1656 17.31 -69.97 -29.81
N LEU D 1657 16.03 -70.32 -29.81
CA LEU D 1657 15.18 -70.02 -28.65
C LEU D 1657 15.61 -70.83 -27.43
N CYS D 1658 16.20 -72.00 -27.64
CA CYS D 1658 16.65 -72.82 -26.51
C CYS D 1658 17.75 -72.12 -25.72
N ASN D 1659 18.69 -71.48 -26.43
CA ASN D 1659 19.79 -70.79 -25.76
C ASN D 1659 19.36 -69.50 -25.08
N LYS D 1660 18.17 -68.99 -25.38
CA LYS D 1660 17.70 -67.75 -24.77
C LYS D 1660 17.16 -68.03 -23.38
N LEU D 1661 17.58 -67.20 -22.42
CA LEU D 1661 17.15 -67.33 -21.03
C LEU D 1661 16.09 -66.30 -20.71
N CYS D 1662 15.33 -66.57 -19.64
CA CYS D 1662 14.32 -65.63 -19.19
C CYS D 1662 14.97 -64.35 -18.69
N THR D 1663 14.24 -63.23 -18.81
CA THR D 1663 14.79 -61.95 -18.41
C THR D 1663 14.92 -61.84 -16.89
N PHE D 1664 14.14 -62.62 -16.14
CA PHE D 1664 14.14 -62.47 -14.68
C PHE D 1664 15.54 -62.66 -14.10
N THR D 1665 16.31 -63.62 -14.64
CA THR D 1665 17.65 -63.88 -14.13
C THR D 1665 18.50 -62.62 -14.13
N ILE D 1666 18.23 -61.70 -15.06
CA ILE D 1666 18.87 -60.39 -15.04
C ILE D 1666 18.04 -59.37 -14.25
N THR D 1667 16.71 -59.39 -14.42
CA THR D 1667 15.89 -58.35 -13.78
C THR D 1667 15.72 -58.61 -12.28
N GLN D 1668 15.53 -59.87 -11.89
CA GLN D 1668 15.14 -60.21 -10.52
C GLN D 1668 13.89 -59.44 -10.13
N LYS D 1669 13.83 -58.96 -8.89
CA LYS D 1669 12.67 -58.20 -8.42
C LYS D 1669 12.77 -56.71 -8.76
N GLU D 1670 13.59 -56.36 -9.74
CA GLU D 1670 13.71 -54.99 -10.23
C GLU D 1670 13.15 -54.89 -11.64
N PHE D 1671 12.77 -53.67 -12.02
CA PHE D 1671 12.05 -53.43 -13.27
C PHE D 1671 12.99 -52.87 -14.33
N MET D 1672 13.25 -53.64 -15.39
CA MET D 1672 13.86 -53.10 -16.59
C MET D 1672 12.80 -52.71 -17.61
N ASN D 1673 13.25 -51.98 -18.63
CA ASN D 1673 12.39 -51.62 -19.75
C ASN D 1673 12.44 -52.76 -20.77
N GLN D 1674 11.30 -53.43 -20.95
CA GLN D 1674 11.24 -54.60 -21.81
C GLN D 1674 9.82 -54.78 -22.33
N HIS D 1675 9.69 -55.62 -23.36
CA HIS D 1675 8.39 -56.04 -23.85
C HIS D 1675 7.82 -57.09 -22.92
N TRP D 1676 6.54 -56.96 -22.59
CA TRP D 1676 5.86 -57.95 -21.76
C TRP D 1676 4.41 -58.08 -22.21
N TYR D 1677 3.84 -59.24 -21.91
CA TYR D 1677 2.56 -59.67 -22.44
C TYR D 1677 1.60 -59.97 -21.29
N HIS D 1678 0.42 -60.47 -21.64
CA HIS D 1678 -0.56 -60.97 -20.69
C HIS D 1678 -0.92 -62.40 -21.07
N CYS D 1679 -0.68 -63.34 -20.17
CA CYS D 1679 -1.02 -64.74 -20.38
C CYS D 1679 -2.33 -65.01 -19.65
N HIS D 1680 -3.43 -64.95 -20.40
CA HIS D 1680 -4.76 -65.07 -19.79
C HIS D 1680 -5.09 -66.50 -19.40
N THR D 1681 -4.36 -67.49 -19.92
CA THR D 1681 -4.58 -68.87 -19.50
C THR D 1681 -4.17 -69.07 -18.05
N CYS D 1682 -3.14 -68.34 -17.60
CA CYS D 1682 -2.64 -68.45 -16.23
C CYS D 1682 -3.30 -67.45 -15.28
N LYS D 1683 -4.32 -66.72 -15.75
CA LYS D 1683 -5.05 -65.75 -14.93
C LYS D 1683 -4.10 -64.71 -14.32
N MET D 1684 -3.20 -64.18 -15.14
CA MET D 1684 -2.20 -63.20 -14.71
C MET D 1684 -2.18 -62.06 -15.74
N VAL D 1685 -2.78 -60.94 -15.35
CA VAL D 1685 -2.98 -59.79 -16.23
C VAL D 1685 -2.66 -58.51 -15.47
N ASP D 1686 -2.92 -57.36 -16.10
CA ASP D 1686 -2.70 -56.05 -15.49
C ASP D 1686 -1.24 -55.87 -15.14
N GLY D 1687 -0.91 -55.97 -13.85
CA GLY D 1687 0.46 -55.83 -13.40
C GLY D 1687 1.29 -57.10 -13.42
N VAL D 1688 0.73 -58.21 -13.90
CA VAL D 1688 1.42 -59.50 -13.92
C VAL D 1688 1.53 -59.97 -15.37
N GLY D 1689 2.74 -60.37 -15.76
CA GLY D 1689 2.98 -60.84 -17.10
C GLY D 1689 4.26 -61.64 -17.17
N VAL D 1690 4.72 -61.85 -18.42
CA VAL D 1690 5.95 -62.60 -18.69
C VAL D 1690 6.79 -61.83 -19.70
N CYS D 1691 8.03 -62.28 -19.84
CA CYS D 1691 8.93 -61.78 -20.88
C CYS D 1691 8.66 -62.53 -22.18
N THR D 1692 9.49 -62.24 -23.19
CA THR D 1692 9.34 -62.91 -24.48
C THR D 1692 9.61 -64.40 -24.38
N VAL D 1693 10.69 -64.78 -23.67
CA VAL D 1693 11.09 -66.17 -23.61
C VAL D 1693 10.04 -67.00 -22.89
N CYS D 1694 9.52 -66.50 -21.76
CA CYS D 1694 8.53 -67.25 -21.00
C CYS D 1694 7.22 -67.36 -21.78
N ALA D 1695 6.84 -66.32 -22.50
CA ALA D 1695 5.66 -66.41 -23.36
C ALA D 1695 5.86 -67.45 -24.45
N LYS D 1696 7.06 -67.49 -25.03
CA LYS D 1696 7.33 -68.44 -26.11
C LYS D 1696 7.48 -69.86 -25.60
N VAL D 1697 8.10 -70.03 -24.43
CA VAL D 1697 8.46 -71.35 -23.91
C VAL D 1697 7.59 -71.74 -22.71
N CYS D 1698 7.63 -70.97 -21.63
CA CYS D 1698 6.92 -71.34 -20.42
C CYS D 1698 5.41 -71.29 -20.58
N HIS D 1699 4.91 -70.62 -21.61
CA HIS D 1699 3.47 -70.51 -21.85
C HIS D 1699 3.15 -70.75 -23.32
N LYS D 1700 3.74 -71.78 -23.91
CA LYS D 1700 3.47 -72.12 -25.29
C LYS D 1700 2.02 -72.54 -25.47
N ASP D 1701 1.43 -72.13 -26.59
CA ASP D 1701 0.04 -72.43 -26.97
C ASP D 1701 -0.97 -71.83 -26.00
N HIS D 1702 -0.54 -70.92 -25.11
CA HIS D 1702 -1.45 -70.25 -24.21
C HIS D 1702 -2.04 -69.01 -24.86
N GLU D 1703 -3.15 -68.53 -24.30
CA GLU D 1703 -3.79 -67.30 -24.76
C GLU D 1703 -2.95 -66.13 -24.25
N ILE D 1704 -2.07 -65.63 -25.10
CA ILE D 1704 -1.10 -64.59 -24.72
C ILE D 1704 -1.40 -63.33 -25.52
N SER D 1705 -1.58 -62.22 -24.81
CA SER D 1705 -1.78 -60.91 -25.42
C SER D 1705 -0.68 -59.97 -24.98
N TYR D 1706 -0.08 -59.28 -25.95
CA TYR D 1706 1.04 -58.39 -25.67
C TYR D 1706 0.57 -57.20 -24.84
N ALA D 1707 1.14 -57.04 -23.65
CA ALA D 1707 0.74 -55.97 -22.76
C ALA D 1707 1.30 -54.63 -23.22
N LYS D 1708 2.62 -54.47 -23.21
CA LYS D 1708 3.27 -53.25 -23.66
C LYS D 1708 4.77 -53.40 -23.54
N TYR D 1709 5.48 -52.39 -24.05
CA TYR D 1709 6.92 -52.24 -23.84
C TYR D 1709 7.13 -51.16 -22.79
N GLY D 1710 7.57 -51.57 -21.61
CA GLY D 1710 7.74 -50.60 -20.53
C GLY D 1710 8.47 -51.19 -19.35
N SER D 1711 8.35 -50.50 -18.22
CA SER D 1711 8.97 -50.94 -16.98
C SER D 1711 8.27 -52.19 -16.46
N PHE D 1712 9.05 -53.25 -16.20
CA PHE D 1712 8.47 -54.54 -15.87
C PHE D 1712 9.58 -55.47 -15.40
N PHE D 1713 9.18 -56.52 -14.69
CA PHE D 1713 10.03 -57.65 -14.36
C PHE D 1713 9.22 -58.93 -14.55
N CYS D 1714 9.85 -59.96 -15.09
CA CYS D 1714 9.13 -61.17 -15.47
C CYS D 1714 8.61 -61.89 -14.24
N ASP D 1715 7.29 -62.08 -14.17
CA ASP D 1715 6.67 -62.75 -13.04
C ASP D 1715 6.83 -64.27 -13.10
N CYS D 1716 6.89 -64.84 -14.30
CA CYS D 1716 7.08 -66.29 -14.41
C CYS D 1716 8.41 -66.71 -13.80
N GLY D 1717 9.48 -65.96 -14.07
CA GLY D 1717 10.74 -66.19 -13.39
C GLY D 1717 10.72 -65.79 -11.94
N ALA D 1718 9.82 -64.90 -11.55
CA ALA D 1718 9.66 -64.51 -10.16
C ALA D 1718 8.93 -65.56 -9.32
N LYS D 1719 8.36 -66.57 -9.96
CA LYS D 1719 7.69 -67.63 -9.22
C LYS D 1719 8.68 -68.39 -8.35
N GLU D 1720 8.32 -68.59 -7.09
CA GLU D 1720 9.20 -69.23 -6.12
C GLU D 1720 9.15 -70.75 -6.19
N ASP D 1721 8.19 -71.33 -6.92
CA ASP D 1721 8.08 -72.78 -7.02
C ASP D 1721 9.04 -73.39 -8.03
N GLY D 1722 9.73 -72.57 -8.81
CA GLY D 1722 10.64 -73.08 -9.83
C GLY D 1722 9.98 -73.61 -11.07
N SER D 1723 8.70 -73.30 -11.30
CA SER D 1723 8.01 -73.79 -12.49
C SER D 1723 8.47 -73.11 -13.77
N CYS D 1724 9.26 -72.04 -13.67
CA CYS D 1724 9.74 -71.35 -14.86
C CYS D 1724 10.79 -72.20 -15.57
N LEU D 1725 10.47 -72.62 -16.80
CA LEU D 1725 11.39 -73.45 -17.57
C LEU D 1725 12.45 -72.65 -18.30
N ALA D 1726 12.34 -71.33 -18.34
CA ALA D 1726 13.28 -70.49 -19.05
C ALA D 1726 14.40 -69.95 -18.17
N LEU D 1727 14.46 -70.34 -16.89
CA LEU D 1727 15.51 -69.86 -16.01
C LEU D 1727 16.87 -70.47 -16.33
N VAL D 1728 16.89 -71.63 -17.00
CA VAL D 1728 18.13 -72.31 -17.33
C VAL D 1728 18.12 -72.68 -18.81
N LYS D 1729 19.30 -72.95 -19.34
CA LYS D 1729 19.44 -73.32 -20.74
C LYS D 1729 18.75 -74.66 -21.00
N ARG D 1730 18.10 -74.77 -22.15
CA ARG D 1730 17.34 -75.95 -22.52
C ARG D 1730 18.00 -76.65 -23.70
N THR D 1731 18.13 -77.98 -23.60
CA THR D 1731 18.67 -78.76 -24.69
C THR D 1731 17.57 -79.05 -25.72
N PRO D 1732 17.78 -78.74 -27.00
CA PRO D 1732 16.75 -79.00 -28.00
C PRO D 1732 16.44 -80.49 -28.10
N SER D 1733 15.17 -80.79 -28.32
CA SER D 1733 14.71 -82.18 -28.41
C SER D 1733 14.90 -82.72 -29.83
N GLY D 1794 -38.74 -62.30 -92.73
CA GLY D 1794 -39.76 -63.24 -93.16
C GLY D 1794 -39.72 -63.53 -94.65
N CYS D 1795 -38.62 -63.12 -95.30
CA CYS D 1795 -38.43 -63.33 -96.73
C CYS D 1795 -37.02 -63.83 -97.00
N ARG D 1796 -36.57 -64.83 -96.23
CA ARG D 1796 -35.21 -65.32 -96.35
C ARG D 1796 -34.94 -65.91 -97.73
N GLU D 1797 -35.87 -66.72 -98.24
CA GLU D 1797 -35.69 -67.30 -99.57
C GLU D 1797 -35.66 -66.23 -100.66
N GLU D 1798 -36.56 -65.25 -100.56
CA GLU D 1798 -36.56 -64.17 -101.54
C GLU D 1798 -35.29 -63.33 -101.43
N LEU D 1799 -34.80 -63.11 -100.20
CA LEU D 1799 -33.56 -62.38 -100.02
C LEU D 1799 -32.39 -63.13 -100.66
N GLN D 1800 -32.34 -64.45 -100.48
CA GLN D 1800 -31.28 -65.23 -101.09
C GLN D 1800 -31.38 -65.20 -102.61
N ASN D 1801 -32.59 -65.28 -103.14
CA ASN D 1801 -32.77 -65.21 -104.59
C ASN D 1801 -32.32 -63.86 -105.14
N GLN D 1802 -32.65 -62.78 -104.43
CA GLN D 1802 -32.20 -61.45 -104.85
C GLN D 1802 -30.69 -61.33 -104.78
N ALA D 1803 -30.08 -61.88 -103.72
CA ALA D 1803 -28.64 -61.82 -103.54
C ALA D 1803 -27.89 -62.85 -104.36
N ASN D 1804 -28.61 -63.67 -105.14
CA ASN D 1804 -27.94 -64.64 -106.02
C ASN D 1804 -26.92 -63.95 -106.92
N PHE D 1805 -27.20 -62.73 -107.35
CA PHE D 1805 -26.20 -61.92 -108.05
C PHE D 1805 -25.12 -61.53 -107.05
N SER D 1806 -24.01 -62.27 -107.07
CA SER D 1806 -22.98 -62.08 -106.07
C SER D 1806 -22.31 -60.72 -106.20
N PHE D 1807 -22.13 -60.06 -105.06
CA PHE D 1807 -21.35 -58.83 -105.03
C PHE D 1807 -19.87 -59.07 -104.77
N ALA D 1808 -19.49 -60.30 -104.41
CA ALA D 1808 -18.08 -60.63 -104.23
C ALA D 1808 -17.23 -60.30 -105.45
N PRO D 1809 -17.64 -60.60 -106.69
CA PRO D 1809 -16.88 -60.07 -107.84
C PRO D 1809 -16.77 -58.56 -107.83
N LEU D 1810 -17.87 -57.86 -107.54
CA LEU D 1810 -17.80 -56.41 -107.43
C LEU D 1810 -16.92 -55.98 -106.26
N VAL D 1811 -17.03 -56.68 -105.13
CA VAL D 1811 -16.19 -56.34 -103.97
C VAL D 1811 -14.72 -56.41 -104.35
N LEU D 1812 -14.31 -57.52 -104.96
CA LEU D 1812 -12.91 -57.65 -105.34
C LEU D 1812 -12.53 -56.67 -106.44
N ASP D 1813 -13.46 -56.29 -107.31
CA ASP D 1813 -13.09 -55.39 -108.39
C ASP D 1813 -13.14 -53.92 -107.99
N MET D 1814 -13.61 -53.56 -106.79
CA MET D 1814 -13.05 -52.28 -106.35
C MET D 1814 -11.78 -52.51 -105.54
N LEU D 1815 -11.77 -53.51 -104.65
CA LEU D 1815 -10.65 -53.69 -103.73
C LEU D 1815 -9.32 -53.76 -104.46
N ASN D 1816 -9.29 -54.39 -105.63
CA ASN D 1816 -8.04 -54.56 -106.36
C ASN D 1816 -7.40 -53.22 -106.70
N PHE D 1817 -8.19 -52.26 -107.20
CA PHE D 1817 -7.62 -51.00 -107.63
C PHE D 1817 -7.70 -49.88 -106.59
N LEU D 1818 -8.39 -50.10 -105.47
CA LEU D 1818 -8.17 -49.26 -104.30
C LEU D 1818 -7.04 -49.75 -103.41
N MET D 1819 -6.53 -50.96 -103.65
CA MET D 1819 -5.38 -51.45 -102.91
C MET D 1819 -4.18 -50.53 -103.07
N ASP D 1820 -4.07 -49.85 -104.22
CA ASP D 1820 -2.90 -49.00 -104.48
C ASP D 1820 -2.69 -47.97 -103.37
N ALA D 1821 -3.78 -47.45 -102.80
CA ALA D 1821 -3.67 -46.52 -101.69
C ALA D 1821 -4.01 -47.16 -100.35
N ILE D 1822 -4.77 -48.26 -100.35
CA ILE D 1822 -5.05 -48.97 -99.11
C ILE D 1822 -3.74 -49.48 -98.51
N GLN D 1823 -2.87 -50.06 -99.34
CA GLN D 1823 -1.56 -50.51 -98.89
C GLN D 1823 -0.75 -49.36 -98.31
N THR D 1824 -0.73 -48.22 -98.99
CA THR D 1824 0.06 -47.07 -98.54
C THR D 1824 -0.42 -46.59 -97.18
N ASN D 1825 -1.74 -46.38 -97.04
CA ASN D 1825 -2.26 -45.89 -95.77
C ASN D 1825 -2.06 -46.92 -94.65
N PHE D 1826 -2.25 -48.20 -94.96
CA PHE D 1826 -2.09 -49.23 -93.94
C PHE D 1826 -0.64 -49.34 -93.47
N GLN D 1827 0.31 -49.22 -94.39
CA GLN D 1827 1.72 -49.22 -93.99
C GLN D 1827 2.04 -47.94 -93.21
N GLN D 1828 1.43 -46.82 -93.58
CA GLN D 1828 1.61 -45.59 -92.81
C GLN D 1828 0.97 -45.69 -91.44
N ALA D 1829 -0.07 -46.51 -91.31
CA ALA D 1829 -0.77 -46.64 -90.03
C ALA D 1829 0.16 -47.23 -88.97
N SER D 1830 -0.11 -46.86 -87.72
CA SER D 1830 0.68 -47.29 -86.56
C SER D 1830 2.10 -46.76 -86.65
N ALA D 1831 3.01 -47.30 -85.84
CA ALA D 1831 4.40 -46.86 -85.80
C ALA D 1831 5.25 -47.57 -86.85
N VAL D 1832 4.64 -48.14 -87.88
CA VAL D 1832 5.41 -48.83 -88.91
C VAL D 1832 6.17 -47.80 -89.73
N GLY D 1833 7.47 -48.03 -89.90
CA GLY D 1833 8.33 -47.14 -90.64
C GLY D 1833 8.86 -45.96 -89.83
N SER D 1834 8.51 -45.88 -88.54
CA SER D 1834 8.99 -44.77 -87.73
C SER D 1834 10.51 -44.79 -87.59
N SER D 1835 11.08 -45.98 -87.40
CA SER D 1835 12.54 -46.09 -87.30
C SER D 1835 13.21 -45.64 -88.59
N SER D 1836 12.70 -46.11 -89.74
CA SER D 1836 13.27 -45.72 -91.02
C SER D 1836 13.09 -44.23 -91.27
N ARG D 1837 11.93 -43.68 -90.90
CA ARG D 1837 11.71 -42.25 -91.06
C ARG D 1837 12.68 -41.44 -90.21
N ALA D 1838 12.91 -41.86 -88.96
CA ALA D 1838 13.86 -41.16 -88.11
C ALA D 1838 15.28 -41.26 -88.68
N GLN D 1839 15.65 -42.45 -89.19
CA GLN D 1839 16.99 -42.61 -89.76
C GLN D 1839 17.18 -41.72 -90.98
N GLN D 1840 16.17 -41.65 -91.86
CA GLN D 1840 16.30 -40.79 -93.03
C GLN D 1840 16.31 -39.31 -92.63
N ALA D 1841 15.54 -38.95 -91.59
CA ALA D 1841 15.57 -37.58 -91.09
C ALA D 1841 16.95 -37.21 -90.56
N LEU D 1842 17.58 -38.11 -89.80
CA LEU D 1842 18.91 -37.80 -89.29
C LEU D 1842 19.95 -37.77 -90.41
N SER D 1843 19.81 -38.64 -91.41
CA SER D 1843 20.75 -38.60 -92.53
C SER D 1843 20.63 -37.29 -93.31
N GLU D 1844 19.40 -36.85 -93.59
CA GLU D 1844 19.23 -35.58 -94.29
C GLU D 1844 19.63 -34.40 -93.42
N LEU D 1845 19.51 -34.53 -92.10
CA LEU D 1845 20.08 -33.54 -91.19
C LEU D 1845 21.59 -33.49 -91.34
N HIS D 1846 22.23 -34.66 -91.45
CA HIS D 1846 23.68 -34.72 -91.65
C HIS D 1846 24.08 -34.08 -92.98
N THR D 1847 23.32 -34.33 -94.04
CA THR D 1847 23.73 -33.96 -95.39
C THR D 1847 23.18 -32.62 -95.86
N VAL D 1848 21.86 -32.40 -95.76
CA VAL D 1848 21.24 -31.26 -96.40
C VAL D 1848 21.70 -29.96 -95.77
N GLU D 1849 22.12 -29.01 -96.60
CA GLU D 1849 22.54 -27.70 -96.13
C GLU D 1849 21.33 -26.94 -95.54
N LYS D 1850 21.62 -26.09 -94.56
CA LYS D 1850 20.59 -25.40 -93.82
C LYS D 1850 20.88 -23.90 -93.77
N ALA D 1851 19.81 -23.11 -93.74
CA ALA D 1851 19.87 -21.66 -93.63
C ALA D 1851 19.17 -21.22 -92.35
N VAL D 1852 19.60 -20.09 -91.81
CA VAL D 1852 19.14 -19.61 -90.51
C VAL D 1852 18.00 -18.63 -90.69
N GLU D 1853 16.90 -18.84 -89.95
CA GLU D 1853 15.80 -17.88 -89.93
C GLU D 1853 15.45 -17.54 -88.49
N MET D 1854 15.05 -16.30 -88.27
CA MET D 1854 14.58 -15.84 -86.98
C MET D 1854 13.08 -16.10 -86.84
N THR D 1855 12.63 -16.26 -85.60
CA THR D 1855 11.23 -16.49 -85.32
C THR D 1855 10.99 -16.26 -83.83
N ASP D 1856 9.71 -16.27 -83.45
CA ASP D 1856 9.32 -16.19 -82.06
C ASP D 1856 8.24 -17.19 -81.67
N GLN D 1857 7.53 -17.79 -82.63
CA GLN D 1857 6.46 -18.72 -82.32
C GLN D 1857 6.94 -20.04 -81.74
N LEU D 1858 8.25 -20.33 -81.83
CA LEU D 1858 8.76 -21.56 -81.23
C LEU D 1858 8.55 -21.59 -79.73
N MET D 1859 8.70 -20.45 -79.07
CA MET D 1859 8.70 -20.37 -77.61
C MET D 1859 7.56 -19.44 -77.20
N VAL D 1860 6.76 -19.84 -76.21
CA VAL D 1860 5.61 -19.05 -75.79
C VAL D 1860 5.67 -18.84 -74.28
N PRO D 1861 5.81 -17.61 -73.79
CA PRO D 1861 5.75 -17.39 -72.33
C PRO D 1861 4.37 -17.70 -71.79
N THR D 1862 4.33 -18.25 -70.58
CA THR D 1862 3.07 -18.57 -69.90
C THR D 1862 2.93 -17.87 -68.56
N LEU D 1863 3.94 -17.92 -67.71
CA LEU D 1863 3.85 -17.38 -66.36
C LEU D 1863 5.07 -16.51 -66.06
N GLY D 1864 4.85 -15.49 -65.24
CA GLY D 1864 5.94 -14.62 -64.80
C GLY D 1864 5.89 -14.33 -63.32
N SER D 1865 6.94 -14.70 -62.60
CA SER D 1865 6.99 -14.46 -61.17
C SER D 1865 7.27 -12.99 -60.87
N GLN D 1866 7.00 -12.60 -59.62
CA GLN D 1866 7.20 -11.22 -59.22
C GLN D 1866 8.66 -10.95 -58.87
N GLU D 1867 8.99 -9.67 -58.75
CA GLU D 1867 10.33 -9.27 -58.33
C GLU D 1867 10.57 -9.64 -56.87
N GLY D 1868 11.82 -9.99 -56.57
CA GLY D 1868 12.19 -10.34 -55.22
C GLY D 1868 11.76 -11.72 -54.77
N ALA D 1869 11.23 -12.56 -55.69
CA ALA D 1869 10.87 -13.92 -55.32
C ALA D 1869 12.08 -14.71 -54.86
N PHE D 1870 13.26 -14.40 -55.39
CA PHE D 1870 14.51 -14.98 -54.93
C PHE D 1870 15.39 -13.87 -54.36
N GLU D 1871 16.20 -14.23 -53.37
CA GLU D 1871 16.95 -13.27 -52.57
C GLU D 1871 18.42 -13.30 -52.95
N ASN D 1872 18.99 -12.12 -53.18
CA ASN D 1872 20.42 -11.96 -53.48
C ASN D 1872 20.84 -12.80 -54.69
N VAL D 1873 20.02 -12.75 -55.74
CA VAL D 1873 20.37 -13.45 -56.98
C VAL D 1873 21.62 -12.83 -57.59
N ARG D 1874 21.68 -11.50 -57.66
CA ARG D 1874 22.85 -10.83 -58.19
C ARG D 1874 24.04 -11.03 -57.26
N MET D 1875 25.17 -11.44 -57.84
CA MET D 1875 26.39 -11.64 -57.07
C MET D 1875 27.17 -10.33 -57.01
N ASN D 1876 27.39 -9.84 -55.79
CA ASN D 1876 28.18 -8.62 -55.62
C ASN D 1876 29.68 -8.88 -55.59
N TYR D 1877 30.09 -10.15 -55.66
CA TYR D 1877 31.50 -10.54 -55.71
C TYR D 1877 32.27 -9.95 -54.52
N SER D 1878 31.74 -10.15 -53.32
CA SER D 1878 32.38 -9.68 -52.09
C SER D 1878 33.39 -10.73 -51.63
N GLY D 1879 34.66 -10.35 -51.63
CA GLY D 1879 35.72 -11.25 -51.23
C GLY D 1879 37.03 -11.00 -51.96
N ASP D 1880 38.09 -11.70 -51.54
CA ASP D 1880 39.38 -11.55 -52.20
C ASP D 1880 39.32 -12.01 -53.65
N GLN D 1881 38.63 -13.12 -53.90
CA GLN D 1881 38.45 -13.60 -55.27
C GLN D 1881 37.35 -12.87 -56.01
N GLY D 1882 36.59 -12.02 -55.33
CA GLY D 1882 35.50 -11.31 -56.00
C GLY D 1882 35.98 -10.38 -57.08
N GLN D 1883 37.07 -9.65 -56.82
CA GLN D 1883 37.62 -8.75 -57.84
C GLN D 1883 38.15 -9.53 -59.03
N THR D 1884 38.79 -10.67 -58.78
CA THR D 1884 39.26 -11.52 -59.88
C THR D 1884 38.09 -12.03 -60.71
N ILE D 1885 37.01 -12.45 -60.05
CA ILE D 1885 35.84 -12.92 -60.78
C ILE D 1885 35.22 -11.78 -61.58
N ARG D 1886 35.23 -10.56 -61.02
CA ARG D 1886 34.74 -9.40 -61.75
C ARG D 1886 35.56 -9.16 -63.00
N GLN D 1887 36.88 -9.22 -62.88
CA GLN D 1887 37.74 -9.03 -64.05
C GLN D 1887 37.50 -10.11 -65.09
N LEU D 1888 37.34 -11.36 -64.66
CA LEU D 1888 37.13 -12.46 -65.60
C LEU D 1888 35.79 -12.32 -66.31
N ILE D 1889 34.72 -11.97 -65.58
CA ILE D 1889 33.41 -11.82 -66.21
C ILE D 1889 33.40 -10.61 -67.13
N SER D 1890 34.13 -9.55 -66.79
CA SER D 1890 34.27 -8.43 -67.71
C SER D 1890 34.99 -8.87 -68.98
N ALA D 1891 36.05 -9.68 -68.84
CA ALA D 1891 36.71 -10.27 -69.99
C ALA D 1891 35.88 -11.36 -70.64
N HIS D 1892 34.79 -11.78 -70.01
CA HIS D 1892 33.87 -12.80 -70.53
C HIS D 1892 34.54 -14.15 -70.72
N VAL D 1893 35.68 -14.38 -70.07
CA VAL D 1893 36.33 -15.68 -70.12
C VAL D 1893 35.51 -16.71 -69.36
N LEU D 1894 34.95 -16.32 -68.22
CA LEU D 1894 34.10 -17.18 -67.41
C LEU D 1894 32.67 -16.67 -67.44
N ARG D 1895 31.73 -17.61 -67.45
CA ARG D 1895 30.31 -17.31 -67.37
C ARG D 1895 29.72 -17.99 -66.15
N ARG D 1896 29.03 -17.21 -65.32
CA ARG D 1896 28.50 -17.72 -64.06
C ARG D 1896 27.16 -18.38 -64.26
N VAL D 1897 27.04 -19.62 -63.80
CA VAL D 1897 25.80 -20.39 -63.84
C VAL D 1897 25.34 -20.55 -62.39
N ALA D 1898 24.30 -19.82 -62.01
CA ALA D 1898 23.91 -19.73 -60.61
C ALA D 1898 22.92 -20.81 -60.19
N MET D 1899 22.41 -21.62 -61.11
CA MET D 1899 21.42 -22.63 -60.77
C MET D 1899 21.69 -23.92 -61.54
N CYS D 1900 20.90 -24.94 -61.22
CA CYS D 1900 20.94 -26.21 -61.92
C CYS D 1900 19.65 -26.97 -61.60
N VAL D 1901 19.47 -28.10 -62.29
CA VAL D 1901 18.30 -28.95 -62.10
C VAL D 1901 18.76 -30.39 -61.91
N LEU D 1902 18.27 -31.02 -60.85
CA LEU D 1902 18.48 -32.44 -60.60
C LEU D 1902 17.25 -33.18 -61.13
N SER D 1903 17.43 -33.85 -62.27
CA SER D 1903 16.38 -34.62 -62.93
C SER D 1903 17.03 -35.46 -64.01
N SER D 1904 16.58 -36.70 -64.15
CA SER D 1904 17.12 -37.63 -65.12
C SER D 1904 15.98 -38.23 -65.94
N PRO D 1905 16.26 -38.68 -67.17
CA PRO D 1905 15.19 -39.25 -67.99
C PRO D 1905 14.49 -40.44 -67.37
N HIS D 1906 15.22 -41.28 -66.64
CA HIS D 1906 14.63 -42.44 -65.98
C HIS D 1906 14.20 -42.16 -64.55
N GLY D 1907 14.72 -41.10 -63.93
CA GLY D 1907 14.38 -40.78 -62.56
C GLY D 1907 13.10 -39.98 -62.44
N ARG D 1908 12.69 -39.77 -61.19
CA ARG D 1908 11.47 -39.04 -60.88
C ARG D 1908 11.75 -37.61 -60.40
N ARG D 1909 12.98 -37.32 -60.00
CA ARG D 1909 13.30 -36.03 -59.41
C ARG D 1909 13.02 -34.89 -60.38
N GLN D 1910 12.65 -33.73 -59.82
CA GLN D 1910 12.48 -32.50 -60.59
C GLN D 1910 13.09 -31.32 -59.85
N HIS D 1911 14.15 -31.55 -59.09
CA HIS D 1911 14.65 -30.54 -58.16
C HIS D 1911 15.34 -29.40 -58.89
N LEU D 1912 15.22 -28.20 -58.33
CA LEU D 1912 15.88 -27.00 -58.81
C LEU D 1912 16.79 -26.47 -57.71
N ALA D 1913 18.08 -26.36 -58.00
CA ALA D 1913 19.05 -25.85 -57.05
C ALA D 1913 19.46 -24.44 -57.46
N VAL D 1914 19.36 -23.50 -56.52
CA VAL D 1914 19.66 -22.10 -56.76
C VAL D 1914 20.74 -21.65 -55.76
N SER D 1915 21.76 -20.98 -56.26
CA SER D 1915 22.89 -20.56 -55.44
C SER D 1915 22.73 -19.12 -54.99
N HIS D 1916 23.22 -18.84 -53.79
CA HIS D 1916 23.21 -17.51 -53.20
C HIS D 1916 24.62 -16.97 -53.09
N GLU D 1917 24.72 -15.67 -52.79
CA GLU D 1917 26.02 -15.04 -52.60
C GLU D 1917 26.63 -15.43 -51.25
N LYS D 1918 25.79 -15.76 -50.27
CA LYS D 1918 26.26 -16.08 -48.93
C LYS D 1918 26.82 -17.49 -48.79
N GLY D 1919 27.16 -18.12 -49.91
CA GLY D 1919 27.66 -19.49 -49.86
C GLY D 1919 26.64 -20.51 -49.43
N LYS D 1920 25.41 -20.41 -49.93
CA LYS D 1920 24.36 -21.38 -49.65
C LYS D 1920 23.63 -21.71 -50.93
N ILE D 1921 23.31 -22.99 -51.14
CA ILE D 1921 22.56 -23.47 -52.28
C ILE D 1921 21.27 -24.09 -51.77
N THR D 1922 20.14 -23.64 -52.31
CA THR D 1922 18.82 -24.10 -51.89
C THR D 1922 18.23 -25.02 -52.94
N VAL D 1923 17.78 -26.20 -52.51
CA VAL D 1923 17.15 -27.19 -53.37
C VAL D 1923 15.64 -27.08 -53.17
N LEU D 1924 14.91 -27.05 -54.28
CA LEU D 1924 13.49 -26.69 -54.34
C LEU D 1924 12.77 -27.69 -55.22
N GLN D 1925 11.49 -27.91 -54.93
CA GLN D 1925 10.64 -28.79 -55.73
C GLN D 1925 9.87 -27.99 -56.76
N LEU D 1926 9.91 -28.43 -58.01
CA LEU D 1926 9.25 -27.74 -59.11
C LEU D 1926 7.95 -28.40 -59.54
N SER D 1927 7.43 -29.33 -58.73
CA SER D 1927 6.22 -30.05 -59.13
C SER D 1927 5.04 -29.09 -59.29
N ALA D 1928 4.85 -28.19 -58.33
CA ALA D 1928 3.77 -27.22 -58.42
C ALA D 1928 3.98 -26.27 -59.60
N LEU D 1929 5.23 -25.82 -59.79
CA LEU D 1929 5.51 -24.93 -60.91
C LEU D 1929 5.29 -25.61 -62.25
N LEU D 1930 5.72 -26.87 -62.38
CA LEU D 1930 5.58 -27.58 -63.65
C LEU D 1930 4.12 -27.94 -63.92
N LYS D 1931 3.35 -28.26 -62.88
CA LYS D 1931 1.95 -28.63 -63.06
C LYS D 1931 1.03 -27.45 -63.34
N GLN D 1932 1.49 -26.22 -63.08
CA GLN D 1932 0.69 -25.03 -63.32
C GLN D 1932 0.92 -24.58 -64.77
N ALA D 1933 -0.07 -24.82 -65.62
CA ALA D 1933 0.00 -24.43 -67.02
C ALA D 1933 -0.83 -23.19 -67.35
N ASP D 1934 -1.63 -22.71 -66.42
CA ASP D 1934 -2.46 -21.53 -66.68
C ASP D 1934 -1.58 -20.29 -66.84
N SER D 1935 -1.97 -19.42 -67.77
CA SER D 1935 -1.23 -18.21 -68.07
C SER D 1935 -1.75 -17.00 -67.31
N SER D 1936 -2.33 -17.20 -66.14
CA SER D 1936 -2.85 -16.09 -65.34
C SER D 1936 -1.71 -15.47 -64.53
N LYS D 1937 -2.06 -14.59 -63.59
CA LYS D 1937 -1.10 -13.94 -62.71
C LYS D 1937 -1.12 -14.52 -61.31
N ARG D 1938 -1.32 -15.84 -61.20
CA ARG D 1938 -1.35 -16.48 -59.89
C ARG D 1938 0.01 -16.42 -59.22
N LYS D 1939 -0.01 -16.31 -57.89
CA LYS D 1939 1.23 -16.23 -57.12
C LYS D 1939 1.90 -17.60 -57.08
N LEU D 1940 3.17 -17.65 -57.49
CA LEU D 1940 3.89 -18.91 -57.50
C LEU D 1940 4.14 -19.41 -56.08
N THR D 1941 4.01 -20.72 -55.89
CA THR D 1941 4.21 -21.36 -54.60
C THR D 1941 5.35 -22.37 -54.75
N LEU D 1942 6.48 -22.06 -54.12
CA LEU D 1942 7.69 -22.88 -54.22
C LEU D 1942 7.98 -23.51 -52.87
N THR D 1943 8.04 -24.85 -52.85
CA THR D 1943 8.25 -25.59 -51.60
C THR D 1943 9.74 -25.85 -51.42
N ARG D 1944 10.35 -25.15 -50.45
CA ARG D 1944 11.78 -25.25 -50.18
C ARG D 1944 12.08 -26.66 -49.68
N LEU D 1945 12.69 -27.48 -50.55
CA LEU D 1945 13.02 -28.85 -50.16
C LEU D 1945 14.09 -28.86 -49.08
N ALA D 1946 15.20 -28.14 -49.29
CA ALA D 1946 16.30 -28.10 -48.33
C ALA D 1946 17.25 -26.99 -48.74
N SER D 1947 18.33 -26.84 -47.95
CA SER D 1947 19.38 -25.90 -48.27
C SER D 1947 20.68 -26.38 -47.65
N ALA D 1948 21.80 -25.94 -48.21
CA ALA D 1948 23.11 -26.35 -47.72
C ALA D 1948 24.13 -25.22 -47.89
N PRO D 1949 24.84 -24.86 -46.82
CA PRO D 1949 25.86 -23.81 -46.93
C PRO D 1949 27.16 -24.36 -47.51
N VAL D 1950 27.63 -23.76 -48.59
CA VAL D 1950 28.88 -24.15 -49.24
C VAL D 1950 29.96 -23.16 -48.81
N PRO D 1951 31.14 -23.63 -48.39
CA PRO D 1951 32.15 -22.72 -47.83
C PRO D 1951 32.98 -21.97 -48.85
N PHE D 1952 32.59 -21.92 -50.12
CA PHE D 1952 33.29 -21.10 -51.09
C PHE D 1952 32.32 -20.61 -52.14
N THR D 1953 32.71 -19.53 -52.83
CA THR D 1953 31.82 -18.87 -53.77
C THR D 1953 31.47 -19.79 -54.92
N VAL D 1954 30.21 -19.72 -55.35
CA VAL D 1954 29.67 -20.58 -56.40
C VAL D 1954 29.70 -19.82 -57.72
N LEU D 1955 30.40 -20.37 -58.70
CA LEU D 1955 30.39 -19.84 -60.06
C LEU D 1955 29.58 -20.68 -61.03
N SER D 1956 29.47 -21.98 -60.80
CA SER D 1956 28.67 -22.84 -61.66
C SER D 1956 28.11 -23.99 -60.85
N LEU D 1957 26.89 -24.39 -61.19
CA LEU D 1957 26.24 -25.57 -60.63
C LEU D 1957 25.86 -26.49 -61.78
N THR D 1958 26.34 -27.73 -61.73
CA THR D 1958 26.05 -28.70 -62.78
C THR D 1958 25.54 -29.99 -62.16
N GLY D 1959 24.30 -30.36 -62.47
CA GLY D 1959 23.78 -31.64 -62.03
C GLY D 1959 24.24 -32.74 -62.99
N ASN D 1960 24.54 -33.89 -62.42
CA ASN D 1960 24.97 -35.01 -63.24
C ASN D 1960 23.84 -35.40 -64.20
N PRO D 1961 24.08 -35.41 -65.51
CA PRO D 1961 23.00 -35.77 -66.43
C PRO D 1961 22.66 -37.25 -66.42
N CYS D 1962 23.66 -38.11 -66.16
CA CYS D 1962 23.40 -39.54 -66.10
C CYS D 1962 22.52 -39.89 -64.91
N LYS D 1963 22.71 -39.24 -63.77
CA LYS D 1963 21.92 -39.50 -62.58
C LYS D 1963 21.67 -38.20 -61.85
N GLU D 1964 20.41 -37.97 -61.47
CA GLU D 1964 20.04 -36.76 -60.75
C GLU D 1964 20.67 -36.66 -59.37
N ASP D 1965 21.25 -37.75 -58.86
CA ASP D 1965 21.70 -37.79 -57.48
C ASP D 1965 22.84 -36.81 -57.21
N TYR D 1966 23.80 -36.73 -58.13
CA TYR D 1966 25.03 -35.97 -57.90
C TYR D 1966 24.90 -34.55 -58.44
N LEU D 1967 25.42 -33.59 -57.68
CA LEU D 1967 25.50 -32.20 -58.12
C LEU D 1967 26.89 -31.66 -57.84
N ALA D 1968 27.52 -31.05 -58.85
CA ALA D 1968 28.85 -30.49 -58.71
C ALA D 1968 28.77 -28.98 -58.63
N VAL D 1969 29.49 -28.41 -57.65
CA VAL D 1969 29.56 -26.99 -57.42
C VAL D 1969 30.98 -26.54 -57.73
N CYS D 1970 31.11 -25.54 -58.59
CA CYS D 1970 32.41 -25.03 -59.02
C CYS D 1970 32.51 -23.54 -58.73
N GLY D 1971 33.68 -23.13 -58.24
CA GLY D 1971 33.96 -21.73 -58.02
C GLY D 1971 35.22 -21.30 -58.75
N LEU D 1972 35.97 -20.36 -58.18
CA LEU D 1972 37.21 -19.93 -58.80
C LEU D 1972 38.35 -20.93 -58.54
N LYS D 1973 38.37 -21.57 -57.37
CA LYS D 1973 39.50 -22.40 -56.99
C LYS D 1973 39.14 -23.72 -56.34
N ASP D 1974 37.85 -24.04 -56.19
CA ASP D 1974 37.45 -25.24 -55.46
C ASP D 1974 36.30 -25.93 -56.16
N CYS D 1975 36.13 -27.21 -55.86
CA CYS D 1975 35.06 -28.03 -56.42
C CYS D 1975 34.45 -28.89 -55.31
N HIS D 1976 33.13 -28.97 -55.30
CA HIS D 1976 32.40 -29.78 -54.33
C HIS D 1976 31.44 -30.71 -55.06
N VAL D 1977 31.17 -31.87 -54.46
CA VAL D 1977 30.21 -32.83 -54.98
C VAL D 1977 29.23 -33.16 -53.86
N LEU D 1978 27.94 -33.00 -54.15
CA LEU D 1978 26.87 -33.24 -53.19
C LEU D 1978 25.96 -34.35 -53.70
N THR D 1979 25.72 -35.34 -52.87
CA THR D 1979 24.76 -36.41 -53.13
C THR D 1979 23.52 -36.11 -52.29
N PHE D 1980 22.39 -35.88 -52.96
CA PHE D 1980 21.17 -35.42 -52.30
C PHE D 1980 20.22 -36.59 -52.07
N SER D 1981 19.46 -36.51 -50.98
CA SER D 1981 18.47 -37.53 -50.68
C SER D 1981 17.25 -37.35 -51.59
N SER D 1982 16.29 -38.26 -51.44
CA SER D 1982 15.07 -38.18 -52.24
C SER D 1982 14.22 -36.97 -51.88
N SER D 1983 14.42 -36.39 -50.70
CA SER D 1983 13.68 -35.21 -50.25
C SER D 1983 14.44 -33.91 -50.51
N GLY D 1984 15.60 -33.98 -51.18
CA GLY D 1984 16.39 -32.81 -51.46
C GLY D 1984 17.43 -32.48 -50.42
N SER D 1985 17.44 -33.17 -49.28
CA SER D 1985 18.44 -32.92 -48.26
C SER D 1985 19.78 -33.51 -48.68
N VAL D 1986 20.85 -32.96 -48.09
CA VAL D 1986 22.21 -33.40 -48.40
C VAL D 1986 22.47 -34.72 -47.69
N SER D 1987 22.67 -35.78 -48.46
CA SER D 1987 23.01 -37.08 -47.90
C SER D 1987 24.51 -37.32 -47.84
N ASP D 1988 25.27 -36.75 -48.76
CA ASP D 1988 26.72 -36.90 -48.78
C ASP D 1988 27.35 -35.63 -49.34
N HIS D 1989 28.55 -35.31 -48.84
CA HIS D 1989 29.28 -34.11 -49.24
C HIS D 1989 30.75 -34.45 -49.32
N LEU D 1990 31.36 -34.20 -50.48
CA LEU D 1990 32.80 -34.42 -50.66
C LEU D 1990 33.40 -33.22 -51.38
N VAL D 1991 34.70 -33.03 -51.17
CA VAL D 1991 35.43 -31.90 -51.72
C VAL D 1991 36.53 -32.43 -52.63
N LEU D 1992 36.56 -31.93 -53.86
CA LEU D 1992 37.63 -32.27 -54.79
C LEU D 1992 38.78 -31.28 -54.63
N HIS D 1993 40.00 -31.78 -54.81
CA HIS D 1993 41.21 -30.97 -54.65
C HIS D 1993 41.94 -30.89 -55.98
N PRO D 1994 41.76 -29.82 -56.74
CA PRO D 1994 42.39 -29.73 -58.07
C PRO D 1994 43.89 -29.45 -58.02
N GLN D 1995 44.42 -29.02 -56.89
CA GLN D 1995 45.84 -28.66 -56.76
C GLN D 1995 46.23 -27.62 -57.81
N LEU D 1996 45.43 -26.56 -57.89
CA LEU D 1996 45.63 -25.54 -58.92
C LEU D 1996 46.93 -24.79 -58.70
N ALA D 1997 47.65 -24.55 -59.79
CA ALA D 1997 48.83 -23.71 -59.76
C ALA D 1997 48.43 -22.23 -59.67
N THR D 1998 49.40 -21.40 -59.33
CA THR D 1998 49.13 -19.98 -59.18
C THR D 1998 48.80 -19.36 -60.54
N GLY D 1999 47.81 -18.47 -60.54
CA GLY D 1999 47.42 -17.76 -61.74
C GLY D 1999 46.36 -18.42 -62.59
N ASN D 2000 45.89 -19.62 -62.21
CA ASN D 2000 44.90 -20.34 -62.97
C ASN D 2000 43.60 -20.43 -62.18
N PHE D 2001 42.47 -20.48 -62.92
CA PHE D 2001 41.15 -20.54 -62.33
C PHE D 2001 40.38 -21.70 -62.96
N ILE D 2002 39.48 -22.29 -62.17
CA ILE D 2002 38.66 -23.38 -62.66
C ILE D 2002 37.61 -22.82 -63.60
N ILE D 2003 37.57 -23.34 -64.83
CA ILE D 2003 36.56 -22.91 -65.79
C ILE D 2003 35.24 -23.61 -65.51
N LYS D 2004 35.22 -24.94 -65.57
CA LYS D 2004 33.98 -25.67 -65.31
C LYS D 2004 34.28 -27.15 -65.14
N ALA D 2005 33.36 -27.86 -64.48
CA ALA D 2005 33.43 -29.30 -64.35
C ALA D 2005 32.33 -29.93 -65.19
N VAL D 2006 32.71 -30.90 -66.03
CA VAL D 2006 31.79 -31.56 -66.94
C VAL D 2006 31.81 -33.06 -66.64
N TRP D 2007 30.63 -33.64 -66.46
CA TRP D 2007 30.52 -35.09 -66.34
C TRP D 2007 30.70 -35.73 -67.71
N LEU D 2008 31.43 -36.83 -67.75
CA LEU D 2008 31.60 -37.55 -69.00
C LEU D 2008 30.24 -38.12 -69.44
N PRO D 2009 29.81 -37.88 -70.67
CA PRO D 2009 28.46 -38.32 -71.09
C PRO D 2009 28.32 -39.82 -70.97
N GLY D 2010 27.15 -40.25 -70.49
CA GLY D 2010 26.89 -41.65 -70.25
C GLY D 2010 27.78 -42.29 -69.20
N SER D 2011 28.45 -41.49 -68.38
CA SER D 2011 29.37 -42.00 -67.37
C SER D 2011 29.08 -41.29 -66.05
N GLN D 2012 28.93 -42.09 -64.99
CA GLN D 2012 28.41 -41.56 -63.72
C GLN D 2012 29.49 -40.88 -62.87
N THR D 2013 30.48 -41.65 -62.44
CA THR D 2013 31.41 -41.18 -61.42
C THR D 2013 32.63 -40.46 -62.00
N GLU D 2014 32.62 -40.14 -63.28
CA GLU D 2014 33.76 -39.55 -63.96
C GLU D 2014 33.47 -38.07 -64.21
N LEU D 2015 34.35 -37.21 -63.71
CA LEU D 2015 34.20 -35.76 -63.82
C LEU D 2015 35.50 -35.15 -64.29
N ALA D 2016 35.42 -34.27 -65.28
CA ALA D 2016 36.57 -33.57 -65.82
C ALA D 2016 36.49 -32.11 -65.42
N ILE D 2017 37.44 -31.66 -64.61
CA ILE D 2017 37.56 -30.25 -64.26
C ILE D 2017 38.49 -29.58 -65.26
N VAL D 2018 37.96 -28.62 -66.00
CA VAL D 2018 38.70 -27.87 -67.00
C VAL D 2018 38.95 -26.47 -66.44
N THR D 2019 40.21 -26.03 -66.51
CA THR D 2019 40.63 -24.72 -66.07
C THR D 2019 41.17 -23.95 -67.28
N ALA D 2020 41.75 -22.78 -67.02
CA ALA D 2020 42.30 -21.97 -68.09
C ALA D 2020 43.58 -22.54 -68.69
N ASP D 2021 44.17 -23.57 -68.07
CA ASP D 2021 45.45 -24.08 -68.54
C ASP D 2021 45.44 -25.60 -68.73
N PHE D 2022 44.64 -26.32 -67.96
CA PHE D 2022 44.71 -27.78 -68.00
C PHE D 2022 43.38 -28.40 -67.62
N VAL D 2023 43.25 -29.69 -67.97
CA VAL D 2023 42.07 -30.48 -67.69
C VAL D 2023 42.49 -31.68 -66.86
N LYS D 2024 41.75 -31.95 -65.78
CA LYS D 2024 42.00 -33.10 -64.92
C LYS D 2024 40.75 -33.94 -64.80
N ILE D 2025 40.85 -35.21 -65.17
CA ILE D 2025 39.72 -36.13 -65.24
C ILE D 2025 39.86 -37.13 -64.11
N TYR D 2026 38.90 -37.11 -63.18
CA TYR D 2026 38.85 -37.98 -62.02
C TYR D 2026 37.68 -38.95 -62.15
N ASP D 2027 37.75 -40.07 -61.45
CA ASP D 2027 36.62 -41.00 -61.33
C ASP D 2027 36.28 -41.13 -59.85
N LEU D 2028 35.12 -40.62 -59.46
CA LEU D 2028 34.73 -40.59 -58.05
C LEU D 2028 34.59 -42.00 -57.47
N CYS D 2029 34.37 -43.01 -58.33
CA CYS D 2029 34.12 -44.36 -57.83
C CYS D 2029 35.32 -44.96 -57.12
N VAL D 2030 36.54 -44.50 -57.42
CA VAL D 2030 37.76 -45.04 -56.83
C VAL D 2030 38.59 -43.96 -56.16
N ASP D 2031 38.90 -42.88 -56.89
CA ASP D 2031 39.85 -41.89 -56.40
C ASP D 2031 39.33 -40.49 -56.65
N ALA D 2032 39.45 -39.64 -55.63
CA ALA D 2032 39.10 -38.23 -55.74
C ALA D 2032 40.31 -37.31 -55.60
N LEU D 2033 41.51 -37.87 -55.45
CA LEU D 2033 42.74 -37.10 -55.30
C LEU D 2033 43.60 -37.10 -56.56
N SER D 2034 43.93 -38.29 -57.07
CA SER D 2034 44.74 -38.38 -58.28
C SER D 2034 43.85 -38.58 -59.49
N PRO D 2035 43.80 -37.65 -60.44
CA PRO D 2035 42.94 -37.82 -61.61
C PRO D 2035 43.43 -38.95 -62.50
N THR D 2036 42.48 -39.59 -63.18
CA THR D 2036 42.84 -40.61 -64.15
C THR D 2036 43.48 -40.02 -65.39
N PHE D 2037 43.10 -38.79 -65.76
CA PHE D 2037 43.67 -38.17 -66.95
C PHE D 2037 44.12 -36.76 -66.63
N TYR D 2038 45.22 -36.34 -67.27
CA TYR D 2038 45.74 -34.99 -67.12
C TYR D 2038 46.14 -34.49 -68.50
N PHE D 2039 45.41 -33.49 -69.01
CA PHE D 2039 45.61 -32.97 -70.35
C PHE D 2039 46.06 -31.52 -70.27
N LEU D 2040 47.08 -31.18 -71.05
CA LEU D 2040 47.66 -29.85 -71.09
C LEU D 2040 47.73 -29.36 -72.53
N LEU D 2041 47.96 -28.05 -72.65
CA LEU D 2041 47.98 -27.39 -73.95
C LEU D 2041 49.31 -26.66 -74.10
N PRO D 2042 50.11 -26.98 -75.12
CA PRO D 2042 51.46 -26.38 -75.22
C PRO D 2042 51.46 -24.87 -75.35
N SER D 2043 50.49 -24.28 -76.03
CA SER D 2043 50.48 -22.85 -76.28
C SER D 2043 49.09 -22.28 -76.04
N SER D 2044 49.05 -20.99 -75.70
CA SER D 2044 47.81 -20.26 -75.44
C SER D 2044 47.05 -20.85 -74.26
N LYS D 2045 45.84 -20.33 -74.01
CA LYS D 2045 45.04 -20.74 -72.87
C LYS D 2045 43.87 -21.61 -73.32
N ILE D 2046 43.29 -22.32 -72.36
CA ILE D 2046 42.16 -23.21 -72.60
C ILE D 2046 40.87 -22.42 -72.49
N ARG D 2047 40.00 -22.56 -73.49
CA ARG D 2047 38.70 -21.92 -73.48
C ARG D 2047 37.56 -22.87 -73.13
N ASP D 2048 37.41 -23.97 -73.89
CA ASP D 2048 36.32 -24.88 -73.61
C ASP D 2048 36.67 -26.30 -74.03
N VAL D 2049 35.98 -27.26 -73.43
CA VAL D 2049 36.23 -28.68 -73.65
C VAL D 2049 34.90 -29.42 -73.76
N THR D 2050 34.78 -30.29 -74.75
CA THR D 2050 33.63 -31.17 -74.91
C THR D 2050 34.12 -32.60 -75.12
N PHE D 2051 33.19 -33.55 -75.09
CA PHE D 2051 33.52 -34.95 -75.27
C PHE D 2051 32.55 -35.60 -76.23
N LEU D 2052 33.03 -36.66 -76.90
CA LEU D 2052 32.20 -37.48 -77.78
C LEU D 2052 32.68 -38.92 -77.65
N PHE D 2053 32.12 -39.82 -78.45
CA PHE D 2053 32.60 -41.20 -78.51
C PHE D 2053 32.65 -41.65 -79.96
N ASN D 2054 33.64 -42.50 -80.26
CA ASN D 2054 33.86 -42.97 -81.62
C ASN D 2054 32.89 -44.10 -81.95
N GLU D 2055 33.12 -44.77 -83.08
CA GLU D 2055 32.28 -45.91 -83.46
C GLU D 2055 32.43 -47.04 -82.44
N GLU D 2056 33.65 -47.29 -81.97
CA GLU D 2056 33.86 -48.31 -80.96
C GLU D 2056 33.16 -47.97 -79.66
N GLY D 2057 33.21 -46.70 -79.26
CA GLY D 2057 32.62 -46.25 -78.01
C GLY D 2057 33.56 -45.55 -77.07
N LYS D 2058 34.87 -45.64 -77.28
CA LYS D 2058 35.82 -44.94 -76.41
C LYS D 2058 35.65 -43.43 -76.57
N ASN D 2059 35.82 -42.71 -75.47
CA ASN D 2059 35.57 -41.28 -75.46
C ASN D 2059 36.74 -40.51 -76.07
N ILE D 2060 36.41 -39.37 -76.67
CA ILE D 2060 37.37 -38.47 -77.31
C ILE D 2060 37.10 -37.07 -76.78
N ILE D 2061 38.17 -36.35 -76.45
CA ILE D 2061 38.07 -35.02 -75.86
C ILE D 2061 38.45 -33.98 -76.91
N VAL D 2062 37.59 -32.97 -77.08
CA VAL D 2062 37.84 -31.87 -77.99
C VAL D 2062 38.05 -30.61 -77.16
N ILE D 2063 39.19 -29.97 -77.35
CA ILE D 2063 39.58 -28.76 -76.61
C ILE D 2063 39.74 -27.63 -77.61
N MET D 2064 38.99 -26.55 -77.42
CA MET D 2064 39.16 -25.36 -78.23
C MET D 2064 39.74 -24.27 -77.33
N SER D 2065 40.77 -23.60 -77.82
CA SER D 2065 41.62 -22.72 -77.03
C SER D 2065 41.34 -21.26 -77.34
N SER D 2066 42.01 -20.38 -76.61
CA SER D 2066 41.92 -18.95 -76.85
C SER D 2066 42.59 -18.55 -78.16
N ALA D 2067 43.53 -19.36 -78.65
CA ALA D 2067 44.16 -19.12 -79.95
C ALA D 2067 43.24 -19.45 -81.11
N GLY D 2068 42.07 -20.02 -80.86
CA GLY D 2068 41.14 -20.38 -81.90
C GLY D 2068 41.36 -21.73 -82.54
N TYR D 2069 42.41 -22.44 -82.14
CA TYR D 2069 42.71 -23.76 -82.69
C TYR D 2069 41.88 -24.81 -81.95
N ILE D 2070 41.37 -25.79 -82.72
CA ILE D 2070 40.62 -26.90 -82.17
C ILE D 2070 41.54 -28.12 -82.14
N TYR D 2071 41.58 -28.80 -81.00
CA TYR D 2071 42.42 -29.96 -80.80
C TYR D 2071 41.58 -31.14 -80.36
N THR D 2072 42.01 -32.34 -80.73
CA THR D 2072 41.33 -33.57 -80.36
C THR D 2072 42.31 -34.55 -79.74
N GLN D 2073 41.81 -35.36 -78.82
CA GLN D 2073 42.65 -36.35 -78.16
C GLN D 2073 41.84 -37.60 -77.84
N LEU D 2074 42.40 -38.76 -78.15
CA LEU D 2074 41.81 -40.06 -77.83
C LEU D 2074 42.31 -40.46 -76.45
N MET D 2075 41.44 -40.41 -75.45
CA MET D 2075 41.84 -40.76 -74.10
C MET D 2075 42.01 -42.28 -73.96
N GLU D 2076 43.15 -42.69 -73.43
CA GLU D 2076 43.47 -44.10 -73.23
C GLU D 2076 44.63 -44.18 -72.24
N GLU D 2077 45.18 -45.40 -72.09
CA GLU D 2077 46.29 -45.59 -71.16
C GLU D 2077 47.51 -44.79 -71.57
N ALA D 2078 47.73 -44.60 -72.87
CA ALA D 2078 48.86 -43.79 -73.32
C ALA D 2078 48.72 -42.35 -72.89
N SER D 2079 47.52 -41.80 -72.96
CA SER D 2079 47.25 -40.41 -72.56
C SER D 2079 46.76 -40.31 -71.12
N SER D 2080 46.66 -41.43 -70.40
CA SER D 2080 46.20 -41.40 -69.02
C SER D 2080 47.22 -40.71 -68.13
N ALA D 2081 46.74 -40.19 -67.00
CA ALA D 2081 47.60 -39.49 -66.05
C ALA D 2081 48.57 -40.42 -65.34
N GLN D 2082 48.41 -41.73 -65.47
CA GLN D 2082 49.38 -42.66 -64.90
C GLN D 2082 50.76 -42.44 -65.46
N GLN D 2083 50.86 -42.08 -66.73
CA GLN D 2083 52.14 -41.79 -67.38
C GLN D 2083 52.52 -40.32 -67.29
N GLY D 2084 51.69 -39.49 -66.67
CA GLY D 2084 51.97 -38.08 -66.54
C GLY D 2084 51.07 -37.23 -67.41
N PRO D 2085 51.24 -35.91 -67.34
CA PRO D 2085 50.44 -35.01 -68.20
C PRO D 2085 50.71 -35.27 -69.66
N PHE D 2086 49.65 -35.19 -70.47
CA PHE D 2086 49.75 -35.35 -71.92
C PHE D 2086 49.39 -34.02 -72.57
N TYR D 2087 50.31 -33.52 -73.41
CA TYR D 2087 50.04 -32.31 -74.17
C TYR D 2087 49.29 -32.65 -75.44
N VAL D 2088 48.25 -31.88 -75.74
CA VAL D 2088 47.42 -32.12 -76.91
C VAL D 2088 48.05 -31.44 -78.12
N THR D 2089 48.22 -32.19 -79.21
CA THR D 2089 48.96 -31.72 -80.37
C THR D 2089 48.13 -31.65 -81.66
N ASN D 2090 47.21 -32.58 -81.87
CA ASN D 2090 46.43 -32.57 -83.10
C ASN D 2090 45.59 -31.31 -83.20
N VAL D 2091 45.45 -30.80 -84.43
CA VAL D 2091 44.68 -29.59 -84.69
C VAL D 2091 43.66 -29.89 -85.78
N LEU D 2092 42.40 -29.57 -85.52
CA LEU D 2092 41.35 -29.76 -86.52
C LEU D 2092 41.53 -28.78 -87.67
N GLU D 2093 41.35 -29.28 -88.88
CA GLU D 2093 41.51 -28.48 -90.10
C GLU D 2093 40.12 -28.12 -90.61
N ILE D 2094 39.69 -26.89 -90.34
CA ILE D 2094 38.43 -26.36 -90.85
C ILE D 2094 38.77 -25.17 -91.73
N ASN D 2095 38.45 -25.26 -93.02
CA ASN D 2095 38.81 -24.25 -94.00
C ASN D 2095 37.54 -23.54 -94.46
N HIS D 2096 37.37 -22.29 -94.04
CA HIS D 2096 36.22 -21.48 -94.41
C HIS D 2096 36.66 -20.06 -94.71
N GLU D 2097 35.90 -19.39 -95.56
CA GLU D 2097 36.23 -18.01 -95.93
C GLU D 2097 36.15 -17.09 -94.72
N ASP D 2098 35.14 -17.27 -93.87
CA ASP D 2098 35.06 -16.51 -92.62
C ASP D 2098 36.18 -16.91 -91.66
N LEU D 2099 36.50 -18.20 -91.61
CA LEU D 2099 37.51 -18.72 -90.70
C LEU D 2099 38.90 -18.46 -91.29
N LYS D 2100 39.43 -17.28 -91.01
CA LYS D 2100 40.77 -16.88 -91.46
C LYS D 2100 41.72 -16.87 -90.28
N ASP D 2101 42.86 -17.52 -90.44
CA ASP D 2101 43.88 -17.61 -89.38
C ASP D 2101 44.68 -16.31 -89.38
N SER D 2102 44.26 -15.37 -88.54
CA SER D 2102 44.90 -14.07 -88.42
C SER D 2102 45.74 -14.01 -87.16
N ASN D 2103 46.98 -13.57 -87.30
CA ASN D 2103 47.96 -13.47 -86.20
C ASN D 2103 47.90 -14.67 -85.26
N SER D 2104 47.95 -15.86 -85.85
CA SER D 2104 47.89 -17.13 -85.13
C SER D 2104 46.62 -17.26 -84.30
N GLN D 2105 45.54 -16.64 -84.76
CA GLN D 2105 44.24 -16.70 -84.10
C GLN D 2105 43.15 -16.91 -85.14
N VAL D 2106 42.28 -17.89 -84.90
CA VAL D 2106 41.17 -18.18 -85.79
C VAL D 2106 39.99 -17.30 -85.36
N ALA D 2107 39.69 -16.29 -86.17
CA ALA D 2107 38.58 -15.37 -85.90
C ALA D 2107 38.70 -14.74 -84.51
N GLY D 2108 39.92 -14.37 -84.14
CA GLY D 2108 40.16 -13.71 -82.86
C GLY D 2108 39.92 -14.58 -81.65
N GLY D 2109 40.00 -15.90 -81.80
CA GLY D 2109 39.81 -16.80 -80.68
C GLY D 2109 38.39 -17.33 -80.60
N GLY D 2110 38.25 -18.47 -79.91
CA GLY D 2110 36.97 -19.12 -79.73
C GLY D 2110 36.26 -18.69 -78.45
N VAL D 2111 35.04 -19.18 -78.29
CA VAL D 2111 34.21 -18.83 -77.14
C VAL D 2111 33.73 -20.07 -76.40
N SER D 2112 33.04 -20.97 -77.11
CA SER D 2112 32.52 -22.17 -76.49
C SER D 2112 32.55 -23.31 -77.51
N VAL D 2113 32.61 -24.54 -76.99
CA VAL D 2113 32.56 -25.74 -77.81
C VAL D 2113 31.59 -26.72 -77.15
N TYR D 2114 30.83 -27.44 -77.97
CA TYR D 2114 29.80 -28.33 -77.46
C TYR D 2114 29.43 -29.34 -78.55
N TYR D 2115 29.56 -30.61 -78.24
CA TYR D 2115 29.16 -31.68 -79.16
C TYR D 2115 27.81 -32.22 -78.70
N SER D 2116 26.90 -32.39 -79.66
CA SER D 2116 25.56 -32.89 -79.36
C SER D 2116 25.57 -34.41 -79.55
N HIS D 2117 25.36 -35.14 -78.45
CA HIS D 2117 25.28 -36.60 -78.53
C HIS D 2117 24.05 -37.03 -79.32
N VAL D 2118 22.93 -36.35 -79.13
CA VAL D 2118 21.70 -36.73 -79.83
C VAL D 2118 21.81 -36.45 -81.32
N LEU D 2119 22.43 -35.33 -81.69
CA LEU D 2119 22.53 -34.93 -83.09
C LEU D 2119 23.83 -35.40 -83.75
N GLN D 2120 24.76 -35.95 -82.99
CA GLN D 2120 26.03 -36.48 -83.53
C GLN D 2120 26.78 -35.40 -84.31
N MET D 2121 26.94 -34.24 -83.69
CA MET D 2121 27.53 -33.09 -84.37
C MET D 2121 28.07 -32.11 -83.32
N LEU D 2122 29.11 -31.39 -83.71
CA LEU D 2122 29.88 -30.54 -82.81
C LEU D 2122 29.58 -29.07 -83.08
N PHE D 2123 29.08 -28.37 -82.06
CA PHE D 2123 28.88 -26.93 -82.15
C PHE D 2123 30.15 -26.21 -81.71
N PHE D 2124 30.40 -25.05 -82.31
CA PHE D 2124 31.47 -24.19 -81.80
C PHE D 2124 31.26 -22.78 -82.32
N SER D 2125 31.95 -21.82 -81.70
CA SER D 2125 31.83 -20.42 -82.06
C SER D 2125 33.09 -19.68 -81.64
N TYR D 2126 33.30 -18.52 -82.26
CA TYR D 2126 34.54 -17.78 -82.10
C TYR D 2126 34.26 -16.38 -81.55
N CYS D 2127 35.34 -15.73 -81.10
CA CYS D 2127 35.20 -14.41 -80.48
C CYS D 2127 34.63 -13.38 -81.46
N GLN D 2128 34.89 -13.55 -82.76
CA GLN D 2128 34.32 -12.65 -83.75
C GLN D 2128 32.81 -12.81 -83.90
N GLY D 2129 32.23 -13.86 -83.30
CA GLY D 2129 30.79 -14.05 -83.32
C GLY D 2129 30.26 -14.97 -84.38
N LYS D 2130 31.12 -15.73 -85.04
CA LYS D 2130 30.69 -16.68 -86.07
C LYS D 2130 30.54 -18.07 -85.46
N SER D 2131 29.40 -18.70 -85.72
CA SER D 2131 29.07 -20.00 -85.15
C SER D 2131 29.04 -21.05 -86.25
N PHE D 2132 29.54 -22.24 -85.94
CA PHE D 2132 29.67 -23.30 -86.91
C PHE D 2132 29.24 -24.62 -86.29
N ALA D 2133 28.65 -25.47 -87.13
CA ALA D 2133 28.20 -26.81 -86.75
C ALA D 2133 28.88 -27.82 -87.66
N ALA D 2134 29.73 -28.66 -87.08
CA ALA D 2134 30.52 -29.61 -87.85
C ALA D 2134 30.03 -31.02 -87.60
N THR D 2135 29.68 -31.71 -88.68
CA THR D 2135 29.45 -33.15 -88.64
C THR D 2135 30.77 -33.83 -88.99
N ILE D 2136 31.28 -34.63 -88.05
CA ILE D 2136 32.66 -35.11 -88.07
C ILE D 2136 32.64 -36.63 -88.06
N SER D 2137 33.55 -37.23 -88.82
CA SER D 2137 33.66 -38.68 -88.87
C SER D 2137 34.00 -39.25 -87.50
N ARG D 2138 33.40 -40.39 -87.17
CA ARG D 2138 33.66 -41.05 -85.89
C ARG D 2138 34.90 -41.93 -85.92
N THR D 2139 35.43 -42.24 -87.10
CA THR D 2139 36.62 -43.08 -87.22
C THR D 2139 37.86 -42.32 -87.65
N THR D 2140 37.75 -41.39 -88.58
CA THR D 2140 38.88 -40.56 -88.98
C THR D 2140 38.92 -39.22 -88.23
N LEU D 2141 37.87 -38.90 -87.48
CA LEU D 2141 37.80 -37.66 -86.71
C LEU D 2141 37.99 -36.44 -87.61
N GLU D 2142 37.41 -36.49 -88.80
CA GLU D 2142 37.50 -35.41 -89.77
C GLU D 2142 36.09 -34.88 -90.05
N VAL D 2143 35.96 -33.55 -90.12
CA VAL D 2143 34.66 -32.94 -90.32
C VAL D 2143 34.12 -33.32 -91.69
N LEU D 2144 33.01 -34.06 -91.70
CA LEU D 2144 32.41 -34.46 -92.98
C LEU D 2144 31.65 -33.30 -93.62
N GLN D 2145 30.99 -32.47 -92.81
CA GLN D 2145 30.23 -31.36 -93.36
C GLN D 2145 30.21 -30.21 -92.37
N LEU D 2146 30.07 -28.99 -92.89
CA LEU D 2146 30.10 -27.77 -92.09
C LEU D 2146 28.86 -26.93 -92.39
N PHE D 2147 28.20 -26.45 -91.33
CA PHE D 2147 27.00 -25.63 -91.44
C PHE D 2147 27.23 -24.30 -90.74
N PRO D 2148 27.11 -23.17 -91.43
CA PRO D 2148 27.22 -21.88 -90.75
C PRO D 2148 25.97 -21.55 -89.97
N ILE D 2149 26.13 -20.72 -88.94
CA ILE D 2149 25.02 -20.23 -88.14
C ILE D 2149 25.15 -18.71 -88.09
N ASN D 2150 24.53 -18.03 -89.04
CA ASN D 2150 24.58 -16.57 -89.13
C ASN D 2150 23.36 -16.02 -88.40
N ILE D 2151 23.56 -15.61 -87.16
CA ILE D 2151 22.48 -15.08 -86.33
C ILE D 2151 22.25 -13.61 -86.69
N LYS D 2152 21.04 -13.30 -87.15
CA LYS D 2152 20.66 -11.94 -87.48
C LYS D 2152 19.69 -11.45 -86.41
N SER D 2153 20.00 -10.30 -85.83
CA SER D 2153 19.14 -9.74 -84.79
C SER D 2153 17.86 -9.20 -85.39
N SER D 2154 16.85 -9.04 -84.53
CA SER D 2154 15.59 -8.44 -84.97
C SER D 2154 15.80 -7.02 -85.47
N ASN D 2155 16.63 -6.25 -84.77
CA ASN D 2155 16.97 -4.90 -85.21
C ASN D 2155 18.12 -4.96 -86.20
N GLY D 2156 18.06 -4.12 -87.23
CA GLY D 2156 19.09 -4.05 -88.24
C GLY D 2156 20.33 -3.27 -87.86
N GLY D 2157 20.35 -2.67 -86.67
CA GLY D 2157 21.50 -1.88 -86.26
C GLY D 2157 22.75 -2.72 -86.06
N SER D 2158 22.58 -3.94 -85.56
CA SER D 2158 23.70 -4.84 -85.30
C SER D 2158 23.90 -5.76 -86.50
N LYS D 2159 25.07 -5.67 -87.13
CA LYS D 2159 25.39 -6.51 -88.28
C LYS D 2159 26.06 -7.81 -87.86
N THR D 2160 27.14 -7.73 -87.10
CA THR D 2160 27.84 -8.93 -86.64
C THR D 2160 27.02 -9.66 -85.60
N SER D 2161 27.03 -11.00 -85.67
CA SER D 2161 26.32 -11.80 -84.70
C SER D 2161 27.10 -11.87 -83.39
N PRO D 2162 26.42 -11.79 -82.25
CA PRO D 2162 27.12 -11.95 -80.97
C PRO D 2162 27.64 -13.36 -80.80
N ALA D 2163 28.76 -13.47 -80.06
CA ALA D 2163 29.38 -14.76 -79.83
C ALA D 2163 28.46 -15.67 -79.00
N LEU D 2164 28.56 -16.96 -79.26
CA LEU D 2164 27.70 -17.95 -78.62
C LEU D 2164 28.46 -18.73 -77.56
N CYS D 2165 27.83 -18.91 -76.40
CA CYS D 2165 28.42 -19.67 -75.31
C CYS D 2165 27.30 -20.27 -74.46
N GLN D 2166 27.69 -21.25 -73.64
CA GLN D 2166 26.79 -21.97 -72.74
C GLN D 2166 25.67 -22.67 -73.53
N TRP D 2167 26.09 -23.56 -74.42
CA TRP D 2167 25.14 -24.41 -75.12
C TRP D 2167 24.48 -25.38 -74.14
N SER D 2168 23.17 -25.52 -74.27
CA SER D 2168 22.41 -26.39 -73.39
C SER D 2168 21.31 -27.09 -74.18
N GLU D 2169 21.23 -28.41 -74.06
CA GLU D 2169 20.32 -29.23 -74.82
C GLU D 2169 19.26 -29.80 -73.88
N VAL D 2170 17.99 -29.66 -74.26
CA VAL D 2170 16.88 -30.06 -73.40
C VAL D 2170 16.71 -31.58 -73.49
N MET D 2171 16.86 -32.25 -72.35
CA MET D 2171 16.78 -33.70 -72.32
C MET D 2171 15.40 -34.18 -72.77
N ASN D 2172 15.39 -35.31 -73.47
CA ASN D 2172 14.17 -35.94 -73.99
C ASN D 2172 13.49 -35.07 -75.04
N HIS D 2173 14.13 -33.97 -75.43
CA HIS D 2173 13.61 -33.07 -76.46
C HIS D 2173 14.73 -32.83 -77.48
N PRO D 2174 14.90 -33.76 -78.42
CA PRO D 2174 15.99 -33.63 -79.39
C PRO D 2174 15.81 -32.43 -80.32
N GLY D 2175 16.93 -31.88 -80.76
CA GLY D 2175 16.95 -30.81 -81.74
C GLY D 2175 16.89 -29.40 -81.16
N LEU D 2176 16.50 -29.26 -79.90
CA LEU D 2176 16.37 -27.94 -79.28
C LEU D 2176 17.60 -27.68 -78.43
N VAL D 2177 18.31 -26.59 -78.71
CA VAL D 2177 19.49 -26.21 -77.95
C VAL D 2177 19.32 -24.77 -77.51
N CYS D 2178 19.97 -24.43 -76.41
CA CYS D 2178 19.93 -23.08 -75.86
C CYS D 2178 21.34 -22.58 -75.61
N CYS D 2179 21.60 -21.35 -76.03
CA CYS D 2179 22.90 -20.73 -75.87
C CYS D 2179 22.72 -19.32 -75.34
N VAL D 2180 23.83 -18.70 -74.93
CA VAL D 2180 23.81 -17.34 -74.42
C VAL D 2180 24.93 -16.56 -75.10
N GLN D 2181 24.75 -15.24 -75.16
CA GLN D 2181 25.73 -14.39 -75.83
C GLN D 2181 26.89 -14.07 -74.92
N GLN D 2182 28.11 -14.15 -75.47
CA GLN D 2182 29.30 -13.83 -74.69
C GLN D 2182 29.32 -12.37 -74.28
N THR D 2183 28.87 -11.48 -75.16
CA THR D 2183 28.99 -10.04 -74.91
C THR D 2183 27.74 -9.44 -74.28
N THR D 2184 26.55 -9.92 -74.68
CA THR D 2184 25.31 -9.33 -74.18
C THR D 2184 24.56 -10.24 -73.22
N GLY D 2185 24.71 -11.55 -73.36
CA GLY D 2185 24.03 -12.48 -72.46
C GLY D 2185 22.58 -12.74 -72.78
N VAL D 2186 22.13 -12.45 -73.99
CA VAL D 2186 20.75 -12.72 -74.38
C VAL D 2186 20.58 -14.21 -74.66
N PRO D 2187 19.56 -14.87 -74.13
CA PRO D 2187 19.33 -16.27 -74.49
C PRO D 2187 18.93 -16.40 -75.96
N LEU D 2188 19.35 -17.52 -76.56
CA LEU D 2188 19.00 -17.85 -77.93
C LEU D 2188 18.67 -19.32 -78.01
N VAL D 2189 17.46 -19.63 -78.47
CA VAL D 2189 17.00 -21.01 -78.62
C VAL D 2189 17.06 -21.35 -80.10
N VAL D 2190 17.80 -22.41 -80.43
CA VAL D 2190 18.03 -22.83 -81.80
C VAL D 2190 17.51 -24.25 -81.97
N MET D 2191 16.65 -24.45 -82.96
CA MET D 2191 16.27 -25.78 -83.41
C MET D 2191 17.01 -26.12 -84.69
N VAL D 2192 17.67 -27.27 -84.68
CA VAL D 2192 18.46 -27.73 -85.84
C VAL D 2192 17.52 -28.60 -86.66
N LYS D 2193 16.76 -27.94 -87.53
CA LYS D 2193 15.93 -28.67 -88.48
C LYS D 2193 16.85 -29.32 -89.52
N PRO D 2194 16.47 -30.48 -90.08
CA PRO D 2194 17.34 -31.13 -91.06
C PRO D 2194 17.66 -30.25 -92.26
N ASP D 2195 16.78 -29.28 -92.56
CA ASP D 2195 16.98 -28.39 -93.69
C ASP D 2195 17.11 -26.93 -93.33
N THR D 2196 16.84 -26.55 -92.08
CA THR D 2196 16.84 -25.14 -91.68
C THR D 2196 17.33 -24.99 -90.25
N PHE D 2197 17.43 -23.74 -89.81
CA PHE D 2197 17.93 -23.38 -88.48
C PHE D 2197 16.95 -22.37 -87.88
N LEU D 2198 16.08 -22.83 -86.98
CA LEU D 2198 15.06 -21.96 -86.41
C LEU D 2198 15.61 -21.32 -85.14
N ILE D 2199 15.94 -20.03 -85.20
CA ILE D 2199 16.52 -19.33 -84.06
C ILE D 2199 15.49 -18.36 -83.48
N GLN D 2200 15.51 -18.21 -82.16
CA GLN D 2200 14.62 -17.28 -81.48
C GLN D 2200 15.35 -16.65 -80.31
N GLU D 2201 15.21 -15.34 -80.16
CA GLU D 2201 15.72 -14.61 -79.00
C GLU D 2201 14.61 -14.49 -77.97
N ILE D 2202 14.93 -14.80 -76.71
CA ILE D 2202 13.96 -14.81 -75.64
C ILE D 2202 14.05 -13.46 -74.92
N LYS D 2203 13.20 -12.52 -75.32
CA LYS D 2203 13.18 -11.19 -74.74
C LYS D 2203 11.99 -11.07 -73.79
N THR D 2204 12.25 -10.65 -72.57
CA THR D 2204 11.23 -10.57 -71.52
C THR D 2204 10.80 -9.12 -71.34
N LEU D 2205 9.49 -8.90 -71.26
CA LEU D 2205 8.91 -7.57 -71.05
C LEU D 2205 8.42 -7.44 -69.61
N PRO D 2206 8.87 -6.43 -68.87
CA PRO D 2206 9.78 -5.34 -69.27
C PRO D 2206 11.23 -5.78 -69.37
N ALA D 2207 12.06 -5.02 -70.08
CA ALA D 2207 13.45 -5.36 -70.30
C ALA D 2207 14.35 -4.99 -69.12
N LYS D 2208 13.80 -4.43 -68.05
CA LYS D 2208 14.60 -4.07 -66.89
C LYS D 2208 15.25 -5.29 -66.26
N ALA D 2209 14.59 -6.45 -66.35
CA ALA D 2209 15.08 -7.69 -65.75
C ALA D 2209 16.04 -8.36 -66.73
N LYS D 2210 17.33 -8.09 -66.56
CA LYS D 2210 18.34 -8.74 -67.40
C LYS D 2210 18.47 -10.20 -67.01
N ILE D 2211 18.22 -11.09 -67.96
CA ILE D 2211 18.21 -12.52 -67.69
C ILE D 2211 19.62 -12.97 -67.31
N GLN D 2212 19.74 -13.58 -66.12
CA GLN D 2212 21.03 -14.04 -65.62
C GLN D 2212 21.36 -15.45 -66.12
N ASP D 2213 20.46 -16.39 -65.89
CA ASP D 2213 20.73 -17.79 -66.22
C ASP D 2213 19.49 -18.46 -66.79
N MET D 2214 19.72 -19.62 -67.39
CA MET D 2214 18.79 -20.31 -68.25
C MET D 2214 18.66 -21.76 -67.81
N VAL D 2215 17.45 -22.32 -67.95
CA VAL D 2215 17.29 -23.77 -67.84
C VAL D 2215 16.01 -24.18 -68.57
N ALA D 2216 15.96 -25.43 -69.00
CA ALA D 2216 14.78 -25.94 -69.72
C ALA D 2216 14.66 -27.43 -69.46
N ILE D 2217 13.51 -27.87 -68.92
CA ILE D 2217 13.25 -29.26 -68.60
C ILE D 2217 12.00 -29.72 -69.33
N ARG D 2218 12.06 -30.95 -69.84
CA ARG D 2218 10.88 -31.62 -70.40
C ARG D 2218 10.29 -32.52 -69.31
N HIS D 2219 8.98 -32.42 -69.11
CA HIS D 2219 8.30 -33.11 -68.03
C HIS D 2219 6.91 -33.53 -68.50
N THR D 2220 6.11 -34.02 -67.56
CA THR D 2220 4.73 -34.41 -67.82
C THR D 2220 3.78 -33.35 -67.26
N ALA D 2221 2.55 -33.35 -67.77
CA ALA D 2221 1.54 -32.38 -67.41
C ALA D 2221 0.43 -33.04 -66.60
N CYS D 2222 -0.57 -32.24 -66.23
CA CYS D 2222 -1.74 -32.77 -65.55
C CYS D 2222 -2.54 -33.69 -66.46
N ASN D 2223 -2.51 -33.43 -67.77
CA ASN D 2223 -3.15 -34.28 -68.77
C ASN D 2223 -2.17 -35.28 -69.37
N GLU D 2224 -1.19 -35.74 -68.59
CA GLU D 2224 -0.13 -36.66 -68.99
C GLU D 2224 0.45 -36.32 -70.35
N GLN D 2225 0.60 -35.02 -70.63
CA GLN D 2225 1.19 -34.55 -71.87
C GLN D 2225 2.64 -34.14 -71.64
N GLN D 2226 3.52 -34.58 -72.52
CA GLN D 2226 4.95 -34.24 -72.41
C GLN D 2226 5.14 -32.81 -72.89
N ARG D 2227 5.52 -31.93 -71.96
CA ARG D 2227 5.69 -30.52 -72.24
C ARG D 2227 7.07 -30.05 -71.81
N THR D 2228 7.63 -29.13 -72.59
CA THR D 2228 8.95 -28.56 -72.30
C THR D 2228 8.76 -27.17 -71.70
N THR D 2229 9.14 -27.03 -70.44
CA THR D 2229 9.03 -25.77 -69.70
C THR D 2229 10.42 -25.19 -69.49
N MET D 2230 10.54 -23.88 -69.75
CA MET D 2230 11.80 -23.18 -69.79
C MET D 2230 11.79 -22.10 -68.72
N ILE D 2231 12.71 -22.19 -67.77
CA ILE D 2231 12.76 -21.30 -66.62
C ILE D 2231 13.96 -20.35 -66.78
N LEU D 2232 13.66 -19.06 -66.79
CA LEU D 2232 14.65 -17.99 -66.88
C LEU D 2232 14.78 -17.33 -65.52
N LEU D 2233 16.02 -17.12 -65.06
CA LEU D 2233 16.27 -16.31 -63.88
C LEU D 2233 17.01 -15.04 -64.28
N CYS D 2234 16.49 -13.90 -63.86
CA CYS D 2234 17.07 -12.60 -64.19
C CYS D 2234 17.82 -12.04 -62.99
N GLU D 2235 18.37 -10.84 -63.15
CA GLU D 2235 19.15 -10.22 -62.10
C GLU D 2235 18.30 -9.70 -60.95
N ASP D 2236 17.00 -9.50 -61.17
CA ASP D 2236 16.11 -9.02 -60.13
C ASP D 2236 15.50 -10.13 -59.30
N GLY D 2237 15.85 -11.39 -59.57
CA GLY D 2237 15.28 -12.51 -58.86
C GLY D 2237 13.95 -13.00 -59.39
N SER D 2238 13.40 -12.34 -60.41
CA SER D 2238 12.13 -12.76 -60.99
C SER D 2238 12.33 -13.99 -61.87
N LEU D 2239 11.35 -14.88 -61.84
CA LEU D 2239 11.36 -16.10 -62.64
C LEU D 2239 10.44 -15.94 -63.83
N ARG D 2240 10.93 -16.34 -65.00
CA ARG D 2240 10.14 -16.32 -66.23
C ARG D 2240 9.87 -17.75 -66.67
N ILE D 2241 8.59 -18.08 -66.88
CA ILE D 2241 8.16 -19.43 -67.24
C ILE D 2241 7.69 -19.41 -68.69
N TYR D 2242 8.33 -20.22 -69.52
CA TYR D 2242 8.04 -20.29 -70.94
C TYR D 2242 7.78 -21.74 -71.31
N MET D 2243 7.20 -21.96 -72.50
CA MET D 2243 6.68 -23.26 -72.87
C MET D 2243 6.90 -23.50 -74.36
N ALA D 2244 7.31 -24.72 -74.71
CA ALA D 2244 7.77 -25.02 -76.06
C ALA D 2244 6.61 -25.41 -76.97
N ASN D 2245 6.39 -24.60 -78.01
CA ASN D 2245 5.23 -24.76 -78.90
C ASN D 2245 5.22 -26.16 -79.51
N VAL D 2246 4.17 -26.92 -79.20
CA VAL D 2246 4.09 -28.31 -79.67
C VAL D 2246 3.99 -28.34 -81.19
N GLU D 2247 3.26 -27.41 -81.78
CA GLU D 2247 3.16 -27.34 -83.24
C GLU D 2247 4.46 -26.88 -83.89
N ASN D 2248 5.42 -26.37 -83.10
CA ASN D 2248 6.68 -25.88 -83.63
C ASN D 2248 7.91 -26.58 -83.08
N THR D 2249 7.82 -27.23 -81.92
CA THR D 2249 8.98 -27.80 -81.26
C THR D 2249 8.92 -29.32 -81.13
N SER D 2250 7.97 -29.99 -81.79
CA SER D 2250 7.78 -31.42 -81.63
C SER D 2250 7.91 -32.15 -82.96
N TYR D 2251 8.87 -31.74 -83.80
CA TYR D 2251 9.11 -32.46 -85.05
C TYR D 2251 9.66 -33.86 -84.78
N TRP D 2252 10.71 -33.96 -83.96
CA TRP D 2252 11.28 -35.26 -83.66
C TRP D 2252 10.42 -36.05 -82.68
N LEU D 2253 9.49 -35.39 -82.00
CA LEU D 2253 8.61 -36.01 -81.03
C LEU D 2253 7.35 -36.59 -81.65
N GLN D 2254 7.19 -36.48 -82.96
CA GLN D 2254 6.02 -37.04 -83.62
C GLN D 2254 6.04 -38.57 -83.54
N PRO D 2255 4.87 -39.19 -83.46
CA PRO D 2255 4.83 -40.67 -83.48
C PRO D 2255 5.40 -41.26 -84.76
N SER D 2256 5.35 -40.52 -85.87
CA SER D 2256 5.92 -41.00 -87.12
C SER D 2256 7.44 -41.05 -87.09
N LEU D 2257 8.06 -40.39 -86.10
CA LEU D 2257 9.51 -40.41 -85.96
C LEU D 2257 9.99 -41.06 -84.66
N GLN D 2258 9.08 -41.48 -83.80
CA GLN D 2258 9.43 -42.07 -82.52
C GLN D 2258 8.94 -43.51 -82.44
N PRO D 2259 9.80 -44.46 -82.06
CA PRO D 2259 9.34 -45.84 -81.92
C PRO D 2259 8.36 -45.99 -80.77
N SER D 2260 7.45 -46.95 -80.92
CA SER D 2260 6.44 -47.20 -79.90
C SER D 2260 7.04 -47.98 -78.73
N GLN D 2284 -5.96 -71.68 -38.36
CA GLN D 2284 -5.49 -70.63 -37.46
C GLN D 2284 -4.10 -70.15 -37.84
N VAL D 2285 -4.00 -68.89 -38.22
CA VAL D 2285 -2.70 -68.31 -38.59
C VAL D 2285 -1.91 -68.07 -37.30
N THR D 2286 -0.89 -68.90 -37.08
CA THR D 2286 -0.07 -68.80 -35.88
C THR D 2286 0.99 -67.73 -36.07
N PHE D 2287 0.86 -66.62 -35.34
CA PHE D 2287 1.80 -65.52 -35.42
C PHE D 2287 2.86 -65.63 -34.32
N PRO D 2288 4.06 -65.10 -34.56
CA PRO D 2288 5.06 -65.04 -33.49
C PRO D 2288 4.56 -64.17 -32.34
N ILE D 2289 4.90 -64.59 -31.11
CA ILE D 2289 4.48 -63.84 -29.93
C ILE D 2289 5.20 -62.50 -29.88
N ASP D 2290 6.48 -62.48 -30.25
CA ASP D 2290 7.30 -61.27 -30.24
C ASP D 2290 7.06 -60.37 -31.45
N PHE D 2291 5.96 -60.57 -32.17
CA PHE D 2291 5.72 -59.81 -33.39
C PHE D 2291 5.72 -58.31 -33.12
N PHE D 2292 4.97 -57.87 -32.10
CA PHE D 2292 4.93 -56.45 -31.77
C PHE D 2292 6.26 -55.93 -31.25
N GLU D 2293 7.17 -56.82 -30.83
CA GLU D 2293 8.52 -56.38 -30.51
C GLU D 2293 9.27 -55.94 -31.76
N HIS D 2294 9.01 -56.61 -32.89
CA HIS D 2294 9.64 -56.28 -34.15
C HIS D 2294 8.83 -55.26 -34.95
N ASN D 2295 7.99 -54.47 -34.28
CA ASN D 2295 7.17 -53.46 -34.93
C ASN D 2295 7.06 -52.25 -34.02
N GLN D 2296 6.99 -51.06 -34.64
CA GLN D 2296 6.98 -49.81 -33.91
C GLN D 2296 5.58 -49.21 -33.88
N GLN D 2297 5.19 -48.68 -32.72
CA GLN D 2297 3.95 -47.95 -32.61
C GLN D 2297 4.01 -46.69 -33.47
N LEU D 2298 2.90 -46.39 -34.15
CA LEU D 2298 2.85 -45.34 -35.16
C LEU D 2298 1.92 -44.23 -34.70
N THR D 2299 2.42 -43.00 -34.69
CA THR D 2299 1.63 -41.84 -34.31
C THR D 2299 1.05 -41.09 -35.49
N ASP D 2300 1.57 -41.31 -36.70
CA ASP D 2300 1.03 -40.68 -37.90
C ASP D 2300 -0.08 -41.50 -38.53
N VAL D 2301 -1.09 -41.84 -37.71
CA VAL D 2301 -2.21 -42.68 -38.12
C VAL D 2301 -3.49 -41.90 -37.86
N GLU D 2302 -4.37 -41.85 -38.86
CA GLU D 2302 -5.65 -41.17 -38.74
C GLU D 2302 -6.76 -42.21 -38.57
N PHE D 2303 -7.72 -41.89 -37.70
CA PHE D 2303 -8.84 -42.78 -37.42
C PHE D 2303 -10.15 -42.06 -37.75
N GLY D 2304 -11.06 -42.78 -38.40
CA GLY D 2304 -12.34 -42.21 -38.76
C GLY D 2304 -13.36 -43.24 -39.17
N GLY D 2305 -14.23 -42.88 -40.11
CA GLY D 2305 -15.28 -43.78 -40.55
C GLY D 2305 -16.66 -43.21 -40.26
N ASN D 2306 -17.57 -43.32 -41.23
CA ASN D 2306 -18.88 -42.67 -41.11
C ASN D 2306 -19.61 -43.11 -39.85
N ASP D 2307 -19.39 -44.34 -39.40
CA ASP D 2307 -19.99 -44.79 -38.15
C ASP D 2307 -19.46 -43.99 -36.97
N LEU D 2308 -18.15 -43.72 -36.94
CA LEU D 2308 -17.56 -42.92 -35.88
C LEU D 2308 -17.54 -41.43 -36.20
N LEU D 2309 -17.42 -41.06 -37.48
CA LEU D 2309 -17.41 -39.66 -37.84
C LEU D 2309 -18.76 -38.98 -37.63
N GLN D 2310 -19.82 -39.75 -37.37
CA GLN D 2310 -21.09 -39.15 -37.00
C GLN D 2310 -20.96 -38.33 -35.72
N VAL D 2311 -20.27 -38.87 -34.73
CA VAL D 2311 -20.22 -38.29 -33.38
C VAL D 2311 -18.93 -37.51 -33.15
N TYR D 2312 -17.79 -38.07 -33.56
CA TYR D 2312 -16.50 -37.47 -33.30
C TYR D 2312 -15.83 -37.05 -34.62
N ASN D 2313 -14.77 -36.27 -34.47
CA ASN D 2313 -13.93 -35.86 -35.59
C ASN D 2313 -12.60 -36.62 -35.56
N ALA D 2314 -11.93 -36.64 -36.71
CA ALA D 2314 -10.76 -37.50 -36.87
C ALA D 2314 -9.68 -37.18 -35.84
N GLN D 2315 -9.43 -35.89 -35.60
CA GLN D 2315 -8.47 -35.51 -34.57
C GLN D 2315 -8.91 -36.02 -33.20
N GLN D 2316 -10.21 -35.89 -32.90
CA GLN D 2316 -10.72 -36.38 -31.62
C GLN D 2316 -10.59 -37.90 -31.52
N ILE D 2317 -10.88 -38.62 -32.61
CA ILE D 2317 -10.77 -40.07 -32.58
C ILE D 2317 -9.31 -40.48 -32.33
N LYS D 2318 -8.38 -39.82 -33.02
CA LYS D 2318 -6.96 -40.08 -32.79
C LYS D 2318 -6.57 -39.80 -31.34
N HIS D 2319 -7.05 -38.68 -30.79
CA HIS D 2319 -6.70 -38.32 -29.43
C HIS D 2319 -7.21 -39.34 -28.43
N ARG D 2320 -8.45 -39.79 -28.58
CA ARG D 2320 -9.00 -40.71 -27.59
C ARG D 2320 -8.55 -42.15 -27.83
N LEU D 2321 -8.01 -42.46 -29.01
CA LEU D 2321 -7.42 -43.77 -29.22
C LEU D 2321 -5.92 -43.80 -28.93
N ASN D 2322 -5.29 -42.65 -28.71
CA ASN D 2322 -3.88 -42.59 -28.38
C ASN D 2322 -3.63 -42.17 -26.94
N SER D 2323 -4.67 -42.09 -26.10
CA SER D 2323 -4.51 -41.67 -24.71
C SER D 2323 -5.46 -42.45 -23.82
N THR D 2324 -5.15 -42.47 -22.52
CA THR D 2324 -5.91 -43.22 -21.54
C THR D 2324 -6.80 -42.30 -20.72
N GLY D 2325 -7.80 -42.87 -20.07
CA GLY D 2325 -8.75 -42.15 -19.25
C GLY D 2325 -10.06 -41.85 -19.94
N MET D 2326 -10.10 -41.95 -21.27
CA MET D 2326 -11.28 -41.69 -22.09
C MET D 2326 -11.33 -42.70 -23.24
N TYR D 2327 -12.50 -42.78 -23.88
CA TYR D 2327 -12.80 -43.94 -24.72
C TYR D 2327 -13.50 -43.49 -26.00
N VAL D 2328 -14.00 -44.49 -26.73
CA VAL D 2328 -14.73 -44.32 -27.98
C VAL D 2328 -16.03 -45.09 -27.87
N ALA D 2329 -17.14 -44.45 -28.18
CA ALA D 2329 -18.46 -45.06 -28.07
C ALA D 2329 -19.17 -45.04 -29.42
N ASN D 2330 -20.06 -46.02 -29.61
CA ASN D 2330 -20.90 -46.06 -30.79
C ASN D 2330 -22.14 -46.89 -30.49
N THR D 2331 -23.32 -46.28 -30.62
CA THR D 2331 -24.58 -46.94 -30.31
C THR D 2331 -25.23 -47.58 -31.53
N LYS D 2332 -24.46 -47.87 -32.57
CA LYS D 2332 -25.00 -48.52 -33.75
C LYS D 2332 -25.21 -50.00 -33.47
N PRO D 2333 -26.44 -50.52 -33.56
CA PRO D 2333 -26.64 -51.96 -33.36
C PRO D 2333 -25.96 -52.77 -34.45
N GLY D 2334 -25.44 -53.94 -34.05
CA GLY D 2334 -24.75 -54.82 -34.95
C GLY D 2334 -23.27 -54.54 -35.12
N GLY D 2335 -22.80 -53.37 -34.70
CA GLY D 2335 -21.40 -53.00 -34.81
C GLY D 2335 -21.22 -51.72 -35.60
N PHE D 2336 -19.97 -51.30 -35.68
CA PHE D 2336 -19.60 -50.09 -36.42
C PHE D 2336 -18.21 -50.28 -37.01
N THR D 2337 -17.91 -49.50 -38.04
CA THR D 2337 -16.68 -49.64 -38.79
C THR D 2337 -15.74 -48.47 -38.50
N ILE D 2338 -14.48 -48.80 -38.20
CA ILE D 2338 -13.43 -47.82 -38.01
C ILE D 2338 -12.49 -47.88 -39.22
N GLU D 2339 -12.29 -46.74 -39.86
CA GLU D 2339 -11.38 -46.62 -40.99
C GLU D 2339 -10.04 -46.11 -40.47
N ILE D 2340 -8.99 -46.90 -40.64
CA ILE D 2340 -7.66 -46.56 -40.18
C ILE D 2340 -6.83 -46.22 -41.42
N SER D 2341 -6.34 -44.98 -41.48
CA SER D 2341 -5.61 -44.48 -42.64
C SER D 2341 -4.19 -44.13 -42.24
N ASN D 2342 -3.25 -44.42 -43.15
CA ASN D 2342 -1.84 -44.15 -42.95
C ASN D 2342 -1.46 -42.88 -43.68
N ASN D 2343 -0.88 -41.92 -42.97
CA ASN D 2343 -0.40 -40.69 -43.56
C ASN D 2343 1.07 -40.74 -43.96
N ASN D 2344 1.75 -41.84 -43.68
CA ASN D 2344 3.17 -42.01 -44.00
C ASN D 2344 3.30 -43.06 -45.09
N SER D 2345 3.93 -42.69 -46.20
CA SER D 2345 4.09 -43.60 -47.33
C SER D 2345 5.30 -44.51 -47.18
N THR D 2346 6.16 -44.28 -46.20
CA THR D 2346 7.35 -45.08 -45.99
C THR D 2346 7.15 -46.20 -44.97
N MET D 2347 5.94 -46.37 -44.45
CA MET D 2347 5.66 -47.35 -43.42
C MET D 2347 4.42 -48.15 -43.80
N VAL D 2348 4.47 -49.46 -43.51
CA VAL D 2348 3.40 -50.39 -43.83
C VAL D 2348 2.85 -50.96 -42.54
N MET D 2349 1.52 -51.05 -42.47
CA MET D 2349 0.84 -51.53 -41.28
C MET D 2349 1.14 -53.02 -41.08
N THR D 2350 1.40 -53.43 -39.84
CA THR D 2350 1.71 -54.82 -39.54
C THR D 2350 0.85 -55.42 -38.43
N GLY D 2351 0.19 -54.61 -37.62
CA GLY D 2351 -0.66 -55.14 -36.57
C GLY D 2351 -1.30 -54.01 -35.80
N MET D 2352 -2.21 -54.40 -34.91
CA MET D 2352 -2.92 -53.43 -34.09
C MET D 2352 -3.16 -54.01 -32.70
N ARG D 2353 -3.39 -53.10 -31.75
CA ARG D 2353 -3.74 -53.46 -30.38
C ARG D 2353 -4.85 -52.57 -29.89
N ILE D 2354 -5.84 -53.16 -29.23
CA ILE D 2354 -7.03 -52.44 -28.78
C ILE D 2354 -7.19 -52.67 -27.28
N GLN D 2355 -7.31 -51.58 -26.52
CA GLN D 2355 -7.56 -51.66 -25.10
C GLN D 2355 -9.06 -51.50 -24.84
N ILE D 2356 -9.64 -52.42 -24.08
CA ILE D 2356 -11.08 -52.42 -23.85
C ILE D 2356 -11.39 -52.89 -22.45
N GLY D 2357 -12.50 -52.40 -21.91
CA GLY D 2357 -13.00 -52.85 -20.61
C GLY D 2357 -12.77 -51.90 -19.45
N THR D 2358 -12.04 -50.81 -19.66
CA THR D 2358 -11.79 -49.87 -18.55
C THR D 2358 -13.09 -49.23 -18.07
N GLN D 2359 -13.95 -48.82 -19.00
CA GLN D 2359 -15.18 -48.14 -18.63
C GLN D 2359 -16.27 -49.14 -18.23
N ALA D 2360 -16.67 -50.01 -19.16
CA ALA D 2360 -17.71 -50.98 -18.90
C ALA D 2360 -17.43 -52.23 -19.71
N ILE D 2361 -17.34 -53.38 -19.02
CA ILE D 2361 -17.14 -54.65 -19.71
C ILE D 2361 -18.37 -55.00 -20.55
N GLU D 2362 -19.57 -54.70 -20.04
CA GLU D 2362 -20.79 -54.96 -20.79
C GLU D 2362 -20.83 -54.13 -22.07
N ARG D 2363 -20.43 -52.87 -21.99
CA ARG D 2363 -20.39 -52.01 -23.18
C ARG D 2363 -19.21 -52.34 -24.10
N ALA D 2364 -18.25 -53.14 -23.64
CA ALA D 2364 -17.17 -53.56 -24.51
C ALA D 2364 -17.70 -54.54 -25.55
N PRO D 2365 -17.19 -54.49 -26.78
CA PRO D 2365 -17.77 -55.32 -27.85
C PRO D 2365 -17.52 -56.80 -27.63
N SER D 2366 -18.44 -57.61 -28.18
CA SER D 2366 -18.31 -59.06 -28.09
C SER D 2366 -17.28 -59.62 -29.06
N TYR D 2367 -17.11 -59.00 -30.22
CA TYR D 2367 -16.18 -59.50 -31.23
C TYR D 2367 -15.77 -58.37 -32.15
N ILE D 2368 -14.65 -58.59 -32.86
CA ILE D 2368 -14.19 -57.68 -33.89
C ILE D 2368 -13.80 -58.50 -35.12
N GLU D 2369 -13.68 -57.80 -36.25
CA GLU D 2369 -13.43 -58.42 -37.54
C GLU D 2369 -12.61 -57.47 -38.40
N ILE D 2370 -11.66 -58.04 -39.15
CA ILE D 2370 -10.81 -57.24 -40.01
C ILE D 2370 -10.16 -58.16 -41.03
N PHE D 2371 -10.11 -57.70 -42.29
CA PHE D 2371 -9.52 -58.44 -43.40
C PHE D 2371 -10.15 -59.83 -43.56
N GLY D 2372 -11.44 -59.94 -43.21
CA GLY D 2372 -12.14 -61.20 -43.32
C GLY D 2372 -11.91 -62.15 -42.17
N ARG D 2373 -11.10 -61.78 -41.18
CA ARG D 2373 -10.84 -62.63 -40.02
C ARG D 2373 -11.58 -62.06 -38.82
N THR D 2374 -12.35 -62.90 -38.15
CA THR D 2374 -13.19 -62.50 -37.02
C THR D 2374 -12.67 -63.17 -35.75
N MET D 2375 -12.48 -62.37 -34.70
CA MET D 2375 -12.09 -62.91 -33.40
C MET D 2375 -12.99 -62.32 -32.32
N GLN D 2376 -13.49 -63.20 -31.44
CA GLN D 2376 -14.38 -62.82 -30.36
C GLN D 2376 -13.61 -62.16 -29.23
N LEU D 2377 -14.32 -61.35 -28.44
CA LEU D 2377 -13.75 -60.69 -27.27
C LEU D 2377 -14.51 -61.16 -26.03
N ASN D 2378 -14.06 -62.25 -25.42
CA ASN D 2378 -14.60 -62.71 -24.15
C ASN D 2378 -13.86 -61.99 -23.03
N LEU D 2379 -14.56 -61.08 -22.36
CA LEU D 2379 -13.93 -60.13 -21.45
C LEU D 2379 -14.45 -60.31 -20.04
N SER D 2380 -13.52 -60.38 -19.08
CA SER D 2380 -13.84 -60.33 -17.67
C SER D 2380 -13.33 -59.07 -16.99
N ARG D 2381 -12.46 -58.31 -17.66
CA ARG D 2381 -11.93 -57.06 -17.12
C ARG D 2381 -11.28 -56.29 -18.26
N SER D 2382 -10.73 -55.12 -17.92
CA SER D 2382 -10.00 -54.33 -18.90
C SER D 2382 -8.71 -55.04 -19.31
N ARG D 2383 -8.43 -55.06 -20.61
CA ARG D 2383 -7.24 -55.70 -21.13
C ARG D 2383 -6.99 -55.25 -22.56
N TRP D 2384 -5.86 -55.69 -23.10
CA TRP D 2384 -5.46 -55.41 -24.46
C TRP D 2384 -5.62 -56.65 -25.33
N PHE D 2385 -6.22 -56.47 -26.50
CA PHE D 2385 -6.34 -57.51 -27.51
C PHE D 2385 -5.43 -57.18 -28.68
N ASP D 2386 -4.69 -58.18 -29.16
CA ASP D 2386 -3.74 -58.00 -30.24
C ASP D 2386 -4.29 -58.59 -31.52
N PHE D 2387 -3.84 -58.04 -32.65
CA PHE D 2387 -4.09 -58.64 -33.96
C PHE D 2387 -2.94 -58.27 -34.88
N PRO D 2388 -1.96 -59.16 -35.02
CA PRO D 2388 -0.92 -58.95 -36.04
C PRO D 2388 -1.45 -59.28 -37.43
N PHE D 2389 -0.93 -58.56 -38.42
CA PHE D 2389 -1.34 -58.75 -39.80
C PHE D 2389 -0.45 -59.79 -40.47
N THR D 2390 -1.06 -60.56 -41.37
CA THR D 2390 -0.27 -61.41 -42.26
C THR D 2390 0.46 -60.55 -43.28
N ARG D 2391 1.37 -61.18 -44.03
CA ARG D 2391 2.07 -60.44 -45.07
C ARG D 2391 1.09 -59.92 -46.12
N GLU D 2392 0.13 -60.75 -46.53
CA GLU D 2392 -0.91 -60.29 -47.45
C GLU D 2392 -1.76 -59.20 -46.83
N GLU D 2393 -2.15 -59.38 -45.56
CA GLU D 2393 -2.94 -58.35 -44.88
C GLU D 2393 -2.14 -57.06 -44.72
N ALA D 2394 -0.84 -57.19 -44.41
CA ALA D 2394 0.00 -56.00 -44.31
C ALA D 2394 0.10 -55.29 -45.65
N LEU D 2395 0.23 -56.05 -46.74
CA LEU D 2395 0.26 -55.44 -48.07
C LEU D 2395 -1.05 -54.72 -48.38
N GLN D 2396 -2.17 -55.34 -48.00
CA GLN D 2396 -3.47 -54.72 -48.24
C GLN D 2396 -3.71 -53.48 -47.39
N ALA D 2397 -2.98 -53.33 -46.28
CA ALA D 2397 -3.15 -52.20 -45.36
C ALA D 2397 -2.08 -51.14 -45.56
N ASP D 2398 -1.64 -50.92 -46.81
CA ASP D 2398 -0.59 -49.94 -47.07
C ASP D 2398 -1.06 -48.54 -46.72
N LYS D 2399 -2.27 -48.17 -47.11
CA LYS D 2399 -2.78 -46.82 -46.89
C LYS D 2399 -4.01 -46.79 -46.00
N LYS D 2400 -5.01 -47.62 -46.29
CA LYS D 2400 -6.26 -47.60 -45.54
C LYS D 2400 -6.71 -49.02 -45.24
N LEU D 2401 -7.44 -49.17 -44.14
CA LEU D 2401 -7.99 -50.44 -43.74
C LEU D 2401 -9.29 -50.20 -42.97
N ASN D 2402 -10.13 -51.24 -42.93
CA ASN D 2402 -11.41 -51.16 -42.25
C ASN D 2402 -11.46 -52.22 -41.15
N LEU D 2403 -11.95 -51.82 -39.98
CA LEU D 2403 -12.08 -52.72 -38.82
C LEU D 2403 -13.52 -52.65 -38.34
N PHE D 2404 -14.25 -53.75 -38.51
CA PHE D 2404 -15.62 -53.83 -38.03
C PHE D 2404 -15.63 -54.31 -36.58
N ILE D 2405 -16.53 -53.74 -35.79
CA ILE D 2405 -16.60 -54.03 -34.36
C ILE D 2405 -18.04 -54.39 -34.04
N GLY D 2406 -18.24 -55.61 -33.53
CA GLY D 2406 -19.59 -56.07 -33.24
C GLY D 2406 -20.22 -55.34 -32.08
N ALA D 2407 -21.54 -55.38 -32.05
CA ALA D 2407 -22.29 -54.74 -30.98
C ALA D 2407 -22.01 -55.43 -29.65
N SER D 2408 -21.98 -54.64 -28.58
CA SER D 2408 -21.69 -55.15 -27.26
C SER D 2408 -22.89 -55.90 -26.70
N VAL D 2409 -22.71 -56.47 -25.51
CA VAL D 2409 -23.77 -57.22 -24.84
C VAL D 2409 -24.54 -56.27 -23.92
N ASP D 2410 -24.23 -54.98 -24.02
CA ASP D 2410 -24.93 -53.99 -23.21
C ASP D 2410 -26.38 -53.89 -23.64
N PRO D 2411 -27.33 -53.99 -22.71
CA PRO D 2411 -28.75 -53.81 -23.11
C PRO D 2411 -29.06 -52.44 -23.69
N ALA D 2412 -28.25 -51.43 -23.39
CA ALA D 2412 -28.40 -50.11 -23.98
C ALA D 2412 -27.84 -50.04 -25.40
N GLY D 2413 -27.20 -51.09 -25.88
CA GLY D 2413 -26.65 -51.10 -27.23
C GLY D 2413 -25.51 -50.14 -27.45
N VAL D 2414 -24.57 -50.08 -26.51
CA VAL D 2414 -23.43 -49.17 -26.60
C VAL D 2414 -22.16 -50.01 -26.77
N THR D 2415 -21.43 -49.73 -27.85
CA THR D 2415 -20.16 -50.39 -28.13
C THR D 2415 -19.03 -49.45 -27.72
N MET D 2416 -18.13 -49.96 -26.88
CA MET D 2416 -17.15 -49.15 -26.18
C MET D 2416 -15.76 -49.72 -26.39
N ILE D 2417 -14.87 -48.90 -26.95
CA ILE D 2417 -13.46 -49.27 -27.15
C ILE D 2417 -12.59 -48.13 -26.64
N ASP D 2418 -11.72 -48.42 -25.68
CA ASP D 2418 -11.00 -47.38 -24.97
C ASP D 2418 -9.90 -46.77 -25.85
N ALA D 2419 -8.89 -47.56 -26.20
CA ALA D 2419 -7.75 -47.07 -26.95
C ALA D 2419 -7.39 -48.06 -28.05
N VAL D 2420 -6.91 -47.51 -29.16
CA VAL D 2420 -6.48 -48.31 -30.32
C VAL D 2420 -5.09 -47.83 -30.71
N LYS D 2421 -4.11 -48.73 -30.64
CA LYS D 2421 -2.74 -48.44 -31.04
C LYS D 2421 -2.37 -49.33 -32.22
N ILE D 2422 -1.73 -48.74 -33.22
CA ILE D 2422 -1.40 -49.43 -34.46
C ILE D 2422 0.11 -49.55 -34.57
N TYR D 2423 0.57 -50.67 -35.11
CA TYR D 2423 1.99 -50.96 -35.27
C TYR D 2423 2.30 -51.25 -36.72
N GLY D 2424 3.55 -50.98 -37.12
CA GLY D 2424 3.97 -51.18 -38.49
C GLY D 2424 5.47 -51.19 -38.60
N LYS D 2425 5.95 -51.31 -39.84
CA LYS D 2425 7.38 -51.35 -40.11
C LYS D 2425 7.67 -50.61 -41.40
N THR D 2426 8.90 -50.12 -41.52
CA THR D 2426 9.29 -49.39 -42.71
C THR D 2426 9.24 -50.29 -43.94
N LYS D 2427 9.05 -49.65 -45.11
CA LYS D 2427 8.92 -50.42 -46.35
C LYS D 2427 10.18 -51.23 -46.65
N GLU D 2428 11.35 -50.68 -46.35
CA GLU D 2428 12.59 -51.43 -46.54
C GLU D 2428 12.65 -52.64 -45.61
N GLN D 2429 12.28 -52.45 -44.35
CA GLN D 2429 12.25 -53.57 -43.41
C GLN D 2429 11.19 -54.60 -43.79
N PHE D 2430 10.01 -54.13 -44.21
CA PHE D 2430 8.93 -55.02 -44.61
C PHE D 2430 9.22 -55.71 -45.95
N GLY D 2431 10.22 -55.25 -46.69
CA GLY D 2431 10.48 -55.81 -48.01
C GLY D 2431 9.37 -55.50 -49.01
N TRP D 2432 8.89 -54.27 -49.03
CA TRP D 2432 7.83 -53.85 -49.94
C TRP D 2432 8.26 -54.00 -51.41
N THR D 2470 -16.16 -45.98 -85.59
CA THR D 2470 -14.81 -46.10 -86.12
C THR D 2470 -14.21 -44.72 -86.39
N SER D 2471 -13.23 -44.34 -85.59
CA SER D 2471 -12.55 -43.05 -85.75
C SER D 2471 -11.27 -43.15 -86.54
N GLY D 2472 -10.98 -44.32 -87.13
CA GLY D 2472 -9.75 -44.51 -87.88
C GLY D 2472 -9.72 -43.79 -89.22
N THR D 2473 -8.83 -44.21 -90.11
CA THR D 2473 -8.70 -43.57 -91.40
C THR D 2473 -9.86 -43.93 -92.31
N VAL D 2474 -10.03 -43.14 -93.36
CA VAL D 2474 -11.13 -43.35 -94.30
C VAL D 2474 -10.95 -44.66 -95.06
N LEU D 2475 -9.74 -44.91 -95.56
CA LEU D 2475 -9.49 -46.13 -96.31
C LEU D 2475 -9.59 -47.35 -95.41
N GLU D 2476 -9.19 -47.22 -94.14
CA GLU D 2476 -9.38 -48.32 -93.20
C GLU D 2476 -10.85 -48.66 -93.03
N ARG D 2477 -11.69 -47.63 -92.88
CA ARG D 2477 -13.13 -47.87 -92.77
C ARG D 2477 -13.67 -48.52 -94.04
N LEU D 2478 -13.20 -48.08 -95.21
CA LEU D 2478 -13.61 -48.71 -96.46
C LEU D 2478 -13.21 -50.19 -96.47
N VAL D 2479 -12.03 -50.51 -95.94
CA VAL D 2479 -11.59 -51.91 -95.93
C VAL D 2479 -12.43 -52.74 -94.99
N VAL D 2480 -12.73 -52.21 -93.79
CA VAL D 2480 -13.65 -52.91 -92.88
C VAL D 2480 -14.97 -53.18 -93.58
N SER D 2481 -15.51 -52.17 -94.27
CA SER D 2481 -16.79 -52.35 -94.94
C SER D 2481 -16.69 -53.37 -96.06
N SER D 2482 -15.60 -53.37 -96.83
CA SER D 2482 -15.43 -54.33 -97.90
C SER D 2482 -15.35 -55.76 -97.36
N LEU D 2483 -14.61 -55.96 -96.27
CA LEU D 2483 -14.53 -57.31 -95.71
C LEU D 2483 -15.84 -57.77 -95.11
N GLU D 2484 -16.58 -56.89 -94.42
CA GLU D 2484 -17.90 -57.32 -93.95
C GLU D 2484 -18.85 -57.57 -95.12
N ALA D 2485 -18.67 -56.86 -96.24
CA ALA D 2485 -19.43 -57.20 -97.44
C ALA D 2485 -19.05 -58.57 -97.98
N LEU D 2486 -17.78 -58.94 -97.87
CA LEU D 2486 -17.37 -60.30 -98.22
C LEU D 2486 -18.05 -61.32 -97.32
N GLU D 2487 -18.14 -61.02 -96.02
CA GLU D 2487 -18.92 -61.87 -95.12
C GLU D 2487 -20.38 -61.96 -95.55
N SER D 2488 -20.94 -60.83 -95.98
CA SER D 2488 -22.30 -60.82 -96.49
C SER D 2488 -22.45 -61.77 -97.67
N CYS D 2489 -21.53 -61.68 -98.62
CA CYS D 2489 -21.61 -62.53 -99.80
C CYS D 2489 -21.45 -64.01 -99.46
N PHE D 2490 -20.55 -64.33 -98.53
CA PHE D 2490 -20.26 -65.72 -98.21
C PHE D 2490 -21.17 -66.28 -97.12
N ALA D 2491 -22.08 -65.47 -96.58
CA ALA D 2491 -23.10 -65.96 -95.68
C ALA D 2491 -24.51 -65.89 -96.26
N VAL D 2492 -24.72 -65.13 -97.33
CA VAL D 2492 -26.06 -64.97 -97.89
C VAL D 2492 -26.15 -65.59 -99.27
N GLY D 2493 -25.05 -65.50 -100.04
CA GLY D 2493 -25.08 -65.82 -101.43
C GLY D 2493 -25.32 -67.30 -101.69
N PRO D 2494 -25.53 -67.65 -102.95
CA PRO D 2494 -25.61 -69.06 -103.33
C PRO D 2494 -24.24 -69.72 -103.24
N ILE D 2495 -24.26 -71.05 -103.17
CA ILE D 2495 -23.03 -71.80 -102.99
C ILE D 2495 -22.13 -71.66 -104.23
N ILE D 2496 -22.73 -71.52 -105.41
CA ILE D 2496 -21.95 -71.50 -106.64
C ILE D 2496 -21.00 -70.31 -106.67
N GLU D 2497 -21.52 -69.11 -106.42
CA GLU D 2497 -20.68 -67.92 -106.41
C GLU D 2497 -19.64 -67.98 -105.30
N LYS D 2498 -20.02 -68.54 -104.15
CA LYS D 2498 -19.07 -68.69 -103.05
C LYS D 2498 -17.88 -69.52 -103.49
N GLU D 2499 -18.13 -70.67 -104.14
CA GLU D 2499 -17.02 -71.53 -104.51
C GLU D 2499 -16.29 -71.03 -105.75
N ARG D 2500 -16.91 -70.15 -106.55
CA ARG D 2500 -16.14 -69.47 -107.58
C ARG D 2500 -15.18 -68.45 -106.98
N ASN D 2501 -15.66 -67.62 -106.06
CA ASN D 2501 -14.89 -66.49 -105.55
C ASN D 2501 -14.02 -66.85 -104.35
N LYS D 2502 -14.09 -68.08 -103.86
CA LYS D 2502 -13.33 -68.43 -102.66
C LYS D 2502 -11.83 -68.27 -102.88
N ASN D 2503 -11.34 -68.63 -104.06
CA ASN D 2503 -9.90 -68.56 -104.31
C ASN D 2503 -9.39 -67.13 -104.23
N ALA D 2504 -10.02 -66.22 -104.97
CA ALA D 2504 -9.60 -64.82 -104.94
C ALA D 2504 -9.81 -64.21 -103.57
N ALA D 2505 -10.94 -64.53 -102.92
CA ALA D 2505 -11.23 -63.95 -101.62
C ALA D 2505 -10.18 -64.37 -100.58
N GLN D 2506 -9.85 -65.66 -100.55
CA GLN D 2506 -8.86 -66.13 -99.59
C GLN D 2506 -7.47 -65.62 -99.92
N GLU D 2507 -7.13 -65.49 -101.20
CA GLU D 2507 -5.83 -64.93 -101.56
C GLU D 2507 -5.71 -63.48 -101.10
N LEU D 2508 -6.75 -62.67 -101.35
CA LEU D 2508 -6.73 -61.28 -100.90
C LEU D 2508 -6.72 -61.19 -99.38
N ALA D 2509 -7.46 -62.08 -98.70
CA ALA D 2509 -7.49 -62.07 -97.24
C ALA D 2509 -6.13 -62.40 -96.66
N THR D 2510 -5.47 -63.44 -97.19
CA THR D 2510 -4.13 -63.78 -96.73
C THR D 2510 -3.16 -62.64 -97.00
N LEU D 2511 -3.28 -62.00 -98.17
CA LEU D 2511 -2.47 -60.83 -98.46
C LEU D 2511 -2.66 -59.76 -97.38
N LEU D 2512 -3.88 -59.24 -97.26
CA LEU D 2512 -4.14 -58.15 -96.32
C LEU D 2512 -3.76 -58.52 -94.90
N LEU D 2513 -3.86 -59.80 -94.53
CA LEU D 2513 -3.32 -60.25 -93.25
C LEU D 2513 -1.81 -60.09 -93.20
N SER D 2514 -1.13 -60.41 -94.30
CA SER D 2514 0.34 -60.39 -94.29
C SER D 2514 0.89 -58.98 -94.02
N LEU D 2515 0.44 -57.99 -94.79
CA LEU D 2515 1.01 -56.66 -94.66
C LEU D 2515 0.51 -55.97 -93.38
N PRO D 2516 1.30 -55.06 -92.82
CA PRO D 2516 0.89 -54.37 -91.59
C PRO D 2516 -0.39 -53.56 -91.79
N ALA D 2517 -1.23 -53.55 -90.76
CA ALA D 2517 -2.52 -52.86 -90.78
C ALA D 2517 -3.08 -52.85 -89.37
N PRO D 2518 -4.08 -52.02 -89.10
CA PRO D 2518 -4.69 -52.01 -87.75
C PRO D 2518 -5.26 -53.38 -87.39
N ALA D 2519 -5.36 -53.62 -86.07
CA ALA D 2519 -5.75 -54.94 -85.59
C ALA D 2519 -7.16 -55.33 -86.02
N SER D 2520 -8.06 -54.35 -86.17
CA SER D 2520 -9.45 -54.67 -86.48
C SER D 2520 -9.58 -55.38 -87.83
N VAL D 2521 -8.87 -54.88 -88.85
CA VAL D 2521 -8.97 -55.52 -90.16
C VAL D 2521 -8.32 -56.89 -90.16
N GLN D 2522 -7.24 -57.08 -89.38
CA GLN D 2522 -6.70 -58.44 -89.22
C GLN D 2522 -7.72 -59.38 -88.59
N GLN D 2523 -8.40 -58.92 -87.54
CA GLN D 2523 -9.38 -59.78 -86.89
C GLN D 2523 -10.52 -60.14 -87.83
N GLN D 2524 -11.04 -59.16 -88.57
CA GLN D 2524 -12.15 -59.45 -89.46
C GLN D 2524 -11.71 -60.30 -90.65
N SER D 2525 -10.49 -60.09 -91.15
CA SER D 2525 -9.99 -60.92 -92.25
C SER D 2525 -9.78 -62.36 -91.80
N LYS D 2526 -9.24 -62.56 -90.59
CA LYS D 2526 -9.08 -63.93 -90.10
C LYS D 2526 -10.43 -64.58 -89.83
N SER D 2527 -11.42 -63.81 -89.37
CA SER D 2527 -12.77 -64.35 -89.23
C SER D 2527 -13.33 -64.76 -90.59
N LEU D 2528 -13.10 -63.93 -91.61
CA LEU D 2528 -13.54 -64.26 -92.96
C LEU D 2528 -12.90 -65.56 -93.44
N LEU D 2529 -11.59 -65.68 -93.27
CA LEU D 2529 -10.87 -66.84 -93.77
C LEU D 2529 -11.27 -68.10 -93.02
N ALA D 2530 -11.51 -67.96 -91.70
CA ALA D 2530 -12.01 -69.09 -90.93
C ALA D 2530 -13.39 -69.52 -91.41
N SER D 2531 -14.29 -68.56 -91.66
CA SER D 2531 -15.61 -68.89 -92.16
C SER D 2531 -15.54 -69.53 -93.55
N LEU D 2532 -14.53 -69.17 -94.35
CA LEU D 2532 -14.38 -69.73 -95.67
C LEU D 2532 -14.11 -71.23 -95.61
N HIS D 2533 -13.24 -71.65 -94.68
CA HIS D 2533 -12.85 -73.05 -94.60
C HIS D 2533 -13.75 -73.82 -93.64
N THR D 2534 -14.21 -74.99 -94.09
CA THR D 2534 -15.05 -75.83 -93.25
C THR D 2534 -14.25 -76.50 -92.13
N SER D 2535 -12.96 -76.74 -92.35
CA SER D 2535 -12.10 -77.37 -91.37
C SER D 2535 -11.13 -76.34 -90.80
N ARG D 2536 -11.04 -76.28 -89.47
CA ARG D 2536 -10.17 -75.29 -88.83
C ARG D 2536 -8.70 -75.58 -89.12
N SER D 2537 -8.32 -76.86 -89.17
CA SER D 2537 -6.91 -77.22 -89.34
C SER D 2537 -6.36 -76.69 -90.66
N ALA D 2538 -7.11 -76.87 -91.75
CA ALA D 2538 -6.65 -76.39 -93.05
C ALA D 2538 -6.56 -74.87 -93.09
N TYR D 2539 -7.57 -74.19 -92.54
CA TYR D 2539 -7.52 -72.74 -92.43
C TYR D 2539 -6.26 -72.28 -91.73
N HIS D 2540 -5.99 -72.83 -90.56
CA HIS D 2540 -4.82 -72.41 -89.81
C HIS D 2540 -3.53 -72.79 -90.52
N SER D 2541 -3.55 -73.90 -91.27
CA SER D 2541 -2.39 -74.30 -92.05
C SER D 2541 -2.09 -73.30 -93.16
N HIS D 2542 -3.12 -72.85 -93.89
CA HIS D 2542 -2.88 -71.83 -94.92
C HIS D 2542 -2.39 -70.53 -94.30
N LYS D 2543 -2.97 -70.12 -93.17
CA LYS D 2543 -2.51 -68.89 -92.53
C LYS D 2543 -1.05 -69.04 -92.13
N ASP D 2544 -0.68 -70.19 -91.58
CA ASP D 2544 0.69 -70.45 -91.17
C ASP D 2544 1.64 -70.40 -92.35
N GLN D 2545 1.31 -71.13 -93.43
CA GLN D 2545 2.24 -71.15 -94.55
C GLN D 2545 2.41 -69.77 -95.16
N ALA D 2546 1.31 -69.01 -95.30
CA ALA D 2546 1.43 -67.66 -95.86
C ALA D 2546 2.33 -66.78 -95.01
N LEU D 2547 2.01 -66.62 -93.73
CA LEU D 2547 2.75 -65.69 -92.90
C LEU D 2547 4.19 -66.16 -92.66
N LEU D 2548 4.38 -67.45 -92.45
CA LEU D 2548 5.73 -67.96 -92.25
C LEU D 2548 6.56 -67.90 -93.51
N SER D 2549 5.94 -68.05 -94.69
CA SER D 2549 6.69 -67.86 -95.93
C SER D 2549 7.13 -66.41 -96.08
N LYS D 2550 6.26 -65.47 -95.73
CA LYS D 2550 6.66 -64.06 -95.77
C LYS D 2550 7.81 -63.81 -94.80
N ALA D 2551 7.73 -64.39 -93.60
CA ALA D 2551 8.80 -64.23 -92.62
C ALA D 2551 10.11 -64.82 -93.13
N VAL D 2552 10.04 -66.02 -93.72
CA VAL D 2552 11.24 -66.69 -94.21
C VAL D 2552 11.88 -65.85 -95.31
N GLN D 2553 11.07 -65.36 -96.25
CA GLN D 2553 11.65 -64.61 -97.36
C GLN D 2553 12.26 -63.30 -96.90
N CYS D 2554 11.59 -62.58 -95.99
CA CYS D 2554 12.15 -61.30 -95.55
C CYS D 2554 13.41 -61.52 -94.73
N LEU D 2555 13.41 -62.53 -93.86
CA LEU D 2555 14.62 -62.83 -93.09
C LEU D 2555 15.77 -63.24 -94.00
N ASN D 2556 15.50 -64.07 -95.00
CA ASN D 2556 16.55 -64.50 -95.91
C ASN D 2556 17.11 -63.33 -96.71
N THR D 2557 16.24 -62.44 -97.18
CA THR D 2557 16.71 -61.27 -97.92
C THR D 2557 17.57 -60.38 -97.03
N SER D 2558 17.11 -60.12 -95.79
CA SER D 2558 17.87 -59.27 -94.88
C SER D 2558 19.22 -59.89 -94.55
N SER D 2559 19.26 -61.20 -94.33
CA SER D 2559 20.52 -61.87 -94.03
C SER D 2559 21.48 -61.82 -95.24
N LYS D 2560 20.94 -62.05 -96.44
CA LYS D 2560 21.79 -62.07 -97.63
C LYS D 2560 22.36 -60.69 -97.92
N GLU D 2561 21.54 -59.64 -97.82
CA GLU D 2561 22.02 -58.31 -98.12
C GLU D 2561 22.82 -57.70 -96.97
N GLY D 2562 22.71 -58.27 -95.77
CA GLY D 2562 23.48 -57.80 -94.64
C GLY D 2562 22.98 -56.53 -94.00
N LYS D 2563 21.79 -56.07 -94.36
CA LYS D 2563 21.25 -54.86 -93.74
C LYS D 2563 20.80 -55.15 -92.32
N ASP D 2564 20.58 -54.06 -91.56
CA ASP D 2564 20.17 -54.15 -90.18
C ASP D 2564 18.65 -54.20 -90.16
N LEU D 2565 18.09 -55.30 -89.64
CA LEU D 2565 16.65 -55.46 -89.59
C LEU D 2565 16.02 -54.46 -88.65
N ASP D 2566 14.95 -53.81 -89.10
CA ASP D 2566 14.30 -52.79 -88.29
C ASP D 2566 13.74 -53.42 -87.01
N PRO D 2567 13.84 -52.74 -85.87
CA PRO D 2567 13.27 -53.30 -84.64
C PRO D 2567 11.78 -53.56 -84.73
N GLU D 2568 11.05 -52.75 -85.49
CA GLU D 2568 9.60 -52.92 -85.59
C GLU D 2568 9.24 -54.21 -86.32
N VAL D 2569 9.82 -54.43 -87.49
CA VAL D 2569 9.58 -55.68 -88.20
C VAL D 2569 10.14 -56.85 -87.40
N PHE D 2570 11.24 -56.63 -86.67
CA PHE D 2570 11.79 -57.67 -85.81
C PHE D 2570 10.76 -58.11 -84.77
N GLN D 2571 10.14 -57.16 -84.08
CA GLN D 2571 9.17 -57.53 -83.05
C GLN D 2571 7.89 -58.08 -83.67
N ARG D 2572 7.49 -57.60 -84.85
CA ARG D 2572 6.35 -58.20 -85.52
C ARG D 2572 6.59 -59.68 -85.83
N LEU D 2573 7.75 -59.98 -86.41
CA LEU D 2573 8.09 -61.37 -86.70
C LEU D 2573 8.19 -62.19 -85.42
N VAL D 2574 8.76 -61.59 -84.37
CA VAL D 2574 8.93 -62.29 -83.10
C VAL D 2574 7.58 -62.67 -82.52
N ILE D 2575 6.64 -61.72 -82.49
CA ILE D 2575 5.34 -62.01 -81.88
C ILE D 2575 4.54 -62.99 -82.74
N THR D 2576 4.64 -62.88 -84.06
CA THR D 2576 3.94 -63.83 -84.92
C THR D 2576 4.48 -65.25 -84.70
N ALA D 2577 5.79 -65.40 -84.67
CA ALA D 2577 6.38 -66.72 -84.43
C ALA D 2577 6.02 -67.24 -83.05
N ARG D 2578 6.01 -66.36 -82.05
CA ARG D 2578 5.62 -66.77 -80.70
C ARG D 2578 4.19 -67.29 -80.67
N SER D 2579 3.27 -66.59 -81.34
CA SER D 2579 1.88 -67.04 -81.38
C SER D 2579 1.75 -68.39 -82.10
N ILE D 2580 2.47 -68.54 -83.21
CA ILE D 2580 2.40 -69.81 -83.94
C ILE D 2580 2.94 -70.96 -83.09
N ALA D 2581 4.04 -70.71 -82.38
CA ALA D 2581 4.58 -71.74 -81.49
C ALA D 2581 3.62 -72.04 -80.35
N ILE D 2582 2.91 -71.03 -79.86
CA ILE D 2582 1.93 -71.26 -78.80
C ILE D 2582 0.81 -72.17 -79.30
N MET D 2583 0.31 -71.91 -80.50
CA MET D 2583 -0.86 -72.68 -80.95
C MET D 2583 -0.47 -74.04 -81.53
N ARG D 2584 0.32 -74.07 -82.61
CA ARG D 2584 0.72 -75.33 -83.22
C ARG D 2584 2.22 -75.36 -83.50
N PRO D 2585 3.02 -75.72 -82.50
CA PRO D 2585 4.45 -75.95 -82.76
C PRO D 2585 4.69 -77.06 -83.77
N ASN D 2586 3.79 -78.04 -83.87
CA ASN D 2586 3.95 -79.10 -84.85
C ASN D 2586 3.98 -78.54 -86.27
N ASN D 2587 2.96 -77.75 -86.63
CA ASN D 2587 2.92 -77.17 -87.96
C ASN D 2587 4.02 -76.13 -88.14
N LEU D 2588 4.36 -75.39 -87.07
CA LEU D 2588 5.43 -74.42 -87.16
C LEU D 2588 6.75 -75.10 -87.53
N VAL D 2589 7.08 -76.20 -86.85
CA VAL D 2589 8.28 -76.96 -87.19
C VAL D 2589 8.19 -77.51 -88.60
N HIS D 2590 7.03 -78.08 -88.95
CA HIS D 2590 6.88 -78.71 -90.25
C HIS D 2590 7.15 -77.73 -91.37
N PHE D 2591 6.65 -76.50 -91.25
CA PHE D 2591 6.88 -75.54 -92.33
C PHE D 2591 8.26 -74.91 -92.24
N THR D 2592 8.63 -74.35 -91.07
CA THR D 2592 9.90 -73.63 -90.96
C THR D 2592 11.11 -74.54 -91.15
N GLU D 2593 10.94 -75.86 -91.06
CA GLU D 2593 12.04 -76.78 -91.32
C GLU D 2593 11.88 -77.50 -92.65
N SER D 2594 10.75 -77.33 -93.34
CA SER D 2594 10.60 -77.92 -94.67
C SER D 2594 11.55 -77.26 -95.65
N LYS D 2595 12.04 -78.06 -96.61
CA LYS D 2595 12.96 -77.55 -97.62
C LYS D 2595 12.15 -76.85 -98.71
N LEU D 2596 12.33 -75.54 -98.83
CA LEU D 2596 11.60 -74.75 -99.82
C LEU D 2596 12.35 -74.72 -101.15
N ASP D 2617 21.67 -78.46 -94.04
CA ASP D 2617 21.71 -78.51 -92.59
C ASP D 2617 20.35 -78.14 -91.99
N CYS D 2618 19.86 -78.98 -91.08
CA CYS D 2618 18.59 -78.73 -90.44
C CYS D 2618 18.70 -77.60 -89.42
N CYS D 2619 17.56 -76.96 -89.16
CA CYS D 2619 17.46 -75.89 -88.18
C CYS D 2619 18.40 -74.73 -88.49
N SER D 2620 18.54 -74.41 -89.78
CA SER D 2620 19.28 -73.22 -90.18
C SER D 2620 18.51 -71.95 -89.83
N PHE D 2621 17.17 -72.03 -89.84
CA PHE D 2621 16.34 -70.93 -89.36
C PHE D 2621 16.78 -70.50 -87.97
N ILE D 2622 17.08 -71.46 -87.10
CA ILE D 2622 17.46 -71.14 -85.73
C ILE D 2622 18.77 -70.37 -85.71
N THR D 2623 19.75 -70.85 -86.48
CA THR D 2623 21.03 -70.16 -86.54
C THR D 2623 20.86 -68.74 -87.04
N GLN D 2624 20.07 -68.53 -88.09
CA GLN D 2624 19.97 -67.19 -88.65
C GLN D 2624 19.22 -66.26 -87.71
N LEU D 2625 18.17 -66.74 -87.03
CA LEU D 2625 17.43 -65.83 -86.16
C LEU D 2625 18.24 -65.50 -84.91
N VAL D 2626 19.01 -66.46 -84.40
CA VAL D 2626 19.90 -66.17 -83.28
C VAL D 2626 20.97 -65.18 -83.69
N ASN D 2627 21.51 -65.35 -84.91
CA ASN D 2627 22.50 -64.40 -85.41
C ASN D 2627 21.91 -62.99 -85.51
N HIS D 2628 20.69 -62.88 -86.04
CA HIS D 2628 20.03 -61.58 -86.14
C HIS D 2628 19.84 -60.96 -84.76
N PHE D 2629 19.39 -61.78 -83.79
CA PHE D 2629 19.26 -61.29 -82.42
C PHE D 2629 20.58 -60.75 -81.91
N TRP D 2630 21.67 -61.47 -82.16
CA TRP D 2630 22.96 -61.07 -81.59
C TRP D 2630 23.50 -59.82 -82.27
N LYS D 2631 23.34 -59.70 -83.59
CA LYS D 2631 23.74 -58.46 -84.25
C LYS D 2631 22.93 -57.27 -83.74
N LEU D 2632 21.62 -57.45 -83.57
CA LEU D 2632 20.81 -56.36 -83.06
C LEU D 2632 21.22 -55.97 -81.63
N HIS D 2633 21.50 -56.97 -80.80
CA HIS D 2633 21.91 -56.68 -79.42
C HIS D 2633 23.25 -55.98 -79.37
N ALA D 2634 24.20 -56.40 -80.21
CA ALA D 2634 25.49 -55.74 -80.28
C ALA D 2634 25.34 -54.30 -80.79
N SER D 2635 24.45 -54.10 -81.76
CA SER D 2635 24.24 -52.75 -82.29
C SER D 2635 23.63 -51.82 -81.26
N LYS D 2636 22.93 -52.37 -80.26
CA LYS D 2636 22.35 -51.54 -79.22
C LYS D 2636 23.46 -50.86 -78.43
N PRO D 2637 23.37 -49.55 -78.20
CA PRO D 2637 24.42 -48.86 -77.44
C PRO D 2637 24.55 -49.40 -76.03
N LYS D 2638 25.78 -49.41 -75.53
CA LYS D 2638 26.02 -49.89 -74.17
C LYS D 2638 25.31 -49.03 -73.14
N ASN D 2639 25.21 -47.73 -73.39
CA ASN D 2639 24.50 -46.80 -72.52
C ASN D 2639 23.34 -46.19 -73.29
N ALA D 2640 22.16 -46.18 -72.66
CA ALA D 2640 21.00 -45.56 -73.29
C ALA D 2640 21.16 -44.04 -73.39
N PHE D 2641 21.94 -43.46 -72.48
CA PHE D 2641 22.23 -42.02 -72.55
C PHE D 2641 22.95 -41.67 -73.85
N LEU D 2642 23.97 -42.47 -74.20
CA LEU D 2642 24.74 -42.22 -75.41
C LEU D 2642 23.90 -42.33 -76.67
N ALA D 2643 22.77 -43.03 -76.60
CA ALA D 2643 21.94 -43.23 -77.78
C ALA D 2643 21.37 -41.89 -78.27
N PRO D 2644 21.33 -41.66 -79.58
CA PRO D 2644 20.68 -40.45 -80.10
C PRO D 2644 19.17 -40.51 -80.00
N ALA D 2645 18.48 -39.55 -80.62
CA ALA D 2645 17.02 -39.54 -80.61
C ALA D 2645 16.45 -40.87 -81.06
N CYS D 2646 17.05 -41.46 -82.09
CA CYS D 2646 16.69 -42.82 -82.50
C CYS D 2646 17.47 -43.83 -81.67
N LEU D 2647 16.84 -44.97 -81.39
CA LEU D 2647 17.44 -45.99 -80.55
C LEU D 2647 17.77 -47.23 -81.37
N PRO D 2648 19.03 -47.45 -81.76
CA PRO D 2648 19.38 -48.70 -82.42
C PRO D 2648 19.36 -49.86 -81.43
N GLY D 2649 19.15 -51.05 -81.97
CA GLY D 2649 19.08 -52.25 -81.14
C GLY D 2649 17.70 -52.48 -80.58
N LEU D 2650 17.64 -53.44 -79.66
CA LEU D 2650 16.37 -53.86 -79.07
C LEU D 2650 15.90 -52.86 -78.01
N THR D 2651 14.61 -52.92 -77.72
CA THR D 2651 13.99 -52.07 -76.69
C THR D 2651 13.48 -52.89 -75.51
N HIS D 2652 12.63 -53.89 -75.77
CA HIS D 2652 12.10 -54.77 -74.72
C HIS D 2652 12.88 -56.07 -74.80
N ILE D 2653 14.02 -56.12 -74.10
CA ILE D 2653 14.92 -57.25 -74.22
C ILE D 2653 14.29 -58.53 -73.67
N GLU D 2654 13.64 -58.44 -72.52
CA GLU D 2654 13.14 -59.63 -71.86
C GLU D 2654 12.03 -60.30 -72.66
N ALA D 2655 11.15 -59.51 -73.28
CA ALA D 2655 10.09 -60.09 -74.10
C ALA D 2655 10.67 -60.80 -75.31
N THR D 2656 11.65 -60.17 -75.97
CA THR D 2656 12.27 -60.76 -77.14
C THR D 2656 12.96 -62.08 -76.79
N VAL D 2657 13.74 -62.09 -75.71
CA VAL D 2657 14.47 -63.30 -75.35
C VAL D 2657 13.51 -64.40 -74.91
N ASN D 2658 12.43 -64.04 -74.21
CA ASN D 2658 11.45 -65.05 -73.83
C ASN D 2658 10.76 -65.65 -75.05
N ALA D 2659 10.42 -64.82 -76.03
CA ALA D 2659 9.82 -65.33 -77.25
C ALA D 2659 10.79 -66.26 -77.99
N LEU D 2660 12.06 -65.84 -78.10
CA LEU D 2660 13.04 -66.69 -78.78
C LEU D 2660 13.20 -68.04 -78.08
N VAL D 2661 13.29 -68.02 -76.75
CA VAL D 2661 13.49 -69.26 -76.03
C VAL D 2661 12.25 -70.16 -76.12
N ASP D 2662 11.05 -69.58 -76.13
CA ASP D 2662 9.87 -70.43 -76.31
C ASP D 2662 9.85 -71.04 -77.70
N ILE D 2663 10.31 -70.28 -78.71
CA ILE D 2663 10.45 -70.82 -80.06
C ILE D 2663 11.40 -72.02 -80.05
N ILE D 2664 12.57 -71.87 -79.42
CA ILE D 2664 13.55 -72.95 -79.40
C ILE D 2664 13.00 -74.15 -78.64
N HIS D 2665 12.29 -73.91 -77.54
CA HIS D 2665 11.75 -75.02 -76.76
C HIS D 2665 10.69 -75.78 -77.55
N GLY D 2666 9.81 -75.07 -78.25
CA GLY D 2666 8.84 -75.75 -79.10
C GLY D 2666 9.50 -76.57 -80.18
N TYR D 2667 10.54 -76.02 -80.80
CA TYR D 2667 11.26 -76.75 -81.84
C TYR D 2667 11.94 -77.99 -81.26
N CYS D 2668 12.49 -77.88 -80.05
CA CYS D 2668 13.08 -79.03 -79.38
C CYS D 2668 12.03 -80.09 -79.08
N THR D 2669 10.84 -79.67 -78.67
CA THR D 2669 9.77 -80.62 -78.41
C THR D 2669 9.38 -81.37 -79.67
N CYS D 2670 9.30 -80.67 -80.80
CA CYS D 2670 8.91 -81.33 -82.04
C CYS D 2670 10.09 -81.96 -82.77
N GLU D 2671 11.15 -81.18 -82.99
CA GLU D 2671 12.33 -81.66 -83.69
C GLU D 2671 13.43 -82.00 -82.69
N LEU D 2672 14.22 -83.03 -83.02
CA LEU D 2672 15.22 -83.56 -82.10
C LEU D 2672 16.65 -83.55 -82.64
N ASP D 2673 16.85 -83.43 -83.95
CA ASP D 2673 18.19 -83.57 -84.50
C ASP D 2673 19.06 -82.34 -84.21
N CYS D 2674 18.49 -81.15 -84.36
CA CYS D 2674 19.27 -79.92 -84.21
C CYS D 2674 19.44 -79.48 -82.77
N ILE D 2675 19.09 -80.34 -81.81
CA ILE D 2675 19.21 -79.98 -80.39
C ILE D 2675 20.65 -79.68 -80.04
N ASN D 2676 21.60 -80.42 -80.62
CA ASN D 2676 23.02 -80.15 -80.38
C ASN D 2676 23.37 -78.70 -80.71
N THR D 2677 22.72 -78.13 -81.74
CA THR D 2677 22.91 -76.70 -82.01
C THR D 2677 22.25 -75.85 -80.93
N ALA D 2678 20.99 -76.15 -80.58
CA ALA D 2678 20.25 -75.31 -79.65
C ALA D 2678 20.99 -75.16 -78.33
N SER D 2679 21.47 -76.28 -77.78
CA SER D 2679 22.29 -76.22 -76.57
C SER D 2679 23.30 -75.08 -76.65
N LYS D 2680 24.12 -75.08 -77.71
CA LYS D 2680 25.14 -74.05 -77.86
C LYS D 2680 24.53 -72.66 -77.76
N ILE D 2681 23.48 -72.39 -78.56
CA ILE D 2681 22.89 -71.06 -78.54
C ILE D 2681 22.34 -70.76 -77.15
N TYR D 2682 21.69 -71.77 -76.53
CA TYR D 2682 21.23 -71.60 -75.17
C TYR D 2682 22.37 -71.16 -74.26
N MET D 2683 23.49 -71.86 -74.35
CA MET D 2683 24.62 -71.52 -73.50
C MET D 2683 25.18 -70.15 -73.86
N GLN D 2684 25.14 -69.79 -75.15
CA GLN D 2684 25.57 -68.45 -75.54
C GLN D 2684 24.65 -67.41 -74.92
N MET D 2685 23.36 -67.75 -74.78
CA MET D 2685 22.43 -66.85 -74.11
C MET D 2685 22.67 -66.81 -72.61
N LEU D 2686 23.36 -67.82 -72.06
CA LEU D 2686 23.50 -67.93 -70.62
C LEU D 2686 24.76 -67.27 -70.09
N LEU D 2687 25.79 -67.15 -70.92
CA LEU D 2687 27.04 -66.52 -70.52
C LEU D 2687 27.09 -65.04 -70.90
N CYS D 2688 25.99 -64.47 -71.38
CA CYS D 2688 25.99 -63.07 -71.79
C CYS D 2688 26.25 -62.18 -70.58
N PRO D 2689 27.03 -61.11 -70.76
CA PRO D 2689 27.29 -60.21 -69.62
C PRO D 2689 26.06 -59.55 -69.04
N ASP D 2690 25.05 -59.25 -69.85
CA ASP D 2690 23.88 -58.55 -69.35
C ASP D 2690 23.04 -59.50 -68.50
N PRO D 2691 22.78 -59.18 -67.23
CA PRO D 2691 21.91 -60.05 -66.43
C PRO D 2691 20.49 -60.15 -66.96
N ALA D 2692 19.97 -59.08 -67.58
CA ALA D 2692 18.58 -59.05 -68.01
C ALA D 2692 18.28 -60.01 -69.16
N VAL D 2693 19.30 -60.58 -69.80
CA VAL D 2693 19.09 -61.61 -70.81
C VAL D 2693 19.42 -62.99 -70.27
N SER D 2694 20.53 -63.13 -69.54
CA SER D 2694 20.91 -64.43 -69.00
C SER D 2694 19.87 -64.92 -67.99
N PHE D 2695 19.52 -64.08 -67.01
CA PHE D 2695 18.54 -64.48 -66.02
C PHE D 2695 17.15 -64.64 -66.64
N SER D 2696 16.81 -63.82 -67.63
CA SER D 2696 15.53 -63.97 -68.31
C SER D 2696 15.45 -65.31 -69.02
N CYS D 2697 16.52 -65.69 -69.73
CA CYS D 2697 16.54 -67.00 -70.39
C CYS D 2697 16.48 -68.13 -69.37
N LYS D 2698 17.17 -67.96 -68.24
CA LYS D 2698 17.11 -68.98 -67.20
C LYS D 2698 15.69 -69.18 -66.68
N GLN D 2699 15.04 -68.08 -66.27
CA GLN D 2699 13.70 -68.20 -65.73
C GLN D 2699 12.70 -68.67 -66.78
N ALA D 2700 12.95 -68.33 -68.05
CA ALA D 2700 12.12 -68.84 -69.13
C ALA D 2700 12.28 -70.36 -69.25
N LEU D 2701 13.51 -70.85 -69.13
CA LEU D 2701 13.72 -72.30 -69.13
C LEU D 2701 12.97 -72.96 -67.98
N ILE D 2702 13.02 -72.34 -66.79
CA ILE D 2702 12.26 -72.89 -65.66
C ILE D 2702 10.77 -72.93 -65.97
N ARG D 2703 10.21 -71.82 -66.46
CA ARG D 2703 8.76 -71.78 -66.64
C ARG D 2703 8.29 -72.69 -67.76
N VAL D 2704 9.11 -72.90 -68.79
CA VAL D 2704 8.65 -73.69 -69.93
C VAL D 2704 8.94 -75.18 -69.75
N LEU D 2705 10.11 -75.54 -69.21
CA LEU D 2705 10.47 -76.95 -69.10
C LEU D 2705 9.83 -77.66 -67.93
N ARG D 2706 8.96 -77.00 -67.16
CA ARG D 2706 8.37 -77.64 -66.01
C ARG D 2706 7.47 -78.79 -66.44
N PRO D 2707 7.44 -79.91 -65.69
CA PRO D 2707 6.62 -81.07 -66.05
C PRO D 2707 5.13 -80.85 -65.75
N SER D 2967 4.26 -86.46 -71.28
CA SER D 2967 5.39 -85.84 -70.58
C SER D 2967 6.70 -86.53 -70.94
N ASN D 2968 6.61 -87.61 -71.72
CA ASN D 2968 7.80 -88.35 -72.11
C ASN D 2968 8.73 -87.49 -72.96
N ARG D 2969 8.19 -86.91 -74.04
CA ARG D 2969 9.01 -86.14 -74.96
C ARG D 2969 9.80 -85.07 -74.22
N LEU D 2970 9.16 -84.39 -73.26
CA LEU D 2970 9.89 -83.47 -72.41
C LEU D 2970 10.95 -84.19 -71.58
N HIS D 2971 10.68 -85.44 -71.19
CA HIS D 2971 11.65 -86.17 -70.37
C HIS D 2971 12.95 -86.39 -71.15
N MET D 2972 12.84 -86.93 -72.38
CA MET D 2972 14.08 -87.02 -73.16
C MET D 2972 14.63 -85.65 -73.53
N VAL D 2973 13.78 -84.62 -73.65
CA VAL D 2973 14.31 -83.29 -73.90
C VAL D 2973 15.27 -82.88 -72.79
N ARG D 2974 14.85 -83.06 -71.53
CA ARG D 2974 15.74 -82.73 -70.42
C ARG D 2974 16.97 -83.65 -70.39
N LEU D 2975 16.80 -84.94 -70.68
CA LEU D 2975 17.97 -85.82 -70.63
C LEU D 2975 19.03 -85.41 -71.65
N MET D 2976 18.62 -85.20 -72.91
CA MET D 2976 19.57 -84.66 -73.87
C MET D 2976 20.17 -83.33 -73.42
N LEU D 2977 19.33 -82.36 -73.02
CA LEU D 2977 19.87 -81.06 -72.63
C LEU D 2977 20.90 -81.18 -71.51
N LEU D 2978 20.62 -82.05 -70.53
CA LEU D 2978 21.59 -82.33 -69.49
C LEU D 2978 22.89 -82.87 -70.08
N GLU D 2979 22.79 -83.75 -71.06
CA GLU D 2979 24.02 -84.35 -71.58
C GLU D 2979 24.80 -83.39 -72.48
N ARG D 2980 24.10 -82.44 -73.14
CA ARG D 2980 24.77 -81.38 -73.88
C ARG D 2980 25.51 -80.43 -72.95
N LEU D 2981 24.85 -79.96 -71.88
CA LEU D 2981 25.51 -79.02 -70.99
C LEU D 2981 26.78 -79.58 -70.37
N LEU D 2982 26.89 -80.91 -70.31
CA LEU D 2982 28.01 -81.53 -69.62
C LEU D 2982 29.31 -81.37 -70.42
N GLN D 2983 29.22 -81.30 -71.74
CA GLN D 2983 30.42 -81.04 -72.53
C GLN D 2983 30.90 -79.59 -72.36
N THR D 2984 29.99 -78.66 -72.11
CA THR D 2984 30.34 -77.25 -72.04
C THR D 2984 30.54 -76.75 -70.62
N LEU D 2985 30.41 -77.60 -69.60
CA LEU D 2985 30.93 -77.24 -68.27
C LEU D 2985 32.32 -76.59 -68.30
N PRO D 2986 33.37 -77.20 -68.86
CA PRO D 2986 34.73 -76.68 -68.62
C PRO D 2986 35.01 -75.31 -69.21
N GLN D 2987 34.22 -74.82 -70.17
CA GLN D 2987 34.43 -73.47 -70.68
C GLN D 2987 34.13 -72.40 -69.63
N LEU D 2988 33.50 -72.75 -68.52
CA LEU D 2988 33.24 -71.80 -67.45
C LEU D 2988 34.44 -71.57 -66.54
N ARG D 2989 35.65 -71.97 -66.96
CA ARG D 2989 36.82 -71.80 -66.12
C ARG D 2989 37.19 -70.34 -65.95
N ASN D 2990 37.01 -69.53 -66.99
CA ASN D 2990 37.45 -68.14 -66.98
C ASN D 2990 36.29 -67.14 -67.02
N VAL D 2991 35.05 -67.61 -66.84
CA VAL D 2991 33.91 -66.71 -66.97
C VAL D 2991 33.70 -65.86 -65.72
N GLY D 2992 34.02 -66.37 -64.54
CA GLY D 2992 33.74 -65.64 -63.32
C GLY D 2992 32.55 -66.20 -62.57
N GLY D 2993 32.68 -66.25 -61.25
CA GLY D 2993 31.65 -66.85 -60.42
C GLY D 2993 30.32 -66.14 -60.53
N VAL D 2994 30.31 -64.81 -60.43
CA VAL D 2994 29.08 -64.04 -60.53
C VAL D 2994 28.43 -64.18 -61.90
N ARG D 2995 29.19 -64.63 -62.90
CA ARG D 2995 28.72 -64.76 -64.27
C ARG D 2995 28.22 -66.17 -64.59
N ALA D 2996 28.17 -67.07 -63.61
CA ALA D 2996 27.97 -68.49 -63.92
C ALA D 2996 26.90 -69.20 -63.10
N ILE D 2997 26.20 -68.53 -62.18
CA ILE D 2997 25.20 -69.23 -61.37
C ILE D 2997 24.06 -69.83 -62.19
N PRO D 2998 23.45 -69.11 -63.15
CA PRO D 2998 22.32 -69.73 -63.86
C PRO D 2998 22.69 -70.98 -64.61
N TYR D 2999 23.95 -71.14 -64.98
CA TYR D 2999 24.42 -72.37 -65.62
C TYR D 2999 24.07 -73.59 -64.77
N MET D 3000 24.15 -73.46 -63.44
CA MET D 3000 23.75 -74.54 -62.55
C MET D 3000 22.33 -74.39 -62.04
N GLN D 3001 21.78 -73.17 -62.05
CA GLN D 3001 20.38 -72.98 -61.69
C GLN D 3001 19.47 -73.76 -62.64
N VAL D 3002 19.83 -73.80 -63.93
CA VAL D 3002 19.04 -74.57 -64.89
C VAL D 3002 19.20 -76.07 -64.61
N ILE D 3003 20.41 -76.51 -64.23
CA ILE D 3003 20.61 -77.91 -63.87
C ILE D 3003 19.73 -78.30 -62.70
N LEU D 3004 19.50 -77.35 -61.79
CA LEU D 3004 18.67 -77.64 -60.62
C LEU D 3004 17.28 -78.11 -61.03
N MET D 3005 16.65 -77.41 -61.99
CA MET D 3005 15.40 -77.92 -62.55
C MET D 3005 15.63 -79.19 -63.36
N LEU D 3006 16.73 -79.24 -64.11
CA LEU D 3006 17.01 -80.39 -64.94
C LEU D 3006 17.08 -81.67 -64.12
N THR D 3007 17.27 -81.54 -62.81
CA THR D 3007 17.34 -82.66 -61.88
C THR D 3007 16.09 -82.79 -61.00
N THR D 3008 14.99 -82.13 -61.35
CA THR D 3008 13.83 -82.11 -60.46
C THR D 3008 13.08 -83.44 -60.47
N ASP D 3009 12.73 -83.95 -61.65
CA ASP D 3009 12.01 -85.21 -61.80
C ASP D 3009 12.98 -86.36 -62.04
N LEU D 3010 14.10 -86.31 -61.34
CA LEU D 3010 15.28 -87.12 -61.63
C LEU D 3010 15.11 -88.55 -61.10
N ASP D 3011 14.19 -89.27 -61.73
CA ASP D 3011 13.78 -90.59 -61.25
C ASP D 3011 14.89 -91.60 -61.50
N GLY D 3012 15.52 -92.07 -60.41
CA GLY D 3012 16.74 -92.86 -60.48
C GLY D 3012 16.59 -94.24 -61.12
N GLU D 3013 15.36 -94.74 -61.23
CA GLU D 3013 15.16 -96.14 -61.63
C GLU D 3013 15.59 -96.44 -63.07
N ASP D 3014 15.70 -95.43 -63.93
CA ASP D 3014 15.95 -95.66 -65.34
C ASP D 3014 17.45 -95.81 -65.61
N GLU D 3015 17.81 -96.84 -66.39
CA GLU D 3015 19.22 -97.12 -66.65
C GLU D 3015 19.90 -95.99 -67.41
N LYS D 3016 19.24 -95.47 -68.46
CA LYS D 3016 19.78 -94.31 -69.15
C LYS D 3016 19.88 -93.12 -68.20
N ASP D 3017 18.86 -92.95 -67.36
CA ASP D 3017 18.89 -91.88 -66.38
C ASP D 3017 20.08 -92.03 -65.43
N LYS D 3018 20.29 -93.24 -64.90
CA LYS D 3018 21.36 -93.40 -63.91
C LYS D 3018 22.74 -93.31 -64.55
N GLY D 3019 22.87 -93.71 -65.82
CA GLY D 3019 24.09 -93.40 -66.55
C GLY D 3019 24.31 -91.91 -66.63
N ALA D 3020 23.26 -91.16 -66.96
CA ALA D 3020 23.36 -89.70 -66.99
C ALA D 3020 23.76 -89.15 -65.62
N LEU D 3021 23.15 -89.67 -64.54
CA LEU D 3021 23.48 -89.19 -63.21
C LEU D 3021 24.96 -89.41 -62.90
N ASP D 3022 25.39 -90.67 -62.84
CA ASP D 3022 26.76 -90.92 -62.42
C ASP D 3022 27.76 -90.28 -63.37
N ASN D 3023 27.39 -90.11 -64.64
CA ASN D 3023 28.25 -89.42 -65.59
C ASN D 3023 28.44 -87.96 -65.17
N LEU D 3024 27.33 -87.28 -64.86
CA LEU D 3024 27.44 -85.87 -64.44
C LEU D 3024 28.18 -85.74 -63.12
N LEU D 3025 27.91 -86.63 -62.16
CA LEU D 3025 28.68 -86.64 -60.92
C LEU D 3025 30.17 -86.77 -61.21
N SER D 3026 30.53 -87.65 -62.15
CA SER D 3026 31.94 -87.83 -62.49
C SER D 3026 32.55 -86.55 -63.06
N GLN D 3027 31.82 -85.84 -63.93
CA GLN D 3027 32.42 -84.66 -64.53
C GLN D 3027 32.51 -83.50 -63.54
N LEU D 3028 31.51 -83.30 -62.68
CA LEU D 3028 31.68 -82.27 -61.65
C LEU D 3028 32.81 -82.63 -60.69
N ILE D 3029 32.96 -83.92 -60.34
CA ILE D 3029 34.07 -84.32 -59.49
C ILE D 3029 35.40 -84.01 -60.18
N ALA D 3030 35.51 -84.34 -61.46
CA ALA D 3030 36.74 -84.08 -62.20
C ALA D 3030 37.01 -82.59 -62.33
N GLU D 3031 35.97 -81.79 -62.54
CA GLU D 3031 36.13 -80.35 -62.60
C GLU D 3031 36.64 -79.78 -61.29
N LEU D 3032 36.13 -80.31 -60.17
CA LEU D 3032 36.66 -79.91 -58.87
C LEU D 3032 38.13 -80.27 -58.74
N GLY D 3033 38.53 -81.42 -59.27
CA GLY D 3033 39.92 -81.84 -59.21
C GLY D 3033 40.40 -82.08 -57.80
N MET D 3034 39.86 -83.14 -57.17
CA MET D 3034 40.11 -83.37 -55.75
C MET D 3034 41.49 -83.98 -55.50
N ASP D 3035 42.19 -84.42 -56.54
CA ASP D 3035 43.45 -85.13 -56.38
C ASP D 3035 44.68 -84.26 -56.59
N LYS D 3036 44.52 -82.97 -56.92
CA LYS D 3036 45.68 -82.16 -57.24
C LYS D 3036 46.53 -81.85 -56.01
N LYS D 3037 45.90 -81.74 -54.84
CA LYS D 3037 46.57 -81.49 -53.56
C LYS D 3037 47.42 -80.22 -53.57
N ASP D 3038 47.23 -79.35 -54.55
CA ASP D 3038 47.97 -78.09 -54.64
C ASP D 3038 47.06 -76.99 -54.11
N VAL D 3039 46.95 -76.93 -52.78
CA VAL D 3039 45.86 -76.22 -52.12
C VAL D 3039 46.25 -74.84 -51.60
N SER D 3040 47.45 -74.37 -51.90
CA SER D 3040 47.84 -73.05 -51.42
C SER D 3040 47.27 -71.90 -52.26
N LYS D 3041 46.64 -72.21 -53.39
CA LYS D 3041 46.03 -71.19 -54.23
C LYS D 3041 44.54 -70.98 -53.94
N LYS D 3042 43.94 -71.81 -53.08
CA LYS D 3042 42.51 -71.66 -52.81
C LYS D 3042 42.22 -70.50 -51.86
N ASN D 3043 43.21 -69.99 -51.15
CA ASN D 3043 42.98 -68.88 -50.25
C ASN D 3043 42.69 -67.59 -51.00
N GLU D 3044 43.45 -67.31 -52.06
CA GLU D 3044 43.28 -66.08 -52.81
C GLU D 3044 42.02 -66.13 -53.66
N ARG D 3045 41.60 -64.96 -54.11
CA ARG D 3045 40.38 -64.81 -54.91
C ARG D 3045 40.73 -64.85 -56.39
N SER D 3046 40.26 -65.90 -57.07
CA SER D 3046 40.46 -66.04 -58.51
C SER D 3046 39.19 -66.65 -59.11
N ALA D 3047 38.91 -66.27 -60.36
CA ALA D 3047 37.65 -66.65 -60.98
C ALA D 3047 37.45 -68.16 -60.95
N LEU D 3048 38.52 -68.92 -61.20
CA LEU D 3048 38.42 -70.38 -61.18
C LEU D 3048 38.09 -70.87 -59.76
N ASN D 3049 38.62 -70.18 -58.75
CA ASN D 3049 38.24 -70.48 -57.37
C ASN D 3049 36.75 -70.25 -57.14
N GLU D 3050 36.21 -69.15 -57.68
CA GLU D 3050 34.78 -68.88 -57.51
C GLU D 3050 33.93 -69.92 -58.23
N VAL D 3051 34.38 -70.39 -59.39
CA VAL D 3051 33.61 -71.44 -60.06
C VAL D 3051 33.67 -72.74 -59.25
N HIS D 3052 34.81 -73.03 -58.63
CA HIS D 3052 34.83 -74.13 -57.64
C HIS D 3052 33.79 -73.90 -56.56
N LEU D 3053 33.73 -72.67 -56.02
CA LEU D 3053 32.83 -72.40 -54.91
C LEU D 3053 31.37 -72.61 -55.31
N VAL D 3054 30.98 -72.11 -56.49
CA VAL D 3054 29.59 -72.26 -56.90
C VAL D 3054 29.28 -73.72 -57.23
N VAL D 3055 30.25 -74.46 -57.78
CA VAL D 3055 29.96 -75.86 -58.11
C VAL D 3055 29.81 -76.68 -56.82
N MET D 3056 30.62 -76.40 -55.79
CA MET D 3056 30.41 -77.12 -54.54
C MET D 3056 29.15 -76.66 -53.83
N ARG D 3057 28.73 -75.41 -54.04
CA ARG D 3057 27.44 -74.98 -53.54
C ARG D 3057 26.31 -75.74 -54.23
N LEU D 3058 26.43 -75.98 -55.54
CA LEU D 3058 25.47 -76.80 -56.24
C LEU D 3058 25.42 -78.22 -55.68
N LEU D 3059 26.60 -78.79 -55.42
CA LEU D 3059 26.65 -80.11 -54.79
C LEU D 3059 25.98 -80.10 -53.43
N SER D 3060 26.17 -79.01 -52.66
CA SER D 3060 25.53 -78.89 -51.37
C SER D 3060 24.02 -78.83 -51.49
N VAL D 3061 23.52 -78.09 -52.49
CA VAL D 3061 22.07 -78.03 -52.71
C VAL D 3061 21.54 -79.40 -53.10
N PHE D 3062 22.30 -80.14 -53.91
CA PHE D 3062 21.92 -81.51 -54.23
C PHE D 3062 21.85 -82.37 -52.98
N MET D 3063 22.84 -82.23 -52.09
CA MET D 3063 22.85 -82.98 -50.84
C MET D 3063 21.64 -82.64 -49.97
N SER D 3064 21.32 -81.35 -49.86
CA SER D 3064 20.21 -80.93 -49.01
C SER D 3064 18.86 -81.33 -49.58
N ARG D 3065 18.80 -81.71 -50.85
CA ARG D 3065 17.55 -82.16 -51.45
C ARG D 3065 17.19 -83.53 -50.88
N THR D 3066 16.09 -83.60 -50.16
CA THR D 3066 15.60 -84.84 -49.56
C THR D 3066 14.27 -85.23 -50.19
N LYS D 3067 14.16 -86.50 -50.56
CA LYS D 3067 12.92 -87.01 -51.15
C LYS D 3067 11.92 -87.26 -50.04
N SER D 3068 10.87 -86.45 -49.98
CA SER D 3068 9.83 -86.59 -48.96
C SER D 3068 9.09 -87.89 -49.19
N GLY D 3069 9.33 -88.87 -48.31
CA GLY D 3069 8.71 -90.17 -48.43
C GLY D 3069 7.30 -90.21 -47.89
N SER D 3070 6.70 -91.39 -47.98
CA SER D 3070 5.34 -91.61 -47.49
C SER D 3070 5.39 -91.94 -46.00
N LYS D 3071 4.27 -92.44 -45.47
CA LYS D 3071 4.15 -92.78 -44.05
C LYS D 3071 4.91 -94.05 -43.67
N SER D 3072 5.70 -94.63 -44.57
CA SER D 3072 6.46 -95.83 -44.25
C SER D 3072 7.51 -95.53 -43.19
N SER D 3073 7.73 -96.49 -42.29
CA SER D 3073 8.69 -96.33 -41.20
C SER D 3073 10.12 -96.65 -41.62
N ILE D 3074 10.34 -97.08 -42.86
CA ILE D 3074 11.68 -97.42 -43.32
C ILE D 3074 12.50 -96.14 -43.45
N CYS D 3075 13.72 -96.16 -42.91
CA CYS D 3075 14.62 -95.02 -42.97
C CYS D 3075 15.44 -94.99 -44.26
N GLU D 3076 15.26 -95.97 -45.14
CA GLU D 3076 15.99 -96.02 -46.40
C GLU D 3076 15.35 -95.18 -47.49
N SER D 3077 14.22 -94.52 -47.21
CA SER D 3077 13.55 -93.70 -48.22
C SER D 3077 14.19 -92.33 -48.32
N SER D 3078 15.51 -92.30 -48.54
CA SER D 3078 16.23 -91.06 -48.72
C SER D 3078 16.26 -90.69 -50.20
N SER D 3079 16.75 -89.48 -50.49
CA SER D 3079 16.82 -89.02 -51.87
C SER D 3079 17.86 -89.83 -52.64
N LEU D 3080 17.44 -90.36 -53.79
CA LEU D 3080 18.36 -91.10 -54.63
C LEU D 3080 19.50 -90.21 -55.13
N ILE D 3081 19.17 -88.97 -55.49
CA ILE D 3081 20.20 -88.03 -55.91
C ILE D 3081 21.18 -87.77 -54.78
N SER D 3082 20.67 -87.57 -53.57
CA SER D 3082 21.53 -87.33 -52.43
C SER D 3082 22.41 -88.53 -52.13
N SER D 3083 21.85 -89.74 -52.17
CA SER D 3083 22.63 -90.93 -51.91
C SER D 3083 23.73 -91.11 -52.97
N ALA D 3084 23.38 -90.87 -54.23
CA ALA D 3084 24.38 -90.98 -55.30
C ALA D 3084 25.49 -89.95 -55.14
N THR D 3085 25.14 -88.71 -54.80
CA THR D 3085 26.14 -87.68 -54.58
C THR D 3085 27.05 -88.05 -53.43
N ALA D 3086 26.48 -88.55 -52.34
CA ALA D 3086 27.28 -88.94 -51.19
C ALA D 3086 28.22 -90.09 -51.54
N ALA D 3087 27.71 -91.10 -52.25
CA ALA D 3087 28.55 -92.23 -52.63
C ALA D 3087 29.70 -91.77 -53.52
N ALA D 3088 29.41 -90.91 -54.50
CA ALA D 3088 30.46 -90.41 -55.38
C ALA D 3088 31.49 -89.61 -54.61
N LEU D 3089 31.04 -88.75 -53.68
CA LEU D 3089 31.98 -87.93 -52.93
C LEU D 3089 32.86 -88.78 -52.01
N LEU D 3090 32.26 -89.79 -51.37
CA LEU D 3090 33.05 -90.70 -50.53
C LEU D 3090 34.05 -91.50 -51.36
N SER D 3091 33.64 -91.92 -52.56
CA SER D 3091 34.57 -92.62 -53.44
C SER D 3091 35.72 -91.72 -53.85
N SER D 3092 35.42 -90.44 -54.14
CA SER D 3092 36.48 -89.50 -54.50
C SER D 3092 37.26 -89.02 -53.29
N GLY D 3093 36.72 -89.19 -52.09
CA GLY D 3093 37.44 -88.82 -50.89
C GLY D 3093 37.53 -87.33 -50.64
N ALA D 3094 36.39 -86.68 -50.40
CA ALA D 3094 36.37 -85.25 -50.12
C ALA D 3094 36.90 -84.89 -48.75
N VAL D 3095 36.98 -85.85 -47.83
CA VAL D 3095 37.47 -85.57 -46.48
C VAL D 3095 38.93 -85.14 -46.52
N ASP D 3096 39.72 -85.76 -47.38
CA ASP D 3096 41.12 -85.38 -47.52
C ASP D 3096 41.25 -83.93 -48.01
N TYR D 3097 40.46 -83.56 -49.03
CA TYR D 3097 40.49 -82.18 -49.48
C TYR D 3097 40.04 -81.23 -48.39
N CYS D 3098 39.03 -81.61 -47.62
CA CYS D 3098 38.61 -80.80 -46.48
C CYS D 3098 39.78 -80.54 -45.54
N LEU D 3099 40.51 -81.60 -45.18
CA LEU D 3099 41.63 -81.46 -44.25
C LEU D 3099 42.72 -80.57 -44.84
N HIS D 3100 43.09 -80.80 -46.10
CA HIS D 3100 44.15 -80.01 -46.71
C HIS D 3100 43.76 -78.53 -46.83
N VAL D 3101 42.53 -78.24 -47.25
CA VAL D 3101 42.14 -76.84 -47.39
C VAL D 3101 42.04 -76.19 -46.02
N LEU D 3102 41.61 -76.93 -44.99
CA LEU D 3102 41.60 -76.37 -43.64
C LEU D 3102 43.01 -76.03 -43.18
N LYS D 3103 43.96 -76.93 -43.43
CA LYS D 3103 45.35 -76.64 -43.10
C LYS D 3103 45.84 -75.41 -43.87
N SER D 3104 45.42 -75.27 -45.13
CA SER D 3104 45.83 -74.11 -45.92
C SER D 3104 45.27 -72.81 -45.36
N LEU D 3105 44.01 -72.83 -44.90
CA LEU D 3105 43.39 -71.61 -44.42
C LEU D 3105 43.66 -71.33 -42.94
N LEU D 3106 44.29 -72.26 -42.23
CA LEU D 3106 44.67 -71.98 -40.83
C LEU D 3106 45.64 -70.81 -40.75
N GLU D 3107 46.65 -70.78 -41.62
CA GLU D 3107 47.59 -69.67 -41.61
C GLU D 3107 46.92 -68.36 -41.97
N TYR D 3108 45.98 -68.39 -42.92
CA TYR D 3108 45.23 -67.19 -43.27
C TYR D 3108 44.43 -66.68 -42.06
N TRP D 3109 43.75 -67.58 -41.37
CA TRP D 3109 42.95 -67.17 -40.21
C TRP D 3109 43.82 -66.63 -39.10
N LYS D 3110 44.97 -67.26 -38.83
CA LYS D 3110 45.84 -66.76 -37.78
C LYS D 3110 46.53 -65.45 -38.17
N SER D 3111 46.70 -65.19 -39.47
CA SER D 3111 47.21 -63.91 -39.92
C SER D 3111 46.14 -62.82 -39.86
N GLN D 3112 44.86 -63.20 -40.01
CA GLN D 3112 43.79 -62.21 -40.01
C GLN D 3112 43.66 -61.52 -38.65
N GLN D 3113 44.04 -62.19 -37.57
CA GLN D 3113 43.95 -61.62 -36.24
C GLN D 3113 45.05 -60.57 -36.01
N SER D 3132 18.13 -52.81 -59.30
CA SER D 3132 17.61 -54.00 -58.63
C SER D 3132 18.40 -55.24 -59.01
N PRO D 3133 19.09 -55.84 -58.05
CA PRO D 3133 19.86 -57.05 -58.35
C PRO D 3133 18.93 -58.20 -58.70
N PRO D 3134 19.37 -59.12 -59.55
CA PRO D 3134 18.50 -60.24 -59.94
C PRO D 3134 18.31 -61.22 -58.79
N ASP D 3135 17.24 -62.00 -58.89
CA ASP D 3135 16.95 -63.03 -57.89
C ASP D 3135 18.05 -64.07 -57.91
N MET D 3136 18.75 -64.22 -56.79
CA MET D 3136 19.93 -65.08 -56.71
C MET D 3136 19.63 -66.42 -56.06
N SER D 3137 18.36 -66.69 -55.74
CA SER D 3137 18.00 -67.92 -55.03
C SER D 3137 18.21 -69.14 -55.92
N PRO D 3138 18.48 -70.31 -55.32
CA PRO D 3138 18.69 -70.56 -53.89
C PRO D 3138 20.17 -70.53 -53.50
N PHE D 3139 21.06 -70.20 -54.43
CA PHE D 3139 22.48 -70.18 -54.14
C PHE D 3139 22.82 -69.09 -53.13
N PHE D 3140 22.09 -67.98 -53.18
CA PHE D 3140 22.29 -66.88 -52.23
C PHE D 3140 20.93 -66.35 -51.80
N LEU D 3141 20.76 -66.15 -50.50
CA LEU D 3141 19.50 -65.63 -49.98
C LEU D 3141 19.29 -64.20 -50.46
N ARG D 3142 18.03 -63.86 -50.72
CA ARG D 3142 17.71 -62.53 -51.24
C ARG D 3142 18.07 -61.43 -50.25
N GLN D 3143 18.00 -61.73 -48.94
CA GLN D 3143 18.48 -60.77 -47.95
C GLN D 3143 19.97 -60.52 -48.11
N TYR D 3144 20.75 -61.57 -48.32
CA TYR D 3144 22.18 -61.41 -48.56
C TYR D 3144 22.44 -60.58 -49.81
N VAL D 3145 21.66 -60.80 -50.85
CA VAL D 3145 21.82 -60.03 -52.08
C VAL D 3145 21.52 -58.56 -51.83
N LYS D 3146 20.43 -58.28 -51.11
CA LYS D 3146 20.07 -56.89 -50.85
C LYS D 3146 21.02 -56.22 -49.86
N GLY D 3147 21.77 -57.00 -49.09
CA GLY D 3147 22.73 -56.42 -48.16
C GLY D 3147 24.11 -56.23 -48.75
N HIS D 3148 24.42 -56.98 -49.81
CA HIS D 3148 25.74 -56.95 -50.43
C HIS D 3148 25.60 -56.90 -51.95
N ALA D 3149 24.73 -56.02 -52.44
CA ALA D 3149 24.49 -55.92 -53.88
C ALA D 3149 25.73 -55.51 -54.66
N ALA D 3150 26.70 -54.86 -54.00
CA ALA D 3150 27.93 -54.49 -54.69
C ALA D 3150 28.70 -55.73 -55.14
N ASP D 3151 28.81 -56.73 -54.28
CA ASP D 3151 29.48 -57.99 -54.63
C ASP D 3151 29.03 -59.05 -53.64
N VAL D 3152 28.37 -60.08 -54.14
CA VAL D 3152 27.95 -61.21 -53.30
C VAL D 3152 29.16 -62.09 -53.02
N PHE D 3153 30.30 -61.73 -53.60
CA PHE D 3153 31.48 -62.58 -53.58
C PHE D 3153 32.64 -61.95 -52.82
N GLU D 3154 32.39 -60.89 -52.06
CA GLU D 3154 33.44 -60.26 -51.27
C GLU D 3154 33.95 -61.20 -50.17
N ALA D 3155 33.04 -61.90 -49.50
CA ALA D 3155 33.40 -62.83 -48.44
C ALA D 3155 33.63 -64.23 -49.00
N TYR D 3156 34.58 -64.31 -49.93
CA TYR D 3156 34.90 -65.58 -50.57
C TYR D 3156 35.44 -66.60 -49.57
N THR D 3157 36.36 -66.17 -48.71
CA THR D 3157 36.98 -67.10 -47.77
C THR D 3157 35.97 -67.65 -46.77
N GLN D 3158 35.11 -66.79 -46.25
CA GLN D 3158 34.09 -67.25 -45.29
C GLN D 3158 33.14 -68.24 -45.95
N LEU D 3159 32.72 -67.98 -47.18
CA LEU D 3159 31.84 -68.91 -47.88
C LEU D 3159 32.53 -70.24 -48.13
N LEU D 3160 33.80 -70.21 -48.53
CA LEU D 3160 34.53 -71.45 -48.75
C LEU D 3160 34.66 -72.25 -47.46
N THR D 3161 34.97 -71.58 -46.36
CA THR D 3161 35.07 -72.27 -45.08
C THR D 3161 33.73 -72.87 -44.66
N GLU D 3162 32.64 -72.12 -44.85
CA GLU D 3162 31.34 -72.65 -44.50
C GLU D 3162 31.01 -73.88 -45.34
N MET D 3163 31.27 -73.82 -46.64
CA MET D 3163 31.07 -74.98 -47.51
C MET D 3163 31.86 -76.19 -47.02
N VAL D 3164 33.14 -75.98 -46.71
CA VAL D 3164 34.01 -77.12 -46.43
C VAL D 3164 33.85 -77.65 -45.01
N LEU D 3165 33.25 -76.88 -44.10
CA LEU D 3165 32.85 -77.45 -42.82
C LEU D 3165 31.46 -78.05 -42.87
N ARG D 3166 30.61 -77.62 -43.81
CA ARG D 3166 29.24 -78.11 -43.84
C ARG D 3166 29.13 -79.43 -44.60
N LEU D 3167 29.86 -79.57 -45.71
CA LEU D 3167 29.75 -80.79 -46.52
C LEU D 3167 30.09 -82.06 -45.75
N PRO D 3168 31.21 -82.14 -45.00
CA PRO D 3168 31.51 -83.39 -44.29
C PRO D 3168 30.42 -83.81 -43.33
N TYR D 3169 29.76 -82.85 -42.66
CA TYR D 3169 28.66 -83.19 -41.77
C TYR D 3169 27.56 -83.95 -42.52
N GLN D 3170 27.18 -83.45 -43.70
CA GLN D 3170 26.09 -84.07 -44.44
C GLN D 3170 26.49 -85.43 -44.99
N ILE D 3171 27.70 -85.57 -45.54
CA ILE D 3171 28.07 -86.89 -46.05
C ILE D 3171 28.18 -87.88 -44.89
N LYS D 3172 28.67 -87.43 -43.74
CA LYS D 3172 28.77 -88.31 -42.58
C LYS D 3172 27.39 -88.77 -42.12
N LYS D 3173 26.43 -87.85 -42.05
CA LYS D 3173 25.11 -88.25 -41.55
C LYS D 3173 24.40 -89.16 -42.54
N ILE D 3174 24.53 -88.89 -43.85
CA ILE D 3174 23.89 -89.76 -44.83
C ILE D 3174 24.54 -91.13 -44.86
N THR D 3175 25.86 -91.20 -44.65
CA THR D 3175 26.51 -92.50 -44.55
C THR D 3175 26.09 -93.25 -43.29
N ASP D 3176 25.88 -92.53 -42.19
CA ASP D 3176 25.37 -93.15 -40.98
C ASP D 3176 23.97 -93.72 -41.20
N THR D 3177 23.11 -92.98 -41.89
CA THR D 3177 21.75 -93.44 -42.12
C THR D 3177 21.69 -94.65 -43.06
N ASN D 3178 22.70 -94.84 -43.91
CA ASN D 3178 22.73 -95.94 -44.86
C ASN D 3178 23.67 -97.02 -44.33
N SER D 3179 23.11 -98.18 -44.00
CA SER D 3179 23.91 -99.28 -43.48
C SER D 3179 24.90 -99.80 -44.52
N ARG D 3180 24.51 -99.78 -45.81
CA ARG D 3180 25.37 -100.34 -46.85
C ARG D 3180 26.69 -99.57 -46.97
N ILE D 3181 26.63 -98.25 -46.91
CA ILE D 3181 27.83 -97.43 -47.05
C ILE D 3181 28.66 -97.53 -45.77
N PRO D 3182 29.91 -97.97 -45.85
CA PRO D 3182 30.74 -98.01 -44.65
C PRO D 3182 31.04 -96.61 -44.14
N PRO D 3183 31.14 -96.42 -42.83
CA PRO D 3183 31.47 -95.09 -42.31
C PRO D 3183 32.85 -94.66 -42.75
N PRO D 3184 33.06 -93.37 -42.98
CA PRO D 3184 34.38 -92.89 -43.41
C PRO D 3184 35.39 -92.95 -42.27
N VAL D 3185 36.67 -93.04 -42.65
CA VAL D 3185 37.75 -93.13 -41.67
C VAL D 3185 38.13 -91.72 -41.23
N PHE D 3186 38.30 -91.56 -39.92
CA PHE D 3186 38.63 -90.26 -39.33
C PHE D 3186 39.68 -90.47 -38.25
N ASP D 3187 40.77 -89.71 -38.32
CA ASP D 3187 41.87 -89.83 -37.37
C ASP D 3187 41.96 -88.58 -36.50
N HIS D 3188 42.98 -88.56 -35.64
CA HIS D 3188 43.13 -87.49 -34.65
C HIS D 3188 43.42 -86.14 -35.27
N SER D 3189 43.83 -86.08 -36.54
CA SER D 3189 44.09 -84.79 -37.18
C SER D 3189 42.81 -83.95 -37.22
N TRP D 3190 41.67 -84.59 -37.48
CA TRP D 3190 40.40 -83.87 -37.49
C TRP D 3190 40.13 -83.21 -36.15
N PHE D 3191 40.19 -83.98 -35.07
CA PHE D 3191 39.92 -83.40 -33.75
C PHE D 3191 40.93 -82.31 -33.40
N TYR D 3192 42.22 -82.56 -33.69
CA TYR D 3192 43.25 -81.58 -33.41
C TYR D 3192 42.94 -80.25 -34.10
N PHE D 3193 42.91 -80.26 -35.43
CA PHE D 3193 42.79 -79.01 -36.17
C PHE D 3193 41.41 -78.38 -35.94
N LEU D 3194 40.39 -79.21 -35.71
CA LEU D 3194 39.04 -78.73 -35.45
C LEU D 3194 38.95 -77.97 -34.13
N SER D 3195 39.47 -78.56 -33.05
CA SER D 3195 39.51 -77.85 -31.78
C SER D 3195 40.40 -76.62 -31.87
N GLU D 3196 41.49 -76.69 -32.64
CA GLU D 3196 42.34 -75.53 -32.85
C GLU D 3196 41.55 -74.40 -33.50
N TYR D 3197 40.69 -74.74 -34.46
CA TYR D 3197 39.86 -73.74 -35.11
C TYR D 3197 38.82 -73.15 -34.15
N LEU D 3198 38.26 -73.97 -33.26
CA LEU D 3198 37.18 -73.46 -32.42
C LEU D 3198 37.63 -72.32 -31.52
N MET D 3199 38.91 -72.30 -31.10
CA MET D 3199 39.38 -71.27 -30.18
C MET D 3199 39.67 -69.96 -30.88
N ILE D 3200 39.77 -70.00 -32.22
CA ILE D 3200 40.04 -68.81 -33.00
C ILE D 3200 38.75 -68.03 -33.11
N GLN D 3201 38.80 -66.75 -32.81
CA GLN D 3201 37.57 -65.96 -32.86
C GLN D 3201 37.06 -65.75 -34.29
N GLN D 3202 35.74 -65.90 -34.47
CA GLN D 3202 35.12 -65.71 -35.79
C GLN D 3202 33.66 -65.30 -35.53
N THR D 3203 32.86 -65.20 -36.60
CA THR D 3203 31.43 -64.94 -36.44
C THR D 3203 30.75 -66.13 -35.77
N PRO D 3204 29.63 -65.91 -35.06
CA PRO D 3204 28.97 -67.04 -34.37
C PRO D 3204 28.44 -68.12 -35.29
N PHE D 3205 28.20 -67.82 -36.57
CA PHE D 3205 27.65 -68.82 -37.48
C PHE D 3205 28.59 -70.01 -37.65
N VAL D 3206 29.85 -69.74 -38.01
CA VAL D 3206 30.81 -70.81 -38.20
C VAL D 3206 31.09 -71.51 -36.87
N ARG D 3207 31.10 -70.76 -35.77
CA ARG D 3207 31.32 -71.37 -34.47
C ARG D 3207 30.22 -72.36 -34.12
N ARG D 3208 28.96 -71.98 -34.37
CA ARG D 3208 27.85 -72.89 -34.10
C ARG D 3208 27.91 -74.12 -34.99
N GLN D 3209 28.17 -73.92 -36.28
CA GLN D 3209 28.25 -75.07 -37.19
C GLN D 3209 29.40 -76.00 -36.79
N VAL D 3210 30.54 -75.42 -36.43
CA VAL D 3210 31.71 -76.22 -36.10
C VAL D 3210 31.49 -76.95 -34.78
N ARG D 3211 30.78 -76.33 -33.82
CA ARG D 3211 30.43 -77.03 -32.60
C ARG D 3211 29.50 -78.20 -32.88
N LYS D 3212 28.52 -78.01 -33.77
CA LYS D 3212 27.61 -79.10 -34.11
C LYS D 3212 28.37 -80.27 -34.73
N LEU D 3213 29.24 -79.98 -35.70
CA LEU D 3213 30.00 -81.08 -36.30
C LEU D 3213 31.01 -81.67 -35.33
N LEU D 3214 31.49 -80.90 -34.36
CA LEU D 3214 32.33 -81.44 -33.30
C LEU D 3214 31.57 -82.47 -32.46
N LEU D 3215 30.40 -82.07 -31.96
CA LEU D 3215 29.62 -83.01 -31.15
C LEU D 3215 29.16 -84.20 -31.97
N PHE D 3216 29.11 -84.08 -33.30
CA PHE D 3216 28.87 -85.25 -34.13
C PHE D 3216 30.10 -86.15 -34.15
N ILE D 3217 31.24 -85.61 -34.58
CA ILE D 3217 32.39 -86.46 -34.93
C ILE D 3217 32.95 -87.16 -33.70
N CYS D 3218 33.08 -86.45 -32.58
CA CYS D 3218 33.84 -86.97 -31.46
C CYS D 3218 33.00 -87.91 -30.59
N GLY D 3219 32.32 -88.86 -31.21
CA GLY D 3219 31.70 -89.93 -30.45
C GLY D 3219 30.49 -89.48 -29.65
N SER D 3220 30.75 -88.68 -28.61
CA SER D 3220 29.71 -88.21 -27.71
C SER D 3220 30.15 -86.90 -27.07
N LYS D 3221 29.22 -86.31 -26.31
CA LYS D 3221 29.44 -84.97 -25.77
C LYS D 3221 30.57 -84.96 -24.74
N GLU D 3222 30.64 -86.00 -23.89
CA GLU D 3222 31.74 -86.04 -22.93
C GLU D 3222 33.08 -86.03 -23.64
N LYS D 3223 33.18 -86.72 -24.79
CA LYS D 3223 34.46 -86.81 -25.47
C LYS D 3223 34.88 -85.45 -26.05
N TYR D 3224 33.96 -84.72 -26.68
CA TYR D 3224 34.36 -83.43 -27.26
C TYR D 3224 34.68 -82.44 -26.15
N ARG D 3225 33.92 -82.48 -25.05
CA ARG D 3225 34.25 -81.61 -23.92
C ARG D 3225 35.64 -81.92 -23.38
N GLN D 3226 35.97 -83.20 -23.25
CA GLN D 3226 37.30 -83.59 -22.76
C GLN D 3226 38.39 -83.13 -23.72
N LEU D 3227 38.17 -83.31 -25.02
CA LEU D 3227 39.19 -82.92 -25.99
C LEU D 3227 39.43 -81.41 -25.97
N ARG D 3228 38.35 -80.62 -25.95
CA ARG D 3228 38.52 -79.17 -25.84
C ARG D 3228 39.25 -78.79 -24.56
N ASP D 3229 38.88 -79.42 -23.44
CA ASP D 3229 39.53 -79.10 -22.17
C ASP D 3229 41.03 -79.37 -22.25
N LEU D 3230 41.40 -80.57 -22.71
CA LEU D 3230 42.80 -80.94 -22.75
C LEU D 3230 43.60 -80.04 -23.69
N HIS D 3231 43.05 -79.76 -24.88
CA HIS D 3231 43.76 -78.90 -25.82
C HIS D 3231 43.95 -77.50 -25.27
N THR D 3232 42.90 -76.93 -24.68
CA THR D 3232 43.00 -75.58 -24.12
C THR D 3232 44.04 -75.53 -23.02
N LEU D 3233 44.06 -76.54 -22.14
CA LEU D 3233 45.01 -76.53 -21.03
C LEU D 3233 46.44 -76.71 -21.51
N ASP D 3234 46.65 -77.55 -22.53
CA ASP D 3234 47.99 -77.71 -23.08
C ASP D 3234 48.47 -76.39 -23.66
N SER D 3235 47.61 -75.70 -24.41
CA SER D 3235 48.00 -74.41 -24.98
C SER D 3235 48.32 -73.40 -23.89
N HIS D 3236 47.50 -73.36 -22.83
CA HIS D 3236 47.74 -72.41 -21.75
C HIS D 3236 49.06 -72.69 -21.04
N VAL D 3237 49.38 -73.96 -20.80
CA VAL D 3237 50.65 -74.31 -20.18
C VAL D 3237 51.84 -73.94 -21.06
N ARG D 3238 51.73 -74.17 -22.37
CA ARG D 3238 52.79 -73.73 -23.28
C ARG D 3238 52.98 -72.21 -23.22
N GLY D 3239 51.86 -71.47 -23.18
CA GLY D 3239 51.96 -70.03 -23.06
C GLY D 3239 52.66 -69.59 -21.79
N ILE D 3240 52.31 -70.22 -20.66
CA ILE D 3240 52.97 -69.89 -19.40
C ILE D 3240 54.46 -70.18 -19.46
N LYS D 3241 54.82 -71.34 -20.02
CA LYS D 3241 56.23 -71.71 -20.09
C LYS D 3241 57.01 -70.75 -20.99
N LYS D 3242 56.42 -70.34 -22.11
CA LYS D 3242 57.10 -69.37 -22.99
C LYS D 3242 57.23 -68.01 -22.30
N LEU D 3243 56.19 -67.60 -21.58
CA LEU D 3243 56.25 -66.32 -20.86
C LEU D 3243 57.38 -66.32 -19.85
N LEU D 3244 57.52 -67.40 -19.09
CA LEU D 3244 58.64 -67.48 -18.16
C LEU D 3244 59.97 -67.65 -18.89
N GLU D 3245 59.96 -68.29 -20.06
CA GLU D 3245 61.14 -68.39 -20.90
C GLU D 3245 61.70 -67.01 -21.23
N GLU D 3246 60.80 -66.08 -21.57
CA GLU D 3246 61.23 -64.75 -22.01
C GLU D 3246 62.08 -64.02 -20.98
N GLN D 3247 61.87 -64.25 -19.69
CA GLN D 3247 62.52 -63.45 -18.64
C GLN D 3247 63.62 -64.21 -17.92
N GLY D 3248 64.05 -65.35 -18.42
CA GLY D 3248 65.16 -66.07 -17.85
C GLY D 3248 64.82 -67.20 -16.91
N ILE D 3249 63.53 -67.56 -16.80
CA ILE D 3249 63.10 -68.66 -15.95
C ILE D 3249 63.03 -69.89 -16.83
N PHE D 3250 63.87 -70.88 -16.53
CA PHE D 3250 64.06 -72.05 -17.39
C PHE D 3250 63.76 -73.32 -16.60
N LEU D 3251 62.86 -74.14 -17.12
CA LEU D 3251 62.59 -75.47 -16.58
C LEU D 3251 63.36 -76.46 -17.43
N ARG D 3252 64.50 -76.93 -16.92
CA ARG D 3252 65.42 -77.74 -17.72
C ARG D 3252 65.02 -79.20 -17.76
N ALA D 3253 65.06 -79.89 -16.61
CA ALA D 3253 64.61 -81.27 -16.53
C ALA D 3253 63.41 -81.42 -15.61
N SER D 3254 63.54 -81.02 -14.35
CA SER D 3254 62.40 -80.84 -13.46
C SER D 3254 62.59 -79.67 -12.53
N VAL D 3255 63.69 -78.94 -12.64
CA VAL D 3255 64.03 -77.83 -11.75
C VAL D 3255 63.83 -76.53 -12.50
N VAL D 3256 63.26 -75.54 -11.83
CA VAL D 3256 63.08 -74.21 -12.41
C VAL D 3256 64.20 -73.32 -11.89
N THR D 3257 64.98 -72.77 -12.81
CA THR D 3257 66.13 -71.95 -12.48
C THR D 3257 65.94 -70.54 -13.03
N ALA D 3258 66.39 -69.55 -12.26
CA ALA D 3258 66.27 -68.15 -12.63
C ALA D 3258 67.64 -67.53 -12.74
N SER D 3259 67.81 -66.65 -13.73
CA SER D 3259 69.08 -65.97 -13.95
C SER D 3259 69.14 -64.60 -13.30
N SER D 3260 68.01 -63.93 -13.16
CA SER D 3260 67.95 -62.57 -12.63
C SER D 3260 67.31 -62.59 -11.25
N GLY D 3261 67.94 -61.88 -10.31
CA GLY D 3261 67.37 -61.68 -9.00
C GLY D 3261 66.32 -60.61 -8.91
N SER D 3262 66.06 -59.90 -10.00
CA SER D 3262 65.05 -58.85 -10.03
C SER D 3262 63.67 -59.46 -10.24
N ALA D 3263 62.67 -58.84 -9.62
CA ALA D 3263 61.31 -59.35 -9.70
C ALA D 3263 60.72 -59.08 -11.09
N LEU D 3264 59.55 -59.67 -11.34
CA LEU D 3264 58.86 -59.50 -12.60
C LEU D 3264 58.03 -58.22 -12.59
N GLN D 3265 57.62 -57.80 -13.79
CA GLN D 3265 56.87 -56.57 -13.98
C GLN D 3265 55.38 -56.86 -14.12
N TYR D 3266 54.59 -55.78 -14.16
CA TYR D 3266 53.14 -55.90 -14.13
C TYR D 3266 52.61 -56.63 -15.36
N ASP D 3267 53.15 -56.33 -16.54
CA ASP D 3267 52.66 -56.95 -17.77
C ASP D 3267 52.90 -58.45 -17.75
N THR D 3268 54.09 -58.88 -17.30
CA THR D 3268 54.37 -60.31 -17.20
C THR D 3268 53.40 -61.00 -16.25
N LEU D 3269 53.13 -60.36 -15.11
CA LEU D 3269 52.21 -60.96 -14.14
C LEU D 3269 50.79 -61.03 -14.69
N ILE D 3270 50.36 -60.02 -15.44
CA ILE D 3270 49.01 -60.05 -15.99
C ILE D 3270 48.89 -61.12 -17.07
N SER D 3271 49.95 -61.31 -17.87
CA SER D 3271 49.92 -62.34 -18.89
C SER D 3271 49.95 -63.73 -18.26
N LEU D 3272 50.68 -63.89 -17.16
CA LEU D 3272 50.60 -65.13 -16.39
C LEU D 3272 49.19 -65.35 -15.85
N MET D 3273 48.58 -64.29 -15.31
CA MET D 3273 47.30 -64.42 -14.63
C MET D 3273 46.17 -64.76 -15.58
N GLU D 3274 46.19 -64.26 -16.81
CA GLU D 3274 45.13 -64.64 -17.75
C GLU D 3274 45.11 -66.15 -17.99
N HIS D 3275 46.29 -66.71 -18.30
CA HIS D 3275 46.41 -68.15 -18.53
C HIS D 3275 46.01 -68.92 -17.29
N LEU D 3276 46.53 -68.50 -16.12
CA LEU D 3276 46.25 -69.22 -14.89
C LEU D 3276 44.77 -69.13 -14.51
N LYS D 3277 44.11 -68.02 -14.82
CA LYS D 3277 42.69 -67.89 -14.53
C LYS D 3277 41.86 -68.79 -15.42
N ALA D 3278 42.22 -68.89 -16.70
CA ALA D 3278 41.53 -69.85 -17.56
C ALA D 3278 41.68 -71.27 -17.03
N CYS D 3279 42.92 -71.65 -16.68
CA CYS D 3279 43.17 -72.99 -16.16
C CYS D 3279 42.42 -73.23 -14.85
N ALA D 3280 42.39 -72.23 -13.97
CA ALA D 3280 41.70 -72.39 -12.69
C ALA D 3280 40.19 -72.51 -12.89
N GLU D 3281 39.63 -71.74 -13.83
CA GLU D 3281 38.20 -71.84 -14.11
C GLU D 3281 37.85 -73.25 -14.56
N ILE D 3282 38.58 -73.77 -15.55
CA ILE D 3282 38.22 -75.09 -16.07
C ILE D 3282 38.48 -76.17 -15.02
N ALA D 3283 39.58 -76.06 -14.27
CA ALA D 3283 39.88 -77.05 -13.24
C ALA D 3283 38.86 -77.04 -12.13
N ALA D 3284 38.29 -75.86 -11.81
CA ALA D 3284 37.25 -75.80 -10.80
C ALA D 3284 35.90 -76.27 -11.33
N GLN D 3285 35.69 -76.21 -12.66
CA GLN D 3285 34.43 -76.68 -13.21
C GLN D 3285 34.43 -78.19 -13.39
N ARG D 3286 35.37 -78.72 -14.18
CA ARG D 3286 35.47 -80.15 -14.48
C ARG D 3286 36.87 -80.62 -14.08
N THR D 3287 36.98 -81.08 -12.83
CA THR D 3287 38.30 -81.39 -12.27
C THR D 3287 38.89 -82.68 -12.85
N ILE D 3288 38.03 -83.58 -13.35
CA ILE D 3288 38.52 -84.86 -13.85
C ILE D 3288 39.46 -84.66 -15.03
N ASN D 3289 39.11 -83.75 -15.95
CA ASN D 3289 39.97 -83.49 -17.11
C ASN D 3289 41.30 -82.89 -16.69
N TRP D 3290 41.29 -81.97 -15.71
CA TRP D 3290 42.53 -81.39 -15.22
C TRP D 3290 43.41 -82.46 -14.58
N GLN D 3291 42.80 -83.37 -13.81
CA GLN D 3291 43.56 -84.47 -13.22
C GLN D 3291 44.15 -85.37 -14.30
N LYS D 3292 43.37 -85.66 -15.35
CA LYS D 3292 43.86 -86.50 -16.43
C LYS D 3292 45.04 -85.84 -17.15
N PHE D 3293 44.96 -84.54 -17.39
CA PHE D 3293 46.10 -83.81 -17.92
C PHE D 3293 47.32 -83.99 -17.01
N CYS D 3294 47.16 -83.66 -15.73
CA CYS D 3294 48.30 -83.73 -14.82
C CYS D 3294 48.89 -85.14 -14.78
N ILE D 3295 48.07 -86.15 -15.03
CA ILE D 3295 48.59 -87.52 -15.16
C ILE D 3295 49.41 -87.66 -16.43
N LYS D 3296 48.87 -87.20 -17.57
CA LYS D 3296 49.58 -87.40 -18.84
C LYS D 3296 50.89 -86.62 -18.87
N ASP D 3297 50.85 -85.33 -18.55
CA ASP D 3297 52.03 -84.49 -18.52
C ASP D 3297 52.47 -84.37 -17.06
N ASP D 3298 53.60 -85.00 -16.73
CA ASP D 3298 54.03 -85.11 -15.34
C ASP D 3298 54.82 -83.89 -14.87
N SER D 3299 55.14 -82.96 -15.74
CA SER D 3299 55.96 -81.80 -15.38
C SER D 3299 55.14 -80.52 -15.29
N VAL D 3300 53.90 -80.64 -14.79
CA VAL D 3300 53.00 -79.51 -14.66
C VAL D 3300 52.86 -79.07 -13.21
N LEU D 3301 52.48 -80.00 -12.33
CA LEU D 3301 52.23 -79.64 -10.93
C LEU D 3301 53.51 -79.19 -10.24
N TYR D 3302 54.60 -79.93 -10.43
CA TYR D 3302 55.86 -79.53 -9.84
C TYR D 3302 56.35 -78.21 -10.41
N PHE D 3303 56.09 -77.96 -11.70
CA PHE D 3303 56.45 -76.67 -12.28
C PHE D 3303 55.66 -75.54 -11.62
N LEU D 3304 54.36 -75.75 -11.37
CA LEU D 3304 53.57 -74.72 -10.70
C LEU D 3304 54.07 -74.49 -9.29
N LEU D 3305 54.40 -75.56 -8.57
CA LEU D 3305 54.92 -75.42 -7.21
C LEU D 3305 56.23 -74.65 -7.20
N GLN D 3306 57.13 -74.95 -8.15
CA GLN D 3306 58.40 -74.23 -8.21
C GLN D 3306 58.21 -72.77 -8.60
N VAL D 3307 57.28 -72.50 -9.52
CA VAL D 3307 57.09 -71.13 -9.96
C VAL D 3307 56.35 -70.29 -8.93
N SER D 3308 55.60 -70.92 -8.03
CA SER D 3308 54.93 -70.17 -6.97
C SER D 3308 55.93 -69.48 -6.05
N PHE D 3309 57.19 -69.93 -6.04
CA PHE D 3309 58.22 -69.28 -5.23
C PHE D 3309 58.75 -68.01 -5.89
N LEU D 3310 58.55 -67.84 -7.20
CA LEU D 3310 59.12 -66.72 -7.91
C LEU D 3310 58.13 -65.59 -8.16
N VAL D 3311 56.84 -65.89 -8.22
CA VAL D 3311 55.84 -64.90 -8.52
C VAL D 3311 55.39 -64.24 -7.22
N ASP D 3312 54.83 -63.05 -7.34
CA ASP D 3312 54.48 -62.24 -6.18
C ASP D 3312 53.30 -62.84 -5.42
N GLU D 3313 52.90 -62.16 -4.34
CA GLU D 3313 51.87 -62.67 -3.46
C GLU D 3313 50.47 -62.59 -4.05
N GLY D 3314 50.28 -61.84 -5.14
CA GLY D 3314 48.97 -61.75 -5.74
C GLY D 3314 48.60 -62.90 -6.63
N VAL D 3315 49.59 -63.71 -7.03
CA VAL D 3315 49.36 -64.85 -7.90
C VAL D 3315 49.45 -66.18 -7.17
N SER D 3316 49.87 -66.18 -5.91
CA SER D 3316 49.88 -67.41 -5.13
C SER D 3316 48.50 -68.06 -4.98
N PRO D 3317 47.40 -67.33 -4.74
CA PRO D 3317 46.11 -68.01 -4.56
C PRO D 3317 45.71 -68.89 -5.73
N VAL D 3318 45.89 -68.46 -6.98
CA VAL D 3318 45.44 -69.27 -8.10
C VAL D 3318 46.32 -70.51 -8.27
N LEU D 3319 47.63 -70.37 -8.04
CA LEU D 3319 48.51 -71.53 -8.11
C LEU D 3319 48.15 -72.55 -7.03
N LEU D 3320 47.91 -72.08 -5.81
CA LEU D 3320 47.49 -72.98 -4.74
C LEU D 3320 46.13 -73.59 -5.04
N GLN D 3321 45.25 -72.85 -5.71
CA GLN D 3321 43.95 -73.40 -6.11
C GLN D 3321 44.13 -74.53 -7.10
N LEU D 3322 45.01 -74.36 -8.08
CA LEU D 3322 45.29 -75.43 -9.03
C LEU D 3322 45.89 -76.64 -8.32
N LEU D 3323 46.84 -76.42 -7.41
CA LEU D 3323 47.42 -77.53 -6.66
C LEU D 3323 46.37 -78.26 -5.84
N SER D 3324 45.46 -77.52 -5.19
CA SER D 3324 44.42 -78.14 -4.39
C SER D 3324 43.43 -78.91 -5.24
N CYS D 3325 43.07 -78.35 -6.41
CA CYS D 3325 42.17 -79.06 -7.31
C CYS D 3325 42.81 -80.37 -7.79
N ALA D 3326 44.10 -80.35 -8.07
CA ALA D 3326 44.77 -81.56 -8.52
C ALA D 3326 44.88 -82.59 -7.41
N LEU D 3327 45.34 -82.17 -6.22
CA LEU D 3327 45.71 -83.11 -5.16
C LEU D 3327 44.61 -83.30 -4.12
N CYS D 3328 44.01 -82.23 -3.62
CA CYS D 3328 43.03 -82.37 -2.54
C CYS D 3328 41.77 -83.06 -3.03
N GLY D 3329 41.24 -82.64 -4.16
CA GLY D 3329 40.04 -83.22 -4.73
C GLY D 3329 38.94 -82.19 -4.93
N SER D 3330 37.87 -82.65 -5.58
CA SER D 3330 36.73 -81.80 -5.89
C SER D 3330 35.66 -81.86 -4.80
N LYS D 3331 35.26 -83.07 -4.40
CA LYS D 3331 34.25 -83.22 -3.36
C LYS D 3331 34.74 -82.63 -2.04
N VAL D 3332 36.04 -82.73 -1.76
CA VAL D 3332 36.59 -82.15 -0.53
C VAL D 3332 36.45 -80.63 -0.56
N LEU D 3333 36.76 -80.00 -1.70
CA LEU D 3333 36.59 -78.56 -1.81
C LEU D 3333 35.13 -78.17 -1.69
N ALA D 3334 34.24 -78.97 -2.27
CA ALA D 3334 32.80 -78.69 -2.15
C ALA D 3334 32.35 -78.76 -0.69
N ALA D 3335 32.83 -79.76 0.04
CA ALA D 3335 32.49 -79.89 1.46
C ALA D 3335 33.07 -78.73 2.26
N LEU D 3336 34.29 -78.32 1.95
CA LEU D 3336 34.91 -77.19 2.65
C LEU D 3336 34.13 -75.90 2.40
N ALA D 3337 33.65 -75.70 1.17
CA ALA D 3337 32.87 -74.51 0.86
C ALA D 3337 31.55 -74.47 1.62
N ALA D 3338 31.06 -75.61 2.10
CA ALA D 3338 29.82 -75.65 2.85
C ALA D 3338 30.04 -75.16 4.28
N SER D 3386 34.06 -92.61 -8.38
CA SER D 3386 35.06 -92.82 -7.34
C SER D 3386 36.47 -92.80 -7.90
N GLN D 3387 36.60 -92.34 -9.15
CA GLN D 3387 37.92 -92.34 -9.80
C GLN D 3387 38.84 -91.29 -9.20
N GLU D 3388 38.26 -90.19 -8.70
CA GLU D 3388 39.09 -89.08 -8.21
C GLU D 3388 39.98 -89.52 -7.05
N ASP D 3389 39.59 -90.57 -6.33
CA ASP D 3389 40.42 -91.04 -5.22
C ASP D 3389 41.76 -91.58 -5.72
N GLN D 3390 41.74 -92.51 -6.67
CA GLN D 3390 43.00 -93.00 -7.22
C GLN D 3390 43.71 -91.95 -8.06
N LEU D 3391 42.98 -91.04 -8.70
CA LEU D 3391 43.65 -89.95 -9.40
C LEU D 3391 44.45 -89.09 -8.42
N CYS D 3392 43.85 -88.74 -7.28
CA CYS D 3392 44.54 -87.98 -6.26
C CYS D 3392 45.73 -88.74 -5.70
N THR D 3393 45.55 -90.06 -5.47
CA THR D 3393 46.65 -90.86 -4.97
C THR D 3393 47.83 -90.86 -5.94
N ALA D 3394 47.54 -91.05 -7.23
CA ALA D 3394 48.60 -91.07 -8.24
C ALA D 3394 49.30 -89.71 -8.32
N LEU D 3395 48.54 -88.62 -8.29
CA LEU D 3395 49.17 -87.30 -8.35
C LEU D 3395 50.03 -87.03 -7.12
N VAL D 3396 49.56 -87.47 -5.94
CA VAL D 3396 50.35 -87.29 -4.72
C VAL D 3396 51.65 -88.08 -4.80
N ASN D 3397 51.59 -89.33 -5.29
CA ASN D 3397 52.80 -90.11 -5.44
C ASN D 3397 53.75 -89.47 -6.45
N GLN D 3398 53.21 -88.93 -7.54
CA GLN D 3398 54.04 -88.24 -8.53
C GLN D 3398 54.76 -87.06 -7.92
N LEU D 3399 54.03 -86.22 -7.17
CA LEU D 3399 54.63 -85.06 -6.54
C LEU D 3399 55.69 -85.46 -5.51
N ASN D 3400 55.41 -86.50 -4.72
CA ASN D 3400 56.39 -86.97 -3.76
C ASN D 3400 57.63 -87.51 -4.45
N LYS D 3401 57.45 -88.13 -5.62
CA LYS D 3401 58.59 -88.62 -6.37
C LYS D 3401 59.46 -87.48 -6.88
N PHE D 3402 58.82 -86.45 -7.45
CA PHE D 3402 59.59 -85.34 -8.02
C PHE D 3402 60.23 -84.48 -6.93
N ALA D 3403 59.47 -84.13 -5.89
CA ALA D 3403 59.93 -83.12 -4.93
C ALA D 3403 60.94 -83.70 -3.96
N ASP D 3404 61.91 -82.87 -3.58
CA ASP D 3404 62.91 -83.22 -2.59
C ASP D 3404 62.58 -82.52 -1.26
N LYS D 3405 63.49 -82.62 -0.29
CA LYS D 3405 63.23 -82.08 1.04
C LYS D 3405 63.20 -80.55 1.03
N GLU D 3406 64.15 -79.91 0.34
CA GLU D 3406 64.27 -78.46 0.42
C GLU D 3406 63.06 -77.77 -0.18
N THR D 3407 62.52 -78.30 -1.28
CA THR D 3407 61.37 -77.67 -1.91
C THR D 3407 60.14 -77.72 -1.01
N LEU D 3408 59.88 -78.87 -0.38
CA LEU D 3408 58.76 -78.98 0.55
C LEU D 3408 58.97 -78.06 1.75
N ILE D 3409 60.20 -77.99 2.26
CA ILE D 3409 60.49 -77.12 3.39
C ILE D 3409 60.18 -75.67 3.03
N GLN D 3410 60.62 -75.26 1.84
CA GLN D 3410 60.36 -73.89 1.40
C GLN D 3410 58.88 -73.64 1.21
N PHE D 3411 58.15 -74.64 0.70
CA PHE D 3411 56.71 -74.48 0.55
C PHE D 3411 56.03 -74.26 1.89
N LEU D 3412 56.39 -75.08 2.88
CA LEU D 3412 55.84 -74.92 4.22
C LEU D 3412 56.16 -73.54 4.79
N ARG D 3413 57.43 -73.14 4.71
CA ARG D 3413 57.85 -71.87 5.29
C ARG D 3413 57.21 -70.69 4.56
N CYS D 3414 56.89 -70.85 3.28
CA CYS D 3414 56.41 -69.72 2.50
C CYS D 3414 54.90 -69.55 2.61
N PHE D 3415 54.16 -70.65 2.71
CA PHE D 3415 52.70 -70.55 2.67
C PHE D 3415 52.02 -70.96 3.96
N LEU D 3416 52.76 -71.35 5.00
CA LEU D 3416 52.17 -71.62 6.30
C LEU D 3416 52.64 -70.67 7.39
N LEU D 3417 53.81 -70.04 7.23
CA LEU D 3417 54.36 -69.17 8.24
C LEU D 3417 54.58 -67.74 7.75
N GLU D 3418 55.19 -67.57 6.58
CA GLU D 3418 55.59 -66.25 6.12
C GLU D 3418 54.49 -65.49 5.41
N SER D 3419 53.30 -66.08 5.26
CA SER D 3419 52.22 -65.44 4.52
C SER D 3419 51.41 -64.54 5.46
N ASN D 3420 51.28 -63.27 5.09
CA ASN D 3420 50.53 -62.33 5.90
C ASN D 3420 49.03 -62.60 5.86
N SER D 3421 48.52 -63.06 4.73
CA SER D 3421 47.10 -63.35 4.60
C SER D 3421 46.75 -64.65 5.32
N SER D 3422 45.47 -64.78 5.65
CA SER D 3422 44.99 -65.97 6.33
C SER D 3422 44.30 -66.96 5.40
N SER D 3423 43.71 -66.47 4.31
CA SER D 3423 43.12 -67.36 3.31
C SER D 3423 44.19 -68.23 2.66
N VAL D 3424 45.35 -67.64 2.36
CA VAL D 3424 46.45 -68.42 1.80
C VAL D 3424 46.92 -69.46 2.81
N ARG D 3425 46.95 -69.09 4.10
CA ARG D 3425 47.38 -70.02 5.12
C ARG D 3425 46.39 -71.18 5.27
N TRP D 3426 45.09 -70.91 5.13
CA TRP D 3426 44.12 -72.00 5.21
C TRP D 3426 44.18 -72.90 3.97
N GLN D 3427 44.40 -72.30 2.80
CA GLN D 3427 44.61 -73.11 1.61
C GLN D 3427 45.81 -74.02 1.76
N ALA D 3428 46.91 -73.48 2.29
CA ALA D 3428 48.10 -74.30 2.51
C ALA D 3428 47.86 -75.37 3.57
N HIS D 3429 47.08 -75.04 4.60
CA HIS D 3429 46.72 -76.03 5.62
C HIS D 3429 45.99 -77.21 5.00
N CYS D 3430 44.97 -76.92 4.18
CA CYS D 3430 44.21 -77.99 3.54
C CYS D 3430 45.08 -78.80 2.59
N LEU D 3431 45.90 -78.11 1.79
CA LEU D 3431 46.74 -78.82 0.82
C LEU D 3431 47.76 -79.71 1.52
N THR D 3432 48.37 -79.21 2.59
CA THR D 3432 49.32 -80.03 3.34
C THR D 3432 48.64 -81.23 3.98
N LEU D 3433 47.44 -81.02 4.54
CA LEU D 3433 46.71 -82.13 5.14
C LEU D 3433 46.41 -83.21 4.11
N HIS D 3434 45.99 -82.82 2.91
CA HIS D 3434 45.63 -83.80 1.90
C HIS D 3434 46.83 -84.41 1.19
N ILE D 3435 47.97 -83.73 1.20
CA ILE D 3435 49.21 -84.38 0.78
C ILE D 3435 49.61 -85.44 1.81
N TYR D 3436 49.46 -85.12 3.09
CA TYR D 3436 49.79 -86.07 4.15
C TYR D 3436 48.88 -87.30 4.10
N ARG D 3437 47.58 -87.09 3.90
CA ARG D 3437 46.63 -88.20 3.98
C ARG D 3437 46.88 -89.24 2.89
N ASN D 3438 47.20 -88.80 1.68
CA ASN D 3438 47.30 -89.70 0.54
C ASN D 3438 48.70 -90.27 0.34
N SER D 3439 49.63 -89.97 1.24
CA SER D 3439 50.99 -90.49 1.11
C SER D 3439 51.13 -91.83 1.84
N SER D 3440 52.30 -92.44 1.69
CA SER D 3440 52.60 -93.67 2.38
C SER D 3440 53.18 -93.37 3.76
N LYS D 3441 53.51 -94.42 4.51
CA LYS D 3441 54.00 -94.24 5.87
C LYS D 3441 55.34 -93.54 5.90
N SER D 3442 56.27 -93.92 5.01
CA SER D 3442 57.60 -93.32 5.02
C SER D 3442 57.55 -91.84 4.66
N GLN D 3443 56.75 -91.47 3.65
CA GLN D 3443 56.62 -90.06 3.30
C GLN D 3443 55.93 -89.28 4.42
N GLN D 3444 54.97 -89.90 5.10
CA GLN D 3444 54.35 -89.25 6.26
C GLN D 3444 55.38 -88.95 7.33
N GLU D 3445 56.24 -89.93 7.62
CA GLU D 3445 57.30 -89.71 8.61
C GLU D 3445 58.25 -88.62 8.16
N LEU D 3446 58.58 -88.58 6.86
CA LEU D 3446 59.47 -87.56 6.34
C LEU D 3446 58.87 -86.17 6.53
N LEU D 3447 57.58 -86.02 6.20
CA LEU D 3447 56.92 -84.73 6.34
C LEU D 3447 56.81 -84.31 7.80
N LEU D 3448 56.49 -85.26 8.68
CA LEU D 3448 56.42 -84.95 10.11
C LEU D 3448 57.77 -84.52 10.64
N ASP D 3449 58.85 -85.18 10.22
CA ASP D 3449 60.19 -84.78 10.66
C ASP D 3449 60.54 -83.40 10.11
N LEU D 3450 60.14 -83.11 8.88
CA LEU D 3450 60.37 -81.77 8.33
C LEU D 3450 59.68 -80.70 9.17
N MET D 3451 58.42 -80.95 9.54
CA MET D 3451 57.70 -79.96 10.34
C MET D 3451 58.30 -79.82 11.73
N TRP D 3452 58.72 -80.94 12.34
CA TRP D 3452 59.37 -80.83 13.64
C TRP D 3452 60.75 -80.20 13.56
N SER D 3453 61.38 -80.20 12.39
CA SER D 3453 62.61 -79.44 12.22
C SER D 3453 62.31 -77.96 12.06
N ILE D 3454 61.20 -77.63 11.41
CA ILE D 3454 60.82 -76.23 11.24
C ILE D 3454 60.36 -75.62 12.56
N TRP D 3455 59.76 -76.42 13.43
CA TRP D 3455 59.15 -75.90 14.66
C TRP D 3455 60.08 -75.05 15.52
N PRO D 3456 61.36 -75.36 15.71
CA PRO D 3456 62.20 -74.49 16.54
C PRO D 3456 62.28 -73.05 16.05
N GLU D 3457 61.97 -72.78 14.79
CA GLU D 3457 62.00 -71.42 14.26
C GLU D 3457 60.69 -70.66 14.50
N LEU D 3458 59.82 -71.17 15.36
CA LEU D 3458 58.50 -70.58 15.53
C LEU D 3458 58.50 -69.13 16.01
N PRO D 3459 59.31 -68.71 16.99
CA PRO D 3459 59.16 -67.33 17.52
C PRO D 3459 59.26 -66.25 16.48
N ALA D 3460 59.95 -66.47 15.36
CA ALA D 3460 60.12 -65.42 14.36
C ALA D 3460 58.82 -65.06 13.67
N TYR D 3461 57.80 -65.91 13.73
CA TYR D 3461 56.56 -65.68 13.01
C TYR D 3461 55.38 -65.29 13.89
N GLY D 3462 55.46 -65.55 15.21
CA GLY D 3462 54.46 -65.01 16.12
C GLY D 3462 53.09 -65.63 15.91
N ARG D 3463 52.09 -64.75 15.83
CA ARG D 3463 50.68 -65.12 15.73
C ARG D 3463 50.33 -65.83 14.43
N LYS D 3464 51.21 -65.80 13.43
CA LYS D 3464 50.88 -66.29 12.10
C LYS D 3464 50.91 -67.80 11.99
N ALA D 3465 51.27 -68.52 13.05
CA ALA D 3465 51.53 -69.95 12.99
C ALA D 3465 50.45 -70.77 13.71
N ALA D 3466 49.19 -70.37 13.61
CA ALA D 3466 48.12 -71.17 14.18
C ALA D 3466 47.89 -72.45 13.37
N GLN D 3467 47.83 -72.31 12.04
CA GLN D 3467 47.55 -73.48 11.21
C GLN D 3467 48.73 -74.44 11.20
N PHE D 3468 49.96 -73.91 11.27
CA PHE D 3468 51.13 -74.76 11.32
C PHE D 3468 51.12 -75.66 12.56
N VAL D 3469 50.86 -75.07 13.73
CA VAL D 3469 50.84 -75.88 14.95
C VAL D 3469 49.63 -76.80 14.97
N ASP D 3470 48.51 -76.37 14.38
CA ASP D 3470 47.37 -77.27 14.26
C ASP D 3470 47.73 -78.52 13.48
N LEU D 3471 48.33 -78.34 12.30
CA LEU D 3471 48.73 -79.48 11.48
C LEU D 3471 49.78 -80.32 12.17
N LEU D 3472 50.75 -79.67 12.83
CA LEU D 3472 51.80 -80.42 13.52
C LEU D 3472 51.22 -81.29 14.63
N GLY D 3473 50.30 -80.73 15.42
CA GLY D 3473 49.67 -81.52 16.46
C GLY D 3473 48.86 -82.69 15.91
N TYR D 3474 48.09 -82.43 14.85
CA TYR D 3474 47.31 -83.50 14.25
C TYR D 3474 48.20 -84.60 13.72
N PHE D 3475 49.29 -84.24 13.04
CA PHE D 3475 50.19 -85.24 12.47
C PHE D 3475 50.88 -86.04 13.56
N SER D 3476 51.37 -85.37 14.60
CA SER D 3476 52.00 -86.09 15.71
C SER D 3476 51.01 -86.96 16.45
N LEU D 3477 49.72 -86.63 16.41
CA LEU D 3477 48.73 -87.47 17.08
C LEU D 3477 48.31 -88.67 16.23
N LYS D 3478 48.31 -88.53 14.91
CA LYS D 3478 47.81 -89.61 14.05
C LYS D 3478 48.90 -90.60 13.65
N THR D 3479 50.09 -90.13 13.35
CA THR D 3479 51.15 -91.02 12.91
C THR D 3479 51.62 -91.90 14.07
N PRO D 3480 51.60 -93.22 13.93
CA PRO D 3480 52.21 -94.08 14.96
C PRO D 3480 53.73 -93.96 14.88
N GLN D 3481 54.37 -93.84 16.05
CA GLN D 3481 55.77 -93.46 16.07
C GLN D 3481 56.45 -94.12 17.26
N THR D 3482 57.77 -94.22 17.17
CA THR D 3482 58.55 -94.88 18.20
C THR D 3482 58.72 -94.00 19.43
N GLU D 3483 59.25 -94.60 20.50
CA GLU D 3483 59.41 -93.93 21.79
C GLU D 3483 60.48 -92.83 21.76
N LYS D 3484 61.60 -93.07 21.06
CA LYS D 3484 62.66 -92.08 21.03
C LYS D 3484 62.20 -90.80 20.32
N LYS D 3485 61.47 -90.95 19.22
CA LYS D 3485 60.94 -89.78 18.52
C LYS D 3485 59.95 -89.03 19.39
N LEU D 3486 59.11 -89.75 20.15
CA LEU D 3486 58.17 -89.11 21.05
C LEU D 3486 58.91 -88.30 22.11
N LYS D 3487 59.97 -88.87 22.69
CA LYS D 3487 60.73 -88.13 23.68
C LYS D 3487 61.38 -86.89 23.08
N GLU D 3488 61.92 -87.01 21.86
CA GLU D 3488 62.50 -85.85 21.20
C GLU D 3488 61.46 -84.75 20.98
N TYR D 3489 60.26 -85.13 20.53
CA TYR D 3489 59.22 -84.15 20.25
C TYR D 3489 58.79 -83.44 21.52
N SER D 3490 58.55 -84.21 22.59
CA SER D 3490 58.15 -83.62 23.86
C SER D 3490 59.25 -82.71 24.41
N GLN D 3491 60.52 -83.13 24.28
CA GLN D 3491 61.61 -82.29 24.73
C GLN D 3491 61.65 -80.97 23.97
N LYS D 3492 61.43 -81.00 22.65
CA LYS D 3492 61.43 -79.76 21.88
C LYS D 3492 60.31 -78.84 22.34
N ALA D 3493 59.11 -79.39 22.52
CA ALA D 3493 57.98 -78.56 22.95
C ALA D 3493 58.25 -77.92 24.32
N VAL D 3494 58.70 -78.72 25.29
CA VAL D 3494 58.92 -78.21 26.63
C VAL D 3494 60.07 -77.19 26.63
N GLU D 3495 61.10 -77.42 25.81
CA GLU D 3495 62.20 -76.47 25.74
C GLU D 3495 61.75 -75.13 25.21
N ILE D 3496 60.93 -75.13 24.16
CA ILE D 3496 60.43 -73.87 23.62
C ILE D 3496 59.58 -73.15 24.66
N LEU D 3497 58.72 -73.90 25.36
CA LEU D 3497 57.88 -73.29 26.39
C LEU D 3497 58.72 -72.67 27.50
N ARG D 3498 59.75 -73.39 27.96
CA ARG D 3498 60.59 -72.89 29.03
C ARG D 3498 61.34 -71.63 28.60
N THR D 3499 61.87 -71.63 27.38
CA THR D 3499 62.60 -70.44 26.91
C THR D 3499 61.67 -69.24 26.83
N GLN D 3500 60.44 -69.44 26.35
CA GLN D 3500 59.53 -68.31 26.24
C GLN D 3500 59.10 -67.81 27.62
N ASN D 3501 58.89 -68.72 28.57
CA ASN D 3501 58.60 -68.29 29.94
C ASN D 3501 59.75 -67.47 30.51
N HIS D 3502 60.98 -67.92 30.32
CA HIS D 3502 62.13 -67.14 30.80
C HIS D 3502 62.18 -65.77 30.15
N ILE D 3503 61.88 -65.70 28.85
CA ILE D 3503 61.83 -64.41 28.16
C ILE D 3503 60.77 -63.51 28.79
N LEU D 3504 59.62 -64.09 29.14
CA LEU D 3504 58.51 -63.27 29.66
C LEU D 3504 58.82 -62.73 31.05
N THR D 3505 59.38 -63.57 31.93
CA THR D 3505 59.52 -63.17 33.32
C THR D 3505 60.69 -62.22 33.57
N ASN D 3506 61.57 -61.99 32.60
CA ASN D 3506 62.69 -61.08 32.76
C ASN D 3506 62.59 -59.88 31.82
N HIS D 3507 61.48 -59.73 31.11
CA HIS D 3507 61.37 -58.66 30.13
C HIS D 3507 61.37 -57.30 30.84
N PRO D 3508 62.10 -56.31 30.30
CA PRO D 3508 62.14 -55.00 30.96
C PRO D 3508 60.78 -54.37 31.18
N ASN D 3509 59.84 -54.56 30.25
CA ASN D 3509 58.51 -53.99 30.37
C ASN D 3509 57.50 -54.95 30.97
N SER D 3510 57.96 -56.07 31.53
CA SER D 3510 57.03 -57.08 32.05
C SER D 3510 56.23 -56.55 33.22
N ASN D 3511 56.88 -55.81 34.13
CA ASN D 3511 56.17 -55.28 35.29
C ASN D 3511 55.07 -54.32 34.88
N ILE D 3512 55.37 -53.44 33.93
CA ILE D 3512 54.38 -52.44 33.51
C ILE D 3512 53.18 -53.12 32.88
N TYR D 3513 53.41 -54.09 32.00
CA TYR D 3513 52.31 -54.77 31.34
C TYR D 3513 51.50 -55.59 32.34
N ASN D 3514 52.18 -56.27 33.26
CA ASN D 3514 51.50 -57.09 34.25
C ASN D 3514 50.61 -56.25 35.15
N THR D 3515 51.07 -55.06 35.53
CA THR D 3515 50.24 -54.20 36.36
C THR D 3515 49.10 -53.58 35.56
N LEU D 3516 49.39 -53.12 34.33
CA LEU D 3516 48.37 -52.49 33.50
C LEU D 3516 47.29 -53.46 33.05
N SER D 3517 47.57 -54.77 33.05
CA SER D 3517 46.60 -55.73 32.52
C SER D 3517 45.29 -55.69 33.29
N GLY D 3518 45.36 -55.62 34.61
CA GLY D 3518 44.16 -55.68 35.42
C GLY D 3518 43.45 -54.37 35.69
N LEU D 3519 43.93 -53.26 35.15
CA LEU D 3519 43.34 -51.95 35.40
C LEU D 3519 42.71 -51.33 34.16
N VAL D 3520 43.46 -51.26 33.06
CA VAL D 3520 42.95 -50.68 31.82
C VAL D 3520 42.76 -51.78 30.79
N GLU D 3521 42.05 -51.44 29.72
CA GLU D 3521 41.83 -52.32 28.58
C GLU D 3521 42.61 -51.76 27.39
N PHE D 3522 43.58 -52.51 26.90
CA PHE D 3522 44.45 -52.07 25.82
C PHE D 3522 44.69 -53.20 24.84
N ASP D 3523 44.93 -52.83 23.58
CA ASP D 3523 45.15 -53.81 22.52
C ASP D 3523 46.59 -54.31 22.49
N GLY D 3524 47.53 -53.40 22.20
CA GLY D 3524 48.91 -53.78 21.95
C GLY D 3524 49.86 -53.21 22.99
N TYR D 3525 51.13 -53.59 22.84
CA TYR D 3525 52.19 -53.20 23.75
C TYR D 3525 52.97 -52.05 23.11
N TYR D 3526 52.72 -50.83 23.58
CA TYR D 3526 53.26 -49.64 22.93
C TYR D 3526 54.52 -49.11 23.60
N LEU D 3527 55.21 -49.95 24.36
CA LEU D 3527 56.43 -49.54 25.07
C LEU D 3527 57.62 -50.41 24.64
N GLU D 3528 57.78 -50.61 23.34
CA GLU D 3528 58.81 -51.46 22.80
C GLU D 3528 59.86 -50.64 22.06
N SER D 3529 61.13 -51.01 22.21
CA SER D 3529 62.21 -50.29 21.55
C SER D 3529 62.28 -50.62 20.07
N ASP D 3530 62.23 -51.90 19.72
CA ASP D 3530 62.29 -52.31 18.34
C ASP D 3530 60.90 -52.66 17.85
N PRO D 3531 60.29 -51.87 16.96
CA PRO D 3531 58.94 -52.18 16.49
C PRO D 3531 58.92 -53.47 15.69
N CYS D 3532 57.97 -54.34 16.02
CA CYS D 3532 57.90 -55.68 15.46
C CYS D 3532 57.05 -55.68 14.20
N LEU D 3533 57.67 -55.99 13.06
CA LEU D 3533 56.95 -55.93 11.79
C LEU D 3533 55.72 -56.84 11.79
N VAL D 3534 55.78 -57.96 12.50
CA VAL D 3534 54.61 -58.84 12.58
C VAL D 3534 53.46 -58.12 13.28
N CYS D 3535 53.76 -57.35 14.33
CA CYS D 3535 52.72 -56.73 15.14
C CYS D 3535 52.28 -55.37 14.64
N ASN D 3536 53.16 -54.59 14.00
CA ASN D 3536 52.74 -53.34 13.38
C ASN D 3536 51.99 -53.53 12.07
N ASN D 3537 52.04 -54.72 11.47
CA ASN D 3537 51.37 -55.00 10.21
C ASN D 3537 50.26 -56.02 10.43
N PRO D 3538 49.04 -55.59 10.69
CA PRO D 3538 47.90 -56.50 10.69
C PRO D 3538 47.37 -56.68 9.27
N GLU D 3539 46.26 -57.42 9.16
CA GLU D 3539 45.65 -57.71 7.87
C GLU D 3539 44.44 -56.80 7.66
N VAL D 3540 44.65 -55.70 6.96
CA VAL D 3540 43.57 -54.76 6.68
C VAL D 3540 42.78 -55.24 5.47
N PRO D 3541 41.45 -55.29 5.55
CA PRO D 3541 40.65 -55.76 4.41
C PRO D 3541 40.24 -54.62 3.49
N PHE D 3542 39.80 -55.01 2.30
CA PHE D 3542 39.38 -54.05 1.29
C PHE D 3542 38.03 -53.43 1.67
N CYS D 3543 37.80 -52.21 1.19
CA CYS D 3543 36.57 -51.49 1.48
C CYS D 3543 36.13 -50.70 0.27
N TYR D 3544 34.82 -50.40 0.22
CA TYR D 3544 34.22 -49.62 -0.86
C TYR D 3544 34.30 -48.14 -0.49
N ILE D 3545 35.06 -47.39 -1.29
CA ILE D 3545 35.27 -45.96 -1.07
C ILE D 3545 34.85 -45.22 -2.33
N LYS D 3546 34.16 -44.09 -2.16
CA LYS D 3546 33.79 -43.26 -3.30
C LYS D 3546 34.98 -42.41 -3.72
N LEU D 3547 35.11 -42.20 -5.04
CA LEU D 3547 36.31 -41.55 -5.57
C LEU D 3547 36.45 -40.13 -5.04
N SER D 3548 35.34 -39.38 -4.96
CA SER D 3548 35.41 -38.00 -4.52
C SER D 3548 35.93 -37.86 -3.10
N SER D 3549 35.78 -38.89 -2.26
CA SER D 3549 36.26 -38.81 -0.89
C SER D 3549 37.78 -38.85 -0.81
N ILE D 3550 38.42 -39.64 -1.66
CA ILE D 3550 39.89 -39.64 -1.73
C ILE D 3550 40.41 -38.54 -2.63
N LYS D 3551 39.52 -37.86 -3.36
CA LYS D 3551 39.92 -36.86 -4.34
C LYS D 3551 40.63 -35.68 -3.68
N VAL D 3552 41.66 -35.17 -4.36
CA VAL D 3552 42.37 -33.96 -3.97
C VAL D 3552 42.30 -32.91 -5.06
N ASP D 3553 42.65 -33.28 -6.29
CA ASP D 3553 42.62 -32.37 -7.42
C ASP D 3553 42.21 -33.11 -8.68
N THR D 3554 41.55 -32.39 -9.59
CA THR D 3554 41.08 -32.98 -10.82
C THR D 3554 41.32 -32.02 -11.97
N ARG D 3555 41.33 -32.56 -13.18
CA ARG D 3555 41.18 -31.74 -14.37
C ARG D 3555 40.36 -32.50 -15.40
N TYR D 3556 39.60 -31.75 -16.18
CA TYR D 3556 38.71 -32.29 -17.19
C TYR D 3556 39.01 -31.64 -18.54
N THR D 3557 39.05 -32.46 -19.57
CA THR D 3557 39.14 -31.98 -20.94
C THR D 3557 37.91 -32.48 -21.71
N THR D 3558 37.92 -32.33 -23.03
CA THR D 3558 36.74 -32.68 -23.83
C THR D 3558 36.26 -34.09 -23.55
N THR D 3559 37.18 -35.07 -23.48
CA THR D 3559 36.78 -36.46 -23.35
C THR D 3559 37.64 -37.24 -22.34
N GLN D 3560 38.44 -36.56 -21.51
CA GLN D 3560 39.35 -37.25 -20.62
C GLN D 3560 39.33 -36.59 -19.25
N GLN D 3561 39.69 -37.37 -18.23
CA GLN D 3561 39.62 -36.91 -16.85
C GLN D 3561 40.84 -37.39 -16.08
N VAL D 3562 41.50 -36.46 -15.38
CA VAL D 3562 42.69 -36.75 -14.60
C VAL D 3562 42.37 -36.46 -13.13
N VAL D 3563 42.71 -37.42 -12.25
CA VAL D 3563 42.39 -37.29 -10.83
C VAL D 3563 43.64 -37.63 -10.01
N LYS D 3564 43.85 -36.87 -8.94
CA LYS D 3564 44.87 -37.18 -7.95
C LYS D 3564 44.20 -37.47 -6.61
N LEU D 3565 44.69 -38.50 -5.92
CA LEU D 3565 44.16 -38.91 -4.63
C LEU D 3565 44.99 -38.32 -3.50
N ILE D 3566 44.51 -38.54 -2.27
CA ILE D 3566 45.24 -38.05 -1.11
C ILE D 3566 46.57 -38.77 -0.94
N GLY D 3567 46.61 -40.05 -1.30
CA GLY D 3567 47.84 -40.81 -1.23
C GLY D 3567 47.74 -41.99 -2.17
N SER D 3568 48.46 -43.06 -1.81
CA SER D 3568 48.46 -44.28 -2.60
C SER D 3568 47.33 -45.20 -2.13
N HIS D 3569 46.87 -46.07 -3.03
CA HIS D 3569 45.80 -47.00 -2.73
C HIS D 3569 45.95 -48.25 -3.57
N THR D 3570 45.49 -49.36 -3.01
CA THR D 3570 45.51 -50.66 -3.70
C THR D 3570 44.10 -50.93 -4.18
N ILE D 3571 43.83 -50.55 -5.42
CA ILE D 3571 42.50 -50.69 -6.00
C ILE D 3571 42.33 -52.10 -6.55
N SER D 3572 41.14 -52.66 -6.36
CA SER D 3572 40.81 -53.99 -6.84
C SER D 3572 39.68 -53.99 -7.86
N LYS D 3573 38.60 -53.29 -7.59
CA LYS D 3573 37.48 -53.18 -8.53
C LYS D 3573 37.03 -51.74 -8.60
N VAL D 3574 36.53 -51.34 -9.77
CA VAL D 3574 35.97 -50.01 -9.98
C VAL D 3574 34.57 -50.17 -10.55
N THR D 3575 33.56 -49.73 -9.81
CA THR D 3575 32.19 -49.78 -10.28
C THR D 3575 31.75 -48.36 -10.63
N VAL D 3576 31.21 -48.20 -11.84
CA VAL D 3576 30.88 -46.89 -12.38
C VAL D 3576 29.39 -46.86 -12.66
N LYS D 3577 28.72 -45.80 -12.19
CA LYS D 3577 27.29 -45.61 -12.35
C LYS D 3577 27.02 -44.41 -13.26
N ILE D 3578 25.99 -44.53 -14.11
CA ILE D 3578 25.61 -43.50 -15.06
C ILE D 3578 24.21 -43.05 -14.73
N GLY D 3579 24.04 -41.74 -14.53
CA GLY D 3579 22.73 -41.18 -14.28
C GLY D 3579 22.50 -39.95 -15.15
N ASP D 3580 21.23 -39.68 -15.44
CA ASP D 3580 20.84 -38.57 -16.31
C ASP D 3580 21.50 -38.68 -17.68
N LEU D 3581 21.59 -39.90 -18.19
CA LEU D 3581 22.19 -40.14 -19.50
C LEU D 3581 21.26 -39.66 -20.61
N LYS D 3582 21.86 -39.37 -21.76
CA LYS D 3582 21.13 -38.92 -22.94
C LYS D 3582 21.38 -39.87 -24.11
N ARG D 3583 20.33 -40.12 -24.88
CA ARG D 3583 20.43 -40.98 -26.05
C ARG D 3583 21.35 -40.39 -27.12
N THR D 3584 21.59 -39.07 -27.07
CA THR D 3584 22.39 -38.43 -28.11
C THR D 3584 23.79 -39.02 -28.20
N LYS D 3585 24.42 -39.28 -27.06
CA LYS D 3585 25.78 -39.81 -27.06
C LYS D 3585 26.08 -40.44 -25.71
N MET D 3586 26.80 -41.56 -25.72
CA MET D 3586 27.38 -42.09 -24.49
C MET D 3586 28.64 -42.86 -24.86
N VAL D 3587 29.30 -43.42 -23.84
CA VAL D 3587 30.60 -44.05 -24.01
C VAL D 3587 30.42 -45.52 -24.38
N ARG D 3588 31.15 -45.95 -25.41
CA ARG D 3588 31.19 -47.35 -25.81
C ARG D 3588 32.39 -48.09 -25.25
N THR D 3589 33.54 -47.43 -25.20
CA THR D 3589 34.77 -48.01 -24.67
C THR D 3589 35.36 -47.07 -23.62
N ILE D 3590 35.65 -47.60 -22.44
CA ILE D 3590 36.25 -46.84 -21.34
C ILE D 3590 37.66 -47.35 -21.13
N ASN D 3591 38.61 -46.42 -21.00
CA ASN D 3591 40.00 -46.76 -20.77
C ASN D 3591 40.46 -46.21 -19.43
N LEU D 3592 41.13 -47.06 -18.65
CA LEU D 3592 41.60 -46.70 -17.32
C LEU D 3592 43.12 -46.72 -17.31
N TYR D 3593 43.72 -45.67 -16.76
CA TYR D 3593 45.17 -45.56 -16.63
C TYR D 3593 45.51 -45.17 -15.20
N TYR D 3594 46.68 -45.59 -14.75
CA TYR D 3594 47.13 -45.33 -13.40
C TYR D 3594 48.62 -45.06 -13.41
N ASN D 3595 49.07 -44.37 -12.36
CA ASN D 3595 50.51 -44.26 -12.10
C ASN D 3595 50.72 -43.95 -10.62
N ASN D 3596 51.91 -44.27 -10.14
CA ASN D 3596 52.28 -44.13 -8.74
C ASN D 3596 53.39 -43.08 -8.56
N ARG D 3597 53.28 -41.98 -9.28
CA ARG D 3597 54.20 -40.86 -9.15
C ARG D 3597 53.43 -39.67 -8.61
N THR D 3598 53.88 -39.14 -7.48
CA THR D 3598 53.20 -38.05 -6.79
C THR D 3598 53.61 -36.72 -7.42
N VAL D 3599 52.60 -35.91 -7.76
CA VAL D 3599 52.83 -34.59 -8.36
C VAL D 3599 51.98 -33.57 -7.61
N GLN D 3600 52.40 -32.31 -7.70
CA GLN D 3600 51.69 -31.23 -7.04
C GLN D 3600 50.67 -30.54 -7.94
N ALA D 3601 50.88 -30.57 -9.25
CA ALA D 3601 49.99 -29.93 -10.21
C ALA D 3601 49.43 -30.97 -11.18
N ILE D 3602 48.12 -30.92 -11.41
CA ILE D 3602 47.49 -31.86 -12.32
C ILE D 3602 47.94 -31.60 -13.76
N VAL D 3603 48.07 -30.32 -14.13
CA VAL D 3603 48.46 -29.98 -15.50
C VAL D 3603 49.84 -30.53 -15.83
N GLU D 3604 50.69 -30.69 -14.82
CA GLU D 3604 51.99 -31.31 -15.05
C GLU D 3604 51.85 -32.76 -15.51
N LEU D 3605 50.94 -33.51 -14.89
CA LEU D 3605 50.75 -34.92 -15.21
C LEU D 3605 49.70 -35.15 -16.29
N LYS D 3606 49.08 -34.08 -16.81
CA LYS D 3606 48.07 -34.25 -17.85
C LYS D 3606 48.66 -34.80 -19.15
N ASN D 3607 49.98 -34.70 -19.32
CA ASN D 3607 50.61 -35.16 -20.56
C ASN D 3607 50.28 -36.61 -20.83
N LYS D 3608 49.89 -36.89 -22.08
CA LYS D 3608 49.25 -38.17 -22.40
C LYS D 3608 50.21 -39.35 -22.39
N PRO D 3609 51.21 -39.42 -23.29
CA PRO D 3609 51.83 -40.72 -23.57
C PRO D 3609 52.78 -41.27 -22.52
N ALA D 3610 53.63 -40.40 -21.97
CA ALA D 3610 54.84 -40.88 -21.29
C ALA D 3610 54.55 -41.55 -19.96
N ARG D 3611 53.70 -40.96 -19.13
CA ARG D 3611 53.65 -41.27 -17.70
C ARG D 3611 52.34 -41.92 -17.26
N TRP D 3612 51.82 -42.88 -18.02
CA TRP D 3612 50.64 -43.62 -17.61
C TRP D 3612 50.84 -45.10 -17.88
N HIS D 3613 50.11 -45.92 -17.12
CA HIS D 3613 50.06 -47.36 -17.36
C HIS D 3613 48.60 -47.79 -17.51
N LYS D 3614 48.30 -48.47 -18.61
CA LYS D 3614 46.95 -48.95 -18.87
C LYS D 3614 46.60 -50.07 -17.90
N ALA D 3615 45.35 -50.07 -17.44
CA ALA D 3615 44.89 -51.06 -16.47
C ALA D 3615 43.85 -52.02 -17.04
N LYS D 3616 42.85 -51.49 -17.75
CA LYS D 3616 41.79 -52.33 -18.30
C LYS D 3616 41.02 -51.53 -19.34
N LYS D 3617 40.64 -52.19 -20.43
CA LYS D 3617 39.76 -51.62 -21.45
C LYS D 3617 38.41 -52.33 -21.37
N VAL D 3618 37.35 -51.54 -21.18
CA VAL D 3618 36.00 -52.07 -21.00
C VAL D 3618 35.11 -51.52 -22.10
N GLN D 3619 34.41 -52.41 -22.78
CA GLN D 3619 33.41 -52.02 -23.77
C GLN D 3619 32.02 -52.12 -23.17
N LEU D 3620 31.15 -51.19 -23.52
CA LEU D 3620 29.83 -51.07 -22.93
C LEU D 3620 28.76 -51.34 -23.98
N THR D 3621 27.79 -52.17 -23.63
CA THR D 3621 26.61 -52.31 -24.47
C THR D 3621 25.77 -51.05 -24.36
N PRO D 3622 25.00 -50.73 -25.40
CA PRO D 3622 24.17 -49.52 -25.36
C PRO D 3622 23.16 -49.58 -24.21
N GLY D 3623 22.94 -48.43 -23.59
CA GLY D 3623 22.00 -48.33 -22.48
C GLY D 3623 22.51 -48.78 -21.14
N GLN D 3624 23.82 -48.99 -20.99
CA GLN D 3624 24.36 -49.42 -19.72
C GLN D 3624 24.34 -48.28 -18.70
N THR D 3625 23.98 -48.60 -17.47
CA THR D 3625 24.01 -47.66 -16.36
C THR D 3625 25.09 -47.95 -15.34
N GLU D 3626 25.48 -49.20 -15.17
CA GLU D 3626 26.51 -49.60 -14.23
C GLU D 3626 27.48 -50.55 -14.90
N VAL D 3627 28.77 -50.36 -14.64
CA VAL D 3627 29.82 -51.20 -15.21
C VAL D 3627 30.80 -51.59 -14.10
N LYS D 3628 31.27 -52.84 -14.16
CA LYS D 3628 32.10 -53.46 -13.14
C LYS D 3628 33.49 -53.72 -13.74
N ILE D 3629 34.37 -52.73 -13.68
CA ILE D 3629 35.75 -52.88 -14.12
C ILE D 3629 36.46 -53.71 -13.06
N ASP D 3630 36.66 -55.00 -13.33
CA ASP D 3630 37.33 -55.90 -12.39
C ASP D 3630 38.79 -56.04 -12.78
N LEU D 3631 39.68 -55.60 -11.89
CA LEU D 3631 41.11 -55.71 -12.12
C LEU D 3631 41.61 -57.09 -11.71
N PRO D 3632 42.16 -57.88 -12.63
CA PRO D 3632 42.67 -59.20 -12.23
C PRO D 3632 43.76 -59.14 -11.18
N LEU D 3633 44.60 -58.11 -11.21
CA LEU D 3633 45.58 -57.87 -10.15
C LEU D 3633 45.30 -56.52 -9.50
N PRO D 3634 45.26 -56.45 -8.17
CA PRO D 3634 45.12 -55.14 -7.52
C PRO D 3634 46.28 -54.23 -7.90
N ILE D 3635 45.98 -52.97 -8.13
CA ILE D 3635 46.95 -52.00 -8.63
C ILE D 3635 47.25 -50.99 -7.53
N VAL D 3636 48.53 -50.72 -7.32
CA VAL D 3636 48.97 -49.70 -6.36
C VAL D 3636 49.13 -48.40 -7.14
N ALA D 3637 48.23 -47.45 -6.89
CA ALA D 3637 48.17 -46.23 -7.69
C ALA D 3637 48.02 -45.01 -6.80
N SER D 3638 48.47 -43.88 -7.31
CA SER D 3638 48.30 -42.58 -6.67
C SER D 3638 47.58 -41.58 -7.54
N ASN D 3639 47.78 -41.61 -8.86
CA ASN D 3639 47.06 -40.76 -9.79
C ASN D 3639 46.37 -41.62 -10.84
N LEU D 3640 45.15 -41.22 -11.19
CA LEU D 3640 44.30 -42.02 -12.07
C LEU D 3640 43.83 -41.20 -13.26
N MET D 3641 43.43 -41.92 -14.31
CA MET D 3641 43.14 -41.35 -15.62
C MET D 3641 42.00 -42.13 -16.24
N ILE D 3642 40.94 -41.42 -16.66
CA ILE D 3642 39.78 -42.07 -17.26
C ILE D 3642 39.54 -41.43 -18.63
N GLU D 3643 39.57 -42.25 -19.68
CA GLU D 3643 39.39 -41.76 -21.04
C GLU D 3643 38.18 -42.43 -21.68
N PHE D 3644 37.41 -41.63 -22.42
CA PHE D 3644 36.31 -42.15 -23.24
C PHE D 3644 36.88 -42.44 -24.62
N ALA D 3645 37.42 -43.65 -24.79
CA ALA D 3645 38.12 -43.98 -26.02
C ALA D 3645 37.19 -43.94 -27.23
N ASP D 3646 35.97 -44.45 -27.08
CA ASP D 3646 35.02 -44.47 -28.17
C ASP D 3646 33.64 -44.08 -27.65
N PHE D 3647 32.84 -43.47 -28.52
CA PHE D 3647 31.49 -43.04 -28.20
C PHE D 3647 30.49 -43.76 -29.10
N TYR D 3648 29.46 -44.33 -28.50
CA TYR D 3648 28.27 -44.69 -29.24
C TYR D 3648 27.46 -43.41 -29.40
N GLU D 3649 27.30 -42.97 -30.63
CA GLU D 3649 26.80 -41.64 -30.95
C GLU D 3649 25.49 -41.74 -31.70
N ASN D 3650 24.58 -40.81 -31.41
CA ASN D 3650 23.32 -40.68 -32.14
C ASN D 3650 23.40 -39.40 -32.96
N TYR D 3651 23.54 -39.55 -34.28
CA TYR D 3651 23.68 -38.41 -35.17
C TYR D 3651 22.33 -37.83 -35.59
N GLN D 3652 21.23 -38.39 -35.10
CA GLN D 3652 19.90 -37.85 -35.39
C GLN D 3652 19.66 -36.49 -34.74
N ALA D 3653 20.50 -36.09 -33.79
CA ALA D 3653 20.34 -34.80 -33.14
C ALA D 3653 20.60 -33.67 -34.14
N SER D 3654 19.79 -32.62 -34.06
CA SER D 3654 19.91 -31.48 -34.95
C SER D 3654 21.09 -30.61 -34.50
N THR D 3655 22.06 -30.41 -35.40
CA THR D 3655 23.23 -29.62 -35.10
C THR D 3655 23.16 -28.20 -35.65
N GLU D 3656 22.47 -27.99 -36.76
CA GLU D 3656 22.33 -26.64 -37.31
C GLU D 3656 21.55 -25.74 -36.36
N THR D 3657 20.48 -26.25 -35.77
CA THR D 3657 19.68 -25.52 -34.80
C THR D 3657 19.87 -26.13 -33.42
N LEU D 3658 20.18 -25.30 -32.44
CA LEU D 3658 20.46 -25.76 -31.09
C LEU D 3658 19.60 -25.01 -30.09
N GLN D 3659 19.27 -25.68 -28.99
CA GLN D 3659 18.49 -25.05 -27.93
C GLN D 3659 19.38 -24.11 -27.13
N CYS D 3660 18.88 -22.90 -26.86
CA CYS D 3660 19.65 -21.92 -26.11
C CYS D 3660 19.87 -22.41 -24.68
N PRO D 3661 21.08 -22.32 -24.14
CA PRO D 3661 21.30 -22.75 -22.75
C PRO D 3661 20.59 -21.87 -21.73
N ARG D 3662 20.17 -20.67 -22.09
CA ARG D 3662 19.56 -19.73 -21.14
C ARG D 3662 18.03 -19.75 -21.20
N CYS D 3663 17.46 -19.48 -22.36
CA CYS D 3663 16.01 -19.35 -22.51
C CYS D 3663 15.41 -20.43 -23.40
N SER D 3664 16.19 -21.45 -23.77
CA SER D 3664 15.69 -22.59 -24.56
C SER D 3664 15.09 -22.12 -25.89
N ALA D 3665 15.73 -21.15 -26.52
CA ALA D 3665 15.32 -20.65 -27.83
C ALA D 3665 16.14 -21.32 -28.92
N SER D 3666 15.50 -21.61 -30.04
CA SER D 3666 16.18 -22.23 -31.16
C SER D 3666 17.12 -21.23 -31.82
N VAL D 3667 18.41 -21.54 -31.87
CA VAL D 3667 19.42 -20.65 -32.41
C VAL D 3667 20.18 -21.39 -33.51
N PRO D 3668 20.46 -20.73 -34.64
CA PRO D 3668 21.31 -21.36 -35.66
C PRO D 3668 22.73 -21.55 -35.14
N ALA D 3669 23.45 -22.48 -35.79
CA ALA D 3669 24.80 -22.78 -35.37
C ALA D 3669 25.70 -21.57 -35.47
N ASN D 3670 25.58 -20.81 -36.55
CA ASN D 3670 26.36 -19.59 -36.72
C ASN D 3670 25.47 -18.37 -36.51
N PRO D 3671 25.90 -17.39 -35.70
CA PRO D 3671 27.16 -17.33 -34.96
C PRO D 3671 27.06 -17.98 -33.58
N GLY D 3672 25.94 -18.63 -33.29
CA GLY D 3672 25.73 -19.21 -31.98
C GLY D 3672 25.23 -18.25 -30.93
N VAL D 3673 24.90 -17.02 -31.29
CA VAL D 3673 24.38 -16.04 -30.35
C VAL D 3673 22.86 -16.06 -30.44
N CYS D 3674 22.21 -16.26 -29.29
CA CYS D 3674 20.76 -16.39 -29.25
C CYS D 3674 20.09 -15.07 -29.63
N GLY D 3675 19.04 -15.18 -30.46
CA GLY D 3675 18.24 -14.02 -30.81
C GLY D 3675 17.19 -13.62 -29.80
N ASN D 3676 16.99 -14.45 -28.76
CA ASN D 3676 16.01 -14.17 -27.72
C ASN D 3676 16.61 -13.51 -26.49
N CYS D 3677 17.88 -13.78 -26.19
CA CYS D 3677 18.54 -13.18 -25.03
C CYS D 3677 19.94 -12.66 -25.31
N GLY D 3678 20.49 -12.88 -26.50
CA GLY D 3678 21.82 -12.42 -26.81
C GLY D 3678 22.95 -13.23 -26.24
N GLU D 3679 22.67 -14.42 -25.70
CA GLU D 3679 23.68 -15.26 -25.09
C GLU D 3679 24.16 -16.32 -26.08
N ASN D 3680 25.37 -16.81 -25.86
CA ASN D 3680 25.96 -17.81 -26.73
C ASN D 3680 25.38 -19.19 -26.45
N VAL D 3681 25.58 -20.10 -27.39
CA VAL D 3681 25.13 -21.48 -27.27
C VAL D 3681 26.28 -22.41 -26.88
N TYR D 3682 27.47 -22.21 -27.46
CA TYR D 3682 28.59 -23.09 -27.14
C TYR D 3682 29.11 -22.88 -25.72
N GLN D 3683 28.65 -21.84 -25.03
CA GLN D 3683 29.07 -21.63 -23.65
C GLN D 3683 28.58 -22.76 -22.76
N CYS D 3684 29.36 -23.03 -21.71
CA CYS D 3684 28.97 -24.06 -20.75
C CYS D 3684 27.69 -23.67 -20.03
N HIS D 3685 26.83 -24.66 -19.78
CA HIS D 3685 25.60 -24.39 -19.05
C HIS D 3685 25.85 -24.12 -17.58
N LYS D 3686 27.03 -24.49 -17.07
CA LYS D 3686 27.35 -24.34 -15.65
C LYS D 3686 28.23 -23.12 -15.39
N CYS D 3687 29.40 -23.06 -16.03
CA CYS D 3687 30.35 -21.98 -15.81
C CYS D 3687 30.34 -20.93 -16.92
N ARG D 3688 29.48 -21.09 -17.92
CA ARG D 3688 29.31 -20.10 -18.99
C ARG D 3688 30.63 -19.83 -19.72
N SER D 3689 31.38 -20.89 -19.99
CA SER D 3689 32.62 -20.80 -20.74
C SER D 3689 32.41 -21.35 -22.14
N ILE D 3690 32.77 -20.57 -23.14
CA ILE D 3690 32.61 -20.95 -24.54
C ILE D 3690 33.85 -21.71 -24.99
N ASN D 3691 33.66 -22.94 -25.47
CA ASN D 3691 34.75 -23.76 -25.99
C ASN D 3691 34.89 -23.43 -27.47
N TYR D 3692 35.73 -22.43 -27.77
CA TYR D 3692 35.93 -22.02 -29.15
C TYR D 3692 36.65 -23.07 -29.97
N ASP D 3693 37.42 -23.96 -29.34
CA ASP D 3693 38.12 -25.00 -30.07
C ASP D 3693 37.15 -26.09 -30.53
N GLU D 3694 36.47 -26.73 -29.58
CA GLU D 3694 35.46 -27.74 -29.88
C GLU D 3694 34.09 -27.15 -29.56
N LYS D 3695 33.25 -27.01 -30.59
CA LYS D 3695 31.94 -26.40 -30.39
C LYS D 3695 31.04 -27.25 -29.53
N ASP D 3696 31.15 -28.58 -29.63
CA ASP D 3696 30.34 -29.52 -28.87
C ASP D 3696 31.24 -30.53 -28.17
N PRO D 3697 31.87 -30.13 -27.07
CA PRO D 3697 32.71 -31.07 -26.33
C PRO D 3697 31.87 -31.95 -25.41
N PHE D 3698 32.34 -33.19 -25.24
CA PHE D 3698 31.65 -34.12 -24.35
C PHE D 3698 31.69 -33.60 -22.91
N LEU D 3699 32.82 -33.05 -22.48
CA LEU D 3699 32.96 -32.44 -21.17
C LEU D 3699 33.46 -31.01 -21.34
N CYS D 3700 33.00 -30.13 -20.45
CA CYS D 3700 33.44 -28.75 -20.49
C CYS D 3700 34.93 -28.64 -20.23
N ASN D 3701 35.58 -27.73 -20.96
CA ASN D 3701 37.03 -27.57 -20.84
C ASN D 3701 37.43 -26.68 -19.67
N ALA D 3702 36.49 -25.93 -19.08
CA ALA D 3702 36.79 -25.05 -17.96
C ALA D 3702 36.40 -25.67 -16.63
N CYS D 3703 35.12 -26.05 -16.48
CA CYS D 3703 34.62 -26.65 -15.25
C CYS D 3703 34.35 -28.13 -15.36
N GLY D 3704 34.25 -28.67 -16.58
CA GLY D 3704 34.02 -30.09 -16.77
C GLY D 3704 32.58 -30.53 -16.74
N PHE D 3705 31.62 -29.60 -16.82
CA PHE D 3705 30.22 -29.98 -16.85
C PHE D 3705 29.91 -30.81 -18.09
N CYS D 3706 29.15 -31.89 -17.91
CA CYS D 3706 28.74 -32.76 -18.99
C CYS D 3706 27.22 -32.81 -19.06
N LYS D 3707 26.68 -32.65 -20.26
CA LYS D 3707 25.23 -32.71 -20.46
C LYS D 3707 24.76 -34.09 -20.89
N TYR D 3708 25.59 -34.83 -21.61
CA TYR D 3708 25.16 -36.12 -22.16
C TYR D 3708 24.88 -37.14 -21.04
N ALA D 3709 25.67 -37.10 -19.97
CA ALA D 3709 25.47 -38.03 -18.87
C ALA D 3709 26.18 -37.50 -17.63
N ARG D 3710 25.93 -38.15 -16.51
CA ARG D 3710 26.58 -37.86 -15.24
C ARG D 3710 27.18 -39.15 -14.72
N PHE D 3711 28.47 -39.12 -14.38
CA PHE D 3711 29.22 -40.32 -14.07
C PHE D 3711 29.64 -40.31 -12.60
N ASP D 3712 29.44 -41.43 -11.93
CA ASP D 3712 29.87 -41.61 -10.54
C ASP D 3712 30.77 -42.83 -10.45
N PHE D 3713 31.78 -42.75 -9.60
CA PHE D 3713 32.83 -43.77 -9.53
C PHE D 3713 32.92 -44.34 -8.12
N MET D 3714 33.13 -45.66 -8.05
CA MET D 3714 33.37 -46.37 -6.80
C MET D 3714 34.71 -47.10 -6.90
N LEU D 3715 35.29 -47.42 -5.75
CA LEU D 3715 36.58 -48.10 -5.71
C LEU D 3715 36.56 -49.15 -4.61
N TYR D 3716 37.01 -50.36 -4.94
CA TYR D 3716 37.17 -51.42 -3.95
C TYR D 3716 38.65 -51.43 -3.55
N ALA D 3717 38.99 -50.49 -2.66
CA ALA D 3717 40.39 -50.19 -2.37
C ALA D 3717 40.64 -50.20 -0.88
N LYS D 3718 41.90 -49.93 -0.52
CA LYS D 3718 42.35 -49.84 0.86
C LYS D 3718 43.62 -49.01 0.88
N PRO D 3719 43.92 -48.33 1.99
CA PRO D 3719 45.15 -47.55 2.05
C PRO D 3719 46.37 -48.46 1.99
N CYS D 3720 47.41 -47.99 1.29
CA CYS D 3720 48.63 -48.76 1.12
C CYS D 3720 49.84 -47.86 1.31
N CYS D 3721 50.96 -48.46 1.67
CA CYS D 3721 52.21 -47.75 1.93
C CYS D 3721 53.17 -48.06 0.79
N ALA D 3722 53.35 -47.09 -0.10
CA ALA D 3722 54.24 -47.24 -1.24
C ALA D 3722 54.83 -45.89 -1.59
N VAL D 3723 55.92 -45.92 -2.35
CA VAL D 3723 56.67 -44.72 -2.72
C VAL D 3723 56.86 -44.68 -4.23
N ASP D 3724 57.32 -43.54 -4.71
CA ASP D 3724 57.51 -43.35 -6.14
C ASP D 3724 58.64 -44.26 -6.63
N PRO D 3725 58.56 -44.76 -7.86
CA PRO D 3725 59.61 -45.62 -8.38
C PRO D 3725 60.86 -44.85 -8.76
N ILE D 3726 61.96 -45.58 -8.87
CA ILE D 3726 63.26 -45.03 -9.25
C ILE D 3726 63.60 -45.53 -10.65
N GLU D 3727 63.96 -44.60 -11.54
CA GLU D 3727 64.34 -44.92 -12.91
C GLU D 3727 65.70 -44.36 -13.31
N ASN D 3728 66.25 -43.42 -12.57
CA ASN D 3728 67.52 -42.80 -12.93
C ASN D 3728 68.23 -42.40 -11.64
N GLU D 3729 69.25 -41.54 -11.77
CA GLU D 3729 70.11 -41.22 -10.63
C GLU D 3729 69.52 -40.12 -9.75
N GLU D 3730 68.92 -39.10 -10.36
CA GLU D 3730 68.32 -38.02 -9.58
C GLU D 3730 67.19 -38.55 -8.70
N ASP D 3731 66.43 -39.53 -9.19
CA ASP D 3731 65.40 -40.14 -8.36
C ASP D 3731 66.00 -40.91 -7.20
N ARG D 3732 67.15 -41.57 -7.40
CA ARG D 3732 67.84 -42.21 -6.30
C ARG D 3732 68.28 -41.20 -5.25
N LYS D 3733 68.81 -40.06 -5.69
CA LYS D 3733 69.22 -39.03 -4.74
C LYS D 3733 68.03 -38.51 -3.95
N LYS D 3734 66.90 -38.28 -4.63
CA LYS D 3734 65.70 -37.83 -3.94
C LYS D 3734 65.23 -38.86 -2.93
N ALA D 3735 65.28 -40.15 -3.30
CA ALA D 3735 64.87 -41.20 -2.38
C ALA D 3735 65.77 -41.24 -1.15
N VAL D 3736 67.07 -41.08 -1.34
CA VAL D 3736 68.00 -41.09 -0.21
C VAL D 3736 67.71 -39.94 0.72
N SER D 3737 67.51 -38.74 0.17
CA SER D 3737 67.20 -37.58 1.01
C SER D 3737 65.89 -37.79 1.77
N ASN D 3738 64.87 -38.32 1.11
CA ASN D 3738 63.60 -38.57 1.76
C ASN D 3738 63.74 -39.59 2.88
N ILE D 3739 64.55 -40.63 2.66
CA ILE D 3739 64.73 -41.64 3.69
C ILE D 3739 65.47 -41.06 4.89
N ASN D 3740 66.42 -40.15 4.64
CA ASN D 3740 67.09 -39.49 5.77
C ASN D 3740 66.11 -38.65 6.58
N THR D 3741 65.25 -37.88 5.89
CA THR D 3741 64.25 -37.09 6.60
C THR D 3741 63.32 -37.97 7.42
N LEU D 3742 62.86 -39.08 6.83
CA LEU D 3742 61.97 -39.98 7.55
C LEU D 3742 62.65 -40.60 8.75
N LEU D 3743 63.93 -40.95 8.63
CA LEU D 3743 64.66 -41.49 9.77
C LEU D 3743 64.77 -40.47 10.90
N ASP D 3744 65.03 -39.20 10.55
CA ASP D 3744 65.10 -38.17 11.59
C ASP D 3744 63.76 -38.02 12.30
N LYS D 3745 62.67 -37.99 11.54
CA LYS D 3745 61.35 -37.90 12.15
C LYS D 3745 61.06 -39.09 13.04
N ALA D 3746 61.44 -40.29 12.59
CA ALA D 3746 61.23 -41.49 13.39
C ALA D 3746 62.02 -41.43 14.68
N ASP D 3747 63.26 -40.92 14.63
CA ASP D 3747 64.05 -40.80 15.85
C ASP D 3747 63.40 -39.86 16.83
N ARG D 3748 62.90 -38.72 16.35
CA ARG D 3748 62.24 -37.78 17.26
C ARG D 3748 61.00 -38.40 17.89
N VAL D 3749 60.18 -39.09 17.09
CA VAL D 3749 58.99 -39.74 17.64
C VAL D 3749 59.37 -40.83 18.63
N TYR D 3750 60.45 -41.55 18.35
CA TYR D 3750 60.90 -42.63 19.23
C TYR D 3750 61.30 -42.08 20.60
N HIS D 3751 62.07 -40.98 20.61
CA HIS D 3751 62.43 -40.39 21.89
C HIS D 3751 61.21 -39.86 22.62
N GLN D 3752 60.27 -39.25 21.90
CA GLN D 3752 59.04 -38.80 22.54
C GLN D 3752 58.29 -39.95 23.17
N LEU D 3753 58.22 -41.09 22.49
CA LEU D 3753 57.50 -42.25 23.02
C LEU D 3753 58.20 -42.80 24.26
N MET D 3754 59.51 -43.02 24.18
CA MET D 3754 60.23 -43.61 25.30
C MET D 3754 60.40 -42.63 26.46
N GLY D 3755 60.06 -41.36 26.30
CA GLY D 3755 60.07 -40.46 27.44
C GLY D 3755 58.93 -40.71 28.42
N HIS D 3756 57.90 -41.44 28.00
CA HIS D 3756 56.70 -41.63 28.84
C HIS D 3756 56.93 -42.61 29.99
N ARG D 3757 57.95 -43.47 29.90
CA ARG D 3757 58.07 -44.57 30.84
C ARG D 3757 58.27 -44.15 32.30
N PRO D 3758 59.11 -43.16 32.63
CA PRO D 3758 59.23 -42.76 34.06
C PRO D 3758 57.92 -42.34 34.69
N GLN D 3759 57.10 -41.58 33.97
CA GLN D 3759 55.80 -41.19 34.51
C GLN D 3759 54.92 -42.40 34.74
N LEU D 3760 54.97 -43.37 33.81
CA LEU D 3760 54.19 -44.59 33.97
C LEU D 3760 54.62 -45.35 35.22
N GLU D 3761 55.93 -45.46 35.45
CA GLU D 3761 56.38 -46.20 36.63
C GLU D 3761 56.05 -45.45 37.92
N ASN D 3762 56.09 -44.11 37.88
CA ASN D 3762 55.68 -43.33 39.05
C ASN D 3762 54.22 -43.59 39.37
N LEU D 3763 53.36 -43.57 38.35
CA LEU D 3763 51.94 -43.82 38.59
C LEU D 3763 51.70 -45.27 39.01
N LEU D 3764 52.51 -46.21 38.54
CA LEU D 3764 52.40 -47.59 39.00
C LEU D 3764 52.70 -47.69 40.50
N CYS D 3765 53.81 -47.06 40.91
CA CYS D 3765 54.17 -47.08 42.33
C CYS D 3765 53.10 -46.39 43.18
N LYS D 3766 52.51 -45.32 42.65
CA LYS D 3766 51.45 -44.64 43.39
C LYS D 3766 50.19 -45.49 43.51
N VAL D 3767 49.82 -46.17 42.42
CA VAL D 3767 48.62 -47.01 42.44
C VAL D 3767 48.81 -48.20 43.38
N ASN D 3768 50.02 -48.76 43.41
CA ASN D 3768 50.26 -49.94 44.24
C ASN D 3768 49.99 -49.67 45.71
N GLU D 3769 50.15 -48.42 46.16
CA GLU D 3769 49.91 -48.11 47.57
C GLU D 3769 48.43 -48.21 47.92
N ALA D 3770 47.55 -47.89 46.98
CA ALA D 3770 46.10 -48.08 47.15
C ALA D 3770 45.57 -47.30 48.34
N ALA D 3771 46.12 -46.11 48.57
CA ALA D 3771 45.68 -45.28 49.68
C ALA D 3771 44.26 -44.78 49.42
N PRO D 3772 43.34 -44.95 50.36
CA PRO D 3772 41.98 -44.43 50.16
C PRO D 3772 41.99 -42.93 49.98
N GLU D 3773 41.19 -42.46 49.02
CA GLU D 3773 41.10 -41.04 48.69
C GLU D 3773 39.64 -40.59 48.74
N LYS D 3774 39.42 -39.40 49.30
CA LYS D 3774 38.04 -38.93 49.33
C LYS D 3774 37.80 -37.93 48.19
N PRO D 3775 36.61 -37.99 47.56
CA PRO D 3775 36.27 -37.05 46.49
C PRO D 3775 36.07 -35.63 46.99
N THR D 3788 29.13 -41.61 38.16
CA THR D 3788 29.96 -42.51 38.97
C THR D 3788 31.26 -42.84 38.24
N SER D 3789 31.30 -42.57 36.94
CA SER D 3789 32.52 -42.76 36.18
C SER D 3789 33.63 -41.83 36.65
N ALA D 3790 33.29 -40.76 37.35
CA ALA D 3790 34.28 -39.86 37.94
C ALA D 3790 34.70 -40.28 39.35
N SER D 3791 34.08 -41.32 39.90
CA SER D 3791 34.39 -41.79 41.25
C SER D 3791 35.52 -42.82 41.27
N VAL D 3792 36.06 -43.19 40.11
CA VAL D 3792 37.22 -44.07 40.08
C VAL D 3792 38.44 -43.31 40.59
N ASN D 3793 39.41 -44.08 41.11
CA ASN D 3793 40.64 -43.48 41.62
C ASN D 3793 41.31 -42.64 40.55
N ARG D 3794 41.77 -41.45 40.94
CA ARG D 3794 42.34 -40.51 39.99
C ARG D 3794 43.61 -41.06 39.35
N TYR D 3795 44.41 -41.81 40.11
CA TYR D 3795 45.63 -42.37 39.56
C TYR D 3795 45.35 -43.42 38.49
N ILE D 3796 44.26 -44.18 38.64
CA ILE D 3796 43.88 -45.13 37.60
C ILE D 3796 43.46 -44.39 36.33
N LEU D 3797 42.70 -43.30 36.48
CA LEU D 3797 42.34 -42.48 35.33
C LEU D 3797 43.58 -41.93 34.65
N GLN D 3798 44.55 -41.46 35.44
CA GLN D 3798 45.78 -40.92 34.85
C GLN D 3798 46.57 -42.01 34.13
N LEU D 3799 46.60 -43.22 34.70
CA LEU D 3799 47.26 -44.34 34.04
C LEU D 3799 46.61 -44.64 32.69
N ALA D 3800 45.28 -44.69 32.67
CA ALA D 3800 44.58 -44.96 31.42
C ALA D 3800 44.84 -43.87 30.39
N GLN D 3801 44.77 -42.61 30.81
CA GLN D 3801 44.99 -41.51 29.88
C GLN D 3801 46.42 -41.50 29.35
N GLU D 3802 47.39 -41.81 30.21
CA GLU D 3802 48.79 -41.76 29.80
C GLU D 3802 49.14 -42.91 28.87
N TYR D 3803 48.62 -44.12 29.15
CA TYR D 3803 48.97 -45.25 28.31
C TYR D 3803 48.11 -45.31 27.05
N CYS D 3804 46.80 -45.45 27.22
CA CYS D 3804 45.92 -45.67 26.07
C CYS D 3804 45.66 -44.41 25.27
N GLY D 3805 46.04 -43.24 25.79
CA GLY D 3805 45.77 -42.00 25.08
C GLY D 3805 46.95 -41.43 24.31
N ASP D 3806 48.11 -41.38 24.94
CA ASP D 3806 49.29 -40.73 24.36
C ASP D 3806 50.28 -41.72 23.78
N CYS D 3807 50.64 -42.75 24.55
CA CYS D 3807 51.58 -43.75 24.08
C CYS D 3807 51.04 -44.46 22.85
N LYS D 3808 49.74 -44.66 22.78
CA LYS D 3808 49.13 -45.29 21.60
C LYS D 3808 49.30 -44.41 20.37
N ASN D 3809 49.09 -43.10 20.52
CA ASN D 3809 49.27 -42.19 19.39
C ASN D 3809 50.72 -42.19 18.93
N SER D 3810 51.66 -42.12 19.87
CA SER D 3810 53.07 -42.12 19.51
C SER D 3810 53.45 -43.42 18.81
N PHE D 3811 52.94 -44.56 19.30
CA PHE D 3811 53.23 -45.84 18.69
C PHE D 3811 52.69 -45.90 17.27
N ASP D 3812 51.48 -45.39 17.06
CA ASP D 3812 50.90 -45.42 15.71
C ASP D 3812 51.70 -44.55 14.75
N GLU D 3813 52.10 -43.35 15.18
CA GLU D 3813 52.93 -42.50 14.32
C GLU D 3813 54.25 -43.18 13.98
N LEU D 3814 54.88 -43.79 14.98
CA LEU D 3814 56.16 -44.45 14.76
C LEU D 3814 56.00 -45.62 13.79
N SER D 3815 54.91 -46.38 13.92
CA SER D 3815 54.66 -47.50 13.02
C SER D 3815 54.46 -47.02 11.59
N LYS D 3816 53.72 -45.93 11.40
CA LYS D 3816 53.55 -45.37 10.07
C LYS D 3816 54.89 -44.99 9.45
N ILE D 3817 55.71 -44.28 10.22
CA ILE D 3817 57.00 -43.84 9.69
C ILE D 3817 57.90 -45.03 9.39
N ILE D 3818 57.83 -46.08 10.24
CA ILE D 3818 58.65 -47.26 10.02
C ILE D 3818 58.23 -47.98 8.74
N GLN D 3819 56.93 -48.09 8.50
CA GLN D 3819 56.47 -48.73 7.27
C GLN D 3819 56.91 -47.93 6.04
N LYS D 3820 56.83 -46.60 6.12
CA LYS D 3820 57.29 -45.77 5.00
C LYS D 3820 58.78 -46.00 4.73
N VAL D 3821 59.58 -46.03 5.81
CA VAL D 3821 61.01 -46.25 5.66
C VAL D 3821 61.29 -47.61 5.04
N PHE D 3822 60.55 -48.63 5.47
CA PHE D 3822 60.74 -49.98 4.95
C PHE D 3822 60.44 -50.03 3.46
N ALA D 3823 59.36 -49.38 3.03
CA ALA D 3823 59.02 -49.36 1.61
C ALA D 3823 60.12 -48.66 0.80
N SER D 3824 60.61 -47.53 1.32
CA SER D 3824 61.67 -46.81 0.61
C SER D 3824 62.93 -47.66 0.50
N ARG D 3825 63.31 -48.35 1.58
CA ARG D 3825 64.48 -49.21 1.55
C ARG D 3825 64.31 -50.33 0.54
N LYS D 3826 63.11 -50.93 0.50
CA LYS D 3826 62.87 -52.03 -0.44
C LYS D 3826 63.04 -51.56 -1.88
N GLU D 3827 62.45 -50.41 -2.22
CA GLU D 3827 62.54 -49.95 -3.60
C GLU D 3827 63.95 -49.54 -3.97
N LEU D 3828 64.67 -48.89 -3.04
CA LEU D 3828 66.05 -48.52 -3.33
C LEU D 3828 66.92 -49.75 -3.55
N LEU D 3829 66.72 -50.79 -2.73
CA LEU D 3829 67.48 -52.01 -2.91
C LEU D 3829 67.15 -52.68 -4.24
N GLU D 3830 65.87 -52.69 -4.64
CA GLU D 3830 65.51 -53.32 -5.90
C GLU D 3830 66.13 -52.57 -7.08
N TYR D 3831 66.14 -51.24 -7.02
CA TYR D 3831 66.78 -50.48 -8.09
C TYR D 3831 68.28 -50.73 -8.14
N ASP D 3832 68.93 -50.79 -6.98
CA ASP D 3832 70.36 -51.09 -6.96
C ASP D 3832 70.64 -52.46 -7.55
N LEU D 3833 69.80 -53.45 -7.21
CA LEU D 3833 69.98 -54.79 -7.77
C LEU D 3833 69.81 -54.78 -9.28
N GLN D 3834 68.80 -54.06 -9.78
CA GLN D 3834 68.59 -54.01 -11.23
C GLN D 3834 69.76 -53.34 -11.93
N GLN D 3835 70.27 -52.24 -11.37
CA GLN D 3835 71.41 -51.56 -11.99
C GLN D 3835 72.64 -52.45 -11.99
N ARG D 3836 72.89 -53.14 -10.88
CA ARG D 3836 74.04 -54.05 -10.83
C ARG D 3836 73.90 -55.18 -11.83
N GLU D 3837 72.69 -55.73 -11.97
CA GLU D 3837 72.46 -56.79 -12.94
C GLU D 3837 72.67 -56.29 -14.37
N ALA D 3838 72.22 -55.07 -14.66
CA ALA D 3838 72.41 -54.50 -15.99
C ALA D 3838 73.89 -54.26 -16.26
N ALA D 3839 74.65 -53.82 -15.26
CA ALA D 3839 76.08 -53.64 -15.44
C ALA D 3839 76.79 -54.97 -15.63
N THR D 3840 76.33 -56.01 -14.94
CA THR D 3840 76.99 -57.31 -15.04
C THR D 3840 76.70 -58.00 -16.36
N LYS D 3841 75.46 -57.89 -16.85
CA LYS D 3841 75.11 -58.54 -18.10
C LYS D 3841 75.82 -57.92 -19.31
N SER D 3842 76.38 -56.71 -19.16
CA SER D 3842 77.16 -56.13 -20.23
C SER D 3842 78.49 -56.87 -20.40
N SER D 3843 79.08 -57.35 -19.32
CA SER D 3843 80.28 -58.15 -19.41
C SER D 3843 80.00 -59.48 -20.09
N ARG D 3844 80.95 -59.94 -20.89
CA ARG D 3844 80.78 -61.16 -21.68
C ARG D 3844 81.50 -62.36 -21.10
N THR D 3845 82.71 -62.17 -20.56
CA THR D 3845 83.45 -63.29 -20.00
C THR D 3845 82.74 -63.86 -18.77
N SER D 3846 82.18 -63.00 -17.93
CA SER D 3846 81.47 -63.45 -16.75
C SER D 3846 80.12 -64.03 -17.14
N VAL D 3847 79.91 -65.31 -16.83
CA VAL D 3847 78.65 -65.98 -17.17
C VAL D 3847 77.62 -65.68 -16.08
N GLN D 3848 76.35 -65.66 -16.48
CA GLN D 3848 75.28 -65.37 -15.53
C GLN D 3848 75.17 -66.49 -14.51
N PRO D 3849 75.18 -66.17 -13.21
CA PRO D 3849 75.04 -67.21 -12.19
C PRO D 3849 73.59 -67.64 -12.02
N THR D 3850 73.30 -68.90 -12.33
CA THR D 3850 71.94 -69.41 -12.22
C THR D 3850 71.56 -69.63 -10.76
N PHE D 3851 70.31 -69.32 -10.44
CA PHE D 3851 69.75 -69.52 -9.10
C PHE D 3851 68.57 -70.47 -9.20
N THR D 3852 68.47 -71.39 -8.25
CA THR D 3852 67.28 -72.24 -8.18
C THR D 3852 66.08 -71.43 -7.70
N ALA D 3853 64.92 -72.09 -7.66
CA ALA D 3853 63.69 -71.40 -7.28
C ALA D 3853 63.75 -70.89 -5.85
N SER D 3854 64.30 -71.68 -4.93
CA SER D 3854 64.41 -71.24 -3.54
C SER D 3854 65.47 -70.16 -3.39
N GLN D 3855 66.57 -70.27 -4.14
CA GLN D 3855 67.63 -69.26 -4.06
C GLN D 3855 67.12 -67.91 -4.55
N TYR D 3856 66.21 -67.90 -5.51
CA TYR D 3856 65.64 -66.63 -5.97
C TYR D 3856 64.86 -65.96 -4.86
N ARG D 3857 64.00 -66.72 -4.16
CA ARG D 3857 63.24 -66.15 -3.06
C ARG D 3857 64.17 -65.69 -1.93
N ALA D 3858 65.24 -66.44 -1.68
CA ALA D 3858 66.22 -66.01 -0.68
C ALA D 3858 66.89 -64.70 -1.09
N LEU D 3859 67.15 -64.54 -2.39
CA LEU D 3859 67.87 -63.37 -2.86
C LEU D 3859 66.93 -62.18 -3.09
N SER D 3860 65.77 -62.43 -3.67
CA SER D 3860 64.86 -61.36 -4.03
C SER D 3860 64.26 -60.71 -2.78
N VAL D 3861 63.45 -59.67 -3.01
CA VAL D 3861 62.86 -58.90 -1.92
C VAL D 3861 61.61 -59.60 -1.41
N LEU D 3862 61.34 -60.80 -1.93
CA LEU D 3862 60.17 -61.55 -1.47
C LEU D 3862 60.28 -61.91 0.01
N GLY D 3863 61.43 -62.44 0.42
CA GLY D 3863 61.65 -62.77 1.81
C GLY D 3863 62.30 -61.66 2.61
N CYS D 3864 61.56 -60.58 2.87
CA CYS D 3864 62.12 -59.42 3.54
C CYS D 3864 61.36 -58.97 4.78
N GLY D 3865 60.03 -59.13 4.80
CA GLY D 3865 59.24 -58.50 5.84
C GLY D 3865 58.31 -59.40 6.63
N HIS D 3866 58.77 -60.63 6.92
CA HIS D 3866 57.96 -61.57 7.68
C HIS D 3866 58.64 -62.06 8.95
N THR D 3867 59.59 -61.31 9.49
CA THR D 3867 60.34 -61.71 10.67
C THR D 3867 60.04 -60.77 11.83
N SER D 3868 59.77 -61.36 12.99
CA SER D 3868 59.42 -60.61 14.19
C SER D 3868 60.67 -60.07 14.87
N SER D 3869 60.47 -59.02 15.67
CA SER D 3869 61.54 -58.47 16.48
C SER D 3869 61.95 -59.46 17.56
N THR D 3870 63.23 -59.45 17.90
CA THR D 3870 63.76 -60.42 18.85
C THR D 3870 63.12 -60.25 20.23
N LYS D 3871 63.15 -59.04 20.76
CA LYS D 3871 62.54 -58.75 22.06
C LYS D 3871 61.17 -58.09 21.85
N CYS D 3872 60.18 -58.94 21.60
CA CYS D 3872 58.81 -58.51 21.43
C CYS D 3872 57.93 -59.25 22.45
N TYR D 3873 57.14 -58.50 23.20
CA TYR D 3873 56.30 -59.11 24.23
C TYR D 3873 55.16 -59.90 23.61
N GLY D 3874 54.46 -59.30 22.64
CA GLY D 3874 53.31 -59.97 22.05
C GLY D 3874 53.67 -61.25 21.33
N CYS D 3875 54.82 -61.25 20.65
CA CYS D 3875 55.22 -62.45 19.92
C CYS D 3875 55.56 -63.59 20.86
N ALA D 3876 56.27 -63.30 21.95
CA ALA D 3876 56.56 -64.34 22.93
C ALA D 3876 55.30 -64.85 23.59
N SER D 3877 54.35 -63.95 23.87
CA SER D 3877 53.06 -64.38 24.40
C SER D 3877 52.33 -65.30 23.43
N ALA D 3878 52.35 -64.97 22.14
CA ALA D 3878 51.69 -65.81 21.14
C ALA D 3878 52.38 -67.17 21.03
N VAL D 3879 53.71 -67.19 21.10
CA VAL D 3879 54.42 -68.46 21.10
C VAL D 3879 54.03 -69.29 22.31
N THR D 3880 53.84 -68.64 23.47
CA THR D 3880 53.39 -69.37 24.65
C THR D 3880 51.98 -69.93 24.46
N GLU D 3881 51.10 -69.16 23.82
CA GLU D 3881 49.75 -69.65 23.53
C GLU D 3881 49.80 -70.87 22.62
N HIS D 3882 50.62 -70.81 21.56
CA HIS D 3882 50.74 -71.94 20.65
C HIS D 3882 51.34 -73.15 21.36
N CYS D 3883 52.31 -72.92 22.26
CA CYS D 3883 52.87 -74.02 23.02
C CYS D 3883 51.82 -74.68 23.89
N ILE D 3884 50.97 -73.88 24.55
CA ILE D 3884 49.93 -74.47 25.38
C ILE D 3884 48.94 -75.27 24.55
N THR D 3885 48.56 -74.74 23.38
CA THR D 3885 47.63 -75.48 22.52
C THR D 3885 48.23 -76.79 22.04
N LEU D 3886 49.49 -76.75 21.59
CA LEU D 3886 50.15 -77.97 21.12
C LEU D 3886 50.31 -78.99 22.24
N LEU D 3887 50.65 -78.53 23.45
CA LEU D 3887 50.79 -79.43 24.57
C LEU D 3887 49.47 -80.07 24.95
N ARG D 3888 48.38 -79.30 24.92
CA ARG D 3888 47.06 -79.89 25.17
C ARG D 3888 46.73 -80.94 24.13
N ALA D 3889 47.04 -80.67 22.86
CA ALA D 3889 46.82 -81.67 21.83
C ALA D 3889 47.65 -82.92 22.09
N LEU D 3890 48.91 -82.74 22.47
CA LEU D 3890 49.82 -83.88 22.69
C LEU D 3890 49.38 -84.72 23.89
N ALA D 3891 48.84 -84.09 24.93
CA ALA D 3891 48.55 -84.79 26.18
C ALA D 3891 47.47 -85.86 26.02
N THR D 3892 46.71 -85.86 24.91
CA THR D 3892 45.69 -86.86 24.72
C THR D 3892 46.25 -88.26 24.50
N ASN D 3893 47.55 -88.39 24.28
CA ASN D 3893 48.19 -89.70 24.16
C ASN D 3893 48.77 -90.08 25.52
N PRO D 3894 48.35 -91.21 26.10
CA PRO D 3894 48.86 -91.58 27.44
C PRO D 3894 50.37 -91.67 27.53
N ALA D 3895 51.04 -92.22 26.51
CA ALA D 3895 52.49 -92.32 26.55
C ALA D 3895 53.14 -90.94 26.55
N LEU D 3896 52.65 -90.05 25.67
CA LEU D 3896 53.15 -88.68 25.68
C LEU D 3896 52.81 -87.98 26.98
N ARG D 3897 51.66 -88.31 27.58
CA ARG D 3897 51.31 -87.77 28.89
C ARG D 3897 52.36 -88.15 29.93
N HIS D 3898 52.74 -89.42 29.97
CA HIS D 3898 53.74 -89.87 30.93
C HIS D 3898 55.09 -89.22 30.66
N ILE D 3899 55.50 -89.14 29.39
CA ILE D 3899 56.78 -88.53 29.08
C ILE D 3899 56.79 -87.06 29.49
N LEU D 3900 55.69 -86.35 29.23
CA LEU D 3900 55.60 -84.94 29.56
C LEU D 3900 55.66 -84.74 31.07
N VAL D 3901 54.89 -85.52 31.83
CA VAL D 3901 54.91 -85.38 33.28
C VAL D 3901 56.28 -85.77 33.83
N SER D 3902 57.01 -86.64 33.12
CA SER D 3902 58.37 -86.96 33.53
C SER D 3902 59.34 -85.82 33.21
N GLN D 3903 59.05 -85.03 32.18
CA GLN D 3903 59.90 -83.90 31.85
C GLN D 3903 59.92 -82.84 32.94
N GLY D 3904 58.85 -82.73 33.73
CA GLY D 3904 58.76 -81.70 34.75
C GLY D 3904 57.88 -80.55 34.30
N LEU D 3905 56.76 -80.88 33.65
CA LEU D 3905 55.91 -79.87 33.05
C LEU D 3905 54.90 -79.30 34.05
N ILE D 3906 54.49 -80.10 35.03
CA ILE D 3906 53.45 -79.65 35.97
C ILE D 3906 53.95 -78.45 36.77
N ARG D 3907 55.19 -78.51 37.26
CA ARG D 3907 55.71 -77.39 38.04
C ARG D 3907 55.86 -76.14 37.18
N GLU D 3908 56.27 -76.30 35.92
CA GLU D 3908 56.40 -75.13 35.04
C GLU D 3908 55.04 -74.48 34.79
N LEU D 3909 54.03 -75.29 34.48
CA LEU D 3909 52.70 -74.73 34.25
C LEU D 3909 52.10 -74.17 35.53
N PHE D 3910 52.50 -74.69 36.70
CA PHE D 3910 52.01 -74.17 37.97
C PHE D 3910 52.63 -72.82 38.30
N ASP D 3911 53.93 -72.68 38.07
CA ASP D 3911 54.64 -71.49 38.51
C ASP D 3911 54.40 -70.28 37.63
N TYR D 3912 54.20 -70.47 36.32
CA TYR D 3912 54.19 -69.33 35.40
C TYR D 3912 52.83 -69.09 34.76
N ASN D 3913 52.29 -70.09 34.07
CA ASN D 3913 51.16 -69.91 33.18
C ASN D 3913 49.81 -69.91 33.87
N LEU D 3914 49.77 -70.20 35.17
CA LEU D 3914 48.49 -70.20 35.88
C LEU D 3914 47.91 -68.79 35.95
N ARG D 3915 48.76 -67.79 36.14
CA ARG D 3915 48.29 -66.43 36.42
C ARG D 3915 48.55 -65.45 35.27
N ARG D 3916 49.23 -65.86 34.21
CA ARG D 3916 49.63 -64.96 33.14
C ARG D 3916 48.84 -65.26 31.86
N GLY D 3917 48.40 -64.21 31.19
CA GLY D 3917 47.68 -64.33 29.94
C GLY D 3917 46.21 -63.96 30.10
N ALA D 3918 45.50 -64.04 28.98
CA ALA D 3918 44.07 -63.79 28.99
C ALA D 3918 43.34 -64.90 29.73
N ALA D 3919 42.07 -64.65 30.07
CA ALA D 3919 41.30 -65.59 30.86
C ALA D 3919 41.15 -66.93 30.15
N ALA D 3920 40.92 -66.90 28.83
CA ALA D 3920 40.80 -68.14 28.08
C ALA D 3920 42.08 -68.97 28.16
N MET D 3921 43.23 -68.30 28.06
CA MET D 3921 44.49 -69.02 28.19
C MET D 3921 44.65 -69.60 29.59
N ARG D 3922 44.19 -68.88 30.61
CA ARG D 3922 44.30 -69.37 31.98
C ARG D 3922 43.44 -70.61 32.20
N GLU D 3923 42.20 -70.60 31.71
CA GLU D 3923 41.39 -71.81 31.84
C GLU D 3923 41.95 -72.93 30.98
N GLU D 3924 42.59 -72.60 29.85
CA GLU D 3924 43.20 -73.63 29.03
C GLU D 3924 44.36 -74.31 29.75
N VAL D 3925 45.22 -73.54 30.40
CA VAL D 3925 46.31 -74.16 31.16
C VAL D 3925 45.77 -74.93 32.35
N ARG D 3926 44.67 -74.46 32.97
CA ARG D 3926 44.04 -75.25 34.01
C ARG D 3926 43.59 -76.61 33.47
N GLN D 3927 42.97 -76.62 32.30
CA GLN D 3927 42.52 -77.87 31.70
C GLN D 3927 43.70 -78.77 31.36
N LEU D 3928 44.79 -78.20 30.84
CA LEU D 3928 45.96 -79.00 30.52
C LEU D 3928 46.56 -79.63 31.78
N MET D 3929 46.64 -78.85 32.86
CA MET D 3929 47.19 -79.38 34.10
C MET D 3929 46.29 -80.48 34.68
N CYS D 3930 44.98 -80.30 34.56
CA CYS D 3930 44.06 -81.35 34.99
C CYS D 3930 44.24 -82.61 34.16
N LEU D 3931 44.39 -82.45 32.84
CA LEU D 3931 44.53 -83.61 31.96
C LEU D 3931 45.85 -84.34 32.18
N LEU D 3932 46.92 -83.63 32.53
CA LEU D 3932 48.21 -84.28 32.73
C LEU D 3932 48.21 -85.24 33.92
N THR D 3933 47.21 -85.18 34.79
CA THR D 3933 47.11 -86.04 35.96
C THR D 3933 45.86 -86.91 35.90
N ARG D 3934 45.46 -87.31 34.69
CA ARG D 3934 44.18 -88.00 34.52
C ARG D 3934 44.14 -89.31 35.29
N ASP D 3935 45.18 -90.13 35.18
CA ASP D 3935 45.22 -91.41 35.87
C ASP D 3935 46.59 -91.69 36.45
N ASN D 3936 47.33 -90.65 36.82
CA ASN D 3936 48.68 -90.80 37.36
C ASN D 3936 48.67 -90.41 38.83
N PRO D 3937 48.69 -91.36 39.76
CA PRO D 3937 48.71 -90.98 41.19
C PRO D 3937 49.89 -90.11 41.58
N GLU D 3938 51.06 -90.33 40.99
CA GLU D 3938 52.22 -89.51 41.34
C GLU D 3938 52.03 -88.06 40.89
N ALA D 3939 51.51 -87.85 39.68
CA ALA D 3939 51.25 -86.50 39.21
C ALA D 3939 50.18 -85.81 40.07
N THR D 3940 49.15 -86.56 40.44
CA THR D 3940 48.11 -86.01 41.31
C THR D 3940 48.68 -85.62 42.66
N GLN D 3941 49.55 -86.46 43.22
CA GLN D 3941 50.18 -86.14 44.49
C GLN D 3941 51.07 -84.90 44.38
N GLN D 3942 51.81 -84.78 43.28
CA GLN D 3942 52.66 -83.61 43.09
C GLN D 3942 51.84 -82.33 43.00
N MET D 3943 50.77 -82.36 42.20
CA MET D 3943 49.90 -81.18 42.08
C MET D 3943 49.25 -80.83 43.41
N ASN D 3944 48.75 -81.84 44.13
CA ASN D 3944 48.14 -81.61 45.43
C ASN D 3944 49.15 -81.06 46.42
N ASP D 3945 50.39 -81.56 46.39
CA ASP D 3945 51.43 -81.04 47.28
C ASP D 3945 51.70 -79.57 46.99
N LEU D 3946 51.79 -79.21 45.71
CA LEU D 3946 52.01 -77.80 45.38
C LEU D 3946 50.87 -76.93 45.88
N ILE D 3947 49.63 -77.35 45.62
CA ILE D 3947 48.47 -76.56 46.02
C ILE D 3947 48.44 -76.39 47.54
N ILE D 3948 48.60 -77.49 48.27
CA ILE D 3948 48.53 -77.45 49.72
C ILE D 3948 49.66 -76.60 50.29
N GLY D 3949 50.88 -76.75 49.75
CA GLY D 3949 51.98 -75.96 50.24
C GLY D 3949 51.76 -74.47 50.05
N LYS D 3950 51.30 -74.08 48.85
CA LYS D 3950 51.06 -72.66 48.61
C LYS D 3950 49.95 -72.13 49.51
N VAL D 3951 48.87 -72.90 49.68
CA VAL D 3951 47.75 -72.42 50.49
C VAL D 3951 48.18 -72.28 51.95
N SER D 3952 48.93 -73.25 52.47
CA SER D 3952 49.38 -73.16 53.85
C SER D 3952 50.35 -72.00 54.05
N THR D 3953 51.28 -71.81 53.10
CA THR D 3953 52.23 -70.71 53.22
C THR D 3953 51.52 -69.37 53.22
N ALA D 3954 50.51 -69.20 52.35
CA ALA D 3954 49.75 -67.96 52.33
C ALA D 3954 48.94 -67.80 53.61
N LEU D 3955 48.28 -68.88 54.07
CA LEU D 3955 47.40 -68.82 55.22
C LEU D 3955 48.14 -68.62 56.53
N LYS D 3956 49.44 -68.92 56.57
CA LYS D 3956 50.21 -68.65 57.77
C LYS D 3956 50.28 -67.14 58.05
N GLY D 3957 50.44 -66.34 57.00
CA GLY D 3957 50.51 -64.90 57.14
C GLY D 3957 49.31 -64.16 56.59
N HIS D 3958 48.17 -64.85 56.45
CA HIS D 3958 46.94 -64.18 56.05
C HIS D 3958 46.56 -63.09 57.05
N TRP D 3959 46.85 -63.34 58.32
CA TRP D 3959 46.42 -62.44 59.39
C TRP D 3959 47.15 -61.10 59.32
N ALA D 3960 48.38 -61.10 58.80
CA ALA D 3960 49.13 -59.86 58.63
C ALA D 3960 49.07 -59.29 57.22
N ASN D 3961 48.41 -59.98 56.28
CA ASN D 3961 48.25 -59.46 54.93
C ASN D 3961 47.03 -60.12 54.27
N PRO D 3962 46.00 -59.35 53.94
CA PRO D 3962 44.80 -59.97 53.35
C PRO D 3962 45.00 -60.48 51.93
N ASP D 3963 45.94 -59.92 51.18
CA ASP D 3963 46.18 -60.37 49.82
C ASP D 3963 46.60 -61.83 49.76
N LEU D 3964 47.31 -62.33 50.76
CA LEU D 3964 47.70 -63.73 50.77
C LEU D 3964 46.49 -64.64 50.65
N ALA D 3965 45.41 -64.31 51.37
CA ALA D 3965 44.16 -65.05 51.22
C ALA D 3965 43.43 -64.64 49.93
N SER D 3966 43.59 -63.39 49.51
CA SER D 3966 42.92 -62.89 48.31
C SER D 3966 43.60 -63.30 47.02
N SER D 3967 44.78 -63.90 47.09
CA SER D 3967 45.56 -64.28 45.91
C SER D 3967 45.79 -65.79 45.88
N LEU D 3968 44.75 -66.56 46.19
CA LEU D 3968 44.79 -68.01 46.10
C LEU D 3968 43.72 -68.54 45.15
N GLN D 3969 43.09 -67.68 44.36
CA GLN D 3969 41.90 -68.10 43.62
C GLN D 3969 42.22 -69.08 42.50
N TYR D 3970 43.40 -68.97 41.89
CA TYR D 3970 43.72 -69.88 40.80
C TYR D 3970 44.08 -71.27 41.32
N GLU D 3971 44.75 -71.36 42.47
CA GLU D 3971 45.00 -72.66 43.09
C GLU D 3971 43.69 -73.37 43.41
N MET D 3972 42.76 -72.67 44.05
CA MET D 3972 41.48 -73.27 44.41
C MET D 3972 40.64 -73.59 43.17
N LEU D 3973 40.72 -72.76 42.14
CA LEU D 3973 40.04 -73.08 40.88
C LEU D 3973 40.60 -74.33 40.25
N LEU D 3974 41.92 -74.50 40.30
CA LEU D 3974 42.54 -75.73 39.81
C LEU D 3974 42.06 -76.94 40.59
N LEU D 3975 41.99 -76.83 41.92
CA LEU D 3975 41.48 -77.92 42.72
C LEU D 3975 40.03 -78.25 42.36
N THR D 3976 39.21 -77.22 42.18
CA THR D 3976 37.81 -77.42 41.81
C THR D 3976 37.71 -78.15 40.48
N ASP D 3977 38.49 -77.72 39.49
CA ASP D 3977 38.44 -78.37 38.18
C ASP D 3977 38.96 -79.80 38.25
N SER D 3978 39.98 -80.04 39.06
CA SER D 3978 40.51 -81.40 39.19
C SER D 3978 39.48 -82.34 39.81
N ILE D 3979 38.75 -81.86 40.82
CA ILE D 3979 37.76 -82.71 41.46
C ILE D 3979 36.52 -82.86 40.58
N SER D 3980 36.17 -81.84 39.81
CA SER D 3980 34.96 -81.88 38.99
C SER D 3980 35.06 -82.86 37.85
N LYS D 3981 36.24 -83.40 37.56
CA LYS D 3981 36.44 -84.33 36.45
C LYS D 3981 36.64 -85.73 37.04
N GLU D 3982 35.68 -86.61 36.80
CA GLU D 3982 35.69 -87.94 37.39
C GLU D 3982 36.85 -88.76 36.82
N ASP D 3983 37.78 -89.15 37.69
CA ASP D 3983 38.90 -90.00 37.31
C ASP D 3983 39.17 -90.97 38.47
N SER D 3984 40.12 -91.87 38.27
CA SER D 3984 40.40 -92.92 39.24
C SER D 3984 41.17 -92.44 40.46
N CYS D 3985 41.77 -91.25 40.41
CA CYS D 3985 42.51 -90.70 41.54
C CYS D 3985 41.68 -89.70 42.33
N TRP D 3986 40.36 -89.92 42.39
CA TRP D 3986 39.47 -89.00 43.09
C TRP D 3986 39.76 -88.92 44.58
N GLU D 3987 40.26 -90.02 45.16
CA GLU D 3987 40.46 -90.06 46.61
C GLU D 3987 41.52 -89.07 47.05
N LEU D 3988 42.62 -88.96 46.30
CA LEU D 3988 43.68 -88.04 46.66
C LEU D 3988 43.21 -86.59 46.60
N ARG D 3989 42.47 -86.23 45.55
CA ARG D 3989 41.96 -84.87 45.43
C ARG D 3989 40.95 -84.56 46.52
N LEU D 3990 40.10 -85.54 46.87
CA LEU D 3990 39.19 -85.37 47.99
C LEU D 3990 39.96 -85.17 49.29
N ARG D 3991 41.05 -85.91 49.46
CA ARG D 3991 41.89 -85.74 50.66
C ARG D 3991 42.47 -84.34 50.73
N CYS D 3992 42.95 -83.83 49.60
CA CYS D 3992 43.50 -82.48 49.57
C CYS D 3992 42.43 -81.45 49.92
N ALA D 3993 41.25 -81.58 49.31
CA ALA D 3993 40.17 -80.63 49.57
C ALA D 3993 39.75 -80.67 51.03
N LEU D 3994 39.60 -81.86 51.60
CA LEU D 3994 39.16 -81.97 52.99
C LEU D 3994 40.23 -81.47 53.95
N SER D 3995 41.50 -81.71 53.65
CA SER D 3995 42.57 -81.19 54.48
C SER D 3995 42.57 -79.67 54.47
N LEU D 3996 42.40 -79.07 53.29
CA LEU D 3996 42.35 -77.61 53.21
C LEU D 3996 41.12 -77.07 53.94
N PHE D 3997 40.01 -77.80 53.86
CA PHE D 3997 38.80 -77.39 54.57
C PHE D 3997 39.02 -77.40 56.08
N LEU D 3998 39.50 -78.52 56.62
CA LEU D 3998 39.68 -78.63 58.06
C LEU D 3998 40.85 -77.79 58.56
N MET D 3999 41.72 -77.32 57.66
CA MET D 3999 42.79 -76.43 58.09
C MET D 3999 42.33 -74.98 58.22
N ALA D 4000 41.32 -74.58 57.44
CA ALA D 4000 40.88 -73.20 57.38
C ALA D 4000 39.38 -73.06 57.62
N VAL D 4001 38.81 -73.91 58.47
CA VAL D 4001 37.39 -73.80 58.77
C VAL D 4001 37.13 -73.03 60.05
N ASN D 4002 38.13 -72.86 60.91
CA ASN D 4002 37.95 -72.21 62.21
C ASN D 4002 38.42 -70.76 62.20
N ILE D 4003 38.90 -70.25 61.08
CA ILE D 4003 39.36 -68.87 61.00
C ILE D 4003 38.17 -67.95 60.75
N LYS D 4004 38.08 -66.88 61.54
CA LYS D 4004 36.93 -65.99 61.49
C LYS D 4004 37.05 -64.92 60.42
N THR D 4005 38.26 -64.66 59.92
CA THR D 4005 38.46 -63.56 58.97
C THR D 4005 37.60 -63.78 57.74
N PRO D 4006 36.85 -62.77 57.28
CA PRO D 4006 35.96 -62.97 56.14
C PRO D 4006 36.66 -63.33 54.84
N VAL D 4007 37.93 -62.92 54.67
CA VAL D 4007 38.62 -63.21 53.43
C VAL D 4007 38.89 -64.70 53.28
N VAL D 4008 39.23 -65.37 54.39
CA VAL D 4008 39.42 -66.82 54.36
C VAL D 4008 38.11 -67.53 54.07
N VAL D 4009 37.02 -67.07 54.69
CA VAL D 4009 35.72 -67.71 54.47
C VAL D 4009 35.28 -67.55 53.02
N GLU D 4010 35.54 -66.38 52.43
CA GLU D 4010 35.14 -66.17 51.04
C GLU D 4010 36.05 -66.86 50.06
N ASN D 4011 37.32 -67.06 50.40
CA ASN D 4011 38.30 -67.53 49.44
C ASN D 4011 38.80 -68.95 49.68
N ILE D 4012 38.51 -69.54 50.83
CA ILE D 4012 39.00 -70.90 51.10
C ILE D 4012 37.83 -71.83 51.45
N THR D 4013 37.06 -71.46 52.48
CA THR D 4013 36.05 -72.37 52.97
C THR D 4013 34.90 -72.53 51.99
N LEU D 4014 34.61 -71.48 51.22
CA LEU D 4014 33.52 -71.58 50.23
C LEU D 4014 33.83 -72.60 49.16
N MET D 4015 35.06 -72.60 48.64
CA MET D 4015 35.42 -73.54 47.58
C MET D 4015 35.41 -74.97 48.09
N CYS D 4016 35.91 -75.19 49.31
CA CYS D 4016 35.90 -76.52 49.88
C CYS D 4016 34.46 -76.98 50.15
N LEU D 4017 33.61 -76.09 50.64
CA LEU D 4017 32.21 -76.48 50.85
C LEU D 4017 31.50 -76.77 49.54
N ARG D 4018 31.82 -76.05 48.47
CA ARG D 4018 31.20 -76.35 47.18
C ARG D 4018 31.69 -77.69 46.64
N ILE D 4019 32.97 -78.01 46.84
CA ILE D 4019 33.49 -79.31 46.44
C ILE D 4019 32.76 -80.42 47.21
N LEU D 4020 32.65 -80.27 48.54
CA LEU D 4020 31.95 -81.25 49.34
C LEU D 4020 30.49 -81.37 48.92
N GLN D 4021 29.84 -80.23 48.64
CA GLN D 4021 28.44 -80.26 48.23
C GLN D 4021 28.26 -80.98 46.91
N LYS D 4022 29.19 -80.78 45.98
CA LYS D 4022 29.10 -81.47 44.69
C LYS D 4022 29.34 -82.96 44.85
N LEU D 4023 30.22 -83.36 45.78
CA LEU D 4023 30.49 -84.78 45.96
C LEU D 4023 29.36 -85.49 46.68
N ILE D 4024 28.79 -84.86 47.72
CA ILE D 4024 27.71 -85.48 48.47
C ILE D 4024 26.45 -85.63 47.62
N LYS D 4025 26.13 -84.60 46.82
CA LYS D 4025 24.90 -84.57 46.05
C LYS D 4025 25.22 -84.74 44.58
N PRO D 4026 25.22 -85.95 44.05
CA PRO D 4026 25.63 -86.16 42.66
C PRO D 4026 24.54 -85.76 41.69
N PRO D 4027 24.85 -85.61 40.41
CA PRO D 4027 23.82 -85.24 39.43
C PRO D 4027 22.78 -86.33 39.27
N ALA D 4028 21.59 -85.93 38.84
CA ALA D 4028 20.50 -86.87 38.65
C ALA D 4028 20.87 -87.89 37.57
N PRO D 4029 20.57 -89.17 37.78
CA PRO D 4029 20.94 -90.20 36.80
C PRO D 4029 20.17 -90.02 35.50
N THR D 4030 20.80 -90.43 34.40
CA THR D 4030 20.21 -90.33 33.08
C THR D 4030 19.97 -91.69 32.43
N SER D 4031 20.36 -92.79 33.08
CA SER D 4031 20.12 -94.11 32.52
C SER D 4031 18.61 -94.40 32.50
N LYS D 4032 18.17 -95.06 31.43
CA LYS D 4032 16.75 -95.33 31.27
C LYS D 4032 16.22 -96.27 32.35
N LYS D 4033 17.08 -97.12 32.90
CA LYS D 4033 16.65 -98.00 33.98
C LYS D 4033 16.48 -97.24 35.29
N ASN D 4034 17.31 -96.23 35.54
CA ASN D 4034 17.29 -95.47 36.77
C ASN D 4034 16.81 -94.04 36.55
N LYS D 4035 15.85 -93.84 35.65
CA LYS D 4035 15.41 -92.50 35.31
C LYS D 4035 14.51 -91.90 36.39
N ASP D 4036 13.94 -92.73 37.27
CA ASP D 4036 12.99 -92.26 38.26
C ASP D 4036 13.50 -92.39 39.69
N VAL D 4037 14.24 -93.44 40.00
CA VAL D 4037 14.65 -93.75 41.37
C VAL D 4037 15.60 -92.67 41.90
N PRO D 4038 15.61 -92.41 43.19
CA PRO D 4038 16.50 -91.39 43.75
C PRO D 4038 17.89 -91.96 44.03
N VAL D 4039 18.79 -91.08 44.49
CA VAL D 4039 20.19 -91.46 44.64
C VAL D 4039 20.36 -92.47 45.78
N GLU D 4040 19.51 -92.42 46.79
CA GLU D 4040 19.64 -93.36 47.90
C GLU D 4040 19.23 -94.77 47.52
N ALA D 4041 18.63 -94.97 46.36
CA ALA D 4041 18.18 -96.28 45.90
C ALA D 4041 19.18 -96.97 45.00
N LEU D 4042 20.37 -96.39 44.79
CA LEU D 4042 21.36 -96.95 43.88
C LEU D 4042 22.59 -97.51 44.57
N THR D 4043 22.78 -97.25 45.87
CA THR D 4043 23.98 -97.69 46.56
C THR D 4043 24.05 -99.21 46.61
N THR D 4044 25.25 -99.75 46.46
CA THR D 4044 25.48 -101.19 46.48
C THR D 4044 25.81 -101.71 47.87
N VAL D 4045 25.88 -100.84 48.88
CA VAL D 4045 26.11 -101.26 50.25
C VAL D 4045 25.12 -100.53 51.15
N LYS D 4046 24.85 -101.14 52.30
CA LYS D 4046 23.91 -100.58 53.26
C LYS D 4046 24.67 -100.17 54.51
N PRO D 4047 24.68 -98.89 54.86
CA PRO D 4047 25.39 -98.45 56.07
C PRO D 4047 24.73 -98.98 57.32
N TYR D 4048 25.55 -99.27 58.33
CA TYR D 4048 25.03 -99.74 59.60
C TYR D 4048 24.27 -98.61 60.31
N CYS D 4049 23.28 -99.01 61.11
CA CYS D 4049 22.36 -98.04 61.70
C CYS D 4049 23.08 -97.10 62.66
N ASN D 4050 23.86 -97.64 63.59
CA ASN D 4050 24.40 -96.85 64.69
C ASN D 4050 25.91 -96.70 64.66
N GLU D 4051 26.60 -97.20 63.63
CA GLU D 4051 28.04 -97.18 63.57
C GLU D 4051 28.52 -96.38 62.37
N ILE D 4052 29.66 -95.72 62.54
CA ILE D 4052 30.40 -95.09 61.44
C ILE D 4052 31.71 -95.85 61.29
N HIS D 4053 31.94 -96.41 60.11
CA HIS D 4053 33.17 -97.16 59.88
C HIS D 4053 34.26 -96.30 59.25
N ALA D 4054 33.90 -95.30 58.45
CA ALA D 4054 34.88 -94.35 57.97
C ALA D 4054 35.41 -93.50 59.12
N GLN D 4055 36.71 -93.27 59.13
CA GLN D 4055 37.36 -92.48 60.17
C GLN D 4055 38.31 -91.50 59.50
N ALA D 4056 38.02 -90.21 59.64
CA ALA D 4056 38.78 -89.19 58.93
C ALA D 4056 40.17 -88.96 59.52
N GLN D 4057 40.32 -89.13 60.84
CA GLN D 4057 41.61 -88.86 61.46
C GLN D 4057 42.68 -89.81 60.94
N LEU D 4058 42.34 -91.09 60.77
CA LEU D 4058 43.29 -92.03 60.17
C LEU D 4058 43.35 -91.89 58.66
N TRP D 4059 42.24 -91.52 58.02
CA TRP D 4059 42.22 -91.38 56.57
C TRP D 4059 43.16 -90.27 56.11
N LEU D 4060 43.15 -89.14 56.81
CA LEU D 4060 43.95 -88.00 56.41
C LEU D 4060 45.45 -88.22 56.62
N LYS D 4061 45.84 -89.29 57.32
CA LYS D 4061 47.25 -89.62 57.50
C LYS D 4061 47.71 -90.73 56.57
N ARG D 4062 46.92 -91.07 55.56
CA ARG D 4062 47.24 -92.11 54.58
C ARG D 4062 47.47 -93.45 55.28
N ASP D 4063 46.42 -93.94 55.93
CA ASP D 4063 46.45 -95.24 56.58
C ASP D 4063 45.85 -96.27 55.64
N PRO D 4064 46.58 -97.29 55.20
CA PRO D 4064 46.01 -98.28 54.27
C PRO D 4064 44.82 -99.02 54.86
N LYS D 4065 44.79 -99.24 56.17
CA LYS D 4065 43.67 -99.92 56.79
C LYS D 4065 42.42 -99.05 56.88
N ALA D 4066 42.52 -97.76 56.59
CA ALA D 4066 41.39 -96.84 56.64
C ALA D 4066 41.19 -96.17 55.29
N SER D 4067 41.28 -96.95 54.21
CA SER D 4067 41.09 -96.43 52.86
C SER D 4067 39.63 -96.51 52.45
N TYR D 4068 39.38 -96.25 51.17
CA TYR D 4068 38.01 -96.31 50.66
C TYR D 4068 37.56 -97.75 50.42
N ASP D 4069 38.40 -98.55 49.77
CA ASP D 4069 38.06 -99.94 49.53
C ASP D 4069 37.95 -100.73 50.83
N ALA D 4070 38.82 -100.43 51.80
CA ALA D 4070 38.73 -101.08 53.11
C ALA D 4070 37.40 -100.74 53.77
N TRP D 4071 36.97 -99.49 53.67
CA TRP D 4071 35.67 -99.11 54.21
C TRP D 4071 34.54 -99.85 53.49
N LYS D 4072 34.62 -99.94 52.16
CA LYS D 4072 33.56 -100.62 51.41
C LYS D 4072 33.49 -102.10 51.73
N LYS D 4073 34.63 -102.72 52.03
CA LYS D 4073 34.65 -104.15 52.34
C LYS D 4073 33.99 -104.47 53.67
N CYS D 4074 33.83 -103.49 54.55
CA CYS D 4074 33.24 -103.71 55.87
C CYS D 4074 31.73 -103.49 55.89
N LEU D 4075 31.12 -103.20 54.75
CA LEU D 4075 29.69 -102.94 54.74
C LEU D 4075 28.96 -104.02 53.94
N PRO D 4076 27.83 -104.51 54.44
CA PRO D 4076 27.10 -105.56 53.72
C PRO D 4076 26.44 -105.03 52.46
N ILE D 4077 26.35 -105.91 51.46
CA ILE D 4077 25.77 -105.52 50.18
C ILE D 4077 24.28 -105.30 50.34
N ARG D 4078 23.70 -104.55 49.41
CA ARG D 4078 22.26 -104.35 49.39
C ARG D 4078 21.60 -105.58 48.77
N GLY D 4079 20.80 -106.28 49.57
CA GLY D 4079 20.14 -107.49 49.11
C GLY D 4079 19.20 -107.25 47.95
N ILE D 4080 19.38 -108.01 46.87
CA ILE D 4080 18.50 -107.92 45.70
C ILE D 4080 17.23 -108.67 46.06
N ASP D 4081 16.18 -107.93 46.43
CA ASP D 4081 14.92 -108.53 46.87
C ASP D 4081 14.13 -109.01 45.66
N GLY D 4082 14.62 -110.12 45.08
CA GLY D 4082 13.95 -110.73 43.95
C GLY D 4082 12.66 -111.45 44.31
N ASN D 4083 12.49 -111.81 45.57
CA ASN D 4083 11.31 -112.51 46.05
C ASN D 4083 10.53 -111.59 46.99
N GLY D 4084 9.25 -111.39 46.68
CA GLY D 4084 8.37 -110.56 47.48
C GLY D 4084 7.65 -111.29 48.60
N LYS D 4085 7.95 -112.56 48.82
CA LYS D 4085 7.30 -113.32 49.87
C LYS D 4085 7.64 -112.74 51.24
N ALA D 4086 6.64 -112.66 52.11
CA ALA D 4086 6.84 -112.15 53.45
C ALA D 4086 7.56 -113.21 54.29
N PRO D 4087 8.75 -112.92 54.82
CA PRO D 4087 9.47 -113.91 55.61
C PRO D 4087 8.70 -114.31 56.86
N SER D 4088 8.82 -115.59 57.22
CA SER D 4088 8.07 -116.13 58.35
C SER D 4088 8.61 -115.60 59.66
N LYS D 4089 7.87 -115.90 60.74
CA LYS D 4089 8.25 -115.42 62.06
C LYS D 4089 9.61 -115.96 62.49
N SER D 4090 9.85 -117.25 62.24
CA SER D 4090 11.13 -117.84 62.58
C SER D 4090 12.26 -117.19 61.79
N GLU D 4091 11.98 -116.81 60.54
CA GLU D 4091 13.00 -116.14 59.73
C GLU D 4091 13.41 -114.81 60.35
N LEU D 4092 12.44 -114.02 60.81
CA LEU D 4092 12.77 -112.74 61.42
C LEU D 4092 13.50 -112.93 62.75
N ARG D 4093 13.09 -113.91 63.56
CA ARG D 4093 13.83 -114.19 64.79
C ARG D 4093 15.28 -114.56 64.48
N HIS D 4094 15.48 -115.44 63.50
CA HIS D 4094 16.82 -115.86 63.13
C HIS D 4094 17.64 -114.67 62.66
N LEU D 4095 17.07 -113.82 61.81
CA LEU D 4095 17.77 -112.63 61.35
C LEU D 4095 18.18 -111.74 62.52
N TYR D 4096 17.24 -111.52 63.44
CA TYR D 4096 17.51 -110.66 64.59
C TYR D 4096 18.70 -111.15 65.40
N LEU D 4097 18.62 -112.36 65.96
CA LEU D 4097 19.71 -112.74 66.85
C LEU D 4097 20.99 -113.08 66.08
N THR D 4098 20.89 -113.45 64.81
CA THR D 4098 22.12 -113.61 64.03
C THR D 4098 22.85 -112.29 63.93
N GLU D 4099 22.14 -111.21 63.58
CA GLU D 4099 22.76 -109.90 63.54
C GLU D 4099 23.34 -109.52 64.91
N LYS D 4100 22.55 -109.75 65.97
CA LYS D 4100 22.96 -109.38 67.32
C LYS D 4100 24.27 -110.07 67.71
N TYR D 4101 24.33 -111.39 67.58
CA TYR D 4101 25.49 -112.11 68.09
C TYR D 4101 26.66 -112.05 67.14
N VAL D 4102 26.44 -111.85 65.84
CA VAL D 4102 27.56 -111.56 64.94
C VAL D 4102 28.20 -110.23 65.30
N TRP D 4103 27.38 -109.22 65.60
CA TRP D 4103 27.92 -107.95 66.03
C TRP D 4103 28.70 -108.09 67.33
N ARG D 4104 28.17 -108.86 68.28
CA ARG D 4104 28.90 -109.09 69.53
C ARG D 4104 30.23 -109.81 69.29
N TRP D 4105 30.23 -110.79 68.40
CA TRP D 4105 31.48 -111.50 68.08
C TRP D 4105 32.51 -110.55 67.48
N LYS D 4106 32.08 -109.70 66.54
CA LYS D 4106 33.01 -108.73 65.98
C LYS D 4106 33.50 -107.75 67.03
N GLN D 4107 32.62 -107.35 67.95
CA GLN D 4107 33.03 -106.43 69.02
C GLN D 4107 34.10 -107.06 69.89
N PHE D 4108 33.91 -108.32 70.28
CA PHE D 4108 34.93 -108.99 71.10
C PHE D 4108 36.23 -109.14 70.31
N LEU D 4109 36.14 -109.47 69.03
CA LEU D 4109 37.35 -109.62 68.22
C LEU D 4109 38.12 -108.30 68.18
N SER D 4110 37.43 -107.19 68.00
CA SER D 4110 38.09 -105.89 68.03
C SER D 4110 38.65 -105.59 69.42
N ARG D 4111 37.94 -106.02 70.47
CA ARG D 4111 38.40 -105.76 71.83
C ARG D 4111 39.71 -106.49 72.14
N ARG D 4112 39.86 -107.71 71.64
CA ARG D 4112 41.07 -108.50 71.92
C ARG D 4112 42.01 -108.60 70.74
N GLY D 4113 41.49 -108.79 69.54
CA GLY D 4113 42.35 -108.98 68.37
C GLY D 4113 42.85 -107.68 67.77
N LYS D 4114 42.97 -107.66 66.44
CA LYS D 4114 43.56 -106.54 65.73
C LYS D 4114 42.60 -105.81 64.79
N ARG D 4115 41.35 -106.27 64.67
CA ARG D 4115 40.39 -105.58 63.84
C ARG D 4115 40.07 -104.20 64.41
N THR D 4116 39.84 -103.25 63.50
CA THR D 4116 39.56 -101.88 63.92
C THR D 4116 38.21 -101.79 64.61
N SER D 4117 38.09 -100.80 65.50
CA SER D 4117 36.87 -100.59 66.27
C SER D 4117 36.09 -99.44 65.67
N PRO D 4118 34.89 -99.67 65.13
CA PRO D 4118 34.12 -98.57 64.56
C PRO D 4118 33.66 -97.60 65.64
N LEU D 4119 33.52 -96.33 65.24
CA LEU D 4119 33.09 -95.29 66.15
C LEU D 4119 31.59 -95.37 66.40
N ASP D 4120 31.15 -94.71 67.48
CA ASP D 4120 29.75 -94.69 67.85
C ASP D 4120 29.09 -93.41 67.37
N LEU D 4121 27.85 -93.52 66.92
CA LEU D 4121 27.09 -92.39 66.38
C LEU D 4121 26.64 -91.50 67.53
N LYS D 4122 27.55 -90.64 67.97
CA LYS D 4122 27.25 -89.64 68.99
C LYS D 4122 27.96 -88.35 68.59
N LEU D 4123 27.19 -87.34 68.19
CA LEU D 4123 27.76 -86.11 67.68
C LEU D 4123 28.10 -85.14 68.79
N GLY D 4124 29.22 -84.44 68.64
CA GLY D 4124 29.61 -83.44 69.62
C GLY D 4124 28.81 -82.17 69.43
N HIS D 4125 28.56 -81.47 70.54
CA HIS D 4125 27.71 -80.28 70.52
C HIS D 4125 28.48 -79.01 70.18
N ASN D 4126 29.80 -79.04 70.20
CA ASN D 4126 30.62 -77.94 69.69
C ASN D 4126 31.47 -78.51 68.56
N ASN D 4127 31.62 -77.74 67.49
CA ASN D 4127 32.21 -78.23 66.25
C ASN D 4127 32.44 -77.06 65.30
N TRP D 4128 32.89 -77.40 64.08
CA TRP D 4128 32.95 -76.42 63.01
C TRP D 4128 31.60 -76.20 62.35
N LEU D 4129 30.69 -77.17 62.48
CA LEU D 4129 29.36 -77.02 61.87
C LEU D 4129 28.70 -75.71 62.34
N ARG D 4130 28.90 -75.34 63.61
CA ARG D 4130 28.22 -74.16 64.17
C ARG D 4130 28.90 -72.87 63.73
N GLN D 4131 30.20 -72.94 63.49
CA GLN D 4131 30.95 -71.83 62.93
C GLN D 4131 30.47 -71.50 61.53
N VAL D 4132 30.40 -72.52 60.69
CA VAL D 4132 30.03 -72.34 59.30
C VAL D 4132 28.56 -71.94 59.16
N LEU D 4133 27.65 -72.58 59.92
CA LEU D 4133 26.22 -72.37 59.69
C LEU D 4133 25.75 -70.94 59.98
N PHE D 4134 26.49 -70.16 60.76
CA PHE D 4134 26.04 -68.84 61.19
C PHE D 4134 27.06 -67.76 60.83
N THR D 4135 27.93 -68.03 59.88
CA THR D 4135 28.95 -67.05 59.53
C THR D 4135 28.31 -65.83 58.87
N PRO D 4136 28.67 -64.62 59.31
CA PRO D 4136 28.15 -63.41 58.65
C PRO D 4136 29.06 -62.87 57.56
N ALA D 4137 30.21 -63.50 57.32
CA ALA D 4137 31.09 -63.06 56.25
C ALA D 4137 30.43 -63.23 54.89
N THR D 4138 29.77 -64.36 54.66
CA THR D 4138 29.13 -64.64 53.39
C THR D 4138 27.94 -65.55 53.62
N GLN D 4139 27.02 -65.53 52.65
CA GLN D 4139 25.79 -66.31 52.73
C GLN D 4139 25.88 -67.64 52.01
N ALA D 4140 26.67 -67.73 50.93
CA ALA D 4140 26.81 -68.98 50.22
C ALA D 4140 27.42 -70.06 51.11
N ALA D 4141 28.30 -69.68 52.04
CA ALA D 4141 28.84 -70.66 52.98
C ALA D 4141 27.73 -71.26 53.83
N ARG D 4142 26.84 -70.40 54.35
CA ARG D 4142 25.72 -70.90 55.15
C ARG D 4142 24.82 -71.80 54.32
N GLN D 4143 24.54 -71.41 53.08
CA GLN D 4143 23.67 -72.23 52.25
C GLN D 4143 24.29 -73.58 51.91
N ALA D 4144 25.59 -73.59 51.62
CA ALA D 4144 26.28 -74.86 51.36
C ALA D 4144 26.31 -75.74 52.59
N ALA D 4145 26.53 -75.15 53.76
CA ALA D 4145 26.48 -75.93 54.99
C ALA D 4145 25.10 -76.51 55.23
N CYS D 4146 24.05 -75.73 54.93
CA CYS D 4146 22.69 -76.25 55.05
C CYS D 4146 22.46 -77.42 54.11
N THR D 4147 22.91 -77.30 52.86
CA THR D 4147 22.75 -78.39 51.92
C THR D 4147 23.50 -79.64 52.39
N ILE D 4148 24.70 -79.46 52.91
CA ILE D 4148 25.50 -80.58 53.39
C ILE D 4148 24.80 -81.29 54.54
N VAL D 4149 24.32 -80.52 55.52
CA VAL D 4149 23.70 -81.16 56.69
C VAL D 4149 22.36 -81.78 56.33
N GLU D 4150 21.63 -81.19 55.38
CA GLU D 4150 20.40 -81.81 54.90
C GLU D 4150 20.69 -83.14 54.22
N ALA D 4151 21.77 -83.20 53.43
CA ALA D 4151 22.14 -84.45 52.79
C ALA D 4151 22.64 -85.48 53.79
N LEU D 4152 23.24 -85.02 54.90
CA LEU D 4152 23.74 -85.95 55.91
C LEU D 4152 22.63 -86.65 56.66
N ALA D 4153 21.37 -86.22 56.51
CA ALA D 4153 20.25 -86.79 57.25
C ALA D 4153 19.31 -87.46 56.27
N THR D 4154 19.58 -88.74 55.98
CA THR D 4154 18.73 -89.54 55.11
C THR D 4154 18.11 -90.71 55.85
N ILE D 4155 18.93 -91.57 56.45
CA ILE D 4155 18.45 -92.68 57.26
C ILE D 4155 18.12 -92.14 58.64
N PRO D 4156 16.98 -92.52 59.24
CA PRO D 4156 16.54 -91.89 60.49
C PRO D 4156 17.58 -91.90 61.59
N SER D 4157 18.48 -92.89 61.62
CA SER D 4157 19.47 -92.94 62.69
C SER D 4157 20.39 -91.72 62.67
N ARG D 4158 20.82 -91.30 61.48
CA ARG D 4158 21.64 -90.10 61.38
C ARG D 4158 20.81 -88.84 61.56
N LYS D 4159 19.55 -88.86 61.12
CA LYS D 4159 18.66 -87.73 61.32
C LYS D 4159 18.45 -87.46 62.80
N GLN D 4160 18.48 -88.49 63.63
CA GLN D 4160 18.50 -88.31 65.09
C GLN D 4160 19.54 -87.28 65.49
N GLN D 4161 20.81 -87.58 65.21
CA GLN D 4161 21.89 -86.73 65.67
C GLN D 4161 21.85 -85.37 64.99
N VAL D 4162 21.47 -85.35 63.71
CA VAL D 4162 21.38 -84.07 63.00
C VAL D 4162 20.36 -83.16 63.67
N LEU D 4163 19.17 -83.69 63.96
CA LEU D 4163 18.13 -82.88 64.57
C LEU D 4163 18.48 -82.49 65.99
N ASP D 4164 19.13 -83.39 66.73
CA ASP D 4164 19.53 -83.07 68.10
C ASP D 4164 20.55 -81.93 68.12
N LEU D 4165 21.55 -81.99 67.23
CA LEU D 4165 22.53 -80.91 67.17
C LEU D 4165 21.90 -79.60 66.71
N LEU D 4166 21.00 -79.67 65.73
CA LEU D 4166 20.35 -78.45 65.27
C LEU D 4166 19.43 -77.85 66.35
N THR D 4167 18.84 -78.69 67.19
CA THR D 4167 18.08 -78.19 68.32
C THR D 4167 19.00 -77.57 69.37
N SER D 4168 20.18 -78.17 69.56
CA SER D 4168 21.16 -77.56 70.44
C SER D 4168 21.59 -76.19 69.95
N TYR D 4169 21.62 -75.99 68.63
CA TYR D 4169 21.97 -74.71 68.04
C TYR D 4169 20.86 -73.66 68.18
N LEU D 4170 19.82 -73.92 68.97
CA LEU D 4170 18.67 -73.03 69.00
C LEU D 4170 18.98 -71.69 69.66
N ASP D 4171 19.97 -71.65 70.56
CA ASP D 4171 20.23 -70.44 71.32
C ASP D 4171 20.97 -69.37 70.52
N GLU D 4172 21.41 -69.69 69.31
CA GLU D 4172 22.16 -68.74 68.49
C GLU D 4172 21.28 -67.77 67.72
N LEU D 4173 19.96 -67.91 67.80
CA LEU D 4173 19.07 -67.05 67.03
C LEU D 4173 19.20 -65.58 67.45
N SER D 4174 19.51 -65.33 68.72
CA SER D 4174 19.61 -63.95 69.20
C SER D 4174 20.91 -63.29 68.77
N ILE D 4175 22.01 -64.04 68.74
CA ILE D 4175 23.32 -63.45 68.48
C ILE D 4175 23.50 -63.17 66.99
N ALA D 4176 22.86 -63.95 66.15
CA ALA D 4176 23.06 -63.93 64.69
C ALA D 4176 21.73 -63.73 63.98
N GLY D 4177 21.00 -62.69 64.36
CA GLY D 4177 19.61 -62.50 64.00
C GLY D 4177 19.19 -62.85 62.58
N GLU D 4178 19.64 -62.08 61.58
CA GLU D 4178 19.20 -62.38 60.21
C GLU D 4178 20.05 -63.47 59.57
N CYS D 4179 21.28 -63.65 60.05
CA CYS D 4179 22.16 -64.68 59.51
C CYS D 4179 21.62 -66.08 59.74
N ALA D 4180 20.65 -66.26 60.62
CA ALA D 4180 20.02 -67.55 60.84
C ALA D 4180 18.94 -67.86 59.81
N ALA D 4181 18.66 -66.94 58.89
CA ALA D 4181 17.57 -67.13 57.95
C ALA D 4181 17.65 -68.47 57.23
N GLU D 4182 18.86 -68.88 56.84
CA GLU D 4182 19.03 -70.18 56.20
C GLU D 4182 18.80 -71.32 57.20
N TYR D 4183 19.45 -71.24 58.36
CA TYR D 4183 19.41 -72.33 59.33
C TYR D 4183 17.98 -72.70 59.69
N LEU D 4184 17.18 -71.71 60.06
CA LEU D 4184 15.78 -71.94 60.37
C LEU D 4184 15.08 -72.62 59.21
N ALA D 4185 15.29 -72.11 57.99
CA ALA D 4185 14.61 -72.65 56.82
C ALA D 4185 14.97 -74.12 56.60
N LEU D 4186 16.08 -74.59 57.16
CA LEU D 4186 16.39 -76.00 57.10
C LEU D 4186 15.73 -76.77 58.24
N TYR D 4187 15.80 -76.23 59.45
CA TYR D 4187 15.23 -76.90 60.62
C TYR D 4187 13.76 -77.23 60.37
N GLN D 4188 12.99 -76.22 59.96
CA GLN D 4188 11.57 -76.43 59.70
C GLN D 4188 11.35 -77.52 58.65
N LYS D 4189 12.23 -77.62 57.66
CA LYS D 4189 12.08 -78.67 56.66
C LYS D 4189 12.36 -80.05 57.26
N LEU D 4190 13.33 -80.15 58.18
CA LEU D 4190 13.68 -81.46 58.72
C LEU D 4190 12.69 -81.98 59.74
N ILE D 4191 11.86 -81.10 60.30
CA ILE D 4191 10.84 -81.50 61.26
C ILE D 4191 9.43 -81.32 60.69
N THR D 4192 9.31 -81.25 59.36
CA THR D 4192 8.02 -80.98 58.75
C THR D 4192 7.02 -82.13 58.93
N SER D 4193 7.49 -83.31 59.33
CA SER D 4193 6.61 -84.43 59.60
C SER D 4193 6.20 -84.45 61.06
N ALA D 4194 5.03 -85.06 61.33
CA ALA D 4194 4.45 -85.01 62.66
C ALA D 4194 5.28 -85.78 63.68
N HIS D 4195 5.76 -86.98 63.31
CA HIS D 4195 6.43 -87.81 64.30
C HIS D 4195 7.75 -87.19 64.75
N TRP D 4196 8.44 -86.46 63.87
CA TRP D 4196 9.64 -85.77 64.31
C TRP D 4196 9.32 -84.66 65.30
N LYS D 4197 8.23 -83.93 65.06
CA LYS D 4197 7.81 -82.90 66.02
C LYS D 4197 7.49 -83.52 67.37
N VAL D 4198 6.74 -84.62 67.39
CA VAL D 4198 6.38 -85.22 68.67
C VAL D 4198 7.60 -85.84 69.34
N TYR D 4199 8.56 -86.35 68.56
CA TYR D 4199 9.80 -86.83 69.14
C TYR D 4199 10.57 -85.69 69.81
N LEU D 4200 10.69 -84.55 69.14
CA LEU D 4200 11.38 -83.42 69.73
C LEU D 4200 10.66 -82.92 70.98
N ALA D 4201 9.32 -82.93 70.95
CA ALA D 4201 8.55 -82.57 72.13
C ALA D 4201 8.82 -83.54 73.28
N ALA D 4202 8.93 -84.82 72.97
CA ALA D 4202 9.22 -85.83 74.00
C ALA D 4202 10.59 -85.64 74.63
N ARG D 4203 11.52 -84.98 73.93
CA ARG D 4203 12.85 -84.74 74.47
C ARG D 4203 12.97 -83.44 75.23
N GLY D 4204 11.89 -82.67 75.34
CA GLY D 4204 11.88 -81.49 76.18
C GLY D 4204 12.41 -80.24 75.50
N VAL D 4205 11.89 -79.92 74.31
CA VAL D 4205 12.27 -78.69 73.63
C VAL D 4205 11.30 -77.54 73.90
N LEU D 4206 10.07 -77.84 74.32
CA LEU D 4206 9.10 -76.77 74.59
C LEU D 4206 9.55 -75.86 75.73
N PRO D 4207 9.97 -76.35 76.90
CA PRO D 4207 10.52 -75.44 77.92
C PRO D 4207 11.73 -74.67 77.42
N TYR D 4208 12.56 -75.29 76.58
CA TYR D 4208 13.74 -74.61 76.04
C TYR D 4208 13.33 -73.39 75.22
N VAL D 4209 12.40 -73.57 74.29
CA VAL D 4209 11.94 -72.46 73.46
C VAL D 4209 11.24 -71.40 74.30
N GLY D 4210 10.42 -71.84 75.27
CA GLY D 4210 9.76 -70.89 76.13
C GLY D 4210 10.73 -70.05 76.93
N ASN D 4211 11.77 -70.69 77.47
CA ASN D 4211 12.80 -69.96 78.22
C ASN D 4211 13.53 -68.98 77.31
N LEU D 4212 13.83 -69.39 76.08
CA LEU D 4212 14.47 -68.47 75.15
C LEU D 4212 13.60 -67.25 74.87
N ILE D 4213 12.31 -67.48 74.67
CA ILE D 4213 11.38 -66.39 74.39
C ILE D 4213 11.33 -65.43 75.58
N THR D 4214 11.21 -65.97 76.79
CA THR D 4214 11.15 -65.13 77.98
C THR D 4214 12.43 -64.33 78.14
N LYS D 4215 13.58 -64.96 77.92
CA LYS D 4215 14.85 -64.26 78.07
C LYS D 4215 14.98 -63.11 77.09
N GLU D 4216 14.63 -63.34 75.82
CA GLU D 4216 14.78 -62.28 74.85
C GLU D 4216 13.75 -61.18 75.06
N ILE D 4217 12.55 -61.52 75.54
CA ILE D 4217 11.57 -60.49 75.89
C ILE D 4217 12.08 -59.63 77.03
N ALA D 4218 12.69 -60.25 78.04
CA ALA D 4218 13.27 -59.49 79.14
C ALA D 4218 14.37 -58.57 78.63
N ARG D 4219 15.21 -59.06 77.72
CA ARG D 4219 16.25 -58.22 77.14
C ARG D 4219 15.63 -57.04 76.38
N LEU D 4220 14.57 -57.30 75.63
CA LEU D 4220 13.88 -56.23 74.90
C LEU D 4220 13.37 -55.16 75.85
N LEU D 4221 12.73 -55.58 76.96
CA LEU D 4221 12.23 -54.60 77.92
C LEU D 4221 13.37 -53.81 78.55
N ALA D 4222 14.46 -54.49 78.91
CA ALA D 4222 15.60 -53.80 79.50
C ALA D 4222 16.17 -52.76 78.55
N LEU D 4223 16.30 -53.12 77.26
CA LEU D 4223 16.79 -52.15 76.28
C LEU D 4223 15.79 -51.00 76.11
N GLU D 4224 14.50 -51.29 76.11
CA GLU D 4224 13.49 -50.26 75.93
C GLU D 4224 13.52 -49.25 77.05
N GLU D 4225 13.76 -49.71 78.28
CA GLU D 4225 13.74 -48.80 79.42
C GLU D 4225 14.81 -47.74 79.32
N ALA D 4226 16.02 -48.10 78.87
CA ALA D 4226 17.18 -47.22 78.98
C ALA D 4226 17.38 -46.32 77.77
N THR D 4227 17.59 -46.89 76.59
CA THR D 4227 18.04 -46.13 75.44
C THR D 4227 16.90 -45.93 74.44
N LEU D 4228 17.25 -45.32 73.30
CA LEU D 4228 16.29 -44.93 72.28
C LEU D 4228 16.81 -45.27 70.89
N SER D 4229 17.92 -46.00 70.80
CA SER D 4229 18.51 -46.33 69.52
C SER D 4229 17.59 -47.25 68.72
N THR D 4230 17.80 -47.24 67.41
CA THR D 4230 16.96 -48.00 66.48
C THR D 4230 17.72 -49.21 65.96
N ASP D 4231 17.00 -50.30 65.70
CA ASP D 4231 17.56 -51.53 65.19
C ASP D 4231 16.59 -52.12 64.19
N LEU D 4232 16.97 -52.13 62.91
CA LEU D 4232 16.08 -52.57 61.85
C LEU D 4232 15.78 -54.06 61.90
N GLN D 4233 16.56 -54.84 62.64
CA GLN D 4233 16.35 -56.28 62.75
C GLN D 4233 15.71 -56.69 64.07
N GLN D 4234 15.20 -55.72 64.84
CA GLN D 4234 14.63 -56.02 66.14
C GLN D 4234 13.42 -56.93 66.01
N GLY D 4235 13.35 -57.93 66.88
CA GLY D 4235 12.21 -58.83 66.93
C GLY D 4235 12.24 -60.00 65.97
N TYR D 4236 13.27 -60.10 65.13
CA TYR D 4236 13.34 -61.21 64.18
C TYR D 4236 13.49 -62.55 64.91
N ALA D 4237 14.40 -62.60 65.89
CA ALA D 4237 14.61 -63.84 66.63
C ALA D 4237 13.38 -64.24 67.41
N LEU D 4238 12.72 -63.27 68.06
CA LEU D 4238 11.50 -63.57 68.81
C LEU D 4238 10.40 -64.05 67.87
N LYS D 4239 10.25 -63.39 66.71
CA LYS D 4239 9.26 -63.83 65.74
C LYS D 4239 9.52 -65.27 65.31
N SER D 4240 10.78 -65.60 65.04
CA SER D 4240 11.13 -66.94 64.61
C SER D 4240 10.85 -67.96 65.70
N LEU D 4241 11.23 -67.64 66.95
CA LEU D 4241 11.02 -68.58 68.05
C LEU D 4241 9.53 -68.81 68.30
N THR D 4242 8.73 -67.75 68.26
CA THR D 4242 7.29 -67.90 68.45
C THR D 4242 6.67 -68.72 67.32
N GLY D 4243 7.10 -68.48 66.08
CA GLY D 4243 6.63 -69.28 64.98
C GLY D 4243 6.99 -70.75 65.13
N LEU D 4244 8.20 -71.03 65.61
CA LEU D 4244 8.61 -72.41 65.84
C LEU D 4244 7.77 -73.06 66.94
N LEU D 4245 7.48 -72.31 67.99
CA LEU D 4245 6.63 -72.84 69.06
C LEU D 4245 5.24 -73.14 68.54
N SER D 4246 4.68 -72.25 67.72
CA SER D 4246 3.38 -72.51 67.11
C SER D 4246 3.43 -73.75 66.21
N SER D 4247 4.53 -73.91 65.47
CA SER D 4247 4.69 -75.10 64.63
C SER D 4247 4.68 -76.35 65.48
N PHE D 4248 5.37 -76.33 66.61
CA PHE D 4248 5.33 -77.47 67.52
C PHE D 4248 3.94 -77.69 68.10
N VAL D 4249 3.18 -76.62 68.32
CA VAL D 4249 1.94 -76.72 69.07
C VAL D 4249 0.72 -77.14 68.23
N GLU D 4250 0.68 -76.80 66.94
CA GLU D 4250 -0.57 -77.01 66.19
C GLU D 4250 -0.99 -78.47 66.19
N VAL D 4251 -0.03 -79.40 66.18
CA VAL D 4251 -0.39 -80.82 66.18
C VAL D 4251 -1.09 -81.17 67.49
N GLU D 4252 -2.03 -82.11 67.43
CA GLU D 4252 -3.01 -82.24 68.50
C GLU D 4252 -2.43 -82.86 69.77
N SER D 4253 -1.49 -83.80 69.64
CA SER D 4253 -0.99 -84.50 70.83
C SER D 4253 -0.30 -83.54 71.78
N ILE D 4254 0.64 -82.74 71.27
CA ILE D 4254 1.39 -81.83 72.12
C ILE D 4254 0.49 -80.72 72.65
N LYS D 4255 -0.44 -80.23 71.82
CA LYS D 4255 -1.37 -79.21 72.29
C LYS D 4255 -2.23 -79.72 73.44
N ARG D 4256 -2.74 -80.95 73.32
CA ARG D 4256 -3.55 -81.51 74.40
C ARG D 4256 -2.70 -81.81 75.63
N HIS D 4257 -1.42 -82.15 75.44
CA HIS D 4257 -0.62 -82.60 76.57
C HIS D 4257 0.14 -81.46 77.24
N PHE D 4258 0.69 -80.53 76.47
CA PHE D 4258 1.66 -79.56 76.97
C PHE D 4258 1.04 -78.19 77.27
N LYS D 4259 -0.29 -78.10 77.28
CA LYS D 4259 -0.94 -76.82 77.56
C LYS D 4259 -0.77 -76.38 79.01
N SER D 4260 -0.76 -77.31 79.96
CA SER D 4260 -0.77 -76.96 81.37
C SER D 4260 0.54 -76.34 81.83
N ARG D 4261 1.63 -76.51 81.08
CA ARG D 4261 2.93 -75.98 81.48
C ARG D 4261 3.33 -74.71 80.71
N LEU D 4262 2.69 -74.43 79.57
CA LEU D 4262 3.09 -73.32 78.73
C LEU D 4262 2.18 -72.11 78.82
N VAL D 4263 1.08 -72.19 79.59
CA VAL D 4263 0.15 -71.07 79.66
C VAL D 4263 0.80 -69.88 80.34
N GLY D 4264 1.52 -70.12 81.44
CA GLY D 4264 2.13 -69.02 82.18
C GLY D 4264 3.15 -68.27 81.34
N THR D 4265 4.02 -69.01 80.64
CA THR D 4265 5.03 -68.37 79.80
C THR D 4265 4.37 -67.53 78.71
N VAL D 4266 3.36 -68.08 78.04
CA VAL D 4266 2.70 -67.37 76.95
C VAL D 4266 2.03 -66.11 77.46
N LEU D 4267 1.30 -66.21 78.56
CA LEU D 4267 0.59 -65.04 79.08
C LEU D 4267 1.55 -63.97 79.58
N ASN D 4268 2.61 -64.39 80.29
CA ASN D 4268 3.60 -63.42 80.77
C ASN D 4268 4.27 -62.72 79.59
N GLY D 4269 4.64 -63.46 78.56
CA GLY D 4269 5.24 -62.84 77.39
C GLY D 4269 4.29 -61.89 76.70
N TYR D 4270 3.01 -62.26 76.59
CA TYR D 4270 2.03 -61.40 75.94
C TYR D 4270 1.86 -60.10 76.70
N LEU D 4271 1.75 -60.17 78.03
CA LEU D 4271 1.61 -58.96 78.82
C LEU D 4271 2.86 -58.09 78.73
N CYS D 4272 4.05 -58.70 78.81
CA CYS D 4272 5.28 -57.93 78.72
C CYS D 4272 5.40 -57.25 77.37
N LEU D 4273 5.04 -57.94 76.29
CA LEU D 4273 5.07 -57.34 74.96
C LEU D 4273 4.05 -56.21 74.85
N ARG D 4274 2.87 -56.39 75.44
CA ARG D 4274 1.88 -55.33 75.45
C ARG D 4274 2.38 -54.08 76.18
N LYS D 4275 3.22 -54.27 77.20
CA LYS D 4275 3.74 -53.12 77.93
C LYS D 4275 4.60 -52.23 77.05
N LEU D 4276 5.16 -52.76 75.97
CA LEU D 4276 6.02 -51.96 75.08
C LEU D 4276 5.27 -50.74 74.54
N VAL D 4277 5.95 -49.60 74.55
CA VAL D 4277 5.34 -48.37 74.05
C VAL D 4277 6.20 -47.62 73.04
N VAL D 4278 7.52 -47.81 73.01
CA VAL D 4278 8.40 -47.03 72.15
C VAL D 4278 9.24 -47.92 71.23
N GLN D 4279 9.85 -48.96 71.79
CA GLN D 4279 10.66 -49.89 71.00
C GLN D 4279 9.78 -51.01 70.43
N ARG D 4280 8.92 -50.62 69.50
CA ARG D 4280 7.94 -51.52 68.90
C ARG D 4280 8.08 -51.48 67.38
N THR D 4281 8.11 -52.66 66.77
CA THR D 4281 8.21 -52.80 65.33
C THR D 4281 7.09 -53.73 64.84
N LYS D 4282 7.06 -53.95 63.52
CA LYS D 4282 6.06 -54.85 62.95
C LYS D 4282 6.25 -56.27 63.43
N LEU D 4283 7.50 -56.72 63.57
CA LEU D 4283 7.77 -58.08 64.03
C LEU D 4283 7.24 -58.29 65.44
N ILE D 4284 7.41 -57.31 66.31
CA ILE D 4284 6.90 -57.42 67.68
C ILE D 4284 5.37 -57.48 67.68
N ASP D 4285 4.74 -56.69 66.82
CA ASP D 4285 3.28 -56.72 66.72
C ASP D 4285 2.78 -58.08 66.25
N GLU D 4286 3.44 -58.64 65.23
CA GLU D 4286 3.06 -59.97 64.75
C GLU D 4286 3.28 -61.02 65.82
N THR D 4287 4.37 -60.90 66.58
CA THR D 4287 4.61 -61.83 67.67
C THR D 4287 3.52 -61.73 68.73
N GLN D 4288 3.10 -60.51 69.07
CA GLN D 4288 2.03 -60.34 70.04
C GLN D 4288 0.73 -60.95 69.54
N ASP D 4289 0.41 -60.75 68.25
CA ASP D 4289 -0.79 -61.34 67.68
C ASP D 4289 -0.73 -62.87 67.75
N MET D 4290 0.41 -63.45 67.39
CA MET D 4290 0.55 -64.90 67.41
C MET D 4290 0.47 -65.42 68.84
N LEU D 4291 1.04 -64.69 69.80
CA LEU D 4291 0.97 -65.09 71.20
C LEU D 4291 -0.45 -65.06 71.72
N LEU D 4292 -1.22 -64.03 71.34
CA LEU D 4292 -2.63 -63.98 71.74
C LEU D 4292 -3.42 -65.11 71.12
N GLU D 4293 -3.14 -65.44 69.85
CA GLU D 4293 -3.80 -66.58 69.22
C GLU D 4293 -3.45 -67.87 69.94
N MET D 4294 -2.19 -68.02 70.35
CA MET D 4294 -1.77 -69.16 71.15
C MET D 4294 -2.58 -69.24 72.44
N LEU D 4295 -2.72 -68.10 73.13
CA LEU D 4295 -3.45 -68.08 74.39
C LEU D 4295 -4.91 -68.47 74.19
N GLU D 4296 -5.54 -67.97 73.12
CA GLU D 4296 -6.94 -68.31 72.88
C GLU D 4296 -7.09 -69.78 72.47
N ASP D 4297 -6.11 -70.33 71.75
CA ASP D 4297 -6.17 -71.75 71.38
C ASP D 4297 -6.01 -72.65 72.60
N MET D 4298 -5.10 -72.29 73.51
CA MET D 4298 -4.82 -73.15 74.65
C MET D 4298 -5.98 -73.14 75.65
N THR D 4299 -6.65 -72.01 75.82
CA THR D 4299 -7.70 -71.89 76.83
C THR D 4299 -9.08 -72.26 76.26
N THR D 4300 -9.16 -73.48 75.70
CA THR D 4300 -10.43 -74.02 75.21
C THR D 4300 -10.38 -75.54 75.45
N GLY D 4301 -10.92 -75.98 76.57
CA GLY D 4301 -10.87 -77.39 76.91
C GLY D 4301 -11.77 -77.81 78.05
N THR D 4302 -11.27 -78.71 78.89
CA THR D 4302 -12.06 -79.29 79.97
C THR D 4302 -12.08 -78.35 81.18
N GLU D 4303 -12.77 -78.79 82.24
CA GLU D 4303 -12.90 -77.97 83.43
C GLU D 4303 -11.64 -77.98 84.29
N SER D 4304 -10.97 -79.13 84.39
CA SER D 4304 -9.76 -79.21 85.22
C SER D 4304 -8.65 -78.32 84.68
N GLU D 4305 -8.46 -78.34 83.36
CA GLU D 4305 -7.44 -77.46 82.76
C GLU D 4305 -7.83 -76.00 82.91
N THR D 4306 -9.12 -75.69 82.85
CA THR D 4306 -9.57 -74.32 83.10
C THR D 4306 -9.23 -73.89 84.52
N LYS D 4307 -9.51 -74.75 85.50
CA LYS D 4307 -9.18 -74.43 86.89
C LYS D 4307 -7.69 -74.22 87.08
N ALA D 4308 -6.87 -75.09 86.46
CA ALA D 4308 -5.42 -74.93 86.55
C ALA D 4308 -4.97 -73.63 85.91
N PHE D 4309 -5.55 -73.27 84.77
CA PHE D 4309 -5.17 -72.03 84.10
C PHE D 4309 -5.53 -70.82 84.95
N MET D 4310 -6.68 -70.84 85.61
CA MET D 4310 -7.01 -69.70 86.46
C MET D 4310 -6.15 -69.67 87.72
N ALA D 4311 -5.77 -70.83 88.24
CA ALA D 4311 -4.82 -70.86 89.35
C ALA D 4311 -3.51 -70.19 88.95
N VAL D 4312 -2.97 -70.56 87.79
CA VAL D 4312 -1.72 -69.94 87.36
C VAL D 4312 -1.94 -68.48 86.98
N CYS D 4313 -3.15 -68.12 86.54
CA CYS D 4313 -3.45 -66.73 86.22
C CYS D 4313 -3.38 -65.86 87.47
N ILE D 4314 -3.99 -66.32 88.57
CA ILE D 4314 -3.86 -65.60 89.84
C ILE D 4314 -2.40 -65.62 90.30
N GLU D 4315 -1.69 -66.71 90.02
CA GLU D 4315 -0.28 -66.77 90.41
C GLU D 4315 0.54 -65.67 89.74
N THR D 4316 0.36 -65.48 88.43
CA THR D 4316 1.06 -64.39 87.75
C THR D 4316 0.50 -63.02 88.09
N ALA D 4317 -0.77 -62.96 88.51
CA ALA D 4317 -1.29 -61.70 89.02
C ALA D 4317 -0.62 -61.31 90.33
N LYS D 4318 -0.21 -62.30 91.13
CA LYS D 4318 0.42 -62.03 92.42
C LYS D 4318 1.73 -61.29 92.25
N ARG D 4319 2.60 -61.76 91.35
CA ARG D 4319 3.95 -61.22 91.26
C ARG D 4319 3.97 -59.75 90.86
N TYR D 4320 2.95 -59.28 90.14
CA TYR D 4320 2.84 -57.87 89.83
C TYR D 4320 2.55 -57.08 91.09
N ASN D 4321 3.08 -55.86 91.16
CA ASN D 4321 3.00 -55.06 92.37
C ASN D 4321 1.59 -54.48 92.52
N LEU D 4322 1.43 -53.59 93.51
CA LEU D 4322 0.16 -52.92 93.73
C LEU D 4322 0.07 -51.58 93.01
N ASP D 4323 1.15 -51.11 92.39
CA ASP D 4323 1.14 -49.81 91.74
C ASP D 4323 0.84 -49.89 90.25
N ASP D 4324 1.26 -50.96 89.58
CA ASP D 4324 0.96 -51.12 88.16
C ASP D 4324 -0.55 -51.32 87.98
N TYR D 4325 -1.13 -50.55 87.05
CA TYR D 4325 -2.58 -50.51 86.90
C TYR D 4325 -3.03 -50.92 85.50
N ARG D 4326 -2.19 -51.68 84.78
CA ARG D 4326 -2.49 -52.06 83.40
C ARG D 4326 -2.67 -53.56 83.25
N THR D 4327 -1.68 -54.36 83.62
CA THR D 4327 -1.79 -55.81 83.48
C THR D 4327 -2.92 -56.43 84.30
N PRO D 4328 -3.16 -56.05 85.57
CA PRO D 4328 -4.31 -56.63 86.27
C PRO D 4328 -5.62 -56.36 85.59
N VAL D 4329 -5.74 -55.23 84.87
CA VAL D 4329 -6.94 -54.96 84.10
C VAL D 4329 -7.19 -56.08 83.10
N PHE D 4330 -6.15 -56.43 82.32
CA PHE D 4330 -6.30 -57.50 81.34
C PHE D 4330 -6.57 -58.83 82.01
N ILE D 4331 -5.84 -59.14 83.09
CA ILE D 4331 -6.00 -60.42 83.76
C ILE D 4331 -7.44 -60.59 84.23
N PHE D 4332 -7.97 -59.58 84.92
CA PHE D 4332 -9.30 -59.69 85.49
C PHE D 4332 -10.40 -59.54 84.44
N GLU D 4333 -10.17 -58.81 83.35
CA GLU D 4333 -11.18 -58.81 82.29
C GLU D 4333 -11.22 -60.14 81.56
N ARG D 4334 -10.07 -60.79 81.39
CA ARG D 4334 -10.07 -62.15 80.85
C ARG D 4334 -10.81 -63.09 81.79
N LEU D 4335 -10.56 -62.96 83.10
CA LEU D 4335 -11.28 -63.76 84.09
C LEU D 4335 -12.79 -63.56 83.94
N CYS D 4336 -13.24 -62.30 83.90
CA CYS D 4336 -14.67 -62.03 83.82
C CYS D 4336 -15.26 -62.51 82.50
N SER D 4337 -14.53 -62.34 81.39
CA SER D 4337 -15.05 -62.78 80.10
C SER D 4337 -15.23 -64.28 80.06
N ILE D 4338 -14.26 -65.04 80.58
CA ILE D 4338 -14.41 -66.49 80.57
C ILE D 4338 -15.28 -66.97 81.73
N ILE D 4339 -15.61 -66.08 82.67
CA ILE D 4339 -16.57 -66.42 83.72
C ILE D 4339 -17.91 -66.74 83.09
N TYR D 4340 -18.50 -65.77 82.41
CA TYR D 4340 -19.73 -65.93 81.65
C TYR D 4340 -19.39 -65.63 80.20
N PRO D 4341 -19.43 -66.61 79.30
CA PRO D 4341 -19.01 -66.36 77.91
C PRO D 4341 -19.84 -65.25 77.29
N GLU D 4342 -19.16 -64.19 76.87
CA GLU D 4342 -19.85 -63.02 76.35
C GLU D 4342 -20.56 -63.36 75.06
N GLU D 4343 -21.77 -62.83 74.90
CA GLU D 4343 -22.56 -63.02 73.70
C GLU D 4343 -22.49 -61.75 72.87
N ASN D 4344 -22.16 -61.89 71.60
CA ASN D 4344 -21.87 -60.74 70.75
C ASN D 4344 -23.13 -59.92 70.56
N GLU D 4345 -23.22 -58.81 71.29
CA GLU D 4345 -24.32 -57.87 71.15
C GLU D 4345 -23.82 -56.70 70.31
N VAL D 4346 -23.87 -56.90 68.99
CA VAL D 4346 -23.31 -55.92 68.06
C VAL D 4346 -24.12 -54.64 68.12
N THR D 4347 -23.43 -53.51 68.30
CA THR D 4347 -24.10 -52.22 68.34
C THR D 4347 -24.66 -51.84 66.98
N GLU D 4348 -24.10 -52.40 65.90
CA GLU D 4348 -24.53 -52.09 64.54
C GLU D 4348 -24.54 -53.39 63.75
N PHE D 4349 -25.71 -54.04 63.68
CA PHE D 4349 -25.91 -55.22 62.85
C PHE D 4349 -26.93 -54.88 61.76
N PHE D 4350 -26.63 -55.30 60.53
CA PHE D 4350 -27.49 -54.97 59.41
C PHE D 4350 -28.77 -55.80 59.47
N VAL D 4351 -29.91 -55.14 59.29
CA VAL D 4351 -31.21 -55.79 59.29
C VAL D 4351 -31.84 -55.57 57.91
N THR D 4352 -32.11 -56.66 57.21
CA THR D 4352 -32.70 -56.61 55.88
C THR D 4352 -34.18 -56.94 55.99
N LEU D 4353 -35.03 -56.00 55.56
CA LEU D 4353 -36.48 -56.14 55.63
C LEU D 4353 -36.99 -56.23 54.20
N GLU D 4354 -37.39 -57.44 53.78
CA GLU D 4354 -37.80 -57.70 52.41
C GLU D 4354 -39.26 -58.08 52.36
N LYS D 4355 -39.89 -57.80 51.21
CA LYS D 4355 -41.28 -58.12 51.01
C LYS D 4355 -41.48 -59.63 50.86
N ASP D 4356 -42.70 -60.07 51.12
CA ASP D 4356 -43.06 -61.48 50.90
C ASP D 4356 -43.25 -61.72 49.42
N PRO D 4357 -42.52 -62.68 48.82
CA PRO D 4357 -42.71 -62.93 47.38
C PRO D 4357 -44.13 -63.29 47.00
N GLN D 4358 -44.86 -63.99 47.88
CA GLN D 4358 -46.26 -64.30 47.62
C GLN D 4358 -47.20 -63.13 47.90
N GLN D 4359 -46.71 -62.09 48.59
CA GLN D 4359 -47.51 -60.91 48.90
C GLN D 4359 -46.84 -59.63 48.40
N GLU D 4360 -45.95 -59.74 47.41
CA GLU D 4360 -45.27 -58.56 46.90
C GLU D 4360 -46.23 -57.58 46.25
N ASP D 4361 -47.19 -58.09 45.48
CA ASP D 4361 -48.15 -57.23 44.79
C ASP D 4361 -49.02 -56.47 45.79
N PHE D 4362 -49.47 -57.14 46.86
CA PHE D 4362 -50.38 -56.51 47.80
C PHE D 4362 -49.70 -55.41 48.60
N LEU D 4363 -48.43 -55.59 48.93
CA LEU D 4363 -47.69 -54.58 49.70
C LEU D 4363 -47.48 -53.33 48.86
N GLN D 4364 -47.56 -52.18 49.51
CA GLN D 4364 -47.46 -50.88 48.86
C GLN D 4364 -46.16 -50.20 49.27
N GLY D 4365 -45.40 -49.74 48.28
CA GLY D 4365 -44.18 -48.99 48.54
C GLY D 4365 -42.99 -49.87 48.81
N ARG D 4366 -41.87 -49.59 48.14
CA ARG D 4366 -40.64 -50.35 48.31
C ARG D 4366 -39.71 -49.62 49.29
N MET D 4367 -38.97 -50.41 50.07
CA MET D 4367 -38.08 -49.86 51.08
C MET D 4367 -36.66 -49.89 50.56
N PRO D 4368 -36.03 -48.74 50.31
CA PRO D 4368 -34.65 -48.72 49.80
C PRO D 4368 -33.57 -48.69 50.87
N GLY D 4369 -33.95 -48.67 52.16
CA GLY D 4369 -32.98 -48.60 53.23
C GLY D 4369 -32.34 -49.92 53.62
N ASN D 4370 -32.72 -51.01 52.97
CA ASN D 4370 -32.14 -52.31 53.30
C ASN D 4370 -30.67 -52.36 52.87
N PRO D 4371 -29.78 -52.89 53.71
CA PRO D 4371 -30.02 -53.40 55.08
C PRO D 4371 -30.09 -52.27 56.10
N TYR D 4372 -30.85 -52.45 57.18
CA TYR D 4372 -31.06 -51.41 58.17
C TYR D 4372 -30.11 -51.61 59.35
N SER D 4373 -29.41 -50.54 59.72
CA SER D 4373 -28.53 -50.58 60.87
C SER D 4373 -29.32 -50.51 62.17
N SER D 4374 -28.81 -51.19 63.19
CA SER D 4374 -29.48 -51.18 64.49
C SER D 4374 -29.42 -49.80 65.13
N ASN D 4375 -28.30 -49.09 64.95
CA ASN D 4375 -28.16 -47.76 65.52
C ASN D 4375 -29.15 -46.75 64.93
N GLU D 4376 -29.64 -47.01 63.72
CA GLU D 4376 -30.62 -46.13 63.11
C GLU D 4376 -31.94 -46.18 63.88
N PRO D 4377 -32.64 -45.05 63.97
CA PRO D 4377 -33.93 -45.05 64.68
C PRO D 4377 -34.95 -45.92 63.97
N GLY D 4378 -35.85 -46.50 64.74
CA GLY D 4378 -36.87 -47.40 64.23
C GLY D 4378 -36.47 -48.85 64.17
N ILE D 4379 -35.21 -49.18 64.47
CA ILE D 4379 -34.74 -50.56 64.50
C ILE D 4379 -34.24 -50.83 65.91
N GLY D 4380 -35.04 -51.52 66.71
CA GLY D 4380 -34.70 -51.81 68.08
C GLY D 4380 -35.24 -50.77 69.04
N PRO D 4381 -35.22 -51.09 70.33
CA PRO D 4381 -34.72 -52.33 70.96
C PRO D 4381 -35.75 -53.45 70.91
N LEU D 4382 -36.98 -53.13 70.49
CA LEU D 4382 -38.04 -54.11 70.33
C LEU D 4382 -38.46 -54.16 68.86
N MET D 4383 -38.78 -55.36 68.38
CA MET D 4383 -39.16 -55.52 66.98
C MET D 4383 -40.51 -54.87 66.66
N ARG D 4384 -41.27 -54.45 67.67
CA ARG D 4384 -42.42 -53.60 67.42
C ARG D 4384 -41.99 -52.28 66.79
N ASP D 4385 -40.87 -51.74 67.24
CA ASP D 4385 -40.31 -50.55 66.60
C ASP D 4385 -39.91 -50.83 65.16
N ILE D 4386 -39.39 -52.03 64.90
CA ILE D 4386 -39.06 -52.43 63.53
C ILE D 4386 -40.32 -52.47 62.67
N LYS D 4387 -41.40 -53.04 63.20
CA LYS D 4387 -42.66 -53.08 62.48
C LYS D 4387 -43.19 -51.66 62.21
N ASN D 4388 -43.08 -50.78 63.20
CA ASN D 4388 -43.51 -49.40 63.01
C ASN D 4388 -42.68 -48.71 61.92
N LYS D 4389 -41.37 -48.94 61.92
CA LYS D 4389 -40.51 -48.36 60.89
C LYS D 4389 -40.86 -48.91 59.51
N ILE D 4390 -41.17 -50.20 59.42
CA ILE D 4390 -41.58 -50.78 58.15
C ILE D 4390 -42.88 -50.14 57.67
N CYS D 4391 -43.85 -49.97 58.58
CA CYS D 4391 -45.10 -49.35 58.20
C CYS D 4391 -44.91 -47.91 57.75
N GLN D 4392 -44.06 -47.15 58.45
CA GLN D 4392 -43.82 -45.76 58.09
C GLN D 4392 -43.11 -45.66 56.74
N ASP D 4393 -42.10 -46.51 56.51
CA ASP D 4393 -41.37 -46.47 55.25
C ASP D 4393 -42.26 -46.87 54.08
N CYS D 4394 -43.10 -47.87 54.28
CA CYS D 4394 -44.01 -48.35 53.25
C CYS D 4394 -45.35 -47.61 53.25
N ASP D 4395 -45.48 -46.56 54.07
CA ASP D 4395 -46.70 -45.77 54.17
C ASP D 4395 -47.90 -46.63 54.58
N LEU D 4396 -47.65 -47.58 55.46
CA LEU D 4396 -48.72 -48.43 56.01
C LEU D 4396 -49.26 -47.79 57.30
N VAL D 4397 -49.97 -46.68 57.09
CA VAL D 4397 -50.52 -45.94 58.23
C VAL D 4397 -51.57 -46.77 58.95
N ALA D 4398 -52.45 -47.44 58.20
CA ALA D 4398 -53.47 -48.26 58.81
C ALA D 4398 -52.88 -49.45 59.56
N LEU D 4399 -51.86 -50.09 58.97
CA LEU D 4399 -51.26 -51.26 59.59
C LEU D 4399 -50.37 -50.91 60.78
N LEU D 4400 -49.95 -49.65 60.91
CA LEU D 4400 -49.14 -49.25 62.05
C LEU D 4400 -49.93 -49.37 63.35
N GLU D 4401 -51.21 -49.00 63.32
CA GLU D 4401 -52.03 -49.06 64.53
C GLU D 4401 -52.33 -50.50 64.92
N ASP D 4402 -52.50 -51.38 63.94
CA ASP D 4402 -52.85 -52.78 64.19
C ASP D 4402 -51.57 -53.59 64.40
N ASP D 4403 -51.37 -54.07 65.63
CA ASP D 4403 -50.17 -54.84 65.94
C ASP D 4403 -50.24 -56.24 65.36
N SER D 4404 -51.41 -56.89 65.45
CA SER D 4404 -51.55 -58.27 65.03
C SER D 4404 -51.93 -58.42 63.56
N GLY D 4405 -52.20 -57.32 62.85
CA GLY D 4405 -52.55 -57.43 61.45
C GLY D 4405 -51.39 -57.75 60.53
N MET D 4406 -50.16 -57.53 61.00
CA MET D 4406 -48.97 -57.76 60.20
C MET D 4406 -47.94 -58.47 61.06
N GLU D 4407 -47.21 -59.41 60.45
CA GLU D 4407 -46.28 -60.25 61.17
C GLU D 4407 -44.92 -60.26 60.47
N LEU D 4408 -43.88 -60.50 61.25
CA LEU D 4408 -42.51 -60.60 60.77
C LEU D 4408 -42.06 -62.06 60.85
N LEU D 4409 -41.56 -62.58 59.73
CA LEU D 4409 -41.10 -63.96 59.63
C LEU D 4409 -39.59 -63.98 59.56
N VAL D 4410 -38.97 -64.79 60.42
CA VAL D 4410 -37.52 -64.98 60.44
C VAL D 4410 -37.26 -66.47 60.28
N ASN D 4411 -36.58 -66.83 59.19
CA ASN D 4411 -36.33 -68.24 58.85
C ASN D 4411 -37.64 -69.04 58.84
N ASN D 4412 -38.68 -68.43 58.26
CA ASN D 4412 -40.02 -69.02 58.20
C ASN D 4412 -40.53 -69.37 59.60
N LYS D 4413 -40.31 -68.46 60.56
CA LYS D 4413 -40.82 -68.61 61.91
C LYS D 4413 -41.39 -67.28 62.38
N ILE D 4414 -42.47 -67.36 63.15
CA ILE D 4414 -43.18 -66.19 63.66
C ILE D 4414 -42.65 -65.84 65.03
N ILE D 4415 -42.40 -64.55 65.26
CA ILE D 4415 -41.85 -64.06 66.51
C ILE D 4415 -42.79 -62.98 67.05
N SER D 4416 -43.12 -63.09 68.33
CA SER D 4416 -44.00 -62.10 68.95
C SER D 4416 -43.35 -60.72 68.96
N LEU D 4417 -44.17 -59.69 68.80
CA LEU D 4417 -43.66 -58.32 68.69
C LEU D 4417 -42.94 -57.85 69.95
N ASP D 4418 -43.25 -58.45 71.11
CA ASP D 4418 -42.67 -58.00 72.37
C ASP D 4418 -41.23 -58.45 72.57
N LEU D 4419 -40.75 -59.42 71.79
CA LEU D 4419 -39.41 -59.92 71.98
C LEU D 4419 -38.38 -58.89 71.47
N PRO D 4420 -37.25 -58.75 72.16
CA PRO D 4420 -36.23 -57.78 71.72
C PRO D 4420 -35.59 -58.18 70.39
N VAL D 4421 -35.11 -57.18 69.67
CA VAL D 4421 -34.47 -57.42 68.39
C VAL D 4421 -33.16 -58.18 68.56
N ALA D 4422 -32.34 -57.76 69.52
CA ALA D 4422 -31.03 -58.39 69.71
C ALA D 4422 -31.17 -59.85 70.14
N GLU D 4423 -32.08 -60.12 71.08
CA GLU D 4423 -32.28 -61.49 71.54
C GLU D 4423 -32.80 -62.37 70.42
N VAL D 4424 -33.73 -61.86 69.61
CA VAL D 4424 -34.25 -62.64 68.49
C VAL D 4424 -33.16 -62.93 67.47
N TYR D 4425 -32.35 -61.92 67.14
CA TYR D 4425 -31.27 -62.12 66.18
C TYR D 4425 -30.25 -63.13 66.71
N LYS D 4426 -29.95 -63.07 68.01
CA LYS D 4426 -28.95 -63.97 68.57
C LYS D 4426 -29.46 -65.39 68.71
N LYS D 4427 -30.76 -65.57 68.97
CA LYS D 4427 -31.32 -66.88 69.25
C LYS D 4427 -32.07 -67.51 68.08
N VAL D 4428 -32.28 -66.77 66.98
CA VAL D 4428 -33.00 -67.32 65.84
C VAL D 4428 -32.11 -67.24 64.59
N TRP D 4429 -31.71 -66.03 64.21
CA TRP D 4429 -30.94 -65.86 62.99
C TRP D 4429 -29.51 -66.41 63.14
N CYS D 4430 -28.91 -66.21 64.31
CA CYS D 4430 -27.54 -66.66 64.53
C CYS D 4430 -27.42 -68.17 64.63
N THR D 4431 -28.54 -68.89 64.79
CA THR D 4431 -28.46 -70.34 64.93
C THR D 4431 -28.15 -71.02 63.60
N THR D 4432 -28.58 -70.43 62.48
CA THR D 4432 -28.38 -71.05 61.18
C THR D 4432 -27.68 -70.11 60.21
N ASN D 4433 -27.83 -68.81 60.40
CA ASN D 4433 -27.29 -67.81 59.49
C ASN D 4433 -26.42 -66.80 60.25
N GLU D 4434 -25.52 -67.31 61.09
CA GLU D 4434 -24.59 -66.45 61.80
C GLU D 4434 -23.65 -65.76 60.82
N GLY D 4435 -23.42 -64.46 61.03
CA GLY D 4435 -22.60 -63.68 60.14
C GLY D 4435 -23.30 -63.18 58.90
N GLU D 4436 -24.59 -63.44 58.76
CA GLU D 4436 -25.38 -63.02 57.61
C GLU D 4436 -26.32 -61.88 58.00
N PRO D 4437 -26.73 -61.05 57.04
CA PRO D 4437 -27.64 -59.94 57.36
C PRO D 4437 -28.95 -60.45 57.95
N MET D 4438 -29.47 -59.69 58.91
CA MET D 4438 -30.71 -60.04 59.60
C MET D 4438 -31.88 -59.89 58.62
N ARG D 4439 -32.47 -61.00 58.21
CA ARG D 4439 -33.54 -61.00 57.23
C ARG D 4439 -34.89 -61.17 57.91
N ILE D 4440 -35.83 -60.29 57.57
CA ILE D 4440 -37.19 -60.33 58.09
C ILE D 4440 -38.15 -60.15 56.93
N VAL D 4441 -39.15 -61.03 56.85
CA VAL D 4441 -40.17 -60.95 55.80
C VAL D 4441 -41.46 -60.46 56.46
N TYR D 4442 -41.92 -59.28 56.05
CA TYR D 4442 -43.15 -58.71 56.60
C TYR D 4442 -44.33 -59.14 55.74
N ARG D 4443 -45.33 -59.76 56.37
CA ARG D 4443 -46.52 -60.21 55.66
C ARG D 4443 -47.77 -59.92 56.49
N MET D 4444 -48.83 -59.50 55.81
CA MET D 4444 -50.08 -59.19 56.48
C MET D 4444 -50.88 -60.47 56.69
N ARG D 4445 -51.56 -60.54 57.83
CA ARG D 4445 -52.12 -61.77 58.36
C ARG D 4445 -53.57 -61.94 57.88
N GLY D 4446 -53.85 -63.06 57.20
CA GLY D 4446 -55.21 -63.42 56.87
C GLY D 4446 -55.49 -63.84 55.45
N LEU D 4447 -54.84 -63.20 54.47
CA LEU D 4447 -55.15 -63.49 53.07
C LEU D 4447 -54.74 -64.90 52.68
N LEU D 4448 -53.57 -65.35 53.13
CA LEU D 4448 -53.05 -66.67 52.76
C LEU D 4448 -53.48 -67.76 53.73
N GLY D 4449 -54.61 -67.59 54.40
CA GLY D 4449 -55.10 -68.58 55.34
C GLY D 4449 -54.38 -68.50 56.68
N ASP D 4450 -54.65 -69.51 57.51
CA ASP D 4450 -54.02 -69.58 58.82
C ASP D 4450 -52.52 -69.83 58.67
N ALA D 4451 -51.74 -69.17 59.53
CA ALA D 4451 -50.29 -69.30 59.48
C ALA D 4451 -49.87 -70.71 59.87
N THR D 4452 -48.95 -71.28 59.09
CA THR D 4452 -48.43 -72.62 59.36
C THR D 4452 -47.02 -72.60 59.96
N GLU D 4453 -46.35 -71.45 59.94
CA GLU D 4453 -45.01 -71.34 60.50
C GLU D 4453 -45.07 -71.36 62.03
N GLU D 4454 -43.97 -71.81 62.64
CA GLU D 4454 -43.89 -71.86 64.09
C GLU D 4454 -43.88 -70.45 64.68
N PHE D 4455 -44.61 -70.27 65.77
CA PHE D 4455 -44.69 -68.99 66.46
C PHE D 4455 -43.89 -69.07 67.75
N ILE D 4456 -42.92 -68.17 67.91
CA ILE D 4456 -42.10 -68.12 69.11
C ILE D 4456 -42.51 -66.91 69.94
N GLU D 4457 -43.42 -67.12 70.89
CA GLU D 4457 -43.89 -66.02 71.73
C GLU D 4457 -42.77 -65.49 72.62
N SER D 4458 -42.01 -66.38 73.24
CA SER D 4458 -40.92 -65.98 74.11
C SER D 4458 -39.70 -66.84 73.80
N LEU D 4459 -38.52 -66.28 74.06
CA LEU D 4459 -37.27 -66.99 73.81
C LEU D 4459 -36.79 -67.70 75.07
N ASP D 4460 -35.93 -68.69 74.87
CA ASP D 4460 -35.36 -69.47 75.98
C ASP D 4460 -34.30 -68.63 76.65
N SER D 4461 -34.66 -67.98 77.76
CA SER D 4461 -33.71 -67.17 78.50
C SER D 4461 -32.72 -68.06 79.23
N THR D 4462 -31.66 -67.43 79.75
CA THR D 4462 -30.67 -68.16 80.54
C THR D 4462 -31.31 -68.72 81.80
N THR D 4463 -30.77 -69.85 82.27
CA THR D 4463 -31.34 -70.51 83.43
C THR D 4463 -31.15 -69.66 84.68
N ASP D 4464 -32.24 -69.02 85.13
CA ASP D 4464 -32.20 -68.11 86.27
C ASP D 4464 -32.44 -68.81 87.60
N GLU D 4465 -32.73 -70.11 87.59
CA GLU D 4465 -32.97 -70.84 88.83
C GLU D 4465 -31.64 -71.16 89.51
N GLU D 4466 -31.72 -71.90 90.61
CA GLU D 4466 -30.54 -72.36 91.33
C GLU D 4466 -30.16 -73.78 90.94
N GLU D 4467 -29.82 -73.99 89.66
CA GLU D 4467 -29.45 -75.33 89.19
C GLU D 4467 -28.22 -75.78 89.96
N ASP D 4468 -27.11 -75.12 89.66
CA ASP D 4468 -25.92 -75.03 90.50
C ASP D 4468 -25.41 -73.60 90.38
N GLU D 4469 -26.34 -72.64 90.55
CA GLU D 4469 -26.40 -71.40 89.79
C GLU D 4469 -25.06 -70.70 89.57
N GLU D 4470 -24.09 -70.94 90.45
CA GLU D 4470 -22.71 -70.62 90.11
C GLU D 4470 -22.09 -71.73 89.27
N GLU D 4471 -22.81 -72.15 88.22
CA GLU D 4471 -22.37 -73.19 87.30
C GLU D 4471 -21.92 -72.63 85.96
N VAL D 4472 -22.66 -71.65 85.42
CA VAL D 4472 -22.09 -70.75 84.43
C VAL D 4472 -21.14 -69.76 85.09
N TYR D 4473 -21.09 -69.77 86.42
CA TYR D 4473 -20.10 -69.05 87.21
C TYR D 4473 -19.25 -70.00 88.04
N LYS D 4474 -19.06 -71.23 87.57
CA LYS D 4474 -18.22 -72.19 88.28
C LYS D 4474 -16.80 -71.68 88.41
N MET D 4475 -16.32 -70.96 87.40
CA MET D 4475 -15.04 -70.27 87.43
C MET D 4475 -14.96 -69.35 88.64
N ALA D 4476 -16.08 -68.72 89.01
CA ALA D 4476 -16.08 -67.75 90.10
C ALA D 4476 -15.85 -68.39 91.47
N GLY D 4477 -15.91 -69.71 91.57
CA GLY D 4477 -15.53 -70.37 92.80
C GLY D 4477 -14.09 -70.81 92.79
N VAL D 4478 -13.46 -70.80 91.62
CA VAL D 4478 -12.13 -71.41 91.48
C VAL D 4478 -11.08 -70.62 92.25
N MET D 4479 -11.02 -69.30 92.05
CA MET D 4479 -10.02 -68.52 92.77
C MET D 4479 -10.37 -68.37 94.25
N ALA D 4480 -11.64 -68.50 94.61
CA ALA D 4480 -11.98 -68.62 96.03
C ALA D 4480 -11.41 -69.89 96.62
N GLN D 4481 -11.46 -71.00 95.86
CA GLN D 4481 -10.84 -72.24 96.31
C GLN D 4481 -9.32 -72.08 96.42
N CYS D 4482 -8.69 -71.44 95.44
CA CYS D 4482 -7.24 -71.30 95.47
C CYS D 4482 -6.78 -70.08 96.27
N GLY D 4483 -7.70 -69.26 96.76
CA GLY D 4483 -7.35 -68.10 97.54
C GLY D 4483 -7.04 -66.88 96.70
N GLY D 4484 -7.79 -66.69 95.63
CA GLY D 4484 -7.59 -65.54 94.76
C GLY D 4484 -8.38 -64.33 95.22
N LEU D 4485 -9.37 -64.55 96.08
CA LEU D 4485 -10.23 -63.46 96.54
C LEU D 4485 -9.41 -62.36 97.21
N GLU D 4486 -8.47 -62.74 98.07
CA GLU D 4486 -7.63 -61.75 98.73
C GLU D 4486 -6.78 -60.98 97.74
N CYS D 4487 -6.46 -61.57 96.59
CA CYS D 4487 -5.67 -60.86 95.59
C CYS D 4487 -6.39 -59.62 95.10
N MET D 4488 -7.64 -59.78 94.61
CA MET D 4488 -8.38 -58.61 94.18
C MET D 4488 -8.81 -57.74 95.36
N LEU D 4489 -8.96 -58.32 96.55
CA LEU D 4489 -9.25 -57.47 97.71
C LEU D 4489 -8.10 -56.50 97.98
N ASN D 4490 -6.87 -56.99 97.92
CA ASN D 4490 -5.72 -56.09 98.05
C ASN D 4490 -5.60 -55.16 96.84
N ARG D 4491 -6.06 -55.60 95.66
CA ARG D 4491 -6.09 -54.72 94.51
C ARG D 4491 -7.01 -53.52 94.76
N LEU D 4492 -8.20 -53.77 95.33
CA LEU D 4492 -9.03 -52.66 95.79
C LEU D 4492 -8.35 -51.86 96.88
N ALA D 4493 -7.65 -52.54 97.80
CA ALA D 4493 -6.93 -51.83 98.86
C ALA D 4493 -5.84 -50.93 98.28
N GLY D 4494 -5.29 -51.30 97.12
CA GLY D 4494 -4.25 -50.50 96.49
C GLY D 4494 -4.73 -49.34 95.67
N ILE D 4495 -6.04 -49.17 95.51
CA ILE D 4495 -6.59 -48.06 94.73
C ILE D 4495 -6.62 -46.82 95.61
N ARG D 4496 -5.94 -45.76 95.15
CA ARG D 4496 -5.95 -44.48 95.82
C ARG D 4496 -6.35 -43.33 94.91
N ASP D 4497 -6.65 -43.60 93.64
CA ASP D 4497 -7.02 -42.57 92.69
C ASP D 4497 -8.25 -43.02 91.91
N PHE D 4498 -9.04 -42.04 91.47
CA PHE D 4498 -10.23 -42.29 90.66
C PHE D 4498 -10.02 -41.97 89.18
N LYS D 4499 -9.22 -40.95 88.88
CA LYS D 4499 -9.00 -40.57 87.49
C LYS D 4499 -8.28 -41.66 86.70
N GLN D 4500 -7.25 -42.26 87.31
CA GLN D 4500 -6.46 -43.29 86.64
C GLN D 4500 -6.88 -44.70 86.99
N GLY D 4501 -7.95 -44.86 87.78
CA GLY D 4501 -8.37 -46.19 88.17
C GLY D 4501 -9.82 -46.50 87.84
N ARG D 4502 -10.38 -45.82 86.83
CA ARG D 4502 -11.76 -46.09 86.47
C ARG D 4502 -11.91 -47.46 85.80
N HIS D 4503 -11.03 -47.79 84.86
CA HIS D 4503 -11.17 -49.05 84.14
C HIS D 4503 -10.91 -50.25 85.04
N LEU D 4504 -9.85 -50.17 85.85
CA LEU D 4504 -9.54 -51.29 86.76
C LEU D 4504 -10.67 -51.49 87.76
N LEU D 4505 -11.18 -50.40 88.33
CA LEU D 4505 -12.33 -50.50 89.23
C LEU D 4505 -13.54 -51.08 88.51
N THR D 4506 -13.76 -50.69 87.25
CA THR D 4506 -14.93 -51.17 86.52
C THR D 4506 -14.85 -52.68 86.29
N VAL D 4507 -13.71 -53.17 85.82
CA VAL D 4507 -13.59 -54.61 85.63
C VAL D 4507 -13.66 -55.33 86.96
N LEU D 4508 -13.10 -54.74 88.03
CA LEU D 4508 -13.12 -55.39 89.33
C LEU D 4508 -14.54 -55.51 89.87
N LEU D 4509 -15.33 -54.44 89.76
CA LEU D 4509 -16.71 -54.48 90.21
C LEU D 4509 -17.56 -55.42 89.36
N LYS D 4510 -17.31 -55.48 88.05
CA LYS D 4510 -18.07 -56.39 87.22
C LYS D 4510 -17.79 -57.84 87.60
N LEU D 4511 -16.51 -58.17 87.81
CA LEU D 4511 -16.17 -59.52 88.24
C LEU D 4511 -16.70 -59.81 89.64
N PHE D 4512 -16.69 -58.81 90.52
CA PHE D 4512 -17.24 -58.99 91.86
C PHE D 4512 -18.75 -59.23 91.82
N SER D 4513 -19.46 -58.52 90.95
CA SER D 4513 -20.89 -58.75 90.78
C SER D 4513 -21.14 -60.14 90.22
N TYR D 4514 -20.30 -60.61 89.31
CA TYR D 4514 -20.42 -61.99 88.84
C TYR D 4514 -20.17 -62.99 89.97
N CYS D 4515 -19.17 -62.72 90.81
CA CYS D 4515 -18.75 -63.66 91.84
C CYS D 4515 -19.64 -63.69 93.07
N VAL D 4516 -20.30 -62.58 93.42
CA VAL D 4516 -21.14 -62.56 94.61
C VAL D 4516 -22.38 -63.45 94.47
N LYS D 4517 -22.65 -63.95 93.27
CA LYS D 4517 -23.70 -64.93 93.03
C LYS D 4517 -23.19 -66.36 93.14
N VAL D 4518 -22.18 -66.58 93.97
CA VAL D 4518 -21.58 -67.89 94.19
C VAL D 4518 -21.71 -68.24 95.65
N LYS D 4519 -22.18 -69.47 95.94
CA LYS D 4519 -22.39 -69.90 97.32
C LYS D 4519 -21.09 -69.86 98.11
N VAL D 4520 -20.03 -70.47 97.56
CA VAL D 4520 -18.76 -70.52 98.28
C VAL D 4520 -18.15 -69.14 98.42
N ASN D 4521 -18.33 -68.27 97.41
CA ASN D 4521 -17.78 -66.92 97.50
C ASN D 4521 -18.40 -66.16 98.66
N ARG D 4522 -19.73 -66.12 98.72
CA ARG D 4522 -20.39 -65.38 99.80
C ARG D 4522 -20.14 -66.04 101.15
N GLN D 4523 -20.05 -67.37 101.19
CA GLN D 4523 -19.71 -68.06 102.43
C GLN D 4523 -18.32 -67.63 102.93
N GLN D 4524 -17.35 -67.53 102.01
CA GLN D 4524 -16.04 -67.02 102.40
C GLN D 4524 -16.11 -65.56 102.83
N LEU D 4525 -16.87 -64.74 102.10
CA LEU D 4525 -16.99 -63.32 102.42
C LEU D 4525 -17.65 -63.11 103.79
N VAL D 4526 -18.40 -64.10 104.28
CA VAL D 4526 -18.91 -64.02 105.64
C VAL D 4526 -17.76 -63.91 106.64
N LYS D 4527 -16.67 -64.63 106.39
CA LYS D 4527 -15.55 -64.66 107.31
C LYS D 4527 -14.91 -63.28 107.47
N LEU D 4528 -14.26 -63.07 108.61
CA LEU D 4528 -13.62 -61.81 108.94
C LEU D 4528 -12.14 -61.75 108.55
N GLU D 4529 -11.56 -62.88 108.14
CA GLU D 4529 -10.11 -62.93 107.93
C GLU D 4529 -9.67 -61.98 106.83
N MET D 4530 -10.43 -61.90 105.74
CA MET D 4530 -10.09 -61.04 104.61
C MET D 4530 -10.74 -59.66 104.68
N ASN D 4531 -11.47 -59.36 105.75
CA ASN D 4531 -11.98 -58.03 106.10
C ASN D 4531 -12.41 -57.23 104.87
N THR D 4532 -13.33 -57.83 104.10
CA THR D 4532 -13.80 -57.20 102.87
C THR D 4532 -14.53 -55.89 103.15
N LEU D 4533 -15.28 -55.84 104.25
CA LEU D 4533 -16.18 -54.72 104.51
C LEU D 4533 -15.43 -53.39 104.57
N ASN D 4534 -14.33 -53.35 105.33
CA ASN D 4534 -13.57 -52.11 105.43
C ASN D 4534 -13.00 -51.70 104.08
N VAL D 4535 -12.49 -52.66 103.32
CA VAL D 4535 -11.84 -52.35 102.04
C VAL D 4535 -12.85 -51.74 101.08
N MET D 4536 -13.99 -52.42 100.87
CA MET D 4536 -14.91 -51.84 99.90
C MET D 4536 -15.70 -50.66 100.46
N LEU D 4537 -15.79 -50.50 101.79
CA LEU D 4537 -16.31 -49.25 102.33
C LEU D 4537 -15.38 -48.09 101.99
N GLY D 4538 -14.07 -48.30 102.10
CA GLY D 4538 -13.13 -47.28 101.67
C GLY D 4538 -13.24 -46.98 100.19
N THR D 4539 -13.39 -48.02 99.37
CA THR D 4539 -13.56 -47.79 97.93
C THR D 4539 -14.84 -47.00 97.65
N LEU D 4540 -15.93 -47.32 98.36
CA LEU D 4540 -17.17 -46.58 98.20
C LEU D 4540 -17.01 -45.13 98.60
N ASN D 4541 -16.29 -44.87 99.70
CA ASN D 4541 -16.03 -43.50 100.12
C ASN D 4541 -15.23 -42.74 99.08
N LEU D 4542 -14.21 -43.39 98.51
CA LEU D 4542 -13.42 -42.76 97.46
C LEU D 4542 -14.29 -42.44 96.24
N ALA D 4543 -15.17 -43.38 95.86
CA ALA D 4543 -16.05 -43.14 94.74
C ALA D 4543 -17.00 -41.98 95.03
N LEU D 4544 -17.53 -41.91 96.25
CA LEU D 4544 -18.45 -40.83 96.61
C LEU D 4544 -17.76 -39.47 96.58
N VAL D 4545 -16.54 -39.39 97.12
CA VAL D 4545 -15.86 -38.09 97.12
C VAL D 4545 -15.46 -37.71 95.70
N ALA D 4546 -15.10 -38.68 94.86
CA ALA D 4546 -14.80 -38.38 93.47
C ALA D 4546 -16.05 -37.89 92.74
N GLU D 4547 -17.20 -38.50 93.00
CA GLU D 4547 -18.44 -38.06 92.39
C GLU D 4547 -18.79 -36.65 92.83
N GLN D 4548 -18.59 -36.35 94.12
CA GLN D 4548 -18.83 -35.00 94.62
C GLN D 4548 -17.90 -33.99 93.95
N GLU D 4549 -16.63 -34.35 93.77
CA GLU D 4549 -15.68 -33.43 93.16
C GLU D 4549 -16.08 -33.10 91.73
N SER D 4550 -16.48 -34.11 90.94
CA SER D 4550 -16.84 -33.90 89.55
C SER D 4550 -18.08 -34.72 89.23
N LYS D 4551 -19.11 -34.06 88.71
CA LYS D 4551 -20.35 -34.73 88.34
C LYS D 4551 -20.19 -35.49 87.03
N ASP D 4552 -21.02 -36.53 86.87
CA ASP D 4552 -21.05 -37.35 85.66
C ASP D 4552 -19.67 -37.95 85.35
N SER D 4553 -18.98 -38.40 86.40
CA SER D 4553 -17.70 -39.10 86.27
C SER D 4553 -17.87 -40.61 86.40
N GLY D 4554 -19.09 -41.11 86.37
CA GLY D 4554 -19.36 -42.52 86.57
C GLY D 4554 -19.47 -42.93 88.02
N GLY D 4555 -19.41 -41.99 88.97
CA GLY D 4555 -19.44 -42.34 90.37
C GLY D 4555 -20.74 -42.95 90.84
N ALA D 4556 -21.88 -42.48 90.28
CA ALA D 4556 -23.17 -42.98 90.73
C ALA D 4556 -23.35 -44.45 90.39
N ALA D 4557 -22.96 -44.85 89.18
CA ALA D 4557 -23.08 -46.25 88.78
C ALA D 4557 -22.25 -47.15 89.69
N VAL D 4558 -20.96 -46.83 89.85
CA VAL D 4558 -20.11 -47.65 90.70
C VAL D 4558 -20.64 -47.64 92.13
N ALA D 4559 -21.23 -46.53 92.56
CA ALA D 4559 -21.77 -46.46 93.91
C ALA D 4559 -22.94 -47.43 94.09
N GLU D 4560 -23.85 -47.49 93.12
CA GLU D 4560 -24.98 -48.42 93.26
C GLU D 4560 -24.52 -49.87 93.15
N GLN D 4561 -23.50 -50.16 92.34
CA GLN D 4561 -22.94 -51.51 92.35
C GLN D 4561 -22.31 -51.87 93.69
N VAL D 4562 -21.57 -50.94 94.31
CA VAL D 4562 -21.10 -51.22 95.67
C VAL D 4562 -22.29 -51.42 96.61
N LEU D 4563 -23.37 -50.66 96.42
CA LEU D 4563 -24.54 -50.85 97.27
C LEU D 4563 -25.10 -52.27 97.13
N SER D 4564 -25.11 -52.78 95.90
CA SER D 4564 -25.55 -54.17 95.69
C SER D 4564 -24.62 -55.14 96.42
N ILE D 4565 -23.31 -54.89 96.38
CA ILE D 4565 -22.42 -55.84 97.05
C ILE D 4565 -22.60 -55.79 98.56
N MET D 4566 -22.83 -54.59 99.14
CA MET D 4566 -23.28 -54.52 100.53
C MET D 4566 -24.51 -55.37 100.79
N GLU D 4567 -25.58 -55.17 100.00
CA GLU D 4567 -26.82 -55.84 100.39
C GLU D 4567 -26.67 -57.34 100.30
N ILE D 4568 -26.00 -57.84 99.26
CA ILE D 4568 -25.85 -59.29 99.12
C ILE D 4568 -24.93 -59.85 100.20
N ILE D 4569 -23.82 -59.17 100.50
CA ILE D 4569 -22.88 -59.67 101.48
C ILE D 4569 -23.52 -59.70 102.87
N LEU D 4570 -24.23 -58.64 103.24
CA LEU D 4570 -24.85 -58.59 104.56
C LEU D 4570 -26.01 -59.59 104.66
N ASP D 4571 -26.75 -59.78 103.56
CA ASP D 4571 -27.81 -60.79 103.59
C ASP D 4571 -27.23 -62.18 103.81
N GLU D 4572 -26.14 -62.51 103.11
CA GLU D 4572 -25.51 -63.81 103.32
C GLU D 4572 -24.95 -63.94 104.74
N SER D 4573 -24.35 -62.86 105.26
CA SER D 4573 -23.82 -62.90 106.62
C SER D 4573 -24.93 -63.13 107.64
N ASN D 4574 -26.08 -62.48 107.44
CA ASN D 4574 -27.21 -62.66 108.35
C ASN D 4574 -27.91 -63.99 108.14
N ALA D 4575 -27.68 -64.65 107.00
CA ALA D 4575 -28.29 -65.95 106.75
C ALA D 4575 -27.80 -66.99 107.76
N GLU D 4576 -26.52 -66.97 108.08
CA GLU D 4576 -25.95 -67.92 109.03
C GLU D 4576 -26.50 -67.70 110.43
N ASN D 4584 -18.68 -58.73 114.47
CA ASN D 4584 -19.26 -57.78 113.52
C ASN D 4584 -19.19 -56.35 114.03
N LEU D 4585 -18.88 -56.21 115.32
CA LEU D 4585 -18.78 -54.87 115.91
C LEU D 4585 -17.64 -54.08 115.27
N LEU D 4586 -16.49 -54.72 115.08
CA LEU D 4586 -15.35 -54.08 114.42
C LEU D 4586 -15.26 -54.44 112.95
N LEU D 4587 -16.21 -55.21 112.41
CA LEU D 4587 -16.20 -55.53 110.99
C LEU D 4587 -16.37 -54.27 110.15
N THR D 4588 -17.29 -53.39 110.55
CA THR D 4588 -17.51 -52.14 109.85
C THR D 4588 -16.77 -50.97 110.47
N GLY D 4589 -16.36 -51.08 111.73
CA GLY D 4589 -15.60 -50.03 112.38
C GLY D 4589 -16.45 -49.22 113.33
N ASP D 4590 -15.84 -48.13 113.81
CA ASP D 4590 -16.48 -47.21 114.73
C ASP D 4590 -17.41 -46.28 113.96
N LYS D 4591 -17.86 -45.20 114.61
CA LYS D 4591 -18.73 -44.23 113.99
C LYS D 4591 -17.96 -43.10 113.30
N ASP D 4592 -16.64 -43.21 113.19
CA ASP D 4592 -15.86 -42.16 112.54
C ASP D 4592 -16.26 -42.02 111.08
N GLN D 4593 -16.42 -43.14 110.37
CA GLN D 4593 -16.87 -43.07 108.99
C GLN D 4593 -18.36 -42.76 108.88
N LEU D 4594 -19.11 -42.99 109.97
CA LEU D 4594 -20.51 -42.60 109.99
C LEU D 4594 -20.67 -41.10 109.74
N VAL D 4595 -19.68 -40.30 110.11
CA VAL D 4595 -19.78 -38.85 109.95
C VAL D 4595 -19.89 -38.48 108.48
N MET D 4596 -18.86 -38.82 107.68
CA MET D 4596 -18.95 -38.42 106.28
C MET D 4596 -19.96 -39.27 105.53
N LEU D 4597 -20.34 -40.44 106.04
CA LEU D 4597 -21.51 -41.10 105.45
C LEU D 4597 -22.77 -40.27 105.63
N LEU D 4598 -22.94 -39.67 106.81
CA LEU D 4598 -24.09 -38.79 107.03
C LEU D 4598 -24.03 -37.57 106.14
N ASP D 4599 -22.85 -36.98 105.97
CA ASP D 4599 -22.77 -35.82 105.06
C ASP D 4599 -22.98 -36.22 103.60
N GLN D 4600 -22.62 -37.45 103.21
CA GLN D 4600 -23.01 -37.93 101.89
C GLN D 4600 -24.53 -38.09 101.80
N ILE D 4601 -25.15 -38.53 102.88
CA ILE D 4601 -26.62 -38.59 102.92
C ILE D 4601 -27.21 -37.21 102.70
N ASN D 4602 -26.62 -36.20 103.35
CA ASN D 4602 -27.06 -34.82 103.15
C ASN D 4602 -26.82 -34.30 101.74
N SER D 4603 -25.96 -34.96 100.97
CA SER D 4603 -25.69 -34.54 99.60
C SER D 4603 -26.83 -34.91 98.66
N LEU D 4613 -31.17 -45.57 98.14
CA LEU D 4613 -31.25 -44.77 99.36
C LEU D 4613 -31.50 -45.64 100.58
N GLN D 4614 -32.16 -46.79 100.38
CA GLN D 4614 -32.38 -47.71 101.47
C GLN D 4614 -31.12 -48.48 101.82
N GLY D 4615 -30.25 -48.69 100.83
CA GLY D 4615 -29.05 -49.48 101.07
C GLY D 4615 -28.09 -48.82 102.04
N LEU D 4616 -27.76 -47.55 101.80
CA LEU D 4616 -26.82 -46.88 102.70
C LEU D 4616 -27.44 -46.58 104.06
N LEU D 4617 -28.75 -46.33 104.10
CA LEU D 4617 -29.40 -46.14 105.40
C LEU D 4617 -29.49 -47.44 106.19
N ARG D 4618 -29.54 -48.59 105.51
CA ARG D 4618 -29.44 -49.87 106.19
C ARG D 4618 -28.01 -50.19 106.62
N ILE D 4619 -27.03 -49.71 105.84
CA ILE D 4619 -25.64 -49.85 106.24
C ILE D 4619 -25.32 -48.99 107.46
N ILE D 4620 -26.02 -47.86 107.60
CA ILE D 4620 -25.73 -46.92 108.69
C ILE D 4620 -25.70 -47.59 110.07
N PRO D 4621 -26.68 -48.42 110.46
CA PRO D 4621 -26.57 -49.07 111.78
C PRO D 4621 -25.34 -49.95 111.94
N TYR D 4622 -24.90 -50.62 110.87
CA TYR D 4622 -23.68 -51.42 110.96
C TYR D 4622 -22.46 -50.54 111.21
N LEU D 4623 -22.41 -49.36 110.60
CA LEU D 4623 -21.33 -48.43 110.84
C LEU D 4623 -21.52 -47.61 112.12
N SER D 4624 -22.66 -47.78 112.79
CA SER D 4624 -22.95 -47.06 114.03
C SER D 4624 -22.51 -47.84 115.27
N PHE D 4625 -21.45 -48.63 115.16
CA PHE D 4625 -20.88 -49.32 116.31
C PHE D 4625 -19.66 -48.56 116.84
N GLY D 4626 -19.95 -47.38 117.40
CA GLY D 4626 -18.88 -46.50 117.84
C GLY D 4626 -19.17 -45.68 119.09
N GLU D 4627 -18.88 -44.39 119.03
CA GLU D 4627 -18.94 -43.51 120.19
C GLU D 4627 -20.20 -42.64 120.13
N VAL D 4628 -20.80 -42.42 121.30
CA VAL D 4628 -22.09 -41.70 121.38
C VAL D 4628 -21.99 -40.30 120.79
N GLU D 4629 -20.81 -39.67 120.90
CA GLU D 4629 -20.63 -38.31 120.39
C GLU D 4629 -20.74 -38.22 118.87
N LYS D 4630 -20.96 -39.33 118.17
CA LYS D 4630 -21.15 -39.31 116.74
C LYS D 4630 -22.57 -39.69 116.30
N MET D 4631 -23.24 -40.59 117.03
CA MET D 4631 -24.68 -40.73 116.81
C MET D 4631 -25.42 -39.50 117.30
N GLN D 4632 -24.85 -38.77 118.27
CA GLN D 4632 -25.50 -37.55 118.72
C GLN D 4632 -25.54 -36.50 117.62
N ILE D 4633 -24.56 -36.51 116.71
CA ILE D 4633 -24.60 -35.60 115.56
C ILE D 4633 -25.81 -35.91 114.69
N LEU D 4634 -26.02 -37.20 114.39
CA LEU D 4634 -27.19 -37.61 113.62
C LEU D 4634 -28.47 -37.22 114.33
N VAL D 4635 -28.54 -37.47 115.64
CA VAL D 4635 -29.76 -37.21 116.39
C VAL D 4635 -30.08 -35.72 116.42
N GLU D 4636 -29.06 -34.90 116.72
CA GLU D 4636 -29.26 -33.46 116.84
C GLU D 4636 -29.41 -32.78 115.49
N ARG D 4637 -29.02 -33.45 114.40
CA ARG D 4637 -29.35 -32.91 113.08
C ARG D 4637 -30.77 -33.30 112.66
N PHE D 4638 -31.20 -34.50 113.01
CA PHE D 4638 -32.49 -35.01 112.58
C PHE D 4638 -33.64 -34.63 113.50
N LYS D 4639 -33.35 -34.07 114.67
CA LYS D 4639 -34.40 -33.63 115.59
C LYS D 4639 -35.06 -32.31 115.18
N PRO D 4640 -34.31 -31.22 114.95
CA PRO D 4640 -34.97 -29.90 114.83
C PRO D 4640 -35.95 -29.79 113.69
N TYR D 4641 -35.72 -30.47 112.57
CA TYR D 4641 -36.59 -30.35 111.40
C TYR D 4641 -37.82 -31.23 111.48
N CYS D 4642 -38.02 -31.95 112.58
CA CYS D 4642 -39.25 -32.69 112.81
C CYS D 4642 -40.34 -31.84 113.42
N ASN D 4643 -40.26 -30.52 113.28
CA ASN D 4643 -41.27 -29.61 113.79
C ASN D 4643 -42.52 -29.72 112.92
N PHE D 4644 -43.39 -30.68 113.26
CA PHE D 4644 -44.55 -30.95 112.43
C PHE D 4644 -45.52 -29.78 112.37
N ASP D 4645 -45.60 -28.99 113.45
CA ASP D 4645 -46.38 -27.75 113.41
C ASP D 4645 -45.80 -26.80 112.37
N LYS D 4646 -44.49 -26.57 112.41
CA LYS D 4646 -43.84 -25.73 111.42
C LYS D 4646 -43.90 -26.37 110.04
N TYR D 4647 -43.77 -27.70 109.97
CA TYR D 4647 -43.86 -28.39 108.69
C TYR D 4647 -45.20 -28.16 108.03
N ASP D 4648 -46.30 -28.26 108.79
CA ASP D 4648 -47.61 -27.94 108.25
C ASP D 4648 -47.73 -26.46 107.91
N GLU D 4649 -47.15 -25.60 108.76
CA GLU D 4649 -47.19 -24.17 108.49
C GLU D 4649 -46.40 -23.80 107.24
N ASP D 4650 -45.15 -24.27 107.15
CA ASP D 4650 -44.31 -23.97 106.01
C ASP D 4650 -43.14 -24.94 105.97
N HIS D 4651 -43.02 -25.70 104.88
CA HIS D 4651 -41.91 -26.62 104.71
C HIS D 4651 -41.48 -26.60 103.25
N SER D 4652 -40.21 -26.92 103.02
CA SER D 4652 -39.63 -26.91 101.69
C SER D 4652 -39.35 -28.33 101.21
N GLY D 4653 -38.84 -28.44 99.98
CA GLY D 4653 -38.51 -29.75 99.45
C GLY D 4653 -37.35 -30.40 100.19
N ASP D 4654 -36.37 -29.60 100.60
CA ASP D 4654 -35.28 -30.15 101.41
C ASP D 4654 -35.80 -30.71 102.73
N ASP D 4655 -36.77 -30.03 103.34
CA ASP D 4655 -37.34 -30.52 104.59
C ASP D 4655 -38.06 -31.86 104.41
N LYS D 4656 -38.81 -32.00 103.31
CA LYS D 4656 -39.52 -33.26 103.11
C LYS D 4656 -38.56 -34.39 102.75
N VAL D 4657 -37.50 -34.08 102.00
CA VAL D 4657 -36.46 -35.09 101.75
C VAL D 4657 -35.84 -35.51 103.06
N PHE D 4658 -35.57 -34.54 103.94
CA PHE D 4658 -34.92 -34.83 105.21
C PHE D 4658 -35.84 -35.66 106.11
N LEU D 4659 -37.14 -35.36 106.08
CA LEU D 4659 -38.11 -36.15 106.86
C LEU D 4659 -38.22 -37.57 106.35
N ASP D 4660 -38.27 -37.77 105.03
CA ASP D 4660 -38.28 -39.13 104.49
C ASP D 4660 -37.00 -39.87 104.84
N CYS D 4661 -35.86 -39.18 104.82
CA CYS D 4661 -34.61 -39.80 105.23
C CYS D 4661 -34.66 -40.24 106.69
N PHE D 4662 -35.23 -39.39 107.56
CA PHE D 4662 -35.38 -39.76 108.97
C PHE D 4662 -36.29 -40.98 109.12
N CYS D 4663 -37.40 -41.01 108.38
CA CYS D 4663 -38.31 -42.14 108.47
C CYS D 4663 -37.64 -43.42 108.02
N LYS D 4664 -36.89 -43.37 106.92
CA LYS D 4664 -36.21 -44.56 106.42
C LYS D 4664 -35.10 -45.00 107.38
N ILE D 4665 -34.41 -44.05 108.02
CA ILE D 4665 -33.41 -44.42 109.01
C ILE D 4665 -34.06 -45.12 110.19
N ALA D 4666 -35.19 -44.60 110.66
CA ALA D 4666 -35.91 -45.25 111.75
C ALA D 4666 -36.37 -46.65 111.35
N ALA D 4667 -36.84 -46.80 110.11
CA ALA D 4667 -37.26 -48.11 109.63
C ALA D 4667 -36.08 -49.09 109.56
N GLY D 4668 -34.92 -48.61 109.12
CA GLY D 4668 -33.76 -49.44 108.90
C GLY D 4668 -32.91 -49.78 110.10
N ILE D 4669 -33.31 -49.33 111.30
CA ILE D 4669 -32.53 -49.64 112.49
C ILE D 4669 -32.64 -51.14 112.79
N LYS D 4670 -31.49 -51.79 112.89
CA LYS D 4670 -31.46 -53.23 113.15
C LYS D 4670 -31.70 -53.52 114.63
N ASN D 4671 -32.04 -54.78 114.91
CA ASN D 4671 -32.30 -55.23 116.27
C ASN D 4671 -30.99 -55.78 116.84
N ASN D 4672 -30.25 -54.90 117.51
CA ASN D 4672 -28.98 -55.28 118.14
C ASN D 4672 -28.76 -54.39 119.36
N SER D 4673 -27.68 -54.68 120.09
CA SER D 4673 -27.41 -53.93 121.32
C SER D 4673 -27.17 -52.45 121.02
N ASN D 4674 -26.29 -52.16 120.06
CA ASN D 4674 -26.02 -50.77 119.70
C ASN D 4674 -27.22 -50.13 119.02
N GLY D 4675 -27.96 -50.91 118.21
CA GLY D 4675 -29.19 -50.40 117.64
C GLY D 4675 -30.24 -50.08 118.69
N HIS D 4676 -30.36 -50.95 119.70
CA HIS D 4676 -31.27 -50.67 120.80
C HIS D 4676 -30.83 -49.44 121.58
N GLN D 4677 -29.53 -49.26 121.77
CA GLN D 4677 -29.03 -48.06 122.44
C GLN D 4677 -29.35 -46.82 121.65
N LEU D 4678 -29.17 -46.86 120.32
CA LEU D 4678 -29.51 -45.72 119.48
C LEU D 4678 -31.01 -45.41 119.54
N LYS D 4679 -31.84 -46.45 119.51
CA LYS D 4679 -33.29 -46.23 119.60
C LYS D 4679 -33.66 -45.62 120.94
N ASP D 4680 -33.05 -46.10 122.03
CA ASP D 4680 -33.34 -45.54 123.35
C ASP D 4680 -32.88 -44.09 123.45
N LEU D 4681 -31.72 -43.77 122.87
CA LEU D 4681 -31.24 -42.39 122.88
C LEU D 4681 -32.16 -41.48 122.07
N ILE D 4682 -32.65 -41.97 120.93
CA ILE D 4682 -33.59 -41.19 120.13
C ILE D 4682 -34.89 -40.97 120.90
N LEU D 4683 -35.38 -42.01 121.58
CA LEU D 4683 -36.60 -41.88 122.36
C LEU D 4683 -36.42 -40.89 123.51
N GLN D 4684 -35.25 -40.90 124.16
CA GLN D 4684 -35.00 -39.98 125.26
C GLN D 4684 -35.03 -38.52 124.80
N LYS D 4685 -34.77 -38.28 123.52
CA LYS D 4685 -34.87 -36.92 122.98
C LYS D 4685 -36.31 -36.44 122.86
N GLY D 4686 -37.29 -37.34 123.02
CA GLY D 4686 -38.69 -36.95 123.01
C GLY D 4686 -39.28 -36.70 121.64
N ILE D 4687 -38.59 -37.06 120.56
CA ILE D 4687 -39.16 -36.90 119.23
C ILE D 4687 -40.38 -37.80 119.05
N THR D 4688 -40.33 -39.00 119.64
CA THR D 4688 -41.53 -39.84 119.70
C THR D 4688 -42.60 -39.19 120.58
N GLN D 4689 -42.18 -38.59 121.69
CA GLN D 4689 -43.11 -37.83 122.51
C GLN D 4689 -43.66 -36.63 121.75
N ASN D 4690 -42.82 -35.99 120.93
CA ASN D 4690 -43.29 -34.88 120.11
C ASN D 4690 -44.35 -35.35 119.12
N ALA D 4691 -44.13 -36.51 118.49
CA ALA D 4691 -45.12 -37.05 117.57
C ALA D 4691 -46.42 -37.39 118.29
N LEU D 4692 -46.32 -38.01 119.47
CA LEU D 4692 -47.53 -38.33 120.24
C LEU D 4692 -48.29 -37.07 120.60
N ASP D 4693 -47.58 -36.02 121.00
CA ASP D 4693 -48.23 -34.75 121.32
C ASP D 4693 -48.91 -34.17 120.08
N TYR D 4694 -48.27 -34.30 118.91
CA TYR D 4694 -48.86 -33.76 117.69
C TYR D 4694 -50.14 -34.49 117.32
N MET D 4695 -50.15 -35.82 117.38
CA MET D 4695 -51.40 -36.57 117.17
C MET D 4695 -52.46 -36.19 118.20
N LYS D 4696 -52.09 -36.09 119.48
CA LYS D 4696 -53.08 -35.75 120.49
C LYS D 4696 -53.67 -34.36 120.26
N LYS D 4697 -52.83 -33.40 119.85
CA LYS D 4697 -53.30 -32.03 119.67
C LYS D 4697 -54.12 -31.87 118.40
N HIS D 4698 -53.70 -32.50 117.29
CA HIS D 4698 -54.24 -32.15 115.98
C HIS D 4698 -55.27 -33.13 115.43
N ILE D 4699 -55.46 -34.29 116.05
CA ILE D 4699 -56.42 -35.25 115.47
C ILE D 4699 -57.84 -34.73 115.70
N PRO D 4700 -58.73 -34.85 114.72
CA PRO D 4700 -60.12 -34.45 114.95
C PRO D 4700 -60.81 -35.35 115.95
N SER D 4701 -61.75 -34.76 116.69
CA SER D 4701 -62.54 -35.49 117.68
C SER D 4701 -63.90 -35.92 117.14
N ALA D 4702 -64.19 -35.66 115.87
CA ALA D 4702 -65.47 -36.03 115.30
C ALA D 4702 -65.60 -37.54 115.19
N LYS D 4703 -66.77 -38.06 115.59
CA LYS D 4703 -66.99 -39.50 115.51
C LYS D 4703 -67.02 -39.98 114.05
N ASN D 4704 -67.68 -39.24 113.18
CA ASN D 4704 -67.74 -39.60 111.77
C ASN D 4704 -66.40 -39.29 111.09
N LEU D 4705 -65.85 -40.29 110.41
CA LEU D 4705 -64.55 -40.14 109.75
C LEU D 4705 -64.65 -39.50 108.37
N ASP D 4706 -65.86 -39.28 107.86
CA ASP D 4706 -66.05 -38.67 106.55
C ASP D 4706 -66.23 -37.15 106.63
N ALA D 4707 -66.10 -36.57 107.81
CA ALA D 4707 -66.26 -35.13 107.96
C ALA D 4707 -65.12 -34.38 107.29
N ASP D 4708 -65.39 -33.11 106.94
CA ASP D 4708 -64.38 -32.29 106.29
C ASP D 4708 -63.19 -32.02 107.19
N ILE D 4709 -63.40 -32.04 108.51
CA ILE D 4709 -62.28 -31.86 109.45
C ILE D 4709 -61.28 -33.01 109.30
N TRP D 4710 -61.79 -34.24 109.19
CA TRP D 4710 -60.89 -35.38 109.02
C TRP D 4710 -60.13 -35.29 107.70
N LYS D 4711 -60.79 -34.87 106.62
CA LYS D 4711 -60.11 -34.73 105.34
C LYS D 4711 -59.05 -33.64 105.41
N LYS D 4712 -59.34 -32.53 106.08
CA LYS D 4712 -58.34 -31.47 106.24
C LYS D 4712 -57.15 -31.96 107.07
N PHE D 4713 -57.42 -32.75 108.11
CA PHE D 4713 -56.33 -33.32 108.90
C PHE D 4713 -55.47 -34.26 108.05
N LEU D 4714 -56.12 -35.08 107.22
CA LEU D 4714 -55.36 -35.97 106.34
C LEU D 4714 -54.57 -35.19 105.30
N SER D 4715 -55.06 -34.02 104.90
CA SER D 4715 -54.38 -33.20 103.90
C SER D 4715 -53.05 -32.63 104.41
N ARG D 4716 -52.81 -32.68 105.72
CA ARG D 4716 -51.53 -32.20 106.25
C ARG D 4716 -50.41 -33.14 105.82
N PRO D 4717 -49.35 -32.62 105.18
CA PRO D 4717 -48.31 -33.52 104.66
C PRO D 4717 -47.50 -34.24 105.73
N ALA D 4718 -47.55 -33.79 106.98
CA ALA D 4718 -46.69 -34.36 108.02
C ALA D 4718 -47.17 -35.73 108.49
N LEU D 4719 -48.49 -35.97 108.50
CA LEU D 4719 -49.03 -37.17 109.12
C LEU D 4719 -48.48 -38.47 108.54
N PRO D 4720 -48.42 -38.68 107.22
CA PRO D 4720 -47.84 -39.95 106.73
C PRO D 4720 -46.40 -40.15 107.16
N PHE D 4721 -45.60 -39.09 107.16
CA PHE D 4721 -44.21 -39.21 107.59
C PHE D 4721 -44.12 -39.51 109.09
N ILE D 4722 -45.00 -38.91 109.89
CA ILE D 4722 -45.02 -39.23 111.31
C ILE D 4722 -45.39 -40.69 111.53
N LEU D 4723 -46.37 -41.19 110.79
CA LEU D 4723 -46.73 -42.60 110.89
C LEU D 4723 -45.57 -43.49 110.49
N ARG D 4724 -44.86 -43.12 109.43
CA ARG D 4724 -43.70 -43.90 108.99
C ARG D 4724 -42.62 -43.95 110.06
N LEU D 4725 -42.31 -42.80 110.66
CA LEU D 4725 -41.25 -42.78 111.67
C LEU D 4725 -41.67 -43.51 112.94
N LEU D 4726 -42.95 -43.40 113.31
CA LEU D 4726 -43.44 -44.14 114.46
C LEU D 4726 -43.36 -45.64 114.22
N ARG D 4727 -43.72 -46.09 113.01
CA ARG D 4727 -43.59 -47.51 112.69
C ARG D 4727 -42.14 -47.95 112.71
N GLY D 4728 -41.24 -47.12 112.19
CA GLY D 4728 -39.82 -47.47 112.18
C GLY D 4728 -39.24 -47.55 113.58
N LEU D 4729 -39.68 -46.67 114.47
CA LEU D 4729 -39.20 -46.71 115.85
C LEU D 4729 -39.92 -47.76 116.69
N ALA D 4730 -41.06 -48.27 116.22
CA ALA D 4730 -41.89 -49.19 116.99
C ALA D 4730 -41.65 -50.65 116.65
N ILE D 4731 -40.71 -50.96 115.76
CA ILE D 4731 -40.42 -52.35 115.41
C ILE D 4731 -39.28 -52.83 116.29
N GLN D 4732 -39.50 -53.95 116.99
CA GLN D 4732 -38.50 -54.56 117.87
C GLN D 4732 -37.99 -53.56 118.91
N HIS D 4733 -38.90 -52.76 119.47
CA HIS D 4733 -38.57 -51.81 120.53
C HIS D 4733 -39.74 -51.75 121.50
N PRO D 4734 -39.68 -52.47 122.62
CA PRO D 4734 -40.81 -52.47 123.56
C PRO D 4734 -41.13 -51.09 124.13
N GLY D 4735 -40.12 -50.26 124.37
CA GLY D 4735 -40.37 -48.96 124.98
C GLY D 4735 -41.19 -48.06 124.08
N THR D 4736 -40.83 -47.99 122.80
CA THR D 4736 -41.59 -47.17 121.86
C THR D 4736 -43.01 -47.70 121.69
N GLN D 4737 -43.16 -49.03 121.64
CA GLN D 4737 -44.49 -49.61 121.52
C GLN D 4737 -45.36 -49.25 122.72
N VAL D 4738 -44.80 -49.36 123.93
CA VAL D 4738 -45.55 -49.00 125.13
C VAL D 4738 -45.93 -47.53 125.12
N LEU D 4739 -44.97 -46.67 124.76
CA LEU D 4739 -45.23 -45.23 124.76
C LEU D 4739 -46.33 -44.87 123.77
N ILE D 4740 -46.29 -45.46 122.57
CA ILE D 4740 -47.31 -45.14 121.57
C ILE D 4740 -48.67 -45.71 121.97
N GLY D 4741 -48.69 -46.93 122.51
CA GLY D 4741 -49.95 -47.54 122.87
C GLY D 4741 -50.54 -47.10 124.19
N THR D 4742 -49.81 -46.30 124.96
CA THR D 4742 -50.33 -45.82 126.24
C THR D 4742 -51.61 -45.00 126.05
N ASP D 4743 -51.58 -44.05 125.10
CA ASP D 4743 -52.72 -43.14 124.95
C ASP D 4743 -53.15 -42.89 123.51
N SER D 4744 -52.36 -43.28 122.51
CA SER D 4744 -52.69 -43.01 121.12
C SER D 4744 -53.45 -44.14 120.45
N ILE D 4745 -53.83 -45.18 121.21
CA ILE D 4745 -54.54 -46.31 120.63
C ILE D 4745 -55.87 -45.91 119.99
N PRO D 4746 -56.76 -45.16 120.66
CA PRO D 4746 -58.00 -44.77 119.98
C PRO D 4746 -57.77 -43.92 118.74
N ASN D 4747 -56.83 -42.97 118.79
CA ASN D 4747 -56.55 -42.12 117.65
C ASN D 4747 -55.99 -42.94 116.48
N LEU D 4748 -55.07 -43.86 116.76
CA LEU D 4748 -54.52 -44.70 115.70
C LEU D 4748 -55.58 -45.62 115.12
N HIS D 4749 -56.46 -46.16 115.95
CA HIS D 4749 -57.54 -47.00 115.45
C HIS D 4749 -58.49 -46.20 114.57
N LYS D 4750 -58.79 -44.96 114.96
CA LYS D 4750 -59.63 -44.11 114.12
C LYS D 4750 -58.96 -43.80 112.79
N LEU D 4751 -57.67 -43.51 112.82
CA LEU D 4751 -56.95 -43.22 111.58
C LEU D 4751 -56.83 -44.46 110.69
N GLU D 4752 -56.84 -45.65 111.29
CA GLU D 4752 -56.77 -46.88 110.51
C GLU D 4752 -57.99 -47.04 109.60
N GLN D 4753 -59.17 -46.70 110.12
CA GLN D 4753 -60.41 -46.92 109.38
C GLN D 4753 -60.59 -45.97 108.20
N VAL D 4754 -59.73 -44.95 108.07
CA VAL D 4754 -59.87 -43.93 107.03
C VAL D 4754 -58.88 -44.25 105.90
N SER D 4755 -59.38 -44.20 104.67
CA SER D 4755 -58.56 -44.41 103.48
C SER D 4755 -58.27 -43.07 102.82
N SER D 4756 -57.01 -42.86 102.46
CA SER D 4756 -56.56 -41.60 101.87
C SER D 4756 -55.71 -41.89 100.64
N ASP D 4757 -55.60 -40.87 99.78
CA ASP D 4757 -54.80 -41.00 98.56
C ASP D 4757 -53.32 -41.14 98.86
N GLU D 4758 -52.87 -40.69 100.02
CA GLU D 4758 -51.46 -40.79 100.42
C GLU D 4758 -51.16 -42.07 101.17
N GLY D 4759 -52.13 -42.98 101.28
CA GLY D 4759 -51.92 -44.21 102.04
C GLY D 4759 -51.77 -43.99 103.53
N ILE D 4760 -52.48 -43.02 104.09
CA ILE D 4760 -52.40 -42.77 105.53
C ILE D 4760 -53.01 -43.93 106.30
N GLY D 4761 -54.11 -44.49 105.80
CA GLY D 4761 -54.72 -45.64 106.46
C GLY D 4761 -53.82 -46.86 106.43
N THR D 4762 -53.15 -47.10 105.30
CA THR D 4762 -52.21 -48.22 105.22
C THR D 4762 -51.05 -48.03 106.18
N LEU D 4763 -50.54 -46.80 106.29
CA LEU D 4763 -49.47 -46.52 107.24
C LEU D 4763 -49.94 -46.71 108.68
N ALA D 4764 -51.18 -46.32 108.98
CA ALA D 4764 -51.72 -46.54 110.32
C ALA D 4764 -51.84 -48.03 110.61
N GLU D 4765 -52.28 -48.82 109.63
CA GLU D 4765 -52.36 -50.26 109.81
C GLU D 4765 -50.97 -50.86 110.04
N ASN D 4766 -49.98 -50.39 109.28
CA ASN D 4766 -48.60 -50.87 109.48
C ASN D 4766 -48.08 -50.51 110.87
N LEU D 4767 -48.38 -49.29 111.33
CA LEU D 4767 -47.98 -48.89 112.67
C LEU D 4767 -48.66 -49.75 113.73
N LEU D 4768 -49.94 -50.07 113.53
CA LEU D 4768 -50.65 -50.96 114.46
C LEU D 4768 -49.99 -52.33 114.48
N GLU D 4769 -49.63 -52.86 113.31
CA GLU D 4769 -48.96 -54.15 113.26
C GLU D 4769 -47.62 -54.10 113.97
N ALA D 4770 -46.88 -53.01 113.79
CA ALA D 4770 -45.60 -52.86 114.48
C ALA D 4770 -45.78 -52.81 116.00
N LEU D 4771 -46.80 -52.10 116.47
CA LEU D 4771 -47.09 -52.06 117.90
C LEU D 4771 -47.61 -53.39 118.42
N ARG D 4772 -48.17 -54.23 117.55
CA ARG D 4772 -48.70 -55.51 117.97
C ARG D 4772 -47.63 -56.48 118.46
N GLU D 4773 -46.35 -56.16 118.25
CA GLU D 4773 -45.28 -57.03 118.76
C GLU D 4773 -45.35 -57.14 120.27
N HIS D 4774 -45.58 -56.04 120.96
CA HIS D 4774 -45.74 -56.07 122.41
C HIS D 4774 -47.09 -56.70 122.76
N PRO D 4775 -47.12 -57.73 123.61
CA PRO D 4775 -48.40 -58.38 123.92
C PRO D 4775 -49.43 -57.46 124.52
N ASP D 4776 -49.01 -56.51 125.37
CA ASP D 4776 -49.95 -55.59 125.99
C ASP D 4776 -50.60 -54.68 124.95
N VAL D 4777 -49.81 -54.14 124.03
CA VAL D 4777 -50.36 -53.26 122.99
C VAL D 4777 -51.24 -54.06 122.04
N ASN D 4778 -50.85 -55.31 121.74
CA ASN D 4778 -51.69 -56.16 120.90
C ASN D 4778 -53.03 -56.43 121.56
N LYS D 4779 -53.03 -56.68 122.87
CA LYS D 4779 -54.28 -56.83 123.61
C LYS D 4779 -55.09 -55.55 123.57
N LYS D 4780 -54.42 -54.40 123.67
CA LYS D 4780 -55.12 -53.12 123.63
C LYS D 4780 -55.84 -52.93 122.29
N ILE D 4781 -55.20 -53.28 121.19
CA ILE D 4781 -55.80 -53.15 119.87
C ILE D 4781 -56.88 -54.20 119.68
N MET E 1 -31.56 -34.55 -20.51
CA MET E 1 -32.35 -34.76 -21.73
C MET E 1 -31.87 -36.01 -22.47
N SER E 2 -32.75 -37.00 -22.57
CA SER E 2 -32.45 -38.26 -23.23
C SER E 2 -33.27 -38.50 -24.48
N ARG E 3 -34.13 -37.57 -24.87
CA ARG E 3 -34.98 -37.71 -26.05
C ARG E 3 -34.86 -36.46 -26.90
N HIS E 4 -34.88 -36.66 -28.22
CA HIS E 4 -34.76 -35.56 -29.18
C HIS E 4 -36.09 -34.82 -29.23
N GLU E 5 -36.26 -33.91 -28.28
CA GLU E 5 -37.51 -33.17 -28.17
C GLU E 5 -37.69 -32.22 -29.34
N GLY E 6 -38.92 -32.19 -29.87
CA GLY E 6 -39.25 -31.32 -30.98
C GLY E 6 -38.84 -31.82 -32.35
N VAL E 7 -38.22 -33.00 -32.43
CA VAL E 7 -37.77 -33.57 -33.70
C VAL E 7 -38.30 -34.99 -33.80
N SER E 8 -38.90 -35.32 -34.95
CA SER E 8 -39.44 -36.64 -35.20
C SER E 8 -38.82 -37.20 -36.48
N CYS E 9 -38.50 -38.49 -36.46
CA CYS E 9 -37.96 -39.15 -37.64
C CYS E 9 -39.01 -39.19 -38.75
N ASP E 10 -38.62 -38.79 -39.95
CA ASP E 10 -39.55 -38.69 -41.06
C ASP E 10 -39.83 -40.02 -41.75
N ALA E 11 -39.12 -41.08 -41.38
CA ALA E 11 -39.33 -42.39 -41.99
C ALA E 11 -40.30 -43.24 -41.18
N CYS E 12 -40.02 -43.45 -39.90
CA CYS E 12 -40.87 -44.25 -39.03
C CYS E 12 -41.94 -43.42 -38.32
N LEU E 13 -41.93 -42.10 -38.50
CA LEU E 13 -42.94 -41.21 -37.92
C LEU E 13 -43.02 -41.35 -36.41
N LYS E 14 -41.86 -41.40 -35.75
CA LYS E 14 -41.77 -41.48 -34.30
C LYS E 14 -41.30 -40.15 -33.75
N GLY E 15 -42.08 -39.57 -32.84
CA GLY E 15 -41.73 -38.31 -32.22
C GLY E 15 -41.00 -38.50 -30.89
N ASN E 16 -40.05 -37.60 -30.63
CA ASN E 16 -39.23 -37.66 -29.42
C ASN E 16 -38.55 -39.01 -29.27
N PHE E 17 -37.99 -39.51 -30.37
CA PHE E 17 -37.32 -40.80 -30.36
C PHE E 17 -36.01 -40.73 -29.58
N ARG E 18 -35.57 -41.88 -29.10
CA ARG E 18 -34.30 -42.01 -28.39
C ARG E 18 -33.23 -42.53 -29.34
N GLY E 19 -32.01 -42.06 -29.12
CA GLY E 19 -30.89 -42.47 -29.95
C GLY E 19 -30.23 -41.31 -30.67
N ARG E 20 -29.64 -41.59 -31.83
CA ARG E 20 -28.92 -40.58 -32.59
C ARG E 20 -29.84 -39.96 -33.64
N ARG E 21 -30.07 -38.65 -33.52
CA ARG E 21 -30.85 -37.92 -34.50
C ARG E 21 -30.00 -37.63 -35.73
N TYR E 22 -30.61 -37.75 -36.90
CA TYR E 22 -29.91 -37.59 -38.17
C TYR E 22 -30.58 -36.48 -38.97
N LYS E 23 -29.82 -35.43 -39.28
CA LYS E 23 -30.32 -34.25 -39.96
C LYS E 23 -29.66 -34.12 -41.33
N CYS E 24 -30.48 -33.91 -42.36
CA CYS E 24 -29.95 -33.74 -43.70
C CYS E 24 -29.27 -32.38 -43.84
N LEU E 25 -28.15 -32.37 -44.56
CA LEU E 25 -27.45 -31.13 -44.86
C LEU E 25 -27.81 -30.56 -46.23
N ILE E 26 -28.65 -31.25 -46.99
CA ILE E 26 -29.11 -30.76 -48.29
C ILE E 26 -30.63 -30.66 -48.34
N CYS E 27 -31.33 -31.71 -47.89
CA CYS E 27 -32.78 -31.72 -47.88
C CYS E 27 -33.32 -31.06 -46.62
N TYR E 28 -34.49 -30.43 -46.75
CA TYR E 28 -34.96 -29.49 -45.73
C TYR E 28 -35.80 -30.18 -44.66
N ASP E 29 -35.38 -30.03 -43.40
CA ASP E 29 -36.18 -30.33 -42.21
C ASP E 29 -36.72 -31.76 -42.16
N TYR E 30 -36.19 -32.67 -42.97
CA TYR E 30 -36.49 -34.09 -42.81
C TYR E 30 -35.40 -34.75 -41.98
N ASP E 31 -35.81 -35.44 -40.92
CA ASP E 31 -34.90 -36.05 -39.96
C ASP E 31 -35.10 -37.56 -39.94
N LEU E 32 -34.04 -38.25 -39.50
CA LEU E 32 -34.05 -39.71 -39.43
C LEU E 32 -33.55 -40.16 -38.06
N CYS E 33 -34.11 -41.26 -37.57
CA CYS E 33 -33.64 -41.88 -36.34
C CYS E 33 -32.54 -42.88 -36.66
N ALA E 34 -31.88 -43.36 -35.61
CA ALA E 34 -30.76 -44.28 -35.79
C ALA E 34 -31.20 -45.56 -36.50
N SER E 35 -32.33 -46.14 -36.07
CA SER E 35 -32.81 -47.38 -36.69
C SER E 35 -33.16 -47.16 -38.16
N CYS E 36 -33.84 -46.06 -38.47
CA CYS E 36 -34.22 -45.78 -39.85
C CYS E 36 -33.01 -45.40 -40.69
N TYR E 37 -32.06 -44.66 -40.10
CA TYR E 37 -30.86 -44.29 -40.84
C TYR E 37 -30.03 -45.52 -41.19
N GLU E 38 -29.87 -46.45 -40.25
CA GLU E 38 -29.10 -47.66 -40.52
C GLU E 38 -29.83 -48.61 -41.46
N SER E 39 -31.16 -48.47 -41.59
CA SER E 39 -31.94 -49.32 -42.48
C SER E 39 -31.97 -48.80 -43.90
N GLY E 40 -31.31 -47.69 -44.20
CA GLY E 40 -31.33 -47.11 -45.53
C GLY E 40 -32.68 -46.58 -45.94
N ALA E 41 -33.38 -45.88 -45.05
CA ALA E 41 -34.67 -45.32 -45.37
C ALA E 41 -34.51 -44.16 -46.36
N THR E 42 -35.12 -44.31 -47.54
CA THR E 42 -35.02 -43.30 -48.59
C THR E 42 -36.41 -42.91 -49.06
N THR E 43 -36.54 -41.66 -49.48
CA THR E 43 -37.80 -41.11 -49.98
C THR E 43 -37.61 -40.66 -51.43
N THR E 44 -38.64 -40.01 -51.97
CA THR E 44 -38.55 -39.51 -53.34
C THR E 44 -37.54 -38.38 -53.46
N ARG E 45 -37.34 -37.61 -52.39
CA ARG E 45 -36.40 -36.50 -52.40
C ARG E 45 -35.10 -36.78 -51.66
N HIS E 46 -35.07 -37.79 -50.80
CA HIS E 46 -33.88 -38.13 -50.02
C HIS E 46 -33.31 -39.47 -50.46
N THR E 47 -31.98 -39.53 -50.57
CA THR E 47 -31.24 -40.74 -50.87
C THR E 47 -30.18 -40.95 -49.80
N THR E 48 -29.64 -42.18 -49.76
CA THR E 48 -28.60 -42.51 -48.79
C THR E 48 -27.29 -41.76 -49.05
N ASP E 49 -27.10 -41.24 -50.27
CA ASP E 49 -25.88 -40.51 -50.61
C ASP E 49 -25.89 -39.08 -50.08
N HIS E 50 -27.00 -38.62 -49.52
CA HIS E 50 -27.07 -37.27 -48.98
C HIS E 50 -26.09 -37.12 -47.81
N PRO E 51 -25.33 -36.03 -47.74
CA PRO E 51 -24.53 -35.78 -46.54
C PRO E 51 -25.42 -35.67 -45.31
N MET E 52 -24.94 -36.22 -44.21
CA MET E 52 -25.77 -36.48 -43.04
C MET E 52 -25.05 -36.00 -41.79
N GLN E 53 -25.74 -35.22 -40.96
CA GLN E 53 -25.18 -34.72 -39.72
C GLN E 53 -25.83 -35.43 -38.53
N CYS E 54 -25.03 -35.81 -37.54
CA CYS E 54 -25.52 -36.53 -36.38
C CYS E 54 -25.60 -35.60 -35.18
N ILE E 55 -26.76 -35.55 -34.55
CA ILE E 55 -27.00 -34.77 -33.35
C ILE E 55 -27.48 -35.72 -32.27
N LEU E 56 -26.87 -35.66 -31.10
CA LEU E 56 -27.15 -36.58 -30.01
C LEU E 56 -27.93 -35.88 -28.91
N THR E 57 -28.50 -36.69 -28.01
CA THR E 57 -29.09 -36.18 -26.79
C THR E 57 -28.01 -35.95 -25.74
N ARG E 58 -28.39 -35.29 -24.65
CA ARG E 58 -27.43 -35.02 -23.58
C ARG E 58 -26.91 -36.31 -22.96
N VAL E 59 -27.81 -37.27 -22.72
CA VAL E 59 -27.37 -38.59 -22.25
C VAL E 59 -26.49 -39.26 -23.30
N ASP E 60 -26.92 -39.21 -24.57
CA ASP E 60 -26.08 -39.74 -25.63
C ASP E 60 -24.76 -38.98 -25.72
N PHE E 61 -24.79 -37.66 -25.55
CA PHE E 61 -23.58 -36.86 -25.68
C PHE E 61 -22.57 -37.22 -24.60
N ASP E 62 -23.01 -37.33 -23.34
CA ASP E 62 -22.05 -37.65 -22.28
C ASP E 62 -21.71 -39.13 -22.23
N LEU E 63 -22.52 -40.00 -22.83
CA LEU E 63 -22.12 -41.39 -23.02
C LEU E 63 -21.05 -41.51 -24.10
N TYR E 64 -21.18 -40.72 -25.17
CA TYR E 64 -20.20 -40.74 -26.24
C TYR E 64 -18.91 -40.02 -25.83
N TYR E 65 -19.04 -38.97 -25.02
CA TYR E 65 -17.91 -38.16 -24.58
C TYR E 65 -17.60 -38.38 -23.10
N GLY E 66 -17.69 -39.62 -22.62
CA GLY E 66 -17.38 -39.91 -21.24
C GLY E 66 -15.91 -39.65 -20.92
N GLY E 67 -15.68 -38.78 -19.93
CA GLY E 67 -14.34 -38.42 -19.52
C GLY E 67 -13.87 -37.07 -20.04
N GLU E 68 -14.56 -36.50 -21.01
CA GLU E 68 -14.20 -35.20 -21.57
C GLU E 68 -15.17 -34.12 -21.10
N ALA E 69 -14.73 -32.87 -21.22
CA ALA E 69 -15.48 -31.73 -20.73
C ALA E 69 -16.38 -31.10 -21.78
N PHE E 70 -16.44 -31.67 -22.99
CA PHE E 70 -17.31 -31.13 -24.02
C PHE E 70 -18.78 -31.32 -23.65
N SER E 71 -19.57 -30.31 -23.98
CA SER E 71 -20.99 -30.26 -23.63
C SER E 71 -21.84 -30.28 -24.88
N VAL E 72 -23.17 -30.23 -24.67
CA VAL E 72 -24.10 -30.23 -25.79
C VAL E 72 -23.98 -28.94 -26.60
N GLU E 73 -23.62 -27.83 -25.95
CA GLU E 73 -23.50 -26.54 -26.64
C GLU E 73 -22.28 -26.46 -27.53
N GLN E 74 -21.40 -27.46 -27.51
CA GLN E 74 -20.16 -27.45 -28.29
C GLN E 74 -20.09 -28.73 -29.12
N PRO E 75 -20.79 -28.77 -30.26
CA PRO E 75 -20.67 -29.93 -31.15
C PRO E 75 -19.25 -30.06 -31.68
N GLN E 76 -18.82 -31.31 -31.87
CA GLN E 76 -17.44 -31.59 -32.23
C GLN E 76 -17.29 -32.27 -33.59
N SER E 77 -18.35 -32.83 -34.16
CA SER E 77 -18.27 -33.48 -35.46
C SER E 77 -19.22 -32.78 -36.42
N PHE E 78 -18.71 -32.43 -37.60
CA PHE E 78 -19.49 -31.76 -38.63
C PHE E 78 -19.25 -32.45 -39.97
N THR E 79 -20.33 -32.75 -40.68
CA THR E 79 -20.25 -33.41 -41.97
C THR E 79 -20.15 -32.37 -43.09
N CYS E 80 -19.30 -32.66 -44.06
CA CYS E 80 -19.21 -31.80 -45.24
C CYS E 80 -20.50 -31.93 -46.04
N PRO E 81 -21.23 -30.84 -46.28
CA PRO E 81 -22.57 -30.95 -46.88
C PRO E 81 -22.58 -31.16 -48.38
N TYR E 82 -21.42 -31.18 -49.05
CA TYR E 82 -21.36 -31.39 -50.49
C TYR E 82 -21.07 -32.84 -50.86
N CYS E 83 -19.93 -33.37 -50.44
CA CYS E 83 -19.49 -34.70 -50.83
C CYS E 83 -19.74 -35.76 -49.76
N GLY E 84 -20.32 -35.39 -48.63
CA GLY E 84 -20.59 -36.34 -47.58
C GLY E 84 -19.43 -36.67 -46.67
N LYS E 85 -18.27 -36.02 -46.86
CA LYS E 85 -17.15 -36.23 -45.96
C LYS E 85 -17.51 -35.78 -44.56
N MET E 86 -16.99 -36.50 -43.57
CA MET E 86 -17.48 -36.38 -42.20
C MET E 86 -16.32 -36.25 -41.23
N GLY E 87 -16.66 -36.08 -39.95
CA GLY E 87 -15.68 -36.00 -38.90
C GLY E 87 -14.77 -34.80 -38.96
N TYR E 88 -15.32 -33.62 -39.24
CA TYR E 88 -14.55 -32.39 -39.33
C TYR E 88 -14.86 -31.48 -38.16
N THR E 89 -13.81 -30.97 -37.52
CA THR E 89 -13.99 -29.88 -36.57
C THR E 89 -14.42 -28.62 -37.31
N GLU E 90 -14.74 -27.58 -36.54
CA GLU E 90 -15.10 -26.30 -37.16
C GLU E 90 -13.96 -25.81 -38.06
N THR E 91 -12.74 -25.76 -37.51
CA THR E 91 -11.58 -25.38 -38.31
C THR E 91 -11.34 -26.39 -39.43
N SER E 92 -11.46 -27.68 -39.12
CA SER E 92 -11.26 -28.70 -40.14
C SER E 92 -12.31 -28.59 -41.24
N LEU E 93 -13.57 -28.37 -40.86
CA LEU E 93 -14.63 -28.26 -41.87
C LEU E 93 -14.42 -27.04 -42.76
N GLN E 94 -14.09 -25.89 -42.15
CA GLN E 94 -13.90 -24.69 -42.98
C GLN E 94 -12.68 -24.83 -43.87
N GLU E 95 -11.61 -25.47 -43.37
CA GLU E 95 -10.43 -25.69 -44.20
C GLU E 95 -10.75 -26.62 -45.37
N HIS E 96 -11.50 -27.69 -45.11
CA HIS E 96 -11.87 -28.61 -46.18
C HIS E 96 -12.75 -27.92 -47.22
N VAL E 97 -13.70 -27.10 -46.77
CA VAL E 97 -14.56 -26.37 -47.70
C VAL E 97 -13.75 -25.40 -48.54
N THR E 98 -12.82 -24.66 -47.90
CA THR E 98 -12.02 -23.70 -48.63
C THR E 98 -11.10 -24.38 -49.63
N SER E 99 -10.55 -25.54 -49.29
CA SER E 99 -9.58 -26.20 -50.15
C SER E 99 -10.26 -26.98 -51.28
N GLU E 100 -11.08 -27.96 -50.93
CA GLU E 100 -11.61 -28.89 -51.92
C GLU E 100 -12.90 -28.41 -52.58
N HIS E 101 -13.58 -27.42 -52.01
CA HIS E 101 -14.88 -26.99 -52.50
C HIS E 101 -14.99 -25.47 -52.54
N ALA E 102 -13.94 -24.81 -53.04
CA ALA E 102 -13.93 -23.35 -53.08
C ALA E 102 -14.99 -22.81 -54.04
N GLU E 103 -15.16 -23.46 -55.19
CA GLU E 103 -16.06 -22.98 -56.23
C GLU E 103 -17.41 -23.70 -56.23
N THR E 104 -17.72 -24.47 -55.18
CA THR E 104 -19.00 -25.15 -55.05
C THR E 104 -20.00 -24.19 -54.40
N SER E 105 -21.14 -23.98 -55.06
CA SER E 105 -22.15 -23.04 -54.59
C SER E 105 -23.53 -23.68 -54.49
N THR E 106 -23.60 -25.00 -54.42
CA THR E 106 -24.88 -25.68 -54.28
C THR E 106 -25.48 -25.40 -52.90
N GLU E 107 -26.80 -25.26 -52.87
CA GLU E 107 -27.49 -24.98 -51.61
C GLU E 107 -27.37 -26.17 -50.67
N VAL E 108 -27.13 -25.88 -49.40
CA VAL E 108 -26.94 -26.90 -48.36
C VAL E 108 -27.46 -26.36 -47.04
N ILE E 109 -27.52 -27.24 -46.04
CA ILE E 109 -27.87 -26.87 -44.67
C ILE E 109 -26.62 -27.02 -43.81
N CYS E 110 -26.33 -26.01 -43.00
CA CYS E 110 -25.11 -25.99 -42.22
C CYS E 110 -25.15 -27.06 -41.13
N PRO E 111 -24.20 -28.00 -41.10
CA PRO E 111 -24.17 -28.97 -40.00
C PRO E 111 -23.96 -28.34 -38.64
N ILE E 112 -23.16 -27.27 -38.57
CA ILE E 112 -22.90 -26.62 -37.29
C ILE E 112 -24.16 -25.97 -36.75
N CYS E 113 -24.91 -25.27 -37.61
CA CYS E 113 -26.16 -24.66 -37.18
C CYS E 113 -27.18 -25.71 -36.77
N ALA E 114 -27.25 -26.82 -37.53
CA ALA E 114 -28.20 -27.88 -37.19
C ALA E 114 -27.86 -28.53 -35.85
N ALA E 115 -26.56 -28.77 -35.59
CA ALA E 115 -26.16 -29.44 -34.37
C ALA E 115 -26.08 -28.51 -33.17
N LEU E 116 -25.88 -27.21 -33.38
CA LEU E 116 -25.77 -26.28 -32.27
C LEU E 116 -27.12 -26.11 -31.59
N PRO E 117 -27.21 -26.29 -30.27
CA PRO E 117 -28.48 -26.06 -29.58
C PRO E 117 -28.86 -24.58 -29.62
N GLY E 118 -30.11 -24.31 -29.98
CA GLY E 118 -30.61 -22.95 -30.07
C GLY E 118 -30.40 -22.29 -31.42
N GLY E 119 -29.62 -22.90 -32.31
CA GLY E 119 -29.40 -22.35 -33.63
C GLY E 119 -30.49 -22.77 -34.61
N ASP E 120 -30.30 -22.34 -35.85
CA ASP E 120 -31.26 -22.68 -36.90
C ASP E 120 -31.01 -24.12 -37.35
N PRO E 121 -31.97 -25.03 -37.18
CA PRO E 121 -31.75 -26.42 -37.61
C PRO E 121 -31.77 -26.60 -39.12
N ASN E 122 -32.33 -25.65 -39.87
CA ASN E 122 -32.45 -25.75 -41.31
C ASN E 122 -31.97 -24.46 -41.98
N HIS E 123 -30.83 -23.96 -41.54
CA HIS E 123 -30.27 -22.73 -42.11
C HIS E 123 -29.76 -23.02 -43.52
N VAL E 124 -30.32 -22.34 -44.51
CA VAL E 124 -29.99 -22.54 -45.90
C VAL E 124 -29.13 -21.39 -46.38
N THR E 125 -27.94 -21.72 -46.90
CA THR E 125 -27.03 -20.71 -47.44
C THR E 125 -26.46 -21.23 -48.75
N ASP E 126 -26.51 -20.40 -49.80
CA ASP E 126 -25.95 -20.77 -51.09
C ASP E 126 -24.44 -20.74 -51.10
N ASP E 127 -23.81 -20.02 -50.17
CA ASP E 127 -22.36 -19.94 -50.04
C ASP E 127 -22.01 -20.39 -48.63
N PHE E 128 -21.83 -21.71 -48.46
CA PHE E 128 -21.52 -22.25 -47.14
C PHE E 128 -20.11 -21.87 -46.70
N ALA E 129 -19.19 -21.66 -47.65
CA ALA E 129 -17.85 -21.20 -47.29
C ALA E 129 -17.91 -19.81 -46.66
N ALA E 130 -18.65 -18.89 -47.27
CA ALA E 130 -18.81 -17.56 -46.70
C ALA E 130 -19.54 -17.61 -45.37
N HIS E 131 -20.54 -18.49 -45.25
CA HIS E 131 -21.27 -18.63 -44.00
C HIS E 131 -20.35 -19.12 -42.89
N LEU E 132 -19.48 -20.08 -43.18
CA LEU E 132 -18.51 -20.54 -42.20
C LEU E 132 -17.51 -19.44 -41.85
N THR E 133 -17.04 -18.70 -42.85
CA THR E 133 -16.04 -17.67 -42.60
C THR E 133 -16.60 -16.51 -41.78
N LEU E 134 -17.89 -16.19 -41.96
CA LEU E 134 -18.51 -15.04 -41.31
C LEU E 134 -19.21 -15.42 -40.00
N GLU E 135 -20.08 -16.42 -40.05
CA GLU E 135 -20.90 -16.76 -38.89
C GLU E 135 -20.25 -17.81 -37.99
N HIS E 136 -19.60 -18.81 -38.58
CA HIS E 136 -19.04 -19.93 -37.81
C HIS E 136 -17.54 -19.78 -37.58
N ARG E 137 -17.04 -18.55 -37.54
CA ARG E 137 -15.62 -18.31 -37.26
C ARG E 137 -15.41 -18.31 -35.75
N ALA E 138 -14.50 -19.16 -35.27
CA ALA E 138 -14.22 -19.26 -33.85
C ALA E 138 -13.08 -18.32 -33.45
N SER E 289 36.35 -72.98 13.15
CA SER E 289 35.69 -74.27 13.02
C SER E 289 36.54 -75.24 12.19
N GLN E 290 37.48 -74.69 11.42
CA GLN E 290 38.34 -75.51 10.59
C GLN E 290 39.52 -76.10 11.35
N PHE E 291 39.75 -75.69 12.59
CA PHE E 291 40.85 -76.24 13.37
C PHE E 291 40.59 -77.71 13.66
N LEU E 292 41.59 -78.56 13.37
CA LEU E 292 41.41 -79.99 13.58
C LEU E 292 41.51 -80.35 15.06
N LEU E 293 42.39 -79.67 15.80
CA LEU E 293 42.66 -80.05 17.18
C LEU E 293 41.53 -79.66 18.12
N THR E 294 40.64 -78.76 17.70
CA THR E 294 39.53 -78.35 18.56
C THR E 294 38.41 -79.38 18.61
N ARG E 295 38.42 -80.37 17.71
CA ARG E 295 37.38 -81.39 17.66
C ARG E 295 37.82 -82.69 18.34
N LEU E 296 38.95 -82.69 19.03
CA LEU E 296 39.45 -83.91 19.66
C LEU E 296 38.61 -84.36 20.85
N ASN E 297 37.70 -83.53 21.33
CA ASN E 297 36.85 -83.88 22.47
C ASN E 297 35.62 -84.60 21.95
N ASP E 298 35.65 -85.93 21.98
CA ASP E 298 34.54 -86.78 21.53
C ASP E 298 34.23 -87.81 22.61
N PRO E 299 33.61 -87.38 23.72
CA PRO E 299 33.29 -88.33 24.79
C PRO E 299 31.96 -89.03 24.59
N LYS E 300 31.98 -90.36 24.56
CA LYS E 300 30.76 -91.14 24.44
C LYS E 300 30.84 -92.31 25.43
N MET E 301 29.66 -92.76 25.88
CA MET E 301 29.59 -93.80 26.89
C MET E 301 28.30 -94.58 26.72
N SER E 302 28.37 -95.90 26.89
CA SER E 302 27.23 -96.77 26.68
C SER E 302 26.33 -96.74 27.92
N GLU E 303 25.38 -97.67 27.97
CA GLU E 303 24.34 -97.64 29.00
C GLU E 303 24.73 -98.47 30.22
N THR E 304 25.31 -99.65 30.02
CA THR E 304 25.74 -100.47 31.15
C THR E 304 26.79 -99.75 31.99
N GLU E 305 27.79 -99.16 31.32
CA GLU E 305 28.76 -98.35 32.04
C GLU E 305 28.10 -97.12 32.65
N ARG E 306 26.99 -96.65 32.10
CA ARG E 306 26.26 -95.55 32.72
C ARG E 306 25.66 -95.98 34.05
N GLN E 307 25.04 -97.17 34.10
CA GLN E 307 24.56 -97.68 35.38
C GLN E 307 25.70 -97.87 36.37
N SER E 308 26.83 -98.39 35.88
CA SER E 308 27.99 -98.56 36.76
C SER E 308 28.47 -97.22 37.32
N MET E 309 28.51 -96.20 36.47
CA MET E 309 28.94 -94.87 36.92
C MET E 309 27.97 -94.30 37.93
N GLU E 310 26.67 -94.47 37.72
CA GLU E 310 25.68 -93.96 38.68
C GLU E 310 25.82 -94.66 40.02
N SER E 311 26.00 -95.98 40.00
CA SER E 311 26.18 -96.71 41.26
C SER E 311 27.45 -96.27 41.97
N GLU E 312 28.54 -96.05 41.21
CA GLU E 312 29.78 -95.61 41.82
C GLU E 312 29.64 -94.21 42.42
N ARG E 313 28.90 -93.33 41.74
CA ARG E 313 28.65 -92.01 42.30
C ARG E 313 27.87 -92.08 43.60
N ALA E 314 26.85 -92.95 43.65
CA ALA E 314 26.11 -93.15 44.89
C ALA E 314 27.02 -93.66 46.00
N ASP E 315 27.89 -94.62 45.69
CA ASP E 315 28.80 -95.16 46.69
C ASP E 315 29.75 -94.08 47.22
N ARG E 316 30.28 -93.25 46.32
CA ARG E 316 31.20 -92.21 46.73
C ARG E 316 30.50 -91.15 47.57
N SER E 317 29.25 -90.82 47.22
CA SER E 317 28.48 -89.90 48.03
C SER E 317 28.27 -90.46 49.44
N LEU E 318 27.95 -91.75 49.54
CA LEU E 318 27.80 -92.36 50.85
C LEU E 318 29.11 -92.32 51.63
N PHE E 319 30.23 -92.58 50.95
CA PHE E 319 31.53 -92.57 51.63
C PHE E 319 31.87 -91.19 52.16
N VAL E 320 31.63 -90.14 51.36
CA VAL E 320 31.97 -88.80 51.83
C VAL E 320 31.01 -88.37 52.93
N GLN E 321 29.74 -88.80 52.87
CA GLN E 321 28.82 -88.53 53.98
C GLN E 321 29.34 -89.14 55.27
N GLU E 322 29.77 -90.41 55.22
CA GLU E 322 30.29 -91.07 56.42
C GLU E 322 31.55 -90.38 56.91
N LEU E 323 32.43 -89.99 55.98
CA LEU E 323 33.68 -89.36 56.35
C LEU E 323 33.44 -88.01 57.01
N LEU E 324 32.46 -87.26 56.53
CA LEU E 324 32.11 -85.98 57.17
C LEU E 324 31.48 -86.20 58.53
N LEU E 325 30.59 -87.19 58.64
CA LEU E 325 30.00 -87.51 59.95
C LEU E 325 31.06 -87.90 60.97
N SER E 326 32.13 -88.56 60.52
CA SER E 326 33.17 -88.99 61.44
C SER E 326 33.89 -87.83 62.13
N THR E 327 33.82 -86.62 61.56
CA THR E 327 34.53 -85.49 62.12
C THR E 327 33.73 -84.72 63.16
N LEU E 328 32.43 -84.98 63.27
CA LEU E 328 31.57 -84.28 64.24
C LEU E 328 31.31 -85.09 65.50
N VAL E 329 31.90 -86.28 65.61
CA VAL E 329 31.62 -87.12 66.78
C VAL E 329 32.16 -86.47 68.04
N ARG E 330 31.57 -86.85 69.17
CA ARG E 330 31.91 -86.25 70.46
C ARG E 330 33.25 -86.79 70.95
N GLU E 331 34.12 -85.87 71.38
CA GLU E 331 35.44 -86.25 71.89
C GLU E 331 35.52 -86.03 73.39
N GLY F 28 -109.38 48.51 -57.52
CA GLY F 28 -109.87 49.56 -56.64
C GLY F 28 -108.77 50.51 -56.20
N TRP F 29 -109.15 51.54 -55.45
CA TRP F 29 -108.18 52.51 -54.94
C TRP F 29 -107.52 52.06 -53.65
N GLU F 30 -108.19 51.20 -52.88
CA GLU F 30 -107.58 50.70 -51.65
C GLU F 30 -106.33 49.90 -51.94
N VAL F 31 -106.41 48.97 -52.91
CA VAL F 31 -105.23 48.21 -53.31
C VAL F 31 -104.19 49.11 -53.95
N ALA F 32 -104.59 50.23 -54.53
CA ALA F 32 -103.64 51.20 -55.06
C ALA F 32 -102.89 51.93 -53.94
N VAL F 33 -103.56 52.20 -52.82
CA VAL F 33 -102.93 52.95 -51.73
C VAL F 33 -102.28 52.05 -50.68
N ARG F 34 -102.44 50.72 -50.76
CA ARG F 34 -101.72 49.83 -49.85
C ARG F 34 -100.22 50.06 -49.81
N PRO F 35 -99.48 50.16 -50.93
CA PRO F 35 -98.02 50.27 -50.81
C PRO F 35 -97.55 51.46 -50.00
N LEU F 36 -98.19 52.62 -50.16
CA LEU F 36 -97.79 53.79 -49.37
C LEU F 36 -98.08 53.57 -47.89
N LEU F 37 -99.24 52.97 -47.57
CA LEU F 37 -99.56 52.67 -46.18
C LEU F 37 -98.54 51.73 -45.56
N SER F 38 -98.15 50.68 -46.29
CA SER F 38 -97.16 49.74 -45.79
C SER F 38 -95.80 50.42 -45.61
N ALA F 39 -95.39 51.23 -46.58
CA ALA F 39 -94.10 51.90 -46.51
C ALA F 39 -94.08 53.04 -45.50
N SER F 40 -95.23 53.47 -45.00
CA SER F 40 -95.25 54.55 -44.01
C SER F 40 -94.46 54.20 -42.75
N TYR F 41 -94.28 52.92 -42.46
CA TYR F 41 -93.54 52.48 -41.28
C TYR F 41 -92.14 51.98 -41.61
N SER F 42 -91.70 52.10 -42.86
CA SER F 42 -90.40 51.58 -43.27
C SER F 42 -89.90 52.45 -44.43
N ALA F 43 -88.92 51.93 -45.17
CA ALA F 43 -88.51 52.56 -46.42
C ALA F 43 -89.49 52.16 -47.52
N PHE F 44 -89.16 52.48 -48.77
CA PHE F 44 -89.99 52.13 -49.91
C PHE F 44 -89.37 50.94 -50.63
N GLU F 45 -90.10 49.83 -50.66
CA GLU F 45 -89.61 48.63 -51.31
C GLU F 45 -89.56 48.81 -52.82
N MET F 46 -88.48 48.34 -53.43
CA MET F 46 -88.32 48.46 -54.88
C MET F 46 -89.48 47.79 -55.63
N LYS F 47 -90.00 46.69 -55.07
CA LYS F 47 -91.12 46.01 -55.71
C LYS F 47 -92.37 46.88 -55.75
N GLU F 48 -92.52 47.80 -54.80
CA GLU F 48 -93.74 48.59 -54.69
C GLU F 48 -93.81 49.78 -55.64
N LEU F 49 -92.72 50.08 -56.36
CA LEU F 49 -92.74 51.28 -57.21
C LEU F 49 -93.56 51.09 -58.48
N PRO F 50 -93.29 50.10 -59.34
CA PRO F 50 -93.94 50.10 -60.67
C PRO F 50 -95.46 50.07 -60.62
N GLN F 51 -96.07 49.34 -59.68
CA GLN F 51 -97.52 49.33 -59.58
C GLN F 51 -98.04 50.69 -59.09
N LEU F 52 -97.27 51.37 -58.23
CA LEU F 52 -97.63 52.73 -57.86
C LEU F 52 -97.64 53.63 -59.08
N VAL F 53 -96.60 53.53 -59.92
CA VAL F 53 -96.53 54.34 -61.13
C VAL F 53 -97.73 54.04 -62.03
N ALA F 54 -98.05 52.76 -62.20
CA ALA F 54 -99.20 52.38 -63.02
C ALA F 54 -100.49 52.95 -62.47
N SER F 55 -100.64 52.94 -61.14
CA SER F 55 -101.81 53.55 -60.53
C SER F 55 -101.88 55.04 -60.83
N VAL F 56 -100.75 55.74 -60.80
CA VAL F 56 -100.78 57.17 -61.12
C VAL F 56 -101.17 57.40 -62.57
N ILE F 57 -100.60 56.65 -63.51
CA ILE F 57 -100.91 56.87 -64.92
C ILE F 57 -102.36 56.55 -65.23
N GLU F 58 -102.85 55.37 -64.79
CA GLU F 58 -104.21 54.98 -65.14
C GLU F 58 -105.26 55.88 -64.50
N SER F 59 -104.90 56.59 -63.42
CA SER F 59 -105.85 57.48 -62.75
C SER F 59 -105.82 58.91 -63.27
N GLU F 60 -105.03 59.20 -64.31
CA GLU F 60 -104.92 60.56 -64.85
C GLU F 60 -106.28 61.19 -65.17
N SER F 61 -107.15 60.46 -65.87
CA SER F 61 -108.45 61.02 -66.22
C SER F 61 -109.24 61.42 -64.98
N GLU F 62 -108.87 60.88 -63.81
CA GLU F 62 -109.64 61.13 -62.60
C GLU F 62 -108.94 62.08 -61.64
N ILE F 63 -107.61 62.05 -61.55
CA ILE F 63 -106.92 62.79 -60.48
C ILE F 63 -107.24 64.29 -60.46
N LEU F 64 -107.44 64.91 -61.62
CA LEU F 64 -107.48 66.38 -61.67
C LEU F 64 -108.88 66.98 -61.59
N HIS F 65 -109.95 66.20 -61.77
CA HIS F 65 -111.32 66.72 -61.78
C HIS F 65 -112.09 66.07 -60.65
N HIS F 66 -112.43 66.84 -59.61
CA HIS F 66 -113.00 66.23 -58.41
C HIS F 66 -113.86 67.20 -57.60
N GLU F 67 -114.64 66.61 -56.71
CA GLU F 67 -115.49 67.31 -55.77
C GLU F 67 -114.73 67.57 -54.46
N LYS F 68 -115.32 68.39 -53.59
CA LYS F 68 -114.64 68.86 -52.39
C LYS F 68 -114.29 67.73 -51.43
N GLN F 69 -115.22 66.78 -51.24
CA GLN F 69 -115.07 65.80 -50.17
C GLN F 69 -113.89 64.86 -50.38
N TYR F 70 -113.52 64.57 -51.63
CA TYR F 70 -112.42 63.65 -51.91
C TYR F 70 -111.07 64.36 -52.01
N GLU F 71 -111.06 65.68 -52.11
CA GLU F 71 -109.83 66.41 -52.42
C GLU F 71 -108.72 66.21 -51.38
N PRO F 72 -108.97 66.30 -50.07
CA PRO F 72 -107.87 66.08 -49.11
C PRO F 72 -107.23 64.70 -49.23
N PHE F 73 -108.02 63.68 -49.50
CA PHE F 73 -107.48 62.33 -49.63
C PHE F 73 -106.52 62.26 -50.81
N TYR F 74 -106.91 62.84 -51.94
CA TYR F 74 -106.02 62.95 -53.09
C TYR F 74 -104.77 63.75 -52.77
N SER F 75 -104.92 64.83 -51.99
CA SER F 75 -103.76 65.67 -51.65
C SER F 75 -102.74 64.89 -50.83
N SER F 76 -103.19 64.21 -49.77
CA SER F 76 -102.25 63.45 -48.96
C SER F 76 -101.66 62.28 -49.74
N PHE F 77 -102.48 61.64 -50.58
CA PHE F 77 -101.98 60.56 -51.41
C PHE F 77 -100.84 61.04 -52.31
N VAL F 78 -101.05 62.18 -52.98
CA VAL F 78 -100.03 62.69 -53.90
C VAL F 78 -98.80 63.15 -53.13
N ALA F 79 -99.00 63.72 -51.94
CA ALA F 79 -97.86 64.14 -51.13
C ALA F 79 -96.99 62.94 -50.76
N LEU F 80 -97.60 61.88 -50.26
CA LEU F 80 -96.85 60.70 -49.88
C LEU F 80 -96.19 60.05 -51.09
N SER F 81 -96.91 59.97 -52.21
CA SER F 81 -96.35 59.35 -53.41
C SER F 81 -95.14 60.12 -53.91
N THR F 82 -95.26 61.45 -54.01
CA THR F 82 -94.14 62.28 -54.43
C THR F 82 -92.96 62.10 -53.49
N HIS F 83 -93.20 62.21 -52.17
CA HIS F 83 -92.14 62.03 -51.20
C HIS F 83 -91.42 60.71 -51.40
N TYR F 84 -92.17 59.65 -51.70
CA TYR F 84 -91.56 58.33 -51.83
C TYR F 84 -90.79 58.18 -53.14
N ILE F 85 -91.29 58.72 -54.24
CA ILE F 85 -90.54 58.63 -55.50
C ILE F 85 -89.24 59.43 -55.40
N THR F 86 -89.30 60.63 -54.85
CA THR F 86 -88.06 61.40 -54.72
C THR F 86 -87.09 60.83 -53.70
N THR F 87 -87.49 59.86 -52.89
CA THR F 87 -86.54 59.20 -52.00
C THR F 87 -85.55 58.32 -52.76
N VAL F 88 -85.83 58.03 -54.02
CA VAL F 88 -84.93 57.19 -54.82
C VAL F 88 -84.66 57.83 -56.17
N GLN F 96 -87.76 51.67 -67.48
CA GLN F 96 -88.55 51.99 -66.30
C GLN F 96 -88.49 53.48 -65.98
N LEU F 97 -87.50 54.17 -66.56
CA LEU F 97 -87.37 55.61 -66.32
C LEU F 97 -88.50 56.38 -66.99
N GLN F 98 -88.99 55.90 -68.13
CA GLN F 98 -90.05 56.60 -68.85
C GLN F 98 -91.34 56.66 -68.02
N SER F 99 -91.72 55.54 -67.41
CA SER F 99 -92.93 55.54 -66.58
C SER F 99 -92.77 56.45 -65.38
N VAL F 100 -91.60 56.45 -64.75
CA VAL F 100 -91.34 57.33 -63.61
C VAL F 100 -91.43 58.78 -64.04
N ALA F 101 -90.87 59.12 -65.21
CA ALA F 101 -90.95 60.48 -65.70
C ALA F 101 -92.39 60.88 -65.99
N ALA F 102 -93.19 59.98 -66.56
CA ALA F 102 -94.59 60.28 -66.80
C ALA F 102 -95.33 60.54 -65.51
N ALA F 103 -95.09 59.70 -64.49
CA ALA F 103 -95.74 59.91 -63.20
C ALA F 103 -95.30 61.22 -62.58
N CYS F 104 -94.01 61.55 -62.66
CA CYS F 104 -93.52 62.80 -62.07
C CYS F 104 -94.13 64.01 -62.78
N LYS F 105 -94.27 63.93 -64.10
CA LYS F 105 -94.96 64.99 -64.83
C LYS F 105 -96.41 65.09 -64.36
N VAL F 106 -97.06 63.95 -64.12
CA VAL F 106 -98.43 63.93 -63.65
C VAL F 106 -98.55 64.72 -62.33
N LEU F 107 -97.66 64.39 -61.39
CA LEU F 107 -97.70 65.01 -60.07
C LEU F 107 -97.34 66.49 -60.14
N ILE F 108 -96.36 66.85 -60.99
CA ILE F 108 -95.99 68.25 -61.13
C ILE F 108 -97.13 69.07 -61.70
N GLU F 109 -97.83 68.53 -62.71
CA GLU F 109 -98.99 69.23 -63.24
C GLU F 109 -100.08 69.41 -62.19
N PHE F 110 -100.35 68.37 -61.40
CA PHE F 110 -101.43 68.46 -60.44
C PHE F 110 -101.07 69.48 -59.35
N SER F 111 -99.81 69.46 -58.90
CA SER F 111 -99.35 70.48 -57.95
C SER F 111 -99.39 71.88 -58.54
N LEU F 112 -99.08 72.03 -59.83
CA LEU F 112 -99.15 73.35 -60.46
C LEU F 112 -100.58 73.89 -60.42
N LEU F 113 -101.55 73.08 -60.86
CA LEU F 113 -102.91 73.61 -60.89
C LEU F 113 -103.52 73.70 -59.49
N ARG F 114 -102.92 73.03 -58.50
CA ARG F 114 -103.29 73.33 -57.12
C ARG F 114 -102.68 74.64 -56.63
N LEU F 115 -101.48 74.97 -57.09
CA LEU F 115 -100.86 76.25 -56.76
C LEU F 115 -101.57 77.43 -57.40
N GLU F 116 -102.26 77.20 -58.53
CA GLU F 116 -102.97 78.31 -59.16
C GLU F 116 -104.27 78.63 -58.43
N ASN F 117 -105.17 77.66 -58.30
CA ASN F 117 -106.50 77.77 -57.70
C ASN F 117 -106.57 77.92 -56.17
N PRO F 118 -105.54 77.52 -55.39
CA PRO F 118 -105.76 76.66 -54.21
C PRO F 118 -107.07 76.85 -53.45
N ASP F 119 -107.76 75.74 -53.25
CA ASP F 119 -109.02 75.68 -52.50
C ASP F 119 -108.74 75.64 -51.01
N GLU F 120 -109.77 75.98 -50.22
CA GLU F 120 -109.64 75.99 -48.77
C GLU F 120 -109.42 74.60 -48.21
N ALA F 121 -109.98 73.58 -48.85
CA ALA F 121 -110.00 72.23 -48.31
C ALA F 121 -108.85 71.37 -48.84
N CYS F 122 -107.71 71.97 -49.14
CA CYS F 122 -106.55 71.21 -49.57
C CYS F 122 -105.77 70.72 -48.36
N ALA F 123 -105.54 69.41 -48.29
CA ALA F 123 -104.84 68.83 -47.15
C ALA F 123 -103.39 69.27 -47.07
N VAL F 124 -102.82 69.78 -48.16
CA VAL F 124 -101.43 70.19 -48.21
C VAL F 124 -101.41 71.64 -48.68
N SER F 125 -100.94 72.54 -47.82
CA SER F 125 -101.00 73.97 -48.09
C SER F 125 -99.94 74.35 -49.14
N GLN F 126 -99.98 75.62 -49.55
CA GLN F 126 -99.26 76.04 -50.75
C GLN F 126 -97.74 75.91 -50.59
N LYS F 127 -97.21 76.21 -49.40
CA LYS F 127 -95.77 76.13 -49.23
C LYS F 127 -95.26 74.70 -49.33
N HIS F 128 -96.05 73.73 -48.88
CA HIS F 128 -95.61 72.36 -49.01
C HIS F 128 -95.71 71.88 -50.45
N LEU F 129 -96.66 72.39 -51.23
CA LEU F 129 -96.61 72.13 -52.68
C LEU F 129 -95.38 72.74 -53.32
N ILE F 130 -95.00 73.96 -52.91
CA ILE F 130 -93.80 74.57 -53.48
C ILE F 130 -92.55 73.75 -53.14
N LEU F 131 -92.44 73.30 -51.89
CA LEU F 131 -91.21 72.59 -51.53
C LEU F 131 -91.23 71.16 -52.06
N LEU F 132 -92.42 70.60 -52.27
CA LEU F 132 -92.53 69.30 -52.93
C LEU F 132 -92.09 69.38 -54.38
N ILE F 133 -92.55 70.42 -55.09
CA ILE F 133 -92.11 70.64 -56.48
C ILE F 133 -90.61 70.83 -56.53
N LYS F 134 -90.06 71.59 -55.57
CA LYS F 134 -88.60 71.74 -55.50
C LYS F 134 -87.92 70.40 -55.26
N GLY F 135 -88.47 69.59 -54.36
CA GLY F 135 -87.86 68.30 -54.04
C GLY F 135 -87.86 67.35 -55.22
N LEU F 136 -88.93 67.38 -56.03
CA LEU F 136 -88.97 66.53 -57.21
C LEU F 136 -87.92 66.96 -58.22
N CYS F 137 -87.56 68.25 -58.22
CA CYS F 137 -86.50 68.78 -59.07
C CYS F 137 -85.15 68.83 -58.36
N THR F 138 -85.06 68.28 -57.14
CA THR F 138 -83.81 68.29 -56.38
C THR F 138 -83.62 66.98 -55.65
N GLY F 139 -82.74 66.96 -54.65
CA GLY F 139 -82.38 65.73 -53.96
C GLY F 139 -83.19 65.39 -52.73
N CYS F 140 -84.45 65.81 -52.67
CA CYS F 140 -85.41 65.38 -51.66
C CYS F 140 -84.94 65.68 -50.24
N SER F 141 -84.85 66.97 -49.94
CA SER F 141 -84.46 67.43 -48.60
C SER F 141 -85.39 68.55 -48.13
N ARG F 142 -86.68 68.43 -48.40
CA ARG F 142 -87.63 69.47 -48.00
C ARG F 142 -88.66 68.96 -47.00
N LEU F 143 -89.37 67.88 -47.31
CA LEU F 143 -90.41 67.38 -46.41
C LEU F 143 -89.79 66.72 -45.18
N ASP F 144 -90.52 66.76 -44.07
CA ASP F 144 -90.06 66.21 -42.80
C ASP F 144 -91.06 65.20 -42.27
N ARG F 145 -90.57 64.37 -41.33
CA ARG F 145 -91.39 63.34 -40.71
C ARG F 145 -92.64 63.94 -40.06
N THR F 146 -92.47 65.10 -39.40
CA THR F 146 -93.51 65.72 -38.59
C THR F 146 -94.75 66.07 -39.41
N GLU F 147 -94.60 66.22 -40.72
CA GLU F 147 -95.75 66.46 -41.60
C GLU F 147 -96.28 65.20 -42.25
N ILE F 148 -95.44 64.22 -42.57
CA ILE F 148 -95.96 63.03 -43.22
C ILE F 148 -96.68 62.14 -42.21
N ILE F 149 -96.42 62.29 -40.91
CA ILE F 149 -97.27 61.60 -39.94
C ILE F 149 -98.69 62.14 -40.01
N THR F 150 -98.84 63.46 -40.08
CA THR F 150 -100.17 64.05 -40.24
C THR F 150 -100.78 63.65 -41.57
N PHE F 151 -99.96 63.55 -42.62
CA PHE F 151 -100.47 63.09 -43.91
C PHE F 151 -101.00 61.68 -43.83
N THR F 152 -100.29 60.77 -43.14
CA THR F 152 -100.78 59.42 -42.96
C THR F 152 -102.03 59.38 -42.10
N ALA F 153 -102.09 60.23 -41.07
CA ALA F 153 -103.28 60.28 -40.23
C ALA F 153 -104.51 60.69 -41.04
N MET F 154 -104.36 61.73 -41.87
CA MET F 154 -105.48 62.16 -42.71
C MET F 154 -105.80 61.08 -43.74
N MET F 155 -104.76 60.48 -44.35
CA MET F 155 -104.87 59.29 -45.16
C MET F 155 -105.85 58.28 -44.58
N LYS F 156 -105.61 57.87 -43.33
CA LYS F 156 -106.52 56.94 -42.68
C LYS F 156 -107.90 57.55 -42.47
N SER F 157 -107.95 58.83 -42.06
CA SER F 157 -109.22 59.46 -41.71
C SER F 157 -110.06 59.85 -42.92
N ALA F 158 -109.53 59.74 -44.14
CA ALA F 158 -110.22 60.21 -45.33
C ALA F 158 -111.09 59.12 -45.93
N LYS F 159 -112.19 59.53 -46.56
CA LYS F 159 -113.10 58.60 -47.20
C LYS F 159 -112.67 58.29 -48.63
N LEU F 160 -112.85 57.04 -49.03
CA LEU F 160 -112.38 56.54 -50.31
C LEU F 160 -113.30 57.00 -51.45
N PRO F 161 -112.79 57.06 -52.68
CA PRO F 161 -113.63 57.55 -53.78
C PRO F 161 -114.68 56.55 -54.22
N GLN F 162 -114.29 55.28 -54.35
CA GLN F 162 -115.21 54.25 -54.83
C GLN F 162 -116.10 53.70 -53.74
N THR F 163 -115.64 53.71 -52.49
CA THR F 163 -116.40 53.18 -51.36
C THR F 163 -116.53 54.24 -50.29
N VAL F 164 -117.71 54.26 -49.65
CA VAL F 164 -117.96 55.21 -48.56
C VAL F 164 -117.05 54.92 -47.37
N LYS F 165 -116.59 53.69 -47.20
CA LYS F 165 -115.73 53.34 -46.08
C LYS F 165 -114.42 54.10 -46.15
N THR F 166 -114.01 54.65 -45.01
CA THR F 166 -112.75 55.36 -44.91
C THR F 166 -111.59 54.38 -44.73
N LEU F 167 -110.37 54.89 -44.91
CA LEU F 167 -109.18 54.06 -44.75
C LEU F 167 -108.93 53.63 -43.31
N SER F 168 -109.54 54.30 -42.33
CA SER F 168 -109.38 53.93 -40.93
C SER F 168 -110.46 52.95 -40.50
N GLU F 183 -102.78 38.04 -66.23
CA GLU F 183 -102.95 38.63 -64.91
C GLU F 183 -102.38 40.04 -64.85
N LEU F 184 -101.96 40.47 -63.66
CA LEU F 184 -101.46 41.83 -63.49
C LEU F 184 -100.05 41.99 -64.05
N ARG F 185 -99.20 40.96 -63.89
CA ARG F 185 -97.82 41.06 -64.34
C ARG F 185 -97.74 41.23 -65.85
N GLN F 186 -98.49 40.42 -66.59
CA GLN F 186 -98.50 40.54 -68.05
C GLN F 186 -99.04 41.89 -68.48
N LYS F 187 -100.06 42.38 -67.79
CA LYS F 187 -100.64 43.68 -68.13
C LYS F 187 -99.62 44.79 -67.95
N GLU F 188 -98.99 44.85 -66.77
CA GLU F 188 -98.03 45.93 -66.51
C GLU F 188 -96.83 45.82 -67.44
N VAL F 189 -96.39 44.60 -67.75
CA VAL F 189 -95.31 44.42 -68.70
C VAL F 189 -95.71 44.95 -70.08
N GLN F 190 -96.98 44.73 -70.47
CA GLN F 190 -97.41 45.18 -71.79
C GLN F 190 -97.47 46.70 -71.85
N MET F 191 -97.97 47.36 -70.79
CA MET F 191 -97.91 48.83 -70.76
C MET F 191 -96.49 49.34 -70.79
N ASN F 192 -95.57 48.71 -70.04
CA ASN F 192 -94.18 49.16 -70.08
C ASN F 192 -93.58 48.99 -71.48
N PHE F 193 -93.88 47.87 -72.13
CA PHE F 193 -93.40 47.63 -73.49
C PHE F 193 -93.93 48.68 -74.45
N LEU F 194 -95.23 48.98 -74.38
CA LEU F 194 -95.81 49.97 -75.27
C LEU F 194 -95.23 51.36 -75.01
N ASN F 195 -95.01 51.70 -73.74
CA ASN F 195 -94.45 52.99 -73.39
C ASN F 195 -93.05 53.13 -73.96
N GLN F 196 -92.23 52.09 -73.83
CA GLN F 196 -90.89 52.13 -74.40
C GLN F 196 -90.96 52.20 -75.92
N LEU F 197 -91.88 51.45 -76.53
CA LEU F 197 -91.99 51.40 -77.99
C LEU F 197 -92.40 52.75 -78.58
N THR F 198 -93.32 53.46 -77.92
CA THR F 198 -93.85 54.70 -78.49
C THR F 198 -92.79 55.79 -78.56
N SER F 199 -92.05 56.01 -77.47
CA SER F 199 -91.12 57.11 -77.37
C SER F 199 -89.76 56.61 -76.91
N VAL F 200 -88.71 57.31 -77.33
CA VAL F 200 -87.33 56.93 -77.07
C VAL F 200 -86.77 57.82 -75.98
N PHE F 201 -86.28 57.21 -74.91
CA PHE F 201 -85.67 57.95 -73.81
C PHE F 201 -84.21 58.23 -74.14
N ASN F 202 -83.72 59.40 -73.66
CA ASN F 202 -82.66 60.17 -74.31
C ASN F 202 -81.51 59.31 -74.84
N PRO F 203 -80.74 58.55 -74.03
CA PRO F 203 -80.40 58.64 -72.60
C PRO F 203 -79.13 59.47 -72.40
N ARG F 204 -78.20 59.38 -73.34
CA ARG F 204 -76.85 59.90 -73.21
C ARG F 204 -76.72 61.36 -73.65
N THR F 205 -77.78 61.96 -74.17
CA THR F 205 -77.70 63.35 -74.61
C THR F 205 -77.44 64.31 -73.46
N VAL F 206 -78.03 64.06 -72.30
CA VAL F 206 -77.79 64.92 -71.14
C VAL F 206 -76.32 64.88 -70.72
N ALA F 207 -75.76 63.68 -70.65
CA ALA F 207 -74.36 63.52 -70.26
C ALA F 207 -73.41 63.99 -71.35
N ALA F 230 -71.07 56.70 -58.50
CA ALA F 230 -71.00 56.99 -59.93
C ALA F 230 -72.31 56.60 -60.62
N SER F 231 -72.92 55.52 -60.14
CA SER F 231 -74.20 55.10 -60.69
C SER F 231 -75.34 55.98 -60.18
N ALA F 232 -75.40 56.16 -58.86
CA ALA F 232 -76.47 56.97 -58.28
C ALA F 232 -76.46 58.39 -58.84
N ILE F 233 -75.27 58.93 -59.11
CA ILE F 233 -75.20 60.32 -59.55
C ILE F 233 -75.80 60.48 -60.94
N LYS F 234 -75.51 59.59 -61.89
CA LYS F 234 -76.04 59.83 -63.22
C LYS F 234 -77.51 59.43 -63.29
N THR F 235 -77.92 58.42 -62.49
CA THR F 235 -79.35 58.16 -62.36
C THR F 235 -80.08 59.39 -61.82
N LYS F 236 -79.54 60.01 -60.78
CA LYS F 236 -80.15 61.22 -60.24
C LYS F 236 -80.18 62.34 -61.27
N ASN F 237 -79.07 62.52 -62.00
CA ASN F 237 -78.98 63.61 -62.97
C ASN F 237 -80.02 63.43 -64.08
N VAL F 238 -80.16 62.21 -64.60
CA VAL F 238 -81.16 61.99 -65.63
C VAL F 238 -82.56 62.16 -65.05
N PHE F 239 -82.76 61.81 -63.77
CA PHE F 239 -84.05 62.01 -63.14
C PHE F 239 -84.41 63.50 -63.09
N ILE F 240 -83.47 64.34 -62.65
CA ILE F 240 -83.72 65.78 -62.61
C ILE F 240 -83.93 66.33 -64.01
N ALA F 241 -83.17 65.83 -64.98
CA ALA F 241 -83.34 66.30 -66.35
C ALA F 241 -84.76 66.03 -66.84
N GLN F 242 -85.26 64.83 -66.61
CA GLN F 242 -86.62 64.50 -67.02
C GLN F 242 -87.65 65.34 -66.28
N ASN F 243 -87.44 65.54 -64.97
CA ASN F 243 -88.39 66.31 -64.18
C ASN F 243 -88.46 67.77 -64.64
N VAL F 244 -87.31 68.38 -64.94
CA VAL F 244 -87.33 69.76 -65.40
C VAL F 244 -87.88 69.85 -66.83
N ALA F 245 -87.62 68.83 -67.66
CA ALA F 245 -88.28 68.79 -68.95
C ALA F 245 -89.79 68.82 -68.79
N SER F 246 -90.32 68.01 -67.87
CA SER F 246 -91.75 68.03 -67.59
C SER F 246 -92.19 69.40 -67.09
N LEU F 247 -91.43 70.00 -66.17
CA LEU F 247 -91.88 71.23 -65.52
C LEU F 247 -91.94 72.39 -66.51
N GLN F 248 -90.83 72.67 -67.21
CA GLN F 248 -90.89 73.71 -68.24
C GLN F 248 -91.72 73.30 -69.45
N GLU F 249 -92.10 72.03 -69.58
CA GLU F 249 -93.00 71.67 -70.68
C GLU F 249 -94.41 72.18 -70.42
N LEU F 250 -94.84 72.15 -69.16
CA LEU F 250 -96.17 72.65 -68.80
C LEU F 250 -96.24 74.17 -68.74
N GLY F 251 -95.15 74.87 -69.02
CA GLY F 251 -95.14 76.31 -68.86
C GLY F 251 -95.32 76.74 -67.42
N GLY F 252 -94.76 75.99 -66.48
CA GLY F 252 -94.92 76.29 -65.07
C GLY F 252 -94.19 77.53 -64.61
N SER F 253 -93.22 78.00 -65.40
CA SER F 253 -92.49 79.21 -65.03
C SER F 253 -93.43 80.41 -64.93
N GLU F 254 -94.27 80.60 -65.95
CA GLU F 254 -95.18 81.74 -65.95
C GLU F 254 -96.18 81.64 -64.80
N LYS F 255 -96.73 80.44 -64.57
CA LYS F 255 -97.69 80.26 -63.49
C LYS F 255 -97.05 80.52 -62.12
N LEU F 256 -95.84 80.01 -61.91
CA LEU F 256 -95.16 80.24 -60.63
C LEU F 256 -94.84 81.71 -60.42
N LEU F 257 -94.37 82.39 -61.46
CA LEU F 257 -94.09 83.82 -61.34
C LEU F 257 -95.37 84.61 -61.05
N ARG F 258 -96.47 84.25 -61.74
CA ARG F 258 -97.74 84.93 -61.50
C ARG F 258 -98.23 84.67 -60.08
N VAL F 259 -98.02 83.46 -59.56
CA VAL F 259 -98.41 83.15 -58.19
C VAL F 259 -97.60 84.00 -57.21
N CYS F 260 -96.29 84.08 -57.43
CA CYS F 260 -95.44 84.85 -56.52
C CYS F 260 -95.73 86.35 -56.60
N LEU F 261 -96.16 86.84 -57.75
CA LEU F 261 -96.36 88.28 -57.91
C LEU F 261 -97.55 88.77 -57.07
N ASN F 262 -98.68 88.09 -57.16
CA ASN F 262 -99.92 88.57 -56.53
C ASN F 262 -100.11 87.93 -55.16
N LEU F 263 -99.13 88.14 -54.29
CA LEU F 263 -99.27 87.63 -52.93
C LEU F 263 -100.14 88.55 -52.09
N PRO F 264 -100.86 88.00 -51.11
CA PRO F 264 -101.74 88.85 -50.28
C PRO F 264 -100.99 89.71 -49.29
N TYR F 265 -99.69 89.50 -49.10
CA TYR F 265 -98.90 90.23 -48.13
C TYR F 265 -97.80 91.09 -48.75
N PHE F 266 -97.14 90.59 -49.80
CA PHE F 266 -96.19 91.43 -50.52
C PHE F 266 -96.87 92.52 -51.34
N LEU F 267 -98.20 92.47 -51.47
CA LEU F 267 -98.90 93.41 -52.34
C LEU F 267 -98.72 94.85 -51.86
N ARG F 268 -98.78 95.08 -50.54
CA ARG F 268 -98.59 96.42 -50.02
C ARG F 268 -97.18 96.92 -50.32
N TYR F 269 -96.18 96.07 -50.15
CA TYR F 269 -94.81 96.47 -50.45
C TYR F 269 -94.64 96.79 -51.92
N ILE F 270 -95.23 95.98 -52.80
CA ILE F 270 -95.13 96.23 -54.24
C ILE F 270 -95.77 97.58 -54.58
N ASN F 271 -96.97 97.82 -54.04
CA ASN F 271 -97.66 99.08 -54.31
C ASN F 271 -96.84 100.26 -53.81
N ARG F 272 -96.29 100.16 -52.60
CA ARG F 272 -95.50 101.25 -52.05
C ARG F 272 -94.26 101.52 -52.89
N PHE F 273 -93.60 100.46 -53.35
CA PHE F 273 -92.44 100.65 -54.22
C PHE F 273 -92.85 101.34 -55.51
N GLN F 274 -94.00 100.96 -56.05
CA GLN F 274 -94.48 101.60 -57.29
C GLN F 274 -94.74 103.09 -57.07
N ASP F 275 -95.39 103.45 -55.96
CA ASP F 275 -95.61 104.88 -55.71
C ASP F 275 -94.28 105.61 -55.48
N ALA F 276 -93.34 104.97 -54.79
CA ALA F 276 -92.04 105.59 -54.56
C ALA F 276 -91.32 105.87 -55.87
N VAL F 277 -91.32 104.89 -56.78
CA VAL F 277 -90.65 105.08 -58.06
C VAL F 277 -91.39 106.08 -58.93
N LEU F 278 -92.72 106.18 -58.77
CA LEU F 278 -93.48 107.14 -59.57
C LEU F 278 -93.27 108.57 -59.08
N ALA F 279 -93.19 108.76 -57.76
CA ALA F 279 -93.05 110.09 -57.17
C ALA F 279 -91.61 110.50 -56.95
N ASN F 280 -90.65 109.65 -57.29
CA ASN F 280 -89.22 109.95 -57.23
C ASN F 280 -88.74 110.08 -55.78
N SER F 281 -89.67 110.03 -54.83
CA SER F 281 -89.34 110.11 -53.41
C SER F 281 -89.11 108.70 -52.86
N PHE F 282 -89.01 108.61 -51.54
CA PHE F 282 -88.87 107.33 -50.85
C PHE F 282 -89.82 107.28 -49.67
N PHE F 283 -90.61 106.22 -49.59
CA PHE F 283 -91.57 106.04 -48.51
C PHE F 283 -91.19 104.85 -47.65
N ILE F 284 -91.07 105.09 -46.35
CA ILE F 284 -91.02 104.03 -45.35
C ILE F 284 -91.97 104.44 -44.23
N MET F 285 -92.88 103.54 -43.85
CA MET F 285 -93.87 103.83 -42.81
C MET F 285 -93.85 102.77 -41.72
N PRO F 286 -92.82 102.79 -40.86
CA PRO F 286 -93.01 102.27 -39.50
C PRO F 286 -93.66 103.30 -38.60
N ALA F 287 -93.57 104.58 -38.96
CA ALA F 287 -94.26 105.70 -38.31
C ALA F 287 -93.84 105.73 -36.83
N THR F 288 -94.77 105.74 -35.88
CA THR F 288 -94.44 105.86 -34.47
C THR F 288 -94.16 104.47 -33.88
N VAL F 289 -93.89 104.45 -32.56
CA VAL F 289 -93.64 103.18 -31.88
C VAL F 289 -94.88 102.30 -31.92
N ALA F 290 -96.05 102.88 -31.71
CA ALA F 290 -97.29 102.10 -31.79
C ALA F 290 -97.50 101.55 -33.19
N ASP F 291 -97.25 102.38 -34.21
CA ASP F 291 -97.35 101.90 -35.58
C ASP F 291 -96.28 100.86 -35.89
N ALA F 292 -95.09 101.00 -35.28
CA ALA F 292 -94.06 99.98 -35.45
C ALA F 292 -94.52 98.64 -34.87
N THR F 293 -95.16 98.68 -33.70
CA THR F 293 -95.71 97.45 -33.13
C THR F 293 -96.82 96.89 -34.00
N ALA F 294 -97.66 97.76 -34.56
CA ALA F 294 -98.74 97.30 -35.43
C ALA F 294 -98.20 96.62 -36.68
N VAL F 295 -97.15 97.19 -37.28
CA VAL F 295 -96.49 96.55 -38.40
C VAL F 295 -95.85 95.24 -37.96
N ARG F 296 -95.34 95.21 -36.74
CA ARG F 296 -94.84 93.99 -36.14
C ARG F 296 -96.01 93.05 -35.83
N ASN F 297 -95.70 91.90 -35.23
CA ASN F 297 -96.67 90.90 -34.79
C ASN F 297 -97.33 90.20 -35.98
N GLY F 298 -97.01 90.65 -37.19
CA GLY F 298 -97.42 89.94 -38.40
C GLY F 298 -96.20 89.43 -39.11
N PHE F 299 -95.08 89.39 -38.38
CA PHE F 299 -93.79 89.09 -38.98
C PHE F 299 -93.69 87.64 -39.43
N HIS F 300 -94.40 86.73 -38.77
CA HIS F 300 -94.32 85.31 -39.14
C HIS F 300 -94.87 85.07 -40.53
N SER F 301 -95.93 85.77 -40.91
CA SER F 301 -96.44 85.66 -42.27
C SER F 301 -95.40 86.16 -43.28
N LEU F 302 -94.72 87.25 -42.97
CA LEU F 302 -93.68 87.75 -43.85
C LEU F 302 -92.54 86.75 -43.98
N VAL F 303 -92.17 86.10 -42.88
CA VAL F 303 -91.11 85.09 -42.93
C VAL F 303 -91.51 83.92 -43.81
N ILE F 304 -92.73 83.40 -43.62
CA ILE F 304 -93.16 82.26 -44.42
C ILE F 304 -93.24 82.65 -45.89
N ASP F 305 -93.66 83.89 -46.15
CA ASP F 305 -93.77 84.37 -47.52
C ASP F 305 -92.40 84.49 -48.19
N VAL F 306 -91.43 85.08 -47.49
CA VAL F 306 -90.11 85.24 -48.10
C VAL F 306 -89.44 83.88 -48.29
N THR F 307 -89.67 82.95 -47.36
CA THR F 307 -89.12 81.61 -47.55
C THR F 307 -89.70 80.94 -48.78
N MET F 308 -91.02 81.01 -48.95
CA MET F 308 -91.64 80.38 -50.11
C MET F 308 -91.24 81.08 -51.41
N ALA F 309 -91.11 82.40 -51.38
CA ALA F 309 -90.68 83.14 -52.57
C ALA F 309 -89.25 82.78 -52.96
N LEU F 310 -88.35 82.69 -51.97
CA LEU F 310 -86.97 82.30 -52.26
C LEU F 310 -86.92 80.89 -52.83
N ASP F 311 -87.70 79.97 -52.26
CA ASP F 311 -87.74 78.61 -52.80
C ASP F 311 -88.25 78.59 -54.23
N THR F 312 -89.32 79.36 -54.51
CA THR F 312 -89.85 79.42 -55.86
C THR F 312 -88.82 79.99 -56.84
N LEU F 313 -88.12 81.05 -56.44
CA LEU F 313 -87.12 81.65 -57.31
C LEU F 313 -85.87 80.80 -57.45
N SER F 314 -85.67 79.81 -56.58
CA SER F 314 -84.53 78.92 -56.72
C SER F 314 -84.72 77.87 -57.80
N LEU F 315 -85.94 77.71 -58.33
CA LEU F 315 -86.17 76.76 -59.41
C LEU F 315 -85.80 77.39 -60.75
N PRO F 316 -85.44 76.58 -61.75
CA PRO F 316 -85.14 77.12 -63.08
C PRO F 316 -86.39 77.54 -63.82
N VAL F 317 -86.91 78.73 -63.52
CA VAL F 317 -88.13 79.22 -64.12
C VAL F 317 -87.94 80.65 -64.64
N LEU F 318 -86.70 81.01 -64.97
CA LEU F 318 -86.35 82.39 -65.26
C LEU F 318 -85.70 82.62 -66.61
N GLU F 319 -85.42 81.58 -67.39
CA GLU F 319 -84.60 81.74 -68.59
C GLU F 319 -85.20 82.69 -69.62
N PRO F 320 -86.47 82.54 -70.07
CA PRO F 320 -86.92 83.40 -71.18
C PRO F 320 -87.26 84.82 -70.74
N LEU F 321 -86.21 85.64 -70.56
CA LEU F 321 -86.35 86.99 -70.02
C LEU F 321 -86.89 87.92 -71.10
N ASN F 322 -88.17 87.74 -71.41
CA ASN F 322 -88.92 88.70 -72.19
C ASN F 322 -88.97 90.01 -71.41
N PRO F 323 -88.87 91.17 -72.10
CA PRO F 323 -88.97 92.44 -71.38
C PRO F 323 -90.13 92.54 -70.40
N SER F 324 -91.30 91.97 -70.72
CA SER F 324 -92.38 91.90 -69.74
C SER F 324 -91.98 91.04 -68.55
N ARG F 325 -91.39 89.87 -68.82
CA ARG F 325 -90.88 89.02 -67.75
C ARG F 325 -89.77 89.72 -66.97
N LEU F 326 -88.91 90.45 -67.67
CA LEU F 326 -87.89 91.24 -67.01
C LEU F 326 -88.51 92.21 -66.02
N GLN F 327 -89.50 92.98 -66.46
CA GLN F 327 -90.12 93.97 -65.59
C GLN F 327 -90.77 93.30 -64.39
N ASP F 328 -91.45 92.16 -64.61
CA ASP F 328 -92.06 91.46 -63.49
C ASP F 328 -91.01 90.99 -62.48
N VAL F 329 -89.90 90.45 -62.97
CA VAL F 329 -88.86 89.93 -62.09
C VAL F 329 -88.24 91.04 -61.26
N THR F 330 -87.89 92.17 -61.90
CA THR F 330 -87.33 93.27 -61.14
C THR F 330 -88.34 93.84 -60.16
N VAL F 331 -89.60 93.92 -60.54
CA VAL F 331 -90.63 94.40 -59.60
C VAL F 331 -90.64 93.52 -58.35
N LEU F 332 -90.67 92.21 -58.54
CA LEU F 332 -90.72 91.29 -57.39
C LEU F 332 -89.48 91.44 -56.53
N SER F 333 -88.30 91.43 -57.15
CA SER F 333 -87.05 91.46 -56.37
C SER F 333 -86.90 92.77 -55.61
N LEU F 334 -87.20 93.88 -56.27
CA LEU F 334 -87.08 95.19 -55.61
C LEU F 334 -88.13 95.37 -54.52
N SER F 335 -89.33 94.81 -54.71
CA SER F 335 -90.33 94.85 -53.63
C SER F 335 -89.85 94.05 -52.43
N CYS F 336 -89.22 92.90 -52.67
CA CYS F 336 -88.69 92.11 -51.56
C CYS F 336 -87.58 92.87 -50.83
N LEU F 337 -86.72 93.55 -51.59
CA LEU F 337 -85.69 94.39 -50.97
C LEU F 337 -86.32 95.51 -50.15
N TYR F 338 -87.39 96.11 -50.67
CA TYR F 338 -88.11 97.14 -49.93
C TYR F 338 -88.66 96.57 -48.63
N ALA F 339 -89.18 95.35 -48.67
CA ALA F 339 -89.70 94.72 -47.45
C ALA F 339 -88.59 94.53 -46.42
N GLY F 340 -87.41 94.09 -46.86
CA GLY F 340 -86.29 93.98 -45.94
C GLY F 340 -85.89 95.32 -45.35
N VAL F 341 -85.86 96.36 -46.18
CA VAL F 341 -85.56 97.70 -45.70
C VAL F 341 -86.59 98.14 -44.65
N SER F 342 -87.86 97.84 -44.91
CA SER F 342 -88.92 98.29 -44.01
C SER F 342 -88.85 97.58 -42.67
N VAL F 343 -88.57 96.27 -42.67
CA VAL F 343 -88.47 95.57 -41.39
C VAL F 343 -87.24 96.05 -40.62
N ALA F 344 -86.15 96.37 -41.34
CA ALA F 344 -84.99 96.93 -40.66
C ALA F 344 -85.32 98.27 -40.01
N THR F 345 -86.05 99.12 -40.73
CA THR F 345 -86.45 100.41 -40.17
C THR F 345 -87.37 100.23 -38.97
N CYS F 346 -88.30 99.27 -39.05
CA CYS F 346 -89.19 99.01 -37.93
C CYS F 346 -88.42 98.57 -36.70
N MET F 347 -87.45 97.67 -36.86
CA MET F 347 -86.66 97.22 -35.72
C MET F 347 -85.84 98.37 -35.14
N ALA F 348 -85.29 99.22 -36.01
CA ALA F 348 -84.53 100.36 -35.51
C ALA F 348 -85.42 101.32 -34.71
N ILE F 349 -86.63 101.57 -35.21
CA ILE F 349 -87.56 102.44 -34.49
C ILE F 349 -87.93 101.83 -33.14
N LEU F 350 -88.16 100.51 -33.12
CA LEU F 350 -88.46 99.84 -31.86
C LEU F 350 -87.31 99.98 -30.87
N HIS F 351 -86.08 99.80 -31.34
CA HIS F 351 -84.93 99.92 -30.44
C HIS F 351 -84.77 101.35 -29.93
N VAL F 352 -84.99 102.34 -30.79
CA VAL F 352 -84.92 103.73 -30.35
C VAL F 352 -85.98 104.01 -29.29
N GLY F 353 -87.20 103.53 -29.52
CA GLY F 353 -88.25 103.71 -28.53
C GLY F 353 -87.95 103.01 -27.23
N SER F 354 -87.33 101.84 -27.29
CA SER F 354 -86.91 101.15 -26.08
C SER F 354 -85.82 101.93 -25.35
N ALA F 355 -84.95 102.60 -26.10
CA ALA F 355 -83.96 103.47 -25.48
C ALA F 355 -84.59 104.73 -24.89
N GLN F 356 -85.77 105.13 -25.37
CA GLN F 356 -86.44 106.30 -24.82
C GLN F 356 -86.80 106.09 -23.35
N GLN F 357 -87.37 104.93 -23.03
CA GLN F 357 -87.83 104.62 -21.68
C GLN F 357 -86.89 103.59 -21.05
N VAL F 358 -86.39 103.90 -19.85
CA VAL F 358 -85.45 103.03 -19.15
C VAL F 358 -86.27 101.99 -18.40
N ARG F 359 -86.41 100.81 -19.00
CA ARG F 359 -87.08 99.68 -18.36
C ARG F 359 -86.07 98.58 -18.13
N THR F 360 -86.08 98.01 -16.92
CA THR F 360 -85.10 97.02 -16.50
C THR F 360 -85.64 95.60 -16.60
N GLY F 361 -86.77 95.41 -17.27
CA GLY F 361 -87.33 94.07 -17.41
C GLY F 361 -86.39 93.15 -18.15
N SER F 362 -86.39 91.88 -17.74
CA SER F 362 -85.50 90.90 -18.34
C SER F 362 -85.89 90.62 -19.79
N THR F 363 -84.92 90.18 -20.58
CA THR F 363 -85.15 89.88 -21.99
C THR F 363 -86.15 88.75 -22.14
N SER F 364 -87.34 89.05 -22.64
CA SER F 364 -88.38 88.06 -22.82
C SER F 364 -88.12 87.22 -24.08
N SER F 365 -88.88 86.14 -24.20
CA SER F 365 -88.73 85.26 -25.36
C SER F 365 -89.33 85.89 -26.62
N LYS F 366 -90.39 86.67 -26.46
CA LYS F 366 -91.08 87.22 -27.63
C LYS F 366 -90.19 88.22 -28.38
N GLU F 367 -89.50 89.10 -27.65
CA GLU F 367 -88.63 90.07 -28.31
C GLU F 367 -87.45 89.37 -28.98
N ASP F 368 -86.91 88.31 -28.37
CA ASP F 368 -85.86 87.53 -29.00
C ASP F 368 -86.35 86.88 -30.28
N ASP F 369 -87.56 86.32 -30.26
CA ASP F 369 -88.12 85.76 -31.47
C ASP F 369 -88.31 86.85 -32.53
N TYR F 370 -88.72 88.05 -32.12
CA TYR F 370 -88.95 89.13 -33.06
C TYR F 370 -87.64 89.55 -33.74
N GLU F 371 -86.57 89.68 -32.96
CA GLU F 371 -85.29 90.07 -33.56
C GLU F 371 -84.71 88.97 -34.45
N SER F 372 -84.85 87.71 -34.04
CA SER F 372 -84.42 86.61 -34.89
C SER F 372 -85.19 86.61 -36.21
N ASP F 373 -86.50 86.85 -36.12
CA ASP F 373 -87.34 86.90 -37.32
C ASP F 373 -86.92 88.05 -38.23
N ALA F 374 -86.62 89.22 -37.64
CA ALA F 374 -86.18 90.36 -38.45
C ALA F 374 -84.87 90.05 -39.16
N ALA F 375 -83.92 89.43 -38.46
CA ALA F 375 -82.66 89.05 -39.10
C ALA F 375 -82.92 88.06 -40.24
N THR F 376 -83.80 87.09 -40.01
CA THR F 376 -84.09 86.10 -41.04
C THR F 376 -84.69 86.76 -42.28
N ILE F 377 -85.65 87.68 -42.09
CA ILE F 377 -86.30 88.26 -43.26
C ILE F 377 -85.33 89.15 -44.03
N VAL F 378 -84.51 89.94 -43.33
CA VAL F 378 -83.58 90.79 -44.07
C VAL F 378 -82.56 89.94 -44.83
N GLN F 379 -82.06 88.87 -44.20
CA GLN F 379 -81.07 88.03 -44.88
C GLN F 379 -81.68 87.35 -46.10
N LYS F 380 -82.93 86.87 -45.97
CA LYS F 380 -83.59 86.25 -47.11
C LYS F 380 -83.87 87.26 -48.22
N CYS F 381 -84.22 88.50 -47.86
CA CYS F 381 -84.44 89.53 -48.86
C CYS F 381 -83.16 89.83 -49.63
N LEU F 382 -82.03 89.94 -48.93
CA LEU F 382 -80.76 90.15 -49.61
C LEU F 382 -80.43 88.97 -50.51
N GLU F 383 -80.69 87.74 -50.03
CA GLU F 383 -80.44 86.56 -50.86
C GLU F 383 -81.25 86.59 -52.14
N ILE F 384 -82.53 86.95 -52.05
CA ILE F 384 -83.37 87.03 -53.23
C ILE F 384 -82.85 88.09 -54.20
N TYR F 385 -82.46 89.26 -53.66
CA TYR F 385 -81.95 90.32 -54.52
C TYR F 385 -80.69 89.87 -55.27
N ASP F 386 -79.77 89.23 -54.55
CA ASP F 386 -78.53 88.77 -55.18
C ASP F 386 -78.80 87.70 -56.23
N MET F 387 -79.70 86.75 -55.92
CA MET F 387 -80.01 85.70 -56.88
C MET F 387 -80.62 86.28 -58.16
N ILE F 388 -81.53 87.24 -58.01
CA ILE F 388 -82.16 87.85 -59.18
C ILE F 388 -81.13 88.64 -59.98
N GLY F 389 -80.23 89.35 -59.30
CA GLY F 389 -79.18 90.08 -60.00
C GLY F 389 -78.27 89.16 -60.79
N GLN F 390 -77.88 88.03 -60.18
CA GLN F 390 -77.05 87.06 -60.89
C GLN F 390 -77.79 86.47 -62.08
N ALA F 391 -79.07 86.19 -61.93
CA ALA F 391 -79.86 85.68 -63.05
C ALA F 391 -79.92 86.68 -64.18
N ILE F 392 -80.08 87.97 -63.86
CA ILE F 392 -80.15 88.99 -64.90
C ILE F 392 -78.81 89.17 -65.59
N SER F 393 -77.71 89.10 -64.82
CA SER F 393 -76.40 89.36 -65.39
C SER F 393 -75.99 88.29 -66.40
N SER F 394 -76.22 87.03 -66.08
CA SER F 394 -75.74 85.91 -66.89
C SER F 394 -76.74 85.48 -67.96
N SER F 395 -77.86 86.17 -68.12
CA SER F 395 -78.85 85.79 -69.11
C SER F 395 -78.34 86.05 -70.52
N ARG F 396 -78.98 85.38 -71.48
CA ARG F 396 -78.70 85.57 -72.90
C ARG F 396 -79.70 86.48 -73.58
N ARG F 397 -80.58 87.13 -72.81
CA ARG F 397 -81.52 88.10 -73.36
C ARG F 397 -81.47 89.44 -72.64
N ALA F 398 -80.96 89.48 -71.41
CA ALA F 398 -80.75 90.72 -70.67
C ALA F 398 -79.27 90.86 -70.40
N GLY F 399 -78.70 92.00 -70.76
CA GLY F 399 -77.26 92.17 -70.71
C GLY F 399 -76.73 93.11 -69.67
N GLY F 400 -75.64 93.82 -70.01
CA GLY F 400 -74.97 94.66 -69.03
C GLY F 400 -75.79 95.88 -68.63
N GLU F 401 -76.50 96.49 -69.58
CA GLU F 401 -77.26 97.70 -69.29
C GLU F 401 -78.36 97.43 -68.27
N HIS F 402 -79.09 96.32 -68.44
CA HIS F 402 -80.15 95.98 -67.49
C HIS F 402 -79.56 95.67 -66.11
N TYR F 403 -78.42 94.99 -66.06
CA TYR F 403 -77.75 94.73 -64.79
C TYR F 403 -77.34 96.03 -64.11
N GLN F 404 -76.84 96.99 -64.90
CA GLN F 404 -76.47 98.29 -64.34
C GLN F 404 -77.69 99.01 -63.76
N ASN F 405 -78.81 98.98 -64.48
CA ASN F 405 -80.03 99.60 -63.97
C ASN F 405 -80.51 98.90 -62.70
N PHE F 406 -80.41 97.58 -62.66
CA PHE F 406 -80.79 96.82 -61.46
C PHE F 406 -79.94 97.23 -60.27
N GLN F 407 -78.62 97.33 -60.47
CA GLN F 407 -77.73 97.76 -59.41
C GLN F 407 -78.05 99.18 -58.97
N LEU F 408 -78.36 100.07 -59.92
CA LEU F 408 -78.69 101.45 -59.57
C LEU F 408 -79.95 101.52 -58.72
N LEU F 409 -80.99 100.76 -59.08
CA LEU F 409 -82.22 100.75 -58.29
C LEU F 409 -81.95 100.22 -56.88
N GLY F 410 -81.21 99.11 -56.78
CA GLY F 410 -80.90 98.58 -55.47
C GLY F 410 -80.12 99.56 -54.61
N ALA F 411 -79.12 100.21 -55.18
CA ALA F 411 -78.32 101.17 -54.43
C ALA F 411 -79.15 102.38 -54.01
N TRP F 412 -80.04 102.84 -54.90
CA TRP F 412 -80.92 103.94 -54.55
C TRP F 412 -81.78 103.61 -53.33
N CYS F 413 -82.44 102.45 -53.37
CA CYS F 413 -83.27 102.04 -52.24
C CYS F 413 -82.45 101.92 -50.96
N LEU F 414 -81.28 101.27 -51.06
CA LEU F 414 -80.45 101.04 -49.87
C LEU F 414 -79.97 102.35 -49.27
N LEU F 415 -79.52 103.29 -50.11
CA LEU F 415 -79.00 104.55 -49.61
C LEU F 415 -80.11 105.39 -48.98
N ASN F 416 -81.29 105.43 -49.61
CA ASN F 416 -82.40 106.16 -49.00
C ASN F 416 -82.77 105.56 -47.65
N SER F 417 -82.79 104.23 -47.56
CA SER F 417 -83.11 103.58 -46.30
C SER F 417 -82.07 103.92 -45.23
N LEU F 418 -80.78 103.91 -45.61
CA LEU F 418 -79.74 104.22 -44.64
C LEU F 418 -79.85 105.65 -44.17
N PHE F 419 -80.13 106.58 -45.08
CA PHE F 419 -80.29 107.98 -44.68
C PHE F 419 -81.46 108.13 -43.70
N LEU F 420 -82.59 107.49 -43.99
CA LEU F 420 -83.74 107.58 -43.10
C LEU F 420 -83.42 106.98 -41.73
N ILE F 421 -82.79 105.81 -41.70
CA ILE F 421 -82.54 105.14 -40.43
C ILE F 421 -81.49 105.90 -39.62
N LEU F 422 -80.57 106.60 -40.28
CA LEU F 422 -79.58 107.39 -39.57
C LEU F 422 -80.07 108.78 -39.20
N ASN F 423 -81.21 109.22 -39.75
CA ASN F 423 -81.79 110.50 -39.37
C ASN F 423 -82.85 110.36 -38.29
N LEU F 424 -82.99 109.19 -37.68
CA LEU F 424 -83.96 109.00 -36.63
C LEU F 424 -83.61 109.85 -35.41
N SER F 425 -84.59 110.58 -34.89
CA SER F 425 -84.40 111.35 -33.68
C SER F 425 -84.49 110.42 -32.45
N PRO F 426 -83.75 110.72 -31.39
CA PRO F 426 -83.89 109.91 -30.17
C PRO F 426 -85.28 110.01 -29.56
N THR F 427 -85.71 111.20 -29.22
CA THR F 427 -87.05 111.41 -28.67
C THR F 427 -87.84 112.50 -29.39
N ALA F 428 -87.17 113.54 -29.88
CA ALA F 428 -87.86 114.75 -30.32
C ALA F 428 -88.86 114.44 -31.44
N LEU F 429 -88.36 114.03 -32.61
CA LEU F 429 -89.27 113.74 -33.72
C LEU F 429 -90.07 112.48 -33.47
N ALA F 430 -89.53 111.53 -32.71
CA ALA F 430 -90.26 110.31 -32.41
C ALA F 430 -91.48 110.59 -31.54
N ASP F 431 -91.31 111.41 -30.49
CA ASP F 431 -92.44 111.74 -29.63
C ASP F 431 -93.39 112.74 -30.30
N LYS F 432 -92.85 113.74 -31.01
CA LYS F 432 -93.70 114.71 -31.67
C LYS F 432 -94.41 114.14 -32.89
N GLY F 433 -94.00 112.96 -33.37
CA GLY F 433 -94.70 112.29 -34.43
C GLY F 433 -95.94 111.53 -34.00
N LYS F 434 -96.21 111.49 -32.70
CA LYS F 434 -97.40 110.82 -32.19
C LYS F 434 -98.65 111.65 -32.45
N ARG F 443 -91.03 110.29 -44.86
CA ARG F 443 -90.55 110.49 -46.22
C ARG F 443 -89.11 111.01 -46.22
N VAL F 444 -88.63 111.42 -47.38
CA VAL F 444 -87.27 111.96 -47.50
C VAL F 444 -87.32 113.37 -48.07
N ARG F 445 -88.36 113.69 -48.83
CA ARG F 445 -88.49 115.04 -49.38
C ARG F 445 -88.90 116.02 -48.29
N ASP F 446 -89.84 115.62 -47.42
CA ASP F 446 -90.23 116.47 -46.30
C ASP F 446 -89.07 116.69 -45.35
N ILE F 447 -88.29 115.65 -45.08
CA ILE F 447 -87.13 115.77 -44.20
C ILE F 447 -86.12 116.74 -44.79
N LEU F 448 -85.83 116.61 -46.10
CA LEU F 448 -84.90 117.51 -46.75
C LEU F 448 -85.40 118.95 -46.70
N SER F 449 -86.69 119.15 -46.96
CA SER F 449 -87.26 120.48 -46.94
C SER F 449 -87.18 121.10 -45.55
N ARG F 450 -87.50 120.33 -44.51
CA ARG F 450 -87.47 120.88 -43.15
C ARG F 450 -86.04 121.13 -42.68
N THR F 451 -85.08 120.32 -43.13
CA THR F 451 -83.69 120.60 -42.79
C THR F 451 -83.17 121.84 -43.51
N LYS F 452 -83.58 122.02 -44.77
CA LYS F 452 -83.16 123.20 -45.52
C LYS F 452 -83.78 124.48 -44.97
N GLU F 453 -85.06 124.40 -44.55
CA GLU F 453 -85.74 125.59 -44.05
C GLU F 453 -85.08 126.13 -42.79
N GLY F 454 -84.71 125.24 -41.87
CA GLY F 454 -84.02 125.64 -40.65
C GLY F 454 -82.67 126.27 -40.92
N VAL F 455 -82.40 127.40 -40.27
CA VAL F 455 -81.10 128.06 -40.45
C VAL F 455 -79.98 127.17 -39.96
N GLY F 456 -80.17 126.54 -38.80
CA GLY F 456 -79.18 125.63 -38.25
C GLY F 456 -79.52 124.19 -38.61
N SER F 457 -78.51 123.46 -39.08
CA SER F 457 -78.70 122.06 -39.43
C SER F 457 -78.94 121.24 -38.16
N PRO F 458 -79.61 120.09 -38.27
CA PRO F 458 -79.81 119.23 -37.09
C PRO F 458 -78.47 118.82 -36.49
N LYS F 459 -78.29 119.18 -35.22
CA LYS F 459 -77.01 118.99 -34.53
C LYS F 459 -76.87 117.52 -34.13
N LEU F 460 -76.30 116.73 -35.04
CA LEU F 460 -75.96 115.34 -34.74
C LEU F 460 -74.51 115.22 -34.26
N GLY F 461 -74.17 116.00 -33.23
CA GLY F 461 -72.83 116.07 -32.73
C GLY F 461 -72.50 114.95 -31.75
N PRO F 462 -71.81 115.30 -30.66
CA PRO F 462 -71.41 114.28 -29.68
C PRO F 462 -72.52 113.83 -28.74
N GLY F 463 -73.78 114.16 -29.03
CA GLY F 463 -74.89 113.74 -28.20
C GLY F 463 -75.23 112.27 -28.39
N LYS F 464 -76.19 111.81 -27.58
CA LYS F 464 -76.65 110.44 -27.60
C LYS F 464 -77.78 110.21 -28.59
N GLY F 465 -77.88 111.05 -29.63
CA GLY F 465 -78.94 110.89 -30.60
C GLY F 465 -78.80 109.64 -31.44
N HIS F 466 -77.56 109.30 -31.83
CA HIS F 466 -77.31 108.17 -32.72
C HIS F 466 -77.29 106.87 -31.92
N GLN F 467 -78.44 106.56 -31.34
CA GLN F 467 -78.65 105.30 -30.62
C GLN F 467 -79.45 104.29 -31.44
N GLY F 468 -79.51 104.47 -32.75
CA GLY F 468 -80.17 103.52 -33.63
C GLY F 468 -79.19 102.45 -34.08
N PHE F 469 -78.94 102.40 -35.39
CA PHE F 469 -77.91 101.52 -35.95
C PHE F 469 -78.22 100.05 -35.66
N GLY F 470 -77.19 99.22 -35.65
CA GLY F 470 -77.34 97.81 -35.35
C GLY F 470 -76.76 96.94 -36.43
N VAL F 471 -76.93 95.62 -36.25
CA VAL F 471 -76.41 94.64 -37.20
C VAL F 471 -77.09 94.81 -38.56
N LEU F 472 -78.40 95.01 -38.56
CA LEU F 472 -79.14 95.18 -39.81
C LEU F 472 -78.63 96.38 -40.58
N SER F 473 -78.36 97.49 -39.87
CA SER F 473 -77.78 98.66 -40.52
C SER F 473 -76.44 98.33 -41.15
N VAL F 474 -75.61 97.55 -40.46
CA VAL F 474 -74.30 97.19 -40.98
C VAL F 474 -74.43 96.36 -42.25
N ILE F 475 -75.33 95.39 -42.25
CA ILE F 475 -75.51 94.53 -43.42
C ILE F 475 -76.00 95.36 -44.61
N LEU F 476 -77.00 96.22 -44.36
CA LEU F 476 -77.52 97.07 -45.42
C LEU F 476 -76.44 98.00 -45.97
N ALA F 477 -75.62 98.57 -45.09
CA ALA F 477 -74.54 99.45 -45.52
C ALA F 477 -73.50 98.69 -46.32
N ASN F 478 -73.19 97.46 -45.93
CA ASN F 478 -72.24 96.65 -46.69
C ASN F 478 -72.74 96.41 -48.11
N HIS F 479 -74.01 96.03 -48.25
CA HIS F 479 -74.55 95.80 -49.59
C HIS F 479 -74.58 97.10 -50.40
N ALA F 480 -74.95 98.21 -49.75
CA ALA F 480 -74.97 99.49 -50.44
C ALA F 480 -73.57 99.88 -50.92
N ILE F 481 -72.55 99.63 -50.09
CA ILE F 481 -71.19 99.98 -50.47
C ILE F 481 -70.70 99.09 -51.60
N LYS F 482 -71.13 97.82 -51.64
CA LYS F 482 -70.77 96.97 -52.76
C LYS F 482 -71.37 97.49 -54.06
N LEU F 483 -72.65 97.85 -54.02
CA LEU F 483 -73.28 98.43 -55.21
C LEU F 483 -72.59 99.73 -55.62
N LEU F 484 -72.21 100.55 -54.64
CA LEU F 484 -71.58 101.83 -54.93
C LEU F 484 -70.21 101.65 -55.56
N THR F 485 -69.40 100.72 -55.04
CA THR F 485 -68.09 100.51 -55.64
C THR F 485 -68.21 99.93 -57.04
N SER F 486 -69.19 99.05 -57.26
CA SER F 486 -69.43 98.57 -58.62
C SER F 486 -69.76 99.72 -59.57
N LEU F 487 -70.68 100.59 -59.15
CA LEU F 487 -71.09 101.70 -60.00
C LEU F 487 -69.93 102.65 -60.28
N PHE F 488 -69.13 102.95 -59.26
CA PHE F 488 -68.05 103.91 -59.46
C PHE F 488 -66.92 103.33 -60.29
N GLN F 489 -66.62 102.04 -60.10
CA GLN F 489 -65.66 101.37 -60.98
C GLN F 489 -66.14 101.40 -62.43
N ASP F 490 -67.44 101.20 -62.63
CA ASP F 490 -68.00 101.38 -63.97
C ASP F 490 -67.80 102.80 -64.49
N LEU F 491 -68.00 103.79 -63.62
CA LEU F 491 -67.88 105.18 -64.04
C LEU F 491 -66.45 105.54 -64.42
N GLN F 492 -65.46 104.96 -63.73
CA GLN F 492 -64.08 105.39 -63.92
C GLN F 492 -63.62 105.24 -65.37
N VAL F 493 -63.93 104.10 -66.00
CA VAL F 493 -63.52 103.86 -67.37
C VAL F 493 -64.47 104.55 -68.34
N THR F 502 -72.78 116.95 -69.70
CA THR F 502 -73.49 118.12 -70.20
C THR F 502 -74.59 118.54 -69.22
N ASP F 503 -74.50 118.04 -67.98
CA ASP F 503 -75.50 118.30 -66.94
C ASP F 503 -76.89 117.92 -67.42
N GLY F 504 -77.02 116.68 -67.88
CA GLY F 504 -78.27 116.17 -68.35
C GLY F 504 -79.17 115.73 -67.22
N PRO F 505 -80.29 115.11 -67.57
CA PRO F 505 -81.23 114.64 -66.56
C PRO F 505 -80.67 113.46 -65.80
N PRO F 506 -81.09 113.25 -64.56
CA PRO F 506 -80.67 112.05 -63.82
C PRO F 506 -81.21 110.79 -64.49
N ALA F 507 -80.46 109.71 -64.35
CA ALA F 507 -80.82 108.46 -65.02
C ALA F 507 -82.19 107.98 -64.58
N ALA F 508 -82.99 107.54 -65.56
CA ALA F 508 -84.33 107.06 -65.26
C ALA F 508 -84.28 105.78 -64.43
N LEU F 509 -85.24 105.64 -63.52
CA LEU F 509 -85.28 104.51 -62.61
C LEU F 509 -86.11 103.36 -63.17
N SER F 510 -85.76 102.92 -64.38
CA SER F 510 -86.42 101.78 -65.02
C SER F 510 -85.36 100.82 -65.53
N ILE F 511 -85.68 99.52 -65.46
CA ILE F 511 -84.75 98.49 -65.88
C ILE F 511 -84.46 98.58 -67.37
N MET F 512 -85.35 99.19 -68.15
CA MET F 512 -85.16 99.34 -69.58
C MET F 512 -84.54 100.67 -69.97
N ALA F 513 -84.18 101.50 -69.00
CA ALA F 513 -83.65 102.82 -69.30
C ALA F 513 -82.25 102.73 -69.88
N GLN F 514 -81.93 103.69 -70.75
CA GLN F 514 -80.60 103.82 -71.34
C GLN F 514 -79.96 105.07 -70.77
N SER F 515 -78.80 104.91 -70.12
CA SER F 515 -78.13 106.04 -69.50
C SER F 515 -76.66 105.70 -69.31
N THR F 516 -75.86 106.75 -69.12
CA THR F 516 -74.44 106.58 -68.85
C THR F 516 -74.19 106.48 -67.36
N SER F 517 -72.95 106.11 -67.01
CA SER F 517 -72.59 105.95 -65.59
C SER F 517 -72.70 107.27 -64.85
N ILE F 518 -72.29 108.37 -65.48
CA ILE F 518 -72.37 109.68 -64.86
C ILE F 518 -73.82 110.02 -64.53
N GLN F 519 -74.75 109.65 -65.43
CA GLN F 519 -76.16 109.91 -65.17
C GLN F 519 -76.66 109.14 -63.96
N ARG F 520 -76.27 107.87 -63.82
CA ARG F 520 -76.68 107.09 -62.66
C ARG F 520 -76.10 107.67 -61.38
N ILE F 521 -74.82 108.05 -61.41
CA ILE F 521 -74.18 108.59 -60.21
C ILE F 521 -74.81 109.92 -59.82
N GLN F 522 -75.12 110.76 -60.80
CA GLN F 522 -75.74 112.04 -60.48
C GLN F 522 -77.18 111.86 -60.02
N ARG F 523 -77.87 110.83 -60.50
CA ARG F 523 -79.19 110.51 -59.94
C ARG F 523 -79.07 110.12 -58.48
N LEU F 524 -78.08 109.30 -58.15
CA LEU F 524 -77.84 108.93 -56.75
C LEU F 524 -77.54 110.18 -55.91
N ILE F 525 -76.72 111.08 -56.44
CA ILE F 525 -76.38 112.31 -55.73
C ILE F 525 -77.63 113.17 -55.52
N ASP F 526 -78.46 113.29 -56.57
CA ASP F 526 -79.68 114.08 -56.46
C ASP F 526 -80.61 113.50 -55.41
N SER F 527 -80.71 112.17 -55.32
CA SER F 527 -81.58 111.56 -54.33
C SER F 527 -81.14 111.90 -52.91
N VAL F 528 -79.85 111.81 -52.63
CA VAL F 528 -79.31 111.96 -51.27
C VAL F 528 -77.92 112.55 -51.35
N PRO F 529 -77.55 113.49 -50.46
CA PRO F 529 -76.15 113.93 -50.40
C PRO F 529 -75.25 112.83 -49.87
N LEU F 530 -74.44 112.25 -50.75
CA LEU F 530 -73.76 111.00 -50.46
C LEU F 530 -72.65 111.17 -49.43
N MET F 531 -71.80 112.19 -49.60
CA MET F 531 -70.58 112.27 -48.81
C MET F 531 -70.87 112.41 -47.32
N ASN F 532 -71.83 113.27 -46.98
CA ASN F 532 -72.21 113.45 -45.59
C ASN F 532 -72.76 112.16 -45.00
N LEU F 533 -73.59 111.45 -45.77
CA LEU F 533 -74.12 110.17 -45.30
C LEU F 533 -73.01 109.17 -45.04
N LEU F 534 -72.05 109.07 -45.97
CA LEU F 534 -70.96 108.12 -45.83
C LEU F 534 -70.13 108.41 -44.58
N LEU F 535 -69.77 109.69 -44.38
CA LEU F 535 -68.99 110.03 -43.20
C LEU F 535 -69.79 109.83 -41.92
N THR F 536 -71.09 110.06 -41.97
CA THR F 536 -71.93 109.83 -40.79
C THR F 536 -71.94 108.36 -40.41
N LEU F 537 -72.12 107.47 -41.39
CA LEU F 537 -72.07 106.04 -41.08
C LEU F 537 -70.69 105.62 -40.58
N LEU F 538 -69.64 106.16 -41.18
CA LEU F 538 -68.29 105.84 -40.71
C LEU F 538 -68.12 106.22 -39.24
N SER F 539 -68.49 107.46 -38.90
CA SER F 539 -68.34 107.93 -37.53
C SER F 539 -69.18 107.11 -36.57
N THR F 540 -70.45 106.87 -36.93
CA THR F 540 -71.33 106.14 -36.02
C THR F 540 -70.85 104.71 -35.81
N SER F 541 -70.40 104.05 -36.88
CA SER F 541 -69.90 102.69 -36.75
C SER F 541 -68.66 102.65 -35.87
N TYR F 542 -67.73 103.58 -36.06
CA TYR F 542 -66.54 103.58 -35.21
C TYR F 542 -66.90 103.86 -33.75
N ARG F 543 -67.83 104.79 -33.52
CA ARG F 543 -68.24 105.09 -32.15
C ARG F 543 -68.86 103.86 -31.49
N LYS F 544 -69.74 103.15 -32.20
CA LYS F 544 -70.35 101.96 -31.62
C LYS F 544 -69.31 100.89 -31.36
N ALA F 545 -68.36 100.70 -32.29
CA ALA F 545 -67.33 99.69 -32.10
C ALA F 545 -66.46 100.02 -30.88
N CYS F 546 -66.06 101.28 -30.74
CA CYS F 546 -65.21 101.66 -29.61
C CYS F 546 -65.97 101.55 -28.29
N VAL F 547 -67.24 101.93 -28.28
CA VAL F 547 -68.05 101.82 -27.06
C VAL F 547 -68.19 100.36 -26.66
N LEU F 548 -68.47 99.49 -27.63
CA LEU F 548 -68.59 98.06 -27.32
C LEU F 548 -67.26 97.49 -26.84
N GLN F 549 -66.15 97.92 -27.44
CA GLN F 549 -64.85 97.45 -27.00
C GLN F 549 -64.57 97.89 -25.56
N ARG F 550 -64.93 99.14 -25.22
CA ARG F 550 -64.75 99.61 -23.86
C ARG F 550 -65.62 98.81 -22.89
N GLN F 551 -66.87 98.53 -23.27
CA GLN F 551 -67.77 97.77 -22.42
C GLN F 551 -67.29 96.33 -22.22
N ARG F 552 -66.68 95.75 -23.25
CA ARG F 552 -66.26 94.35 -23.17
C ARG F 552 -65.20 94.15 -22.09
N LYS F 553 -64.24 95.05 -21.99
CA LYS F 553 -63.17 94.92 -21.01
C LYS F 553 -63.67 95.22 -19.60
N SER F 640 -73.14 88.36 -32.88
CA SER F 640 -73.10 89.40 -33.90
C SER F 640 -73.05 90.79 -33.27
N ARG F 641 -74.18 91.20 -32.69
CA ARG F 641 -74.27 92.51 -32.05
C ARG F 641 -73.39 92.62 -30.81
N LYS F 642 -72.92 91.51 -30.26
CA LYS F 642 -72.05 91.55 -29.08
C LYS F 642 -70.58 91.65 -29.44
N ASP F 643 -70.25 91.57 -30.72
CA ASP F 643 -68.85 91.69 -31.14
C ASP F 643 -68.63 93.02 -31.85
N PRO F 644 -67.47 93.66 -31.64
CA PRO F 644 -67.21 94.95 -32.28
C PRO F 644 -66.56 94.89 -33.65
N GLU F 645 -65.99 93.74 -34.03
CA GLU F 645 -65.22 93.68 -35.27
C GLU F 645 -66.08 93.95 -36.50
N LEU F 646 -67.39 93.67 -36.42
CA LEU F 646 -68.26 93.90 -37.57
C LEU F 646 -68.38 95.38 -37.90
N PHE F 647 -68.64 96.21 -36.89
CA PHE F 647 -68.76 97.64 -37.10
C PHE F 647 -67.42 98.25 -37.54
N LEU F 648 -66.32 97.78 -36.94
CA LEU F 648 -65.00 98.26 -37.33
C LEU F 648 -64.72 97.91 -38.79
N GLY F 649 -65.08 96.69 -39.20
CA GLY F 649 -64.91 96.30 -40.59
C GLY F 649 -65.74 97.16 -41.52
N LEU F 650 -66.98 97.47 -41.12
CA LEU F 650 -67.81 98.35 -41.94
C LEU F 650 -67.18 99.73 -42.09
N ALA F 651 -66.64 100.27 -40.99
CA ALA F 651 -65.99 101.57 -41.04
C ALA F 651 -64.77 101.54 -41.95
N SER F 652 -63.95 100.49 -41.83
CA SER F 652 -62.78 100.37 -42.69
C SER F 652 -63.18 100.25 -44.15
N ASN F 653 -64.24 99.49 -44.44
CA ASN F 653 -64.67 99.30 -45.82
C ASN F 653 -65.19 100.61 -46.41
N ILE F 654 -65.99 101.37 -45.66
CA ILE F 654 -66.51 102.62 -46.20
C ILE F 654 -65.38 103.62 -46.42
N LEU F 655 -64.41 103.66 -45.49
CA LEU F 655 -63.26 104.54 -45.68
C LEU F 655 -62.46 104.14 -46.92
N ASN F 656 -62.24 102.83 -47.11
CA ASN F 656 -61.50 102.37 -48.27
C ASN F 656 -62.25 102.68 -49.56
N PHE F 657 -63.58 102.60 -49.54
CA PHE F 657 -64.36 103.00 -50.70
C PHE F 657 -64.16 104.48 -51.01
N ILE F 658 -64.21 105.33 -49.98
CA ILE F 658 -64.01 106.75 -50.19
C ILE F 658 -62.63 107.02 -50.78
N THR F 659 -61.61 106.31 -50.29
CA THR F 659 -60.26 106.48 -50.84
C THR F 659 -60.20 106.05 -52.30
N SER F 660 -60.45 104.77 -52.56
CA SER F 660 -60.18 104.21 -53.88
C SER F 660 -61.11 104.79 -54.95
N SER F 661 -62.41 104.90 -54.63
CA SER F 661 -63.37 105.27 -55.67
C SER F 661 -63.39 106.77 -55.93
N MET F 662 -63.31 107.59 -54.89
CA MET F 662 -63.49 109.03 -55.02
C MET F 662 -62.17 109.79 -55.09
N LEU F 663 -61.30 109.59 -54.09
CA LEU F 663 -60.08 110.40 -53.99
C LEU F 663 -59.15 110.17 -55.18
N ASN F 664 -59.02 108.91 -55.61
CA ASN F 664 -58.11 108.58 -56.70
C ASN F 664 -58.77 108.60 -58.07
N SER F 665 -60.02 109.02 -58.16
CA SER F 665 -60.73 109.03 -59.43
C SER F 665 -60.13 110.05 -60.39
N ARG F 666 -60.06 109.67 -61.68
CA ARG F 666 -59.55 110.55 -62.71
C ARG F 666 -60.63 111.45 -63.32
N ASN F 667 -61.90 111.16 -63.08
CA ASN F 667 -62.98 111.93 -63.68
C ASN F 667 -63.04 113.33 -63.07
N ASN F 668 -63.30 114.32 -63.93
CA ASN F 668 -63.30 115.71 -63.47
C ASN F 668 -64.55 116.04 -62.68
N PHE F 669 -65.71 115.51 -63.09
CA PHE F 669 -66.97 115.87 -62.45
C PHE F 669 -67.03 115.37 -61.01
N ILE F 670 -66.59 114.13 -60.77
CA ILE F 670 -66.62 113.60 -59.41
C ILE F 670 -65.65 114.36 -58.52
N ARG F 671 -64.51 114.79 -59.07
CA ARG F 671 -63.58 115.60 -58.29
C ARG F 671 -64.18 116.96 -57.96
N ASN F 672 -64.90 117.56 -58.92
CA ASN F 672 -65.59 118.81 -58.63
C ASN F 672 -66.62 118.64 -57.53
N TYR F 673 -67.39 117.55 -57.59
CA TYR F 673 -68.36 117.27 -56.53
C TYR F 673 -67.68 117.08 -55.19
N LEU F 674 -66.57 116.36 -55.16
CA LEU F 674 -65.86 116.14 -53.91
C LEU F 674 -65.31 117.44 -53.34
N SER F 675 -64.80 118.31 -54.21
CA SER F 675 -64.32 119.61 -53.75
C SER F 675 -65.45 120.45 -53.19
N VAL F 676 -66.62 120.41 -53.83
CA VAL F 676 -67.74 121.21 -53.38
C VAL F 676 -68.31 120.68 -52.07
N SER F 677 -68.38 119.35 -51.92
CA SER F 677 -69.17 118.72 -50.86
C SER F 677 -68.39 118.44 -49.59
N LEU F 678 -67.12 118.85 -49.50
CA LEU F 678 -66.36 118.66 -48.28
C LEU F 678 -66.65 119.81 -47.31
N SER F 679 -66.86 119.48 -46.04
CA SER F 679 -67.29 120.46 -45.05
C SER F 679 -66.36 120.43 -43.84
N GLU F 680 -66.37 121.55 -43.10
CA GLU F 680 -65.53 121.67 -41.91
C GLU F 680 -65.94 120.68 -40.84
N HIS F 681 -67.25 120.46 -40.66
CA HIS F 681 -67.72 119.48 -39.68
C HIS F 681 -67.15 118.09 -39.97
N HIS F 682 -66.95 117.77 -41.25
CA HIS F 682 -66.29 116.51 -41.60
C HIS F 682 -64.86 116.48 -41.07
N MET F 683 -64.14 117.59 -41.17
CA MET F 683 -62.79 117.64 -40.61
C MET F 683 -62.80 117.51 -39.10
N ALA F 684 -63.81 118.10 -38.45
CA ALA F 684 -63.93 117.94 -36.99
C ALA F 684 -64.14 116.46 -36.64
N THR F 685 -65.03 115.79 -37.37
CA THR F 685 -65.25 114.37 -37.14
C THR F 685 -63.97 113.56 -37.37
N LEU F 686 -63.25 113.88 -38.44
CA LEU F 686 -62.01 113.16 -38.73
C LEU F 686 -60.98 113.38 -37.63
N ALA F 687 -60.87 114.61 -37.12
CA ALA F 687 -59.96 114.88 -36.02
C ALA F 687 -60.35 114.10 -34.78
N SER F 688 -61.65 114.00 -34.50
CA SER F 688 -62.10 113.20 -33.37
C SER F 688 -61.71 111.74 -33.55
N ILE F 689 -61.89 111.20 -34.75
CA ILE F 689 -61.51 109.81 -35.01
C ILE F 689 -60.01 109.62 -34.83
N ILE F 690 -59.20 110.55 -35.33
CA ILE F 690 -57.76 110.46 -35.20
C ILE F 690 -57.35 110.49 -33.73
N LYS F 691 -57.94 111.40 -32.95
CA LYS F 691 -57.62 111.47 -31.53
C LYS F 691 -58.00 110.18 -30.83
N GLU F 692 -59.17 109.63 -31.14
CA GLU F 692 -59.60 108.39 -30.51
C GLU F 692 -58.62 107.26 -30.82
N VAL F 693 -58.25 107.12 -32.10
CA VAL F 693 -57.40 106.01 -32.49
C VAL F 693 -55.99 106.15 -31.92
N ASP F 694 -55.48 107.39 -31.81
CA ASP F 694 -54.13 107.52 -31.29
C ASP F 694 -54.10 107.37 -29.77
N LYS F 695 -55.12 107.88 -29.07
CA LYS F 695 -55.19 107.67 -27.63
C LYS F 695 -55.36 106.19 -27.29
N ASP F 696 -56.21 105.49 -28.05
CA ASP F 696 -56.44 104.07 -27.78
C ASP F 696 -55.18 103.24 -28.02
N GLY F 697 -54.47 103.52 -29.11
CA GLY F 697 -53.29 102.73 -29.46
C GLY F 697 -53.67 101.42 -30.13
N LEU F 698 -52.66 100.57 -30.29
CA LEU F 698 -52.83 99.29 -30.94
C LEU F 698 -53.59 98.34 -30.01
N LYS F 699 -54.67 97.75 -30.52
CA LYS F 699 -55.47 96.79 -29.77
C LYS F 699 -55.58 95.42 -30.42
N GLY F 700 -55.90 95.37 -31.72
CA GLY F 700 -56.13 94.09 -32.36
C GLY F 700 -55.92 94.17 -33.86
N SER F 701 -56.08 93.02 -34.52
CA SER F 701 -55.87 92.95 -35.97
C SER F 701 -56.86 93.82 -36.73
N SER F 702 -58.13 93.78 -36.34
CA SER F 702 -59.12 94.67 -36.94
C SER F 702 -58.74 96.12 -36.70
N ASP F 703 -58.20 96.42 -35.52
CA ASP F 703 -57.70 97.76 -35.24
C ASP F 703 -56.54 98.11 -36.18
N GLU F 704 -55.66 97.13 -36.47
CA GLU F 704 -54.57 97.39 -37.41
C GLU F 704 -55.11 97.72 -38.80
N GLU F 705 -56.10 96.96 -39.27
CA GLU F 705 -56.68 97.23 -40.58
C GLU F 705 -57.35 98.59 -40.62
N PHE F 706 -58.09 98.94 -39.56
CA PHE F 706 -58.73 100.25 -39.51
C PHE F 706 -57.69 101.36 -39.49
N ALA F 707 -56.59 101.18 -38.75
CA ALA F 707 -55.54 102.17 -38.72
C ALA F 707 -54.92 102.36 -40.09
N ALA F 708 -54.66 101.26 -40.81
CA ALA F 708 -54.12 101.37 -42.16
C ALA F 708 -55.08 102.13 -43.07
N ALA F 709 -56.37 101.81 -42.99
CA ALA F 709 -57.36 102.50 -43.82
C ALA F 709 -57.40 103.98 -43.50
N LEU F 710 -57.40 104.34 -42.22
CA LEU F 710 -57.45 105.74 -41.82
C LEU F 710 -56.20 106.49 -42.26
N TYR F 711 -55.03 105.87 -42.12
CA TYR F 711 -53.79 106.48 -42.60
C TYR F 711 -53.87 106.76 -44.10
N HIS F 712 -54.33 105.77 -44.87
CA HIS F 712 -54.36 105.93 -46.32
C HIS F 712 -55.35 107.01 -46.75
N PHE F 713 -56.54 107.00 -46.15
CA PHE F 713 -57.53 108.05 -46.42
C PHE F 713 -56.98 109.43 -46.06
N ASN F 714 -56.36 109.55 -44.89
CA ASN F 714 -55.80 110.81 -44.47
C ASN F 714 -54.75 111.32 -45.45
N HIS F 715 -53.81 110.47 -45.83
CA HIS F 715 -52.78 110.97 -46.74
C HIS F 715 -53.32 111.19 -48.16
N SER F 716 -54.25 110.36 -48.64
CA SER F 716 -54.82 110.59 -49.96
C SER F 716 -55.59 111.90 -50.01
N LEU F 717 -56.36 112.20 -48.95
CA LEU F 717 -57.02 113.49 -48.87
C LEU F 717 -56.02 114.63 -48.84
N VAL F 718 -54.94 114.49 -48.07
CA VAL F 718 -53.95 115.56 -48.00
C VAL F 718 -53.32 115.80 -49.37
N THR F 719 -52.85 114.74 -50.04
CA THR F 719 -51.99 114.93 -51.21
C THR F 719 -52.78 115.42 -52.42
N SER F 720 -53.95 114.85 -52.67
CA SER F 720 -54.60 115.06 -53.98
C SER F 720 -55.46 116.32 -54.01
N ASP F 721 -54.91 117.45 -53.53
CA ASP F 721 -55.31 118.82 -53.81
C ASP F 721 -56.81 119.04 -54.09
N LEU F 722 -57.70 118.56 -53.24
CA LEU F 722 -59.10 119.01 -53.28
C LEU F 722 -59.46 119.94 -52.14
N GLN F 723 -58.99 119.66 -50.92
CA GLN F 723 -59.37 120.44 -49.76
C GLN F 723 -58.77 121.84 -49.84
N SER F 724 -59.59 122.85 -49.59
CA SER F 724 -59.12 124.22 -49.60
C SER F 724 -58.20 124.46 -48.40
N PRO F 725 -57.30 125.45 -48.49
CA PRO F 725 -56.36 125.69 -47.38
C PRO F 725 -57.05 125.97 -46.06
N ASN F 726 -58.19 126.67 -46.06
CA ASN F 726 -58.90 126.92 -44.82
C ASN F 726 -59.38 125.62 -44.18
N LEU F 727 -59.79 124.66 -45.01
CA LEU F 727 -60.18 123.35 -44.48
C LEU F 727 -59.00 122.65 -43.82
N GLN F 728 -57.81 122.75 -44.43
CA GLN F 728 -56.61 122.18 -43.83
C GLN F 728 -56.29 122.86 -42.50
N ASN F 729 -56.43 124.18 -42.44
CA ASN F 729 -56.21 124.91 -41.19
C ASN F 729 -57.22 124.48 -40.13
N THR F 730 -58.46 124.25 -40.54
CA THR F 730 -59.47 123.75 -39.59
C THR F 730 -59.08 122.38 -39.06
N LEU F 731 -58.59 121.49 -39.93
CA LEU F 731 -58.12 120.19 -39.48
C LEU F 731 -56.97 120.33 -38.49
N LEU F 732 -56.01 121.21 -38.80
CA LEU F 732 -54.89 121.44 -37.89
C LEU F 732 -55.38 121.93 -36.54
N GLN F 733 -56.26 122.93 -36.53
CA GLN F 733 -56.72 123.52 -35.28
C GLN F 733 -57.50 122.50 -34.45
N GLN F 734 -58.38 121.73 -35.10
CA GLN F 734 -59.11 120.68 -34.39
C GLN F 734 -58.16 119.61 -33.87
N LEU F 735 -57.04 119.40 -34.55
CA LEU F 735 -56.00 118.52 -34.03
C LEU F 735 -55.21 119.15 -32.89
N GLY F 736 -55.32 120.46 -32.70
CA GLY F 736 -54.61 121.14 -31.64
C GLY F 736 -53.16 121.45 -31.94
N VAL F 737 -52.73 121.30 -33.19
CA VAL F 737 -51.33 121.52 -33.55
C VAL F 737 -51.26 122.58 -34.64
N ALA F 738 -52.19 123.53 -34.62
CA ALA F 738 -52.23 124.58 -35.62
C ALA F 738 -50.95 125.40 -35.57
N PRO F 739 -50.32 125.69 -36.71
CA PRO F 739 -49.06 126.46 -36.69
C PRO F 739 -49.23 127.88 -36.21
N PHE F 740 -50.43 128.44 -36.23
CA PHE F 740 -50.67 129.82 -35.81
C PHE F 740 -51.36 129.91 -34.45
N SER F 741 -51.38 128.81 -33.70
CA SER F 741 -51.96 128.85 -32.36
C SER F 741 -51.10 129.71 -31.44
N GLU F 742 -51.74 130.26 -30.41
CA GLU F 742 -51.06 131.15 -29.48
C GLU F 742 -50.54 130.44 -28.24
N GLY F 743 -51.07 129.27 -27.90
CA GLY F 743 -50.65 128.56 -26.72
C GLY F 743 -49.29 127.90 -26.91
N PRO F 744 -48.78 127.27 -25.85
CA PRO F 744 -47.49 126.57 -25.97
C PRO F 744 -47.58 125.43 -26.96
N TRP F 745 -46.49 125.21 -27.68
CA TRP F 745 -46.45 124.12 -28.65
C TRP F 745 -46.45 122.78 -27.93
N PRO F 746 -47.31 121.84 -28.31
CA PRO F 746 -47.29 120.53 -27.67
C PRO F 746 -46.07 119.73 -28.11
N LEU F 747 -45.17 119.43 -27.16
CA LEU F 747 -43.90 118.83 -27.54
C LEU F 747 -44.02 117.35 -27.87
N TYR F 748 -45.15 116.72 -27.53
CA TYR F 748 -45.41 115.34 -27.90
C TYR F 748 -46.58 115.29 -28.86
N ILE F 749 -46.36 114.69 -30.03
CA ILE F 749 -47.37 114.55 -31.06
C ILE F 749 -47.54 113.07 -31.36
N HIS F 750 -48.79 112.60 -31.33
CA HIS F 750 -49.06 111.20 -31.57
C HIS F 750 -48.80 110.85 -33.04
N PRO F 751 -48.47 109.58 -33.32
CA PRO F 751 -47.95 109.25 -34.66
C PRO F 751 -48.85 109.66 -35.82
N GLN F 752 -50.16 109.50 -35.70
CA GLN F 752 -51.05 109.86 -36.81
C GLN F 752 -51.09 111.36 -37.03
N SER F 753 -51.26 112.12 -35.93
CA SER F 753 -51.26 113.57 -36.01
C SER F 753 -49.92 114.08 -36.52
N LEU F 754 -48.82 113.50 -36.03
CA LEU F 754 -47.50 113.90 -36.50
C LEU F 754 -47.36 113.62 -38.00
N SER F 755 -47.85 112.47 -38.45
CA SER F 755 -47.76 112.13 -39.87
C SER F 755 -48.49 113.15 -40.73
N VAL F 756 -49.75 113.43 -40.39
CA VAL F 756 -50.52 114.35 -41.22
C VAL F 756 -49.92 115.76 -41.17
N LEU F 757 -49.51 116.20 -39.98
CA LEU F 757 -48.93 117.54 -39.83
C LEU F 757 -47.67 117.67 -40.65
N SER F 758 -46.77 116.69 -40.56
CA SER F 758 -45.52 116.74 -41.31
C SER F 758 -45.79 116.69 -42.81
N ARG F 759 -46.75 115.86 -43.23
CA ARG F 759 -47.09 115.77 -44.65
C ARG F 759 -47.53 117.15 -45.17
N LEU F 760 -48.45 117.80 -44.46
CA LEU F 760 -48.93 119.11 -44.89
C LEU F 760 -47.80 120.14 -44.91
N LEU F 761 -47.00 120.20 -43.85
CA LEU F 761 -45.94 121.20 -43.80
C LEU F 761 -44.92 120.99 -44.91
N LEU F 762 -44.53 119.73 -45.14
CA LEU F 762 -43.55 119.44 -46.18
C LEU F 762 -44.11 119.72 -47.57
N ILE F 763 -45.40 119.45 -47.79
CA ILE F 763 -46.01 119.80 -49.07
C ILE F 763 -45.98 121.30 -49.29
N TRP F 764 -46.32 122.08 -48.25
CA TRP F 764 -46.27 123.53 -48.36
C TRP F 764 -44.86 124.00 -48.69
N GLN F 765 -43.87 123.46 -47.97
CA GLN F 765 -42.49 123.87 -48.20
C GLN F 765 -42.02 123.52 -49.61
N HIS F 766 -42.36 122.32 -50.09
CA HIS F 766 -41.97 121.91 -51.42
C HIS F 766 -42.60 122.81 -52.48
N LYS F 767 -43.90 123.11 -52.33
CA LYS F 767 -44.55 123.98 -53.29
C LYS F 767 -43.93 125.38 -53.30
N ALA F 768 -43.68 125.94 -52.11
CA ALA F 768 -43.09 127.27 -52.04
C ALA F 768 -41.69 127.30 -52.63
N SER F 769 -40.87 126.28 -52.35
CA SER F 769 -39.52 126.24 -52.88
C SER F 769 -39.52 126.07 -54.40
N ALA F 770 -40.39 125.19 -54.91
CA ALA F 770 -40.44 124.99 -56.35
C ALA F 770 -40.92 126.25 -57.07
N GLN F 771 -41.94 126.92 -56.53
CA GLN F 771 -42.45 128.13 -57.18
C GLN F 771 -41.47 129.29 -57.02
N GLY F 772 -40.84 129.41 -55.86
CA GLY F 772 -39.98 130.53 -55.56
C GLY F 772 -40.50 131.44 -54.47
N ASP F 773 -41.62 131.11 -53.84
CA ASP F 773 -42.14 131.88 -52.73
C ASP F 773 -41.11 131.87 -51.60
N PRO F 774 -40.83 133.02 -50.98
CA PRO F 774 -39.96 133.02 -49.79
C PRO F 774 -40.53 132.15 -48.68
N ASP F 775 -39.74 132.00 -47.62
CA ASP F 775 -39.99 130.98 -46.60
C ASP F 775 -41.40 131.09 -46.05
N VAL F 776 -42.05 129.94 -45.93
CA VAL F 776 -43.45 129.88 -45.49
C VAL F 776 -43.55 130.39 -44.06
N PRO F 777 -44.45 131.34 -43.76
CA PRO F 777 -44.55 131.83 -42.38
C PRO F 777 -44.95 130.77 -41.38
N GLU F 778 -45.64 129.71 -41.83
CA GLU F 778 -46.07 128.67 -40.90
C GLU F 778 -44.89 127.97 -40.25
N CYS F 779 -43.86 127.64 -41.03
CA CYS F 779 -42.69 126.97 -40.48
C CYS F 779 -41.90 127.89 -39.56
N LEU F 780 -41.76 129.16 -39.92
CA LEU F 780 -41.11 130.12 -39.03
C LEU F 780 -41.85 130.21 -37.71
N LYS F 781 -43.19 130.29 -37.76
CA LYS F 781 -43.97 130.39 -36.53
C LYS F 781 -43.85 129.13 -35.69
N VAL F 782 -43.85 127.96 -36.33
CA VAL F 782 -43.78 126.71 -35.57
C VAL F 782 -42.41 126.59 -34.90
N TRP F 783 -41.34 126.99 -35.60
CA TRP F 783 -40.01 126.97 -34.98
C TRP F 783 -39.93 127.96 -33.82
N ASP F 784 -40.48 129.16 -34.00
CA ASP F 784 -40.45 130.15 -32.92
C ASP F 784 -41.23 129.66 -31.71
N ARG F 785 -42.40 129.06 -31.92
CA ARG F 785 -43.21 128.57 -30.81
C ARG F 785 -42.51 127.41 -30.11
N PHE F 786 -41.91 126.51 -30.86
CA PHE F 786 -41.19 125.39 -30.25
C PHE F 786 -40.04 125.90 -29.40
N LEU F 787 -39.28 126.87 -29.92
CA LEU F 787 -38.16 127.42 -29.16
C LEU F 787 -38.65 128.15 -27.91
N SER F 788 -39.75 128.89 -28.02
CA SER F 788 -40.28 129.60 -26.86
C SER F 788 -40.74 128.63 -25.77
N THR F 789 -41.43 127.56 -26.16
CA THR F 789 -41.86 126.56 -25.19
C THR F 789 -40.65 125.88 -24.55
N MET F 790 -39.63 125.58 -25.35
CA MET F 790 -38.40 124.99 -24.81
C MET F 790 -37.76 125.93 -23.80
N LYS F 791 -37.70 127.22 -24.12
CA LYS F 791 -37.08 128.17 -23.20
C LYS F 791 -37.86 128.28 -21.90
N GLN F 792 -39.20 128.32 -21.99
CA GLN F 792 -40.00 128.41 -20.78
C GLN F 792 -39.84 127.16 -19.91
N ASN F 793 -39.84 125.98 -20.53
CA ASN F 793 -39.66 124.75 -19.75
C ASN F 793 -38.27 124.69 -19.12
N ALA F 794 -37.25 125.14 -19.85
CA ALA F 794 -35.90 125.17 -19.30
C ALA F 794 -35.81 126.12 -18.12
N LEU F 795 -36.43 127.30 -18.24
CA LEU F 795 -36.42 128.26 -17.14
C LEU F 795 -37.12 127.69 -15.90
N GLN F 796 -38.27 127.06 -16.10
CA GLN F 796 -39.00 126.50 -14.96
C GLN F 796 -38.32 125.28 -14.35
N GLY F 797 -37.35 124.67 -15.05
CA GLY F 797 -36.67 123.50 -14.53
C GLY F 797 -37.61 122.33 -14.33
N VAL F 798 -38.45 122.06 -15.31
CA VAL F 798 -39.50 121.05 -15.20
C VAL F 798 -39.06 119.80 -15.94
N VAL F 799 -39.24 118.64 -15.30
CA VAL F 799 -38.94 117.35 -15.91
C VAL F 799 -40.28 116.77 -16.39
N PRO F 800 -40.50 116.66 -17.70
CA PRO F 800 -41.78 116.17 -18.20
C PRO F 800 -41.91 114.66 -18.04
N SER F 801 -43.11 114.17 -18.30
CA SER F 801 -43.38 112.74 -18.25
C SER F 801 -42.94 112.07 -19.54
N GLU F 802 -43.00 110.74 -19.56
CA GLU F 802 -42.55 110.00 -20.73
C GLU F 802 -43.40 110.31 -21.95
N THR F 803 -44.72 110.45 -21.77
CA THR F 803 -45.63 110.75 -22.86
C THR F 803 -46.00 112.24 -22.91
N GLU F 804 -45.06 113.12 -22.57
CA GLU F 804 -45.36 114.55 -22.46
C GLU F 804 -44.60 115.41 -23.46
N ASP F 805 -43.28 115.24 -23.58
CA ASP F 805 -42.48 116.18 -24.36
C ASP F 805 -41.47 115.50 -25.25
N LEU F 806 -41.43 115.91 -26.52
CA LEU F 806 -40.32 115.71 -27.45
C LEU F 806 -39.99 114.23 -27.65
N ASN F 807 -40.91 113.54 -28.32
CA ASN F 807 -40.55 112.27 -28.93
C ASN F 807 -39.64 112.51 -30.13
N VAL F 808 -38.93 111.45 -30.54
CA VAL F 808 -37.82 111.60 -31.47
C VAL F 808 -38.29 112.01 -32.86
N GLU F 809 -39.38 111.41 -33.34
CA GLU F 809 -39.84 111.69 -34.71
C GLU F 809 -40.26 113.16 -34.85
N HIS F 810 -40.84 113.73 -33.80
CA HIS F 810 -41.14 115.16 -33.78
C HIS F 810 -39.88 115.98 -34.07
N LEU F 811 -38.79 115.66 -33.37
CA LEU F 811 -37.54 116.36 -33.56
C LEU F 811 -36.98 116.15 -34.96
N GLN F 812 -37.09 114.93 -35.49
CA GLN F 812 -36.58 114.67 -36.83
C GLN F 812 -37.33 115.48 -37.87
N MET F 813 -38.66 115.54 -37.78
CA MET F 813 -39.39 116.31 -38.76
C MET F 813 -39.09 117.80 -38.61
N LEU F 814 -38.91 118.27 -37.36
CA LEU F 814 -38.53 119.67 -37.16
C LEU F 814 -37.18 119.97 -37.81
N LEU F 815 -36.20 119.07 -37.65
CA LEU F 815 -34.90 119.27 -38.27
C LEU F 815 -34.99 119.31 -39.78
N LEU F 816 -35.73 118.37 -40.37
CA LEU F 816 -35.89 118.37 -41.82
C LEU F 816 -36.59 119.64 -42.30
N ILE F 817 -37.56 120.12 -41.53
CA ILE F 817 -38.23 121.38 -41.85
C ILE F 817 -37.22 122.53 -41.82
N PHE F 818 -36.32 122.51 -40.84
CA PHE F 818 -35.30 123.54 -40.74
C PHE F 818 -34.37 123.51 -41.96
N HIS F 819 -34.01 122.31 -42.43
CA HIS F 819 -33.06 122.20 -43.53
C HIS F 819 -33.59 122.87 -44.81
N ASN F 820 -34.90 122.79 -45.04
CA ASN F 820 -35.48 123.35 -46.27
C ASN F 820 -35.48 124.87 -46.28
N PHE F 821 -35.13 125.52 -45.18
CA PHE F 821 -35.19 126.98 -45.09
C PHE F 821 -34.13 127.61 -45.98
N THR F 822 -34.27 128.92 -46.18
CA THR F 822 -33.24 129.71 -46.83
C THR F 822 -32.12 130.01 -45.84
N GLU F 823 -31.06 130.64 -46.33
CA GLU F 823 -29.95 131.01 -45.44
C GLU F 823 -30.40 132.02 -44.39
N THR F 824 -31.25 132.98 -44.79
CA THR F 824 -31.69 134.01 -43.85
C THR F 824 -32.46 133.41 -42.68
N GLY F 825 -33.39 132.50 -42.97
CA GLY F 825 -34.13 131.87 -41.89
C GLY F 825 -33.23 131.06 -40.96
N ARG F 826 -32.27 130.34 -41.54
CA ARG F 826 -31.38 129.52 -40.73
C ARG F 826 -30.48 130.37 -39.83
N ARG F 827 -29.95 131.47 -40.36
CA ARG F 827 -29.12 132.33 -39.52
C ARG F 827 -29.96 133.03 -38.46
N ALA F 828 -31.19 133.40 -38.79
CA ALA F 828 -32.08 133.97 -37.78
C ALA F 828 -32.35 132.97 -36.66
N ILE F 829 -32.58 131.70 -37.02
CA ILE F 829 -32.87 130.69 -36.00
C ILE F 829 -31.63 130.43 -35.16
N LEU F 830 -30.44 130.44 -35.77
CA LEU F 830 -29.22 130.26 -35.02
C LEU F 830 -28.98 131.42 -34.05
N SER F 831 -29.25 132.65 -34.51
CA SER F 831 -29.12 133.81 -33.63
C SER F 831 -30.10 133.74 -32.48
N LEU F 832 -31.34 133.33 -32.75
CA LEU F 832 -32.33 133.18 -31.68
C LEU F 832 -31.89 132.12 -30.67
N PHE F 833 -31.34 131.01 -31.16
CA PHE F 833 -30.82 129.98 -30.26
C PHE F 833 -29.69 130.52 -29.40
N VAL F 834 -28.78 131.29 -30.02
CA VAL F 834 -27.68 131.90 -29.26
C VAL F 834 -28.23 132.82 -28.18
N GLN F 835 -29.22 133.64 -28.54
CA GLN F 835 -29.83 134.54 -27.55
C GLN F 835 -30.46 133.76 -26.41
N ILE F 836 -31.13 132.66 -26.72
CA ILE F 836 -31.74 131.83 -25.68
C ILE F 836 -30.67 131.30 -24.74
N ILE F 837 -29.57 130.80 -25.30
CA ILE F 837 -28.50 130.24 -24.47
C ILE F 837 -27.89 131.31 -23.59
N GLN F 838 -27.63 132.50 -24.16
CA GLN F 838 -27.06 133.59 -23.37
C GLN F 838 -27.98 134.01 -22.24
N GLU F 839 -29.27 134.19 -22.55
CA GLU F 839 -30.22 134.67 -21.55
C GLU F 839 -30.42 133.66 -20.43
N LEU F 840 -30.50 132.37 -20.78
CA LEU F 840 -30.91 131.35 -19.82
C LEU F 840 -29.84 131.01 -18.80
N SER F 841 -28.60 131.42 -19.01
CA SER F 841 -27.52 131.11 -18.08
C SER F 841 -27.29 132.18 -17.02
N VAL F 842 -28.10 133.24 -17.00
CA VAL F 842 -27.87 134.32 -16.04
C VAL F 842 -28.27 133.87 -14.63
N ASN F 843 -29.29 133.05 -14.51
CA ASN F 843 -29.77 132.58 -13.21
C ASN F 843 -29.18 131.21 -12.87
N MET F 844 -27.85 131.17 -12.81
CA MET F 844 -27.16 129.89 -12.63
C MET F 844 -27.43 129.29 -11.26
N ASP F 845 -27.58 130.12 -10.23
CA ASP F 845 -27.84 129.60 -8.89
C ASP F 845 -29.15 128.82 -8.86
N ALA F 846 -30.18 129.31 -9.54
CA ALA F 846 -31.42 128.55 -9.67
C ALA F 846 -31.20 127.28 -10.47
N GLN F 847 -30.37 127.33 -11.51
CA GLN F 847 -30.11 126.14 -12.32
C GLN F 847 -29.40 125.05 -11.55
N MET F 848 -28.58 125.40 -10.57
CA MET F 848 -27.76 124.41 -9.88
C MET F 848 -28.59 123.34 -9.19
N ARG F 849 -29.85 123.62 -8.87
CA ARG F 849 -30.70 122.65 -8.20
C ARG F 849 -31.70 121.98 -9.15
N PHE F 850 -31.78 122.43 -10.39
CA PHE F 850 -32.72 121.86 -11.35
C PHE F 850 -32.16 120.59 -11.98
N VAL F 851 -33.03 119.87 -12.66
CA VAL F 851 -32.64 118.69 -13.42
C VAL F 851 -32.56 119.08 -14.90
N PRO F 852 -31.37 119.06 -15.50
CA PRO F 852 -31.22 119.52 -16.91
C PRO F 852 -31.61 118.48 -17.95
N LEU F 853 -32.91 118.40 -18.23
CA LEU F 853 -33.43 117.55 -19.29
C LEU F 853 -33.83 118.34 -20.52
N ILE F 854 -34.53 119.46 -20.34
CA ILE F 854 -34.80 120.36 -21.46
C ILE F 854 -33.49 120.97 -21.96
N LEU F 855 -32.58 121.28 -21.03
CA LEU F 855 -31.27 121.80 -21.41
C LEU F 855 -30.51 120.81 -22.28
N ALA F 856 -30.59 119.52 -21.95
CA ALA F 856 -29.89 118.51 -22.74
C ALA F 856 -30.42 118.47 -24.16
N ARG F 857 -31.75 118.51 -24.32
CA ARG F 857 -32.33 118.48 -25.67
C ARG F 857 -31.96 119.73 -26.44
N LEU F 858 -31.97 120.89 -25.79
CA LEU F 858 -31.56 122.13 -26.45
C LEU F 858 -30.11 122.03 -26.91
N LEU F 859 -29.23 121.53 -26.04
CA LEU F 859 -27.82 121.42 -26.40
C LEU F 859 -27.61 120.42 -27.53
N LEU F 860 -28.39 119.34 -27.55
CA LEU F 860 -28.32 118.38 -28.66
C LEU F 860 -28.73 119.03 -29.97
N ILE F 861 -29.81 119.83 -29.94
CA ILE F 861 -30.25 120.52 -31.15
C ILE F 861 -29.16 121.48 -31.62
N PHE F 862 -28.54 122.20 -30.68
CA PHE F 862 -27.48 123.13 -31.01
C PHE F 862 -26.29 122.41 -31.63
N ASP F 863 -25.93 121.24 -31.07
CA ASP F 863 -24.83 120.45 -31.62
C ASP F 863 -25.14 120.04 -33.06
N TYR F 864 -26.36 119.54 -33.30
CA TYR F 864 -26.73 119.16 -34.67
C TYR F 864 -26.67 120.36 -35.60
N LEU F 865 -27.17 121.51 -35.15
CA LEU F 865 -27.14 122.71 -35.98
C LEU F 865 -25.71 123.10 -36.34
N LEU F 866 -24.80 123.03 -35.37
CA LEU F 866 -23.41 123.38 -35.64
C LEU F 866 -22.74 122.37 -36.56
N HIS F 867 -23.12 121.10 -36.48
CA HIS F 867 -22.50 120.10 -37.34
C HIS F 867 -22.98 120.22 -38.79
N GLN F 868 -24.28 120.41 -39.00
CA GLN F 868 -24.89 120.33 -40.33
C GLN F 868 -25.70 121.58 -40.63
N TYR F 869 -25.10 122.75 -40.42
CA TYR F 869 -25.82 124.00 -40.65
C TYR F 869 -26.18 124.20 -42.12
N SER F 870 -25.39 123.65 -43.04
CA SER F 870 -25.55 123.92 -44.47
C SER F 870 -26.37 122.87 -45.19
N LYS F 871 -25.99 121.60 -45.05
CA LYS F 871 -26.62 120.51 -45.79
C LYS F 871 -27.39 119.60 -44.84
N ALA F 872 -28.07 118.61 -45.41
CA ALA F 872 -28.90 117.69 -44.66
C ALA F 872 -28.42 116.26 -44.91
N PRO F 873 -28.20 115.47 -43.87
CA PRO F 873 -27.69 114.12 -44.06
C PRO F 873 -28.74 113.19 -44.65
N VAL F 874 -28.26 112.10 -45.25
CA VAL F 874 -29.14 111.15 -45.92
C VAL F 874 -29.98 110.38 -44.91
N TYR F 875 -29.38 109.98 -43.78
CA TYR F 875 -30.11 109.19 -42.81
C TYR F 875 -31.30 109.96 -42.25
N LEU F 876 -31.22 111.28 -42.20
CA LEU F 876 -32.38 112.07 -41.79
C LEU F 876 -33.53 111.89 -42.78
N PHE F 877 -33.23 111.94 -44.08
CA PHE F 877 -34.26 111.70 -45.09
C PHE F 877 -34.86 110.31 -44.95
N GLU F 878 -34.02 109.29 -44.80
CA GLU F 878 -34.54 107.93 -44.77
C GLU F 878 -35.35 107.69 -43.49
N GLN F 879 -34.93 108.28 -42.38
CA GLN F 879 -35.67 108.17 -41.12
C GLN F 879 -37.03 108.85 -41.22
N VAL F 880 -37.04 110.10 -41.71
CA VAL F 880 -38.31 110.82 -41.82
C VAL F 880 -39.22 110.12 -42.83
N GLN F 881 -38.65 109.40 -43.79
CA GLN F 881 -39.47 108.59 -44.68
C GLN F 881 -40.08 107.41 -43.94
N HIS F 882 -39.26 106.68 -43.18
CA HIS F 882 -39.73 105.42 -42.61
C HIS F 882 -40.70 105.64 -41.46
N ASN F 883 -40.41 106.59 -40.57
CA ASN F 883 -41.21 106.73 -39.36
C ASN F 883 -42.54 107.44 -39.60
N LEU F 884 -42.59 108.36 -40.55
CA LEU F 884 -43.73 109.26 -40.70
C LEU F 884 -44.49 109.01 -42.00
N LEU F 885 -43.82 109.03 -43.14
CA LEU F 885 -44.49 108.93 -44.42
C LEU F 885 -44.79 107.49 -44.84
N SER F 886 -44.18 106.50 -44.20
CA SER F 886 -44.46 105.12 -44.56
C SER F 886 -45.78 104.66 -43.94
N PRO F 887 -46.52 103.79 -44.62
CA PRO F 887 -47.76 103.27 -44.05
C PRO F 887 -47.48 102.41 -42.83
N PRO F 888 -48.42 102.34 -41.87
CA PRO F 888 -48.23 101.55 -40.66
C PRO F 888 -48.65 100.08 -40.85
N THR F 905 -41.56 99.73 -34.46
CA THR F 905 -40.65 100.58 -33.70
C THR F 905 -39.99 101.65 -34.58
N PRO F 906 -39.81 102.85 -34.04
CA PRO F 906 -39.10 103.90 -34.78
C PRO F 906 -37.62 103.60 -34.85
N LEU F 907 -36.93 104.31 -35.75
CA LEU F 907 -35.50 104.18 -35.93
C LEU F 907 -34.82 105.51 -35.67
N TYR F 908 -33.76 105.50 -34.88
CA TYR F 908 -33.06 106.69 -34.45
C TYR F 908 -31.58 106.33 -34.24
N HIS F 909 -30.84 107.23 -33.59
CA HIS F 909 -29.41 107.09 -33.38
C HIS F 909 -29.05 107.39 -31.93
N GLY F 910 -29.80 106.79 -31.00
CA GLY F 910 -29.66 107.13 -29.61
C GLY F 910 -28.32 106.78 -29.02
N PHE F 911 -27.98 107.48 -27.94
CA PHE F 911 -26.72 107.25 -27.22
C PHE F 911 -26.65 105.83 -26.72
N LYS F 912 -25.61 105.10 -27.13
CA LYS F 912 -25.47 103.71 -26.70
C LYS F 912 -25.23 103.63 -25.19
N GLU F 913 -24.38 104.50 -24.66
CA GLU F 913 -24.01 104.41 -23.24
C GLU F 913 -25.19 104.77 -22.33
N VAL F 914 -25.90 105.86 -22.64
CA VAL F 914 -27.03 106.27 -21.81
C VAL F 914 -28.16 105.24 -21.89
N GLU F 915 -28.48 104.81 -23.11
CA GLU F 915 -29.51 103.79 -23.29
C GLU F 915 -29.13 102.48 -22.64
N GLU F 916 -27.83 102.19 -22.50
CA GLU F 916 -27.41 101.00 -21.77
C GLU F 916 -27.93 101.04 -20.33
N ASN F 917 -27.69 102.13 -19.63
CA ASN F 917 -28.17 102.26 -18.26
C ASN F 917 -29.69 102.28 -18.21
N TRP F 918 -30.32 102.99 -19.16
CA TRP F 918 -31.78 103.08 -19.15
C TRP F 918 -32.42 101.71 -19.33
N SER F 919 -31.91 100.91 -20.28
CA SER F 919 -32.43 99.56 -20.49
C SER F 919 -32.09 98.64 -19.32
N LYS F 920 -30.90 98.80 -18.73
CA LYS F 920 -30.54 97.98 -17.58
C LYS F 920 -31.51 98.20 -16.43
N HIS F 921 -31.87 99.46 -16.16
CA HIS F 921 -32.83 99.73 -15.09
C HIS F 921 -34.25 99.38 -15.50
N PHE F 922 -34.57 99.45 -16.79
CA PHE F 922 -35.87 98.96 -17.25
C PHE F 922 -35.96 97.44 -17.27
N SER F 923 -34.82 96.76 -17.35
CA SER F 923 -34.71 95.31 -17.16
C SER F 923 -35.44 94.50 -18.22
N SER F 924 -36.77 94.40 -18.11
CA SER F 924 -37.51 93.40 -18.87
C SER F 924 -37.67 93.75 -20.35
N ASP F 925 -36.55 93.85 -21.06
CA ASP F 925 -36.43 93.82 -22.52
C ASP F 925 -37.61 94.44 -23.27
N ALA F 926 -38.03 95.64 -22.85
CA ALA F 926 -39.15 96.31 -23.49
C ALA F 926 -38.73 97.58 -24.20
N VAL F 927 -38.13 98.53 -23.48
CA VAL F 927 -37.71 99.85 -23.95
C VAL F 927 -38.69 100.37 -25.01
N PRO F 928 -39.97 100.55 -24.66
CA PRO F 928 -40.93 100.96 -25.71
C PRO F 928 -40.82 102.43 -26.07
N HIS F 929 -40.52 103.29 -25.11
CA HIS F 929 -40.42 104.72 -25.36
C HIS F 929 -38.97 105.17 -25.26
N PRO F 930 -38.36 105.61 -26.36
CA PRO F 930 -36.97 106.12 -26.29
C PRO F 930 -36.96 107.56 -25.78
N ARG F 931 -36.28 107.77 -24.65
CA ARG F 931 -36.19 109.10 -24.06
C ARG F 931 -34.81 109.74 -24.18
N PHE F 932 -33.76 108.93 -24.35
CA PHE F 932 -32.40 109.42 -24.52
C PHE F 932 -31.94 109.06 -25.92
N TYR F 933 -32.02 110.01 -26.85
CA TYR F 933 -31.71 109.78 -28.24
C TYR F 933 -30.71 110.82 -28.74
N CYS F 934 -30.03 110.48 -29.82
CA CYS F 934 -29.12 111.40 -30.50
C CYS F 934 -29.49 111.46 -31.97
N VAL F 935 -29.45 112.66 -32.54
CA VAL F 935 -29.85 112.86 -33.92
C VAL F 935 -28.73 112.52 -34.90
N LEU F 936 -27.52 112.99 -34.62
CA LEU F 936 -26.39 112.72 -35.51
C LEU F 936 -26.00 111.25 -35.46
N SER F 937 -25.47 110.77 -36.58
CA SER F 937 -25.08 109.37 -36.67
C SER F 937 -23.83 109.11 -35.84
N PRO F 938 -23.64 107.88 -35.36
CA PRO F 938 -22.40 107.55 -34.63
C PRO F 938 -21.15 107.63 -35.50
N GLU F 939 -21.30 107.60 -36.83
CA GLU F 939 -20.13 107.65 -37.70
C GLU F 939 -19.31 108.91 -37.50
N ALA F 940 -19.95 110.00 -37.10
CA ALA F 940 -19.25 111.26 -36.83
C ALA F 940 -18.47 111.23 -35.52
N SER F 941 -18.37 110.08 -34.85
CA SER F 941 -17.61 110.02 -33.60
C SER F 941 -16.13 110.29 -33.81
N GLU F 942 -15.63 110.00 -35.01
CA GLU F 942 -14.22 110.26 -35.31
C GLU F 942 -13.96 111.76 -35.37
N ASP F 943 -12.80 112.17 -34.90
CA ASP F 943 -12.40 113.57 -34.92
C ASP F 943 -11.80 113.95 -36.27
N ASN F 946 -16.23 115.03 -36.59
CA ASN F 946 -16.38 116.16 -35.68
C ASN F 946 -15.88 117.45 -36.30
N ARG F 947 -16.08 117.59 -37.61
CA ARG F 947 -15.64 118.78 -38.34
C ARG F 947 -16.71 119.85 -38.24
N LEU F 948 -16.37 120.96 -37.60
CA LEU F 948 -17.30 122.07 -37.47
C LEU F 948 -17.58 122.70 -38.84
N ASP F 949 -18.81 123.19 -39.00
CA ASP F 949 -19.24 123.72 -40.28
C ASP F 949 -18.69 125.13 -40.50
N SER F 950 -18.17 125.37 -41.71
CA SER F 950 -17.56 126.66 -42.00
C SER F 950 -18.58 127.80 -41.93
N VAL F 951 -19.76 127.61 -42.49
CA VAL F 951 -20.78 128.64 -42.44
C VAL F 951 -21.23 128.88 -41.00
N ALA F 952 -21.27 127.81 -40.19
CA ALA F 952 -21.67 127.95 -38.80
C ALA F 952 -20.74 128.90 -38.05
N CYS F 953 -19.43 128.67 -38.15
CA CYS F 953 -18.49 129.56 -37.47
C CYS F 953 -18.42 130.94 -38.13
N ASP F 954 -18.68 131.02 -39.44
CA ASP F 954 -18.77 132.32 -40.08
C ASP F 954 -19.90 133.15 -39.47
N VAL F 955 -21.04 132.52 -39.22
CA VAL F 955 -22.13 133.18 -38.51
C VAL F 955 -21.69 133.49 -37.08
N LEU F 956 -21.01 132.55 -36.43
CA LEU F 956 -20.63 132.70 -35.03
C LEU F 956 -19.69 133.88 -34.83
N PHE F 957 -18.77 134.09 -35.77
CA PHE F 957 -17.80 135.18 -35.67
C PHE F 957 -18.26 136.35 -36.54
N SER F 958 -19.32 137.02 -36.07
CA SER F 958 -19.90 138.11 -36.82
C SER F 958 -20.83 138.90 -35.90
N LYS F 959 -21.59 139.82 -36.48
CA LYS F 959 -22.55 140.63 -35.75
C LYS F 959 -23.81 139.79 -35.53
N LEU F 960 -24.76 140.35 -34.76
CA LEU F 960 -26.01 139.72 -34.34
C LEU F 960 -25.79 138.58 -33.36
N VAL F 961 -24.54 138.22 -33.06
CA VAL F 961 -24.20 137.26 -32.02
C VAL F 961 -22.98 137.79 -31.27
N LYS F 962 -22.94 137.56 -29.96
CA LYS F 962 -21.86 138.02 -29.10
C LYS F 962 -21.14 136.77 -28.58
N TYR F 963 -19.99 136.47 -29.18
CA TYR F 963 -19.38 135.15 -29.02
C TYR F 963 -18.72 134.99 -27.64
N ASP F 964 -18.17 136.07 -27.08
CA ASP F 964 -17.40 135.93 -25.84
C ASP F 964 -18.29 135.51 -24.68
N GLU F 965 -19.39 136.23 -24.46
CA GLU F 965 -20.35 135.83 -23.43
C GLU F 965 -21.02 134.52 -23.76
N LEU F 966 -21.10 134.17 -25.05
CA LEU F 966 -21.61 132.86 -25.44
C LEU F 966 -20.72 131.74 -24.93
N TYR F 967 -19.41 131.87 -25.16
CA TYR F 967 -18.46 130.90 -24.65
C TYR F 967 -18.46 130.90 -23.11
N ALA F 968 -18.58 132.07 -22.50
CA ALA F 968 -18.66 132.14 -21.04
C ALA F 968 -19.89 131.41 -20.53
N ALA F 969 -21.02 131.54 -21.23
CA ALA F 969 -22.25 130.88 -20.81
C ALA F 969 -22.12 129.37 -20.90
N LEU F 970 -21.55 128.86 -21.99
CA LEU F 970 -21.35 127.41 -22.06
C LEU F 970 -20.30 126.94 -21.06
N THR F 971 -19.32 127.77 -20.72
CA THR F 971 -18.38 127.42 -19.67
C THR F 971 -19.08 127.31 -18.31
N ALA F 972 -19.97 128.26 -18.01
CA ALA F 972 -20.64 128.29 -16.71
C ALA F 972 -21.71 127.21 -16.60
N LEU F 973 -22.36 126.85 -17.72
CA LEU F 973 -23.45 125.89 -17.69
C LEU F 973 -23.00 124.48 -17.34
N LEU F 974 -21.71 124.24 -17.13
CA LEU F 974 -21.23 122.91 -16.78
C LEU F 974 -21.62 122.49 -15.37
N ALA F 975 -22.12 123.41 -14.55
CA ALA F 975 -22.55 123.13 -13.19
C ALA F 975 -24.06 123.24 -13.04
N ALA F 976 -24.80 122.75 -14.04
CA ALA F 976 -26.25 122.88 -14.06
C ALA F 976 -26.96 121.84 -13.21
N GLY F 977 -26.24 120.89 -12.63
CA GLY F 977 -26.88 119.87 -11.81
C GLY F 977 -26.05 119.45 -10.61
N SER F 978 -25.11 120.30 -10.20
CA SER F 978 -24.20 119.94 -9.13
C SER F 978 -24.91 119.75 -7.80
N GLN F 979 -25.92 120.57 -7.53
CA GLN F 979 -26.57 120.59 -6.22
C GLN F 979 -27.75 119.63 -6.10
N LEU F 980 -28.05 118.86 -7.16
CA LEU F 980 -29.23 118.00 -7.13
C LEU F 980 -29.12 116.92 -6.08
N ASP F 981 -27.95 116.29 -5.95
CA ASP F 981 -27.80 115.17 -5.03
C ASP F 981 -27.95 115.62 -3.57
N THR F 982 -27.63 116.87 -3.28
CA THR F 982 -27.72 117.38 -1.92
C THR F 982 -29.16 117.52 -1.45
N LYS F 986 -29.68 115.12 1.47
CA LYS F 986 -30.02 115.95 2.62
C LYS F 986 -31.44 115.65 3.09
N GLU F 987 -32.36 115.51 2.15
CA GLU F 987 -33.74 115.15 2.44
C GLU F 987 -33.94 113.65 2.55
N ASN F 988 -32.88 112.86 2.42
CA ASN F 988 -32.93 111.40 2.39
C ASN F 988 -33.80 110.88 1.25
N LYS F 989 -34.05 111.71 0.24
CA LYS F 989 -34.80 111.30 -0.92
C LYS F 989 -33.88 110.63 -1.94
N ASN F 990 -34.39 109.59 -2.59
CA ASN F 990 -33.59 108.85 -3.55
C ASN F 990 -33.49 109.60 -4.87
N VAL F 991 -32.47 109.25 -5.65
CA VAL F 991 -32.27 109.80 -6.99
C VAL F 991 -32.71 108.73 -7.97
N THR F 992 -33.83 108.96 -8.65
CA THR F 992 -34.38 107.97 -9.55
C THR F 992 -33.52 107.82 -10.79
N ALA F 993 -33.75 106.73 -11.53
CA ALA F 993 -32.95 106.44 -12.71
C ALA F 993 -33.05 107.55 -13.74
N LEU F 994 -34.25 108.12 -13.91
CA LEU F 994 -34.45 109.15 -14.93
C LEU F 994 -33.53 110.34 -14.70
N GLU F 995 -33.46 110.81 -13.44
CA GLU F 995 -32.62 111.99 -13.17
C GLU F 995 -31.14 111.68 -13.34
N ALA F 996 -30.67 110.54 -12.84
CA ALA F 996 -29.25 110.21 -12.99
C ALA F 996 -28.86 110.11 -14.45
N CYS F 997 -29.68 109.41 -15.24
CA CYS F 997 -29.44 109.34 -16.68
C CYS F 997 -29.51 110.73 -17.30
N ALA F 998 -30.38 111.61 -16.80
CA ALA F 998 -30.49 112.95 -17.35
C ALA F 998 -29.22 113.75 -17.13
N LEU F 999 -28.67 113.74 -15.91
CA LEU F 999 -27.40 114.42 -15.66
C LEU F 999 -26.27 113.84 -16.49
N GLN F 1000 -26.18 112.50 -16.59
CA GLN F 1000 -25.07 111.93 -17.36
C GLN F 1000 -25.20 112.30 -18.84
N TYR F 1001 -26.43 112.21 -19.38
CA TYR F 1001 -26.71 112.61 -20.75
C TYR F 1001 -26.33 114.07 -20.99
N TYR F 1002 -26.77 114.97 -20.10
CA TYR F 1002 -26.49 116.39 -20.25
C TYR F 1002 -25.00 116.67 -20.19
N PHE F 1003 -24.29 116.04 -19.24
CA PHE F 1003 -22.87 116.30 -19.12
C PHE F 1003 -22.11 115.81 -20.35
N LEU F 1004 -22.47 114.63 -20.87
CA LEU F 1004 -21.82 114.15 -22.08
C LEU F 1004 -22.06 115.09 -23.25
N ILE F 1005 -23.30 115.56 -23.42
CA ILE F 1005 -23.61 116.45 -24.53
C ILE F 1005 -22.83 117.76 -24.40
N LEU F 1006 -22.80 118.33 -23.19
CA LEU F 1006 -22.11 119.60 -22.99
C LEU F 1006 -20.60 119.44 -23.17
N TRP F 1007 -20.05 118.31 -22.72
CA TRP F 1007 -18.64 118.06 -22.93
C TRP F 1007 -18.32 117.95 -24.41
N ARG F 1008 -19.20 117.28 -25.17
CA ARG F 1008 -18.98 117.17 -26.61
C ARG F 1008 -19.02 118.52 -27.29
N ILE F 1009 -20.02 119.35 -26.96
CA ILE F 1009 -20.14 120.62 -27.67
C ILE F 1009 -19.00 121.55 -27.27
N LEU F 1010 -18.57 121.51 -26.01
CA LEU F 1010 -17.46 122.36 -25.58
C LEU F 1010 -16.14 121.97 -26.26
N GLY F 1011 -16.02 120.72 -26.70
CA GLY F 1011 -14.82 120.25 -27.34
C GLY F 1011 -14.68 120.56 -28.82
N ILE F 1012 -15.66 121.25 -29.40
CA ILE F 1012 -15.65 121.57 -30.82
C ILE F 1012 -15.50 123.06 -31.06
N LEU F 1013 -16.13 123.88 -30.24
CA LEU F 1013 -16.07 125.33 -30.41
C LEU F 1013 -14.65 125.82 -30.18
N PRO F 1014 -14.09 126.62 -31.09
CA PRO F 1014 -12.76 127.19 -30.84
C PRO F 1014 -12.80 128.17 -29.68
N PRO F 1015 -11.72 128.25 -28.91
CA PRO F 1015 -11.72 129.16 -27.75
C PRO F 1015 -11.78 130.62 -28.17
N SER F 1016 -12.42 131.43 -27.33
CA SER F 1016 -12.52 132.86 -27.59
C SER F 1016 -11.25 133.56 -27.12
N LYS F 1017 -11.03 134.76 -27.65
CA LYS F 1017 -9.88 135.56 -27.25
C LYS F 1017 -9.96 135.95 -25.79
N THR F 1018 -11.17 136.10 -25.25
CA THR F 1018 -11.30 136.41 -23.83
C THR F 1018 -10.78 135.28 -22.95
N TYR F 1019 -10.95 134.03 -23.38
CA TYR F 1019 -10.35 132.91 -22.66
C TYR F 1019 -8.83 132.96 -22.74
N ILE F 1020 -8.30 133.31 -23.91
CA ILE F 1020 -6.86 133.42 -24.12
C ILE F 1020 -6.28 134.45 -23.15
N ASN F 1021 -6.94 135.59 -23.02
CA ASN F 1021 -6.44 136.62 -22.11
C ASN F 1021 -6.73 136.29 -20.65
N GLN F 1022 -7.80 135.54 -20.38
CA GLN F 1022 -8.14 135.20 -19.00
C GLN F 1022 -7.16 134.20 -18.40
N LEU F 1023 -6.58 133.33 -19.23
CA LEU F 1023 -5.64 132.35 -18.72
C LEU F 1023 -4.22 132.51 -19.26
N SER F 1024 -3.95 133.54 -20.06
CA SER F 1024 -2.69 133.63 -20.77
C SER F 1024 -1.56 134.08 -19.85
N MET F 1025 -1.67 135.29 -19.29
CA MET F 1025 -0.61 135.80 -18.41
C MET F 1025 -0.84 135.43 -16.95
N ASN F 1026 -2.07 135.12 -16.56
CA ASN F 1026 -2.36 134.68 -15.21
C ASN F 1026 -3.64 133.87 -15.22
N SER F 1027 -3.87 133.13 -14.15
CA SER F 1027 -5.05 132.28 -14.01
C SER F 1027 -5.69 132.55 -12.66
N PRO F 1028 -6.42 133.66 -12.51
CA PRO F 1028 -7.10 133.96 -11.26
C PRO F 1028 -8.57 133.53 -11.27
N GLU F 1029 -9.16 133.54 -10.07
CA GLU F 1029 -10.60 133.39 -9.82
C GLU F 1029 -11.24 132.34 -10.74
N MET F 1030 -10.74 131.11 -10.63
CA MET F 1030 -11.26 130.00 -11.41
C MET F 1030 -12.16 129.13 -10.54
N SER F 1031 -13.10 128.44 -11.19
CA SER F 1031 -14.05 127.57 -10.51
C SER F 1031 -13.84 126.13 -10.97
N GLU F 1032 -14.67 125.23 -10.44
CA GLU F 1032 -14.55 123.81 -10.79
C GLU F 1032 -14.79 123.58 -12.28
N CYS F 1033 -15.83 124.23 -12.83
CA CYS F 1033 -16.06 124.14 -14.26
C CYS F 1033 -14.90 124.76 -15.04
N ASP F 1034 -14.39 125.89 -14.54
CA ASP F 1034 -13.21 126.50 -15.16
C ASP F 1034 -12.02 125.55 -15.12
N ILE F 1035 -11.83 124.84 -14.00
CA ILE F 1035 -10.72 123.92 -13.88
C ILE F 1035 -10.87 122.77 -14.88
N LEU F 1036 -12.07 122.21 -14.96
CA LEU F 1036 -12.32 121.10 -15.89
C LEU F 1036 -12.07 121.53 -17.33
N HIS F 1037 -12.57 122.69 -17.72
CA HIS F 1037 -12.35 123.15 -19.09
C HIS F 1037 -10.88 123.46 -19.34
N THR F 1038 -10.22 124.10 -18.37
CA THR F 1038 -8.85 124.54 -18.54
C THR F 1038 -7.89 123.37 -18.64
N LEU F 1039 -8.14 122.29 -17.89
CA LEU F 1039 -7.24 121.15 -17.96
C LEU F 1039 -7.22 120.56 -19.36
N ARG F 1040 -8.40 120.32 -19.94
CA ARG F 1040 -8.47 119.78 -21.28
C ARG F 1040 -7.91 120.76 -22.31
N TRP F 1041 -8.22 122.05 -22.16
CA TRP F 1041 -7.73 123.03 -23.13
C TRP F 1041 -6.21 123.11 -23.11
N SER F 1042 -5.61 123.18 -21.92
CA SER F 1042 -4.16 123.27 -21.81
C SER F 1042 -3.48 122.00 -22.32
N SER F 1043 -4.05 120.83 -22.00
CA SER F 1043 -3.47 119.60 -22.54
C SER F 1043 -3.63 119.53 -24.05
N ARG F 1044 -4.65 120.21 -24.60
CA ARG F 1044 -4.90 120.12 -26.03
C ARG F 1044 -3.85 120.88 -26.84
N LEU F 1045 -3.49 122.08 -26.42
CA LEU F 1045 -2.56 122.93 -27.18
C LEU F 1045 -1.10 122.66 -26.84
N ARG F 1046 -0.66 121.40 -26.83
CA ARG F 1046 0.70 121.07 -26.47
C ARG F 1046 1.47 120.43 -27.61
N ILE F 1047 1.01 119.30 -28.14
CA ILE F 1047 1.78 118.57 -29.14
C ILE F 1047 0.92 118.16 -30.34
N SER F 1048 -0.40 118.23 -30.19
CA SER F 1048 -1.30 117.61 -31.15
C SER F 1048 -1.77 118.55 -32.26
N SER F 1049 -1.05 119.65 -32.49
CA SER F 1049 -1.28 120.55 -33.62
C SER F 1049 -2.67 121.17 -33.61
N TYR F 1050 -3.29 121.35 -32.44
CA TYR F 1050 -4.43 122.25 -32.36
C TYR F 1050 -4.00 123.70 -32.30
N VAL F 1051 -2.71 123.99 -32.11
CA VAL F 1051 -2.24 125.36 -32.02
C VAL F 1051 -2.52 126.12 -33.31
N ASN F 1052 -2.24 125.48 -34.46
CA ASN F 1052 -2.50 126.12 -35.74
C ASN F 1052 -3.98 126.40 -35.93
N TRP F 1053 -4.84 125.46 -35.53
CA TRP F 1053 -6.28 125.68 -35.57
C TRP F 1053 -6.66 126.89 -34.72
N ILE F 1054 -6.08 127.01 -33.52
CA ILE F 1054 -6.41 128.11 -32.64
C ILE F 1054 -5.98 129.44 -33.24
N LYS F 1055 -4.77 129.51 -33.81
CA LYS F 1055 -4.35 130.80 -34.38
C LYS F 1055 -5.16 131.13 -35.64
N ASP F 1056 -5.52 130.11 -36.42
CA ASP F 1056 -6.35 130.35 -37.61
C ASP F 1056 -7.70 130.92 -37.22
N HIS F 1057 -8.32 130.39 -36.16
CA HIS F 1057 -9.58 130.96 -35.71
C HIS F 1057 -9.37 132.32 -35.03
N LEU F 1058 -8.21 132.53 -34.41
CA LEU F 1058 -7.91 133.85 -33.86
C LEU F 1058 -7.76 134.90 -34.95
N ILE F 1059 -7.34 134.49 -36.14
CA ILE F 1059 -7.33 135.40 -37.29
C ILE F 1059 -8.74 135.93 -37.54
N LYS F 1060 -9.73 135.04 -37.49
CA LYS F 1060 -11.12 135.46 -37.51
C LYS F 1060 -11.46 136.18 -36.20
N GLN F 1061 -12.61 136.85 -36.20
CA GLN F 1061 -13.14 137.61 -35.07
C GLN F 1061 -12.29 138.85 -34.78
N GLY F 1062 -11.22 139.06 -35.55
CA GLY F 1062 -10.47 140.30 -35.48
C GLY F 1062 -9.24 140.31 -34.59
N MET F 1063 -8.33 139.36 -34.79
CA MET F 1063 -7.02 139.37 -34.14
C MET F 1063 -5.99 138.94 -35.16
N LYS F 1064 -5.08 139.86 -35.51
CA LYS F 1064 -4.09 139.56 -36.53
C LYS F 1064 -3.05 138.56 -36.02
N ALA F 1065 -2.29 138.00 -36.96
CA ALA F 1065 -1.39 136.89 -36.65
C ALA F 1065 -0.29 137.31 -35.67
N GLU F 1066 0.19 138.55 -35.78
CA GLU F 1066 1.29 138.99 -34.93
C GLU F 1066 0.92 138.90 -33.45
N HIS F 1067 -0.29 139.33 -33.09
CA HIS F 1067 -0.76 139.16 -31.72
C HIS F 1067 -0.99 137.69 -31.39
N ALA F 1068 -1.85 137.03 -32.18
CA ALA F 1068 -2.27 135.67 -31.85
C ALA F 1068 -1.08 134.75 -31.60
N SER F 1069 -0.03 134.88 -32.43
CA SER F 1069 1.17 134.08 -32.20
C SER F 1069 1.81 134.41 -30.87
N SER F 1070 1.91 135.70 -30.53
CA SER F 1070 2.54 136.09 -29.27
C SER F 1070 1.79 135.51 -28.08
N LEU F 1071 0.47 135.67 -28.05
CA LEU F 1071 -0.32 135.09 -26.98
C LEU F 1071 -0.23 133.57 -26.96
N LEU F 1072 -0.15 132.93 -28.13
CA LEU F 1072 -0.12 131.47 -28.15
C LEU F 1072 1.18 130.94 -27.57
N GLU F 1073 2.33 131.54 -27.94
CA GLU F 1073 3.58 131.11 -27.34
C GLU F 1073 3.64 131.46 -25.85
N LEU F 1074 3.18 132.64 -25.46
CA LEU F 1074 3.31 133.04 -24.06
C LEU F 1074 2.25 132.42 -23.15
N ALA F 1075 1.25 131.74 -23.72
CA ALA F 1075 0.25 131.09 -22.89
C ALA F 1075 0.78 129.79 -22.28
N SER F 1076 1.57 129.03 -23.05
CA SER F 1076 2.12 127.76 -22.59
C SER F 1076 3.62 127.77 -22.80
N THR F 1077 4.35 127.39 -21.75
CA THR F 1077 5.81 127.35 -21.82
C THR F 1077 6.34 125.97 -21.42
N SER F 1082 5.86 123.62 -19.19
CA SER F 1082 4.69 122.77 -19.32
C SER F 1082 4.34 122.09 -18.00
N VAL F 1083 5.29 121.30 -17.48
CA VAL F 1083 5.07 120.62 -16.21
C VAL F 1083 4.90 121.63 -15.09
N LYS F 1084 5.66 122.73 -15.14
CA LYS F 1084 5.54 123.76 -14.11
C LYS F 1084 4.13 124.34 -14.06
N TYR F 1085 3.53 124.58 -15.23
CA TYR F 1085 2.17 125.08 -15.28
C TYR F 1085 1.21 124.11 -14.61
N ASP F 1086 1.35 122.82 -14.92
CA ASP F 1086 0.45 121.81 -14.37
C ASP F 1086 0.57 121.74 -12.85
N VAL F 1087 1.80 121.64 -12.34
CA VAL F 1087 1.98 121.52 -10.90
C VAL F 1087 1.53 122.79 -10.21
N GLU F 1088 1.74 123.95 -10.83
CA GLU F 1088 1.30 125.21 -10.23
C GLU F 1088 -0.22 125.25 -10.09
N ILE F 1089 -0.94 124.98 -11.19
CA ILE F 1089 -2.40 125.09 -11.12
C ILE F 1089 -2.97 124.05 -10.17
N VAL F 1090 -2.44 122.82 -10.19
CA VAL F 1090 -2.99 121.79 -9.31
C VAL F 1090 -2.63 122.06 -7.85
N GLU F 1091 -1.44 122.59 -7.58
CA GLU F 1091 -1.09 122.98 -6.22
C GLU F 1091 -2.03 124.06 -5.71
N GLU F 1092 -2.34 125.05 -6.55
CA GLU F 1092 -3.28 126.09 -6.13
C GLU F 1092 -4.67 125.50 -5.88
N TYR F 1093 -5.10 124.56 -6.72
CA TYR F 1093 -6.40 123.92 -6.50
C TYR F 1093 -6.39 123.14 -5.18
N PHE F 1094 -5.30 122.42 -4.90
CA PHE F 1094 -5.18 121.68 -3.65
C PHE F 1094 -5.23 122.63 -2.46
N ALA F 1095 -4.56 123.78 -2.58
CA ALA F 1095 -4.61 124.77 -1.51
C ALA F 1095 -6.02 125.27 -1.29
N ARG F 1096 -6.76 125.53 -2.37
CA ARG F 1096 -8.14 125.98 -2.22
C ARG F 1096 -9.00 124.93 -1.53
N GLN F 1097 -8.88 123.66 -1.94
CA GLN F 1097 -9.67 122.60 -1.31
C GLN F 1097 -9.29 122.43 0.16
N ILE F 1098 -8.00 122.48 0.47
CA ILE F 1098 -7.57 122.34 1.86
C ILE F 1098 -8.09 123.49 2.70
N SER F 1099 -8.05 124.71 2.17
CA SER F 1099 -8.58 125.85 2.89
C SER F 1099 -10.08 125.72 3.12
N SER F 1100 -10.80 125.21 2.12
CA SER F 1100 -12.24 125.03 2.26
C SER F 1100 -12.57 123.98 3.32
N PHE F 1101 -11.82 122.88 3.34
CA PHE F 1101 -12.08 121.82 4.31
C PHE F 1101 -11.46 122.06 5.68
N CYS F 1102 -10.57 123.04 5.82
CA CYS F 1102 -9.93 123.28 7.11
C CYS F 1102 -10.89 123.84 8.15
N SER F 1103 -12.06 124.31 7.74
CA SER F 1103 -13.04 124.81 8.71
C SER F 1103 -13.53 123.72 9.63
N ILE F 1104 -13.34 122.45 9.27
CA ILE F 1104 -13.70 121.31 10.11
C ILE F 1104 -12.43 120.59 10.49
N ASP F 1105 -12.20 120.41 11.79
CA ASP F 1105 -10.98 119.80 12.29
C ASP F 1105 -11.35 118.88 13.46
N CYS F 1106 -10.34 118.48 14.23
CA CYS F 1106 -10.48 117.57 15.35
C CYS F 1106 -10.97 116.20 14.87
N THR F 1107 -11.56 115.42 15.77
CA THR F 1107 -12.08 114.10 15.45
C THR F 1107 -13.55 114.06 15.86
N THR F 1108 -14.42 114.50 14.96
CA THR F 1108 -15.86 114.49 15.18
C THR F 1108 -16.55 113.87 13.99
N ILE F 1109 -17.71 113.26 14.23
CA ILE F 1109 -18.45 112.57 13.18
C ILE F 1109 -19.14 113.61 12.31
N LEU F 1110 -18.85 113.57 11.01
CA LEU F 1110 -19.38 114.56 10.08
C LEU F 1110 -20.67 114.05 9.43
N GLN F 1111 -21.63 114.95 9.27
CA GLN F 1111 -22.90 114.61 8.68
C GLN F 1111 -22.75 114.39 7.17
N LEU F 1112 -23.80 113.84 6.56
CA LEU F 1112 -23.80 113.66 5.10
C LEU F 1112 -23.76 115.00 4.37
N HIS F 1113 -24.48 116.00 4.88
CA HIS F 1113 -24.64 117.25 4.15
C HIS F 1113 -23.33 118.01 3.96
N GLU F 1114 -22.34 117.82 4.83
CA GLU F 1114 -21.06 118.50 4.69
C GLU F 1114 -20.10 117.73 3.79
N ILE F 1115 -20.49 116.55 3.31
CA ILE F 1115 -19.65 115.81 2.36
C ILE F 1115 -19.71 116.51 1.00
N PRO F 1116 -18.58 116.66 0.30
CA PRO F 1116 -18.60 117.40 -0.97
C PRO F 1116 -19.50 116.75 -1.99
N SER F 1117 -20.06 117.60 -2.86
CA SER F 1117 -20.91 117.12 -3.95
C SER F 1117 -20.07 116.42 -5.00
N LEU F 1118 -20.76 115.68 -5.89
CA LEU F 1118 -20.08 114.84 -6.86
C LEU F 1118 -19.16 115.64 -7.78
N GLN F 1119 -19.58 116.86 -8.12
CA GLN F 1119 -18.79 117.68 -9.05
C GLN F 1119 -17.40 117.94 -8.51
N SER F 1120 -17.32 118.33 -7.24
CA SER F 1120 -16.02 118.58 -6.62
C SER F 1120 -15.18 117.31 -6.58
N ILE F 1121 -15.81 116.17 -6.29
CA ILE F 1121 -15.08 114.91 -6.19
C ILE F 1121 -14.45 114.56 -7.53
N TYR F 1122 -15.23 114.58 -8.61
CA TYR F 1122 -14.62 114.20 -9.87
C TYR F 1122 -13.70 115.28 -10.44
N THR F 1123 -13.91 116.55 -10.06
CA THR F 1123 -12.94 117.58 -10.43
C THR F 1123 -11.59 117.30 -9.80
N LEU F 1124 -11.59 117.00 -8.49
CA LEU F 1124 -10.34 116.65 -7.81
C LEU F 1124 -9.73 115.40 -8.41
N ASP F 1125 -10.56 114.41 -8.75
CA ASP F 1125 -10.05 113.18 -9.34
C ASP F 1125 -9.37 113.44 -10.68
N ALA F 1126 -9.99 114.27 -11.52
CA ALA F 1126 -9.37 114.62 -12.80
C ALA F 1126 -8.04 115.35 -12.57
N ALA F 1127 -8.01 116.25 -11.57
CA ALA F 1127 -6.77 116.96 -11.27
C ALA F 1127 -5.65 116.00 -10.90
N ILE F 1128 -5.93 115.06 -9.98
CA ILE F 1128 -4.87 114.15 -9.56
C ILE F 1128 -4.48 113.23 -10.70
N SER F 1129 -5.44 112.82 -11.54
CA SER F 1129 -5.10 111.97 -12.68
C SER F 1129 -4.16 112.68 -13.65
N LYS F 1130 -4.46 113.96 -13.95
CA LYS F 1130 -3.56 114.71 -14.83
C LYS F 1130 -2.18 114.87 -14.20
N VAL F 1131 -2.13 115.16 -12.90
CA VAL F 1131 -0.84 115.31 -12.24
C VAL F 1131 -0.05 114.02 -12.30
N GLN F 1132 -0.70 112.89 -12.04
CA GLN F 1132 -0.01 111.61 -12.09
C GLN F 1132 0.53 111.33 -13.48
N VAL F 1133 -0.29 111.56 -14.51
CA VAL F 1133 0.15 111.28 -15.87
C VAL F 1133 1.34 112.18 -16.24
N SER F 1134 1.24 113.48 -15.96
CA SER F 1134 2.30 114.41 -16.34
C SER F 1134 3.58 114.12 -15.58
N LEU F 1135 3.48 113.89 -14.27
CA LEU F 1135 4.68 113.59 -13.49
C LEU F 1135 5.32 112.29 -13.94
N ASP F 1136 4.51 111.27 -14.24
CA ASP F 1136 5.07 110.00 -14.67
C ASP F 1136 5.77 110.13 -16.02
N GLU F 1137 5.18 110.86 -16.97
CA GLU F 1137 5.85 111.03 -18.25
C GLU F 1137 7.13 111.86 -18.10
N HIS F 1138 7.09 112.88 -17.24
CA HIS F 1138 8.28 113.70 -17.01
C HIS F 1138 9.41 112.86 -16.42
N PHE F 1139 9.10 112.04 -15.41
CA PHE F 1139 10.14 111.23 -14.79
C PHE F 1139 10.56 110.05 -15.67
N SER F 1140 9.69 109.58 -16.56
CA SER F 1140 10.09 108.53 -17.48
C SER F 1140 11.06 109.06 -18.53
N LYS F 1141 10.78 110.24 -19.09
CA LYS F 1141 11.76 110.87 -19.96
C LYS F 1141 12.99 111.32 -19.18
N MET F 1142 12.84 111.54 -17.86
CA MET F 1142 13.93 111.94 -16.99
C MET F 1142 14.81 110.77 -16.57
N ALA F 1143 14.34 109.54 -16.77
CA ALA F 1143 15.16 108.37 -16.47
C ALA F 1143 16.41 108.32 -17.34
N ALA F 1144 16.32 108.85 -18.56
CA ALA F 1144 17.48 109.01 -19.42
C ALA F 1144 18.26 110.24 -18.95
N GLU F 1145 19.24 110.67 -19.75
CA GLU F 1145 20.06 111.85 -19.46
C GLU F 1145 20.88 111.63 -18.18
N THR F 1146 21.75 112.59 -17.87
CA THR F 1146 22.66 112.46 -16.73
C THR F 1146 22.39 113.46 -15.62
N ASP F 1147 21.31 114.23 -15.72
CA ASP F 1147 20.96 115.25 -14.73
C ASP F 1147 19.51 115.08 -14.31
N PRO F 1148 19.23 114.13 -13.40
CA PRO F 1148 17.86 113.93 -12.92
C PRO F 1148 17.50 114.69 -11.66
N HIS F 1149 18.42 115.50 -11.11
CA HIS F 1149 18.18 116.21 -9.85
C HIS F 1149 17.40 117.50 -10.04
N LYS F 1150 17.16 117.94 -11.28
CA LYS F 1150 16.48 119.20 -11.53
C LYS F 1150 14.96 119.08 -11.51
N SER F 1151 14.42 118.04 -10.88
CA SER F 1151 12.98 117.84 -10.79
C SER F 1151 12.46 117.68 -9.37
N SER F 1152 13.35 117.71 -8.37
CA SER F 1152 12.91 117.56 -6.98
C SER F 1152 12.37 118.87 -6.39
N GLU F 1153 12.79 120.02 -6.92
CA GLU F 1153 12.37 121.29 -6.35
C GLU F 1153 10.94 121.65 -6.73
N ILE F 1154 10.36 121.00 -7.75
CA ILE F 1154 8.98 121.30 -8.13
C ILE F 1154 7.98 120.57 -7.24
N THR F 1155 8.38 119.48 -6.59
CA THR F 1155 7.51 118.72 -5.70
C THR F 1155 7.77 119.03 -4.23
N LYS F 1156 8.46 120.14 -3.94
CA LYS F 1156 8.74 120.50 -2.56
C LYS F 1156 7.49 120.84 -1.76
N ASN F 1157 6.38 121.13 -2.43
CA ASN F 1157 5.15 121.50 -1.77
C ASN F 1157 3.99 120.55 -2.04
N LEU F 1158 4.11 119.66 -3.02
CA LEU F 1158 3.03 118.72 -3.32
C LEU F 1158 2.79 117.76 -2.16
N LEU F 1159 3.87 117.28 -1.53
CA LEU F 1159 3.73 116.20 -0.55
C LEU F 1159 2.88 116.58 0.66
N PRO F 1160 3.12 117.71 1.35
CA PRO F 1160 2.28 118.00 2.53
C PRO F 1160 0.82 118.18 2.18
N ALA F 1161 0.53 118.86 1.07
CA ALA F 1161 -0.84 119.05 0.63
C ALA F 1161 -1.50 117.71 0.33
N THR F 1162 -0.78 116.81 -0.35
CA THR F 1162 -1.33 115.50 -0.66
C THR F 1162 -1.62 114.72 0.61
N LEU F 1163 -0.71 114.77 1.60
CA LEU F 1163 -0.95 114.05 2.84
C LEU F 1163 -2.16 114.59 3.59
N GLN F 1164 -2.29 115.91 3.72
CA GLN F 1164 -3.43 116.44 4.45
C GLN F 1164 -4.73 116.15 3.71
N LEU F 1165 -4.71 116.22 2.37
CA LEU F 1165 -5.90 115.90 1.59
C LEU F 1165 -6.29 114.43 1.77
N ILE F 1166 -5.29 113.54 1.81
CA ILE F 1166 -5.56 112.12 2.04
C ILE F 1166 -6.19 111.91 3.41
N ASP F 1167 -5.66 112.58 4.43
CA ASP F 1167 -6.24 112.46 5.77
C ASP F 1167 -7.68 112.96 5.78
N THR F 1168 -7.93 114.10 5.13
CA THR F 1168 -9.28 114.65 5.07
C THR F 1168 -10.24 113.69 4.38
N TYR F 1169 -9.82 113.08 3.27
CA TYR F 1169 -10.72 112.19 2.55
C TYR F 1169 -10.92 110.87 3.29
N ALA F 1170 -9.91 110.40 4.01
CA ALA F 1170 -10.11 109.23 4.86
C ALA F 1170 -11.14 109.52 5.95
N SER F 1171 -11.04 110.70 6.58
CA SER F 1171 -12.06 111.10 7.54
C SER F 1171 -13.43 111.18 6.87
N PHE F 1172 -13.47 111.68 5.63
CA PHE F 1172 -14.74 111.84 4.92
C PHE F 1172 -15.41 110.49 4.66
N THR F 1173 -14.64 109.52 4.19
CA THR F 1173 -15.24 108.20 3.91
C THR F 1173 -15.61 107.50 5.21
N ARG F 1174 -14.82 107.68 6.27
CA ARG F 1174 -15.19 107.11 7.56
C ARG F 1174 -16.51 107.68 8.05
N ALA F 1175 -16.68 109.00 7.93
CA ALA F 1175 -17.94 109.63 8.34
C ALA F 1175 -19.10 109.17 7.46
N TYR F 1176 -18.85 109.01 6.15
CA TYR F 1176 -19.91 108.56 5.26
C TYR F 1176 -20.39 107.16 5.63
N LEU F 1177 -19.45 106.26 5.95
CA LEU F 1177 -19.85 104.94 6.41
C LEU F 1177 -20.59 105.02 7.75
N LEU F 1178 -20.09 105.85 8.67
CA LEU F 1178 -20.65 105.89 10.01
C LEU F 1178 -22.09 106.41 10.02
N GLN F 1179 -22.32 107.56 9.40
CA GLN F 1179 -23.63 108.21 9.50
C GLN F 1179 -24.73 107.41 8.81
N ASN F 1180 -24.38 106.46 7.95
CA ASN F 1180 -25.37 105.65 7.26
C ASN F 1180 -25.78 104.42 8.06
N PHE F 1181 -25.22 104.22 9.25
CA PHE F 1181 -25.51 103.04 10.04
C PHE F 1181 -26.89 103.13 10.66
N LYS F 1189 -33.09 105.58 14.42
CA LYS F 1189 -32.05 106.61 14.50
C LYS F 1189 -31.07 106.34 15.63
N PRO F 1190 -29.91 105.77 15.31
CA PRO F 1190 -28.88 105.57 16.32
C PRO F 1190 -28.41 106.89 16.92
N SER F 1191 -28.11 106.85 18.21
CA SER F 1191 -27.67 108.04 18.93
C SER F 1191 -26.18 108.29 18.71
N LYS F 1192 -25.74 109.48 19.11
CA LYS F 1192 -24.37 109.90 18.85
C LYS F 1192 -23.36 109.17 19.74
N GLU F 1193 -23.75 108.81 20.97
CA GLU F 1193 -22.80 108.22 21.90
C GLU F 1193 -22.35 106.85 21.42
N LYS F 1194 -23.30 105.96 21.10
CA LYS F 1194 -22.88 104.68 20.55
C LYS F 1194 -22.37 104.82 19.12
N LEU F 1195 -22.67 105.95 18.45
CA LEU F 1195 -21.99 106.22 17.19
C LEU F 1195 -20.50 106.42 17.40
N GLN F 1196 -20.11 107.18 18.43
CA GLN F 1196 -18.70 107.32 18.76
C GLN F 1196 -18.11 105.99 19.21
N GLY F 1197 -18.88 105.20 19.94
CA GLY F 1197 -18.42 103.87 20.31
C GLY F 1197 -18.15 103.00 19.10
N PHE F 1198 -19.06 103.02 18.12
CA PHE F 1198 -18.85 102.28 16.88
C PHE F 1198 -17.64 102.81 16.12
N ALA F 1199 -17.43 104.13 16.16
CA ALA F 1199 -16.25 104.70 15.53
C ALA F 1199 -14.98 104.16 16.17
N ALA F 1200 -14.95 104.10 17.50
CA ALA F 1200 -13.78 103.57 18.19
C ALA F 1200 -13.57 102.10 17.85
N VAL F 1201 -14.65 101.34 17.76
CA VAL F 1201 -14.54 99.91 17.44
C VAL F 1201 -14.00 99.72 16.03
N LEU F 1202 -14.55 100.46 15.06
CA LEU F 1202 -14.17 100.30 13.67
C LEU F 1202 -12.83 100.92 13.32
N ALA F 1203 -12.34 101.86 14.13
CA ALA F 1203 -11.04 102.47 13.84
C ALA F 1203 -9.92 101.45 13.89
N ILE F 1204 -10.03 100.44 14.75
CA ILE F 1204 -9.04 99.39 14.86
C ILE F 1204 -9.53 98.11 14.18
N GLY F 1205 -10.46 98.23 13.25
CA GLY F 1205 -11.00 97.07 12.56
C GLY F 1205 -10.11 96.60 11.42
N SER F 1206 -10.71 96.39 10.25
CA SER F 1206 -10.00 95.98 9.04
C SER F 1206 -9.45 94.57 9.14
N SER F 1207 -9.36 93.87 7.99
CA SER F 1207 -8.81 92.53 7.94
C SER F 1207 -7.78 92.35 6.83
N ARG F 1208 -7.57 93.35 5.98
CA ARG F 1208 -6.62 93.23 4.89
C ARG F 1208 -5.17 93.25 5.37
N CYS F 1209 -4.93 93.60 6.64
CA CYS F 1209 -3.59 93.57 7.21
C CYS F 1209 -3.46 92.37 8.12
N LYS F 1210 -2.41 91.58 7.92
CA LYS F 1210 -2.20 90.37 8.71
C LYS F 1210 -1.61 90.65 10.09
N ALA F 1211 -1.21 91.89 10.36
CA ALA F 1211 -0.53 92.20 11.62
C ALA F 1211 -1.50 92.09 12.80
N ASN F 1212 -2.71 92.63 12.66
CA ASN F 1212 -3.66 92.59 13.75
C ASN F 1212 -4.46 91.29 13.71
N THR F 1213 -5.11 90.99 14.83
CA THR F 1213 -5.95 89.82 14.95
C THR F 1213 -7.34 90.12 15.51
N LEU F 1214 -7.47 91.15 16.34
CA LEU F 1214 -8.76 91.48 16.92
C LEU F 1214 -9.75 91.95 15.87
N GLY F 1215 -9.28 92.75 14.91
CA GLY F 1215 -10.13 93.46 13.97
C GLY F 1215 -11.32 92.69 13.45
N PRO F 1216 -11.06 91.57 12.74
CA PRO F 1216 -12.19 90.77 12.25
C PRO F 1216 -13.13 90.29 13.33
N THR F 1217 -12.61 89.87 14.48
CA THR F 1217 -13.47 89.36 15.55
C THR F 1217 -14.36 90.46 16.12
N LEU F 1218 -13.77 91.62 16.43
CA LEU F 1218 -14.53 92.72 16.98
C LEU F 1218 -15.55 93.24 15.98
N VAL F 1219 -15.22 93.24 14.69
CA VAL F 1219 -16.18 93.65 13.68
C VAL F 1219 -17.32 92.65 13.58
N GLN F 1220 -17.00 91.35 13.62
CA GLN F 1220 -18.01 90.32 13.39
C GLN F 1220 -18.90 90.06 14.59
N ASN F 1221 -18.45 90.33 15.81
CA ASN F 1221 -19.28 90.00 16.97
C ASN F 1221 -20.41 90.99 17.21
N LEU F 1222 -20.43 92.13 16.54
CA LEU F 1222 -21.55 93.05 16.67
C LEU F 1222 -22.77 92.45 15.98
N PRO F 1223 -23.97 92.56 16.57
CA PRO F 1223 -25.08 91.70 16.17
C PRO F 1223 -25.66 91.94 14.77
N SER F 1224 -26.14 93.15 14.48
CA SER F 1224 -26.97 93.33 13.29
C SER F 1224 -26.62 94.54 12.43
N SER F 1225 -26.01 95.59 12.98
CA SER F 1225 -25.91 96.85 12.24
C SER F 1225 -24.71 96.84 11.28
N VAL F 1226 -23.54 96.48 11.77
CA VAL F 1226 -22.30 96.77 11.07
C VAL F 1226 -21.75 95.54 10.34
N GLN F 1227 -22.61 94.57 10.01
CA GLN F 1227 -22.20 93.45 9.17
C GLN F 1227 -22.90 93.48 7.82
N THR F 1228 -24.24 93.52 7.80
CA THR F 1228 -24.93 93.64 6.52
C THR F 1228 -24.56 94.93 5.81
N VAL F 1229 -24.60 96.05 6.55
CA VAL F 1229 -24.25 97.34 5.95
C VAL F 1229 -22.79 97.36 5.53
N CYS F 1230 -21.90 96.85 6.38
CA CYS F 1230 -20.48 96.88 6.06
C CYS F 1230 -20.15 96.00 4.86
N GLU F 1231 -20.79 94.84 4.75
CA GLU F 1231 -20.56 93.97 3.59
C GLU F 1231 -21.13 94.58 2.32
N SER F 1232 -22.31 95.20 2.41
CA SER F 1232 -22.87 95.85 1.23
C SER F 1232 -22.00 97.01 0.78
N TRP F 1233 -21.41 97.74 1.73
CA TRP F 1233 -20.52 98.84 1.37
C TRP F 1233 -19.18 98.33 0.86
N ASN F 1234 -18.73 97.18 1.34
CA ASN F 1234 -17.46 96.59 0.92
C ASN F 1234 -17.59 95.79 -0.38
N ASN F 1235 -18.80 95.61 -0.89
CA ASN F 1235 -19.01 94.95 -2.16
C ASN F 1235 -19.03 95.91 -3.34
N ILE F 1236 -18.79 97.19 -3.10
CA ILE F 1236 -18.71 98.18 -4.18
C ILE F 1236 -17.34 98.09 -4.82
N ASN F 1237 -17.24 97.28 -5.86
CA ASN F 1237 -16.01 97.15 -6.63
C ASN F 1237 -15.89 98.31 -7.61
N THR F 1238 -14.64 98.72 -7.88
CA THR F 1238 -14.37 99.87 -8.73
C THR F 1238 -13.62 99.48 -10.00
N ASN F 1239 -13.96 98.34 -10.59
CA ASN F 1239 -13.26 97.90 -11.80
C ASN F 1239 -13.68 98.68 -13.04
N GLU F 1240 -14.87 99.30 -13.02
CA GLU F 1240 -15.31 100.07 -14.17
C GLU F 1240 -14.40 101.25 -14.47
N PHE F 1241 -13.63 101.70 -13.49
CA PHE F 1241 -12.66 102.76 -13.68
C PHE F 1241 -11.48 102.23 -14.49
N PRO F 1242 -10.71 103.12 -15.11
CA PRO F 1242 -9.50 102.67 -15.82
C PRO F 1242 -8.49 102.06 -14.86
N ASN F 1243 -7.62 101.21 -15.41
CA ASN F 1243 -6.71 100.41 -14.61
C ASN F 1243 -5.56 101.27 -14.11
N ILE F 1244 -4.54 100.63 -13.54
CA ILE F 1244 -3.43 101.36 -12.92
C ILE F 1244 -2.67 102.17 -13.95
N GLY F 1245 -2.09 101.49 -14.94
CA GLY F 1245 -1.32 102.16 -15.96
C GLY F 1245 -1.92 102.00 -17.34
N SER F 1246 -3.25 101.94 -17.40
CA SER F 1246 -3.94 101.78 -18.67
C SER F 1246 -3.71 102.95 -19.61
N TRP F 1247 -3.28 104.10 -19.08
CA TRP F 1247 -2.95 105.26 -19.90
C TRP F 1247 -1.65 105.08 -20.67
N ARG F 1248 -0.86 104.05 -20.36
CA ARG F 1248 0.39 103.82 -21.07
C ARG F 1248 0.25 102.87 -22.25
N ASN F 1249 -0.66 101.90 -22.16
CA ASN F 1249 -0.78 100.87 -23.18
C ASN F 1249 -2.00 101.05 -24.07
N ALA F 1250 -3.19 101.13 -23.48
CA ALA F 1250 -4.42 101.20 -24.24
C ALA F 1250 -4.80 102.61 -24.65
N PHE F 1251 -4.14 103.63 -24.12
CA PHE F 1251 -4.49 105.02 -24.38
C PHE F 1251 -3.39 105.83 -25.04
N ALA F 1252 -2.19 105.28 -25.19
CA ALA F 1252 -1.08 106.00 -25.81
C ALA F 1252 -1.17 106.05 -27.33
N ASN F 1253 -2.09 105.28 -27.93
CA ASN F 1253 -2.19 105.28 -29.39
C ASN F 1253 -2.64 106.63 -29.92
N ASP F 1254 -3.61 107.26 -29.24
CA ASP F 1254 -4.18 108.51 -29.72
C ASP F 1254 -3.19 109.66 -29.51
N THR F 1255 -3.62 110.86 -29.91
CA THR F 1255 -2.74 112.03 -29.87
C THR F 1255 -2.38 112.42 -28.43
N ILE F 1256 -3.39 112.55 -27.57
CA ILE F 1256 -3.17 113.00 -26.20
C ILE F 1256 -3.71 111.94 -25.24
N PRO F 1257 -2.85 111.04 -24.74
CA PRO F 1257 -3.36 109.99 -23.83
C PRO F 1257 -3.95 110.54 -22.56
N SER F 1258 -3.45 111.67 -22.06
CA SER F 1258 -3.98 112.24 -20.82
C SER F 1258 -5.45 112.63 -20.98
N GLU F 1259 -5.80 113.22 -22.12
CA GLU F 1259 -7.20 113.60 -22.34
C GLU F 1259 -8.11 112.38 -22.37
N SER F 1260 -7.68 111.30 -23.01
CA SER F 1260 -8.47 110.08 -23.02
C SER F 1260 -8.61 109.50 -21.62
N TYR F 1261 -7.53 109.52 -20.84
CA TYR F 1261 -7.59 109.03 -19.47
C TYR F 1261 -8.58 109.86 -18.65
N ILE F 1262 -8.55 111.17 -18.80
CA ILE F 1262 -9.47 112.04 -18.08
C ILE F 1262 -10.91 111.75 -18.50
N SER F 1263 -11.13 111.55 -19.79
CA SER F 1263 -12.48 111.24 -20.27
C SER F 1263 -12.98 109.92 -19.68
N ALA F 1264 -12.12 108.90 -19.65
CA ALA F 1264 -12.52 107.61 -19.08
C ALA F 1264 -12.83 107.74 -17.60
N VAL F 1265 -11.99 108.49 -16.87
CA VAL F 1265 -12.23 108.69 -15.43
C VAL F 1265 -13.53 109.42 -15.21
N GLN F 1266 -13.81 110.44 -16.02
CA GLN F 1266 -15.05 111.20 -15.89
C GLN F 1266 -16.26 110.33 -16.18
N ALA F 1267 -16.18 109.48 -17.20
CA ALA F 1267 -17.27 108.57 -17.50
C ALA F 1267 -17.50 107.61 -16.34
N ALA F 1268 -16.42 107.08 -15.76
CA ALA F 1268 -16.54 106.18 -14.62
C ALA F 1268 -17.21 106.87 -13.44
N HIS F 1269 -16.81 108.12 -13.16
CA HIS F 1269 -17.44 108.87 -12.07
C HIS F 1269 -18.91 109.12 -12.35
N LEU F 1270 -19.25 109.48 -13.59
CA LEU F 1270 -20.64 109.76 -13.94
C LEU F 1270 -21.50 108.51 -13.87
N GLY F 1271 -20.92 107.34 -14.10
CA GLY F 1271 -21.69 106.10 -14.10
C GLY F 1271 -22.28 105.74 -12.75
N THR F 1272 -21.74 106.28 -11.65
CA THR F 1272 -22.17 105.87 -10.32
C THR F 1272 -23.51 106.48 -9.91
N LEU F 1273 -23.99 107.51 -10.61
CA LEU F 1273 -25.20 108.21 -10.18
C LEU F 1273 -26.44 107.32 -10.20
N CYS F 1274 -26.43 106.24 -11.00
CA CYS F 1274 -27.63 105.41 -11.11
C CYS F 1274 -27.89 104.59 -9.85
N SER F 1275 -26.88 104.40 -9.01
CA SER F 1275 -27.04 103.58 -7.82
C SER F 1275 -28.01 104.22 -6.84
N GLN F 1276 -28.72 103.37 -6.09
CA GLN F 1276 -29.69 103.82 -5.11
C GLN F 1276 -29.38 103.41 -3.68
N SER F 1277 -28.37 102.54 -3.47
CA SER F 1277 -28.03 102.08 -2.13
C SER F 1277 -26.92 102.94 -1.53
N LEU F 1278 -25.76 102.96 -2.18
CA LEU F 1278 -24.60 103.74 -1.72
C LEU F 1278 -23.90 104.32 -2.95
N PRO F 1279 -24.37 105.46 -3.45
CA PRO F 1279 -23.81 106.02 -4.69
C PRO F 1279 -22.37 106.47 -4.57
N LEU F 1280 -22.08 107.29 -3.55
CA LEU F 1280 -20.78 107.94 -3.44
C LEU F 1280 -19.65 106.99 -3.05
N ALA F 1281 -19.97 105.74 -2.70
CA ALA F 1281 -18.96 104.82 -2.21
C ALA F 1281 -17.87 104.57 -3.25
N ALA F 1282 -18.28 104.29 -4.49
CA ALA F 1282 -17.31 103.99 -5.55
C ALA F 1282 -16.42 105.20 -5.82
N SER F 1283 -17.01 106.40 -5.89
CA SER F 1283 -16.23 107.59 -6.16
C SER F 1283 -15.22 107.86 -5.04
N LEU F 1284 -15.65 107.72 -3.79
CA LEU F 1284 -14.75 107.95 -2.67
C LEU F 1284 -13.62 106.93 -2.66
N LYS F 1285 -13.95 105.65 -2.90
CA LYS F 1285 -12.92 104.62 -2.92
C LYS F 1285 -11.90 104.90 -4.01
N HIS F 1286 -12.37 105.24 -5.21
CA HIS F 1286 -11.44 105.46 -6.31
C HIS F 1286 -10.58 106.70 -6.07
N THR F 1287 -11.17 107.78 -5.57
CA THR F 1287 -10.36 108.98 -5.34
C THR F 1287 -9.33 108.74 -4.24
N LEU F 1288 -9.69 107.99 -3.19
CA LEU F 1288 -8.71 107.67 -2.16
C LEU F 1288 -7.60 106.80 -2.72
N LEU F 1289 -7.94 105.81 -3.55
CA LEU F 1289 -6.93 104.95 -4.15
C LEU F 1289 -5.98 105.74 -5.03
N SER F 1290 -6.52 106.63 -5.86
CA SER F 1290 -5.67 107.45 -6.72
C SER F 1290 -4.79 108.38 -5.90
N LEU F 1291 -5.34 108.95 -4.82
CA LEU F 1291 -4.55 109.84 -3.98
C LEU F 1291 -3.38 109.11 -3.34
N VAL F 1292 -3.62 107.91 -2.80
CA VAL F 1292 -2.54 107.18 -2.14
C VAL F 1292 -1.51 106.71 -3.17
N ARG F 1293 -1.97 106.34 -4.37
CA ARG F 1293 -1.02 105.94 -5.41
C ARG F 1293 -0.15 107.10 -5.85
N LEU F 1294 -0.75 108.29 -5.98
CA LEU F 1294 0.04 109.48 -6.30
C LEU F 1294 1.03 109.79 -5.19
N THR F 1295 0.60 109.62 -3.93
CA THR F 1295 1.52 109.83 -2.81
C THR F 1295 2.70 108.87 -2.88
N GLY F 1296 2.43 107.59 -3.17
CA GLY F 1296 3.50 106.62 -3.29
C GLY F 1296 4.46 106.95 -4.43
N ASP F 1297 3.92 107.31 -5.59
CA ASP F 1297 4.78 107.67 -6.71
C ASP F 1297 5.63 108.89 -6.38
N LEU F 1298 5.03 109.90 -5.75
CA LEU F 1298 5.79 111.08 -5.36
C LEU F 1298 6.88 110.74 -4.35
N ILE F 1299 6.57 109.86 -3.38
CA ILE F 1299 7.57 109.46 -2.40
C ILE F 1299 8.71 108.72 -3.09
N VAL F 1300 8.40 108.00 -4.17
CA VAL F 1300 9.45 107.38 -4.98
C VAL F 1300 10.30 108.45 -5.65
N TRP F 1301 9.66 109.45 -6.24
CA TRP F 1301 10.37 110.45 -7.06
C TRP F 1301 10.94 111.61 -6.26
N SER F 1302 10.52 111.82 -5.02
CA SER F 1302 10.94 112.99 -4.25
C SER F 1302 12.30 112.76 -3.62
N ASP F 1303 13.22 113.70 -3.83
CA ASP F 1303 14.51 113.63 -3.15
C ASP F 1303 14.36 113.96 -1.67
N GLU F 1304 13.55 114.95 -1.34
CA GLU F 1304 13.25 115.28 0.05
C GLU F 1304 12.14 114.38 0.57
N MET F 1305 12.38 113.80 1.74
CA MET F 1305 11.44 112.82 2.32
C MET F 1305 11.54 112.94 3.83
N ASN F 1306 10.42 113.20 4.48
CA ASN F 1306 10.42 113.50 5.91
C ASN F 1306 9.51 112.47 6.60
N PRO F 1307 10.06 111.59 7.43
CA PRO F 1307 9.34 110.35 7.81
C PRO F 1307 8.07 110.58 8.63
N PRO F 1308 8.13 111.31 9.76
CA PRO F 1308 7.01 111.20 10.72
C PRO F 1308 5.64 111.59 10.16
N GLN F 1309 5.55 112.61 9.31
CA GLN F 1309 4.23 113.00 8.80
C GLN F 1309 3.64 111.88 7.93
N VAL F 1310 4.44 111.34 7.01
CA VAL F 1310 3.90 110.30 6.14
C VAL F 1310 3.59 109.05 6.93
N ILE F 1311 4.41 108.71 7.92
CA ILE F 1311 4.14 107.50 8.68
C ILE F 1311 2.85 107.65 9.48
N ARG F 1312 2.61 108.82 10.12
CA ARG F 1312 1.38 108.91 10.90
C ARG F 1312 0.16 109.13 10.01
N THR F 1313 0.32 109.66 8.81
CA THR F 1313 -0.82 109.81 7.92
C THR F 1313 -1.07 108.59 7.07
N LEU F 1314 -0.18 107.59 7.11
CA LEU F 1314 -0.38 106.35 6.37
C LEU F 1314 -0.67 105.15 7.25
N LEU F 1315 -0.24 105.16 8.51
CA LEU F 1315 -0.48 104.03 9.40
C LEU F 1315 -1.97 103.72 9.61
N PRO F 1316 -2.84 104.70 9.90
CA PRO F 1316 -4.25 104.35 10.10
C PRO F 1316 -4.92 103.75 8.89
N LEU F 1317 -4.39 103.97 7.68
CA LEU F 1317 -5.02 103.46 6.47
C LEU F 1317 -5.05 101.93 6.47
N LEU F 1318 -3.95 101.29 6.89
CA LEU F 1318 -3.93 99.83 6.94
C LEU F 1318 -4.87 99.28 8.00
N LEU F 1319 -4.99 99.98 9.13
CA LEU F 1319 -5.72 99.48 10.29
C LEU F 1319 -7.17 99.93 10.34
N GLU F 1320 -7.66 100.64 9.32
CA GLU F 1320 -9.01 101.18 9.33
C GLU F 1320 -9.93 100.26 8.55
N SER F 1321 -11.08 99.93 9.14
CA SER F 1321 -12.04 99.07 8.45
C SER F 1321 -12.69 99.79 7.29
N SER F 1322 -12.88 101.11 7.38
CA SER F 1322 -13.47 101.88 6.30
C SER F 1322 -12.52 102.04 5.11
N THR F 1323 -11.27 101.61 5.23
CA THR F 1323 -10.30 101.65 4.14
C THR F 1323 -9.64 100.27 4.04
N GLU F 1324 -10.27 99.37 3.28
CA GLU F 1324 -9.72 98.04 3.05
C GLU F 1324 -9.37 97.76 1.59
N SER F 1325 -10.01 98.46 0.65
CA SER F 1325 -9.65 98.35 -0.76
C SER F 1325 -8.41 99.16 -1.11
N VAL F 1326 -7.88 99.92 -0.15
CA VAL F 1326 -6.72 100.78 -0.38
C VAL F 1326 -5.53 100.38 0.48
N ALA F 1327 -5.74 99.71 1.62
CA ALA F 1327 -4.68 99.49 2.60
C ALA F 1327 -3.49 98.73 2.01
N GLU F 1328 -3.72 97.89 1.00
CA GLU F 1328 -2.61 97.12 0.43
C GLU F 1328 -1.59 98.02 -0.24
N ILE F 1329 -2.04 99.03 -0.98
CA ILE F 1329 -1.12 99.98 -1.59
C ILE F 1329 -0.36 100.74 -0.52
N SER F 1330 -1.05 101.11 0.57
CA SER F 1330 -0.38 101.79 1.67
C SER F 1330 0.71 100.92 2.27
N SER F 1331 0.42 99.63 2.47
CA SER F 1331 1.43 98.72 2.99
C SER F 1331 2.61 98.61 2.04
N ASN F 1332 2.33 98.51 0.74
CA ASN F 1332 3.40 98.39 -0.25
C ASN F 1332 4.30 99.64 -0.22
N SER F 1333 3.69 100.82 -0.14
CA SER F 1333 4.48 102.05 -0.14
C SER F 1333 5.26 102.20 1.17
N LEU F 1334 4.69 101.77 2.28
CA LEU F 1334 5.37 101.94 3.56
C LEU F 1334 6.49 100.93 3.75
N GLU F 1335 6.34 99.73 3.20
CA GLU F 1335 7.32 98.67 3.42
C GLU F 1335 8.68 99.03 2.83
N ARG F 1336 8.69 99.59 1.62
CA ARG F 1336 9.96 99.85 0.94
C ARG F 1336 10.77 100.96 1.60
N ILE F 1337 10.16 101.76 2.47
CA ILE F 1337 10.85 102.95 2.99
C ILE F 1337 11.03 102.86 4.49
N LEU F 1338 10.13 102.16 5.19
CA LEU F 1338 10.12 102.16 6.64
C LEU F 1338 10.37 100.80 7.28
N GLY F 1339 10.55 99.73 6.50
CA GLY F 1339 10.86 98.45 7.06
C GLY F 1339 10.30 97.28 6.26
N PRO F 1340 10.99 96.14 6.31
CA PRO F 1340 10.58 94.99 5.48
C PRO F 1340 9.29 94.32 5.95
N ALA F 1341 8.61 94.96 6.90
CA ALA F 1341 7.26 94.65 7.39
C ALA F 1341 7.23 93.45 8.35
N GLU F 1342 8.36 92.81 8.62
CA GLU F 1342 8.39 91.69 9.56
C GLU F 1342 9.30 91.92 10.74
N SER F 1343 10.53 92.39 10.52
CA SER F 1343 11.52 92.50 11.59
C SER F 1343 11.75 93.93 12.07
N ASP F 1344 11.47 94.93 11.24
CA ASP F 1344 11.81 96.30 11.57
C ASP F 1344 10.84 96.86 12.61
N GLU F 1345 11.01 98.15 12.91
CA GLU F 1345 10.21 98.86 13.91
C GLU F 1345 8.76 99.03 13.48
N PHE F 1346 8.44 98.77 12.21
CA PHE F 1346 7.06 98.93 11.74
C PHE F 1346 6.10 98.00 12.46
N LEU F 1347 6.53 96.76 12.72
CA LEU F 1347 5.69 95.84 13.48
C LEU F 1347 5.44 96.37 14.88
N ALA F 1348 6.47 96.94 15.51
CA ALA F 1348 6.29 97.54 16.83
C ALA F 1348 5.33 98.72 16.78
N ARG F 1349 5.40 99.53 15.71
CA ARG F 1349 4.45 100.63 15.56
C ARG F 1349 3.03 100.12 15.43
N VAL F 1350 2.83 99.06 14.66
CA VAL F 1350 1.50 98.47 14.51
C VAL F 1350 0.99 97.97 15.86
N TYR F 1351 1.85 97.28 16.60
CA TYR F 1351 1.46 96.79 17.93
C TYR F 1351 1.10 97.95 18.85
N GLU F 1352 1.87 99.04 18.79
CA GLU F 1352 1.57 100.21 19.60
C GLU F 1352 0.21 100.79 19.24
N LYS F 1353 -0.10 100.86 17.94
CA LYS F 1353 -1.42 101.33 17.53
C LYS F 1353 -2.52 100.43 18.07
N LEU F 1354 -2.32 99.11 18.01
CA LEU F 1354 -3.29 98.17 18.55
C LEU F 1354 -3.51 98.41 20.04
N ILE F 1355 -2.42 98.59 20.80
CA ILE F 1355 -2.55 98.82 22.24
C ILE F 1355 -3.26 100.13 22.52
N THR F 1356 -2.96 101.17 21.73
CA THR F 1356 -3.64 102.45 21.91
C THR F 1356 -5.14 102.31 21.69
N GLY F 1357 -5.53 101.61 20.63
CA GLY F 1357 -6.95 101.40 20.38
C GLY F 1357 -7.61 100.59 21.48
N CYS F 1358 -6.92 99.55 21.96
CA CYS F 1358 -7.47 98.73 23.04
C CYS F 1358 -7.69 99.56 24.30
N TYR F 1359 -6.71 100.40 24.66
CA TYR F 1359 -6.86 101.26 25.82
C TYR F 1359 -8.04 102.20 25.62
N ASN F 1360 -8.16 102.79 24.43
CA ASN F 1360 -9.24 103.74 24.19
C ASN F 1360 -10.60 103.07 24.38
N ILE F 1361 -10.82 101.91 23.75
CA ILE F 1361 -12.11 101.26 23.86
C ILE F 1361 -12.36 100.74 25.27
N LEU F 1362 -11.29 100.36 25.99
CA LEU F 1362 -11.47 99.83 27.34
C LEU F 1362 -11.85 100.93 28.32
N ALA F 1363 -11.21 102.09 28.22
CA ALA F 1363 -11.40 103.15 29.20
C ALA F 1363 -12.56 104.08 28.87
N ASN F 1364 -12.70 104.50 27.61
CA ASN F 1364 -13.63 105.59 27.31
C ASN F 1364 -15.07 105.09 27.19
N HIS F 1365 -15.28 103.94 26.55
CA HIS F 1365 -16.62 103.50 26.18
C HIS F 1365 -17.03 102.24 26.93
N ALA F 1366 -16.73 102.20 28.24
CA ALA F 1366 -17.09 101.05 29.06
C ALA F 1366 -18.59 101.00 29.35
N ASP F 1367 -19.31 102.10 29.13
CA ASP F 1367 -20.74 102.11 29.42
C ASP F 1367 -21.47 101.14 28.49
N PRO F 1368 -22.53 100.47 28.98
CA PRO F 1368 -23.24 99.51 28.13
C PRO F 1368 -24.10 100.14 27.07
N ASN F 1369 -24.35 101.44 27.14
CA ASN F 1369 -25.18 102.13 26.16
C ASN F 1369 -24.39 102.66 24.97
N SER F 1370 -23.08 102.38 24.92
CA SER F 1370 -22.23 102.79 23.82
C SER F 1370 -22.18 101.76 22.69
N GLY F 1371 -23.21 100.93 22.57
CA GLY F 1371 -23.23 99.92 21.53
C GLY F 1371 -22.20 98.84 21.69
N LEU F 1372 -21.64 98.69 22.88
CA LEU F 1372 -20.55 97.75 23.14
C LEU F 1372 -21.08 96.53 23.87
N ASP F 1373 -20.79 95.36 23.33
CA ASP F 1373 -21.09 94.11 24.00
C ASP F 1373 -19.92 93.71 24.88
N GLU F 1374 -20.22 92.99 25.97
CA GLU F 1374 -19.18 92.54 26.89
C GLU F 1374 -18.12 91.71 26.17
N SER F 1375 -18.53 90.97 25.13
CA SER F 1375 -17.60 90.11 24.41
C SER F 1375 -16.47 90.89 23.76
N ILE F 1376 -16.74 92.12 23.32
CA ILE F 1376 -15.70 92.92 22.67
C ILE F 1376 -14.59 93.26 23.67
N LEU F 1377 -14.99 93.75 24.86
CA LEU F 1377 -14.00 94.02 25.90
C LEU F 1377 -13.29 92.74 26.33
N GLU F 1378 -14.03 91.64 26.43
CA GLU F 1378 -13.41 90.37 26.79
C GLU F 1378 -12.33 89.99 25.80
N GLU F 1379 -12.63 90.10 24.50
CA GLU F 1379 -11.70 89.70 23.46
C GLU F 1379 -10.47 90.61 23.45
N CYS F 1380 -10.67 91.93 23.58
CA CYS F 1380 -9.51 92.81 23.54
C CYS F 1380 -8.64 92.64 24.78
N LEU F 1381 -9.26 92.34 25.93
CA LEU F 1381 -8.48 92.03 27.13
C LEU F 1381 -7.67 90.76 26.93
N GLN F 1382 -8.29 89.73 26.34
CA GLN F 1382 -7.56 88.50 26.06
C GLN F 1382 -6.37 88.78 25.15
N TYR F 1383 -6.59 89.60 24.11
CA TYR F 1383 -5.51 89.90 23.17
C TYR F 1383 -4.38 90.66 23.85
N LEU F 1384 -4.72 91.64 24.69
CA LEU F 1384 -3.63 92.44 25.26
C LEU F 1384 -2.86 91.64 26.30
N GLU F 1385 -3.53 90.73 27.02
CA GLU F 1385 -2.80 89.80 27.87
C GLU F 1385 -1.88 88.90 27.04
N LYS F 1386 -2.39 88.38 25.93
CA LYS F 1386 -1.59 87.49 25.09
C LYS F 1386 -0.35 88.19 24.56
N GLN F 1387 -0.49 89.45 24.10
CA GLN F 1387 0.67 90.17 23.63
C GLN F 1387 1.56 90.63 24.76
N LEU F 1388 1.00 90.82 25.96
CA LEU F 1388 1.84 91.09 27.13
C LEU F 1388 2.71 89.89 27.46
N GLU F 1389 2.24 88.69 27.12
CA GLU F 1389 3.06 87.50 27.32
C GLU F 1389 4.33 87.55 26.47
N SER F 1390 4.22 88.04 25.24
CA SER F 1390 5.35 88.07 24.32
C SER F 1390 6.24 89.27 24.64
N SER F 1391 7.56 89.06 24.57
CA SER F 1391 8.51 90.10 24.95
C SER F 1391 8.47 91.30 24.01
N GLN F 1392 8.49 91.03 22.70
CA GLN F 1392 8.54 92.11 21.72
C GLN F 1392 7.31 93.01 21.85
N ALA F 1393 6.15 92.41 22.08
CA ALA F 1393 4.94 93.21 22.26
C ALA F 1393 4.89 93.85 23.65
N ARG F 1394 5.41 93.16 24.67
CA ARG F 1394 5.37 93.74 26.02
C ARG F 1394 6.25 94.97 26.12
N LYS F 1395 7.29 95.06 25.29
CA LYS F 1395 8.09 96.27 25.23
C LYS F 1395 7.22 97.46 24.89
N ALA F 1396 6.62 97.45 23.70
CA ALA F 1396 5.74 98.55 23.30
C ALA F 1396 4.58 98.72 24.26
N MET F 1397 4.13 97.63 24.88
CA MET F 1397 3.11 97.70 25.92
C MET F 1397 3.54 98.65 27.03
N GLU F 1398 4.75 98.45 27.54
CA GLU F 1398 5.23 99.29 28.65
C GLU F 1398 5.55 100.70 28.19
N GLU F 1399 6.13 100.86 26.98
CA GLU F 1399 6.35 102.22 26.49
C GLU F 1399 5.03 102.99 26.34
N PHE F 1400 3.98 102.32 25.87
CA PHE F 1400 2.71 103.02 25.71
C PHE F 1400 2.09 103.37 27.07
N PHE F 1401 2.07 102.42 28.01
CA PHE F 1401 1.52 102.75 29.32
C PHE F 1401 2.42 103.64 30.16
N SER F 1402 3.66 103.89 29.74
CA SER F 1402 4.47 104.90 30.40
C SER F 1402 4.35 106.27 29.73
N ASP F 1403 4.06 106.30 28.43
CA ASP F 1403 3.93 107.58 27.73
C ASP F 1403 2.58 108.23 27.99
N SER F 1404 1.49 107.56 27.60
CA SER F 1404 0.14 108.09 27.77
C SER F 1404 -0.84 107.10 28.37
N GLY F 1405 -0.54 105.81 28.39
CA GLY F 1405 -1.45 104.83 28.93
C GLY F 1405 -1.53 104.86 30.44
N GLU F 1406 -2.50 104.12 30.97
CA GLU F 1406 -2.69 104.04 32.42
C GLU F 1406 -3.39 102.73 32.74
N LEU F 1407 -2.68 101.82 33.41
CA LEU F 1407 -3.26 100.56 33.82
C LEU F 1407 -4.41 100.75 34.82
N VAL F 1408 -4.42 101.87 35.54
CA VAL F 1408 -5.45 102.10 36.56
C VAL F 1408 -6.82 102.33 35.95
N GLN F 1409 -6.89 102.89 34.74
CA GLN F 1409 -8.20 103.16 34.14
C GLN F 1409 -8.97 101.87 33.90
N ILE F 1410 -8.26 100.79 33.57
CA ILE F 1410 -8.92 99.51 33.33
C ILE F 1410 -9.65 99.03 34.58
N MET F 1411 -9.01 99.14 35.74
CA MET F 1411 -9.65 98.71 36.98
C MET F 1411 -10.67 99.72 37.48
N MET F 1412 -10.50 101.00 37.15
CA MET F 1412 -11.56 101.98 37.44
C MET F 1412 -12.81 101.67 36.62
N ALA F 1413 -12.64 101.13 35.41
CA ALA F 1413 -13.78 100.78 34.58
C ALA F 1413 -14.68 99.73 35.22
N THR F 1414 -14.15 98.95 36.17
CA THR F 1414 -14.95 97.94 36.84
C THR F 1414 -15.97 98.54 37.81
N ALA F 1415 -15.73 99.77 38.28
CA ALA F 1415 -16.63 100.39 39.24
C ALA F 1415 -18.00 100.68 38.66
N ASN F 1416 -18.16 100.62 37.34
CA ASN F 1416 -19.45 100.89 36.70
C ASN F 1416 -20.43 99.79 37.07
N GLU F 1417 -21.50 100.16 37.77
CA GLU F 1417 -22.50 99.19 38.22
C GLU F 1417 -23.34 98.62 37.08
N ASN F 1418 -23.24 99.17 35.87
CA ASN F 1418 -24.07 98.73 34.77
C ASN F 1418 -23.56 97.48 34.07
N LEU F 1419 -22.38 96.99 34.43
CA LEU F 1419 -21.79 95.82 33.79
C LEU F 1419 -21.69 94.66 34.78
N SER F 1420 -21.73 93.44 34.23
CA SER F 1420 -21.70 92.23 35.04
C SER F 1420 -20.33 92.05 35.69
N ALA F 1421 -20.26 91.06 36.58
CA ALA F 1421 -19.03 90.76 37.30
C ALA F 1421 -18.04 89.93 36.49
N LYS F 1422 -18.45 89.39 35.34
CA LYS F 1422 -17.52 88.62 34.51
C LYS F 1422 -16.43 89.52 33.93
N PHE F 1423 -16.79 90.74 33.53
CA PHE F 1423 -15.80 91.69 33.06
C PHE F 1423 -14.79 91.98 34.17
N CYS F 1424 -15.27 92.21 35.39
CA CYS F 1424 -14.38 92.45 36.52
C CYS F 1424 -13.48 91.24 36.76
N ASN F 1425 -14.05 90.03 36.68
CA ASN F 1425 -13.27 88.82 36.86
C ASN F 1425 -12.14 88.76 35.84
N ARG F 1426 -12.45 89.05 34.57
CA ARG F 1426 -11.44 88.98 33.53
C ARG F 1426 -10.34 90.01 33.75
N VAL F 1427 -10.70 91.25 34.08
CA VAL F 1427 -9.66 92.29 34.19
C VAL F 1427 -8.80 92.03 35.43
N LEU F 1428 -9.43 91.59 36.52
CA LEU F 1428 -8.67 91.25 37.72
C LEU F 1428 -7.74 90.07 37.45
N LYS F 1429 -8.21 89.06 36.72
CA LYS F 1429 -7.33 87.98 36.28
C LYS F 1429 -6.21 88.53 35.39
N PHE F 1430 -6.48 89.60 34.66
CA PHE F 1430 -5.43 90.23 33.85
C PHE F 1430 -4.32 90.78 34.72
N PHE F 1431 -4.65 91.52 35.79
CA PHE F 1431 -3.57 91.94 36.68
C PHE F 1431 -2.92 90.76 37.38
N THR F 1432 -3.70 89.73 37.72
CA THR F 1432 -3.11 88.56 38.39
C THR F 1432 -2.04 87.92 37.51
N LYS F 1433 -2.36 87.70 36.24
CA LYS F 1433 -1.40 87.12 35.31
C LYS F 1433 -0.24 88.08 35.03
N LEU F 1434 -0.51 89.38 34.98
CA LEU F 1434 0.56 90.35 34.78
C LEU F 1434 1.58 90.30 35.92
N PHE F 1435 1.09 90.26 37.16
CA PHE F 1435 2.02 90.18 38.29
C PHE F 1435 2.67 88.81 38.38
N GLN F 1436 1.98 87.75 37.95
CA GLN F 1436 2.60 86.43 37.93
C GLN F 1436 3.76 86.41 36.95
N LEU F 1437 3.58 87.00 35.76
CA LEU F 1437 4.66 87.10 34.80
C LEU F 1437 5.77 88.03 35.30
N THR F 1438 5.40 89.05 36.07
CA THR F 1438 6.42 89.88 36.73
C THR F 1438 7.27 89.05 37.67
N GLU F 1439 6.63 88.18 38.46
CA GLU F 1439 7.37 87.40 39.45
C GLU F 1439 8.22 86.33 38.81
N LYS F 1440 7.67 85.59 37.84
CA LYS F 1440 8.42 84.46 37.27
C LYS F 1440 9.52 84.94 36.33
N SER F 1441 9.25 85.94 35.50
CA SER F 1441 10.19 86.43 34.50
C SER F 1441 10.34 87.94 34.65
N PRO F 1442 11.15 88.40 35.59
CA PRO F 1442 11.28 89.85 35.82
C PRO F 1442 12.09 90.52 34.72
N ASN F 1443 11.54 91.60 34.17
CA ASN F 1443 12.22 92.45 33.20
C ASN F 1443 11.95 93.90 33.58
N PRO F 1444 12.79 94.84 33.12
CA PRO F 1444 12.58 96.24 33.50
C PRO F 1444 11.22 96.79 33.15
N SER F 1445 10.62 96.34 32.04
CA SER F 1445 9.27 96.77 31.70
C SER F 1445 8.27 96.34 32.76
N LEU F 1446 8.37 95.10 33.24
CA LEU F 1446 7.46 94.62 34.27
C LEU F 1446 7.68 95.35 35.59
N LEU F 1447 8.93 95.66 35.94
CA LEU F 1447 9.21 96.44 37.13
C LEU F 1447 8.61 97.84 37.02
N HIS F 1448 8.73 98.46 35.84
CA HIS F 1448 8.18 99.80 35.65
C HIS F 1448 6.66 99.78 35.74
N LEU F 1449 6.01 98.75 35.17
CA LEU F 1449 4.56 98.70 35.29
C LEU F 1449 4.12 98.34 36.71
N CYS F 1450 4.95 97.61 37.45
CA CYS F 1450 4.68 97.41 38.88
C CYS F 1450 4.71 98.73 39.63
N GLY F 1451 5.69 99.59 39.30
CA GLY F 1451 5.71 100.93 39.88
C GLY F 1451 4.64 101.85 39.34
N SER F 1452 4.05 101.50 38.19
CA SER F 1452 3.05 102.36 37.57
C SER F 1452 1.80 102.52 38.44
N LEU F 1453 1.35 101.43 39.08
CA LEU F 1453 0.12 101.51 39.87
C LEU F 1453 0.28 102.35 41.13
N ALA F 1454 1.44 102.98 41.36
CA ALA F 1454 1.62 103.84 42.52
C ALA F 1454 0.73 105.07 42.46
N GLN F 1455 0.16 105.39 41.30
CA GLN F 1455 -0.71 106.55 41.15
C GLN F 1455 -2.10 106.33 41.72
N LEU F 1456 -2.32 105.22 42.43
CA LEU F 1456 -3.60 105.01 43.10
C LEU F 1456 -3.86 106.07 44.16
N ALA F 1457 -2.80 106.70 44.67
CA ALA F 1457 -2.97 107.80 45.61
C ALA F 1457 -3.59 109.02 44.95
N CYS F 1458 -3.26 109.27 43.68
CA CYS F 1458 -3.84 110.38 42.94
C CYS F 1458 -5.34 110.20 42.69
N VAL F 1459 -5.87 109.00 42.91
CA VAL F 1459 -7.29 108.74 42.71
C VAL F 1459 -8.09 109.48 43.78
N GLU F 1460 -9.13 110.19 43.35
CA GLU F 1460 -9.99 110.89 44.28
C GLU F 1460 -10.77 109.87 45.14
N PRO F 1461 -11.10 110.23 46.38
CA PRO F 1461 -11.69 109.24 47.29
C PRO F 1461 -13.02 108.68 46.85
N VAL F 1462 -13.84 109.44 46.14
CA VAL F 1462 -15.20 109.00 45.84
C VAL F 1462 -15.18 107.82 44.85
N ARG F 1463 -14.40 107.93 43.78
CA ARG F 1463 -14.39 106.87 42.78
C ARG F 1463 -13.76 105.58 43.35
N LEU F 1464 -12.70 105.72 44.14
CA LEU F 1464 -12.08 104.55 44.74
C LEU F 1464 -13.00 103.90 45.78
N GLN F 1465 -13.74 104.73 46.53
CA GLN F 1465 -14.70 104.18 47.49
C GLN F 1465 -15.80 103.41 46.77
N ALA F 1466 -16.33 103.97 45.68
CA ALA F 1466 -17.34 103.26 44.91
C ALA F 1466 -16.78 101.96 44.32
N TRP F 1467 -15.56 102.02 43.79
CA TRP F 1467 -14.94 100.83 43.22
C TRP F 1467 -14.79 99.73 44.28
N LEU F 1468 -14.26 100.09 45.45
CA LEU F 1468 -14.11 99.11 46.52
C LEU F 1468 -15.46 98.59 46.97
N THR F 1469 -16.47 99.45 46.99
CA THR F 1469 -17.82 99.01 47.34
C THR F 1469 -18.37 98.02 46.32
N ARG F 1470 -17.92 98.11 45.07
CA ARG F 1470 -18.38 97.18 44.05
C ARG F 1470 -18.08 95.73 44.44
N MET F 1471 -16.83 95.43 44.81
CA MET F 1471 -16.53 94.05 45.19
C MET F 1471 -16.86 93.76 46.64
N THR F 1472 -16.55 94.68 47.55
CA THR F 1472 -16.72 94.40 48.98
C THR F 1472 -18.17 94.17 49.37
N THR F 1473 -19.12 94.72 48.61
CA THR F 1473 -20.53 94.47 48.89
C THR F 1473 -20.86 93.01 48.61
N SER F 1474 -21.55 92.37 49.55
CA SER F 1474 -21.94 90.98 49.37
C SER F 1474 -23.05 90.89 48.32
N PRO F 1475 -22.87 90.09 47.27
CA PRO F 1475 -23.90 89.97 46.24
C PRO F 1475 -25.13 89.27 46.79
N PRO F 1476 -26.29 89.44 46.15
CA PRO F 1476 -27.47 88.69 46.56
C PRO F 1476 -27.24 87.19 46.43
N LYS F 1477 -27.82 86.42 47.36
CA LYS F 1477 -27.62 84.98 47.38
C LYS F 1477 -28.43 84.27 46.30
N ASP F 1478 -29.30 84.98 45.59
CA ASP F 1478 -30.03 84.40 44.46
C ASP F 1478 -29.36 84.70 43.12
N SER F 1479 -28.21 85.36 43.13
CA SER F 1479 -27.52 85.71 41.89
C SER F 1479 -26.60 84.58 41.46
N ASP F 1480 -26.38 84.48 40.15
CA ASP F 1480 -25.51 83.47 39.58
C ASP F 1480 -24.03 83.83 39.68
N GLN F 1481 -23.71 85.04 40.13
CA GLN F 1481 -22.34 85.51 40.19
C GLN F 1481 -21.72 85.38 41.58
N LEU F 1482 -22.36 84.62 42.47
CA LEU F 1482 -21.80 84.42 43.80
C LEU F 1482 -20.44 83.75 43.73
N ASP F 1483 -20.33 82.70 42.93
CA ASP F 1483 -19.04 82.04 42.74
C ASP F 1483 -18.03 82.99 42.11
N VAL F 1484 -18.46 83.77 41.11
CA VAL F 1484 -17.57 84.70 40.44
C VAL F 1484 -17.02 85.71 41.43
N ILE F 1485 -17.90 86.28 42.26
CA ILE F 1485 -17.44 87.27 43.24
C ILE F 1485 -16.59 86.63 44.33
N GLN F 1486 -16.84 85.35 44.65
CA GLN F 1486 -15.97 84.65 45.59
C GLN F 1486 -14.56 84.52 45.04
N GLU F 1487 -14.43 84.10 43.78
CA GLU F 1487 -13.10 84.03 43.19
C GLU F 1487 -12.48 85.42 43.04
N ASN F 1488 -13.29 86.45 42.78
CA ASN F 1488 -12.76 87.81 42.76
C ASN F 1488 -12.21 88.21 44.12
N ARG F 1489 -12.88 87.83 45.20
CA ARG F 1489 -12.35 88.10 46.54
C ARG F 1489 -11.03 87.38 46.74
N GLN F 1490 -10.96 86.11 46.32
CA GLN F 1490 -9.73 85.35 46.48
C GLN F 1490 -8.57 86.00 45.73
N LEU F 1491 -8.78 86.34 44.46
CA LEU F 1491 -7.70 86.97 43.69
C LEU F 1491 -7.45 88.41 44.12
N LEU F 1492 -8.43 89.07 44.74
CA LEU F 1492 -8.17 90.39 45.31
C LEU F 1492 -7.23 90.30 46.50
N GLN F 1493 -7.43 89.30 47.36
CA GLN F 1493 -6.46 89.04 48.42
C GLN F 1493 -5.10 88.68 47.82
N LEU F 1494 -5.10 87.90 46.74
CA LEU F 1494 -3.84 87.50 46.11
C LEU F 1494 -3.09 88.72 45.57
N LEU F 1495 -3.79 89.62 44.89
CA LEU F 1495 -3.13 90.81 44.36
C LEU F 1495 -2.74 91.78 45.47
N THR F 1496 -3.49 91.80 46.57
CA THR F 1496 -3.05 92.55 47.74
C THR F 1496 -1.72 92.03 48.25
N THR F 1497 -1.59 90.70 48.35
CA THR F 1497 -0.33 90.11 48.77
C THR F 1497 0.79 90.44 47.76
N TYR F 1498 0.45 90.45 46.48
CA TYR F 1498 1.42 90.85 45.45
C TYR F 1498 1.90 92.27 45.67
N ILE F 1499 0.97 93.19 45.98
CA ILE F 1499 1.32 94.60 46.12
C ILE F 1499 2.15 94.83 47.37
N VAL F 1500 1.75 94.23 48.48
CA VAL F 1500 2.37 94.53 49.78
C VAL F 1500 3.77 93.94 49.88
N ARG F 1501 4.20 93.20 48.86
CA ARG F 1501 5.53 92.62 48.88
C ARG F 1501 6.60 93.71 48.86
N GLU F 1502 7.70 93.42 49.56
CA GLU F 1502 8.81 94.38 49.60
C GLU F 1502 9.41 94.60 48.23
N ASN F 1503 9.56 93.53 47.44
CA ASN F 1503 10.09 93.66 46.08
C ASN F 1503 9.17 94.44 45.17
N SER F 1504 7.87 94.51 45.49
CA SER F 1504 6.95 95.31 44.69
C SER F 1504 7.27 96.79 44.83
N GLN F 1505 7.14 97.52 43.72
CA GLN F 1505 7.50 98.93 43.66
C GLN F 1505 6.32 99.86 43.92
N VAL F 1506 5.20 99.33 44.38
CA VAL F 1506 4.01 100.17 44.60
C VAL F 1506 4.27 101.21 45.67
N GLY F 1507 4.91 100.81 46.77
CA GLY F 1507 5.21 101.72 47.86
C GLY F 1507 4.18 101.65 48.98
N GLU F 1508 4.59 102.15 50.15
CA GLU F 1508 3.76 102.08 51.35
C GLU F 1508 2.70 103.16 51.41
N GLY F 1509 2.82 104.23 50.62
CA GLY F 1509 1.80 105.26 50.63
C GLY F 1509 0.47 104.76 50.10
N VAL F 1510 0.51 103.98 49.02
CA VAL F 1510 -0.72 103.38 48.48
C VAL F 1510 -1.35 102.45 49.51
N CYS F 1511 -0.53 101.67 50.21
CA CYS F 1511 -1.06 100.79 51.25
C CYS F 1511 -1.70 101.60 52.38
N ALA F 1512 -1.06 102.68 52.80
CA ALA F 1512 -1.60 103.50 53.87
C ALA F 1512 -2.93 104.12 53.48
N VAL F 1513 -3.02 104.67 52.28
CA VAL F 1513 -4.26 105.29 51.85
C VAL F 1513 -5.35 104.22 51.65
N LEU F 1514 -4.97 103.03 51.20
CA LEU F 1514 -5.94 101.95 51.08
C LEU F 1514 -6.49 101.55 52.45
N LEU F 1515 -5.63 101.48 53.46
CA LEU F 1515 -6.09 101.20 54.81
C LEU F 1515 -7.03 102.31 55.29
N GLY F 1516 -6.67 103.56 55.03
CA GLY F 1516 -7.49 104.68 55.46
C GLY F 1516 -8.85 104.72 54.81
N THR F 1517 -8.94 104.32 53.54
CA THR F 1517 -10.22 104.26 52.85
C THR F 1517 -10.83 102.86 52.83
N LEU F 1518 -10.29 101.94 53.64
CA LEU F 1518 -10.96 100.67 53.86
C LEU F 1518 -11.52 100.55 55.27
N THR F 1519 -10.92 101.24 56.24
CA THR F 1519 -11.43 101.19 57.61
C THR F 1519 -12.86 101.70 57.78
N PRO F 1520 -13.24 102.90 57.26
CA PRO F 1520 -14.53 103.50 57.66
C PRO F 1520 -15.76 102.68 57.31
N MET F 1521 -15.95 102.33 56.03
CA MET F 1521 -17.14 101.57 55.69
C MET F 1521 -17.06 100.12 56.18
N ALA F 1522 -15.87 99.63 56.50
CA ALA F 1522 -15.78 98.38 57.24
C ALA F 1522 -16.43 98.53 58.61
N THR F 1523 -16.10 99.59 59.33
CA THR F 1523 -16.79 99.87 60.59
C THR F 1523 -18.29 100.05 60.35
N GLU F 1524 -18.65 100.69 59.24
CA GLU F 1524 -20.06 100.94 58.94
C GLU F 1524 -20.84 99.64 58.76
N MET F 1525 -20.34 98.74 57.90
CA MET F 1525 -21.08 97.51 57.63
C MET F 1525 -20.95 96.51 58.78
N LEU F 1526 -19.96 96.68 59.65
CA LEU F 1526 -20.00 95.97 60.93
C LEU F 1526 -21.07 96.54 61.84
N ALA F 1527 -21.35 97.84 61.73
CA ALA F 1527 -22.31 98.48 62.62
C ALA F 1527 -23.75 98.29 62.14
N ASN F 1528 -24.08 98.83 60.96
CA ASN F 1528 -25.47 98.80 60.51
C ASN F 1528 -25.86 97.44 59.95
N GLY F 1529 -24.93 96.76 59.26
CA GLY F 1529 -25.24 95.50 58.63
C GLY F 1529 -25.14 94.32 59.58
N ASP F 1530 -25.38 93.14 59.01
CA ASP F 1530 -25.25 91.89 59.75
C ASP F 1530 -23.85 91.30 59.68
N GLY F 1531 -22.88 92.07 59.21
CA GLY F 1531 -21.53 91.56 59.05
C GLY F 1531 -21.34 90.62 57.89
N THR F 1532 -22.20 90.70 56.88
CA THR F 1532 -22.08 89.82 55.71
C THR F 1532 -20.80 90.16 54.94
N GLY F 1533 -20.05 89.11 54.57
CA GLY F 1533 -18.79 89.28 53.89
C GLY F 1533 -17.64 89.71 54.76
N PHE F 1534 -17.88 89.96 56.05
CA PHE F 1534 -16.79 90.36 56.94
C PHE F 1534 -15.68 89.32 57.07
N PRO F 1535 -15.96 88.02 57.26
CA PRO F 1535 -14.90 87.09 57.68
C PRO F 1535 -13.68 87.02 56.77
N GLU F 1536 -13.76 87.51 55.53
CA GLU F 1536 -12.57 87.53 54.67
C GLU F 1536 -12.10 88.94 54.33
N LEU F 1537 -12.58 89.97 55.02
CA LEU F 1537 -11.97 91.29 54.86
C LEU F 1537 -10.63 91.38 55.56
N MET F 1538 -10.50 90.79 56.75
CA MET F 1538 -9.26 90.90 57.51
C MET F 1538 -8.05 90.43 56.69
N VAL F 1539 -8.26 89.45 55.80
CA VAL F 1539 -7.18 89.00 54.93
C VAL F 1539 -6.68 90.14 54.04
N VAL F 1540 -7.51 91.15 53.79
CA VAL F 1540 -7.13 92.24 52.90
C VAL F 1540 -6.36 93.31 53.66
N MET F 1541 -7.00 94.01 54.60
CA MET F 1541 -6.29 95.12 55.22
C MET F 1541 -5.32 94.67 56.30
N ALA F 1542 -5.43 93.44 56.81
CA ALA F 1542 -4.38 92.90 57.65
C ALA F 1542 -3.09 92.74 56.85
N THR F 1543 -3.19 92.23 55.62
CA THR F 1543 -2.03 92.17 54.74
C THR F 1543 -1.58 93.56 54.33
N LEU F 1544 -2.52 94.49 54.16
CA LEU F 1544 -2.17 95.88 53.92
C LEU F 1544 -1.28 96.42 55.04
N ALA F 1545 -1.65 96.14 56.29
CA ALA F 1545 -0.85 96.58 57.42
C ALA F 1545 0.51 95.90 57.44
N SER F 1546 0.62 94.70 56.86
CA SER F 1546 1.88 93.98 56.84
C SER F 1546 2.91 94.61 55.92
N ALA F 1547 2.52 95.59 55.10
CA ALA F 1547 3.45 96.22 54.17
C ALA F 1547 4.52 96.99 54.93
N GLY F 1548 5.77 96.86 54.45
CA GLY F 1548 6.86 97.58 55.08
C GLY F 1548 7.14 97.10 56.48
N GLN F 1549 7.39 98.06 57.38
CA GLN F 1549 7.74 97.77 58.76
C GLN F 1549 6.53 97.43 59.62
N GLY F 1550 5.32 97.54 59.09
CA GLY F 1550 4.12 97.27 59.87
C GLY F 1550 3.49 98.48 60.50
N ALA F 1551 3.55 99.65 59.84
CA ALA F 1551 2.92 100.84 60.38
C ALA F 1551 1.40 100.73 60.37
N GLY F 1552 0.84 99.96 59.45
CA GLY F 1552 -0.61 99.83 59.37
C GLY F 1552 -1.23 99.24 60.63
N HIS F 1553 -0.51 98.36 61.31
CA HIS F 1553 -1.00 97.80 62.56
C HIS F 1553 -1.24 98.89 63.59
N LEU F 1554 -0.57 100.04 63.45
CA LEU F 1554 -0.81 101.15 64.36
C LEU F 1554 -2.24 101.67 64.27
N GLN F 1555 -2.88 101.52 63.11
CA GLN F 1555 -4.24 102.02 62.92
C GLN F 1555 -5.28 100.92 63.00
N LEU F 1556 -5.08 99.83 62.24
CA LEU F 1556 -6.11 98.79 62.15
C LEU F 1556 -6.43 98.20 63.51
N HIS F 1557 -5.41 97.90 64.32
CA HIS F 1557 -5.63 97.41 65.67
C HIS F 1557 -6.55 98.34 66.44
N ASN F 1558 -6.32 99.65 66.32
CA ASN F 1558 -7.18 100.63 66.98
C ASN F 1558 -8.64 100.39 66.62
N ALA F 1559 -8.93 100.20 65.33
CA ALA F 1559 -10.29 99.92 64.92
C ALA F 1559 -10.80 98.63 65.57
N ALA F 1560 -9.96 97.59 65.56
CA ALA F 1560 -10.33 96.35 66.23
C ALA F 1560 -10.64 96.60 67.70
N VAL F 1561 -9.92 97.55 68.31
CA VAL F 1561 -10.18 97.90 69.71
C VAL F 1561 -11.64 98.28 69.90
N ASP F 1562 -12.18 99.09 68.99
CA ASP F 1562 -13.62 99.33 69.01
C ASP F 1562 -14.39 98.13 68.47
N TRP F 1563 -13.88 97.53 67.39
CA TRP F 1563 -14.70 96.62 66.58
C TRP F 1563 -15.23 95.46 67.40
N LEU F 1564 -14.34 94.73 68.08
CA LEU F 1564 -14.79 93.62 68.90
C LEU F 1564 -15.69 94.11 70.02
N SER F 1565 -15.37 95.26 70.62
CA SER F 1565 -16.27 95.89 71.56
C SER F 1565 -17.63 96.12 70.91
N ARG F 1566 -17.64 96.67 69.70
CA ARG F 1566 -18.87 96.77 68.92
C ARG F 1566 -19.52 95.40 68.79
N CYS F 1567 -18.72 94.39 68.39
CA CYS F 1567 -19.25 93.03 68.30
C CYS F 1567 -19.74 92.55 69.65
N LYS F 1568 -19.05 92.95 70.72
CA LYS F 1568 -19.52 92.60 72.07
C LYS F 1568 -20.90 93.17 72.30
N LYS F 1569 -21.13 94.41 71.86
CA LYS F 1569 -22.42 95.07 72.05
C LYS F 1569 -23.53 94.34 71.30
N TYR F 1570 -23.17 93.30 70.54
CA TYR F 1570 -24.17 92.45 69.91
C TYR F 1570 -24.32 91.10 70.59
N LEU F 1571 -23.26 90.56 71.20
CA LEU F 1571 -23.37 89.22 71.78
C LEU F 1571 -23.77 89.25 73.25
N SER F 1572 -23.94 90.43 73.84
CA SER F 1572 -24.33 90.55 75.23
C SER F 1572 -25.83 90.59 75.44
N GLN F 1573 -26.61 90.77 74.38
CA GLN F 1573 -28.06 90.87 74.51
C GLN F 1573 -28.65 89.53 74.92
N LYS F 1574 -29.77 89.59 75.64
CA LYS F 1574 -30.42 88.38 76.12
C LYS F 1574 -30.97 87.56 74.96
N ASN F 1575 -31.53 88.22 73.94
CA ASN F 1575 -32.02 87.49 72.78
C ASN F 1575 -30.89 86.75 72.07
N VAL F 1576 -29.73 87.41 71.93
CA VAL F 1576 -28.61 86.80 71.22
C VAL F 1576 -28.05 85.60 71.98
N VAL F 1577 -27.89 85.75 73.30
CA VAL F 1577 -27.37 84.63 74.08
C VAL F 1577 -28.38 83.50 74.14
N GLU F 1578 -29.68 83.82 74.15
CA GLU F 1578 -30.70 82.78 74.10
C GLU F 1578 -30.62 82.03 72.77
N LYS F 1579 -30.46 82.76 71.67
CA LYS F 1579 -30.32 82.13 70.37
C LYS F 1579 -29.08 81.25 70.31
N LEU F 1580 -27.99 81.70 70.94
CA LEU F 1580 -26.79 80.87 71.05
C LEU F 1580 -27.08 79.60 71.84
N ASN F 1581 -27.82 79.71 72.94
CA ASN F 1581 -28.14 78.55 73.77
C ASN F 1581 -28.99 77.54 73.00
N ALA F 1582 -29.84 78.02 72.09
CA ALA F 1582 -30.61 77.13 71.23
C ALA F 1582 -29.74 76.37 70.25
N ASN F 1583 -28.48 76.77 70.07
CA ASN F 1583 -27.53 76.09 69.19
C ASN F 1583 -28.05 76.05 67.76
N VAL F 1584 -28.22 77.23 67.18
CA VAL F 1584 -28.70 77.40 65.81
C VAL F 1584 -27.58 77.99 64.97
N MET F 1585 -27.32 77.35 63.82
CA MET F 1585 -26.26 77.85 62.94
C MET F 1585 -26.68 79.14 62.24
N HIS F 1586 -27.91 79.19 61.72
CA HIS F 1586 -28.36 80.34 60.96
C HIS F 1586 -28.70 81.49 61.90
N GLY F 1587 -28.29 82.70 61.51
CA GLY F 1587 -28.51 83.89 62.30
C GLY F 1587 -27.26 84.75 62.30
N LYS F 1588 -27.43 86.00 62.74
CA LYS F 1588 -26.32 86.95 62.77
C LYS F 1588 -25.38 86.69 63.95
N HIS F 1589 -25.85 85.99 64.98
CA HIS F 1589 -25.03 85.77 66.18
C HIS F 1589 -23.80 84.91 65.87
N VAL F 1590 -23.99 83.82 65.14
CA VAL F 1590 -22.85 82.95 64.81
C VAL F 1590 -21.88 83.67 63.88
N MET F 1591 -22.41 84.39 62.89
CA MET F 1591 -21.55 85.15 62.00
C MET F 1591 -20.74 86.18 62.77
N ILE F 1592 -21.37 86.86 63.73
CA ILE F 1592 -20.64 87.88 64.49
C ILE F 1592 -19.62 87.25 65.42
N LEU F 1593 -19.88 86.05 65.94
CA LEU F 1593 -18.85 85.43 66.79
C LEU F 1593 -17.66 85.00 65.95
N GLU F 1594 -17.90 84.53 64.73
CA GLU F 1594 -16.77 84.28 63.82
C GLU F 1594 -16.03 85.57 63.49
N CYS F 1595 -16.78 86.67 63.33
CA CYS F 1595 -16.14 87.96 63.07
C CYS F 1595 -15.23 88.36 64.22
N THR F 1596 -15.69 88.18 65.46
CA THR F 1596 -14.82 88.35 66.61
C THR F 1596 -13.57 87.47 66.48
N CYS F 1597 -13.78 86.15 66.48
CA CYS F 1597 -12.69 85.19 66.31
C CYS F 1597 -11.65 85.72 65.34
N HIS F 1598 -12.10 86.26 64.21
CA HIS F 1598 -11.18 86.77 63.20
C HIS F 1598 -10.47 88.05 63.63
N ILE F 1599 -11.19 89.01 64.23
CA ILE F 1599 -10.56 90.30 64.50
C ILE F 1599 -9.52 90.18 65.61
N MET F 1600 -9.84 89.49 66.71
CA MET F 1600 -8.67 89.28 67.55
C MET F 1600 -7.83 88.07 67.17
N SER F 1601 -8.16 87.32 66.11
CA SER F 1601 -7.12 86.53 65.45
C SER F 1601 -6.06 87.43 64.83
N TYR F 1602 -6.49 88.53 64.21
CA TYR F 1602 -5.55 89.54 63.74
C TYR F 1602 -4.78 90.16 64.90
N LEU F 1603 -5.49 90.38 66.02
CA LEU F 1603 -4.80 90.82 67.24
C LEU F 1603 -3.70 89.84 67.63
N ALA F 1604 -3.98 88.53 67.52
CA ALA F 1604 -2.94 87.53 67.73
C ALA F 1604 -1.80 87.70 66.74
N ASP F 1605 -2.14 87.93 65.47
CA ASP F 1605 -1.13 88.03 64.42
C ASP F 1605 -0.18 89.18 64.70
N VAL F 1606 -0.66 90.26 65.30
CA VAL F 1606 0.22 91.39 65.60
C VAL F 1606 0.95 91.18 66.93
N THR F 1607 0.28 90.63 67.93
CA THR F 1607 0.91 90.53 69.25
C THR F 1607 2.01 89.48 69.26
N ASN F 1608 1.86 88.40 68.49
CA ASN F 1608 2.94 87.41 68.44
C ASN F 1608 4.19 88.01 67.83
N ALA F 1609 4.03 88.81 66.77
CA ALA F 1609 5.16 89.50 66.17
C ALA F 1609 5.80 90.46 67.17
N LEU F 1610 4.99 91.23 67.90
CA LEU F 1610 5.56 92.16 68.86
C LEU F 1610 6.28 91.43 69.99
N SER F 1611 5.72 90.31 70.45
CA SER F 1611 6.34 89.54 71.52
C SER F 1611 7.63 88.88 71.07
N GLN F 1612 7.71 88.47 69.81
CA GLN F 1612 8.94 87.93 69.25
C GLN F 1612 9.90 89.01 68.77
N SER F 1613 9.49 90.28 68.83
CA SER F 1613 10.37 91.38 68.49
C SER F 1613 11.43 91.66 69.56
N ASN F 1614 11.36 90.98 70.70
CA ASN F 1614 12.36 91.14 71.75
C ASN F 1614 13.76 90.76 71.25
N ASP F 1655 28.77 19.64 74.43
CA ASP F 1655 28.45 18.36 75.05
C ASP F 1655 27.66 17.47 74.08
N SER F 1656 26.57 18.01 73.54
CA SER F 1656 25.77 17.25 72.59
C SER F 1656 26.55 16.94 71.31
N LEU F 1657 27.33 17.92 70.83
CA LEU F 1657 28.11 17.70 69.61
C LEU F 1657 29.20 16.65 69.83
N CYS F 1658 29.69 16.52 71.06
CA CYS F 1658 30.73 15.54 71.34
C CYS F 1658 30.23 14.12 71.12
N ASN F 1659 28.99 13.84 71.54
CA ASN F 1659 28.43 12.50 71.37
C ASN F 1659 28.05 12.18 69.94
N LYS F 1660 28.00 13.18 69.06
CA LYS F 1660 27.64 12.95 67.67
C LYS F 1660 28.85 12.42 66.90
N LEU F 1661 28.63 11.35 66.14
CA LEU F 1661 29.68 10.73 65.34
C LEU F 1661 29.54 11.15 63.88
N CYS F 1662 30.64 11.00 63.14
CA CYS F 1662 30.62 11.30 61.72
C CYS F 1662 29.72 10.32 60.98
N THR F 1663 29.14 10.79 59.86
CA THR F 1663 28.23 9.95 59.10
C THR F 1663 28.95 8.81 58.40
N PHE F 1664 30.25 8.95 58.15
CA PHE F 1664 30.97 7.94 57.37
C PHE F 1664 30.87 6.57 58.01
N THR F 1665 30.95 6.51 59.35
CA THR F 1665 30.88 5.22 60.04
C THR F 1665 29.62 4.45 59.66
N ILE F 1666 28.55 5.15 59.31
CA ILE F 1666 27.36 4.51 58.76
C ILE F 1666 27.41 4.45 57.25
N THR F 1667 27.86 5.52 56.59
CA THR F 1667 27.82 5.54 55.12
C THR F 1667 28.90 4.68 54.50
N GLN F 1668 30.12 4.71 55.07
CA GLN F 1668 31.29 4.10 54.45
C GLN F 1668 31.47 4.64 53.04
N LYS F 1669 31.83 3.78 52.08
CA LYS F 1669 32.02 4.18 50.71
C LYS F 1669 30.72 4.15 49.90
N GLU F 1670 29.58 4.18 50.57
CA GLU F 1670 28.27 4.24 49.94
C GLU F 1670 27.63 5.60 50.22
N PHE F 1671 26.69 5.98 49.36
CA PHE F 1671 26.10 7.32 49.37
C PHE F 1671 24.72 7.29 50.01
N MET F 1672 24.58 7.92 51.16
CA MET F 1672 23.26 8.23 51.72
C MET F 1672 22.83 9.64 51.31
N ASN F 1673 21.55 9.92 51.55
CA ASN F 1673 21.01 11.26 51.35
C ASN F 1673 21.23 12.06 52.62
N GLN F 1674 22.07 13.09 52.53
CA GLN F 1674 22.45 13.87 53.70
C GLN F 1674 22.86 15.27 53.25
N HIS F 1675 22.93 16.16 54.24
CA HIS F 1675 23.48 17.51 54.01
C HIS F 1675 25.00 17.42 53.98
N TRP F 1676 25.61 18.10 53.01
CA TRP F 1676 27.06 18.15 52.92
C TRP F 1676 27.49 19.52 52.39
N TYR F 1677 28.72 19.87 52.72
CA TYR F 1677 29.25 21.22 52.54
C TYR F 1677 30.51 21.17 51.68
N HIS F 1678 31.14 22.33 51.52
CA HIS F 1678 32.43 22.44 50.86
C HIS F 1678 33.39 23.14 51.81
N CYS F 1679 34.48 22.48 52.17
CA CYS F 1679 35.51 23.05 53.03
C CYS F 1679 36.64 23.54 52.13
N HIS F 1680 36.63 24.82 51.81
CA HIS F 1680 37.59 25.38 50.87
C HIS F 1680 38.97 25.54 51.47
N THR F 1681 39.10 25.50 52.80
CA THR F 1681 40.42 25.55 53.42
C THR F 1681 41.22 24.29 53.11
N CYS F 1682 40.54 23.16 52.99
CA CYS F 1682 41.18 21.87 52.70
C CYS F 1682 41.25 21.58 51.20
N LYS F 1683 40.88 22.53 50.35
CA LYS F 1683 40.93 22.37 48.90
C LYS F 1683 40.16 21.15 48.44
N MET F 1684 38.95 20.99 48.97
CA MET F 1684 38.07 19.84 48.67
C MET F 1684 36.67 20.38 48.38
N VAL F 1685 36.32 20.41 47.09
CA VAL F 1685 35.07 21.00 46.61
C VAL F 1685 34.46 20.08 45.56
N ASP F 1686 33.39 20.55 44.92
CA ASP F 1686 32.70 19.81 43.87
C ASP F 1686 32.18 18.48 44.40
N GLY F 1687 32.84 17.38 44.06
CA GLY F 1687 32.44 16.07 44.53
C GLY F 1687 33.01 15.66 45.86
N VAL F 1688 33.76 16.53 46.54
CA VAL F 1688 34.40 16.22 47.80
C VAL F 1688 33.87 17.18 48.87
N GLY F 1689 33.46 16.62 50.01
CA GLY F 1689 32.94 17.43 51.10
C GLY F 1689 32.95 16.66 52.39
N VAL F 1690 32.22 17.20 53.37
CA VAL F 1690 32.11 16.60 54.70
C VAL F 1690 30.65 16.57 55.12
N CYS F 1691 30.38 15.84 56.19
CA CYS F 1691 29.08 15.84 56.85
C CYS F 1691 28.99 17.02 57.81
N THR F 1692 27.88 17.07 58.55
CA THR F 1692 27.69 18.14 59.52
C THR F 1692 28.71 18.07 60.65
N VAL F 1693 28.94 16.86 61.18
CA VAL F 1693 29.83 16.71 62.34
C VAL F 1693 31.26 17.09 61.97
N CYS F 1694 31.74 16.62 60.81
CA CYS F 1694 33.11 16.92 60.41
C CYS F 1694 33.29 18.41 60.11
N ALA F 1695 32.27 19.04 59.52
CA ALA F 1695 32.34 20.48 59.32
C ALA F 1695 32.38 21.21 60.66
N LYS F 1696 31.60 20.75 61.63
CA LYS F 1696 31.56 21.42 62.93
C LYS F 1696 32.81 21.14 63.74
N VAL F 1697 33.35 19.91 63.66
CA VAL F 1697 34.44 19.47 64.51
C VAL F 1697 35.75 19.34 63.74
N CYS F 1698 35.79 18.47 62.73
CA CYS F 1698 37.04 18.20 62.01
C CYS F 1698 37.51 19.40 61.20
N HIS F 1699 36.65 20.38 60.95
CA HIS F 1699 37.02 21.56 60.18
C HIS F 1699 36.49 22.82 60.84
N LYS F 1700 36.67 22.93 62.16
CA LYS F 1700 36.23 24.11 62.88
C LYS F 1700 37.03 25.34 62.42
N ASP F 1701 36.35 26.47 62.35
CA ASP F 1701 36.90 27.76 61.94
C ASP F 1701 37.42 27.76 60.51
N HIS F 1702 37.09 26.73 59.72
CA HIS F 1702 37.49 26.68 58.32
C HIS F 1702 36.46 27.38 57.44
N GLU F 1703 36.90 27.76 56.25
CA GLU F 1703 36.01 28.36 55.26
C GLU F 1703 35.12 27.27 54.69
N ILE F 1704 33.91 27.14 55.24
CA ILE F 1704 33.00 26.06 54.91
C ILE F 1704 31.76 26.65 54.24
N SER F 1705 31.42 26.13 53.07
CA SER F 1705 30.22 26.54 52.34
C SER F 1705 29.34 25.32 52.12
N TYR F 1706 28.06 25.45 52.43
CA TYR F 1706 27.12 24.34 52.32
C TYR F 1706 26.92 23.97 50.87
N ALA F 1707 27.25 22.72 50.53
CA ALA F 1707 27.14 22.27 49.15
C ALA F 1707 25.68 22.01 48.77
N LYS F 1708 25.06 21.02 49.40
CA LYS F 1708 23.65 20.71 49.14
C LYS F 1708 23.22 19.56 50.04
N TYR F 1709 21.92 19.26 49.98
CA TYR F 1709 21.35 18.07 50.59
C TYR F 1709 21.09 17.06 49.49
N GLY F 1710 21.86 15.99 49.46
CA GLY F 1710 21.71 15.01 48.40
C GLY F 1710 22.51 13.76 48.65
N SER F 1711 22.69 12.98 47.58
CA SER F 1711 23.46 11.74 47.67
C SER F 1711 24.93 12.05 47.88
N PHE F 1712 25.53 11.46 48.91
CA PHE F 1712 26.87 11.82 49.32
C PHE F 1712 27.37 10.82 50.36
N PHE F 1713 28.69 10.77 50.51
CA PHE F 1713 29.34 10.07 51.61
C PHE F 1713 30.48 10.95 52.11
N CYS F 1714 30.66 11.01 53.43
CA CYS F 1714 31.61 11.95 54.02
C CYS F 1714 33.03 11.57 53.64
N ASP F 1715 33.73 12.50 52.99
CA ASP F 1715 35.11 12.26 52.58
C ASP F 1715 36.10 12.37 53.72
N CYS F 1716 35.80 13.22 54.72
CA CYS F 1716 36.70 13.34 55.86
C CYS F 1716 36.82 12.03 56.62
N GLY F 1717 35.70 11.35 56.83
CA GLY F 1717 35.75 10.00 57.39
C GLY F 1717 36.30 8.97 56.42
N ALA F 1718 36.23 9.25 55.13
CA ALA F 1718 36.79 8.36 54.11
C ALA F 1718 38.31 8.45 54.03
N LYS F 1719 38.92 9.43 54.70
CA LYS F 1719 40.37 9.55 54.69
C LYS F 1719 41.01 8.34 55.36
N GLU F 1720 42.02 7.77 54.70
CA GLU F 1720 42.66 6.56 55.20
C GLU F 1720 43.74 6.84 56.23
N ASP F 1721 44.13 8.10 56.42
CA ASP F 1721 45.17 8.43 57.39
C ASP F 1721 44.65 8.51 58.82
N GLY F 1722 43.33 8.45 59.02
CA GLY F 1722 42.77 8.54 60.35
C GLY F 1722 42.70 9.93 60.93
N SER F 1723 42.87 10.98 60.11
CA SER F 1723 42.84 12.34 60.59
C SER F 1723 41.44 12.79 61.00
N CYS F 1724 40.41 12.02 60.67
CA CYS F 1724 39.04 12.39 61.02
C CYS F 1724 38.83 12.23 62.51
N LEU F 1725 38.56 13.35 63.20
CA LEU F 1725 38.36 13.33 64.65
C LEU F 1725 36.94 12.96 65.04
N ALA F 1726 36.01 12.88 64.08
CA ALA F 1726 34.63 12.58 64.37
C ALA F 1726 34.28 11.11 64.21
N LEU F 1727 35.26 10.25 63.94
CA LEU F 1727 34.98 8.83 63.79
C LEU F 1727 34.70 8.14 65.13
N VAL F 1728 35.14 8.72 66.24
CA VAL F 1728 34.95 8.14 67.56
C VAL F 1728 34.38 9.22 68.49
N LYS F 1729 33.80 8.75 69.59
CA LYS F 1729 33.23 9.66 70.58
C LYS F 1729 34.33 10.51 71.22
N ARG F 1730 34.02 11.78 71.46
CA ARG F 1730 34.96 12.73 72.02
C ARG F 1730 34.54 13.15 73.42
N THR F 1731 35.48 13.15 74.34
CA THR F 1731 35.21 13.62 75.70
C THR F 1731 35.30 15.13 75.75
N PRO F 1732 34.27 15.81 76.25
CA PRO F 1732 34.30 17.28 76.33
C PRO F 1732 35.44 17.76 77.20
N SER F 1733 36.05 18.87 76.80
CA SER F 1733 37.17 19.45 77.54
C SER F 1733 36.69 20.34 78.67
N GLY F 1794 8.18 99.19 63.91
CA GLY F 1794 8.99 100.38 64.14
C GLY F 1794 8.31 101.39 65.06
N CYS F 1795 7.23 100.96 65.71
CA CYS F 1795 6.48 101.81 66.63
C CYS F 1795 6.14 101.03 67.89
N ARG F 1796 7.12 100.34 68.46
CA ARG F 1796 6.88 99.50 69.62
C ARG F 1796 6.43 100.32 70.82
N GLU F 1797 7.09 101.46 71.08
CA GLU F 1797 6.69 102.31 72.20
C GLU F 1797 5.30 102.89 72.00
N GLU F 1798 5.01 103.35 70.77
CA GLU F 1798 3.68 103.87 70.48
C GLU F 1798 2.62 102.77 70.58
N LEU F 1799 2.96 101.56 70.13
CA LEU F 1799 2.02 100.45 70.24
C LEU F 1799 1.73 100.13 71.70
N GLN F 1800 2.77 100.13 72.55
CA GLN F 1800 2.55 99.88 73.97
C GLN F 1800 1.70 100.98 74.60
N ASN F 1801 1.95 102.24 74.22
CA ASN F 1801 1.16 103.35 74.75
C ASN F 1801 -0.30 103.22 74.32
N GLN F 1802 -0.55 102.82 73.08
CA GLN F 1802 -1.92 102.61 72.62
C GLN F 1802 -2.57 101.45 73.35
N ALA F 1803 -1.83 100.36 73.58
CA ALA F 1803 -2.36 99.20 74.27
C ALA F 1803 -2.37 99.36 75.79
N ASN F 1804 -1.94 100.51 76.30
CA ASN F 1804 -2.02 100.77 77.74
C ASN F 1804 -3.42 100.55 78.27
N PHE F 1805 -4.44 100.87 77.47
CA PHE F 1805 -5.82 100.52 77.82
C PHE F 1805 -5.96 99.01 77.69
N SER F 1806 -5.90 98.32 78.83
CA SER F 1806 -5.88 96.87 78.82
C SER F 1806 -7.20 96.31 78.32
N PHE F 1807 -7.12 95.31 77.45
CA PHE F 1807 -8.29 94.57 77.03
C PHE F 1807 -8.57 93.36 77.91
N ALA F 1808 -7.65 93.01 78.80
CA ALA F 1808 -7.90 91.93 79.74
C ALA F 1808 -9.17 92.11 80.56
N PRO F 1809 -9.51 93.30 81.07
CA PRO F 1809 -10.85 93.46 81.66
C PRO F 1809 -11.96 93.17 80.66
N LEU F 1810 -11.85 93.66 79.43
CA LEU F 1810 -12.85 93.31 78.43
C LEU F 1810 -12.83 91.81 78.12
N VAL F 1811 -11.64 91.21 78.04
CA VAL F 1811 -11.55 89.79 77.77
C VAL F 1811 -12.33 89.00 78.83
N LEU F 1812 -12.06 89.28 80.10
CA LEU F 1812 -12.73 88.52 81.14
C LEU F 1812 -14.20 88.88 81.23
N ASP F 1813 -14.59 90.10 80.83
CA ASP F 1813 -15.99 90.47 80.94
C ASP F 1813 -16.84 90.06 79.75
N MET F 1814 -16.25 89.55 78.66
CA MET F 1814 -17.16 88.69 77.91
C MET F 1814 -17.02 87.23 78.34
N LEU F 1815 -15.80 86.77 78.63
CA LEU F 1815 -15.61 85.37 78.98
C LEU F 1815 -16.50 84.93 80.13
N ASN F 1816 -16.76 85.82 81.08
CA ASN F 1816 -17.53 85.43 82.28
C ASN F 1816 -18.97 85.07 81.93
N PHE F 1817 -19.56 85.74 80.94
CA PHE F 1817 -20.96 85.47 80.59
C PHE F 1817 -21.13 84.68 79.30
N LEU F 1818 -20.05 84.41 78.55
CA LEU F 1818 -20.08 83.29 77.61
C LEU F 1818 -19.62 82.00 78.26
N MET F 1819 -19.16 82.08 79.52
CA MET F 1819 -18.82 80.95 80.37
C MET F 1819 -19.96 79.94 80.41
N ASP F 1820 -21.20 80.43 80.54
CA ASP F 1820 -22.38 79.58 80.69
C ASP F 1820 -22.52 78.60 79.54
N ALA F 1821 -22.15 79.02 78.33
CA ALA F 1821 -22.32 78.18 77.15
C ALA F 1821 -21.04 77.46 76.74
N ILE F 1822 -19.87 78.06 76.99
CA ILE F 1822 -18.64 77.36 76.63
C ILE F 1822 -18.46 76.13 77.52
N GLN F 1823 -18.91 76.20 78.78
CA GLN F 1823 -18.90 75.00 79.61
C GLN F 1823 -19.73 73.89 78.98
N THR F 1824 -20.94 74.19 78.55
CA THR F 1824 -21.80 73.16 77.99
C THR F 1824 -21.19 72.56 76.73
N ASN F 1825 -20.71 73.41 75.83
CA ASN F 1825 -20.11 72.88 74.60
C ASN F 1825 -18.84 72.08 74.89
N PHE F 1826 -18.01 72.55 75.81
CA PHE F 1826 -16.75 71.87 76.12
C PHE F 1826 -17.00 70.51 76.76
N GLN F 1827 -17.96 70.43 77.68
CA GLN F 1827 -18.32 69.15 78.27
C GLN F 1827 -18.95 68.22 77.23
N GLN F 1828 -19.72 68.79 76.30
CA GLN F 1828 -20.25 67.99 75.21
C GLN F 1828 -19.14 67.52 74.28
N ALA F 1829 -18.06 68.29 74.18
CA ALA F 1829 -16.96 67.95 73.29
C ALA F 1829 -16.29 66.65 73.74
N SER F 1830 -15.74 65.93 72.75
CA SER F 1830 -15.09 64.64 72.96
C SER F 1830 -16.11 63.61 73.44
N ALA F 1831 -15.62 62.47 73.94
CA ALA F 1831 -16.49 61.39 74.40
C ALA F 1831 -16.90 61.56 75.86
N VAL F 1832 -16.83 62.78 76.40
CA VAL F 1832 -17.22 63.03 77.78
C VAL F 1832 -18.74 62.89 77.90
N GLY F 1833 -19.17 62.08 78.87
CA GLY F 1833 -20.59 61.85 79.09
C GLY F 1833 -21.19 60.77 78.22
N SER F 1834 -20.39 60.12 77.37
CA SER F 1834 -20.92 59.07 76.51
C SER F 1834 -21.45 57.89 77.31
N SER F 1835 -20.73 57.51 78.38
CA SER F 1835 -21.19 56.42 79.22
C SER F 1835 -22.51 56.76 79.90
N SER F 1836 -22.63 57.98 80.45
CA SER F 1836 -23.87 58.40 81.08
C SER F 1836 -25.00 58.51 80.07
N ARG F 1837 -24.70 59.02 78.87
CA ARG F 1837 -25.72 59.10 77.83
C ARG F 1837 -26.23 57.73 77.43
N ALA F 1838 -25.32 56.76 77.27
CA ALA F 1838 -25.73 55.40 76.95
C ALA F 1838 -26.55 54.80 78.08
N GLN F 1839 -26.15 55.05 79.33
CA GLN F 1839 -26.88 54.52 80.47
C GLN F 1839 -28.31 55.08 80.51
N GLN F 1840 -28.45 56.40 80.29
CA GLN F 1840 -29.78 56.98 80.29
C GLN F 1840 -30.61 56.50 79.10
N ALA F 1841 -29.97 56.29 77.95
CA ALA F 1841 -30.68 55.75 76.80
C ALA F 1841 -31.20 54.35 77.08
N LEU F 1842 -30.39 53.50 77.71
CA LEU F 1842 -30.85 52.15 78.01
C LEU F 1842 -31.91 52.16 79.11
N SER F 1843 -31.81 53.07 80.08
CA SER F 1843 -32.85 53.14 81.10
C SER F 1843 -34.18 53.58 80.51
N GLU F 1844 -34.17 54.59 79.63
CA GLU F 1844 -35.41 55.02 79.01
C GLU F 1844 -35.93 53.97 78.03
N LEU F 1845 -35.03 53.18 77.43
CA LEU F 1845 -35.46 52.01 76.67
C LEU F 1845 -36.19 51.03 77.56
N HIS F 1846 -35.67 50.80 78.77
CA HIS F 1846 -36.32 49.91 79.71
C HIS F 1846 -37.69 50.43 80.13
N THR F 1847 -37.80 51.73 80.36
CA THR F 1847 -39.00 52.31 80.99
C THR F 1847 -40.01 52.86 79.98
N VAL F 1848 -39.58 53.71 79.04
CA VAL F 1848 -40.50 54.46 78.22
C VAL F 1848 -41.26 53.51 77.28
N GLU F 1849 -42.58 53.66 77.26
CA GLU F 1849 -43.42 52.87 76.37
C GLU F 1849 -43.15 53.24 74.92
N LYS F 1850 -43.32 52.25 74.03
CA LYS F 1850 -42.98 52.39 72.62
C LYS F 1850 -44.15 51.96 71.74
N ALA F 1851 -44.27 52.63 70.60
CA ALA F 1851 -45.28 52.31 69.60
C ALA F 1851 -44.58 51.87 68.32
N VAL F 1852 -45.26 51.03 67.55
CA VAL F 1852 -44.69 50.40 66.36
C VAL F 1852 -45.03 51.24 65.13
N GLU F 1853 -44.01 51.55 64.31
CA GLU F 1853 -44.24 52.21 63.03
C GLU F 1853 -43.52 51.46 61.93
N MET F 1854 -44.15 51.43 60.76
CA MET F 1854 -43.57 50.84 59.56
C MET F 1854 -42.70 51.86 58.84
N THR F 1855 -41.71 51.35 58.10
CA THR F 1855 -40.82 52.20 57.33
C THR F 1855 -40.05 51.33 56.34
N ASP F 1856 -39.32 51.99 55.46
CA ASP F 1856 -38.43 51.32 54.52
C ASP F 1856 -37.05 51.96 54.43
N GLN F 1857 -36.88 53.20 54.88
CA GLN F 1857 -35.60 53.89 54.76
C GLN F 1857 -34.52 53.33 55.67
N LEU F 1858 -34.89 52.48 56.64
CA LEU F 1858 -33.88 51.86 57.49
C LEU F 1858 -32.92 51.00 56.70
N MET F 1859 -33.41 50.31 55.66
CA MET F 1859 -32.65 49.31 54.94
C MET F 1859 -32.64 49.74 53.47
N VAL F 1860 -31.48 49.67 52.81
CA VAL F 1860 -31.34 50.09 51.43
C VAL F 1860 -30.66 48.98 50.63
N PRO F 1861 -31.32 48.41 49.63
CA PRO F 1861 -30.64 47.42 48.77
C PRO F 1861 -29.55 48.08 47.95
N THR F 1862 -28.45 47.35 47.75
CA THR F 1862 -27.33 47.84 46.95
C THR F 1862 -27.02 46.94 45.76
N LEU F 1863 -26.91 45.64 45.98
CA LEU F 1863 -26.51 44.72 44.92
C LEU F 1863 -27.46 43.53 44.87
N GLY F 1864 -27.63 42.98 43.68
CA GLY F 1864 -28.45 41.79 43.49
C GLY F 1864 -27.81 40.78 42.56
N SER F 1865 -27.55 39.58 43.08
CA SER F 1865 -26.93 38.54 42.28
C SER F 1865 -27.94 37.95 41.29
N GLN F 1866 -27.42 37.24 40.29
CA GLN F 1866 -28.25 36.64 39.27
C GLN F 1866 -28.85 35.31 39.76
N GLU F 1867 -29.83 34.83 39.01
CA GLU F 1867 -30.43 33.53 39.30
C GLU F 1867 -29.43 32.42 39.02
N GLY F 1868 -29.52 31.35 39.82
CA GLY F 1868 -28.65 30.21 39.65
C GLY F 1868 -27.23 30.41 40.14
N ALA F 1869 -26.94 31.51 40.84
CA ALA F 1869 -25.61 31.71 41.39
C ALA F 1869 -25.26 30.62 42.40
N PHE F 1870 -26.26 30.07 43.08
CA PHE F 1870 -26.09 28.94 43.98
C PHE F 1870 -26.92 27.78 43.46
N GLU F 1871 -26.42 26.56 43.70
CA GLU F 1871 -26.97 25.36 43.09
C GLU F 1871 -27.75 24.55 44.13
N ASN F 1872 -28.96 24.15 43.75
CA ASN F 1872 -29.81 23.29 44.59
C ASN F 1872 -30.07 23.93 45.96
N VAL F 1873 -30.37 25.23 45.94
CA VAL F 1873 -30.72 25.92 47.19
C VAL F 1873 -32.00 25.36 47.76
N ARG F 1874 -33.02 25.19 46.91
CA ARG F 1874 -34.28 24.62 47.36
C ARG F 1874 -34.09 23.16 47.74
N MET F 1875 -34.59 22.78 48.91
CA MET F 1875 -34.50 21.42 49.39
C MET F 1875 -35.72 20.64 48.91
N ASN F 1876 -35.48 19.59 48.12
CA ASN F 1876 -36.57 18.74 47.65
C ASN F 1876 -36.97 17.68 48.66
N TYR F 1877 -36.26 17.58 49.79
CA TYR F 1877 -36.58 16.65 50.87
C TYR F 1877 -36.64 15.21 50.36
N SER F 1878 -35.60 14.81 49.63
CA SER F 1878 -35.50 13.45 49.11
C SER F 1878 -34.90 12.55 50.17
N GLY F 1879 -35.68 11.58 50.64
CA GLY F 1879 -35.23 10.67 51.67
C GLY F 1879 -36.36 10.19 52.57
N ASP F 1880 -36.05 9.22 53.44
CA ASP F 1880 -37.06 8.72 54.37
C ASP F 1880 -37.52 9.80 55.33
N GLN F 1881 -36.59 10.64 55.81
CA GLN F 1881 -36.94 11.75 56.68
C GLN F 1881 -37.43 12.96 55.90
N GLY F 1882 -37.35 12.93 54.58
CA GLY F 1882 -37.80 14.08 53.79
C GLY F 1882 -39.29 14.35 53.93
N GLN F 1883 -40.10 13.29 53.93
CA GLN F 1883 -41.54 13.47 54.09
C GLN F 1883 -41.87 14.00 55.49
N THR F 1884 -41.17 13.52 56.51
CA THR F 1884 -41.37 14.03 57.86
C THR F 1884 -41.00 15.51 57.95
N ILE F 1885 -39.88 15.88 57.32
CA ILE F 1885 -39.49 17.30 57.32
C ILE F 1885 -40.51 18.14 56.57
N ARG F 1886 -41.06 17.59 55.48
CA ARG F 1886 -42.11 18.30 54.75
C ARG F 1886 -43.34 18.52 55.63
N GLN F 1887 -43.75 17.49 56.36
CA GLN F 1887 -44.90 17.64 57.25
C GLN F 1887 -44.62 18.66 58.35
N LEU F 1888 -43.41 18.64 58.90
CA LEU F 1888 -43.07 19.58 59.97
C LEU F 1888 -43.02 21.01 59.45
N ILE F 1889 -42.42 21.24 58.28
CA ILE F 1889 -42.36 22.60 57.73
C ILE F 1889 -43.75 23.07 57.33
N SER F 1890 -44.62 22.18 56.86
CA SER F 1890 -46.01 22.57 56.61
C SER F 1890 -46.70 22.96 57.91
N ALA F 1891 -46.45 22.21 58.99
CA ALA F 1891 -46.94 22.59 60.30
C ALA F 1891 -46.18 23.78 60.88
N HIS F 1892 -45.08 24.19 60.26
CA HIS F 1892 -44.27 25.33 60.67
C HIS F 1892 -43.68 25.15 62.07
N VAL F 1893 -43.61 23.91 62.55
CA VAL F 1893 -42.95 23.66 63.83
C VAL F 1893 -41.45 23.86 63.71
N LEU F 1894 -40.87 23.44 62.60
CA LEU F 1894 -39.44 23.61 62.33
C LEU F 1894 -39.24 24.59 61.19
N ARG F 1895 -38.21 25.42 61.31
CA ARG F 1895 -37.81 26.36 60.27
C ARG F 1895 -36.39 26.03 59.82
N ARG F 1896 -36.20 25.88 58.52
CA ARG F 1896 -34.92 25.45 57.99
C ARG F 1896 -34.00 26.65 57.77
N VAL F 1897 -32.81 26.59 58.35
CA VAL F 1897 -31.78 27.61 58.18
C VAL F 1897 -30.66 26.98 57.37
N ALA F 1898 -30.57 27.34 56.10
CA ALA F 1898 -29.67 26.66 55.17
C ALA F 1898 -28.26 27.23 55.16
N MET F 1899 -28.00 28.34 55.84
CA MET F 1899 -26.68 28.95 55.81
C MET F 1899 -26.28 29.43 57.21
N CYS F 1900 -25.06 29.91 57.29
CA CYS F 1900 -24.53 30.52 58.51
C CYS F 1900 -23.29 31.34 58.15
N VAL F 1901 -22.79 32.07 59.14
CA VAL F 1901 -21.59 32.88 58.97
C VAL F 1901 -20.64 32.60 60.12
N LEU F 1902 -19.38 32.32 59.79
CA LEU F 1902 -18.30 32.18 60.75
C LEU F 1902 -17.58 33.52 60.82
N SER F 1903 -17.81 34.25 61.91
CA SER F 1903 -17.22 35.57 62.16
C SER F 1903 -17.48 35.94 63.60
N SER F 1904 -16.48 36.52 64.25
CA SER F 1904 -16.58 36.93 65.64
C SER F 1904 -16.14 38.39 65.78
N PRO F 1905 -16.62 39.08 66.81
CA PRO F 1905 -16.25 40.50 66.97
C PRO F 1905 -14.75 40.72 67.10
N HIS F 1906 -14.04 39.81 67.77
CA HIS F 1906 -12.60 39.95 67.91
C HIS F 1906 -11.82 39.24 66.81
N GLY F 1907 -12.45 38.31 66.09
CA GLY F 1907 -11.76 37.58 65.04
C GLY F 1907 -11.76 38.32 63.72
N ARG F 1908 -11.04 37.74 62.76
CA ARG F 1908 -10.92 38.30 61.42
C ARG F 1908 -11.77 37.58 60.39
N ARG F 1909 -12.26 36.38 60.70
CA ARG F 1909 -12.99 35.58 59.73
C ARG F 1909 -14.25 36.29 59.25
N GLN F 1910 -14.59 36.03 57.98
CA GLN F 1910 -15.83 36.52 57.40
C GLN F 1910 -16.52 35.43 56.59
N HIS F 1911 -16.36 34.17 57.00
CA HIS F 1911 -16.75 33.04 56.17
C HIS F 1911 -18.27 32.90 56.12
N LEU F 1912 -18.76 32.44 54.97
CA LEU F 1912 -20.17 32.15 54.75
C LEU F 1912 -20.30 30.68 54.39
N ALA F 1913 -21.08 29.93 55.18
CA ALA F 1913 -21.30 28.52 54.93
C ALA F 1913 -22.71 28.33 54.38
N VAL F 1914 -22.81 27.65 53.24
CA VAL F 1914 -24.07 27.41 52.57
C VAL F 1914 -24.26 25.90 52.41
N SER F 1915 -25.44 25.40 52.77
CA SER F 1915 -25.73 23.97 52.74
C SER F 1915 -26.46 23.60 51.46
N HIS F 1916 -26.18 22.39 50.98
CA HIS F 1916 -26.80 21.84 49.79
C HIS F 1916 -27.71 20.67 50.16
N GLU F 1917 -28.51 20.23 49.19
CA GLU F 1917 -29.37 19.06 49.42
C GLU F 1917 -28.58 17.77 49.41
N LYS F 1918 -27.45 17.75 48.69
CA LYS F 1918 -26.65 16.53 48.54
C LYS F 1918 -25.78 16.23 49.75
N GLY F 1919 -26.09 16.83 50.90
CA GLY F 1919 -25.29 16.61 52.09
C GLY F 1919 -23.89 17.18 52.01
N LYS F 1920 -23.75 18.40 51.48
CA LYS F 1920 -22.47 19.08 51.43
C LYS F 1920 -22.66 20.54 51.83
N ILE F 1921 -21.73 21.06 52.62
CA ILE F 1921 -21.74 22.45 53.06
C ILE F 1921 -20.47 23.10 52.51
N THR F 1922 -20.64 24.23 51.82
CA THR F 1922 -19.54 24.95 51.20
C THR F 1922 -19.24 26.21 51.98
N VAL F 1923 -17.96 26.39 52.33
CA VAL F 1923 -17.49 27.57 53.04
C VAL F 1923 -16.84 28.50 52.03
N LEU F 1924 -17.19 29.79 52.11
CA LEU F 1924 -16.90 30.79 51.10
C LEU F 1924 -16.38 32.05 51.78
N GLN F 1925 -15.54 32.80 51.08
CA GLN F 1925 -15.01 34.06 51.59
C GLN F 1925 -15.86 35.22 51.07
N LEU F 1926 -16.28 36.09 51.98
CA LEU F 1926 -17.13 37.23 51.65
C LEU F 1926 -16.37 38.54 51.58
N SER F 1927 -15.03 38.49 51.53
CA SER F 1927 -14.25 39.72 51.52
C SER F 1927 -14.56 40.57 50.30
N ALA F 1928 -14.59 39.94 49.12
CA ALA F 1928 -14.91 40.67 47.89
C ALA F 1928 -16.34 41.19 47.92
N LEU F 1929 -17.28 40.38 48.40
CA LEU F 1929 -18.66 40.80 48.47
C LEU F 1929 -18.84 41.96 49.44
N LEU F 1930 -18.18 41.90 50.60
CA LEU F 1930 -18.33 42.97 51.59
C LEU F 1930 -17.64 44.25 51.15
N LYS F 1931 -16.51 44.12 50.45
CA LYS F 1931 -15.76 45.30 50.00
C LYS F 1931 -16.40 45.99 48.81
N GLN F 1932 -17.32 45.33 48.10
CA GLN F 1932 -18.00 45.92 46.95
C GLN F 1932 -19.21 46.69 47.43
N ALA F 1933 -19.12 48.02 47.43
CA ALA F 1933 -20.22 48.88 47.86
C ALA F 1933 -20.96 49.52 46.70
N ASP F 1934 -20.47 49.40 45.48
CA ASP F 1934 -21.13 50.00 44.34
C ASP F 1934 -22.47 49.33 44.07
N SER F 1935 -23.47 50.14 43.69
CA SER F 1935 -24.82 49.65 43.44
C SER F 1935 -25.05 49.35 41.96
N SER F 1936 -24.02 49.00 41.22
CA SER F 1936 -24.15 48.69 39.80
C SER F 1936 -24.59 47.24 39.63
N LYS F 1937 -24.56 46.74 38.40
CA LYS F 1937 -24.92 45.36 38.08
C LYS F 1937 -23.70 44.50 37.81
N ARG F 1938 -22.61 44.72 38.54
CA ARG F 1938 -21.40 43.93 38.36
C ARG F 1938 -21.63 42.48 38.76
N LYS F 1939 -20.95 41.58 38.06
CA LYS F 1939 -21.08 40.15 38.34
C LYS F 1939 -20.33 39.82 39.63
N LEU F 1940 -21.03 39.20 40.58
CA LEU F 1940 -20.42 38.85 41.85
C LEU F 1940 -19.36 37.77 41.66
N THR F 1941 -18.26 37.91 42.40
CA THR F 1941 -17.15 36.96 42.36
C THR F 1941 -16.98 36.38 43.75
N LEU F 1942 -17.29 35.10 43.90
CA LEU F 1942 -17.26 34.41 45.17
C LEU F 1942 -16.15 33.37 45.15
N THR F 1943 -15.21 33.47 46.09
CA THR F 1943 -14.08 32.56 46.15
C THR F 1943 -14.39 31.39 47.07
N ARG F 1944 -14.58 30.21 46.48
CA ARG F 1944 -14.92 29.00 47.24
C ARG F 1944 -13.74 28.64 48.13
N LEU F 1945 -13.89 28.89 49.43
CA LEU F 1945 -12.81 28.56 50.37
C LEU F 1945 -12.62 27.06 50.47
N ALA F 1946 -13.71 26.32 50.71
CA ALA F 1946 -13.63 24.88 50.86
C ALA F 1946 -15.04 24.31 50.84
N SER F 1947 -15.15 22.99 50.98
CA SER F 1947 -16.43 22.32 51.07
C SER F 1947 -16.26 21.01 51.84
N ALA F 1948 -17.35 20.53 52.42
CA ALA F 1948 -17.31 19.31 53.22
C ALA F 1948 -18.62 18.55 53.08
N PRO F 1949 -18.57 17.25 52.74
CA PRO F 1949 -19.80 16.46 52.66
C PRO F 1949 -20.25 15.98 54.04
N VAL F 1950 -21.48 16.30 54.40
CA VAL F 1950 -22.07 15.89 55.67
C VAL F 1950 -22.98 14.70 55.40
N PRO F 1951 -22.88 13.63 56.18
CA PRO F 1951 -23.62 12.40 55.88
C PRO F 1951 -25.08 12.40 56.30
N PHE F 1952 -25.67 13.54 56.65
CA PHE F 1952 -27.10 13.58 56.94
C PHE F 1952 -27.65 14.94 56.53
N THR F 1953 -28.97 14.99 56.34
CA THR F 1953 -29.62 16.19 55.83
C THR F 1953 -29.46 17.35 56.79
N VAL F 1954 -29.25 18.54 56.24
CA VAL F 1954 -29.01 19.76 57.01
C VAL F 1954 -30.31 20.53 57.13
N LEU F 1955 -30.76 20.76 58.35
CA LEU F 1955 -31.91 21.63 58.61
C LEU F 1955 -31.53 22.98 59.18
N SER F 1956 -30.41 23.08 59.90
CA SER F 1956 -29.95 24.34 60.44
C SER F 1956 -28.44 24.35 60.53
N LEU F 1957 -27.86 25.52 60.28
CA LEU F 1957 -26.42 25.76 60.45
C LEU F 1957 -26.26 26.92 61.41
N THR F 1958 -25.51 26.70 62.50
CA THR F 1958 -25.29 27.75 63.49
C THR F 1958 -23.81 27.84 63.82
N GLY F 1959 -23.20 28.97 63.48
CA GLY F 1959 -21.82 29.21 63.87
C GLY F 1959 -21.76 29.68 65.30
N ASN F 1960 -20.72 29.24 66.01
CA ASN F 1960 -20.55 29.65 67.39
C ASN F 1960 -20.37 31.16 67.46
N PRO F 1961 -21.20 31.88 68.23
CA PRO F 1961 -21.03 33.34 68.29
C PRO F 1961 -19.82 33.76 69.11
N CYS F 1962 -19.46 32.99 70.14
CA CYS F 1962 -18.30 33.33 70.95
C CYS F 1962 -17.01 33.20 70.16
N LYS F 1963 -16.93 32.22 69.26
CA LYS F 1963 -15.73 32.01 68.44
C LYS F 1963 -16.16 31.52 67.07
N GLU F 1964 -15.60 32.12 66.02
CA GLU F 1964 -15.92 31.75 64.66
C GLU F 1964 -15.47 30.34 64.30
N ASP F 1965 -14.63 29.72 65.13
CA ASP F 1965 -14.01 28.45 64.77
C ASP F 1965 -15.03 27.33 64.61
N TYR F 1966 -15.99 27.24 65.53
CA TYR F 1966 -16.89 26.10 65.59
C TYR F 1966 -18.17 26.38 64.80
N LEU F 1967 -18.65 25.36 64.10
CA LEU F 1967 -19.94 25.43 63.40
C LEU F 1967 -20.72 24.16 63.69
N ALA F 1968 -21.98 24.31 64.10
CA ALA F 1968 -22.85 23.19 64.41
C ALA F 1968 -23.86 22.99 63.28
N VAL F 1969 -23.99 21.75 62.83
CA VAL F 1969 -24.91 21.35 61.79
C VAL F 1969 -26.00 20.48 62.43
N CYS F 1970 -27.25 20.86 62.22
CA CYS F 1970 -28.38 20.14 62.81
C CYS F 1970 -29.33 19.68 61.71
N GLY F 1971 -29.83 18.46 61.85
CA GLY F 1971 -30.83 17.93 60.97
C GLY F 1971 -32.06 17.47 61.73
N LEU F 1972 -32.74 16.45 61.22
CA LEU F 1972 -33.89 15.91 61.92
C LEU F 1972 -33.48 15.01 63.10
N LYS F 1973 -32.36 14.31 62.99
CA LYS F 1973 -32.02 13.27 63.95
C LYS F 1973 -30.57 13.29 64.43
N ASP F 1974 -29.71 14.13 63.85
CA ASP F 1974 -28.28 14.08 64.15
C ASP F 1974 -27.72 15.49 64.29
N CYS F 1975 -26.55 15.58 64.93
CA CYS F 1975 -25.84 16.82 65.14
C CYS F 1975 -24.36 16.62 64.86
N HIS F 1976 -23.75 17.58 64.16
CA HIS F 1976 -22.33 17.55 63.86
C HIS F 1976 -21.68 18.86 64.29
N VAL F 1977 -20.41 18.79 64.65
CA VAL F 1977 -19.62 19.96 65.00
C VAL F 1977 -18.35 19.96 64.16
N LEU F 1978 -18.10 21.06 63.46
CA LEU F 1978 -16.96 21.20 62.57
C LEU F 1978 -16.08 22.35 63.05
N THR F 1979 -14.79 22.08 63.20
CA THR F 1979 -13.79 23.10 63.50
C THR F 1979 -13.04 23.38 62.20
N PHE F 1980 -13.12 24.62 61.72
CA PHE F 1980 -12.57 24.99 60.42
C PHE F 1980 -11.22 25.68 60.58
N SER F 1981 -10.35 25.47 59.59
CA SER F 1981 -9.05 26.11 59.59
C SER F 1981 -9.20 27.58 59.20
N SER F 1982 -8.07 28.30 59.22
CA SER F 1982 -8.08 29.71 58.85
C SER F 1982 -8.41 29.92 57.37
N SER F 1983 -8.24 28.90 56.53
CA SER F 1983 -8.55 28.98 55.11
C SER F 1983 -9.93 28.44 54.78
N GLY F 1984 -10.72 28.06 55.79
CA GLY F 1984 -12.04 27.53 55.57
C GLY F 1984 -12.11 26.03 55.44
N SER F 1985 -10.98 25.34 55.37
CA SER F 1985 -10.98 23.88 55.29
C SER F 1985 -11.35 23.28 56.65
N VAL F 1986 -11.85 22.04 56.59
CA VAL F 1986 -12.26 21.34 57.79
C VAL F 1986 -11.02 20.82 58.51
N SER F 1987 -10.76 21.34 59.71
CA SER F 1987 -9.64 20.89 60.52
C SER F 1987 -10.04 19.79 61.50
N ASP F 1988 -11.29 19.80 61.98
CA ASP F 1988 -11.77 18.79 62.91
C ASP F 1988 -13.25 18.55 62.67
N HIS F 1989 -13.68 17.31 62.90
CA HIS F 1989 -15.06 16.91 62.68
C HIS F 1989 -15.46 15.94 63.78
N LEU F 1990 -16.53 16.26 64.51
CA LEU F 1990 -17.06 15.37 65.54
C LEU F 1990 -18.57 15.26 65.39
N VAL F 1991 -19.12 14.17 65.90
CA VAL F 1991 -20.55 13.87 65.80
C VAL F 1991 -21.12 13.77 67.19
N LEU F 1992 -22.19 14.51 67.45
CA LEU F 1992 -22.91 14.42 68.71
C LEU F 1992 -23.98 13.34 68.63
N HIS F 1993 -24.22 12.67 69.74
CA HIS F 1993 -25.18 11.56 69.81
C HIS F 1993 -26.28 11.92 70.79
N PRO F 1994 -27.43 12.43 70.30
CA PRO F 1994 -28.48 12.87 71.22
C PRO F 1994 -29.27 11.74 71.87
N GLN F 1995 -29.17 10.52 71.34
CA GLN F 1995 -29.92 9.36 71.86
C GLN F 1995 -31.42 9.67 71.90
N LEU F 1996 -31.91 10.23 70.80
CA LEU F 1996 -33.31 10.63 70.73
C LEU F 1996 -34.24 9.43 70.76
N ALA F 1997 -35.33 9.55 71.50
CA ALA F 1997 -36.37 8.54 71.51
C ALA F 1997 -37.20 8.61 70.24
N THR F 1998 -38.03 7.59 70.04
CA THR F 1998 -38.87 7.53 68.85
C THR F 1998 -39.93 8.62 68.88
N GLY F 1999 -40.17 9.24 67.72
CA GLY F 1999 -41.20 10.25 67.59
C GLY F 1999 -40.76 11.67 67.83
N ASN F 2000 -39.50 11.90 68.21
CA ASN F 2000 -39.01 13.23 68.50
C ASN F 2000 -37.97 13.64 67.46
N PHE F 2001 -37.90 14.95 67.20
CA PHE F 2001 -37.00 15.51 66.21
C PHE F 2001 -36.20 16.65 66.84
N ILE F 2002 -34.99 16.85 66.34
CA ILE F 2002 -34.14 17.94 66.83
C ILE F 2002 -34.70 19.27 66.33
N ILE F 2003 -34.97 20.17 67.26
CA ILE F 2003 -35.42 21.51 66.87
C ILE F 2003 -34.23 22.37 66.46
N LYS F 2004 -33.29 22.58 67.39
CA LYS F 2004 -32.11 23.39 67.08
C LYS F 2004 -31.08 23.25 68.18
N ALA F 2005 -29.83 23.55 67.82
CA ALA F 2005 -28.73 23.61 68.78
C ALA F 2005 -28.32 25.05 68.98
N VAL F 2006 -28.22 25.46 70.25
CA VAL F 2006 -27.88 26.83 70.61
C VAL F 2006 -26.64 26.80 71.50
N TRP F 2007 -25.64 27.61 71.16
CA TRP F 2007 -24.48 27.80 72.02
C TRP F 2007 -24.88 28.69 73.19
N LEU F 2008 -24.42 28.35 74.39
CA LEU F 2008 -24.69 29.17 75.56
C LEU F 2008 -23.97 30.51 75.39
N PRO F 2009 -24.67 31.63 75.56
CA PRO F 2009 -24.06 32.94 75.25
C PRO F 2009 -22.82 33.20 76.09
N GLY F 2010 -21.81 33.79 75.44
CA GLY F 2010 -20.56 34.05 76.12
C GLY F 2010 -19.81 32.81 76.58
N SER F 2011 -20.21 31.63 76.12
CA SER F 2011 -19.62 30.38 76.58
C SER F 2011 -19.31 29.52 75.37
N GLN F 2012 -18.12 28.93 75.34
CA GLN F 2012 -17.57 28.38 74.10
C GLN F 2012 -17.99 26.94 73.84
N THR F 2013 -17.61 26.01 74.71
CA THR F 2013 -17.69 24.59 74.41
C THR F 2013 -19.01 23.96 74.82
N GLU F 2014 -19.97 24.76 75.30
CA GLU F 2014 -21.23 24.24 75.81
C GLU F 2014 -22.34 24.50 74.81
N LEU F 2015 -23.03 23.45 74.42
CA LEU F 2015 -24.07 23.49 73.40
C LEU F 2015 -25.32 22.81 73.94
N ALA F 2016 -26.48 23.42 73.71
CA ALA F 2016 -27.75 22.87 74.13
C ALA F 2016 -28.54 22.47 72.90
N ILE F 2017 -28.83 21.17 72.79
CA ILE F 2017 -29.67 20.66 71.73
C ILE F 2017 -31.10 20.59 72.26
N VAL F 2018 -31.99 21.36 71.65
CA VAL F 2018 -33.40 21.43 72.02
C VAL F 2018 -34.19 20.68 70.95
N THR F 2019 -35.05 19.77 71.39
CA THR F 2019 -35.91 18.99 70.53
C THR F 2019 -37.37 19.31 70.86
N ALA F 2020 -38.29 18.55 70.27
CA ALA F 2020 -39.70 18.79 70.52
C ALA F 2020 -40.14 18.34 71.91
N ASP F 2021 -39.29 17.63 72.66
CA ASP F 2021 -39.71 17.11 73.96
C ASP F 2021 -38.74 17.45 75.08
N PHE F 2022 -37.45 17.59 74.76
CA PHE F 2022 -36.46 17.76 75.82
C PHE F 2022 -35.25 18.54 75.31
N VAL F 2023 -34.46 19.03 76.27
CA VAL F 2023 -33.25 19.79 76.02
C VAL F 2023 -32.09 19.07 76.68
N LYS F 2024 -30.99 18.91 75.95
CA LYS F 2024 -29.78 18.27 76.46
C LYS F 2024 -28.60 19.21 76.29
N ILE F 2025 -27.92 19.51 77.39
CA ILE F 2025 -26.86 20.51 77.44
C ILE F 2025 -25.55 19.78 77.68
N TYR F 2026 -24.63 19.89 76.72
CA TYR F 2026 -23.33 19.23 76.74
C TYR F 2026 -22.24 20.30 76.82
N ASP F 2027 -21.06 19.91 77.31
CA ASP F 2027 -19.85 20.73 77.15
C ASP F 2027 -18.84 19.94 76.31
N LEU F 2028 -18.54 20.45 75.12
CA LEU F 2028 -17.59 19.77 74.24
C LEU F 2028 -16.20 19.66 74.86
N CYS F 2029 -15.89 20.52 75.83
CA CYS F 2029 -14.54 20.53 76.40
C CYS F 2029 -14.20 19.26 77.17
N VAL F 2030 -15.19 18.56 77.73
CA VAL F 2030 -14.96 17.36 78.53
C VAL F 2030 -15.70 16.15 77.99
N ASP F 2031 -16.97 16.32 77.59
CA ASP F 2031 -17.78 15.15 77.24
C ASP F 2031 -18.74 15.51 76.11
N ALA F 2032 -18.78 14.63 75.10
CA ALA F 2032 -19.71 14.75 74.00
C ALA F 2032 -20.78 13.67 74.01
N LEU F 2033 -20.79 12.79 75.02
CA LEU F 2033 -21.75 11.71 75.12
C LEU F 2033 -22.80 11.96 76.19
N SER F 2034 -22.38 12.22 77.42
CA SER F 2034 -23.32 12.45 78.52
C SER F 2034 -23.52 13.95 78.71
N PRO F 2035 -24.71 14.49 78.48
CA PRO F 2035 -24.92 15.93 78.66
C PRO F 2035 -24.81 16.34 80.12
N THR F 2036 -24.37 17.57 80.34
CA THR F 2036 -24.30 18.09 81.70
C THR F 2036 -25.68 18.41 82.25
N PHE F 2037 -26.62 18.80 81.40
CA PHE F 2037 -27.97 19.11 81.85
C PHE F 2037 -28.99 18.39 80.98
N TYR F 2038 -30.10 18.00 81.61
CA TYR F 2038 -31.19 17.34 80.90
C TYR F 2038 -32.50 17.93 81.42
N PHE F 2039 -33.19 18.67 80.57
CA PHE F 2039 -34.40 19.38 80.95
C PHE F 2039 -35.59 18.81 80.17
N LEU F 2040 -36.69 18.57 80.89
CA LEU F 2040 -37.89 17.99 80.32
C LEU F 2040 -39.10 18.85 80.69
N LEU F 2041 -40.20 18.61 80.00
CA LEU F 2041 -41.42 19.39 80.14
C LEU F 2041 -42.56 18.44 80.47
N PRO F 2042 -43.23 18.61 81.62
CA PRO F 2042 -44.25 17.62 82.02
C PRO F 2042 -45.41 17.50 81.05
N SER F 2043 -45.83 18.60 80.42
CA SER F 2043 -47.00 18.60 79.56
C SER F 2043 -46.71 19.35 78.28
N SER F 2044 -47.43 18.98 77.21
CA SER F 2044 -47.31 19.60 75.90
C SER F 2044 -45.90 19.43 75.33
N LYS F 2045 -45.66 20.05 74.18
CA LYS F 2045 -44.39 19.91 73.47
C LYS F 2045 -43.54 21.18 73.61
N ILE F 2046 -42.26 21.03 73.31
CA ILE F 2046 -41.30 22.12 73.40
C ILE F 2046 -41.28 22.88 72.08
N ARG F 2047 -41.39 24.21 72.15
CA ARG F 2047 -41.33 25.06 70.96
C ARG F 2047 -39.99 25.77 70.81
N ASP F 2048 -39.54 26.52 71.83
CA ASP F 2048 -38.29 27.24 71.70
C ASP F 2048 -37.66 27.44 73.07
N VAL F 2049 -36.34 27.66 73.06
CA VAL F 2049 -35.55 27.81 74.27
C VAL F 2049 -34.55 28.94 74.08
N THR F 2050 -34.44 29.81 75.08
CA THR F 2050 -33.44 30.87 75.11
C THR F 2050 -32.73 30.84 76.46
N PHE F 2051 -31.65 31.62 76.57
CA PHE F 2051 -30.86 31.68 77.79
C PHE F 2051 -30.55 33.12 78.14
N LEU F 2052 -30.36 33.37 79.43
CA LEU F 2052 -29.92 34.67 79.94
C LEU F 2052 -29.02 34.42 81.13
N PHE F 2053 -28.60 35.50 81.80
CA PHE F 2053 -27.83 35.37 83.03
C PHE F 2053 -28.35 36.37 84.05
N ASN F 2054 -28.30 35.98 85.32
CA ASN F 2054 -28.82 36.81 86.40
C ASN F 2054 -27.80 37.88 86.78
N GLU F 2055 -28.05 38.57 87.89
CA GLU F 2055 -27.10 39.57 88.37
C GLU F 2055 -25.78 38.92 88.76
N GLU F 2056 -25.83 37.75 89.40
CA GLU F 2056 -24.60 37.04 89.75
C GLU F 2056 -23.84 36.62 88.51
N GLY F 2057 -24.54 36.14 87.49
CA GLY F 2057 -23.92 35.67 86.26
C GLY F 2057 -24.28 34.25 85.87
N LYS F 2058 -24.86 33.46 86.77
CA LYS F 2058 -25.26 32.10 86.42
C LYS F 2058 -26.37 32.14 85.37
N ASN F 2059 -26.33 31.18 84.46
CA ASN F 2059 -27.26 31.16 83.34
C ASN F 2059 -28.62 30.64 83.77
N ILE F 2060 -29.65 31.13 83.08
CA ILE F 2060 -31.04 30.75 83.31
C ILE F 2060 -31.65 30.40 81.96
N ILE F 2061 -32.40 29.31 81.90
CA ILE F 2061 -33.00 28.82 80.66
C ILE F 2061 -34.48 29.12 80.67
N VAL F 2062 -34.97 29.73 79.59
CA VAL F 2062 -36.38 30.03 79.40
C VAL F 2062 -36.89 29.16 78.27
N ILE F 2063 -37.92 28.37 78.56
CA ILE F 2063 -38.52 27.43 77.63
C ILE F 2063 -39.96 27.86 77.39
N MET F 2064 -40.30 28.11 76.12
CA MET F 2064 -41.68 28.42 75.76
C MET F 2064 -42.19 27.25 74.93
N SER F 2065 -43.38 26.76 75.28
CA SER F 2065 -43.91 25.49 74.81
C SER F 2065 -45.06 25.72 73.82
N SER F 2066 -45.54 24.61 73.25
CA SER F 2066 -46.68 24.64 72.35
C SER F 2066 -47.97 25.00 73.06
N ALA F 2067 -48.04 24.76 74.38
CA ALA F 2067 -49.20 25.15 75.18
C ALA F 2067 -49.25 26.65 75.42
N GLY F 2068 -48.23 27.40 75.03
CA GLY F 2068 -48.19 28.83 75.23
C GLY F 2068 -47.68 29.27 76.59
N TYR F 2069 -47.34 28.33 77.47
CA TYR F 2069 -46.81 28.67 78.78
C TYR F 2069 -45.31 28.91 78.70
N ILE F 2070 -44.84 29.91 79.44
CA ILE F 2070 -43.42 30.23 79.53
C ILE F 2070 -42.90 29.70 80.85
N TYR F 2071 -41.77 28.99 80.81
CA TYR F 2071 -41.17 28.39 81.99
C TYR F 2071 -39.73 28.85 82.11
N THR F 2072 -39.25 28.93 83.35
CA THR F 2072 -37.88 29.34 83.63
C THR F 2072 -37.22 28.33 84.55
N GLN F 2073 -35.92 28.17 84.39
CA GLN F 2073 -35.17 27.24 85.24
C GLN F 2073 -33.76 27.77 85.48
N LEU F 2074 -33.34 27.73 86.74
CA LEU F 2074 -31.98 28.11 87.13
C LEU F 2074 -31.10 26.87 87.05
N MET F 2075 -30.23 26.80 86.05
CA MET F 2075 -29.38 25.63 85.89
C MET F 2075 -28.28 25.62 86.95
N GLU F 2076 -28.14 24.48 87.63
CA GLU F 2076 -27.15 24.30 88.67
C GLU F 2076 -27.00 22.80 88.93
N GLU F 2077 -26.26 22.46 89.99
CA GLU F 2077 -26.05 21.06 90.32
C GLU F 2077 -27.35 20.35 90.65
N ALA F 2078 -28.31 21.05 91.25
CA ALA F 2078 -29.60 20.45 91.56
C ALA F 2078 -30.34 20.05 90.28
N SER F 2079 -30.30 20.90 89.26
CA SER F 2079 -30.95 20.63 87.99
C SER F 2079 -30.01 20.00 86.96
N SER F 2080 -28.76 19.73 87.33
CA SER F 2080 -27.82 19.11 86.42
C SER F 2080 -28.23 17.67 86.09
N ALA F 2081 -27.76 17.19 84.94
CA ALA F 2081 -28.09 15.83 84.52
C ALA F 2081 -27.40 14.76 85.35
N GLN F 2082 -26.46 15.15 86.23
CA GLN F 2082 -25.85 14.18 87.13
C GLN F 2082 -26.90 13.53 88.03
N GLN F 2083 -27.92 14.28 88.43
CA GLN F 2083 -29.01 13.76 89.26
C GLN F 2083 -30.17 13.25 88.42
N GLY F 2084 -30.07 13.31 87.09
CA GLY F 2084 -31.13 12.85 86.23
C GLY F 2084 -31.88 13.98 85.56
N PRO F 2085 -32.86 13.63 84.72
CA PRO F 2085 -33.66 14.67 84.07
C PRO F 2085 -34.41 15.52 85.09
N PHE F 2086 -34.50 16.81 84.81
CA PHE F 2086 -35.24 17.75 85.64
C PHE F 2086 -36.42 18.27 84.85
N TYR F 2087 -37.62 18.15 85.41
CA TYR F 2087 -38.82 18.70 84.79
C TYR F 2087 -38.99 20.16 85.19
N VAL F 2088 -39.28 21.00 84.21
CA VAL F 2088 -39.44 22.44 84.45
C VAL F 2088 -40.87 22.70 84.92
N THR F 2089 -41.00 23.42 86.04
CA THR F 2089 -42.29 23.63 86.68
C THR F 2089 -42.74 25.07 86.76
N ASN F 2090 -41.82 26.02 86.96
CA ASN F 2090 -42.21 27.42 87.10
C ASN F 2090 -42.85 27.92 85.81
N VAL F 2091 -43.84 28.80 85.96
CA VAL F 2091 -44.55 29.37 84.82
C VAL F 2091 -44.53 30.89 84.95
N LEU F 2092 -44.11 31.58 83.90
CA LEU F 2092 -44.12 33.03 83.90
C LEU F 2092 -45.55 33.56 83.88
N GLU F 2093 -45.80 34.59 84.69
CA GLU F 2093 -47.13 35.20 84.79
C GLU F 2093 -47.12 36.51 84.00
N ILE F 2094 -47.67 36.47 82.79
CA ILE F 2094 -47.81 37.65 81.95
C ILE F 2094 -49.32 37.85 81.74
N ASN F 2095 -49.85 38.96 82.24
CA ASN F 2095 -51.28 39.23 82.20
C ASN F 2095 -51.53 40.37 81.20
N HIS F 2096 -52.11 40.04 80.05
CA HIS F 2096 -52.42 41.03 79.03
C HIS F 2096 -53.80 40.73 78.47
N GLU F 2097 -54.46 41.79 77.97
CA GLU F 2097 -55.79 41.61 77.40
C GLU F 2097 -55.75 40.72 76.17
N ASP F 2098 -54.74 40.89 75.32
CA ASP F 2098 -54.57 40.00 74.19
C ASP F 2098 -54.19 38.59 74.63
N LEU F 2099 -53.36 38.48 75.67
CA LEU F 2099 -52.90 37.20 76.17
C LEU F 2099 -53.97 36.58 77.05
N LYS F 2100 -54.89 35.85 76.42
CA LYS F 2100 -55.96 35.15 77.11
C LYS F 2100 -55.69 33.66 77.09
N ASP F 2101 -55.76 33.02 78.26
CA ASP F 2101 -55.51 31.58 78.38
C ASP F 2101 -56.76 30.85 77.94
N SER F 2102 -56.78 30.43 76.69
CA SER F 2102 -57.91 29.73 76.10
C SER F 2102 -57.58 28.25 75.93
N ASN F 2103 -58.49 27.39 76.41
CA ASN F 2103 -58.35 25.93 76.37
C ASN F 2103 -56.92 25.50 76.71
N SER F 2104 -56.42 26.02 77.83
CA SER F 2104 -55.07 25.73 78.32
C SER F 2104 -54.00 26.10 77.31
N GLN F 2105 -54.26 27.11 76.49
CA GLN F 2105 -53.32 27.60 75.50
C GLN F 2105 -53.32 29.12 75.51
N VAL F 2106 -52.13 29.71 75.58
CA VAL F 2106 -51.98 31.16 75.56
C VAL F 2106 -51.89 31.61 74.10
N ALA F 2107 -52.95 32.24 73.61
CA ALA F 2107 -53.01 32.73 72.24
C ALA F 2107 -52.73 31.62 71.23
N GLY F 2108 -53.29 30.44 71.50
CA GLY F 2108 -53.12 29.31 70.60
C GLY F 2108 -51.71 28.76 70.50
N GLY F 2109 -50.89 28.99 71.51
CA GLY F 2109 -49.53 28.50 71.51
C GLY F 2109 -48.53 29.54 71.03
N GLY F 2110 -47.27 29.33 71.40
CA GLY F 2110 -46.19 30.21 71.02
C GLY F 2110 -45.50 29.79 69.73
N VAL F 2111 -44.55 30.62 69.30
CA VAL F 2111 -43.83 30.37 68.06
C VAL F 2111 -42.32 30.35 68.31
N SER F 2112 -41.79 31.43 68.86
CA SER F 2112 -40.36 31.53 69.13
C SER F 2112 -40.13 32.36 70.39
N VAL F 2113 -38.97 32.14 71.01
CA VAL F 2113 -38.55 32.90 72.17
C VAL F 2113 -37.09 33.29 71.98
N TYR F 2114 -36.74 34.49 72.42
CA TYR F 2114 -35.38 35.01 72.23
C TYR F 2114 -35.12 36.13 73.21
N TYR F 2115 -34.08 35.99 74.02
CA TYR F 2115 -33.66 37.04 74.93
C TYR F 2115 -32.48 37.77 74.32
N SER F 2116 -32.50 39.10 74.40
CA SER F 2116 -31.43 39.92 73.84
C SER F 2116 -30.44 40.24 74.96
N HIS F 2117 -29.21 39.74 74.82
CA HIS F 2117 -28.17 40.05 75.80
C HIS F 2117 -27.80 41.52 75.77
N VAL F 2118 -27.72 42.11 74.58
CA VAL F 2118 -27.33 43.51 74.46
C VAL F 2118 -28.41 44.42 75.04
N LEU F 2119 -29.68 44.11 74.77
CA LEU F 2119 -30.79 44.93 75.22
C LEU F 2119 -31.34 44.52 76.57
N GLN F 2120 -30.89 43.40 77.13
CA GLN F 2120 -31.33 42.91 78.44
C GLN F 2120 -32.85 42.76 78.47
N MET F 2121 -33.39 42.06 77.48
CA MET F 2121 -34.83 42.00 77.31
C MET F 2121 -35.18 40.75 76.51
N LEU F 2122 -36.38 40.22 76.73
CA LEU F 2122 -36.80 38.93 76.23
C LEU F 2122 -37.92 39.10 75.19
N PHE F 2123 -37.64 38.74 73.95
CA PHE F 2123 -38.65 38.72 72.90
C PHE F 2123 -39.42 37.41 72.92
N PHE F 2124 -40.69 37.46 72.55
CA PHE F 2124 -41.44 36.24 72.33
C PHE F 2124 -42.68 36.56 71.49
N SER F 2125 -43.29 35.50 70.97
CA SER F 2125 -44.46 35.65 70.10
C SER F 2125 -45.27 34.37 70.11
N TYR F 2126 -46.54 34.49 69.73
CA TYR F 2126 -47.48 33.39 69.85
C TYR F 2126 -48.06 33.04 68.48
N CYS F 2127 -48.71 31.87 68.43
CA CYS F 2127 -49.27 31.38 67.17
C CYS F 2127 -50.32 32.32 66.60
N GLN F 2128 -51.05 33.03 67.46
CA GLN F 2128 -52.03 34.00 66.98
C GLN F 2128 -51.39 35.20 66.31
N GLY F 2129 -50.07 35.36 66.42
CA GLY F 2129 -49.37 36.43 65.75
C GLY F 2129 -49.08 37.66 66.57
N LYS F 2130 -49.25 37.58 67.90
CA LYS F 2130 -48.98 38.71 68.77
C LYS F 2130 -47.58 38.57 69.35
N SER F 2131 -46.80 39.66 69.27
CA SER F 2131 -45.43 39.67 69.71
C SER F 2131 -45.28 40.57 70.92
N PHE F 2132 -44.46 40.15 71.88
CA PHE F 2132 -44.28 40.88 73.12
C PHE F 2132 -42.80 40.95 73.48
N ALA F 2133 -42.43 42.05 74.10
CA ALA F 2133 -41.07 42.31 74.55
C ALA F 2133 -41.10 42.56 76.05
N ALA F 2134 -40.51 41.67 76.84
CA ALA F 2134 -40.58 41.74 78.29
C ALA F 2134 -39.23 42.12 78.86
N THR F 2135 -39.22 43.18 79.67
CA THR F 2135 -38.09 43.50 80.52
C THR F 2135 -38.33 42.87 81.87
N ILE F 2136 -37.43 41.97 82.28
CA ILE F 2136 -37.64 41.05 83.39
C ILE F 2136 -36.53 41.25 84.41
N SER F 2137 -36.89 41.20 85.69
CA SER F 2137 -35.92 41.34 86.76
C SER F 2137 -34.88 40.23 86.70
N ARG F 2138 -33.62 40.59 86.97
CA ARG F 2138 -32.54 39.62 86.97
C ARG F 2138 -32.42 38.86 88.28
N THR F 2139 -33.08 39.32 89.35
CA THR F 2139 -33.02 38.65 90.64
C THR F 2139 -34.30 37.95 91.03
N THR F 2140 -35.46 38.55 90.79
CA THR F 2140 -36.75 37.90 91.04
C THR F 2140 -37.29 37.19 89.81
N LEU F 2141 -36.67 37.37 88.64
CA LEU F 2141 -37.09 36.75 87.40
C LEU F 2141 -38.56 37.05 87.09
N GLU F 2142 -38.97 38.30 87.35
CA GLU F 2142 -40.33 38.75 87.12
C GLU F 2142 -40.30 39.88 86.10
N VAL F 2143 -41.25 39.85 85.16
CA VAL F 2143 -41.28 40.85 84.10
C VAL F 2143 -41.56 42.22 84.70
N LEU F 2144 -40.60 43.12 84.58
CA LEU F 2144 -40.79 44.48 85.09
C LEU F 2144 -41.68 45.30 84.16
N GLN F 2145 -41.56 45.10 82.85
CA GLN F 2145 -42.36 45.89 81.92
C GLN F 2145 -42.63 45.07 80.66
N LEU F 2146 -43.74 45.36 80.00
CA LEU F 2146 -44.15 44.66 78.79
C LEU F 2146 -44.40 45.66 77.67
N PHE F 2147 -43.93 45.33 76.47
CA PHE F 2147 -44.09 46.17 75.29
C PHE F 2147 -44.76 45.36 74.19
N PRO F 2148 -45.92 45.78 73.69
CA PRO F 2148 -46.52 45.08 72.55
C PRO F 2148 -45.81 45.41 71.25
N ILE F 2149 -45.87 44.48 70.30
CA ILE F 2149 -45.31 44.66 68.96
C ILE F 2149 -46.43 44.33 67.98
N ASN F 2150 -47.21 45.35 67.61
CA ASN F 2150 -48.32 45.19 66.68
C ASN F 2150 -47.80 45.49 65.28
N ILE F 2151 -47.48 44.45 64.53
CA ILE F 2151 -46.95 44.60 63.18
C ILE F 2151 -48.11 44.83 62.22
N LYS F 2152 -48.11 45.98 61.55
CA LYS F 2152 -49.11 46.30 60.55
C LYS F 2152 -48.48 46.20 59.17
N SER F 2153 -49.11 45.43 58.29
CA SER F 2153 -48.58 45.26 56.94
C SER F 2153 -48.78 46.54 56.13
N SER F 2154 -48.02 46.64 55.04
CA SER F 2154 -48.18 47.78 54.14
C SER F 2154 -49.57 47.78 53.51
N ASN F 2155 -50.07 46.61 53.13
CA ASN F 2155 -51.42 46.49 52.61
C ASN F 2155 -52.41 46.34 53.76
N GLY F 2156 -53.57 46.98 53.62
CA GLY F 2156 -54.60 46.92 54.63
C GLY F 2156 -55.46 45.67 54.62
N GLY F 2157 -55.23 44.77 53.67
CA GLY F 2157 -56.03 43.56 53.61
C GLY F 2157 -55.81 42.64 54.79
N SER F 2158 -54.58 42.54 55.27
CA SER F 2158 -54.24 41.69 56.40
C SER F 2158 -54.34 42.48 57.69
N LYS F 2159 -55.22 42.06 58.59
CA LYS F 2159 -55.40 42.71 59.88
C LYS F 2159 -54.49 42.12 60.94
N THR F 2160 -54.57 40.80 61.15
CA THR F 2160 -53.73 40.15 62.14
C THR F 2160 -52.28 40.12 61.69
N SER F 2161 -51.37 40.34 62.64
CA SER F 2161 -49.95 40.31 62.34
C SER F 2161 -49.46 38.86 62.22
N PRO F 2162 -48.60 38.56 61.25
CA PRO F 2162 -48.05 37.21 61.15
C PRO F 2162 -47.14 36.90 62.33
N ALA F 2163 -47.10 35.61 62.68
CA ALA F 2163 -46.29 35.16 63.81
C ALA F 2163 -44.80 35.38 63.53
N LEU F 2164 -44.05 35.66 64.59
CA LEU F 2164 -42.64 35.97 64.48
C LEU F 2164 -41.78 34.80 64.95
N CYS F 2165 -40.72 34.52 64.19
CA CYS F 2165 -39.79 33.46 64.55
C CYS F 2165 -38.43 33.75 63.92
N GLN F 2166 -37.42 33.04 64.42
CA GLN F 2166 -36.03 33.18 63.96
C GLN F 2166 -35.51 34.60 64.16
N TRP F 2167 -35.50 35.02 65.42
CA TRP F 2167 -34.90 36.31 65.76
C TRP F 2167 -33.39 36.24 65.59
N SER F 2168 -32.83 37.28 64.97
CA SER F 2168 -31.40 37.34 64.70
C SER F 2168 -30.89 38.74 65.01
N GLU F 2169 -29.82 38.82 65.79
CA GLU F 2169 -29.31 40.08 66.30
C GLU F 2169 -27.94 40.34 65.69
N VAL F 2170 -27.81 41.47 65.00
CA VAL F 2170 -26.64 41.74 64.16
C VAL F 2170 -25.47 42.18 65.04
N MET F 2171 -24.46 41.33 65.15
CA MET F 2171 -23.36 41.55 66.09
C MET F 2171 -22.67 42.89 65.83
N ASN F 2172 -22.27 43.54 66.92
CA ASN F 2172 -21.61 44.85 66.92
C ASN F 2172 -22.54 45.94 66.43
N HIS F 2173 -23.82 45.61 66.24
CA HIS F 2173 -24.85 46.57 65.84
C HIS F 2173 -26.03 46.43 66.79
N PRO F 2174 -25.95 47.07 67.95
CA PRO F 2174 -27.03 46.92 68.94
C PRO F 2174 -28.33 47.53 68.47
N GLY F 2175 -29.43 46.94 68.95
CA GLY F 2175 -30.76 47.46 68.71
C GLY F 2175 -31.43 46.95 67.45
N LEU F 2176 -30.68 46.35 66.53
CA LEU F 2176 -31.22 45.85 65.27
C LEU F 2176 -31.42 44.35 65.38
N VAL F 2177 -32.65 43.90 65.14
CA VAL F 2177 -32.96 42.47 65.16
C VAL F 2177 -33.69 42.13 63.86
N CYS F 2178 -33.58 40.88 63.46
CA CYS F 2178 -34.25 40.38 62.26
C CYS F 2178 -35.01 39.10 62.58
N CYS F 2179 -36.25 39.03 62.10
CA CYS F 2179 -37.10 37.88 62.35
C CYS F 2179 -37.77 37.48 61.03
N VAL F 2180 -38.43 36.32 61.06
CA VAL F 2180 -39.12 35.80 59.89
C VAL F 2180 -40.52 35.37 60.31
N GLN F 2181 -41.44 35.36 59.36
CA GLN F 2181 -42.82 35.02 59.64
C GLN F 2181 -43.00 33.50 59.66
N GLN F 2182 -43.75 33.03 60.66
CA GLN F 2182 -44.02 31.60 60.76
C GLN F 2182 -44.85 31.11 59.58
N THR F 2183 -45.81 31.91 59.13
CA THR F 2183 -46.75 31.47 58.10
C THR F 2183 -46.35 31.88 56.69
N THR F 2184 -45.74 33.05 56.54
CA THR F 2184 -45.39 33.55 55.21
C THR F 2184 -43.88 33.54 54.95
N GLY F 2185 -43.07 33.71 55.99
CA GLY F 2185 -41.63 33.70 55.81
C GLY F 2185 -41.03 34.99 55.32
N VAL F 2186 -41.75 36.11 55.45
CA VAL F 2186 -41.20 37.41 55.02
C VAL F 2186 -40.22 37.91 56.08
N PRO F 2187 -39.04 38.37 55.70
CA PRO F 2187 -38.14 38.98 56.69
C PRO F 2187 -38.71 40.27 57.24
N LEU F 2188 -38.40 40.53 58.51
CA LEU F 2188 -38.82 41.76 59.18
C LEU F 2188 -37.66 42.24 60.04
N VAL F 2189 -37.19 43.45 59.78
CA VAL F 2189 -36.10 44.05 60.53
C VAL F 2189 -36.71 45.07 61.50
N VAL F 2190 -36.42 44.89 62.79
CA VAL F 2190 -36.99 45.74 63.84
C VAL F 2190 -35.84 46.42 64.58
N MET F 2191 -35.92 47.74 64.68
CA MET F 2191 -35.03 48.51 65.54
C MET F 2191 -35.79 48.91 66.80
N VAL F 2192 -35.23 48.54 67.94
CA VAL F 2192 -35.87 48.80 69.24
C VAL F 2192 -35.36 50.15 69.71
N LYS F 2193 -36.01 51.20 69.24
CA LYS F 2193 -35.71 52.54 69.73
C LYS F 2193 -36.20 52.65 71.17
N PRO F 2194 -35.56 53.46 72.02
CA PRO F 2194 -36.01 53.59 73.41
C PRO F 2194 -37.45 54.06 73.53
N ASP F 2195 -37.94 54.78 72.53
CA ASP F 2195 -39.30 55.30 72.55
C ASP F 2195 -40.20 54.75 71.45
N THR F 2196 -39.67 54.04 70.47
CA THR F 2196 -40.45 53.59 69.33
C THR F 2196 -39.94 52.25 68.84
N PHE F 2197 -40.64 51.69 67.86
CA PHE F 2197 -40.35 50.37 67.27
C PHE F 2197 -40.33 50.54 65.76
N LEU F 2198 -39.14 50.64 65.17
CA LEU F 2198 -39.01 50.88 63.74
C LEU F 2198 -38.99 49.54 63.01
N ILE F 2199 -40.08 49.17 62.36
CA ILE F 2199 -40.18 47.89 61.68
C ILE F 2199 -40.13 48.12 60.16
N GLN F 2200 -39.51 47.19 59.45
CA GLN F 2200 -39.45 47.25 58.00
C GLN F 2200 -39.53 45.84 57.43
N GLU F 2201 -40.35 45.67 56.39
CA GLU F 2201 -40.42 44.42 55.64
C GLU F 2201 -39.47 44.50 54.45
N ILE F 2202 -38.68 43.46 54.25
CA ILE F 2202 -37.67 43.43 53.20
C ILE F 2202 -38.28 42.69 52.01
N LYS F 2203 -38.83 43.46 51.08
CA LYS F 2203 -39.45 42.91 49.88
C LYS F 2203 -38.53 43.11 48.69
N THR F 2204 -38.24 42.02 47.98
CA THR F 2204 -37.30 42.04 46.86
C THR F 2204 -38.06 42.04 45.55
N LEU F 2205 -37.64 42.90 44.62
CA LEU F 2205 -38.24 42.99 43.30
C LEU F 2205 -37.33 42.34 42.28
N PRO F 2206 -37.82 41.39 41.47
CA PRO F 2206 -39.20 40.87 41.41
C PRO F 2206 -39.53 39.95 42.58
N ALA F 2207 -40.82 39.75 42.85
CA ALA F 2207 -41.26 38.94 43.98
C ALA F 2207 -41.23 37.44 43.69
N LYS F 2208 -40.80 37.04 42.49
CA LYS F 2208 -40.72 35.62 42.18
C LYS F 2208 -39.75 34.89 43.08
N ALA F 2209 -38.69 35.57 43.53
CA ALA F 2209 -37.67 34.95 44.37
C ALA F 2209 -38.13 35.02 45.82
N LYS F 2210 -38.76 33.95 46.29
CA LYS F 2210 -39.17 33.87 47.68
C LYS F 2210 -37.95 33.70 48.57
N ILE F 2211 -37.74 34.65 49.48
CA ILE F 2211 -36.55 34.64 50.31
C ILE F 2211 -36.57 33.43 51.25
N GLN F 2212 -35.51 32.62 51.19
CA GLN F 2212 -35.41 31.42 52.00
C GLN F 2212 -34.82 31.71 53.37
N ASP F 2213 -33.68 32.37 53.41
CA ASP F 2213 -32.97 32.59 54.67
C ASP F 2213 -32.29 33.96 54.67
N MET F 2214 -31.92 34.38 55.89
CA MET F 2214 -31.41 35.71 56.19
C MET F 2214 -30.09 35.63 56.91
N VAL F 2215 -29.23 36.63 56.70
CA VAL F 2215 -28.08 36.85 57.55
C VAL F 2215 -27.71 38.32 57.50
N ALA F 2216 -27.08 38.82 58.56
CA ALA F 2216 -26.68 40.22 58.62
C ALA F 2216 -25.38 40.32 59.40
N ILE F 2217 -24.34 40.89 58.77
CA ILE F 2217 -23.02 40.99 59.38
C ILE F 2217 -22.56 42.44 59.33
N ARG F 2218 -21.97 42.91 60.43
CA ARG F 2218 -21.33 44.21 60.49
C ARG F 2218 -19.84 44.04 60.26
N HIS F 2219 -19.28 44.84 59.35
CA HIS F 2219 -17.89 44.68 58.92
C HIS F 2219 -17.31 46.06 58.64
N THR F 2220 -16.10 46.08 58.10
CA THR F 2220 -15.41 47.29 57.70
C THR F 2220 -15.47 47.45 56.19
N ALA F 2221 -15.28 48.69 55.74
CA ALA F 2221 -15.36 49.05 54.33
C ALA F 2221 -13.98 49.38 53.78
N CYS F 2222 -13.95 49.74 52.50
CA CYS F 2222 -12.71 50.19 51.89
C CYS F 2222 -12.24 51.51 52.49
N ASN F 2223 -13.18 52.35 52.94
CA ASN F 2223 -12.87 53.59 53.63
C ASN F 2223 -12.90 53.43 55.15
N GLU F 2224 -12.52 52.24 55.64
CA GLU F 2224 -12.51 51.87 57.06
C GLU F 2224 -13.77 52.33 57.78
N GLN F 2225 -14.92 52.24 57.12
CA GLN F 2225 -16.20 52.61 57.71
C GLN F 2225 -16.94 51.35 58.13
N GLN F 2226 -17.49 51.36 59.34
CA GLN F 2226 -18.24 50.23 59.85
C GLN F 2226 -19.62 50.22 59.20
N ARG F 2227 -19.90 49.18 58.40
CA ARG F 2227 -21.14 49.07 57.66
C ARG F 2227 -21.79 47.72 57.94
N THR F 2228 -23.12 47.72 57.97
CA THR F 2228 -23.89 46.51 58.21
C THR F 2228 -24.50 46.05 56.88
N THR F 2229 -24.14 44.84 56.46
CA THR F 2229 -24.60 44.27 55.20
C THR F 2229 -25.49 43.08 55.48
N MET F 2230 -26.63 43.04 54.79
CA MET F 2230 -27.68 42.06 54.99
C MET F 2230 -27.78 41.20 53.74
N ILE F 2231 -27.49 39.90 53.86
CA ILE F 2231 -27.48 38.97 52.74
C ILE F 2231 -28.72 38.10 52.82
N LEU F 2232 -29.52 38.14 51.76
CA LEU F 2232 -30.74 37.36 51.61
C LEU F 2232 -30.48 36.24 50.61
N LEU F 2233 -30.87 35.02 50.96
CA LEU F 2233 -30.88 33.91 50.01
C LEU F 2233 -32.32 33.50 49.76
N CYS F 2234 -32.71 33.45 48.49
CA CYS F 2234 -34.06 33.09 48.10
C CYS F 2234 -34.09 31.66 47.57
N GLU F 2235 -35.28 31.22 47.15
CA GLU F 2235 -35.45 29.86 46.67
C GLU F 2235 -34.82 29.62 45.30
N ASP F 2236 -34.58 30.68 44.54
CA ASP F 2236 -33.98 30.56 43.21
C ASP F 2236 -32.45 30.55 43.25
N GLY F 2237 -31.86 30.68 44.43
CA GLY F 2237 -30.42 30.74 44.55
C GLY F 2237 -29.82 32.12 44.38
N SER F 2238 -30.63 33.13 44.09
CA SER F 2238 -30.12 34.48 43.92
C SER F 2238 -29.82 35.11 45.28
N LEU F 2239 -28.77 35.91 45.32
CA LEU F 2239 -28.34 36.59 46.53
C LEU F 2239 -28.75 38.06 46.46
N ARG F 2240 -29.33 38.56 47.55
CA ARG F 2240 -29.71 39.96 47.66
C ARG F 2240 -28.82 40.64 48.69
N ILE F 2241 -28.20 41.75 48.31
CA ILE F 2241 -27.26 42.47 49.15
C ILE F 2241 -27.91 43.79 49.56
N TYR F 2242 -28.05 43.99 50.86
CA TYR F 2242 -28.69 45.17 51.42
C TYR F 2242 -27.76 45.80 52.43
N MET F 2243 -28.02 47.07 52.77
CA MET F 2243 -27.07 47.87 53.54
C MET F 2243 -27.84 48.75 54.52
N ALA F 2244 -27.34 48.85 55.75
CA ALA F 2244 -28.07 49.48 56.85
C ALA F 2244 -27.83 50.98 56.87
N ASN F 2245 -28.91 51.75 56.70
CA ASN F 2245 -28.83 53.21 56.59
C ASN F 2245 -28.15 53.80 57.82
N VAL F 2246 -27.01 54.46 57.61
CA VAL F 2246 -26.25 55.02 58.72
C VAL F 2246 -27.04 56.12 59.41
N GLU F 2247 -27.76 56.94 58.64
CA GLU F 2247 -28.60 57.98 59.23
C GLU F 2247 -29.82 57.42 59.94
N ASN F 2248 -30.13 56.13 59.76
CA ASN F 2248 -31.30 55.52 60.38
C ASN F 2248 -31.00 54.36 61.30
N THR F 2249 -29.82 53.73 61.19
CA THR F 2249 -29.52 52.52 61.95
C THR F 2249 -28.33 52.67 62.88
N SER F 2250 -27.81 53.88 63.07
CA SER F 2250 -26.60 54.10 63.86
C SER F 2250 -26.86 54.99 65.06
N TYR F 2251 -28.03 54.84 65.69
CA TYR F 2251 -28.31 55.61 66.90
C TYR F 2251 -27.38 55.21 68.04
N TRP F 2252 -27.28 53.91 68.32
CA TRP F 2252 -26.39 53.44 69.38
C TRP F 2252 -24.94 53.51 68.97
N LEU F 2253 -24.65 53.65 67.67
CA LEU F 2253 -23.29 53.70 67.16
C LEU F 2253 -22.73 55.12 67.12
N GLN F 2254 -23.47 56.11 67.59
CA GLN F 2254 -22.98 57.47 67.62
C GLN F 2254 -21.83 57.60 68.62
N PRO F 2255 -20.86 58.47 68.35
CA PRO F 2255 -19.79 58.70 69.34
C PRO F 2255 -20.32 59.24 70.67
N SER F 2256 -21.45 59.93 70.66
CA SER F 2256 -22.03 60.43 71.90
C SER F 2256 -22.60 59.31 72.76
N LEU F 2257 -22.76 58.10 72.21
CA LEU F 2257 -23.26 56.96 72.96
C LEU F 2257 -22.25 55.83 73.07
N GLN F 2258 -21.09 55.95 72.44
CA GLN F 2258 -20.09 54.90 72.44
C GLN F 2258 -18.82 55.39 73.11
N PRO F 2259 -18.27 54.63 74.07
CA PRO F 2259 -17.01 55.04 74.69
C PRO F 2259 -15.86 54.98 73.70
N SER F 2260 -14.89 55.87 73.90
CA SER F 2260 -13.71 55.94 73.03
C SER F 2260 -12.74 54.82 73.36
N GLN F 2284 32.34 39.75 63.35
CA GLN F 2284 31.92 38.67 62.47
C GLN F 2284 30.81 37.86 63.11
N VAL F 2285 29.62 37.88 62.50
CA VAL F 2285 28.48 37.13 63.00
C VAL F 2285 28.72 35.65 62.69
N THR F 2286 29.02 34.87 63.72
CA THR F 2286 29.31 33.45 63.56
C THR F 2286 27.99 32.68 63.52
N PHE F 2287 27.66 32.13 62.35
CA PHE F 2287 26.44 31.35 62.16
C PHE F 2287 26.72 29.87 62.32
N PRO F 2288 25.72 29.09 62.75
CA PRO F 2288 25.88 27.63 62.78
C PRO F 2288 26.10 27.09 61.37
N ILE F 2289 26.95 26.08 61.27
CA ILE F 2289 27.24 25.48 59.97
C ILE F 2289 26.03 24.73 59.44
N ASP F 2290 25.28 24.08 60.32
CA ASP F 2290 24.09 23.32 59.95
C ASP F 2290 22.85 24.19 59.76
N PHE F 2291 23.03 25.51 59.61
CA PHE F 2291 21.89 26.42 59.53
C PHE F 2291 20.96 26.04 58.38
N PHE F 2292 21.53 25.82 57.19
CA PHE F 2292 20.71 25.45 56.04
C PHE F 2292 20.09 24.06 56.19
N GLU F 2293 20.60 23.24 57.11
CA GLU F 2293 19.92 21.99 57.43
C GLU F 2293 18.60 22.24 58.14
N HIS F 2294 18.54 23.29 58.97
CA HIS F 2294 17.33 23.66 59.68
C HIS F 2294 16.48 24.64 58.90
N ASN F 2295 16.63 24.69 57.58
CA ASN F 2295 15.86 25.59 56.73
C ASN F 2295 15.55 24.89 55.42
N GLN F 2296 14.39 25.21 54.86
CA GLN F 2296 13.89 24.55 53.65
C GLN F 2296 14.07 25.46 52.44
N GLN F 2297 14.48 24.86 51.32
CA GLN F 2297 14.52 25.61 50.06
C GLN F 2297 13.11 26.00 49.65
N LEU F 2298 12.97 27.20 49.12
CA LEU F 2298 11.67 27.81 48.85
C LEU F 2298 11.50 28.01 47.35
N THR F 2299 10.39 27.50 46.81
CA THR F 2299 10.09 27.66 45.39
C THR F 2299 9.11 28.78 45.11
N ASP F 2300 8.40 29.29 46.12
CA ASP F 2300 7.48 30.40 45.94
C ASP F 2300 8.17 31.73 46.16
N VAL F 2301 9.28 31.95 45.45
CA VAL F 2301 10.10 33.15 45.58
C VAL F 2301 10.22 33.78 44.21
N GLU F 2302 9.97 35.09 44.13
CA GLU F 2302 10.07 35.83 42.88
C GLU F 2302 11.36 36.65 42.88
N PHE F 2303 12.02 36.70 41.73
CA PHE F 2303 13.26 37.43 41.57
C PHE F 2303 13.09 38.50 40.51
N GLY F 2304 13.61 39.70 40.79
CA GLY F 2304 13.52 40.79 39.85
C GLY F 2304 14.45 41.94 40.18
N GLY F 2305 14.02 43.16 39.90
CA GLY F 2305 14.85 44.33 40.11
C GLY F 2305 15.13 45.05 38.81
N ASN F 2306 15.03 46.38 38.81
CA ASN F 2306 15.14 47.15 37.58
C ASN F 2306 16.47 46.89 36.87
N ASP F 2307 17.52 46.59 37.62
CA ASP F 2307 18.80 46.23 37.00
C ASP F 2307 18.68 44.94 36.20
N LEU F 2308 17.97 43.95 36.75
CA LEU F 2308 17.77 42.69 36.05
C LEU F 2308 16.51 42.68 35.19
N LEU F 2309 15.45 43.36 35.64
CA LEU F 2309 14.21 43.39 34.87
C LEU F 2309 14.36 44.14 33.55
N GLN F 2310 15.44 44.91 33.38
CA GLN F 2310 15.71 45.54 32.09
C GLN F 2310 15.92 44.49 31.00
N VAL F 2311 16.69 43.46 31.30
CA VAL F 2311 17.06 42.44 30.33
C VAL F 2311 16.10 41.25 30.36
N TYR F 2312 15.75 40.79 31.55
CA TYR F 2312 14.94 39.59 31.71
C TYR F 2312 13.60 39.92 32.36
N ASN F 2313 12.75 38.90 32.44
CA ASN F 2313 11.47 38.98 33.13
C ASN F 2313 11.49 38.09 34.38
N ALA F 2314 10.59 38.38 35.30
CA ALA F 2314 10.64 37.77 36.63
C ALA F 2314 10.54 36.25 36.55
N GLN F 2315 9.64 35.73 35.72
CA GLN F 2315 9.54 34.28 35.55
C GLN F 2315 10.83 33.70 35.00
N GLN F 2316 11.44 34.38 34.03
CA GLN F 2316 12.70 33.90 33.47
C GLN F 2316 13.81 33.95 34.51
N ILE F 2317 13.88 35.02 35.30
CA ILE F 2317 14.90 35.10 36.35
C ILE F 2317 14.72 33.96 37.34
N LYS F 2318 13.48 33.69 37.75
CA LYS F 2318 13.21 32.55 38.63
C LYS F 2318 13.66 31.24 38.00
N HIS F 2319 13.36 31.06 36.72
CA HIS F 2319 13.71 29.81 36.04
C HIS F 2319 15.22 29.61 36.00
N ARG F 2320 15.98 30.66 35.66
CA ARG F 2320 17.42 30.47 35.55
C ARG F 2320 18.11 30.50 36.90
N LEU F 2321 17.47 31.02 37.94
CA LEU F 2321 18.05 30.94 39.27
C LEU F 2321 17.64 29.69 40.03
N ASN F 2322 16.66 28.94 39.51
CA ASN F 2322 16.26 27.68 40.11
C ASN F 2322 16.65 26.46 39.28
N SER F 2323 17.48 26.64 38.25
CA SER F 2323 17.87 25.53 37.40
C SER F 2323 19.32 25.71 36.96
N THR F 2324 19.92 24.61 36.53
CA THR F 2324 21.34 24.56 36.16
C THR F 2324 21.49 24.52 34.64
N GLY F 2325 22.70 24.86 34.17
CA GLY F 2325 23.01 24.89 32.77
C GLY F 2325 22.95 26.27 32.13
N MET F 2326 22.29 27.21 32.79
CA MET F 2326 22.12 28.58 32.32
C MET F 2326 22.20 29.54 33.50
N TYR F 2327 22.34 30.83 33.19
CA TYR F 2327 22.77 31.80 34.19
C TYR F 2327 22.00 33.11 34.04
N VAL F 2328 22.45 34.10 34.79
CA VAL F 2328 21.92 35.46 34.77
C VAL F 2328 23.09 36.42 34.64
N ALA F 2329 22.98 37.38 33.71
CA ALA F 2329 24.04 38.32 33.43
C ALA F 2329 23.56 39.76 33.62
N ASN F 2330 24.51 40.65 33.88
CA ASN F 2330 24.23 42.07 33.97
C ASN F 2330 25.51 42.86 33.70
N THR F 2331 25.48 43.69 32.67
CA THR F 2331 26.65 44.48 32.26
C THR F 2331 26.68 45.86 32.91
N LYS F 2332 25.99 46.03 34.02
CA LYS F 2332 26.01 47.33 34.72
C LYS F 2332 27.32 47.47 35.48
N PRO F 2333 28.14 48.47 35.18
CA PRO F 2333 29.37 48.68 35.95
C PRO F 2333 29.06 49.05 37.39
N GLY F 2334 29.89 48.55 38.30
CA GLY F 2334 29.72 48.79 39.71
C GLY F 2334 28.84 47.79 40.43
N GLY F 2335 28.04 47.03 39.71
CA GLY F 2335 27.15 46.05 40.28
C GLY F 2335 25.71 46.29 39.89
N PHE F 2336 24.85 45.38 40.34
CA PHE F 2336 23.42 45.47 40.06
C PHE F 2336 22.66 44.89 41.25
N THR F 2337 21.39 45.28 41.36
CA THR F 2337 20.56 44.91 42.51
C THR F 2337 19.52 43.88 42.10
N ILE F 2338 19.42 42.81 42.89
CA ILE F 2338 18.39 41.80 42.73
C ILE F 2338 17.37 41.97 43.86
N GLU F 2339 16.11 42.12 43.49
CA GLU F 2339 15.01 42.20 44.44
C GLU F 2339 14.40 40.82 44.60
N ILE F 2340 14.45 40.28 45.81
CA ILE F 2340 13.93 38.95 46.12
C ILE F 2340 12.66 39.14 46.94
N SER F 2341 11.53 38.67 46.40
CA SER F 2341 10.24 38.86 47.02
C SER F 2341 9.64 37.50 47.40
N ASN F 2342 8.98 37.47 48.55
CA ASN F 2342 8.34 36.27 49.07
C ASN F 2342 6.84 36.34 48.79
N ASN F 2343 6.32 35.33 48.11
CA ASN F 2343 4.89 35.26 47.82
C ASN F 2343 4.11 34.47 48.86
N ASN F 2344 4.78 33.94 49.87
CA ASN F 2344 4.13 33.16 50.93
C ASN F 2344 4.22 33.94 52.24
N SER F 2345 3.06 34.21 52.85
CA SER F 2345 3.00 34.97 54.08
C SER F 2345 3.24 34.13 55.32
N THR F 2346 3.26 32.81 55.20
CA THR F 2346 3.51 31.92 56.33
C THR F 2346 4.97 31.53 56.46
N MET F 2347 5.85 32.10 55.66
CA MET F 2347 7.26 31.72 55.62
C MET F 2347 8.13 32.96 55.67
N VAL F 2348 9.22 32.87 56.43
CA VAL F 2348 10.15 33.97 56.64
C VAL F 2348 11.51 33.57 56.11
N MET F 2349 12.16 34.50 55.40
CA MET F 2349 13.46 34.24 54.80
C MET F 2349 14.50 34.06 55.90
N THR F 2350 15.41 33.09 55.74
CA THR F 2350 16.45 32.85 56.72
C THR F 2350 17.85 32.79 56.14
N GLY F 2351 18.01 32.61 54.84
CA GLY F 2351 19.33 32.57 54.23
C GLY F 2351 19.21 32.36 52.74
N MET F 2352 20.35 32.47 52.08
CA MET F 2352 20.40 32.29 50.64
C MET F 2352 21.70 31.60 50.24
N ARG F 2353 21.68 31.00 49.05
CA ARG F 2353 22.84 30.35 48.48
C ARG F 2353 22.92 30.71 47.00
N ILE F 2354 24.12 31.05 46.53
CA ILE F 2354 24.34 31.51 45.16
C ILE F 2354 25.41 30.62 44.53
N GLN F 2355 25.10 30.05 43.37
CA GLN F 2355 26.07 29.28 42.62
C GLN F 2355 26.70 30.15 41.54
N ILE F 2356 28.03 30.18 41.48
CA ILE F 2356 28.73 31.07 40.56
C ILE F 2356 30.00 30.39 40.06
N GLY F 2357 30.40 30.77 38.84
CA GLY F 2357 31.64 30.31 38.27
C GLY F 2357 31.53 29.22 37.22
N THR F 2358 30.33 28.69 36.96
CA THR F 2358 30.19 27.65 35.97
C THR F 2358 30.52 28.16 34.57
N GLN F 2359 30.06 29.36 34.23
CA GLN F 2359 30.27 29.91 32.90
C GLN F 2359 31.66 30.56 32.79
N ALA F 2360 31.91 31.58 33.58
CA ALA F 2360 33.19 32.28 33.55
C ALA F 2360 33.52 32.80 34.94
N ILE F 2361 34.69 32.42 35.44
CA ILE F 2361 35.14 32.91 36.74
C ILE F 2361 35.43 34.40 36.68
N GLU F 2362 35.97 34.88 35.57
CA GLU F 2362 36.23 36.30 35.41
C GLU F 2362 34.93 37.10 35.43
N ARG F 2363 33.90 36.60 34.75
CA ARG F 2363 32.60 37.27 34.75
C ARG F 2363 31.84 37.09 36.05
N ALA F 2364 32.29 36.20 36.93
CA ALA F 2364 31.66 36.06 38.23
C ALA F 2364 32.00 37.28 39.10
N PRO F 2365 31.05 37.74 39.91
CA PRO F 2365 31.28 38.98 40.66
C PRO F 2365 32.37 38.85 41.71
N SER F 2366 33.01 39.98 42.01
CA SER F 2366 34.06 40.01 43.02
C SER F 2366 33.49 40.00 44.44
N TYR F 2367 32.32 40.60 44.65
CA TYR F 2367 31.74 40.68 45.98
C TYR F 2367 30.24 40.86 45.87
N ILE F 2368 29.54 40.56 46.96
CA ILE F 2368 28.11 40.85 47.09
C ILE F 2368 27.86 41.49 48.45
N GLU F 2369 26.67 42.08 48.56
CA GLU F 2369 26.29 42.86 49.73
C GLU F 2369 24.78 42.73 49.95
N ILE F 2370 24.39 42.62 51.22
CA ILE F 2370 22.98 42.49 51.56
C ILE F 2370 22.80 42.84 53.03
N PHE F 2371 21.75 43.61 53.31
CA PHE F 2371 21.41 44.05 54.68
C PHE F 2371 22.57 44.78 55.34
N GLY F 2372 23.37 45.49 54.54
CA GLY F 2372 24.51 46.22 55.05
C GLY F 2372 25.75 45.40 55.29
N ARG F 2373 25.70 44.09 55.04
CA ARG F 2373 26.86 43.22 55.21
C ARG F 2373 27.43 42.86 53.85
N THR F 2374 28.73 43.07 53.67
CA THR F 2374 29.41 42.85 52.40
C THR F 2374 30.41 41.71 52.56
N MET F 2375 30.37 40.76 51.64
CA MET F 2375 31.35 39.68 51.61
C MET F 2375 31.88 39.50 50.19
N GLN F 2376 33.20 39.34 50.09
CA GLN F 2376 33.89 39.22 48.81
C GLN F 2376 33.75 37.80 48.27
N LEU F 2377 33.93 37.66 46.96
CA LEU F 2377 33.88 36.38 46.27
C LEU F 2377 35.23 36.14 45.60
N ASN F 2378 36.17 35.54 46.34
CA ASN F 2378 37.44 35.13 45.76
C ASN F 2378 37.25 33.74 45.15
N LEU F 2379 37.24 33.68 43.83
CA LEU F 2379 36.81 32.49 43.10
C LEU F 2379 37.96 31.92 42.28
N SER F 2380 38.16 30.61 42.41
CA SER F 2380 39.05 29.86 41.53
C SER F 2380 38.31 28.88 40.64
N ARG F 2381 37.04 28.61 40.92
CA ARG F 2381 36.23 27.70 40.13
C ARG F 2381 34.77 27.90 40.50
N SER F 2382 33.90 27.13 39.85
CA SER F 2382 32.48 27.17 40.18
C SER F 2382 32.24 26.61 41.57
N ARG F 2383 31.40 27.29 42.35
CA ARG F 2383 31.10 26.87 43.70
C ARG F 2383 29.86 27.61 44.19
N TRP F 2384 29.41 27.21 45.39
CA TRP F 2384 28.28 27.83 46.06
C TRP F 2384 28.75 28.69 47.22
N PHE F 2385 28.20 29.90 47.31
CA PHE F 2385 28.43 30.81 48.42
C PHE F 2385 27.16 30.90 49.25
N ASP F 2386 27.31 30.82 50.57
CA ASP F 2386 26.19 30.85 51.49
C ASP F 2386 26.11 32.20 52.19
N PHE F 2387 24.90 32.57 52.60
CA PHE F 2387 24.69 33.73 53.47
C PHE F 2387 23.45 33.48 54.30
N PRO F 2388 23.61 32.98 55.52
CA PRO F 2388 22.47 32.90 56.43
C PRO F 2388 22.13 34.27 57.01
N PHE F 2389 20.85 34.47 57.27
CA PHE F 2389 20.37 35.73 57.82
C PHE F 2389 20.37 35.69 59.35
N THR F 2390 20.67 36.84 59.95
CA THR F 2390 20.47 36.98 61.38
C THR F 2390 18.97 37.04 61.68
N ARG F 2391 18.64 36.98 62.97
CA ARG F 2391 17.23 37.09 63.35
C ARG F 2391 16.65 38.44 62.94
N GLU F 2392 17.43 39.52 63.15
CA GLU F 2392 16.99 40.83 62.69
C GLU F 2392 16.90 40.88 61.17
N GLU F 2393 17.89 40.32 60.47
CA GLU F 2393 17.86 40.29 59.02
C GLU F 2393 16.70 39.44 58.51
N ALA F 2394 16.44 38.31 59.18
CA ALA F 2394 15.30 37.48 58.81
C ALA F 2394 13.99 38.23 59.00
N LEU F 2395 13.87 38.97 60.10
CA LEU F 2395 12.67 39.78 60.32
C LEU F 2395 12.52 40.84 59.24
N GLN F 2396 13.62 41.47 58.85
CA GLN F 2396 13.57 42.50 57.81
C GLN F 2396 13.25 41.93 56.43
N ALA F 2397 13.47 40.63 56.22
CA ALA F 2397 13.25 39.97 54.93
C ALA F 2397 11.94 39.20 54.90
N ASP F 2398 10.90 39.71 55.58
CA ASP F 2398 9.62 39.01 55.62
C ASP F 2398 9.00 38.90 54.24
N LYS F 2399 8.99 40.01 53.49
CA LYS F 2399 8.35 40.05 52.18
C LYS F 2399 9.33 40.33 51.05
N LYS F 2400 10.17 41.34 51.18
CA LYS F 2400 11.09 41.72 50.11
C LYS F 2400 12.46 42.02 50.69
N LEU F 2401 13.48 41.83 49.86
CA LEU F 2401 14.85 42.13 50.24
C LEU F 2401 15.63 42.51 48.98
N ASN F 2402 16.73 43.22 49.19
CA ASN F 2402 17.59 43.68 48.11
C ASN F 2402 18.98 43.10 48.29
N LEU F 2403 19.56 42.60 47.21
CA LEU F 2403 20.91 42.03 47.21
C LEU F 2403 21.72 42.74 46.13
N PHE F 2404 22.72 43.52 46.54
CA PHE F 2404 23.59 44.20 45.60
C PHE F 2404 24.74 43.27 45.25
N ILE F 2405 25.17 43.30 43.99
CA ILE F 2405 26.20 42.42 43.47
C ILE F 2405 27.23 43.28 42.76
N GLY F 2406 28.47 43.25 43.24
CA GLY F 2406 29.51 44.07 42.66
C GLY F 2406 29.90 43.64 41.27
N ALA F 2407 30.47 44.58 40.53
CA ALA F 2407 30.93 44.30 39.17
C ALA F 2407 32.06 43.28 39.18
N SER F 2408 32.08 42.43 38.16
CA SER F 2408 33.08 41.38 38.06
C SER F 2408 34.43 41.97 37.63
N VAL F 2409 35.43 41.11 37.56
CA VAL F 2409 36.78 41.52 37.16
C VAL F 2409 36.93 41.33 35.65
N ASP F 2410 35.82 41.00 34.99
CA ASP F 2410 35.83 40.82 33.55
C ASP F 2410 36.12 42.15 32.86
N PRO F 2411 37.09 42.22 31.95
CA PRO F 2411 37.32 43.47 31.21
C PRO F 2411 36.13 43.91 30.39
N ALA F 2412 35.23 43.00 30.02
CA ALA F 2412 34.01 43.36 29.31
C ALA F 2412 32.94 43.91 30.25
N GLY F 2413 33.17 43.90 31.55
CA GLY F 2413 32.21 44.42 32.51
C GLY F 2413 30.92 43.64 32.60
N VAL F 2414 31.02 42.31 32.64
CA VAL F 2414 29.86 41.43 32.70
C VAL F 2414 29.84 40.75 34.06
N THR F 2415 28.75 40.91 34.79
CA THR F 2415 28.55 40.26 36.08
C THR F 2415 27.65 39.05 35.88
N MET F 2416 28.11 37.89 36.32
CA MET F 2416 27.50 36.61 35.98
C MET F 2416 27.22 35.83 37.25
N ILE F 2417 25.95 35.45 37.45
CA ILE F 2417 25.54 34.62 38.57
C ILE F 2417 24.67 33.49 38.03
N ASP F 2418 25.06 32.25 38.32
CA ASP F 2418 24.42 31.10 37.68
C ASP F 2418 23.05 30.80 38.28
N ALA F 2419 23.03 30.44 39.57
CA ALA F 2419 21.79 30.06 40.23
C ALA F 2419 21.74 30.68 41.62
N VAL F 2420 20.52 31.02 42.04
CA VAL F 2420 20.27 31.63 43.35
C VAL F 2420 19.14 30.83 44.00
N LYS F 2421 19.45 30.19 45.13
CA LYS F 2421 18.47 29.45 45.91
C LYS F 2421 18.30 30.11 47.26
N ILE F 2422 17.05 30.23 47.71
CA ILE F 2422 16.70 30.93 48.94
C ILE F 2422 16.11 29.94 49.92
N TYR F 2423 16.45 30.10 51.20
CA TYR F 2423 15.99 29.22 52.26
C TYR F 2423 15.25 30.02 53.31
N GLY F 2424 14.31 29.36 54.00
CA GLY F 2424 13.51 30.02 54.99
C GLY F 2424 12.84 29.02 55.91
N LYS F 2425 12.03 29.54 56.84
CA LYS F 2425 11.34 28.71 57.81
C LYS F 2425 9.95 29.27 58.07
N THR F 2426 9.04 28.41 58.50
CA THR F 2426 7.69 28.84 58.78
C THR F 2426 7.66 29.83 59.94
N LYS F 2427 6.63 30.68 59.94
CA LYS F 2427 6.53 31.72 60.97
C LYS F 2427 6.44 31.12 62.36
N GLU F 2428 5.73 30.00 62.51
CA GLU F 2428 5.67 29.34 63.81
C GLU F 2428 7.04 28.82 64.24
N GLN F 2429 7.77 28.20 63.31
CA GLN F 2429 9.11 27.72 63.64
C GLN F 2429 10.07 28.88 63.90
N PHE F 2430 9.96 29.95 63.11
CA PHE F 2430 10.81 31.12 63.31
C PHE F 2430 10.44 31.91 64.57
N GLY F 2431 9.30 31.64 65.17
CA GLY F 2431 8.85 32.43 66.30
C GLY F 2431 8.51 33.86 65.95
N TRP F 2432 7.80 34.06 64.84
CA TRP F 2432 7.42 35.39 64.39
C TRP F 2432 6.54 36.11 65.40
N THR F 2470 -8.68 75.95 62.12
CA THR F 2470 -9.44 75.34 63.20
C THR F 2470 -10.83 74.93 62.74
N SER F 2471 -11.06 73.62 62.65
CA SER F 2471 -12.34 73.07 62.22
C SER F 2471 -13.24 72.70 63.39
N GLY F 2472 -12.84 73.03 64.63
CA GLY F 2472 -13.62 72.68 65.80
C GLY F 2472 -14.89 73.49 65.95
N THR F 2473 -15.45 73.49 67.15
CA THR F 2473 -16.70 74.19 67.40
C THR F 2473 -16.47 75.70 67.40
N VAL F 2474 -17.57 76.44 67.23
CA VAL F 2474 -17.51 77.89 67.19
C VAL F 2474 -17.07 78.45 68.55
N LEU F 2475 -17.67 77.94 69.63
CA LEU F 2475 -17.33 78.43 70.96
C LEU F 2475 -15.90 78.06 71.33
N GLU F 2476 -15.42 76.89 70.87
CA GLU F 2476 -14.02 76.54 71.10
C GLU F 2476 -13.08 77.52 70.40
N ARG F 2477 -13.40 77.89 69.16
CA ARG F 2477 -12.59 78.88 68.47
C ARG F 2477 -12.61 80.22 69.19
N LEU F 2478 -13.79 80.61 69.69
CA LEU F 2478 -13.88 81.85 70.46
C LEU F 2478 -13.00 81.78 71.71
N VAL F 2479 -12.95 80.61 72.35
CA VAL F 2479 -12.14 80.47 73.57
C VAL F 2479 -10.65 80.53 73.23
N VAL F 2480 -10.24 79.86 72.15
CA VAL F 2480 -8.85 79.97 71.69
C VAL F 2480 -8.49 81.43 71.45
N SER F 2481 -9.38 82.16 70.77
CA SER F 2481 -9.11 83.56 70.47
C SER F 2481 -9.05 84.40 71.74
N SER F 2482 -9.93 84.13 72.71
CA SER F 2482 -9.91 84.87 73.96
C SER F 2482 -8.62 84.63 74.73
N LEU F 2483 -8.15 83.38 74.77
CA LEU F 2483 -6.91 83.10 75.48
C LEU F 2483 -5.70 83.71 74.79
N GLU F 2484 -5.64 83.65 73.45
CA GLU F 2484 -4.52 84.35 72.79
C GLU F 2484 -4.63 85.86 72.96
N ALA F 2485 -5.85 86.39 73.10
CA ALA F 2485 -6.00 87.80 73.46
C ALA F 2485 -5.46 88.09 74.86
N LEU F 2486 -5.64 87.14 75.78
CA LEU F 2486 -5.04 87.27 77.11
C LEU F 2486 -3.52 87.29 77.00
N GLU F 2487 -2.96 86.44 76.13
CA GLU F 2487 -1.52 86.50 75.87
C GLU F 2487 -1.13 87.85 75.30
N SER F 2488 -1.94 88.40 74.41
CA SER F 2488 -1.68 89.73 73.87
C SER F 2488 -1.63 90.76 74.99
N CYS F 2489 -2.61 90.73 75.90
CA CYS F 2489 -2.66 91.70 76.98
C CYS F 2489 -1.46 91.56 77.91
N PHE F 2490 -1.05 90.33 78.20
CA PHE F 2490 0.04 90.09 79.13
C PHE F 2490 1.42 90.08 78.46
N ALA F 2491 1.49 90.29 77.16
CA ALA F 2491 2.77 90.46 76.47
C ALA F 2491 2.97 91.85 75.89
N VAL F 2492 1.91 92.64 75.73
CA VAL F 2492 2.01 93.96 75.12
C VAL F 2492 1.75 95.06 76.14
N GLY F 2493 0.78 94.82 77.04
CA GLY F 2493 0.29 95.86 77.88
C GLY F 2493 1.28 96.30 78.94
N PRO F 2494 0.92 97.33 79.69
CA PRO F 2494 1.78 97.78 80.80
C PRO F 2494 1.74 96.80 81.96
N ILE F 2495 2.74 96.95 82.84
CA ILE F 2495 2.86 96.05 83.98
C ILE F 2495 1.71 96.24 84.97
N ILE F 2496 1.18 97.47 85.07
CA ILE F 2496 0.16 97.76 86.08
C ILE F 2496 -1.09 96.94 85.82
N GLU F 2497 -1.61 96.99 84.59
CA GLU F 2497 -2.81 96.22 84.26
C GLU F 2497 -2.54 94.73 84.36
N LYS F 2498 -1.34 94.29 84.00
CA LYS F 2498 -0.99 92.87 84.13
C LYS F 2498 -1.12 92.41 85.57
N GLU F 2499 -0.57 93.19 86.51
CA GLU F 2499 -0.60 92.75 87.91
C GLU F 2499 -1.96 93.01 88.55
N ARG F 2500 -2.79 93.89 87.97
CA ARG F 2500 -4.18 93.94 88.42
C ARG F 2500 -4.95 92.70 87.98
N ASN F 2501 -4.84 92.33 86.71
CA ASN F 2501 -5.68 91.28 86.14
C ASN F 2501 -5.10 89.88 86.32
N LYS F 2502 -3.90 89.75 86.89
CA LYS F 2502 -3.27 88.43 87.00
C LYS F 2502 -4.12 87.47 87.83
N ASN F 2503 -4.72 87.97 88.92
CA ASN F 2503 -5.49 87.09 89.80
C ASN F 2503 -6.67 86.47 89.08
N ALA F 2504 -7.50 87.31 88.46
CA ALA F 2504 -8.67 86.80 87.74
C ALA F 2504 -8.25 85.96 86.55
N ALA F 2505 -7.20 86.38 85.82
CA ALA F 2505 -6.77 85.62 84.65
C ALA F 2505 -6.30 84.22 85.05
N GLN F 2506 -5.49 84.12 86.10
CA GLN F 2506 -5.00 82.82 86.52
C GLN F 2506 -6.13 81.97 87.11
N GLU F 2507 -7.09 82.59 87.81
CA GLU F 2507 -8.21 81.81 88.33
C GLU F 2507 -9.04 81.23 87.19
N LEU F 2508 -9.34 82.05 86.18
CA LEU F 2508 -10.09 81.55 85.03
C LEU F 2508 -9.30 80.50 84.25
N ALA F 2509 -7.98 80.69 84.13
CA ALA F 2509 -7.16 79.71 83.43
C ALA F 2509 -7.15 78.37 84.15
N THR F 2510 -6.97 78.39 85.48
CA THR F 2510 -7.01 77.15 86.25
C THR F 2510 -8.37 76.50 86.14
N LEU F 2511 -9.45 77.29 86.18
CA LEU F 2511 -10.79 76.75 85.97
C LEU F 2511 -10.86 76.02 84.63
N LEU F 2512 -10.67 76.75 83.53
CA LEU F 2512 -10.81 76.16 82.21
C LEU F 2512 -9.90 74.96 82.01
N LEU F 2513 -8.74 74.95 82.67
CA LEU F 2513 -7.91 73.75 82.68
C LEU F 2513 -8.61 72.60 83.38
N SER F 2514 -9.30 72.89 84.50
CA SER F 2514 -9.89 71.84 85.31
C SER F 2514 -10.97 71.07 84.54
N LEU F 2515 -11.94 71.78 83.98
CA LEU F 2515 -13.06 71.10 83.33
C LEU F 2515 -12.62 70.53 81.98
N PRO F 2516 -13.26 69.44 81.53
CA PRO F 2516 -12.87 68.82 80.26
C PRO F 2516 -13.08 69.75 79.09
N ALA F 2517 -12.17 69.67 78.11
CA ALA F 2517 -12.18 70.51 76.92
C ALA F 2517 -11.14 69.97 75.95
N PRO F 2518 -11.20 70.39 74.68
CA PRO F 2518 -10.21 69.92 73.71
C PRO F 2518 -8.79 70.27 74.14
N ALA F 2519 -7.83 69.48 73.66
CA ALA F 2519 -6.45 69.61 74.14
C ALA F 2519 -5.83 70.96 73.80
N SER F 2520 -6.26 71.59 72.70
CA SER F 2520 -5.65 72.84 72.27
C SER F 2520 -5.84 73.95 73.31
N VAL F 2521 -7.05 74.06 73.86
CA VAL F 2521 -7.28 75.11 74.85
C VAL F 2521 -6.56 74.82 76.15
N GLN F 2522 -6.43 73.54 76.54
CA GLN F 2522 -5.56 73.21 77.68
C GLN F 2522 -4.13 73.65 77.43
N GLN F 2523 -3.59 73.37 76.23
CA GLN F 2523 -2.22 73.73 75.95
C GLN F 2523 -2.03 75.24 76.01
N GLN F 2524 -2.94 76.00 75.40
CA GLN F 2524 -2.77 77.45 75.39
C GLN F 2524 -3.02 78.05 76.77
N SER F 2525 -3.93 77.47 77.56
CA SER F 2525 -4.16 77.96 78.91
C SER F 2525 -2.96 77.69 79.81
N LYS F 2526 -2.35 76.51 79.67
CA LYS F 2526 -1.14 76.24 80.47
C LYS F 2526 0.02 77.10 80.01
N SER F 2527 0.12 77.41 78.71
CA SER F 2527 1.13 78.36 78.26
C SER F 2527 0.89 79.74 78.85
N LEU F 2528 -0.37 80.17 78.88
CA LEU F 2528 -0.73 81.44 79.52
C LEU F 2528 -0.31 81.47 80.98
N LEU F 2529 -0.65 80.41 81.72
CA LEU F 2529 -0.40 80.40 83.16
C LEU F 2529 1.10 80.31 83.43
N ALA F 2530 1.84 79.62 82.56
CA ALA F 2530 3.29 79.61 82.66
C ALA F 2530 3.87 81.00 82.43
N SER F 2531 3.38 81.69 81.39
CA SER F 2531 3.88 83.03 81.11
C SER F 2531 3.54 84.00 82.24
N LEU F 2532 2.42 83.77 82.93
CA LEU F 2532 2.03 84.64 84.03
C LEU F 2532 3.03 84.58 85.18
N HIS F 2533 3.51 83.38 85.51
CA HIS F 2533 4.40 83.20 86.65
C HIS F 2533 5.87 83.30 86.24
N THR F 2534 6.62 84.10 86.99
CA THR F 2534 8.05 84.26 86.71
C THR F 2534 8.85 83.02 87.11
N SER F 2535 8.36 82.24 88.06
CA SER F 2535 9.04 81.04 88.52
C SER F 2535 8.24 79.81 88.11
N ARG F 2536 8.91 78.83 87.50
CA ARG F 2536 8.23 77.63 87.03
C ARG F 2536 7.69 76.79 88.19
N SER F 2537 8.41 76.74 89.31
CA SER F 2537 8.02 75.86 90.41
C SER F 2537 6.68 76.25 90.98
N ALA F 2538 6.48 77.54 91.25
CA ALA F 2538 5.20 78.00 91.80
C ALA F 2538 4.06 77.80 90.81
N TYR F 2539 4.31 78.06 89.52
CA TYR F 2539 3.32 77.78 88.49
C TYR F 2539 2.87 76.33 88.53
N HIS F 2540 3.86 75.42 88.55
CA HIS F 2540 3.52 74.01 88.55
C HIS F 2540 2.83 73.62 89.85
N SER F 2541 3.21 74.28 90.95
CA SER F 2541 2.58 74.03 92.24
C SER F 2541 1.11 74.43 92.23
N HIS F 2542 0.77 75.61 91.70
CA HIS F 2542 -0.64 75.99 91.62
C HIS F 2542 -1.43 75.06 90.71
N LYS F 2543 -0.87 74.68 89.54
CA LYS F 2543 -1.66 73.77 88.70
C LYS F 2543 -1.87 72.45 89.43
N ASP F 2544 -0.85 71.98 90.15
CA ASP F 2544 -0.99 70.72 90.90
C ASP F 2544 -2.05 70.82 91.97
N GLN F 2545 -2.02 71.88 92.78
CA GLN F 2545 -3.01 71.96 93.85
C GLN F 2545 -4.41 72.07 93.28
N ALA F 2546 -4.61 72.85 92.21
CA ALA F 2546 -5.94 72.97 91.64
C ALA F 2546 -6.45 71.63 91.11
N LEU F 2547 -5.66 70.97 90.25
CA LEU F 2547 -6.12 69.73 89.63
C LEU F 2547 -6.31 68.64 90.68
N LEU F 2548 -5.36 68.51 91.61
CA LEU F 2548 -5.46 67.46 92.62
C LEU F 2548 -6.57 67.74 93.63
N SER F 2549 -6.87 69.02 93.91
CA SER F 2549 -8.02 69.32 94.75
C SER F 2549 -9.31 68.92 94.08
N LYS F 2550 -9.43 69.18 92.77
CA LYS F 2550 -10.61 68.72 92.05
C LYS F 2550 -10.71 67.20 92.10
N ALA F 2551 -9.58 66.51 91.89
CA ALA F 2551 -9.57 65.05 91.93
C ALA F 2551 -9.97 64.54 93.31
N VAL F 2552 -9.44 65.14 94.36
CA VAL F 2552 -9.73 64.72 95.72
C VAL F 2552 -11.21 64.90 96.03
N GLN F 2553 -11.77 66.07 95.66
CA GLN F 2553 -13.16 66.32 95.99
C GLN F 2553 -14.09 65.40 95.22
N CYS F 2554 -13.82 65.16 93.93
CA CYS F 2554 -14.71 64.29 93.17
C CYS F 2554 -14.62 62.85 93.65
N LEU F 2555 -13.39 62.38 93.95
CA LEU F 2555 -13.23 61.02 94.47
C LEU F 2555 -13.92 60.86 95.82
N ASN F 2556 -13.78 61.86 96.69
CA ASN F 2556 -14.39 61.77 98.01
C ASN F 2556 -15.91 61.77 97.90
N THR F 2557 -16.47 62.62 97.02
CA THR F 2557 -17.92 62.63 96.84
C THR F 2557 -18.40 61.29 96.30
N SER F 2558 -17.71 60.75 95.30
CA SER F 2558 -18.12 59.47 94.72
C SER F 2558 -18.03 58.34 95.75
N SER F 2559 -16.97 58.33 96.56
CA SER F 2559 -16.84 57.29 97.58
C SER F 2559 -17.93 57.43 98.65
N LYS F 2560 -18.22 58.67 99.08
CA LYS F 2560 -19.23 58.86 100.11
C LYS F 2560 -20.62 58.48 99.62
N GLU F 2561 -20.98 58.87 98.40
CA GLU F 2561 -22.31 58.55 97.90
C GLU F 2561 -22.41 57.11 97.39
N GLY F 2562 -21.28 56.45 97.17
CA GLY F 2562 -21.29 55.06 96.74
C GLY F 2562 -21.63 54.82 95.29
N LYS F 2563 -21.68 55.87 94.48
CA LYS F 2563 -21.99 55.70 93.06
C LYS F 2563 -20.80 55.08 92.34
N ASP F 2564 -21.06 54.58 91.13
CA ASP F 2564 -20.05 53.95 90.31
C ASP F 2564 -19.39 55.05 89.48
N LEU F 2565 -18.09 55.24 89.69
CA LEU F 2565 -17.35 56.26 88.97
C LEU F 2565 -17.30 55.93 87.48
N ASP F 2566 -17.58 56.93 86.65
CA ASP F 2566 -17.59 56.69 85.21
C ASP F 2566 -16.19 56.31 84.74
N PRO F 2567 -16.08 55.36 83.80
CA PRO F 2567 -14.74 55.02 83.28
C PRO F 2567 -14.01 56.19 82.65
N GLU F 2568 -14.75 57.13 82.04
CA GLU F 2568 -14.09 58.26 81.38
C GLU F 2568 -13.43 59.19 82.39
N VAL F 2569 -14.18 59.59 83.43
CA VAL F 2569 -13.58 60.41 84.47
C VAL F 2569 -12.51 59.63 85.22
N PHE F 2570 -12.69 58.31 85.33
CA PHE F 2570 -11.67 57.47 85.96
C PHE F 2570 -10.36 57.56 85.20
N GLN F 2571 -10.40 57.41 83.88
CA GLN F 2571 -9.16 57.45 83.10
C GLN F 2571 -8.60 58.87 83.04
N ARG F 2572 -9.44 59.89 83.04
CA ARG F 2572 -8.94 61.26 83.11
C ARG F 2572 -8.15 61.48 84.41
N LEU F 2573 -8.73 61.08 85.54
CA LEU F 2573 -8.03 61.21 86.81
C LEU F 2573 -6.76 60.38 86.82
N VAL F 2574 -6.82 59.17 86.26
CA VAL F 2574 -5.66 58.29 86.24
C VAL F 2574 -4.52 58.91 85.46
N ILE F 2575 -4.80 59.44 84.27
CA ILE F 2575 -3.74 60.01 83.45
C ILE F 2575 -3.20 61.28 84.06
N THR F 2576 -4.07 62.10 84.66
CA THR F 2576 -3.58 63.32 85.32
C THR F 2576 -2.65 62.96 86.48
N ALA F 2577 -3.05 62.00 87.30
CA ALA F 2577 -2.21 61.59 88.43
C ALA F 2577 -0.91 60.99 87.94
N ARG F 2578 -0.96 60.21 86.86
CA ARG F 2578 0.26 59.63 86.29
C ARG F 2578 1.22 60.71 85.82
N SER F 2579 0.70 61.73 85.14
CA SER F 2579 1.55 62.82 84.68
C SER F 2579 2.16 63.57 85.85
N ILE F 2580 1.36 63.83 86.90
CA ILE F 2580 1.89 64.55 88.06
C ILE F 2580 2.98 63.73 88.74
N ALA F 2581 2.78 62.42 88.86
CA ALA F 2581 3.80 61.56 89.44
C ALA F 2581 5.06 61.54 88.58
N ILE F 2582 4.89 61.59 87.26
CA ILE F 2582 6.04 61.62 86.37
C ILE F 2582 6.85 62.89 86.60
N MET F 2583 6.17 64.03 86.71
CA MET F 2583 6.92 65.29 86.79
C MET F 2583 7.42 65.59 88.20
N ARG F 2584 6.53 65.71 89.18
CA ARG F 2584 6.94 65.97 90.56
C ARG F 2584 6.21 65.08 91.55
N PRO F 2585 6.73 63.87 91.78
CA PRO F 2585 6.17 63.04 92.86
C PRO F 2585 6.30 63.70 94.22
N ASN F 2586 7.31 64.54 94.43
CA ASN F 2586 7.46 65.23 95.71
C ASN F 2586 6.24 66.10 96.00
N ASN F 2587 5.89 66.98 95.06
CA ASN F 2587 4.73 67.84 95.25
C ASN F 2587 3.44 67.03 95.25
N LEU F 2588 3.38 65.97 94.44
CA LEU F 2588 2.19 65.13 94.43
C LEU F 2588 1.94 64.51 95.81
N VAL F 2589 2.98 63.97 96.42
CA VAL F 2589 2.85 63.41 97.77
C VAL F 2589 2.50 64.51 98.76
N HIS F 2590 3.18 65.66 98.66
CA HIS F 2590 2.95 66.72 99.63
C HIS F 2590 1.50 67.18 99.62
N PHE F 2591 0.90 67.31 98.44
CA PHE F 2591 -0.47 67.80 98.40
C PHE F 2591 -1.47 66.68 98.67
N THR F 2592 -1.36 65.54 97.97
CA THR F 2592 -2.33 64.47 98.14
C THR F 2592 -2.29 63.85 99.53
N GLU F 2593 -1.22 64.04 100.29
CA GLU F 2593 -1.15 63.55 101.66
C GLU F 2593 -1.31 64.65 102.70
N SER F 2594 -1.36 65.91 102.29
CA SER F 2594 -1.61 67.00 103.23
C SER F 2594 -3.03 66.90 103.77
N LYS F 2595 -3.19 67.27 105.04
CA LYS F 2595 -4.50 67.24 105.67
C LYS F 2595 -5.29 68.47 105.25
N LEU F 2596 -6.37 68.26 104.51
CA LEU F 2596 -7.20 69.36 104.03
C LEU F 2596 -8.27 69.72 105.04
N ASP F 2617 -5.36 58.65 109.52
CA ASP F 2617 -4.51 57.63 108.91
C ASP F 2617 -3.89 58.15 107.62
N CYS F 2618 -2.58 58.00 107.49
CA CYS F 2618 -1.88 58.45 106.30
C CYS F 2618 -2.16 57.53 105.12
N CYS F 2619 -2.01 58.10 103.92
CA CYS F 2619 -2.18 57.35 102.67
C CYS F 2619 -3.58 56.74 102.55
N SER F 2620 -4.59 57.48 103.02
CA SER F 2620 -5.97 57.06 102.80
C SER F 2620 -6.38 57.22 101.34
N PHE F 2621 -5.79 58.20 100.65
CA PHE F 2621 -5.97 58.32 99.21
C PHE F 2621 -5.67 57.00 98.51
N ILE F 2622 -4.61 56.31 98.94
CA ILE F 2622 -4.21 55.06 98.32
C ILE F 2622 -5.29 54.00 98.50
N THR F 2623 -5.78 53.87 99.74
CA THR F 2623 -6.82 52.91 100.02
C THR F 2623 -8.06 53.18 99.18
N GLN F 2624 -8.48 54.45 99.09
CA GLN F 2624 -9.72 54.73 98.38
C GLN F 2624 -9.55 54.51 96.87
N LEU F 2625 -8.40 54.87 96.29
CA LEU F 2625 -8.26 54.69 94.85
C LEU F 2625 -8.12 53.21 94.50
N VAL F 2626 -7.45 52.44 95.36
CA VAL F 2626 -7.39 50.99 95.13
C VAL F 2626 -8.77 50.37 95.27
N ASN F 2627 -9.56 50.84 96.24
CA ASN F 2627 -10.92 50.34 96.39
C ASN F 2627 -11.76 50.66 95.16
N HIS F 2628 -11.63 51.88 94.63
CA HIS F 2628 -12.36 52.24 93.42
C HIS F 2628 -11.95 51.36 92.25
N PHE F 2629 -10.64 51.13 92.10
CA PHE F 2629 -10.16 50.24 91.05
C PHE F 2629 -10.78 48.86 91.19
N TRP F 2630 -10.84 48.33 92.41
CA TRP F 2630 -11.34 46.97 92.60
C TRP F 2630 -12.84 46.88 92.37
N LYS F 2631 -13.61 47.89 92.82
CA LYS F 2631 -15.03 47.90 92.51
C LYS F 2631 -15.28 47.97 91.01
N LEU F 2632 -14.53 48.82 90.31
CA LEU F 2632 -14.70 48.90 88.86
C LEU F 2632 -14.34 47.59 88.18
N HIS F 2633 -13.26 46.94 88.61
CA HIS F 2633 -12.86 45.68 88.00
C HIS F 2633 -13.88 44.58 88.27
N ALA F 2634 -14.43 44.54 89.49
CA ALA F 2634 -15.47 43.56 89.79
C ALA F 2634 -16.74 43.84 88.97
N SER F 2635 -17.06 45.11 88.76
CA SER F 2635 -18.24 45.45 87.98
C SER F 2635 -18.08 45.06 86.51
N LYS F 2636 -16.84 44.96 86.04
CA LYS F 2636 -16.60 44.56 84.66
C LYS F 2636 -17.12 43.14 84.44
N PRO F 2637 -17.90 42.88 83.38
CA PRO F 2637 -18.39 41.52 83.16
C PRO F 2637 -17.25 40.54 82.93
N LYS F 2638 -17.46 39.31 83.40
CA LYS F 2638 -16.45 38.27 83.24
C LYS F 2638 -16.20 37.97 81.77
N ASN F 2639 -17.23 38.06 80.94
CA ASN F 2639 -17.11 37.87 79.50
C ASN F 2639 -17.54 39.14 78.78
N ALA F 2640 -16.71 39.58 77.83
CA ALA F 2640 -17.05 40.76 77.03
C ALA F 2640 -18.26 40.50 76.15
N PHE F 2641 -18.49 39.23 75.77
CA PHE F 2641 -19.67 38.90 74.98
C PHE F 2641 -20.95 39.20 75.76
N LEU F 2642 -20.99 38.81 77.04
CA LEU F 2642 -22.17 39.05 77.87
C LEU F 2642 -22.45 40.53 78.05
N ALA F 2643 -21.46 41.39 77.86
CA ALA F 2643 -21.64 42.82 78.09
C ALA F 2643 -22.65 43.38 77.09
N PRO F 2644 -23.53 44.30 77.51
CA PRO F 2644 -24.44 44.95 76.57
C PRO F 2644 -23.72 45.98 75.70
N ALA F 2645 -24.49 46.77 74.94
CA ALA F 2645 -23.90 47.81 74.11
C ALA F 2645 -22.97 48.71 74.90
N CYS F 2646 -23.36 49.05 76.13
CA CYS F 2646 -22.48 49.76 77.04
C CYS F 2646 -21.60 48.77 77.78
N LEU F 2647 -20.36 49.18 78.08
CA LEU F 2647 -19.40 48.30 78.73
C LEU F 2647 -19.10 48.79 80.14
N PRO F 2648 -19.67 48.17 81.17
CA PRO F 2648 -19.27 48.52 82.54
C PRO F 2648 -17.87 48.02 82.85
N GLY F 2649 -17.23 48.69 83.80
CA GLY F 2649 -15.88 48.32 84.18
C GLY F 2649 -14.82 48.97 83.30
N LEU F 2650 -13.60 48.51 83.50
CA LEU F 2650 -12.45 49.08 82.80
C LEU F 2650 -12.37 48.56 81.36
N THR F 2651 -11.65 49.31 80.53
CA THR F 2651 -11.44 48.94 79.13
C THR F 2651 -9.97 48.62 78.85
N HIS F 2652 -9.06 49.54 79.16
CA HIS F 2652 -7.63 49.32 78.98
C HIS F 2652 -7.04 48.99 80.35
N ILE F 2653 -7.09 47.70 80.70
CA ILE F 2653 -6.72 47.28 82.06
C ILE F 2653 -5.23 47.52 82.31
N GLU F 2654 -4.39 47.16 81.34
CA GLU F 2654 -2.95 47.22 81.57
C GLU F 2654 -2.46 48.65 81.76
N ALA F 2655 -3.01 49.61 81.01
CA ALA F 2655 -2.62 51.00 81.19
C ALA F 2655 -3.03 51.51 82.57
N THR F 2656 -4.25 51.17 83.00
CA THR F 2656 -4.73 51.61 84.30
C THR F 2656 -3.87 51.03 85.42
N VAL F 2657 -3.57 49.74 85.36
CA VAL F 2657 -2.79 49.13 86.44
C VAL F 2657 -1.36 49.66 86.44
N ASN F 2658 -0.79 49.91 85.26
CA ASN F 2658 0.55 50.48 85.21
C ASN F 2658 0.57 51.89 85.80
N ALA F 2659 -0.44 52.70 85.49
CA ALA F 2659 -0.50 54.03 86.08
C ALA F 2659 -0.66 53.96 87.59
N LEU F 2660 -1.53 53.07 88.08
CA LEU F 2660 -1.72 52.95 89.52
C LEU F 2660 -0.42 52.52 90.20
N VAL F 2661 0.28 51.55 89.63
CA VAL F 2661 1.50 51.06 90.28
C VAL F 2661 2.60 52.12 90.23
N ASP F 2662 2.67 52.92 89.16
CA ASP F 2662 3.65 54.00 89.16
C ASP F 2662 3.32 55.05 90.20
N ILE F 2663 2.02 55.31 90.41
CA ILE F 2663 1.59 56.20 91.49
C ILE F 2663 2.08 55.68 92.83
N ILE F 2664 1.84 54.39 93.10
CA ILE F 2664 2.24 53.80 94.37
C ILE F 2664 3.75 53.83 94.53
N HIS F 2665 4.49 53.57 93.44
CA HIS F 2665 5.95 53.60 93.54
C HIS F 2665 6.47 54.99 93.84
N GLY F 2666 5.92 56.02 93.17
CA GLY F 2666 6.32 57.37 93.49
C GLY F 2666 6.04 57.73 94.94
N TYR F 2667 4.86 57.33 95.43
CA TYR F 2667 4.52 57.60 96.82
C TYR F 2667 5.46 56.87 97.78
N CYS F 2668 5.85 55.65 97.44
CA CYS F 2668 6.81 54.91 98.26
C CYS F 2668 8.17 55.61 98.25
N THR F 2669 8.58 56.14 97.08
CA THR F 2669 9.85 56.84 97.01
C THR F 2669 9.83 58.09 97.90
N CYS F 2670 8.72 58.82 97.91
CA CYS F 2670 8.65 60.04 98.71
C CYS F 2670 8.22 59.76 100.15
N GLU F 2671 7.11 59.05 100.32
CA GLU F 2671 6.58 58.73 101.64
C GLU F 2671 6.94 57.30 102.03
N LEU F 2672 7.19 57.10 103.32
CA LEU F 2672 7.68 55.81 103.81
C LEU F 2672 6.80 55.15 104.85
N ASP F 2673 5.89 55.88 105.50
CA ASP F 2673 5.14 55.31 106.61
C ASP F 2673 4.06 54.32 106.12
N CYS F 2674 3.34 54.68 105.05
CA CYS F 2674 2.23 53.85 104.59
C CYS F 2674 2.67 52.69 103.72
N ILE F 2675 3.97 52.41 103.66
CA ILE F 2675 4.47 51.31 102.83
C ILE F 2675 3.86 49.99 103.27
N ASN F 2676 3.68 49.80 104.59
CA ASN F 2676 3.05 48.58 105.09
C ASN F 2676 1.69 48.36 104.46
N THR F 2677 0.95 49.45 104.18
CA THR F 2677 -0.29 49.30 103.44
C THR F 2677 -0.04 48.93 101.98
N ALA F 2678 0.89 49.64 101.33
CA ALA F 2678 1.11 49.44 99.89
C ALA F 2678 1.45 47.99 99.59
N SER F 2679 2.37 47.40 100.36
CA SER F 2679 2.68 45.99 100.21
C SER F 2679 1.39 45.18 100.05
N LYS F 2680 0.48 45.30 101.01
CA LYS F 2680 -0.76 44.53 100.95
C LYS F 2680 -1.47 44.74 99.62
N ILE F 2681 -1.70 46.00 99.23
CA ILE F 2681 -2.42 46.23 97.99
C ILE F 2681 -1.63 45.67 96.82
N TYR F 2682 -0.30 45.84 96.84
CA TYR F 2682 0.55 45.25 95.82
C TYR F 2682 0.30 43.75 95.74
N MET F 2683 0.31 43.09 96.90
CA MET F 2683 0.08 41.65 96.91
C MET F 2683 -1.34 41.31 96.47
N GLN F 2684 -2.31 42.17 96.79
CA GLN F 2684 -3.66 41.96 96.30
C GLN F 2684 -3.69 42.06 94.79
N MET F 2685 -2.84 42.92 94.23
CA MET F 2685 -2.74 43.02 92.77
C MET F 2685 -2.03 41.81 92.18
N LEU F 2686 -1.27 41.08 93.00
CA LEU F 2686 -0.42 40.01 92.48
C LEU F 2686 -1.13 38.66 92.47
N LEU F 2687 -2.10 38.46 93.36
CA LEU F 2687 -2.84 37.20 93.44
C LEU F 2687 -4.14 37.23 92.64
N CYS F 2688 -4.37 38.27 91.86
CA CYS F 2688 -5.60 38.38 91.09
C CYS F 2688 -5.69 37.26 90.07
N PRO F 2689 -6.87 36.68 89.85
CA PRO F 2689 -6.99 35.60 88.85
C PRO F 2689 -6.62 36.01 87.44
N ASP F 2690 -6.89 37.26 87.05
CA ASP F 2690 -6.60 37.68 85.70
C ASP F 2690 -5.09 37.80 85.51
N PRO F 2691 -4.50 37.08 84.56
CA PRO F 2691 -3.07 37.26 84.29
C PRO F 2691 -2.74 38.66 83.78
N ALA F 2692 -3.66 39.29 83.05
CA ALA F 2692 -3.39 40.58 82.43
C ALA F 2692 -3.20 41.71 83.44
N VAL F 2693 -3.56 41.50 84.71
CA VAL F 2693 -3.30 42.49 85.75
C VAL F 2693 -2.13 42.07 86.63
N SER F 2694 -2.06 40.80 87.02
CA SER F 2694 -0.97 40.34 87.86
C SER F 2694 0.38 40.45 87.14
N PHE F 2695 0.46 39.93 85.92
CA PHE F 2695 1.71 40.00 85.18
C PHE F 2695 2.04 41.44 84.79
N SER F 2696 1.03 42.25 84.50
CA SER F 2696 1.27 43.66 84.20
C SER F 2696 1.87 44.38 85.41
N CYS F 2697 1.31 44.13 86.60
CA CYS F 2697 1.87 44.73 87.81
C CYS F 2697 3.28 44.24 88.06
N LYS F 2698 3.53 42.95 87.82
CA LYS F 2698 4.88 42.42 88.01
C LYS F 2698 5.89 43.11 87.10
N GLN F 2699 5.60 43.14 85.78
CA GLN F 2699 6.53 43.76 84.85
C GLN F 2699 6.68 45.26 85.11
N ALA F 2700 5.61 45.90 85.58
CA ALA F 2700 5.71 47.30 85.97
C ALA F 2700 6.65 47.47 87.15
N LEU F 2701 6.57 46.56 88.13
CA LEU F 2701 7.51 46.61 89.26
C LEU F 2701 8.95 46.46 88.77
N ILE F 2702 9.18 45.54 87.84
CA ILE F 2702 10.53 45.35 87.32
C ILE F 2702 11.02 46.61 86.61
N ARG F 2703 10.18 47.21 85.77
CA ARG F 2703 10.64 48.36 84.99
C ARG F 2703 10.83 49.59 85.86
N VAL F 2704 10.03 49.77 86.90
CA VAL F 2704 10.11 50.99 87.70
C VAL F 2704 11.17 50.87 88.80
N LEU F 2705 11.25 49.73 89.49
CA LEU F 2705 12.16 49.61 90.61
C LEU F 2705 13.60 49.34 90.20
N ARG F 2706 13.91 49.36 88.91
CA ARG F 2706 15.26 49.05 88.46
C ARG F 2706 16.22 50.15 88.93
N PRO F 2707 17.45 49.80 89.31
CA PRO F 2707 18.44 50.77 89.78
C PRO F 2707 19.05 51.61 88.65
N SER F 2967 20.31 56.67 94.54
CA SER F 2967 19.82 55.29 94.46
C SER F 2967 19.60 54.71 95.84
N ASN F 2968 19.97 55.47 96.87
CA ASN F 2968 19.81 55.00 98.24
C ASN F 2968 18.34 54.82 98.60
N ARG F 2969 17.54 55.87 98.36
CA ARG F 2969 16.12 55.81 98.72
C ARG F 2969 15.45 54.57 98.14
N LEU F 2970 15.65 54.31 96.84
CA LEU F 2970 15.15 53.09 96.24
C LEU F 2970 15.73 51.86 96.92
N HIS F 2971 16.97 51.96 97.42
CA HIS F 2971 17.59 50.80 98.08
C HIS F 2971 16.80 50.41 99.32
N MET F 2972 16.51 51.38 100.20
CA MET F 2972 15.65 50.98 101.32
C MET F 2972 14.21 50.68 100.90
N VAL F 2973 13.72 51.23 99.79
CA VAL F 2973 12.40 50.79 99.31
C VAL F 2973 12.42 49.29 99.05
N ARG F 2974 13.47 48.81 98.36
CA ARG F 2974 13.55 47.36 98.10
C ARG F 2974 13.71 46.57 99.40
N LEU F 2975 14.52 47.04 100.34
CA LEU F 2975 14.69 46.26 101.57
C LEU F 2975 13.39 46.18 102.37
N MET F 2976 12.68 47.30 102.54
CA MET F 2976 11.37 47.24 103.17
C MET F 2976 10.41 46.33 102.42
N LEU F 2977 10.33 46.43 101.09
CA LEU F 2977 9.40 45.56 100.36
C LEU F 2977 9.76 44.09 100.54
N LEU F 2978 11.06 43.77 100.52
CA LEU F 2978 11.50 42.41 100.75
C LEU F 2978 11.09 41.93 102.14
N GLU F 2979 11.09 42.82 103.12
CA GLU F 2979 10.75 42.37 104.47
C GLU F 2979 9.23 42.29 104.67
N ARG F 2980 8.45 43.12 103.97
CA ARG F 2980 6.99 42.97 103.98
C ARG F 2980 6.56 41.66 103.33
N LEU F 2981 7.11 41.33 102.16
CA LEU F 2981 6.64 40.13 101.46
C LEU F 2981 6.84 38.87 102.28
N LEU F 2982 7.79 38.90 103.22
CA LEU F 2982 8.06 37.73 104.04
C LEU F 2982 6.86 37.35 104.91
N GLN F 2983 6.16 38.35 105.45
CA GLN F 2983 4.98 38.03 106.27
C GLN F 2983 3.86 37.42 105.44
N THR F 2984 3.80 37.75 104.14
CA THR F 2984 2.71 37.26 103.30
C THR F 2984 3.09 36.08 102.41
N LEU F 2985 4.31 35.57 102.51
CA LEU F 2985 4.60 34.27 101.91
C LEU F 2985 3.60 33.17 102.24
N PRO F 2986 3.22 32.92 103.51
CA PRO F 2986 2.45 31.70 103.81
C PRO F 2986 1.02 31.68 103.29
N GLN F 2987 0.43 32.82 102.90
CA GLN F 2987 -0.93 32.80 102.37
C GLN F 2987 -1.00 32.18 100.98
N LEU F 2988 0.14 31.96 100.33
CA LEU F 2988 0.16 31.31 99.02
C LEU F 2988 -0.01 29.79 99.10
N ARG F 2989 -0.40 29.27 100.27
CA ARG F 2989 -0.52 27.82 100.42
C ARG F 2989 -1.65 27.27 99.56
N ASN F 2990 -2.77 27.99 99.47
CA ASN F 2990 -3.94 27.50 98.75
C ASN F 2990 -4.16 28.22 97.42
N VAL F 2991 -3.21 29.03 96.97
CA VAL F 2991 -3.38 29.76 95.72
C VAL F 2991 -3.05 28.90 94.49
N GLY F 2992 -2.29 27.84 94.65
CA GLY F 2992 -1.94 27.07 93.46
C GLY F 2992 -0.69 27.60 92.78
N GLY F 2993 0.05 26.68 92.18
CA GLY F 2993 1.33 27.04 91.59
C GLY F 2993 1.22 28.03 90.45
N VAL F 2994 0.29 27.79 89.52
CA VAL F 2994 0.16 28.65 88.35
C VAL F 2994 -0.25 30.07 88.73
N ARG F 2995 -0.79 30.26 89.92
CA ARG F 2995 -1.26 31.56 90.40
C ARG F 2995 -0.19 32.30 91.22
N ALA F 2996 1.04 31.78 91.29
CA ALA F 2996 1.99 32.29 92.26
C ALA F 2996 3.40 32.59 91.73
N ILE F 2997 3.69 32.36 90.45
CA ILE F 2997 5.05 32.61 89.95
C ILE F 2997 5.46 34.07 90.08
N PRO F 2998 4.63 35.06 89.72
CA PRO F 2998 5.09 36.46 89.86
C PRO F 2998 5.46 36.83 91.29
N TYR F 2999 4.86 36.18 92.28
CA TYR F 2999 5.21 36.44 93.66
C TYR F 2999 6.71 36.29 93.90
N MET F 3000 7.33 35.30 93.27
CA MET F 3000 8.77 35.12 93.37
C MET F 3000 9.54 35.78 92.21
N GLN F 3001 8.86 36.02 91.09
CA GLN F 3001 9.49 36.77 90.01
C GLN F 3001 9.89 38.16 90.48
N VAL F 3002 9.02 38.79 91.28
CA VAL F 3002 9.34 40.12 91.81
C VAL F 3002 10.51 40.04 92.79
N ILE F 3003 10.57 38.98 93.60
CA ILE F 3003 11.69 38.81 94.53
C ILE F 3003 13.00 38.65 93.77
N LEU F 3004 12.95 37.99 92.61
CA LEU F 3004 14.15 37.85 91.79
C LEU F 3004 14.76 39.21 91.47
N MET F 3005 13.92 40.15 91.02
CA MET F 3005 14.40 41.52 90.80
C MET F 3005 14.80 42.17 92.12
N LEU F 3006 14.04 41.93 93.18
CA LEU F 3006 14.34 42.49 94.49
C LEU F 3006 15.72 42.10 94.99
N THR F 3007 16.25 40.96 94.55
CA THR F 3007 17.55 40.47 94.97
C THR F 3007 18.65 40.76 93.96
N THR F 3008 18.39 41.60 92.95
CA THR F 3008 19.37 41.84 91.90
C THR F 3008 20.62 42.52 92.45
N ASP F 3009 20.45 43.55 93.27
CA ASP F 3009 21.58 44.29 93.84
C ASP F 3009 21.80 43.94 95.31
N LEU F 3010 21.62 42.67 95.67
CA LEU F 3010 21.73 42.22 97.06
C LEU F 3010 23.20 42.22 97.47
N ASP F 3011 23.73 43.42 97.68
CA ASP F 3011 25.13 43.59 98.06
C ASP F 3011 25.33 43.08 99.49
N GLY F 3012 25.98 41.93 99.62
CA GLY F 3012 26.03 41.19 100.87
C GLY F 3012 26.69 41.91 102.03
N GLU F 3013 27.48 42.95 101.75
CA GLU F 3013 28.33 43.54 102.79
C GLU F 3013 27.54 44.24 103.90
N ASP F 3014 26.30 44.64 103.65
CA ASP F 3014 25.56 45.43 104.62
C ASP F 3014 24.91 44.53 105.67
N GLU F 3015 25.05 44.91 106.94
CA GLU F 3015 24.53 44.09 108.04
C GLU F 3015 23.01 43.98 107.97
N LYS F 3016 22.31 45.09 107.72
CA LYS F 3016 20.86 45.02 107.52
C LYS F 3016 20.53 44.18 106.29
N ASP F 3017 21.33 44.32 105.22
CA ASP F 3017 21.10 43.53 104.02
C ASP F 3017 21.25 42.04 104.31
N LYS F 3018 22.34 41.64 104.99
CA LYS F 3018 22.52 40.23 105.28
C LYS F 3018 21.50 39.72 106.28
N GLY F 3019 21.02 40.59 107.17
CA GLY F 3019 19.92 40.19 108.05
C GLY F 3019 18.66 39.89 107.28
N ALA F 3020 18.28 40.77 106.35
CA ALA F 3020 17.14 40.49 105.49
C ALA F 3020 17.37 39.23 104.67
N LEU F 3021 18.61 39.03 104.21
CA LEU F 3021 18.94 37.85 103.41
C LEU F 3021 18.69 36.57 104.21
N ASP F 3022 19.37 36.41 105.34
CA ASP F 3022 19.24 35.16 106.07
C ASP F 3022 17.83 35.01 106.64
N ASN F 3023 17.14 36.13 106.89
CA ASN F 3023 15.73 36.05 107.27
C ASN F 3023 14.93 35.39 106.16
N LEU F 3024 15.12 35.84 104.91
CA LEU F 3024 14.35 35.27 103.81
C LEU F 3024 14.72 33.81 103.57
N LEU F 3025 16.01 33.47 103.66
CA LEU F 3025 16.40 32.06 103.56
C LEU F 3025 15.71 31.21 104.62
N SER F 3026 15.72 31.68 105.87
CA SER F 3026 15.07 30.93 106.94
C SER F 3026 13.58 30.80 106.69
N GLN F 3027 12.95 31.85 106.16
CA GLN F 3027 11.52 31.83 105.90
C GLN F 3027 11.16 30.82 104.82
N LEU F 3028 11.88 30.84 103.70
CA LEU F 3028 11.63 29.84 102.65
C LEU F 3028 11.92 28.44 103.14
N ILE F 3029 12.99 28.26 103.91
CA ILE F 3029 13.34 26.93 104.42
C ILE F 3029 12.22 26.40 105.32
N ALA F 3030 11.73 27.25 106.23
CA ALA F 3030 10.63 26.84 107.10
C ALA F 3030 9.36 26.58 106.30
N GLU F 3031 9.12 27.36 105.24
CA GLU F 3031 7.95 27.13 104.41
C GLU F 3031 8.03 25.78 103.71
N LEU F 3032 9.24 25.39 103.29
CA LEU F 3032 9.41 24.14 102.57
C LEU F 3032 9.05 22.93 103.42
N GLY F 3033 9.19 23.05 104.74
CA GLY F 3033 8.97 21.92 105.63
C GLY F 3033 10.07 20.89 105.53
N MET F 3034 11.27 21.28 105.96
CA MET F 3034 12.46 20.45 105.78
C MET F 3034 12.52 19.27 106.73
N ASP F 3035 11.71 19.26 107.79
CA ASP F 3035 11.85 18.24 108.82
C ASP F 3035 10.64 17.34 108.97
N LYS F 3036 9.59 17.53 108.17
CA LYS F 3036 8.35 16.78 108.41
C LYS F 3036 8.49 15.30 108.09
N LYS F 3037 9.32 14.95 107.11
CA LYS F 3037 9.61 13.57 106.72
C LYS F 3037 8.35 12.80 106.34
N ASP F 3038 7.23 13.47 106.10
CA ASP F 3038 5.98 12.83 105.71
C ASP F 3038 5.86 12.95 104.19
N VAL F 3039 6.62 12.10 103.48
CA VAL F 3039 6.95 12.33 102.08
C VAL F 3039 6.07 11.54 101.12
N SER F 3040 5.07 10.80 101.62
CA SER F 3040 4.22 10.04 100.72
C SER F 3040 3.17 10.90 100.02
N LYS F 3041 3.02 12.17 100.40
CA LYS F 3041 2.06 13.07 99.76
C LYS F 3041 2.68 13.89 98.63
N LYS F 3042 4.00 13.87 98.45
CA LYS F 3042 4.62 14.68 97.42
C LYS F 3042 4.43 14.10 96.02
N ASN F 3043 4.07 12.82 95.90
CA ASN F 3043 3.87 12.23 94.59
C ASN F 3043 2.62 12.78 93.90
N GLU F 3044 1.53 12.92 94.65
CA GLU F 3044 0.27 13.38 94.07
C GLU F 3044 0.34 14.89 93.78
N ARG F 3045 -0.63 15.34 93.00
CA ARG F 3045 -0.70 16.72 92.55
C ARG F 3045 -1.64 17.52 93.46
N SER F 3046 -1.08 18.48 94.19
CA SER F 3046 -1.85 19.30 95.11
C SER F 3046 -1.24 20.70 95.15
N ALA F 3047 -2.09 21.69 95.47
CA ALA F 3047 -1.67 23.08 95.39
C ALA F 3047 -0.43 23.35 96.24
N LEU F 3048 -0.41 22.80 97.47
CA LEU F 3048 0.77 22.96 98.31
C LEU F 3048 2.00 22.36 97.64
N ASN F 3049 1.83 21.23 96.94
CA ASN F 3049 2.95 20.64 96.22
C ASN F 3049 3.47 21.57 95.14
N GLU F 3050 2.56 22.22 94.39
CA GLU F 3050 3.02 23.13 93.34
C GLU F 3050 3.72 24.34 93.91
N VAL F 3051 3.23 24.88 95.03
CA VAL F 3051 3.89 26.05 95.60
C VAL F 3051 5.27 25.66 96.15
N HIS F 3052 5.39 24.46 96.71
CA HIS F 3052 6.73 23.97 97.07
C HIS F 3052 7.62 23.84 95.84
N LEU F 3053 7.06 23.34 94.74
CA LEU F 3053 7.87 23.17 93.53
C LEU F 3053 8.38 24.51 93.00
N VAL F 3054 7.51 25.52 92.98
CA VAL F 3054 7.97 26.82 92.47
C VAL F 3054 8.94 27.48 93.45
N VAL F 3055 8.77 27.26 94.76
CA VAL F 3055 9.72 27.86 95.69
C VAL F 3055 11.09 27.21 95.57
N MET F 3056 11.14 25.89 95.33
CA MET F 3056 12.45 25.28 95.10
C MET F 3056 13.00 25.68 93.73
N ARG F 3057 12.12 25.99 92.78
CA ARG F 3057 12.60 26.57 91.52
C ARG F 3057 13.25 27.93 91.76
N LEU F 3058 12.66 28.74 92.64
CA LEU F 3058 13.26 30.02 93.00
C LEU F 3058 14.61 29.81 93.67
N LEU F 3059 14.70 28.84 94.58
CA LEU F 3059 15.99 28.52 95.20
C LEU F 3059 17.01 28.07 94.16
N SER F 3060 16.56 27.29 93.17
CA SER F 3060 17.44 26.85 92.10
C SER F 3060 17.96 28.03 91.28
N VAL F 3061 17.08 28.98 90.97
CA VAL F 3061 17.49 30.15 90.21
C VAL F 3061 18.49 30.98 91.03
N PHE F 3062 18.26 31.08 92.34
CA PHE F 3062 19.22 31.76 93.20
C PHE F 3062 20.58 31.05 93.17
N MET F 3063 20.57 29.73 93.21
CA MET F 3063 21.81 28.96 93.14
C MET F 3063 22.53 29.19 91.82
N SER F 3064 21.79 29.18 90.71
CA SER F 3064 22.42 29.33 89.40
C SER F 3064 22.94 30.74 89.17
N ARG F 3065 22.52 31.71 89.98
CA ARG F 3065 23.04 33.08 89.87
C ARG F 3065 24.48 33.12 90.34
N THR F 3066 25.39 33.44 89.41
CA THR F 3066 26.80 33.54 89.71
C THR F 3066 27.27 34.97 89.52
N LYS F 3067 28.03 35.48 90.49
CA LYS F 3067 28.56 36.83 90.43
C LYS F 3067 29.78 36.83 89.52
N SER F 3068 29.63 37.45 88.34
CA SER F 3068 30.73 37.52 87.37
C SER F 3068 31.85 38.38 87.95
N GLY F 3069 32.94 37.74 88.34
CA GLY F 3069 34.05 38.44 88.94
C GLY F 3069 34.96 39.09 87.91
N SER F 3070 36.00 39.73 88.42
CA SER F 3070 36.98 40.40 87.58
C SER F 3070 38.05 39.40 87.13
N LYS F 3071 39.16 39.91 86.60
CA LYS F 3071 40.25 39.09 86.10
C LYS F 3071 41.07 38.44 87.22
N SER F 3072 40.66 38.56 88.48
CA SER F 3072 41.40 37.94 89.57
C SER F 3072 41.36 36.43 89.46
N SER F 3073 42.46 35.78 89.82
CA SER F 3073 42.58 34.33 89.75
C SER F 3073 42.00 33.62 90.97
N ILE F 3074 41.52 34.37 91.96
CA ILE F 3074 40.96 33.75 93.16
C ILE F 3074 39.64 33.09 92.82
N CYS F 3075 39.46 31.85 93.26
CA CYS F 3075 38.24 31.09 93.03
C CYS F 3075 37.16 31.37 94.06
N GLU F 3076 37.44 32.22 95.04
CA GLU F 3076 36.47 32.56 96.08
C GLU F 3076 35.51 33.66 95.66
N SER F 3077 35.66 34.20 94.45
CA SER F 3077 34.77 35.27 93.97
C SER F 3077 33.46 34.70 93.45
N SER F 3078 32.78 33.89 94.26
CA SER F 3078 31.49 33.34 93.91
C SER F 3078 30.38 34.27 94.36
N SER F 3079 29.16 33.95 93.96
CA SER F 3079 28.01 34.77 94.33
C SER F 3079 27.75 34.66 95.82
N LEU F 3080 27.65 35.81 96.49
CA LEU F 3080 27.33 35.82 97.92
C LEU F 3080 25.96 35.22 98.18
N ILE F 3081 24.98 35.55 97.33
CA ILE F 3081 23.65 34.98 97.47
C ILE F 3081 23.71 33.46 97.32
N SER F 3082 24.46 32.99 96.31
CA SER F 3082 24.57 31.56 96.10
C SER F 3082 25.24 30.87 97.28
N SER F 3083 26.33 31.44 97.79
CA SER F 3083 27.03 30.84 98.92
C SER F 3083 26.13 30.80 100.15
N ALA F 3084 25.39 31.88 100.41
CA ALA F 3084 24.47 31.91 101.55
C ALA F 3084 23.37 30.87 101.38
N THR F 3085 22.81 30.74 100.18
CA THR F 3085 21.77 29.76 99.94
C THR F 3085 22.29 28.35 100.18
N ALA F 3086 23.49 28.07 99.68
CA ALA F 3086 24.08 26.75 99.86
C ALA F 3086 24.36 26.46 101.33
N ALA F 3087 24.90 27.44 102.05
CA ALA F 3087 25.15 27.24 103.48
C ALA F 3087 23.87 26.98 104.23
N ALA F 3088 22.81 27.73 103.94
CA ALA F 3088 21.53 27.52 104.61
C ALA F 3088 20.97 26.13 104.29
N LEU F 3089 21.05 25.73 103.03
CA LEU F 3089 20.50 24.43 102.64
C LEU F 3089 21.29 23.29 103.27
N LEU F 3090 22.62 23.41 103.33
CA LEU F 3090 23.43 22.39 104.00
C LEU F 3090 23.13 22.33 105.49
N SER F 3091 22.95 23.49 106.12
CA SER F 3091 22.57 23.51 107.53
C SER F 3091 21.22 22.84 107.75
N SER F 3092 20.27 23.07 106.84
CA SER F 3092 18.97 22.44 106.97
C SER F 3092 18.95 21.00 106.47
N GLY F 3093 20.00 20.59 105.75
CA GLY F 3093 20.12 19.21 105.32
C GLY F 3093 19.14 18.78 104.23
N ALA F 3094 19.27 19.37 103.04
CA ALA F 3094 18.41 19.03 101.92
C ALA F 3094 18.68 17.64 101.35
N VAL F 3095 19.87 17.08 101.61
CA VAL F 3095 20.20 15.77 101.07
C VAL F 3095 19.28 14.69 101.64
N ASP F 3096 18.92 14.82 102.92
CA ASP F 3096 18.01 13.86 103.51
C ASP F 3096 16.65 13.88 102.82
N TYR F 3097 16.10 15.07 102.58
CA TYR F 3097 14.83 15.15 101.86
C TYR F 3097 14.96 14.63 100.44
N CYS F 3098 16.10 14.91 99.79
CA CYS F 3098 16.34 14.32 98.47
C CYS F 3098 16.21 12.81 98.53
N LEU F 3099 16.89 12.18 99.48
CA LEU F 3099 16.86 10.72 99.58
C LEU F 3099 15.45 10.21 99.85
N HIS F 3100 14.75 10.84 100.81
CA HIS F 3100 13.41 10.36 101.16
C HIS F 3100 12.43 10.54 100.00
N VAL F 3101 12.48 11.68 99.30
CA VAL F 3101 11.56 11.86 98.19
C VAL F 3101 11.90 10.92 97.03
N LEU F 3102 13.19 10.63 96.82
CA LEU F 3102 13.55 9.63 95.81
C LEU F 3102 12.99 8.26 96.17
N LYS F 3103 13.10 7.87 97.45
CA LYS F 3103 12.50 6.61 97.87
C LYS F 3103 11.00 6.63 97.66
N SER F 3104 10.35 7.77 97.92
CA SER F 3104 8.91 7.87 97.73
C SER F 3104 8.52 7.72 96.27
N LEU F 3105 9.30 8.32 95.36
CA LEU F 3105 8.94 8.28 93.94
C LEU F 3105 9.47 7.05 93.22
N LEU F 3106 10.29 6.22 93.87
CA LEU F 3106 10.72 4.97 93.24
C LEU F 3106 9.53 4.06 92.95
N GLU F 3107 8.62 3.93 93.90
CA GLU F 3107 7.44 3.10 93.68
C GLU F 3107 6.56 3.67 92.57
N TYR F 3108 6.44 5.00 92.51
CA TYR F 3108 5.69 5.63 91.42
C TYR F 3108 6.32 5.31 90.07
N TRP F 3109 7.65 5.43 89.98
CA TRP F 3109 8.31 5.16 88.71
C TRP F 3109 8.20 3.69 88.30
N LYS F 3110 8.33 2.78 89.26
CA LYS F 3110 8.21 1.36 88.93
C LYS F 3110 6.77 0.97 88.61
N SER F 3111 5.79 1.70 89.14
CA SER F 3111 4.40 1.48 88.75
C SER F 3111 4.09 2.08 87.39
N GLN F 3112 4.81 3.13 86.99
CA GLN F 3112 4.54 3.77 85.71
C GLN F 3112 4.85 2.86 84.53
N GLN F 3113 5.81 1.95 84.69
CA GLN F 3113 6.19 1.03 83.62
C GLN F 3113 5.12 -0.04 83.42
N SER F 3132 -2.76 34.21 73.89
CA SER F 3132 -1.31 34.28 74.07
C SER F 3132 -0.95 34.12 75.55
N PRO F 3133 -0.24 33.05 75.88
CA PRO F 3133 0.17 32.85 77.27
C PRO F 3133 1.16 33.91 77.70
N PRO F 3134 1.16 34.30 78.98
CA PRO F 3134 2.10 35.33 79.44
C PRO F 3134 3.53 34.81 79.48
N ASP F 3135 4.46 35.76 79.45
CA ASP F 3135 5.88 35.42 79.51
C ASP F 3135 6.19 34.79 80.85
N MET F 3136 6.58 33.51 80.83
CA MET F 3136 6.77 32.73 82.04
C MET F 3136 8.23 32.68 82.48
N SER F 3137 9.11 33.40 81.78
CA SER F 3137 10.54 33.33 82.07
C SER F 3137 10.84 33.97 83.43
N PRO F 3138 11.91 33.52 84.10
CA PRO F 3138 12.83 32.44 83.73
C PRO F 3138 12.44 31.09 84.34
N PHE F 3139 11.32 31.04 85.07
CA PHE F 3139 10.91 29.80 85.71
C PHE F 3139 10.57 28.73 84.68
N PHE F 3140 10.04 29.14 83.53
CA PHE F 3140 9.72 28.23 82.45
C PHE F 3140 10.10 28.85 81.12
N LEU F 3141 10.81 28.08 80.29
CA LEU F 3141 11.21 28.56 78.99
C LEU F 3141 10.00 28.84 78.12
N ARG F 3142 10.07 29.90 77.32
CA ARG F 3142 8.94 30.30 76.49
C ARG F 3142 8.57 29.20 75.49
N GLN F 3143 9.54 28.41 75.04
CA GLN F 3143 9.23 27.27 74.19
C GLN F 3143 8.33 26.28 74.94
N TYR F 3144 8.64 26.02 76.21
CA TYR F 3144 7.82 25.13 77.01
C TYR F 3144 6.40 25.67 77.17
N VAL F 3145 6.27 26.98 77.37
CA VAL F 3145 4.94 27.59 77.47
C VAL F 3145 4.18 27.43 76.17
N LYS F 3146 4.84 27.69 75.04
CA LYS F 3146 4.15 27.58 73.76
C LYS F 3146 3.83 26.13 73.39
N GLY F 3147 4.53 25.17 74.00
CA GLY F 3147 4.27 23.77 73.71
C GLY F 3147 3.24 23.15 74.64
N HIS F 3148 3.04 23.75 75.82
CA HIS F 3148 2.14 23.24 76.83
C HIS F 3148 1.30 24.37 77.41
N ALA F 3149 0.74 25.21 76.55
CA ALA F 3149 -0.06 26.34 77.00
C ALA F 3149 -1.28 25.92 77.79
N ALA F 3150 -1.78 24.70 77.58
CA ALA F 3150 -2.94 24.23 78.36
C ALA F 3150 -2.61 24.15 79.83
N ASP F 3151 -1.44 23.60 80.17
CA ASP F 3151 -0.99 23.53 81.55
C ASP F 3151 0.52 23.32 81.55
N VAL F 3152 1.25 24.28 82.11
CA VAL F 3152 2.71 24.15 82.21
C VAL F 3152 3.04 23.21 83.36
N PHE F 3153 2.01 22.69 84.03
CA PHE F 3153 2.18 21.96 85.27
C PHE F 3153 1.67 20.54 85.18
N GLU F 3154 1.42 20.03 83.97
CA GLU F 3154 0.96 18.66 83.80
C GLU F 3154 2.04 17.66 84.22
N ALA F 3155 3.29 17.92 83.85
CA ALA F 3155 4.41 17.04 84.19
C ALA F 3155 5.01 17.46 85.54
N TYR F 3156 4.17 17.45 86.57
CA TYR F 3156 4.61 17.84 87.90
C TYR F 3156 5.67 16.88 88.44
N THR F 3157 5.47 15.57 88.25
CA THR F 3157 6.40 14.59 88.79
C THR F 3157 7.78 14.73 88.14
N GLN F 3158 7.82 14.90 86.82
CA GLN F 3158 9.10 15.04 86.12
C GLN F 3158 9.84 16.28 86.60
N LEU F 3159 9.13 17.40 86.74
CA LEU F 3159 9.77 18.63 87.23
C LEU F 3159 10.30 18.46 88.64
N LEU F 3160 9.53 17.81 89.52
CA LEU F 3160 9.99 17.58 90.87
C LEU F 3160 11.23 16.70 90.91
N THR F 3161 11.23 15.63 90.13
CA THR F 3161 12.40 14.75 90.07
C THR F 3161 13.62 15.49 89.55
N GLU F 3162 13.45 16.29 88.50
CA GLU F 3162 14.58 17.02 87.94
C GLU F 3162 15.11 18.04 88.93
N MET F 3163 14.21 18.72 89.65
CA MET F 3163 14.61 19.61 90.73
C MET F 3163 15.45 18.90 91.78
N VAL F 3164 14.97 17.74 92.24
CA VAL F 3164 15.59 17.09 93.38
C VAL F 3164 16.85 16.33 93.00
N LEU F 3165 17.04 16.03 91.71
CA LEU F 3165 18.35 15.53 91.28
C LEU F 3165 19.32 16.65 90.94
N ARG F 3166 18.81 17.84 90.57
CA ARG F 3166 19.73 18.89 90.18
C ARG F 3166 20.28 19.64 91.39
N LEU F 3167 19.44 19.93 92.38
CA LEU F 3167 19.90 20.73 93.52
C LEU F 3167 21.11 20.13 94.24
N PRO F 3168 21.15 18.83 94.58
CA PRO F 3168 22.33 18.29 95.25
C PRO F 3168 23.61 18.49 94.47
N TYR F 3169 23.56 18.39 93.15
CA TYR F 3169 24.75 18.62 92.33
C TYR F 3169 25.31 20.02 92.57
N GLN F 3170 24.43 21.03 92.57
CA GLN F 3170 24.90 22.40 92.73
C GLN F 3170 25.43 22.66 94.13
N ILE F 3171 24.73 22.18 95.16
CA ILE F 3171 25.25 22.43 96.51
C ILE F 3171 26.56 21.69 96.71
N LYS F 3172 26.69 20.49 96.14
CA LYS F 3172 27.94 19.75 96.26
C LYS F 3172 29.08 20.50 95.58
N LYS F 3173 28.85 21.02 94.36
CA LYS F 3173 29.95 21.69 93.67
C LYS F 3173 30.33 22.99 94.35
N ILE F 3174 29.34 23.75 94.85
CA ILE F 3174 29.68 24.99 95.53
C ILE F 3174 30.39 24.72 96.85
N THR F 3175 30.03 23.62 97.54
CA THR F 3175 30.77 23.25 98.75
C THR F 3175 32.18 22.80 98.42
N ASP F 3176 32.36 22.10 97.30
CA ASP F 3176 33.71 21.72 96.88
C ASP F 3176 34.56 22.95 96.57
N THR F 3177 33.98 23.94 95.89
CA THR F 3177 34.73 25.15 95.56
C THR F 3177 35.09 25.99 96.79
N ASN F 3178 34.35 25.84 97.88
CA ASN F 3178 34.59 26.62 99.09
C ASN F 3178 35.29 25.73 100.12
N SER F 3179 36.53 26.07 100.44
CA SER F 3179 37.29 25.29 101.41
C SER F 3179 36.67 25.35 102.80
N ARG F 3180 36.09 26.50 103.18
CA ARG F 3180 35.56 26.66 104.53
C ARG F 3180 34.41 25.70 104.80
N ILE F 3181 33.51 25.53 103.83
CA ILE F 3181 32.36 24.64 104.02
C ILE F 3181 32.83 23.19 103.97
N PRO F 3182 32.57 22.40 105.00
CA PRO F 3182 32.94 20.99 104.94
C PRO F 3182 32.11 20.25 103.92
N PRO F 3183 32.67 19.25 103.24
CA PRO F 3183 31.88 18.49 102.27
C PRO F 3183 30.76 17.75 102.96
N PRO F 3184 29.61 17.59 102.30
CA PRO F 3184 28.50 16.86 102.91
C PRO F 3184 28.77 15.37 103.00
N VAL F 3185 28.11 14.72 103.95
CA VAL F 3185 28.27 13.29 104.17
C VAL F 3185 27.36 12.52 103.22
N PHE F 3186 27.91 11.48 102.59
CA PHE F 3186 27.18 10.67 101.62
C PHE F 3186 27.51 9.21 101.87
N ASP F 3187 26.49 8.36 101.96
CA ASP F 3187 26.67 6.94 102.22
C ASP F 3187 26.22 6.12 101.01
N HIS F 3188 26.29 4.80 101.16
CA HIS F 3188 26.02 3.88 100.07
C HIS F 3188 24.57 3.91 99.59
N SER F 3189 23.65 4.46 100.38
CA SER F 3189 22.25 4.55 99.93
C SER F 3189 22.14 5.39 98.67
N TRP F 3190 22.92 6.48 98.59
CA TRP F 3190 22.91 7.31 97.39
C TRP F 3190 23.30 6.51 96.16
N PHE F 3191 24.44 5.82 96.22
CA PHE F 3191 24.88 5.06 95.04
C PHE F 3191 23.89 3.95 94.71
N TYR F 3192 23.40 3.24 95.72
CA TYR F 3192 22.43 2.16 95.49
C TYR F 3192 21.21 2.70 94.74
N PHE F 3193 20.48 3.62 95.37
CA PHE F 3193 19.22 4.07 94.80
C PHE F 3193 19.44 4.82 93.49
N LEU F 3194 20.57 5.50 93.38
CA LEU F 3194 20.90 6.26 92.17
C LEU F 3194 21.14 5.33 90.98
N SER F 3195 21.96 4.28 91.17
CA SER F 3195 22.14 3.30 90.11
C SER F 3195 20.83 2.57 89.80
N GLU F 3196 20.03 2.30 90.83
CA GLU F 3196 18.72 1.70 90.61
C GLU F 3196 17.86 2.57 89.71
N TYR F 3197 17.93 3.89 89.91
CA TYR F 3197 17.18 4.81 89.07
C TYR F 3197 17.72 4.83 87.64
N LEU F 3198 19.04 4.73 87.46
CA LEU F 3198 19.59 4.87 86.11
C LEU F 3198 19.08 3.77 85.17
N MET F 3199 18.80 2.57 85.70
CA MET F 3199 18.42 1.45 84.84
C MET F 3199 16.94 1.53 84.45
N ILE F 3200 16.19 2.39 85.13
CA ILE F 3200 14.77 2.57 84.84
C ILE F 3200 14.67 3.48 83.62
N GLN F 3201 13.89 3.06 82.65
CA GLN F 3201 13.77 3.87 81.45
C GLN F 3201 13.02 5.20 81.68
N GLN F 3202 13.55 6.29 81.12
CA GLN F 3202 12.91 7.61 81.26
C GLN F 3202 13.34 8.43 80.04
N THR F 3203 13.00 9.73 80.04
CA THR F 3203 13.47 10.62 78.98
C THR F 3203 14.99 10.81 79.09
N PRO F 3204 15.67 11.09 77.97
CA PRO F 3204 17.14 11.24 78.03
C PRO F 3204 17.63 12.40 78.89
N PHE F 3205 16.79 13.40 79.16
CA PHE F 3205 17.24 14.55 79.94
C PHE F 3205 17.62 14.15 81.36
N VAL F 3206 16.70 13.46 82.05
CA VAL F 3206 16.98 13.03 83.42
C VAL F 3206 18.11 12.01 83.44
N ARG F 3207 18.19 11.15 82.41
CA ARG F 3207 19.27 10.18 82.35
C ARG F 3207 20.63 10.88 82.23
N ARG F 3208 20.72 11.90 81.39
CA ARG F 3208 21.97 12.64 81.25
C ARG F 3208 22.34 13.35 82.54
N GLN F 3209 21.37 14.03 83.15
CA GLN F 3209 21.64 14.73 84.40
C GLN F 3209 22.07 13.77 85.50
N VAL F 3210 21.41 12.62 85.59
CA VAL F 3210 21.70 11.64 86.63
C VAL F 3210 23.05 11.00 86.39
N ARG F 3211 23.43 10.79 85.12
CA ARG F 3211 24.78 10.29 84.83
C ARG F 3211 25.84 11.32 85.23
N LYS F 3212 25.58 12.60 84.97
CA LYS F 3212 26.55 13.63 85.36
C LYS F 3212 26.73 13.65 86.87
N LEU F 3213 25.63 13.64 87.62
CA LEU F 3213 25.77 13.65 89.07
C LEU F 3213 26.33 12.34 89.60
N LEU F 3214 26.13 11.23 88.88
CA LEU F 3214 26.78 9.97 89.23
C LEU F 3214 28.29 10.08 89.11
N LEU F 3215 28.78 10.53 87.95
CA LEU F 3215 30.21 10.65 87.77
C LEU F 3215 30.80 11.69 88.71
N PHE F 3216 29.98 12.62 89.21
CA PHE F 3216 30.46 13.52 90.26
C PHE F 3216 30.59 12.77 91.59
N ILE F 3217 29.50 12.17 92.07
CA ILE F 3217 29.44 11.69 93.45
C ILE F 3217 30.43 10.54 93.67
N CYS F 3218 30.50 9.59 92.74
CA CYS F 3218 31.20 8.34 93.01
C CYS F 3218 32.70 8.48 92.78
N GLY F 3219 33.32 9.51 93.33
CA GLY F 3219 34.76 9.59 93.35
C GLY F 3219 35.37 9.85 91.98
N SER F 3220 35.28 8.85 91.10
CA SER F 3220 35.88 8.93 89.78
C SER F 3220 35.13 8.00 88.83
N LYS F 3221 35.49 8.09 87.55
CA LYS F 3221 34.75 7.38 86.51
C LYS F 3221 34.87 5.87 86.65
N GLU F 3222 36.06 5.37 87.00
CA GLU F 3222 36.19 3.93 87.21
C GLU F 3222 35.23 3.44 88.29
N LYS F 3223 35.06 4.23 89.35
CA LYS F 3223 34.21 3.79 90.44
C LYS F 3223 32.74 3.70 90.03
N TYR F 3224 32.23 4.70 89.30
CA TYR F 3224 30.82 4.64 88.92
C TYR F 3224 30.60 3.54 87.89
N ARG F 3225 31.56 3.32 86.99
CA ARG F 3225 31.43 2.21 86.06
C ARG F 3225 31.39 0.88 86.80
N GLN F 3226 32.27 0.70 87.80
CA GLN F 3226 32.27 -0.53 88.59
C GLN F 3226 30.95 -0.72 89.35
N LEU F 3227 30.43 0.36 89.94
CA LEU F 3227 29.19 0.24 90.69
C LEU F 3227 28.02 -0.14 89.80
N ARG F 3228 27.90 0.52 88.64
CA ARG F 3228 26.85 0.14 87.70
C ARG F 3228 27.00 -1.30 87.24
N ASP F 3229 28.23 -1.72 86.95
CA ASP F 3229 28.46 -3.09 86.51
C ASP F 3229 28.00 -4.08 87.57
N LEU F 3230 28.42 -3.88 88.82
CA LEU F 3230 28.10 -4.82 89.88
C LEU F 3230 26.60 -4.86 90.15
N HIS F 3231 25.95 -3.69 90.19
CA HIS F 3231 24.51 -3.65 90.42
C HIS F 3231 23.75 -4.37 89.31
N THR F 3232 24.11 -4.10 88.06
CA THR F 3232 23.43 -4.73 86.94
C THR F 3232 23.60 -6.25 86.99
N LEU F 3233 24.80 -6.73 87.30
CA LEU F 3233 25.04 -8.16 87.32
C LEU F 3233 24.32 -8.83 88.47
N ASP F 3234 24.27 -8.18 89.63
CA ASP F 3234 23.52 -8.75 90.75
C ASP F 3234 22.04 -8.87 90.40
N SER F 3235 21.47 -7.83 89.78
CA SER F 3235 20.07 -7.90 89.38
C SER F 3235 19.84 -9.00 88.36
N HIS F 3236 20.75 -9.14 87.39
CA HIS F 3236 20.59 -10.18 86.38
C HIS F 3236 20.65 -11.58 86.98
N VAL F 3237 21.58 -11.81 87.91
CA VAL F 3237 21.66 -13.11 88.57
C VAL F 3237 20.41 -13.38 89.40
N ARG F 3238 19.86 -12.37 90.08
CA ARG F 3238 18.61 -12.54 90.80
C ARG F 3238 17.48 -12.94 89.85
N GLY F 3239 17.43 -12.28 88.68
CA GLY F 3239 16.41 -12.63 87.70
C GLY F 3239 16.54 -14.06 87.22
N ILE F 3240 17.78 -14.50 86.94
CA ILE F 3240 17.99 -15.87 86.50
C ILE F 3240 17.55 -16.87 87.57
N LYS F 3241 17.93 -16.59 88.82
CA LYS F 3241 17.56 -17.50 89.90
C LYS F 3241 16.06 -17.57 90.10
N LYS F 3242 15.37 -16.43 90.03
CA LYS F 3242 13.91 -16.44 90.14
C LYS F 3242 13.27 -17.20 88.98
N LEU F 3243 13.80 -17.01 87.77
CA LEU F 3243 13.26 -17.70 86.61
C LEU F 3243 13.37 -19.21 86.77
N LEU F 3244 14.53 -19.69 87.23
CA LEU F 3244 14.66 -21.12 87.49
C LEU F 3244 13.82 -21.57 88.68
N GLU F 3245 13.62 -20.68 89.66
CA GLU F 3245 12.75 -20.97 90.79
C GLU F 3245 11.33 -21.28 90.33
N GLU F 3246 10.84 -20.52 89.35
CA GLU F 3246 9.48 -20.69 88.87
C GLU F 3246 9.18 -22.11 88.37
N GLN F 3247 10.17 -22.80 87.81
CA GLN F 3247 9.92 -24.08 87.15
C GLN F 3247 10.43 -25.28 87.96
N GLY F 3248 10.80 -25.08 89.21
CA GLY F 3248 11.18 -26.18 90.07
C GLY F 3248 12.67 -26.43 90.21
N ILE F 3249 13.51 -25.55 89.68
CA ILE F 3249 14.96 -25.67 89.79
C ILE F 3249 15.38 -24.87 91.01
N PHE F 3250 15.91 -25.55 92.02
CA PHE F 3250 16.19 -24.95 93.31
C PHE F 3250 17.67 -25.10 93.64
N LEU F 3251 18.33 -23.99 93.94
CA LEU F 3251 19.71 -24.00 94.44
C LEU F 3251 19.64 -23.84 95.95
N ARG F 3252 19.79 -24.95 96.67
CA ARG F 3252 19.55 -24.96 98.12
C ARG F 3252 20.76 -24.45 98.91
N ALA F 3253 21.88 -25.18 98.86
CA ALA F 3253 23.10 -24.74 99.51
C ALA F 3253 24.20 -24.47 98.51
N SER F 3254 24.58 -25.47 97.72
CA SER F 3254 25.42 -25.28 96.54
C SER F 3254 25.02 -26.21 95.41
N VAL F 3255 23.98 -27.03 95.58
CA VAL F 3255 23.56 -28.01 94.61
C VAL F 3255 22.27 -27.53 93.96
N VAL F 3256 22.17 -27.71 92.65
CA VAL F 3256 20.97 -27.36 91.91
C VAL F 3256 20.16 -28.64 91.70
N THR F 3257 18.92 -28.64 92.19
CA THR F 3257 18.05 -29.81 92.12
C THR F 3257 16.81 -29.47 91.31
N ALA F 3258 16.37 -30.44 90.50
CA ALA F 3258 15.20 -30.27 89.64
C ALA F 3258 14.13 -31.27 90.06
N SER F 3259 12.88 -30.83 90.01
CA SER F 3259 11.75 -31.68 90.38
C SER F 3259 11.11 -32.35 89.18
N SER F 3260 11.16 -31.72 88.01
CA SER F 3260 10.50 -32.22 86.81
C SER F 3260 11.54 -32.70 85.81
N GLY F 3261 11.30 -33.89 85.25
CA GLY F 3261 12.13 -34.41 84.18
C GLY F 3261 11.84 -33.85 82.81
N SER F 3262 10.82 -33.00 82.69
CA SER F 3262 10.45 -32.40 81.42
C SER F 3262 11.32 -31.18 81.15
N ALA F 3263 11.63 -30.96 79.88
CA ALA F 3263 12.50 -29.85 79.50
C ALA F 3263 11.76 -28.52 79.62
N LEU F 3264 12.52 -27.44 79.50
CA LEU F 3264 11.96 -26.11 79.59
C LEU F 3264 11.38 -25.67 78.24
N GLN F 3265 10.57 -24.62 78.28
CA GLN F 3265 9.88 -24.12 77.09
C GLN F 3265 10.62 -22.90 76.52
N TYR F 3266 10.13 -22.46 75.35
CA TYR F 3266 10.83 -21.42 74.61
C TYR F 3266 10.87 -20.09 75.37
N ASP F 3267 9.76 -19.73 76.02
CA ASP F 3267 9.73 -18.46 76.76
C ASP F 3267 10.72 -18.47 77.91
N THR F 3268 10.81 -19.58 78.65
CA THR F 3268 11.77 -19.67 79.74
C THR F 3268 13.20 -19.55 79.22
N LEU F 3269 13.49 -20.19 78.10
CA LEU F 3269 14.84 -20.11 77.54
C LEU F 3269 15.16 -18.70 77.06
N ILE F 3270 14.19 -18.01 76.48
CA ILE F 3270 14.44 -16.65 76.00
C ILE F 3270 14.64 -15.70 77.19
N SER F 3271 13.89 -15.90 78.27
CA SER F 3271 14.07 -15.07 79.45
C SER F 3271 15.41 -15.33 80.12
N LEU F 3272 15.86 -16.59 80.10
CA LEU F 3272 17.22 -16.88 80.54
C LEU F 3272 18.24 -16.18 79.65
N MET F 3273 18.03 -16.22 78.34
CA MET F 3273 19.02 -15.73 77.40
C MET F 3273 19.19 -14.22 77.44
N GLU F 3274 18.13 -13.44 77.68
CA GLU F 3274 18.34 -11.99 77.76
C GLU F 3274 19.28 -11.64 78.91
N HIS F 3275 19.03 -12.21 80.09
CA HIS F 3275 19.87 -11.98 81.25
C HIS F 3275 21.30 -12.46 80.97
N LEU F 3276 21.44 -13.67 80.42
CA LEU F 3276 22.77 -14.21 80.16
C LEU F 3276 23.51 -13.41 79.10
N LYS F 3277 22.81 -12.87 78.11
CA LYS F 3277 23.46 -12.06 77.09
C LYS F 3277 23.94 -10.74 77.65
N ALA F 3278 23.15 -10.10 78.52
CA ALA F 3278 23.63 -8.90 79.18
C ALA F 3278 24.89 -9.19 79.99
N CYS F 3279 24.85 -10.27 80.79
CA CYS F 3279 26.01 -10.63 81.59
C CYS F 3279 27.22 -10.95 80.72
N ALA F 3280 27.02 -11.66 79.62
CA ALA F 3280 28.13 -12.01 78.74
C ALA F 3280 28.71 -10.77 78.07
N GLU F 3281 27.86 -9.83 77.66
CA GLU F 3281 28.35 -8.60 77.06
C GLU F 3281 29.25 -7.85 78.03
N ILE F 3282 28.77 -7.62 79.25
CA ILE F 3282 29.59 -6.85 80.19
C ILE F 3282 30.85 -7.63 80.57
N ALA F 3283 30.74 -8.94 80.78
CA ALA F 3283 31.90 -9.73 81.15
C ALA F 3283 32.95 -9.77 80.04
N ALA F 3284 32.51 -9.70 78.78
CA ALA F 3284 33.45 -9.65 77.68
C ALA F 3284 34.02 -8.26 77.48
N GLN F 3285 33.32 -7.22 77.94
CA GLN F 3285 33.85 -5.87 77.81
C GLN F 3285 34.84 -5.54 78.93
N ARG F 3286 34.39 -5.64 80.18
CA ARG F 3286 35.21 -5.31 81.35
C ARG F 3286 35.22 -6.52 82.27
N THR F 3287 36.21 -7.40 82.07
CA THR F 3287 36.23 -8.68 82.76
C THR F 3287 36.59 -8.55 84.23
N ILE F 3288 37.30 -7.47 84.60
CA ILE F 3288 37.74 -7.32 85.99
C ILE F 3288 36.55 -7.22 86.92
N ASN F 3289 35.53 -6.46 86.53
CA ASN F 3289 34.35 -6.32 87.38
C ASN F 3289 33.60 -7.64 87.52
N TRP F 3290 33.51 -8.42 86.44
CA TRP F 3290 32.86 -9.72 86.52
C TRP F 3290 33.64 -10.66 87.44
N GLN F 3291 34.96 -10.63 87.36
CA GLN F 3291 35.78 -11.43 88.26
C GLN F 3291 35.58 -11.00 89.71
N LYS F 3292 35.52 -9.70 89.96
CA LYS F 3292 35.31 -9.20 91.32
C LYS F 3292 33.96 -9.65 91.86
N PHE F 3293 32.91 -9.60 91.02
CA PHE F 3293 31.62 -10.15 91.43
C PHE F 3293 31.78 -11.62 91.81
N CYS F 3294 32.34 -12.42 90.90
CA CYS F 3294 32.44 -13.86 91.17
C CYS F 3294 33.22 -14.12 92.44
N ILE F 3295 34.15 -13.23 92.79
CA ILE F 3295 34.84 -13.34 94.08
C ILE F 3295 33.88 -13.05 95.23
N LYS F 3296 33.13 -11.94 95.13
CA LYS F 3296 32.28 -11.55 96.26
C LYS F 3296 31.16 -12.55 96.48
N ASP F 3297 30.42 -12.90 95.43
CA ASP F 3297 29.36 -13.89 95.50
C ASP F 3297 29.92 -15.21 95.00
N ASP F 3298 30.12 -16.15 95.91
CA ASP F 3298 30.82 -17.40 95.60
C ASP F 3298 29.92 -18.45 94.97
N SER F 3299 28.61 -18.23 94.92
CA SER F 3299 27.66 -19.22 94.42
C SER F 3299 27.13 -18.85 93.04
N VAL F 3300 27.98 -18.26 92.21
CA VAL F 3300 27.59 -17.86 90.86
C VAL F 3300 28.16 -18.80 89.80
N LEU F 3301 29.48 -19.01 89.82
CA LEU F 3301 30.11 -19.83 88.79
C LEU F 3301 29.64 -21.29 88.88
N TYR F 3302 29.63 -21.85 90.09
CA TYR F 3302 29.17 -23.22 90.25
C TYR F 3302 27.70 -23.35 89.91
N PHE F 3303 26.89 -22.32 90.18
CA PHE F 3303 25.49 -22.34 89.77
C PHE F 3303 25.37 -22.38 88.25
N LEU F 3304 26.17 -21.58 87.56
CA LEU F 3304 26.14 -21.60 86.09
C LEU F 3304 26.57 -22.95 85.56
N LEU F 3305 27.61 -23.55 86.14
CA LEU F 3305 28.06 -24.86 85.70
C LEU F 3305 26.98 -25.91 85.91
N GLN F 3306 26.31 -25.87 87.07
CA GLN F 3306 25.24 -26.85 87.33
C GLN F 3306 24.06 -26.63 86.40
N VAL F 3307 23.71 -25.37 86.11
CA VAL F 3307 22.55 -25.11 85.27
C VAL F 3307 22.85 -25.40 83.81
N SER F 3308 24.13 -25.42 83.42
CA SER F 3308 24.47 -25.78 82.04
C SER F 3308 24.06 -27.20 81.70
N PHE F 3309 23.87 -28.05 82.71
CA PHE F 3309 23.43 -29.42 82.46
C PHE F 3309 21.93 -29.51 82.22
N LEU F 3310 21.16 -28.48 82.56
CA LEU F 3310 19.72 -28.54 82.47
C LEU F 3310 19.15 -27.82 81.25
N VAL F 3311 19.86 -26.84 80.73
CA VAL F 3311 19.37 -26.04 79.62
C VAL F 3311 19.84 -26.66 78.31
N ASP F 3312 19.14 -26.33 77.23
CA ASP F 3312 19.36 -26.96 75.94
C ASP F 3312 20.70 -26.54 75.33
N GLU F 3313 21.00 -27.06 74.14
CA GLU F 3313 22.29 -26.84 73.51
C GLU F 3313 22.45 -25.43 72.98
N GLY F 3314 21.35 -24.69 72.78
CA GLY F 3314 21.47 -23.32 72.30
C GLY F 3314 21.90 -22.33 73.36
N VAL F 3315 21.83 -22.71 74.63
CA VAL F 3315 22.23 -21.85 75.74
C VAL F 3315 23.65 -22.13 76.22
N SER F 3316 24.16 -23.35 76.02
CA SER F 3316 25.49 -23.70 76.50
C SER F 3316 26.59 -22.74 76.07
N PRO F 3317 26.63 -22.22 74.83
CA PRO F 3317 27.74 -21.32 74.47
C PRO F 3317 27.90 -20.11 75.39
N VAL F 3318 26.82 -19.45 75.79
CA VAL F 3318 26.97 -18.24 76.60
C VAL F 3318 27.42 -18.59 78.01
N LEU F 3319 26.92 -19.69 78.57
CA LEU F 3319 27.38 -20.13 79.88
C LEU F 3319 28.86 -20.48 79.85
N LEU F 3320 29.29 -21.20 78.81
CA LEU F 3320 30.71 -21.50 78.68
C LEU F 3320 31.54 -20.24 78.47
N GLN F 3321 30.97 -19.24 77.78
CA GLN F 3321 31.67 -17.97 77.62
C GLN F 3321 31.86 -17.27 78.96
N LEU F 3322 30.82 -17.28 79.80
CA LEU F 3322 30.95 -16.69 81.13
C LEU F 3322 31.99 -17.44 81.95
N LEU F 3323 31.96 -18.78 81.91
CA LEU F 3323 32.95 -19.57 82.64
C LEU F 3323 34.36 -19.27 82.16
N SER F 3324 34.55 -19.16 80.85
CA SER F 3324 35.87 -18.88 80.31
C SER F 3324 36.34 -17.48 80.66
N CYS F 3325 35.42 -16.50 80.63
CA CYS F 3325 35.80 -15.15 81.04
C CYS F 3325 36.22 -15.10 82.49
N ALA F 3326 35.52 -15.85 83.35
CA ALA F 3326 35.87 -15.86 84.76
C ALA F 3326 37.20 -16.58 85.00
N LEU F 3327 37.37 -17.77 84.43
CA LEU F 3327 38.49 -18.65 84.78
C LEU F 3327 39.66 -18.55 83.81
N CYS F 3328 39.41 -18.57 82.50
CA CYS F 3328 40.52 -18.60 81.55
C CYS F 3328 41.25 -17.26 81.52
N GLY F 3329 40.51 -16.16 81.47
CA GLY F 3329 41.10 -14.84 81.46
C GLY F 3329 40.67 -14.04 80.24
N SER F 3330 41.07 -12.77 80.25
CA SER F 3330 40.75 -11.84 79.17
C SER F 3330 41.84 -11.81 78.10
N LYS F 3331 43.10 -11.64 78.51
CA LYS F 3331 44.19 -11.61 77.55
C LYS F 3331 44.32 -12.93 76.82
N VAL F 3332 44.02 -14.05 77.48
CA VAL F 3332 44.08 -15.34 76.82
C VAL F 3332 43.02 -15.42 75.72
N LEU F 3333 41.81 -14.95 76.01
CA LEU F 3333 40.76 -14.94 74.99
C LEU F 3333 41.14 -14.01 73.84
N ALA F 3334 41.75 -12.87 74.15
CA ALA F 3334 42.19 -11.96 73.10
C ALA F 3334 43.25 -12.61 72.21
N ALA F 3335 44.20 -13.33 72.81
CA ALA F 3335 45.21 -14.03 72.03
C ALA F 3335 44.59 -15.14 71.19
N LEU F 3336 43.62 -15.86 71.75
CA LEU F 3336 42.96 -16.93 71.00
C LEU F 3336 42.21 -16.36 69.81
N ALA F 3337 41.56 -15.21 69.98
CA ALA F 3337 40.85 -14.58 68.87
C ALA F 3337 41.77 -14.16 67.74
N ALA F 3338 43.06 -13.96 68.02
CA ALA F 3338 44.02 -13.59 67.00
C ALA F 3338 44.38 -14.78 66.13
N SER F 3386 48.22 -6.83 86.24
CA SER F 3386 48.57 -8.23 86.41
C SER F 3386 47.67 -8.90 87.44
N GLN F 3387 46.61 -8.19 87.84
CA GLN F 3387 45.72 -8.70 88.87
C GLN F 3387 44.90 -9.90 88.40
N GLU F 3388 44.59 -9.95 87.09
CA GLU F 3388 43.74 -11.01 86.58
C GLU F 3388 44.35 -12.39 86.81
N ASP F 3389 45.67 -12.48 86.96
CA ASP F 3389 46.29 -13.77 87.23
C ASP F 3389 45.85 -14.31 88.59
N GLN F 3390 45.99 -13.51 89.65
CA GLN F 3390 45.54 -13.95 90.95
C GLN F 3390 44.02 -14.09 91.01
N LEU F 3391 43.30 -13.26 90.26
CA LEU F 3391 41.83 -13.41 90.22
C LEU F 3391 41.45 -14.77 89.64
N CYS F 3392 42.09 -15.15 88.52
CA CYS F 3392 41.83 -16.45 87.93
C CYS F 3392 42.23 -17.58 88.86
N THR F 3393 43.37 -17.44 89.54
CA THR F 3393 43.79 -18.47 90.49
C THR F 3393 42.77 -18.64 91.60
N ALA F 3394 42.29 -17.53 92.17
CA ALA F 3394 41.31 -17.61 93.25
C ALA F 3394 40.01 -18.23 92.78
N LEU F 3395 39.55 -17.86 91.58
CA LEU F 3395 38.31 -18.43 91.07
C LEU F 3395 38.46 -19.93 90.79
N VAL F 3396 39.63 -20.34 90.29
CA VAL F 3396 39.87 -21.76 90.04
C VAL F 3396 39.87 -22.54 91.36
N ASN F 3397 40.52 -21.99 92.40
CA ASN F 3397 40.50 -22.66 93.69
C ASN F 3397 39.08 -22.74 94.25
N GLN F 3398 38.30 -21.67 94.08
CA GLN F 3398 36.91 -21.69 94.55
C GLN F 3398 36.10 -22.78 93.85
N LEU F 3399 36.24 -22.87 92.52
CA LEU F 3399 35.50 -23.88 91.77
C LEU F 3399 35.95 -25.28 92.17
N ASN F 3400 37.26 -25.49 92.36
CA ASN F 3400 37.74 -26.81 92.78
C ASN F 3400 37.24 -27.14 94.18
N LYS F 3401 37.09 -26.13 95.04
CA LYS F 3401 36.55 -26.38 96.38
C LYS F 3401 35.10 -26.80 96.31
N PHE F 3402 34.28 -26.09 95.53
CA PHE F 3402 32.86 -26.41 95.47
C PHE F 3402 32.60 -27.72 94.74
N ALA F 3403 33.23 -27.92 93.58
CA ALA F 3403 32.87 -29.03 92.70
C ALA F 3403 33.42 -30.36 93.22
N ASP F 3404 32.65 -31.42 93.03
CA ASP F 3404 33.06 -32.78 93.35
C ASP F 3404 33.44 -33.52 92.08
N LYS F 3405 33.68 -34.83 92.21
CA LYS F 3405 34.16 -35.61 91.07
C LYS F 3405 33.07 -35.79 90.01
N GLU F 3406 31.83 -36.03 90.44
CA GLU F 3406 30.79 -36.37 89.48
C GLU F 3406 30.41 -35.18 88.61
N THR F 3407 30.42 -33.97 89.17
CA THR F 3407 30.07 -32.80 88.38
C THR F 3407 31.13 -32.53 87.31
N LEU F 3408 32.41 -32.63 87.66
CA LEU F 3408 33.46 -32.46 86.67
C LEU F 3408 33.41 -33.55 85.61
N ILE F 3409 33.14 -34.79 86.03
CA ILE F 3409 33.04 -35.89 85.07
C ILE F 3409 31.92 -35.61 84.08
N GLN F 3410 30.76 -35.18 84.59
CA GLN F 3410 29.63 -34.87 83.71
C GLN F 3410 29.94 -33.69 82.80
N PHE F 3411 30.67 -32.70 83.30
CA PHE F 3411 31.06 -31.57 82.45
C PHE F 3411 31.93 -32.03 81.29
N LEU F 3412 32.94 -32.86 81.58
CA LEU F 3412 33.79 -33.40 80.53
C LEU F 3412 32.98 -34.20 79.53
N ARG F 3413 32.13 -35.11 80.01
CA ARG F 3413 31.37 -35.97 79.11
C ARG F 3413 30.37 -35.18 78.30
N CYS F 3414 29.91 -34.04 78.81
CA CYS F 3414 28.85 -33.31 78.13
C CYS F 3414 29.40 -32.31 77.12
N PHE F 3415 30.55 -31.71 77.39
CA PHE F 3415 31.04 -30.65 76.53
C PHE F 3415 32.34 -30.98 75.81
N LEU F 3416 32.91 -32.16 76.04
CA LEU F 3416 34.08 -32.59 75.28
C LEU F 3416 33.82 -33.78 74.38
N LEU F 3417 32.80 -34.59 74.68
CA LEU F 3417 32.51 -35.80 73.92
C LEU F 3417 31.13 -35.79 73.30
N GLU F 3418 30.09 -35.46 74.07
CA GLU F 3418 28.72 -35.61 73.61
C GLU F 3418 28.23 -34.42 72.80
N SER F 3419 29.05 -33.39 72.61
CA SER F 3419 28.60 -32.19 71.90
C SER F 3419 28.82 -32.36 70.41
N ASN F 3420 27.75 -32.19 69.63
CA ASN F 3420 27.84 -32.32 68.19
C ASN F 3420 28.61 -31.18 67.56
N SER F 3421 28.49 -29.97 68.09
CA SER F 3421 29.20 -28.83 67.55
C SER F 3421 30.68 -28.89 67.90
N SER F 3422 31.49 -28.20 67.11
CA SER F 3422 32.93 -28.18 67.34
C SER F 3422 33.38 -26.92 68.06
N SER F 3423 32.65 -25.81 67.90
CA SER F 3423 32.98 -24.60 68.65
C SER F 3423 32.80 -24.81 70.14
N VAL F 3424 31.73 -25.49 70.53
CA VAL F 3424 31.52 -25.82 71.94
C VAL F 3424 32.65 -26.70 72.44
N ARG F 3425 33.10 -27.65 71.61
CA ARG F 3425 34.19 -28.53 72.03
C ARG F 3425 35.50 -27.78 72.18
N TRP F 3426 35.75 -26.78 71.33
CA TRP F 3426 36.97 -26.00 71.48
C TRP F 3426 36.90 -25.09 72.70
N GLN F 3427 35.72 -24.53 72.97
CA GLN F 3427 35.54 -23.76 74.20
C GLN F 3427 35.80 -24.61 75.43
N ALA F 3428 35.27 -25.83 75.43
CA ALA F 3428 35.50 -26.73 76.56
C ALA F 3428 36.96 -27.13 76.66
N HIS F 3429 37.63 -27.32 75.51
CA HIS F 3429 39.05 -27.63 75.51
C HIS F 3429 39.85 -26.54 76.19
N CYS F 3430 39.59 -25.29 75.80
CA CYS F 3430 40.31 -24.15 76.39
C CYS F 3430 40.00 -24.03 77.89
N LEU F 3431 38.73 -24.17 78.26
CA LEU F 3431 38.35 -24.02 79.67
C LEU F 3431 38.96 -25.12 80.52
N THR F 3432 38.98 -26.36 80.02
CA THR F 3432 39.61 -27.45 80.75
C THR F 3432 41.11 -27.23 80.89
N LEU F 3433 41.76 -26.77 79.82
CA LEU F 3433 43.19 -26.52 79.89
C LEU F 3433 43.51 -25.46 80.93
N HIS F 3434 42.70 -24.39 80.98
CA HIS F 3434 43.00 -23.31 81.92
C HIS F 3434 42.56 -23.63 83.34
N ILE F 3435 41.59 -24.54 83.53
CA ILE F 3435 41.34 -25.07 84.86
C ILE F 3435 42.52 -25.90 85.32
N TYR F 3436 43.08 -26.72 84.42
CA TYR F 3436 44.23 -27.55 84.76
C TYR F 3436 45.45 -26.70 85.11
N ARG F 3437 45.72 -25.65 84.34
CA ARG F 3437 46.94 -24.88 84.52
C ARG F 3437 46.96 -24.18 85.87
N ASN F 3438 45.83 -23.64 86.32
CA ASN F 3438 45.79 -22.81 87.52
C ASN F 3438 45.54 -23.62 88.79
N SER F 3439 45.44 -24.94 88.69
CA SER F 3439 45.19 -25.76 89.86
C SER F 3439 46.51 -26.19 90.51
N SER F 3440 46.39 -26.85 91.65
CA SER F 3440 47.56 -27.38 92.34
C SER F 3440 47.88 -28.77 91.83
N LYS F 3441 48.93 -29.38 92.38
CA LYS F 3441 49.38 -30.68 91.90
C LYS F 3441 48.34 -31.76 92.17
N SER F 3442 47.75 -31.77 93.36
CA SER F 3442 46.79 -32.82 93.70
C SER F 3442 45.54 -32.74 92.84
N GLN F 3443 45.03 -31.52 92.61
CA GLN F 3443 43.87 -31.37 91.74
C GLN F 3443 44.21 -31.74 90.30
N GLN F 3444 45.43 -31.44 89.85
CA GLN F 3444 45.86 -31.85 88.52
C GLN F 3444 45.84 -33.37 88.40
N GLU F 3445 46.36 -34.07 89.42
CA GLU F 3445 46.32 -35.52 89.40
C GLU F 3445 44.89 -36.04 89.40
N LEU F 3446 44.01 -35.40 90.18
CA LEU F 3446 42.61 -35.82 90.22
C LEU F 3446 41.96 -35.68 88.85
N LEU F 3447 42.19 -34.56 88.18
CA LEU F 3447 41.60 -34.35 86.86
C LEU F 3447 42.17 -35.32 85.83
N LEU F 3448 43.48 -35.57 85.89
CA LEU F 3448 44.08 -36.53 84.96
C LEU F 3448 43.53 -37.93 85.18
N ASP F 3449 43.34 -38.32 86.44
CA ASP F 3449 42.76 -39.63 86.72
C ASP F 3449 41.31 -39.70 86.24
N LEU F 3450 40.56 -38.61 86.38
CA LEU F 3450 39.20 -38.58 85.86
C LEU F 3450 39.19 -38.78 84.35
N MET F 3451 40.08 -38.09 83.64
CA MET F 3451 40.11 -38.25 82.18
C MET F 3451 40.54 -39.65 81.78
N TRP F 3452 41.52 -40.23 82.48
CA TRP F 3452 41.93 -41.59 82.17
C TRP F 3452 40.89 -42.62 82.56
N SER F 3453 39.96 -42.28 83.47
CA SER F 3453 38.82 -43.14 83.72
C SER F 3453 37.78 -43.01 82.61
N ILE F 3454 37.62 -41.81 82.07
CA ILE F 3454 36.67 -41.59 80.98
C ILE F 3454 37.16 -42.25 79.69
N TRP F 3455 38.48 -42.30 79.49
CA TRP F 3455 39.05 -42.78 78.22
C TRP F 3455 38.54 -44.14 77.76
N PRO F 3456 38.35 -45.15 78.61
CA PRO F 3456 37.85 -46.44 78.11
C PRO F 3456 36.51 -46.35 77.40
N GLU F 3457 35.72 -45.29 77.63
CA GLU F 3457 34.43 -45.14 76.97
C GLU F 3457 34.54 -44.46 75.60
N LEU F 3458 35.76 -44.35 75.06
CA LEU F 3458 35.96 -43.58 73.84
C LEU F 3458 35.19 -44.09 72.62
N PRO F 3459 35.11 -45.39 72.33
CA PRO F 3459 34.49 -45.82 71.06
C PRO F 3459 33.06 -45.33 70.85
N ALA F 3460 32.32 -45.04 71.93
CA ALA F 3460 30.93 -44.62 71.77
C ALA F 3460 30.80 -43.25 71.10
N TYR F 3461 31.87 -42.46 71.07
CA TYR F 3461 31.80 -41.10 70.54
C TYR F 3461 32.50 -40.92 69.20
N GLY F 3462 33.39 -41.83 68.82
CA GLY F 3462 33.95 -41.80 67.47
C GLY F 3462 34.81 -40.58 67.22
N ARG F 3463 34.54 -39.92 66.09
CA ARG F 3463 35.32 -38.79 65.60
C ARG F 3463 35.22 -37.56 66.49
N LYS F 3464 34.27 -37.52 67.43
CA LYS F 3464 34.01 -36.32 68.20
C LYS F 3464 35.03 -36.07 69.30
N ALA F 3465 36.01 -36.96 69.48
CA ALA F 3465 36.90 -36.92 70.63
C ALA F 3465 38.33 -36.54 70.24
N ALA F 3466 38.48 -35.58 69.32
CA ALA F 3466 39.83 -35.11 68.99
C ALA F 3466 40.37 -34.23 70.10
N GLN F 3467 39.57 -33.29 70.59
CA GLN F 3467 40.03 -32.37 71.62
C GLN F 3467 40.25 -33.10 72.95
N PHE F 3468 39.42 -34.09 73.24
CA PHE F 3468 39.59 -34.86 74.46
C PHE F 3468 40.93 -35.58 74.49
N VAL F 3469 41.27 -36.27 73.40
CA VAL F 3469 42.54 -37.00 73.38
C VAL F 3469 43.71 -36.02 73.31
N ASP F 3470 43.52 -34.86 72.66
CA ASP F 3470 44.57 -33.85 72.67
C ASP F 3470 44.88 -33.41 74.11
N LEU F 3471 43.84 -33.06 74.86
CA LEU F 3471 44.04 -32.63 76.25
C LEU F 3471 44.62 -33.76 77.09
N LEU F 3472 44.13 -34.98 76.90
CA LEU F 3472 44.63 -36.12 77.67
C LEU F 3472 46.11 -36.34 77.43
N GLY F 3473 46.53 -36.29 76.16
CA GLY F 3473 47.94 -36.45 75.86
C GLY F 3473 48.78 -35.34 76.46
N TYR F 3474 48.32 -34.09 76.32
CA TYR F 3474 49.08 -32.98 76.90
C TYR F 3474 49.21 -33.12 78.41
N PHE F 3475 48.11 -33.48 79.08
CA PHE F 3475 48.14 -33.60 80.54
C PHE F 3475 49.06 -34.75 80.98
N SER F 3476 48.96 -35.89 80.31
CA SER F 3476 49.85 -37.01 80.64
C SER F 3476 51.30 -36.69 80.34
N LEU F 3477 51.57 -35.78 79.40
CA LEU F 3477 52.95 -35.43 79.11
C LEU F 3477 53.50 -34.39 80.07
N LYS F 3478 52.66 -33.48 80.58
CA LYS F 3478 53.17 -32.41 81.44
C LYS F 3478 53.21 -32.78 82.91
N THR F 3479 52.21 -33.50 83.40
CA THR F 3479 52.16 -33.84 84.81
C THR F 3479 53.26 -34.86 85.15
N PRO F 3480 54.14 -34.56 86.11
CA PRO F 3480 55.09 -35.58 86.57
C PRO F 3480 54.35 -36.64 87.37
N GLN F 3481 54.65 -37.90 87.10
CA GLN F 3481 53.82 -38.98 87.60
C GLN F 3481 54.69 -40.20 87.87
N THR F 3482 54.20 -41.08 88.75
CA THR F 3482 54.97 -42.24 89.16
C THR F 3482 54.94 -43.32 88.08
N GLU F 3483 55.76 -44.36 88.30
CA GLU F 3483 55.94 -45.43 87.32
C GLU F 3483 54.73 -46.34 87.19
N LYS F 3484 54.07 -46.67 88.29
CA LYS F 3484 52.91 -47.58 88.22
C LYS F 3484 51.76 -46.94 87.45
N LYS F 3485 51.54 -45.64 87.67
CA LYS F 3485 50.51 -44.93 86.91
C LYS F 3485 50.86 -44.91 85.43
N LEU F 3486 52.14 -44.71 85.10
CA LEU F 3486 52.56 -44.73 83.70
C LEU F 3486 52.28 -46.09 83.06
N LYS F 3487 52.59 -47.17 83.78
CA LYS F 3487 52.29 -48.50 83.24
C LYS F 3487 50.80 -48.70 83.05
N GLU F 3488 49.98 -48.25 84.00
CA GLU F 3488 48.54 -48.37 83.83
C GLU F 3488 48.05 -47.61 82.61
N TYR F 3489 48.54 -46.40 82.42
CA TYR F 3489 48.11 -45.56 81.29
C TYR F 3489 48.49 -46.20 79.96
N SER F 3490 49.74 -46.65 79.86
CA SER F 3490 50.19 -47.30 78.63
C SER F 3490 49.40 -48.59 78.37
N GLN F 3491 49.12 -49.35 79.43
CA GLN F 3491 48.33 -50.57 79.27
C GLN F 3491 46.95 -50.25 78.73
N LYS F 3492 46.31 -49.20 79.25
CA LYS F 3492 44.98 -48.82 78.77
C LYS F 3492 45.02 -48.45 77.29
N ALA F 3493 46.00 -47.63 76.90
CA ALA F 3493 46.10 -47.22 75.50
C ALA F 3493 46.30 -48.43 74.59
N VAL F 3494 47.24 -49.30 74.93
CA VAL F 3494 47.53 -50.45 74.09
C VAL F 3494 46.35 -51.41 74.04
N GLU F 3495 45.64 -51.57 75.16
CA GLU F 3495 44.47 -52.44 75.17
C GLU F 3495 43.38 -51.92 74.24
N ILE F 3496 43.13 -50.60 74.27
CA ILE F 3496 42.12 -50.05 73.38
C ILE F 3496 42.53 -50.25 71.92
N LEU F 3497 43.81 -49.99 71.61
CA LEU F 3497 44.29 -50.18 70.25
C LEU F 3497 44.13 -51.63 69.79
N ARG F 3498 44.49 -52.58 70.65
CA ARG F 3498 44.39 -53.99 70.28
C ARG F 3498 42.94 -54.40 70.04
N THR F 3499 42.03 -53.94 70.91
CA THR F 3499 40.62 -54.30 70.73
C THR F 3499 40.07 -53.73 69.43
N GLN F 3500 40.44 -52.49 69.10
CA GLN F 3500 39.95 -51.92 67.85
C GLN F 3500 40.54 -52.61 66.63
N ASN F 3501 41.82 -52.99 66.70
CA ASN F 3501 42.40 -53.77 65.61
C ASN F 3501 41.68 -55.09 65.42
N HIS F 3502 41.38 -55.80 66.51
CA HIS F 3502 40.64 -57.04 66.40
C HIS F 3502 39.26 -56.81 65.80
N ILE F 3503 38.60 -55.72 66.20
CA ILE F 3503 37.31 -55.39 65.61
C ILE F 3503 37.43 -55.17 64.11
N LEU F 3504 38.51 -54.51 63.68
CA LEU F 3504 38.66 -54.18 62.27
C LEU F 3504 38.93 -55.42 61.43
N THR F 3505 39.80 -56.30 61.90
CA THR F 3505 40.24 -57.40 61.04
C THR F 3505 39.24 -58.54 60.94
N ASN F 3506 38.17 -58.54 61.74
CA ASN F 3506 37.15 -59.58 61.67
C ASN F 3506 35.80 -59.02 61.23
N HIS F 3507 35.73 -57.76 60.85
CA HIS F 3507 34.45 -57.16 60.50
C HIS F 3507 33.87 -57.82 59.26
N PRO F 3508 32.56 -58.09 59.25
CA PRO F 3508 31.96 -58.74 58.07
C PRO F 3508 32.19 -58.00 56.77
N ASN F 3509 32.18 -56.66 56.79
CA ASN F 3509 32.37 -55.86 55.60
C ASN F 3509 33.82 -55.43 55.39
N SER F 3510 34.74 -55.97 56.17
CA SER F 3510 36.14 -55.53 56.10
C SER F 3510 36.74 -55.82 54.73
N ASN F 3511 36.46 -57.01 54.18
CA ASN F 3511 37.03 -57.36 52.87
C ASN F 3511 36.55 -56.41 51.78
N ILE F 3512 35.25 -56.09 51.78
CA ILE F 3512 34.69 -55.23 50.75
C ILE F 3512 35.33 -53.84 50.83
N TYR F 3513 35.42 -53.28 52.03
CA TYR F 3513 36.00 -51.95 52.18
C TYR F 3513 37.47 -51.94 51.82
N ASN F 3514 38.20 -52.98 52.23
CA ASN F 3514 39.63 -53.04 51.96
C ASN F 3514 39.90 -53.13 50.46
N THR F 3515 39.06 -53.88 49.73
CA THR F 3515 39.25 -53.96 48.29
C THR F 3515 38.81 -52.67 47.59
N LEU F 3516 37.67 -52.10 48.01
CA LEU F 3516 37.17 -50.88 47.39
C LEU F 3516 38.05 -49.67 47.65
N SER F 3517 38.86 -49.70 48.70
CA SER F 3517 39.65 -48.51 49.06
C SER F 3517 40.58 -48.10 47.94
N GLY F 3518 41.26 -49.06 47.31
CA GLY F 3518 42.25 -48.75 46.30
C GLY F 3518 41.74 -48.59 44.88
N LEU F 3519 40.44 -48.71 44.65
CA LEU F 3519 39.89 -48.62 43.30
C LEU F 3519 38.99 -47.40 43.11
N VAL F 3520 38.01 -47.21 43.99
CA VAL F 3520 37.09 -46.08 43.88
C VAL F 3520 37.38 -45.08 45.01
N GLU F 3521 36.83 -43.89 44.87
CA GLU F 3521 36.90 -42.85 45.89
C GLU F 3521 35.52 -42.67 46.49
N PHE F 3522 35.40 -42.92 47.79
CA PHE F 3522 34.12 -42.88 48.48
C PHE F 3522 34.29 -42.23 49.85
N ASP F 3523 33.21 -41.60 50.31
CA ASP F 3523 33.24 -40.91 51.60
C ASP F 3523 32.98 -41.86 52.76
N GLY F 3524 31.79 -42.46 52.80
CA GLY F 3524 31.35 -43.24 53.94
C GLY F 3524 31.16 -44.70 53.62
N TYR F 3525 30.82 -45.46 54.65
CA TYR F 3525 30.63 -46.90 54.57
C TYR F 3525 29.13 -47.17 54.53
N TYR F 3526 28.61 -47.46 53.33
CA TYR F 3526 27.17 -47.56 53.12
C TYR F 3526 26.66 -48.99 53.17
N LEU F 3527 27.41 -49.90 53.77
CA LEU F 3527 27.02 -51.31 53.87
C LEU F 3527 26.92 -51.75 55.32
N GLU F 3528 26.27 -50.95 56.16
CA GLU F 3528 26.16 -51.22 57.59
C GLU F 3528 24.73 -51.56 57.95
N SER F 3529 24.57 -52.57 58.80
CA SER F 3529 23.23 -52.99 59.22
C SER F 3529 22.61 -51.98 60.18
N ASP F 3530 23.38 -51.52 61.17
CA ASP F 3530 22.87 -50.56 62.14
C ASP F 3530 23.41 -49.18 61.79
N PRO F 3531 22.56 -48.26 61.35
CA PRO F 3531 23.04 -46.90 61.02
C PRO F 3531 23.54 -46.20 62.28
N CYS F 3532 24.70 -45.55 62.16
CA CYS F 3532 25.37 -44.96 63.30
C CYS F 3532 25.00 -43.49 63.42
N LEU F 3533 24.32 -43.13 64.52
CA LEU F 3533 23.89 -41.75 64.71
C LEU F 3533 25.05 -40.76 64.62
N VAL F 3534 26.24 -41.18 65.06
CA VAL F 3534 27.40 -40.30 64.98
C VAL F 3534 27.78 -40.04 63.54
N CYS F 3535 27.71 -41.06 62.68
CA CYS F 3535 28.14 -40.93 61.30
C CYS F 3535 27.05 -40.45 60.36
N ASN F 3536 25.77 -40.76 60.64
CA ASN F 3536 24.68 -40.21 59.84
C ASN F 3536 24.37 -38.76 60.15
N ASN F 3537 24.87 -38.22 61.27
CA ASN F 3537 24.62 -36.83 61.66
C ASN F 3537 25.92 -36.05 61.63
N PRO F 3538 26.24 -35.41 60.52
CA PRO F 3538 27.37 -34.47 60.49
C PRO F 3538 26.92 -33.10 60.99
N GLU F 3539 27.84 -32.14 60.91
CA GLU F 3539 27.57 -30.78 61.38
C GLU F 3539 27.29 -29.89 60.17
N VAL F 3540 26.02 -29.66 59.89
CA VAL F 3540 25.60 -28.83 58.76
C VAL F 3540 25.59 -27.37 59.19
N PRO F 3541 26.21 -26.47 58.44
CA PRO F 3541 26.23 -25.06 58.83
C PRO F 3541 25.05 -24.27 58.25
N PHE F 3542 24.83 -23.10 58.83
CA PHE F 3542 23.75 -22.24 58.40
C PHE F 3542 24.06 -21.60 57.04
N CYS F 3543 23.00 -21.26 56.31
CA CYS F 3543 23.15 -20.68 54.98
C CYS F 3543 22.08 -19.62 54.75
N TYR F 3544 22.36 -18.70 53.84
CA TYR F 3544 21.43 -17.63 53.47
C TYR F 3544 20.54 -18.13 52.35
N ILE F 3545 19.25 -18.24 52.62
CA ILE F 3545 18.25 -18.74 51.68
C ILE F 3545 17.17 -17.67 51.53
N LYS F 3546 16.73 -17.46 50.29
CA LYS F 3546 15.64 -16.52 50.04
C LYS F 3546 14.30 -17.20 50.34
N LEU F 3547 13.36 -16.41 50.87
CA LEU F 3547 12.11 -16.99 51.35
C LEU F 3547 11.33 -17.64 50.21
N SER F 3548 11.30 -17.00 49.04
CA SER F 3548 10.52 -17.52 47.92
C SER F 3548 11.03 -18.88 47.45
N SER F 3549 12.30 -19.22 47.71
CA SER F 3549 12.83 -20.51 47.28
C SER F 3549 12.28 -21.65 48.13
N ILE F 3550 12.10 -21.42 49.44
CA ILE F 3550 11.46 -22.41 50.30
C ILE F 3550 9.95 -22.33 50.25
N LYS F 3551 9.42 -21.32 49.57
CA LYS F 3551 7.98 -21.07 49.55
C LYS F 3551 7.21 -22.22 48.91
N VAL F 3552 6.03 -22.52 49.46
CA VAL F 3552 5.09 -23.45 48.88
C VAL F 3552 3.73 -22.80 48.64
N ASP F 3553 3.19 -22.12 49.66
CA ASP F 3553 1.90 -21.46 49.55
C ASP F 3553 1.90 -20.21 50.41
N THR F 3554 1.09 -19.24 50.01
CA THR F 3554 0.98 -17.99 50.76
C THR F 3554 -0.45 -17.49 50.73
N ARG F 3555 -0.75 -16.57 51.63
CA ARG F 3555 -1.95 -15.76 51.51
C ARG F 3555 -1.67 -14.36 52.07
N TYR F 3556 -2.35 -13.38 51.49
CA TYR F 3556 -2.15 -11.98 51.83
C TYR F 3556 -3.48 -11.36 52.19
N THR F 3557 -3.48 -10.56 53.26
CA THR F 3557 -4.64 -9.75 53.61
C THR F 3557 -4.21 -8.28 53.61
N THR F 3558 -5.06 -7.40 54.13
CA THR F 3558 -4.78 -5.97 54.09
C THR F 3558 -3.40 -5.63 54.65
N THR F 3559 -3.04 -6.21 55.80
CA THR F 3559 -1.78 -5.85 56.44
C THR F 3559 -1.01 -7.05 56.98
N GLN F 3560 -1.33 -8.27 56.57
CA GLN F 3560 -0.71 -9.45 57.13
C GLN F 3560 -0.40 -10.45 56.03
N GLN F 3561 0.60 -11.30 56.27
CA GLN F 3561 1.07 -12.25 55.27
C GLN F 3561 1.37 -13.60 55.93
N VAL F 3562 0.78 -14.66 55.39
CA VAL F 3562 0.95 -16.02 55.90
C VAL F 3562 1.69 -16.84 54.86
N VAL F 3563 2.74 -17.56 55.27
CA VAL F 3563 3.58 -18.31 54.35
C VAL F 3563 3.80 -19.72 54.90
N LYS F 3564 3.81 -20.70 54.00
CA LYS F 3564 4.18 -22.07 54.33
C LYS F 3564 5.42 -22.46 53.54
N LEU F 3565 6.36 -23.14 54.19
CA LEU F 3565 7.59 -23.58 53.56
C LEU F 3565 7.46 -25.03 53.09
N ILE F 3566 8.50 -25.49 52.39
CA ILE F 3566 8.50 -26.88 51.91
C ILE F 3566 8.57 -27.85 53.08
N GLY F 3567 9.28 -27.48 54.13
CA GLY F 3567 9.37 -28.32 55.32
C GLY F 3567 9.73 -27.46 56.51
N SER F 3568 10.40 -28.08 57.48
CA SER F 3568 10.84 -27.38 58.67
C SER F 3568 12.23 -26.78 58.44
N HIS F 3569 12.53 -25.72 59.20
CA HIS F 3569 13.81 -25.04 59.08
C HIS F 3569 14.18 -24.42 60.42
N THR F 3570 15.48 -24.32 60.66
CA THR F 3570 16.02 -23.70 61.87
C THR F 3570 16.51 -22.31 61.48
N ILE F 3571 15.65 -21.32 61.66
CA ILE F 3571 15.96 -19.96 61.27
C ILE F 3571 16.74 -19.28 62.39
N SER F 3572 17.72 -18.48 62.01
CA SER F 3572 18.55 -17.74 62.95
C SER F 3572 18.42 -16.23 62.81
N LYS F 3573 18.50 -15.71 61.59
CA LYS F 3573 18.34 -14.30 61.33
C LYS F 3573 17.44 -14.11 60.12
N VAL F 3574 16.72 -13.00 60.11
CA VAL F 3574 15.86 -12.63 58.99
C VAL F 3574 16.22 -11.20 58.57
N THR F 3575 16.73 -11.04 57.37
CA THR F 3575 17.06 -9.72 56.85
C THR F 3575 16.03 -9.34 55.79
N VAL F 3576 15.44 -8.16 55.95
CA VAL F 3576 14.32 -7.72 55.11
C VAL F 3576 14.73 -6.45 54.38
N LYS F 3577 14.49 -6.43 53.08
CA LYS F 3577 14.84 -5.31 52.21
C LYS F 3577 13.56 -4.66 51.67
N ILE F 3578 13.59 -3.33 51.56
CA ILE F 3578 12.46 -2.55 51.08
C ILE F 3578 12.87 -1.82 49.81
N GLY F 3579 12.13 -2.02 48.74
CA GLY F 3579 12.38 -1.31 47.49
C GLY F 3579 11.10 -0.72 46.96
N ASP F 3580 11.26 0.37 46.19
CA ASP F 3580 10.13 1.10 45.62
C ASP F 3580 9.17 1.57 46.72
N LEU F 3581 9.74 2.02 47.83
CA LEU F 3581 8.93 2.52 48.95
C LEU F 3581 8.33 3.87 48.61
N LYS F 3582 7.23 4.18 49.30
CA LYS F 3582 6.53 5.46 49.12
C LYS F 3582 6.46 6.19 50.45
N ARG F 3583 6.63 7.51 50.39
CA ARG F 3583 6.54 8.35 51.57
C ARG F 3583 5.15 8.34 52.19
N THR F 3584 4.12 7.97 51.41
CA THR F 3584 2.75 8.02 51.90
C THR F 3584 2.56 7.15 53.15
N LYS F 3585 3.12 5.95 53.14
CA LYS F 3585 2.95 5.03 54.27
C LYS F 3585 4.04 3.97 54.22
N MET F 3586 4.59 3.65 55.38
CA MET F 3586 5.44 2.46 55.51
C MET F 3586 5.26 1.89 56.91
N VAL F 3587 5.98 0.81 57.19
CA VAL F 3587 5.79 0.05 58.42
C VAL F 3587 6.71 0.60 59.50
N ARG F 3588 6.16 0.84 60.69
CA ARG F 3588 6.92 1.25 61.85
C ARG F 3588 7.27 0.10 62.77
N THR F 3589 6.36 -0.86 62.94
CA THR F 3589 6.59 -2.03 63.78
C THR F 3589 6.27 -3.28 62.97
N ILE F 3590 7.21 -4.23 62.97
CA ILE F 3590 7.06 -5.51 62.27
C ILE F 3590 6.96 -6.61 63.33
N ASN F 3591 5.97 -7.49 63.17
CA ASN F 3591 5.78 -8.60 64.09
C ASN F 3591 5.96 -9.91 63.34
N LEU F 3592 6.74 -10.81 63.92
CA LEU F 3592 7.04 -12.11 63.33
C LEU F 3592 6.45 -13.22 64.19
N TYR F 3593 5.77 -14.16 63.56
CA TYR F 3593 5.17 -15.29 64.23
C TYR F 3593 5.56 -16.57 63.51
N TYR F 3594 5.65 -17.66 64.24
CA TYR F 3594 6.04 -18.94 63.69
C TYR F 3594 5.24 -20.05 64.34
N ASN F 3595 5.16 -21.17 63.64
CA ASN F 3595 4.66 -22.40 64.25
C ASN F 3595 5.18 -23.59 63.47
N ASN F 3596 5.19 -24.74 64.14
CA ASN F 3596 5.74 -25.99 63.60
C ASN F 3596 4.64 -27.03 63.42
N ARG F 3597 3.48 -26.60 62.95
CA ARG F 3597 2.37 -27.51 62.65
C ARG F 3597 2.13 -27.47 61.14
N THR F 3598 2.18 -28.63 60.52
CA THR F 3598 2.06 -28.74 59.06
C THR F 3598 0.59 -28.78 58.68
N VAL F 3599 0.21 -27.93 57.71
CA VAL F 3599 -1.16 -27.86 57.22
C VAL F 3599 -1.11 -27.89 55.69
N GLN F 3600 -2.26 -28.24 55.10
CA GLN F 3600 -2.37 -28.31 53.65
C GLN F 3600 -2.94 -27.05 53.02
N ALA F 3601 -3.72 -26.27 53.77
CA ALA F 3601 -4.33 -25.04 53.28
C ALA F 3601 -3.92 -23.88 54.16
N ILE F 3602 -3.55 -22.76 53.51
CA ILE F 3602 -3.16 -21.57 54.26
C ILE F 3602 -4.36 -20.96 54.98
N VAL F 3603 -5.53 -20.99 54.34
CA VAL F 3603 -6.73 -20.41 54.94
C VAL F 3603 -7.08 -21.11 56.25
N GLU F 3604 -6.74 -22.38 56.37
CA GLU F 3604 -6.96 -23.09 57.63
C GLU F 3604 -6.11 -22.51 58.76
N LEU F 3605 -4.85 -22.19 58.46
CA LEU F 3605 -3.94 -21.65 59.46
C LEU F 3605 -3.96 -20.13 59.53
N LYS F 3606 -4.77 -19.46 58.71
CA LYS F 3606 -4.82 -18.00 58.73
C LYS F 3606 -5.41 -17.48 60.04
N ASN F 3607 -6.11 -18.31 60.80
CA ASN F 3607 -6.74 -17.88 62.04
C ASN F 3607 -5.71 -17.26 62.97
N LYS F 3608 -6.07 -16.09 63.53
CA LYS F 3608 -5.06 -15.25 64.18
C LYS F 3608 -4.59 -15.80 65.52
N PRO F 3609 -5.45 -15.90 66.55
CA PRO F 3609 -4.92 -15.97 67.93
C PRO F 3609 -4.33 -17.32 68.34
N ALA F 3610 -4.98 -18.42 67.96
CA ALA F 3610 -4.74 -19.69 68.64
C ALA F 3610 -3.38 -20.30 68.33
N ARG F 3611 -2.99 -20.32 67.06
CA ARG F 3611 -1.94 -21.23 66.58
C ARG F 3611 -0.69 -20.49 66.09
N TRP F 3612 -0.22 -19.48 66.80
CA TRP F 3612 1.03 -18.82 66.46
C TRP F 3612 1.87 -18.59 67.71
N HIS F 3613 3.18 -18.47 67.51
CA HIS F 3613 4.10 -18.09 68.57
C HIS F 3613 4.91 -16.88 68.11
N LYS F 3614 4.92 -15.83 68.93
CA LYS F 3614 5.65 -14.61 68.60
C LYS F 3614 7.14 -14.87 68.72
N ALA F 3615 7.90 -14.29 67.79
CA ALA F 3615 9.35 -14.48 67.75
C ALA F 3615 10.12 -13.23 68.08
N LYS F 3616 9.75 -12.09 67.51
CA LYS F 3616 10.47 -10.85 67.73
C LYS F 3616 9.63 -9.68 67.23
N LYS F 3617 9.66 -8.58 67.97
CA LYS F 3617 9.02 -7.33 67.57
C LYS F 3617 10.12 -6.32 67.25
N VAL F 3618 10.09 -5.80 66.03
CA VAL F 3618 11.11 -4.88 65.54
C VAL F 3618 10.45 -3.56 65.17
N GLN F 3619 10.98 -2.46 65.69
CA GLN F 3619 10.54 -1.12 65.33
C GLN F 3619 11.53 -0.52 64.34
N LEU F 3620 11.00 0.23 63.38
CA LEU F 3620 11.79 0.77 62.27
C LEU F 3620 11.81 2.28 62.34
N THR F 3621 13.00 2.86 62.21
CA THR F 3621 13.11 4.29 62.03
C THR F 3621 12.59 4.67 60.64
N PRO F 3622 12.07 5.89 60.49
CA PRO F 3622 11.56 6.30 59.17
C PRO F 3622 12.65 6.26 58.10
N GLY F 3623 12.26 5.85 56.90
CA GLY F 3623 13.19 5.77 55.79
C GLY F 3623 14.07 4.55 55.75
N GLN F 3624 13.78 3.53 56.56
CA GLN F 3624 14.60 2.32 56.55
C GLN F 3624 14.37 1.50 55.29
N THR F 3625 15.46 0.95 54.76
CA THR F 3625 15.39 0.05 53.61
C THR F 3625 15.75 -1.39 53.93
N GLU F 3626 16.58 -1.62 54.95
CA GLU F 3626 16.98 -2.95 55.36
C GLU F 3626 16.89 -3.07 56.87
N VAL F 3627 16.40 -4.21 57.34
CA VAL F 3627 16.26 -4.47 58.77
C VAL F 3627 16.76 -5.87 59.08
N LYS F 3628 17.44 -6.01 60.22
CA LYS F 3628 18.12 -7.23 60.63
C LYS F 3628 17.41 -7.79 61.87
N ILE F 3629 16.36 -8.59 61.65
CA ILE F 3629 15.65 -9.26 62.74
C ILE F 3629 16.56 -10.40 63.21
N ASP F 3630 17.24 -10.18 64.33
CA ASP F 3630 18.16 -11.17 64.88
C ASP F 3630 17.45 -11.96 65.98
N LEU F 3631 17.29 -13.26 65.77
CA LEU F 3631 16.64 -14.12 66.75
C LEU F 3631 17.68 -14.58 67.76
N PRO F 3632 17.51 -14.27 69.05
CA PRO F 3632 18.49 -14.74 70.05
C PRO F 3632 18.58 -16.25 70.13
N LEU F 3633 17.48 -16.96 69.92
CA LEU F 3633 17.48 -18.41 69.82
C LEU F 3633 17.02 -18.83 68.43
N PRO F 3634 17.75 -19.70 67.74
CA PRO F 3634 17.25 -20.23 66.47
C PRO F 3634 15.93 -20.95 66.68
N ILE F 3635 15.00 -20.73 65.76
CA ILE F 3635 13.62 -21.21 65.90
C ILE F 3635 13.40 -22.31 64.86
N VAL F 3636 12.81 -23.41 65.30
CA VAL F 3636 12.44 -24.50 64.42
C VAL F 3636 11.00 -24.26 63.98
N ALA F 3637 10.82 -23.90 62.72
CA ALA F 3637 9.51 -23.45 62.23
C ALA F 3637 9.19 -24.11 60.90
N SER F 3638 7.90 -24.24 60.63
CA SER F 3638 7.40 -24.72 59.36
C SER F 3638 6.48 -23.74 58.66
N ASN F 3639 5.67 -22.99 59.41
CA ASN F 3639 4.83 -21.95 58.84
C ASN F 3639 5.13 -20.62 59.54
N LEU F 3640 5.13 -19.54 58.75
CA LEU F 3640 5.55 -18.23 59.22
C LEU F 3640 4.46 -17.19 58.95
N MET F 3641 4.54 -16.11 59.71
CA MET F 3641 3.50 -15.08 59.76
C MET F 3641 4.17 -13.73 59.94
N ILE F 3642 3.82 -12.76 59.10
CA ILE F 3642 4.39 -11.42 59.18
C ILE F 3642 3.25 -10.42 59.26
N GLU F 3643 3.27 -9.59 60.30
CA GLU F 3643 2.22 -8.60 60.51
C GLU F 3643 2.83 -7.20 60.58
N PHE F 3644 2.16 -6.25 59.93
CA PHE F 3644 2.53 -4.83 60.02
C PHE F 3644 1.73 -4.25 61.18
N ALA F 3645 2.29 -4.38 62.39
CA ALA F 3645 1.55 -3.99 63.59
C ALA F 3645 1.23 -2.50 63.59
N ASP F 3646 2.18 -1.66 63.19
CA ASP F 3646 1.98 -0.22 63.18
C ASP F 3646 2.54 0.35 61.88
N PHE F 3647 1.92 1.43 61.42
CA PHE F 3647 2.33 2.13 60.21
C PHE F 3647 2.74 3.55 60.55
N TYR F 3648 3.92 3.95 60.07
CA TYR F 3648 4.23 5.37 59.98
C TYR F 3648 3.54 5.89 58.73
N GLU F 3649 2.59 6.80 58.93
CA GLU F 3649 1.65 7.21 57.89
C GLU F 3649 1.83 8.68 57.57
N ASN F 3650 1.70 9.01 56.29
CA ASN F 3650 1.70 10.40 55.84
C ASN F 3650 0.29 10.74 55.38
N TYR F 3651 -0.40 11.55 56.18
CA TYR F 3651 -1.78 11.91 55.89
C TYR F 3651 -1.90 13.09 54.93
N GLN F 3652 -0.77 13.63 54.46
CA GLN F 3652 -0.79 14.71 53.49
C GLN F 3652 -1.30 14.27 52.13
N ALA F 3653 -1.40 12.97 51.88
CA ALA F 3653 -1.90 12.47 50.60
C ALA F 3653 -3.38 12.82 50.43
N SER F 3654 -3.75 13.21 49.22
CA SER F 3654 -5.13 13.59 48.93
C SER F 3654 -5.97 12.33 48.79
N THR F 3655 -6.99 12.20 49.65
CA THR F 3655 -7.87 11.05 49.63
C THR F 3655 -9.17 11.29 48.86
N GLU F 3656 -9.66 12.53 48.85
CA GLU F 3656 -10.89 12.83 48.10
C GLU F 3656 -10.69 12.63 46.61
N THR F 3657 -9.55 13.05 46.09
CA THR F 3657 -9.21 12.88 44.68
C THR F 3657 -8.06 11.87 44.57
N LEU F 3658 -8.24 10.87 43.71
CA LEU F 3658 -7.27 9.80 43.55
C LEU F 3658 -6.91 9.65 42.08
N GLN F 3659 -5.65 9.25 41.84
CA GLN F 3659 -5.21 9.00 40.48
C GLN F 3659 -5.79 7.69 39.96
N CYS F 3660 -6.31 7.72 38.74
CA CYS F 3660 -6.90 6.51 38.16
C CYS F 3660 -5.83 5.45 37.94
N PRO F 3661 -6.08 4.20 38.32
CA PRO F 3661 -5.08 3.14 38.08
C PRO F 3661 -4.85 2.84 36.61
N ARG F 3662 -5.75 3.24 35.71
CA ARG F 3662 -5.65 2.90 34.30
C ARG F 3662 -5.04 4.04 33.48
N CYS F 3663 -5.66 5.21 33.51
CA CYS F 3663 -5.24 6.34 32.68
C CYS F 3663 -4.72 7.52 33.48
N SER F 3664 -4.51 7.34 34.79
CA SER F 3664 -3.95 8.39 35.65
C SER F 3664 -4.78 9.66 35.62
N ALA F 3665 -6.10 9.50 35.61
CA ALA F 3665 -7.03 10.62 35.65
C ALA F 3665 -7.49 10.86 37.08
N SER F 3666 -7.67 12.13 37.44
CA SER F 3666 -8.14 12.48 38.77
C SER F 3666 -9.61 12.12 38.91
N VAL F 3667 -9.92 11.26 39.88
CA VAL F 3667 -11.28 10.78 40.11
C VAL F 3667 -11.68 11.09 41.54
N PRO F 3668 -12.89 11.57 41.79
CA PRO F 3668 -13.37 11.72 43.17
C PRO F 3668 -13.51 10.37 43.86
N ALA F 3669 -13.48 10.42 45.19
CA ALA F 3669 -13.57 9.20 45.98
C ALA F 3669 -14.86 8.45 45.70
N ASN F 3670 -15.98 9.18 45.61
CA ASN F 3670 -17.27 8.58 45.31
C ASN F 3670 -17.67 8.92 43.88
N PRO F 3671 -18.10 7.94 43.08
CA PRO F 3671 -18.23 6.50 43.40
C PRO F 3671 -16.94 5.73 43.14
N GLY F 3672 -15.86 6.42 42.81
CA GLY F 3672 -14.62 5.76 42.49
C GLY F 3672 -14.50 5.27 41.06
N VAL F 3673 -15.47 5.59 40.20
CA VAL F 3673 -15.42 5.20 38.79
C VAL F 3673 -14.84 6.36 37.99
N CYS F 3674 -13.80 6.08 37.23
CA CYS F 3674 -13.10 7.12 36.48
C CYS F 3674 -13.99 7.70 35.38
N GLY F 3675 -13.96 9.03 35.24
CA GLY F 3675 -14.68 9.68 34.17
C GLY F 3675 -13.97 9.70 32.84
N ASN F 3676 -12.71 9.25 32.80
CA ASN F 3676 -11.93 9.21 31.57
C ASN F 3676 -11.96 7.86 30.88
N CYS F 3677 -12.09 6.77 31.64
CA CYS F 3677 -12.13 5.44 31.06
C CYS F 3677 -13.23 4.55 31.63
N GLY F 3678 -13.96 4.99 32.64
CA GLY F 3678 -15.02 4.19 33.22
C GLY F 3678 -14.57 3.09 34.14
N GLU F 3679 -13.30 3.08 34.55
CA GLU F 3679 -12.76 2.04 35.41
C GLU F 3679 -12.74 2.52 36.87
N ASN F 3680 -12.76 1.55 37.78
CA ASN F 3680 -12.76 1.85 39.20
C ASN F 3680 -11.37 2.25 39.68
N VAL F 3681 -11.33 2.88 40.85
CA VAL F 3681 -10.08 3.30 41.47
C VAL F 3681 -9.65 2.34 42.57
N TYR F 3682 -10.59 1.85 43.38
CA TYR F 3682 -10.22 0.94 44.46
C TYR F 3682 -9.78 -0.43 43.96
N GLN F 3683 -9.95 -0.72 42.66
CA GLN F 3683 -9.51 -1.98 42.11
C GLN F 3683 -7.99 -2.10 42.21
N CYS F 3684 -7.52 -3.34 42.34
CA CYS F 3684 -6.09 -3.59 42.38
C CYS F 3684 -5.45 -3.22 41.06
N HIS F 3685 -4.25 -2.64 41.14
CA HIS F 3685 -3.54 -2.28 39.91
C HIS F 3685 -2.99 -3.50 39.19
N LYS F 3686 -2.92 -4.65 39.86
CA LYS F 3686 -2.36 -5.86 39.28
C LYS F 3686 -3.44 -6.84 38.82
N CYS F 3687 -4.32 -7.26 39.74
CA CYS F 3687 -5.35 -8.24 39.43
C CYS F 3687 -6.73 -7.62 39.22
N ARG F 3688 -6.84 -6.29 39.30
CA ARG F 3688 -8.09 -5.57 39.03
C ARG F 3688 -9.23 -6.05 39.93
N SER F 3689 -8.92 -6.26 41.21
CA SER F 3689 -9.91 -6.65 42.20
C SER F 3689 -10.20 -5.46 43.10
N ILE F 3690 -11.49 -5.13 43.23
CA ILE F 3690 -11.92 -4.00 44.05
C ILE F 3690 -12.16 -4.49 45.47
N ASN F 3691 -11.47 -3.87 46.43
CA ASN F 3691 -11.64 -4.21 47.84
C ASN F 3691 -12.78 -3.36 48.39
N TYR F 3692 -13.99 -3.92 48.34
CA TYR F 3692 -15.17 -3.22 48.84
C TYR F 3692 -15.11 -2.99 50.34
N ASP F 3693 -14.43 -3.87 51.08
CA ASP F 3693 -14.38 -3.71 52.54
C ASP F 3693 -13.47 -2.55 52.92
N GLU F 3694 -12.19 -2.62 52.54
CA GLU F 3694 -11.23 -1.57 52.79
C GLU F 3694 -10.92 -0.87 51.47
N LYS F 3695 -11.25 0.42 51.38
CA LYS F 3695 -11.06 1.15 50.13
C LYS F 3695 -9.58 1.32 49.81
N ASP F 3696 -8.74 1.48 50.83
CA ASP F 3696 -7.30 1.67 50.66
C ASP F 3696 -6.55 0.67 51.53
N PRO F 3697 -6.47 -0.58 51.10
CA PRO F 3697 -5.70 -1.57 51.87
C PRO F 3697 -4.21 -1.48 51.57
N PHE F 3698 -3.40 -1.78 52.58
CA PHE F 3698 -1.96 -1.79 52.40
C PHE F 3698 -1.54 -2.86 51.40
N LEU F 3699 -2.16 -4.03 51.47
CA LEU F 3699 -1.92 -5.11 50.52
C LEU F 3699 -3.25 -5.54 49.91
N CYS F 3700 -3.20 -5.93 48.63
CA CYS F 3700 -4.39 -6.40 47.94
C CYS F 3700 -4.93 -7.66 48.61
N ASN F 3701 -6.25 -7.76 48.70
CA ASN F 3701 -6.89 -8.90 49.34
C ASN F 3701 -7.03 -10.11 48.41
N ALA F 3702 -6.86 -9.93 47.11
CA ALA F 3702 -6.97 -11.02 46.15
C ALA F 3702 -5.61 -11.56 45.72
N CYS F 3703 -4.74 -10.68 45.20
CA CYS F 3703 -3.41 -11.09 44.77
C CYS F 3703 -2.29 -10.60 45.68
N GLY F 3704 -2.56 -9.65 46.56
CA GLY F 3704 -1.55 -9.17 47.48
C GLY F 3704 -0.63 -8.10 46.95
N PHE F 3705 -0.96 -7.48 45.82
CA PHE F 3705 -0.14 -6.39 45.30
C PHE F 3705 -0.12 -5.22 46.27
N CYS F 3706 1.07 -4.66 46.50
CA CYS F 3706 1.26 -3.52 47.37
C CYS F 3706 1.87 -2.38 46.58
N LYS F 3707 1.31 -1.19 46.73
CA LYS F 3707 1.82 0.00 46.05
C LYS F 3707 2.75 0.83 46.91
N TYR F 3708 2.55 0.82 48.24
CA TYR F 3708 3.34 1.66 49.12
C TYR F 3708 4.80 1.24 49.14
N ALA F 3709 5.07 -0.06 49.04
CA ALA F 3709 6.44 -0.56 49.05
C ALA F 3709 6.46 -1.99 48.52
N ARG F 3710 7.67 -2.49 48.30
CA ARG F 3710 7.90 -3.87 47.88
C ARG F 3710 8.89 -4.49 48.85
N PHE F 3711 8.52 -5.64 49.42
CA PHE F 3711 9.26 -6.23 50.52
C PHE F 3711 9.90 -7.53 50.08
N ASP F 3712 11.19 -7.69 50.39
CA ASP F 3712 11.91 -8.92 50.10
C ASP F 3712 12.49 -9.47 51.41
N PHE F 3713 12.49 -10.80 51.53
CA PHE F 3713 12.86 -11.46 52.77
C PHE F 3713 14.03 -12.40 52.56
N MET F 3714 14.93 -12.44 53.53
CA MET F 3714 16.05 -13.37 53.58
C MET F 3714 15.93 -14.21 54.84
N LEU F 3715 16.63 -15.35 54.85
CA LEU F 3715 16.63 -16.23 56.01
C LEU F 3715 18.02 -16.82 56.21
N TYR F 3716 18.51 -16.75 57.44
CA TYR F 3716 19.78 -17.41 57.80
C TYR F 3716 19.42 -18.74 58.44
N ALA F 3717 19.11 -19.73 57.60
CA ALA F 3717 18.48 -20.96 58.06
C ALA F 3717 19.24 -22.17 57.52
N LYS F 3718 18.74 -23.35 57.88
CA LYS F 3718 19.29 -24.62 57.43
C LYS F 3718 18.19 -25.67 57.58
N PRO F 3719 18.20 -26.72 56.75
CA PRO F 3719 17.18 -27.76 56.88
C PRO F 3719 17.29 -28.48 58.22
N CYS F 3720 16.15 -28.82 58.80
CA CYS F 3720 16.09 -29.47 60.09
C CYS F 3720 15.09 -30.61 60.05
N CYS F 3721 15.27 -31.58 60.94
CA CYS F 3721 14.41 -32.75 61.03
C CYS F 3721 13.60 -32.64 62.32
N ALA F 3722 12.33 -32.26 62.18
CA ALA F 3722 11.44 -32.12 63.33
C ALA F 3722 10.03 -32.48 62.91
N VAL F 3723 9.19 -32.76 63.90
CA VAL F 3723 7.82 -33.20 63.67
C VAL F 3723 6.88 -32.31 64.49
N ASP F 3724 5.59 -32.42 64.17
CA ASP F 3724 4.59 -31.64 64.86
C ASP F 3724 4.51 -32.05 66.34
N PRO F 3725 4.29 -31.10 67.24
CA PRO F 3725 4.21 -31.44 68.67
C PRO F 3725 2.89 -32.13 68.99
N ILE F 3726 2.85 -32.75 70.17
CA ILE F 3726 1.68 -33.46 70.67
C ILE F 3726 1.09 -32.67 71.83
N GLU F 3727 -0.22 -32.42 71.77
CA GLU F 3727 -0.92 -31.72 72.82
C GLU F 3727 -2.10 -32.48 73.41
N ASN F 3728 -2.60 -33.51 72.72
CA ASN F 3728 -3.75 -34.27 73.20
C ASN F 3728 -3.60 -35.71 72.73
N GLU F 3729 -4.70 -36.47 72.78
CA GLU F 3729 -4.63 -37.90 72.52
C GLU F 3729 -4.68 -38.22 71.03
N GLU F 3730 -5.52 -37.50 70.28
CA GLU F 3730 -5.59 -37.75 68.84
C GLU F 3730 -4.26 -37.46 68.15
N ASP F 3731 -3.53 -36.46 68.64
CA ASP F 3731 -2.20 -36.19 68.11
C ASP F 3731 -1.24 -37.34 68.42
N ARG F 3732 -1.36 -37.95 69.60
CA ARG F 3732 -0.55 -39.12 69.91
C ARG F 3732 -0.87 -40.28 68.98
N LYS F 3733 -2.16 -40.50 68.71
CA LYS F 3733 -2.54 -41.57 67.78
C LYS F 3733 -1.97 -41.33 66.39
N LYS F 3734 -2.07 -40.07 65.92
CA LYS F 3734 -1.51 -39.74 64.61
C LYS F 3734 0.00 -39.96 64.58
N ALA F 3735 0.69 -39.58 65.66
CA ALA F 3735 2.14 -39.78 65.73
C ALA F 3735 2.49 -41.26 65.69
N VAL F 3736 1.73 -42.08 66.40
CA VAL F 3736 2.01 -43.53 66.40
C VAL F 3736 1.80 -44.11 65.00
N SER F 3737 0.72 -43.72 64.33
CA SER F 3737 0.49 -44.22 62.97
C SER F 3737 1.60 -43.78 62.03
N ASN F 3738 2.02 -42.51 62.12
CA ASN F 3738 3.09 -42.01 61.26
C ASN F 3738 4.39 -42.75 61.53
N ILE F 3739 4.69 -43.04 62.79
CA ILE F 3739 5.93 -43.75 63.11
C ILE F 3739 5.87 -45.18 62.57
N ASN F 3740 4.70 -45.82 62.60
CA ASN F 3740 4.58 -47.15 62.01
C ASN F 3740 4.84 -47.10 60.50
N THR F 3741 4.25 -46.12 59.82
CA THR F 3741 4.48 -45.99 58.38
C THR F 3741 5.96 -45.75 58.08
N LEU F 3742 6.60 -44.89 58.85
CA LEU F 3742 8.01 -44.60 58.63
C LEU F 3742 8.87 -45.84 58.87
N LEU F 3743 8.54 -46.64 59.89
CA LEU F 3743 9.27 -47.87 60.14
C LEU F 3743 9.12 -48.85 58.98
N ASP F 3744 7.92 -48.96 58.42
CA ASP F 3744 7.73 -49.85 57.27
C ASP F 3744 8.57 -49.39 56.08
N LYS F 3745 8.56 -48.08 55.80
CA LYS F 3745 9.37 -47.56 54.71
C LYS F 3745 10.85 -47.81 54.94
N ALA F 3746 11.30 -47.62 56.19
CA ALA F 3746 12.70 -47.86 56.53
C ALA F 3746 13.07 -49.33 56.32
N ASP F 3747 12.16 -50.24 56.69
CA ASP F 3747 12.44 -51.66 56.48
C ASP F 3747 12.59 -51.99 55.00
N ARG F 3748 11.69 -51.44 54.17
CA ARG F 3748 11.80 -51.68 52.73
C ARG F 3748 13.11 -51.16 52.17
N VAL F 3749 13.49 -49.93 52.55
CA VAL F 3749 14.73 -49.36 52.06
C VAL F 3749 15.93 -50.16 52.56
N TYR F 3750 15.85 -50.66 53.80
CA TYR F 3750 16.95 -51.44 54.36
C TYR F 3750 17.16 -52.75 53.61
N HIS F 3751 16.07 -53.43 53.28
CA HIS F 3751 16.22 -54.66 52.49
C HIS F 3751 16.75 -54.35 51.09
N GLN F 3752 16.28 -53.26 50.48
CA GLN F 3752 16.81 -52.88 49.18
C GLN F 3752 18.30 -52.61 49.24
N LEU F 3753 18.76 -51.95 50.31
CA LEU F 3753 20.18 -51.65 50.44
C LEU F 3753 20.99 -52.93 50.65
N MET F 3754 20.57 -53.78 51.57
CA MET F 3754 21.32 -54.99 51.86
C MET F 3754 21.23 -56.03 50.75
N GLY F 3755 20.35 -55.84 49.77
CA GLY F 3755 20.36 -56.74 48.63
C GLY F 3755 21.55 -56.55 47.69
N HIS F 3756 22.26 -55.43 47.80
CA HIS F 3756 23.34 -55.12 46.88
C HIS F 3756 24.60 -55.93 47.12
N ARG F 3757 24.76 -56.50 48.32
CA ARG F 3757 26.05 -57.09 48.70
C ARG F 3757 26.48 -58.28 47.83
N PRO F 3758 25.61 -59.24 47.48
CA PRO F 3758 26.08 -60.34 46.61
C PRO F 3758 26.66 -59.89 45.29
N GLN F 3759 26.05 -58.90 44.64
CA GLN F 3759 26.59 -58.38 43.39
C GLN F 3759 27.95 -57.75 43.62
N LEU F 3760 28.10 -57.03 44.74
CA LEU F 3760 29.39 -56.43 45.07
C LEU F 3760 30.47 -57.48 45.24
N GLU F 3761 30.16 -58.57 45.95
CA GLU F 3761 31.17 -59.61 46.14
C GLU F 3761 31.48 -60.34 44.84
N ASN F 3762 30.48 -60.52 43.97
CA ASN F 3762 30.74 -61.10 42.66
C ASN F 3762 31.70 -60.24 41.86
N LEU F 3763 31.46 -58.93 41.85
CA LEU F 3763 32.35 -58.03 41.12
C LEU F 3763 33.73 -57.98 41.76
N LEU F 3764 33.81 -58.10 43.09
CA LEU F 3764 35.11 -58.16 43.75
C LEU F 3764 35.90 -59.38 43.30
N CYS F 3765 35.25 -60.55 43.29
CA CYS F 3765 35.92 -61.76 42.85
C CYS F 3765 36.33 -61.66 41.38
N LYS F 3766 35.50 -61.02 40.56
CA LYS F 3766 35.85 -60.87 39.15
C LYS F 3766 37.03 -59.92 38.97
N VAL F 3767 37.06 -58.83 39.73
CA VAL F 3767 38.16 -57.87 39.63
C VAL F 3767 39.47 -58.49 40.10
N ASN F 3768 39.40 -59.31 41.16
CA ASN F 3768 40.62 -59.90 41.70
C ASN F 3768 41.37 -60.74 40.68
N GLU F 3769 40.66 -61.32 39.72
CA GLU F 3769 41.32 -62.15 38.71
C GLU F 3769 42.19 -61.31 37.78
N ALA F 3770 41.80 -60.06 37.51
CA ALA F 3770 42.60 -59.12 36.74
C ALA F 3770 42.93 -59.65 35.35
N ALA F 3771 41.97 -60.35 34.75
CA ALA F 3771 42.18 -60.89 33.42
C ALA F 3771 42.24 -59.76 32.39
N PRO F 3772 43.27 -59.72 31.55
CA PRO F 3772 43.33 -58.67 30.52
C PRO F 3772 42.13 -58.74 29.59
N GLU F 3773 41.61 -57.57 29.24
CA GLU F 3773 40.43 -57.47 28.38
C GLU F 3773 40.72 -56.51 27.23
N LYS F 3774 40.25 -56.86 26.04
CA LYS F 3774 40.47 -55.95 24.94
C LYS F 3774 39.21 -55.14 24.65
N PRO F 3775 39.35 -53.86 24.31
CA PRO F 3775 38.20 -53.00 23.99
C PRO F 3775 37.53 -53.40 22.68
N THR F 3788 39.54 -41.08 27.09
CA THR F 3788 40.29 -42.26 27.51
C THR F 3788 39.69 -42.83 28.80
N SER F 3789 38.74 -42.09 29.37
CA SER F 3789 38.08 -42.55 30.58
C SER F 3789 37.25 -43.81 30.35
N ALA F 3790 36.96 -44.14 29.10
CA ALA F 3790 36.24 -45.37 28.76
C ALA F 3790 37.15 -46.57 28.64
N SER F 3791 38.47 -46.38 28.74
CA SER F 3791 39.43 -47.47 28.60
C SER F 3791 39.72 -48.17 29.92
N VAL F 3792 39.14 -47.71 31.03
CA VAL F 3792 39.31 -48.41 32.28
C VAL F 3792 38.56 -49.74 32.23
N ASN F 3793 39.00 -50.68 33.07
CA ASN F 3793 38.37 -52.00 33.11
C ASN F 3793 36.89 -51.86 33.41
N ARG F 3794 36.07 -52.62 32.66
CA ARG F 3794 34.62 -52.50 32.79
C ARG F 3794 34.14 -52.92 34.18
N TYR F 3795 34.80 -53.91 34.78
CA TYR F 3795 34.40 -54.35 36.11
C TYR F 3795 34.65 -53.28 37.16
N ILE F 3796 35.73 -52.50 37.01
CA ILE F 3796 35.98 -51.39 37.92
C ILE F 3796 34.90 -50.32 37.77
N LEU F 3797 34.51 -50.01 36.52
CA LEU F 3797 33.42 -49.07 36.30
C LEU F 3797 32.13 -49.57 36.93
N GLN F 3798 31.84 -50.87 36.79
CA GLN F 3798 30.63 -51.42 37.39
C GLN F 3798 30.69 -51.34 38.92
N LEU F 3799 31.87 -51.60 39.49
CA LEU F 3799 32.03 -51.47 40.94
C LEU F 3799 31.75 -50.05 41.40
N ALA F 3800 32.32 -49.07 40.70
CA ALA F 3800 32.09 -47.68 41.07
C ALA F 3800 30.62 -47.30 40.94
N GLN F 3801 29.98 -47.71 39.85
CA GLN F 3801 28.57 -47.39 39.64
C GLN F 3801 27.70 -48.05 40.70
N GLU F 3802 27.99 -49.30 41.06
CA GLU F 3802 27.17 -50.03 42.01
C GLU F 3802 27.34 -49.49 43.43
N TYR F 3803 28.56 -49.16 43.82
CA TYR F 3803 28.77 -48.69 45.19
C TYR F 3803 28.45 -47.21 45.33
N CYS F 3804 29.16 -46.35 44.60
CA CYS F 3804 29.04 -44.92 44.81
C CYS F 3804 27.78 -44.33 44.19
N GLY F 3805 27.04 -45.09 43.41
CA GLY F 3805 25.85 -44.56 42.76
C GLY F 3805 24.54 -45.01 43.35
N ASP F 3806 24.42 -46.29 43.69
CA ASP F 3806 23.17 -46.86 44.17
C ASP F 3806 23.15 -47.06 45.68
N CYS F 3807 24.20 -47.70 46.21
CA CYS F 3807 24.28 -47.91 47.66
C CYS F 3807 24.30 -46.59 48.41
N LYS F 3808 24.94 -45.57 47.82
CA LYS F 3808 24.95 -44.25 48.46
C LYS F 3808 23.56 -43.65 48.53
N ASN F 3809 22.79 -43.76 47.45
CA ASN F 3809 21.42 -43.25 47.46
C ASN F 3809 20.57 -43.99 48.48
N SER F 3810 20.68 -45.31 48.52
CA SER F 3810 19.91 -46.08 49.49
C SER F 3810 20.30 -45.71 50.92
N PHE F 3811 21.60 -45.54 51.18
CA PHE F 3811 22.06 -45.17 52.50
C PHE F 3811 21.53 -43.79 52.90
N ASP F 3812 21.52 -42.84 51.97
CA ASP F 3812 21.02 -41.51 52.29
C ASP F 3812 19.53 -41.53 52.59
N GLU F 3813 18.75 -42.27 51.80
CA GLU F 3813 17.32 -42.38 52.08
C GLU F 3813 17.09 -43.02 53.46
N LEU F 3814 17.83 -44.09 53.76
CA LEU F 3814 17.67 -44.76 55.04
C LEU F 3814 18.03 -43.82 56.19
N SER F 3815 19.09 -43.04 56.04
CA SER F 3815 19.48 -42.10 57.08
C SER F 3815 18.41 -41.04 57.31
N LYS F 3816 17.82 -40.54 56.23
CA LYS F 3816 16.74 -39.56 56.37
C LYS F 3816 15.57 -40.16 57.15
N ILE F 3817 15.16 -41.37 56.78
CA ILE F 3817 14.03 -42.00 57.45
C ILE F 3817 14.35 -42.28 58.91
N ILE F 3818 15.59 -42.67 59.19
CA ILE F 3818 16.00 -42.97 60.57
C ILE F 3818 15.96 -41.70 61.42
N GLN F 3819 16.44 -40.58 60.87
CA GLN F 3819 16.38 -39.33 61.62
C GLN F 3819 14.94 -38.92 61.89
N LYS F 3820 14.06 -39.08 60.89
CA LYS F 3820 12.65 -38.76 61.10
C LYS F 3820 12.05 -39.62 62.22
N VAL F 3821 12.36 -40.92 62.20
CA VAL F 3821 11.85 -41.82 63.22
C VAL F 3821 12.36 -41.41 64.60
N PHE F 3822 13.65 -41.05 64.69
CA PHE F 3822 14.23 -40.66 65.96
C PHE F 3822 13.55 -39.41 66.51
N ALA F 3823 13.28 -38.42 65.64
CA ALA F 3823 12.61 -37.21 66.09
C ALA F 3823 11.20 -37.53 66.60
N SER F 3824 10.48 -38.39 65.87
CA SER F 3824 9.13 -38.75 66.30
C SER F 3824 9.16 -39.46 67.65
N ARG F 3825 10.12 -40.38 67.84
CA ARG F 3825 10.24 -41.08 69.11
C ARG F 3825 10.53 -40.12 70.24
N LYS F 3826 11.41 -39.15 69.99
CA LYS F 3826 11.74 -38.17 71.03
C LYS F 3826 10.52 -37.37 71.44
N GLU F 3827 9.75 -36.90 70.46
CA GLU F 3827 8.56 -36.11 70.79
C GLU F 3827 7.53 -36.94 71.55
N LEU F 3828 7.31 -38.18 71.11
CA LEU F 3828 6.34 -39.04 71.79
C LEU F 3828 6.78 -39.32 73.23
N LEU F 3829 8.07 -39.59 73.44
CA LEU F 3829 8.56 -39.86 74.78
C LEU F 3829 8.43 -38.63 75.67
N GLU F 3830 8.72 -37.44 75.14
CA GLU F 3830 8.59 -36.24 75.95
C GLU F 3830 7.14 -35.99 76.34
N TYR F 3831 6.21 -36.22 75.41
CA TYR F 3831 4.79 -36.05 75.76
C TYR F 3831 4.35 -37.06 76.81
N ASP F 3832 4.79 -38.32 76.67
CA ASP F 3832 4.44 -39.31 77.68
C ASP F 3832 4.99 -38.93 79.05
N LEU F 3833 6.23 -38.45 79.09
CA LEU F 3833 6.82 -38.02 80.36
C LEU F 3833 6.02 -36.87 80.96
N GLN F 3834 5.63 -35.89 80.15
CA GLN F 3834 4.86 -34.76 80.66
C GLN F 3834 3.51 -35.20 81.19
N GLN F 3835 2.83 -36.10 80.47
CA GLN F 3835 1.53 -36.58 80.94
C GLN F 3835 1.67 -37.36 82.24
N ARG F 3836 2.70 -38.21 82.34
CA ARG F 3836 2.92 -38.95 83.57
C ARG F 3836 3.22 -38.02 84.74
N GLU F 3837 4.02 -36.99 84.49
CA GLU F 3837 4.33 -36.01 85.55
C GLU F 3837 3.08 -35.27 85.98
N ALA F 3838 2.23 -34.90 85.03
CA ALA F 3838 0.98 -34.22 85.37
C ALA F 3838 0.06 -35.13 86.18
N ALA F 3839 0.01 -36.41 85.83
CA ALA F 3839 -0.81 -37.35 86.60
C ALA F 3839 -0.24 -37.54 88.00
N THR F 3840 1.08 -37.55 88.14
CA THR F 3840 1.70 -37.79 89.44
C THR F 3840 1.55 -36.58 90.35
N LYS F 3841 1.69 -35.37 89.80
CA LYS F 3841 1.59 -34.17 90.63
C LYS F 3841 0.19 -33.95 91.16
N SER F 3842 -0.82 -34.60 90.58
CA SER F 3842 -2.17 -34.52 91.13
C SER F 3842 -2.28 -35.25 92.46
N SER F 3843 -1.55 -36.36 92.61
CA SER F 3843 -1.52 -37.07 93.89
C SER F 3843 -0.83 -36.22 94.95
N ARG F 3844 -1.35 -36.29 96.18
CA ARG F 3844 -0.85 -35.47 97.27
C ARG F 3844 0.06 -36.23 98.22
N THR F 3845 -0.27 -37.49 98.53
CA THR F 3845 0.55 -38.27 99.46
C THR F 3845 1.95 -38.51 98.87
N SER F 3846 2.03 -38.79 97.58
CA SER F 3846 3.32 -39.03 96.94
C SER F 3846 4.06 -37.71 96.77
N VAL F 3847 5.23 -37.61 97.38
CA VAL F 3847 6.05 -36.41 97.29
C VAL F 3847 6.86 -36.44 95.99
N GLN F 3848 7.15 -35.26 95.46
CA GLN F 3848 7.90 -35.17 94.21
C GLN F 3848 9.33 -35.65 94.43
N PRO F 3849 9.84 -36.58 93.62
CA PRO F 3849 11.21 -37.06 93.77
C PRO F 3849 12.20 -36.07 93.16
N THR F 3850 13.06 -35.50 94.00
CA THR F 3850 14.03 -34.53 93.53
C THR F 3850 15.15 -35.22 92.76
N PHE F 3851 15.64 -34.56 91.71
CA PHE F 3851 16.75 -35.03 90.90
C PHE F 3851 17.85 -33.99 90.94
N THR F 3852 19.10 -34.45 91.05
CA THR F 3852 20.22 -33.54 90.95
C THR F 3852 20.41 -33.09 89.50
N ALA F 3853 21.38 -32.20 89.29
CA ALA F 3853 21.60 -31.66 87.94
C ALA F 3853 22.00 -32.74 86.95
N SER F 3854 22.87 -33.66 87.37
CA SER F 3854 23.28 -34.74 86.48
C SER F 3854 22.15 -35.75 86.27
N GLN F 3855 21.37 -36.02 87.32
CA GLN F 3855 20.25 -36.96 87.18
C GLN F 3855 19.22 -36.43 86.19
N TYR F 3856 19.03 -35.12 86.13
CA TYR F 3856 18.10 -34.55 85.16
C TYR F 3856 18.57 -34.83 83.73
N ARG F 3857 19.84 -34.59 83.45
CA ARG F 3857 20.38 -34.87 82.11
C ARG F 3857 20.28 -36.36 81.80
N ALA F 3858 20.52 -37.21 82.81
CA ALA F 3858 20.38 -38.64 82.60
C ALA F 3858 18.93 -39.01 82.27
N LEU F 3859 17.98 -38.34 82.91
CA LEU F 3859 16.57 -38.68 82.72
C LEU F 3859 15.99 -38.01 81.48
N SER F 3860 16.31 -36.74 81.27
CA SER F 3860 15.71 -35.98 80.18
C SER F 3860 16.18 -36.50 78.82
N VAL F 3861 15.64 -35.91 77.76
CA VAL F 3861 15.92 -36.33 76.40
C VAL F 3861 17.23 -35.69 75.93
N LEU F 3862 17.90 -34.98 76.84
CA LEU F 3862 19.16 -34.34 76.48
C LEU F 3862 20.23 -35.36 76.11
N GLY F 3863 20.37 -36.41 76.92
CA GLY F 3863 21.31 -37.47 76.64
C GLY F 3863 20.71 -38.64 75.88
N CYS F 3864 20.38 -38.43 74.60
CA CYS F 3864 19.72 -39.47 73.82
C CYS F 3864 20.38 -39.78 72.49
N GLY F 3865 21.02 -38.81 71.84
CA GLY F 3865 21.50 -39.01 70.48
C GLY F 3865 22.98 -38.79 70.25
N HIS F 3866 23.82 -39.20 71.19
CA HIS F 3866 25.26 -39.02 71.05
C HIS F 3866 26.05 -40.32 71.19
N THR F 3867 25.43 -41.47 70.95
CA THR F 3867 26.08 -42.76 71.09
C THR F 3867 26.18 -43.44 69.73
N SER F 3868 27.37 -43.96 69.43
CA SER F 3868 27.65 -44.62 68.16
C SER F 3868 27.16 -46.06 68.16
N SER F 3869 26.93 -46.58 66.97
CA SER F 3869 26.57 -47.98 66.79
C SER F 3869 27.75 -48.87 67.18
N THR F 3870 27.45 -50.01 67.77
CA THR F 3870 28.49 -50.89 68.29
C THR F 3870 29.37 -51.44 67.16
N LYS F 3871 28.74 -51.98 66.12
CA LYS F 3871 29.48 -52.53 64.98
C LYS F 3871 29.47 -51.50 63.85
N CYS F 3872 30.31 -50.48 64.00
CA CYS F 3872 30.46 -49.42 63.01
C CYS F 3872 31.91 -49.38 62.56
N TYR F 3873 32.12 -49.41 61.25
CA TYR F 3873 33.48 -49.42 60.72
C TYR F 3873 34.17 -48.08 60.90
N GLY F 3874 33.48 -46.99 60.54
CA GLY F 3874 34.10 -45.68 60.61
C GLY F 3874 34.47 -45.28 62.03
N CYS F 3875 33.62 -45.63 63.00
CA CYS F 3875 33.90 -45.27 64.38
C CYS F 3875 35.12 -46.01 64.90
N ALA F 3876 35.24 -47.30 64.60
CA ALA F 3876 36.42 -48.04 65.01
C ALA F 3876 37.68 -47.50 64.33
N SER F 3877 37.58 -47.13 63.06
CA SER F 3877 38.71 -46.51 62.38
C SER F 3877 39.12 -45.20 63.04
N ALA F 3878 38.14 -44.39 63.43
CA ALA F 3878 38.45 -43.13 64.09
C ALA F 3878 39.07 -43.36 65.46
N VAL F 3879 38.59 -44.37 66.19
CA VAL F 3879 39.22 -44.71 67.47
C VAL F 3879 40.66 -45.15 67.25
N THR F 3880 40.93 -45.87 66.16
CA THR F 3880 42.29 -46.27 65.87
C THR F 3880 43.17 -45.05 65.54
N GLU F 3881 42.61 -44.09 64.81
CA GLU F 3881 43.34 -42.85 64.52
C GLU F 3881 43.69 -42.12 65.81
N HIS F 3882 42.72 -42.00 66.71
CA HIS F 3882 42.96 -41.32 67.99
C HIS F 3882 43.99 -42.08 68.81
N CYS F 3883 43.95 -43.41 68.78
CA CYS F 3883 44.95 -44.20 69.49
C CYS F 3883 46.33 -43.94 68.94
N ILE F 3884 46.47 -43.88 67.61
CA ILE F 3884 47.79 -43.62 67.04
C ILE F 3884 48.29 -42.24 67.42
N THR F 3885 47.41 -41.23 67.39
CA THR F 3885 47.83 -39.88 67.76
C THR F 3885 48.26 -39.82 69.23
N LEU F 3886 47.48 -40.43 70.12
CA LEU F 3886 47.82 -40.42 71.54
C LEU F 3886 49.12 -41.18 71.79
N LEU F 3887 49.33 -42.30 71.10
CA LEU F 3887 50.56 -43.05 71.28
C LEU F 3887 51.77 -42.27 70.79
N ARG F 3888 51.63 -41.56 69.66
CA ARG F 3888 52.72 -40.71 69.20
C ARG F 3888 53.03 -39.62 70.22
N ALA F 3889 51.99 -39.02 70.81
CA ALA F 3889 52.22 -38.03 71.85
C ALA F 3889 52.94 -38.64 73.05
N LEU F 3890 52.52 -39.84 73.47
CA LEU F 3890 53.10 -40.49 74.63
C LEU F 3890 54.55 -40.88 74.40
N ALA F 3891 54.90 -41.28 73.18
CA ALA F 3891 56.23 -41.82 72.91
C ALA F 3891 57.35 -40.81 73.11
N THR F 3892 57.03 -39.52 73.21
CA THR F 3892 58.07 -38.51 73.40
C THR F 3892 58.72 -38.59 74.77
N ASN F 3893 58.15 -39.36 75.70
CA ASN F 3893 58.77 -39.58 77.00
C ASN F 3893 59.58 -40.87 76.96
N PRO F 3894 60.89 -40.81 77.23
CA PRO F 3894 61.70 -42.05 77.14
C PRO F 3894 61.20 -43.18 78.02
N ALA F 3895 60.75 -42.90 79.24
CA ALA F 3895 60.26 -43.97 80.11
C ALA F 3895 59.00 -44.59 79.54
N LEU F 3896 58.06 -43.77 79.07
CA LEU F 3896 56.88 -44.30 78.41
C LEU F 3896 57.26 -45.04 77.14
N ARG F 3897 58.30 -44.57 76.43
CA ARG F 3897 58.78 -45.29 75.26
C ARG F 3897 59.21 -46.71 75.63
N HIS F 3898 60.01 -46.84 76.69
CA HIS F 3898 60.46 -48.17 77.11
C HIS F 3898 59.30 -49.04 77.55
N ILE F 3899 58.36 -48.47 78.32
CA ILE F 3899 57.22 -49.26 78.77
C ILE F 3899 56.39 -49.73 77.58
N LEU F 3900 56.17 -48.85 76.60
CA LEU F 3900 55.38 -49.21 75.43
C LEU F 3900 56.06 -50.30 74.62
N VAL F 3901 57.37 -50.16 74.37
CA VAL F 3901 58.08 -51.18 73.62
C VAL F 3901 58.12 -52.49 74.39
N SER F 3902 58.05 -52.42 75.73
CA SER F 3902 57.96 -53.65 76.52
C SER F 3902 56.58 -54.28 76.44
N GLN F 3903 55.54 -53.47 76.21
CA GLN F 3903 54.20 -54.00 76.08
C GLN F 3903 54.04 -54.89 74.85
N GLY F 3904 54.83 -54.67 73.81
CA GLY F 3904 54.69 -55.44 72.58
C GLY F 3904 53.97 -54.66 71.51
N LEU F 3905 54.30 -53.36 71.40
CA LEU F 3905 53.59 -52.47 70.51
C LEU F 3905 54.14 -52.48 69.09
N ILE F 3906 55.44 -52.76 68.94
CA ILE F 3906 56.07 -52.71 67.62
C ILE F 3906 55.46 -53.76 66.70
N ARG F 3907 55.28 -54.99 67.21
CA ARG F 3907 54.70 -56.05 66.40
C ARG F 3907 53.26 -55.72 66.01
N GLU F 3908 52.48 -55.14 66.94
CA GLU F 3908 51.10 -54.80 66.63
C GLU F 3908 51.04 -53.74 65.54
N LEU F 3909 51.85 -52.68 65.67
CA LEU F 3909 51.86 -51.65 64.64
C LEU F 3909 52.42 -52.15 63.32
N PHE F 3910 53.28 -53.17 63.35
CA PHE F 3910 53.83 -53.75 62.13
C PHE F 3910 52.79 -54.60 61.41
N ASP F 3911 52.03 -55.39 62.16
CA ASP F 3911 51.12 -56.35 61.56
C ASP F 3911 49.85 -55.72 61.01
N TYR F 3912 49.33 -54.67 61.64
CA TYR F 3912 48.01 -54.18 61.29
C TYR F 3912 48.03 -52.79 60.66
N ASN F 3913 48.59 -51.80 61.35
CA ASN F 3913 48.40 -50.40 61.01
C ASN F 3913 49.33 -49.91 59.92
N LEU F 3914 50.29 -50.72 59.49
CA LEU F 3914 51.20 -50.29 58.44
C LEU F 3914 50.46 -50.10 57.11
N ARG F 3915 49.50 -50.97 56.82
CA ARG F 3915 48.86 -51.01 55.51
C ARG F 3915 47.41 -50.54 55.51
N ARG F 3916 46.84 -50.21 56.67
CA ARG F 3916 45.42 -49.89 56.78
C ARG F 3916 45.24 -48.42 57.14
N GLY F 3917 44.26 -47.78 56.50
CA GLY F 3917 43.94 -46.39 56.74
C GLY F 3917 44.38 -45.50 55.59
N ALA F 3918 44.09 -44.22 55.74
CA ALA F 3918 44.49 -43.23 54.77
C ALA F 3918 46.02 -43.07 54.77
N ALA F 3919 46.53 -42.44 53.72
CA ALA F 3919 47.98 -42.30 53.57
C ALA F 3919 48.60 -41.52 54.73
N ALA F 3920 47.92 -40.48 55.19
CA ALA F 3920 48.43 -39.70 56.31
C ALA F 3920 48.55 -40.57 57.56
N MET F 3921 47.55 -41.43 57.81
CA MET F 3921 47.63 -42.34 58.94
C MET F 3921 48.78 -43.32 58.78
N ARG F 3922 49.03 -43.77 57.55
CA ARG F 3922 50.11 -44.72 57.31
C ARG F 3922 51.48 -44.10 57.56
N GLU F 3923 51.69 -42.87 57.08
CA GLU F 3923 52.95 -42.22 57.40
C GLU F 3923 53.06 -41.88 58.88
N GLU F 3924 51.93 -41.62 59.54
CA GLU F 3924 51.96 -41.35 60.97
C GLU F 3924 52.38 -42.60 61.75
N VAL F 3925 51.84 -43.77 61.40
CA VAL F 3925 52.27 -44.98 62.10
C VAL F 3925 53.72 -45.31 61.76
N ARG F 3926 54.16 -45.01 60.54
CA ARG F 3926 55.59 -45.17 60.23
C ARG F 3926 56.44 -44.31 61.16
N GLN F 3927 56.04 -43.05 61.35
CA GLN F 3927 56.78 -42.15 62.23
C GLN F 3927 56.77 -42.65 63.67
N LEU F 3928 55.62 -43.15 64.13
CA LEU F 3928 55.55 -43.68 65.49
C LEU F 3928 56.47 -44.88 65.67
N MET F 3929 56.48 -45.78 64.69
CA MET F 3929 57.34 -46.96 64.79
C MET F 3929 58.81 -46.57 64.74
N CYS F 3930 59.16 -45.55 63.95
CA CYS F 3930 60.53 -45.06 63.95
C CYS F 3930 60.89 -44.44 65.30
N LEU F 3931 59.97 -43.68 65.89
CA LEU F 3931 60.24 -43.01 67.15
C LEU F 3931 60.38 -44.02 68.30
N LEU F 3932 59.63 -45.13 68.26
CA LEU F 3932 59.69 -46.11 69.33
C LEU F 3932 61.05 -46.78 69.44
N THR F 3933 61.91 -46.66 68.44
CA THR F 3933 63.23 -47.27 68.43
C THR F 3933 64.33 -46.21 68.35
N ARG F 3934 64.09 -45.04 68.94
CA ARG F 3934 64.99 -43.91 68.77
C ARG F 3934 66.39 -44.22 69.30
N ASP F 3935 66.49 -44.81 70.50
CA ASP F 3935 67.79 -45.14 71.06
C ASP F 3935 67.76 -46.51 71.74
N ASN F 3936 66.94 -47.42 71.24
CA ASN F 3936 66.79 -48.74 71.86
C ASN F 3936 67.33 -49.80 70.91
N PRO F 3937 68.54 -50.32 71.14
CA PRO F 3937 69.08 -51.35 70.24
C PRO F 3937 68.21 -52.58 70.11
N GLU F 3938 67.56 -53.01 71.19
CA GLU F 3938 66.70 -54.19 71.12
C GLU F 3938 65.47 -53.94 70.24
N ALA F 3939 64.85 -52.77 70.38
CA ALA F 3939 63.72 -52.43 69.53
C ALA F 3939 64.13 -52.34 68.07
N THR F 3940 65.29 -51.75 67.81
CA THR F 3940 65.81 -51.66 66.45
C THR F 3940 66.06 -53.05 65.88
N GLN F 3941 66.63 -53.95 66.69
CA GLN F 3941 66.86 -55.31 66.23
C GLN F 3941 65.55 -56.03 65.94
N GLN F 3942 64.53 -55.83 66.77
CA GLN F 3942 63.24 -56.47 66.54
C GLN F 3942 62.60 -55.98 65.25
N MET F 3943 62.60 -54.67 65.04
CA MET F 3943 62.04 -54.11 63.82
C MET F 3943 62.80 -54.60 62.58
N ASN F 3944 64.14 -54.59 62.66
CA ASN F 3944 64.95 -55.06 61.55
C ASN F 3944 64.70 -56.54 61.28
N ASP F 3945 64.55 -57.35 62.33
CA ASP F 3945 64.26 -58.77 62.15
C ASP F 3945 62.93 -58.96 61.43
N LEU F 3946 61.91 -58.20 61.83
CA LEU F 3946 60.61 -58.32 61.15
C LEU F 3946 60.73 -57.94 59.68
N ILE F 3947 61.39 -56.83 59.39
CA ILE F 3947 61.52 -56.37 58.01
C ILE F 3947 62.26 -57.40 57.17
N ILE F 3948 63.41 -57.87 57.68
CA ILE F 3948 64.23 -58.82 56.94
C ILE F 3948 63.48 -60.12 56.72
N GLY F 3949 62.79 -60.61 57.76
CA GLY F 3949 62.05 -61.85 57.61
C GLY F 3949 60.96 -61.75 56.57
N LYS F 3950 60.19 -60.66 56.60
CA LYS F 3950 59.13 -60.51 55.61
C LYS F 3950 59.70 -60.39 54.20
N VAL F 3951 60.78 -59.62 54.04
CA VAL F 3951 61.35 -59.44 52.71
C VAL F 3951 61.90 -60.75 52.17
N SER F 3952 62.59 -61.52 53.01
CA SER F 3952 63.12 -62.81 52.56
C SER F 3952 62.00 -63.79 52.23
N THR F 3953 60.95 -63.84 53.07
CA THR F 3953 59.84 -64.74 52.79
C THR F 3953 59.17 -64.39 51.47
N ALA F 3954 58.96 -63.10 51.20
CA ALA F 3954 58.38 -62.70 49.94
C ALA F 3954 59.31 -63.01 48.77
N LEU F 3955 60.61 -62.73 48.94
CA LEU F 3955 61.57 -62.88 47.87
C LEU F 3955 61.87 -64.33 47.53
N LYS F 3956 61.58 -65.26 48.44
CA LYS F 3956 61.76 -66.67 48.12
C LYS F 3956 60.82 -67.09 47.00
N GLY F 3957 59.58 -66.61 47.04
CA GLY F 3957 58.60 -66.93 46.02
C GLY F 3957 58.24 -65.78 45.11
N HIS F 3958 59.12 -64.79 45.01
CA HIS F 3958 58.90 -63.69 44.07
C HIS F 3958 58.81 -64.21 42.65
N TRP F 3959 59.58 -65.25 42.34
CA TRP F 3959 59.69 -65.75 40.98
C TRP F 3959 58.39 -66.40 40.53
N ALA F 3960 57.64 -66.98 41.46
CA ALA F 3960 56.36 -67.59 41.14
C ALA F 3960 55.16 -66.66 41.37
N ASN F 3961 55.39 -65.46 41.91
CA ASN F 3961 54.31 -64.48 42.08
C ASN F 3961 54.89 -63.08 42.15
N PRO F 3962 54.58 -62.21 41.19
CA PRO F 3962 55.17 -60.86 41.20
C PRO F 3962 54.67 -59.98 42.33
N ASP F 3963 53.45 -60.22 42.84
CA ASP F 3963 52.93 -59.40 43.92
C ASP F 3963 53.77 -59.47 45.18
N LEU F 3964 54.42 -60.61 45.44
CA LEU F 3964 55.27 -60.71 46.63
C LEU F 3964 56.36 -59.64 46.62
N ALA F 3965 56.96 -59.40 45.45
CA ALA F 3965 57.90 -58.29 45.33
C ALA F 3965 57.18 -56.95 45.23
N SER F 3966 55.98 -56.93 44.64
CA SER F 3966 55.23 -55.70 44.47
C SER F 3966 54.51 -55.25 45.75
N SER F 3967 54.49 -56.08 46.78
CA SER F 3967 53.79 -55.77 48.03
C SER F 3967 54.76 -55.73 49.21
N LEU F 3968 55.91 -55.09 49.01
CA LEU F 3968 56.88 -54.86 50.07
C LEU F 3968 57.17 -53.39 50.27
N GLN F 3969 56.36 -52.50 49.69
CA GLN F 3969 56.72 -51.09 49.65
C GLN F 3969 56.67 -50.45 51.03
N TYR F 3970 55.78 -50.90 51.91
CA TYR F 3970 55.69 -50.27 53.23
C TYR F 3970 56.84 -50.69 54.12
N GLU F 3971 57.29 -51.95 54.02
CA GLU F 3971 58.47 -52.37 54.76
C GLU F 3971 59.69 -51.55 54.37
N MET F 3972 59.92 -51.41 53.06
CA MET F 3972 61.07 -50.65 52.59
C MET F 3972 60.94 -49.17 52.91
N LEU F 3973 59.72 -48.62 52.87
CA LEU F 3973 59.51 -47.25 53.28
C LEU F 3973 59.84 -47.05 54.76
N LEU F 3974 59.45 -48.02 55.59
CA LEU F 3974 59.79 -47.97 57.00
C LEU F 3974 61.30 -48.00 57.21
N LEU F 3975 62.00 -48.86 56.46
CA LEU F 3975 63.46 -48.90 56.56
C LEU F 3975 64.08 -47.58 56.12
N THR F 3976 63.57 -47.00 55.04
CA THR F 3976 64.07 -45.71 54.57
C THR F 3976 63.89 -44.63 55.62
N ASP F 3977 62.70 -44.57 56.23
CA ASP F 3977 62.44 -43.56 57.25
C ASP F 3977 63.31 -43.79 58.48
N SER F 3978 63.53 -45.06 58.86
CA SER F 3978 64.36 -45.35 60.02
C SER F 3978 65.80 -44.91 59.79
N ILE F 3979 66.32 -45.14 58.59
CA ILE F 3979 67.70 -44.74 58.31
C ILE F 3979 67.82 -43.24 58.13
N SER F 3980 66.79 -42.60 57.58
CA SER F 3980 66.85 -41.17 57.31
C SER F 3980 66.89 -40.32 58.57
N LYS F 3981 66.63 -40.90 59.73
CA LYS F 3981 66.61 -40.17 61.00
C LYS F 3981 67.87 -40.54 61.80
N GLU F 3982 68.75 -39.56 61.98
CA GLU F 3982 70.03 -39.80 62.62
C GLU F 3982 69.81 -40.14 64.10
N ASP F 3983 70.21 -41.34 64.49
CA ASP F 3983 70.17 -41.79 65.88
C ASP F 3983 71.41 -42.63 66.14
N SER F 3984 71.53 -43.13 67.36
CA SER F 3984 72.74 -43.85 67.79
C SER F 3984 72.76 -45.30 67.32
N CYS F 3985 71.64 -45.84 66.86
CA CYS F 3985 71.57 -47.23 66.38
C CYS F 3985 71.66 -47.29 64.86
N TRP F 3986 72.38 -46.35 64.25
CA TRP F 3986 72.46 -46.29 62.79
C TRP F 3986 73.14 -47.52 62.20
N GLU F 3987 74.06 -48.14 62.94
CA GLU F 3987 74.83 -49.25 62.41
C GLU F 3987 73.93 -50.46 62.14
N LEU F 3988 72.98 -50.74 63.04
CA LEU F 3988 72.08 -51.87 62.84
C LEU F 3988 71.20 -51.67 61.61
N ARG F 3989 70.65 -50.47 61.46
CA ARG F 3989 69.82 -50.19 60.29
C ARG F 3989 70.62 -50.26 59.00
N LEU F 3990 71.85 -49.75 59.02
CA LEU F 3990 72.73 -49.90 57.86
C LEU F 3990 73.00 -51.36 57.56
N ARG F 3991 73.19 -52.17 58.60
CA ARG F 3991 73.41 -53.59 58.41
C ARG F 3991 72.20 -54.24 57.75
N CYS F 3992 71.00 -53.90 58.20
CA CYS F 3992 69.79 -54.45 57.59
C CYS F 3992 69.67 -54.04 56.13
N ALA F 3993 69.90 -52.76 55.84
CA ALA F 3993 69.80 -52.28 54.47
C ALA F 3993 70.82 -52.96 53.57
N LEU F 3994 72.06 -53.09 54.03
CA LEU F 3994 73.10 -53.70 53.21
C LEU F 3994 72.86 -55.19 53.02
N SER F 3995 72.34 -55.87 54.05
CA SER F 3995 72.01 -57.29 53.90
C SER F 3995 70.91 -57.48 52.87
N LEU F 3996 69.88 -56.62 52.92
CA LEU F 3996 68.81 -56.72 51.93
C LEU F 3996 69.32 -56.41 50.53
N PHE F 3997 70.25 -55.44 50.43
CA PHE F 3997 70.85 -55.12 49.14
C PHE F 3997 71.62 -56.31 48.57
N LEU F 3998 72.53 -56.88 49.35
CA LEU F 3998 73.35 -57.97 48.87
C LEU F 3998 72.56 -59.27 48.71
N MET F 3999 71.37 -59.36 49.29
CA MET F 3999 70.54 -60.53 49.09
C MET F 3999 69.75 -60.47 47.78
N ALA F 4000 69.42 -59.26 47.32
CA ALA F 4000 68.57 -59.08 46.15
C ALA F 4000 69.20 -58.19 45.09
N VAL F 4001 70.52 -58.26 44.95
CA VAL F 4001 71.20 -57.45 43.93
C VAL F 4001 71.47 -58.23 42.65
N ASN F 4002 71.44 -59.56 42.71
CA ASN F 4002 71.77 -60.39 41.56
C ASN F 4002 70.53 -60.92 40.84
N ILE F 4003 69.34 -60.56 41.28
CA ILE F 4003 68.10 -61.02 40.66
C ILE F 4003 67.80 -60.11 39.48
N LYS F 4004 67.50 -60.73 38.33
CA LYS F 4004 67.29 -59.97 37.09
C LYS F 4004 65.87 -59.46 36.94
N THR F 4005 64.91 -60.03 37.67
CA THR F 4005 63.51 -59.67 37.48
C THR F 4005 63.31 -58.18 37.72
N PRO F 4006 62.61 -57.47 36.83
CA PRO F 4006 62.49 -56.01 36.98
C PRO F 4006 61.73 -55.59 38.23
N VAL F 4007 60.84 -56.44 38.74
CA VAL F 4007 60.06 -56.05 39.91
C VAL F 4007 60.95 -55.95 41.15
N VAL F 4008 61.92 -56.86 41.27
CA VAL F 4008 62.87 -56.79 42.39
C VAL F 4008 63.75 -55.56 42.26
N VAL F 4009 64.21 -55.26 41.04
CA VAL F 4009 65.07 -54.10 40.84
C VAL F 4009 64.32 -52.81 41.15
N GLU F 4010 63.03 -52.75 40.79
CA GLU F 4010 62.25 -51.55 41.05
C GLU F 4010 61.83 -51.43 42.51
N ASN F 4011 61.67 -52.56 43.21
CA ASN F 4011 61.05 -52.55 44.52
C ASN F 4011 62.02 -52.88 45.66
N ILE F 4012 63.22 -53.39 45.37
CA ILE F 4012 64.15 -53.74 46.44
C ILE F 4012 65.48 -53.03 46.25
N THR F 4013 66.11 -53.23 45.10
CA THR F 4013 67.46 -52.71 44.91
C THR F 4013 67.48 -51.19 44.82
N LEU F 4014 66.41 -50.58 44.30
CA LEU F 4014 66.35 -49.13 44.21
C LEU F 4014 66.36 -48.48 45.58
N MET F 4015 65.57 -49.02 46.52
CA MET F 4015 65.50 -48.43 47.85
C MET F 4015 66.82 -48.59 48.59
N CYS F 4016 67.47 -49.75 48.45
CA CYS F 4016 68.76 -49.95 49.09
C CYS F 4016 69.81 -49.04 48.48
N LEU F 4017 69.80 -48.87 47.17
CA LEU F 4017 70.76 -47.97 46.53
C LEU F 4017 70.52 -46.53 46.94
N ARG F 4018 69.26 -46.11 47.11
CA ARG F 4018 69.01 -44.76 47.59
C ARG F 4018 69.47 -44.57 49.02
N ILE F 4019 69.29 -45.59 49.87
CA ILE F 4019 69.80 -45.52 51.23
C ILE F 4019 71.32 -45.36 51.22
N LEU F 4020 72.01 -46.20 50.44
CA LEU F 4020 73.46 -46.11 50.34
C LEU F 4020 73.89 -44.76 49.80
N GLN F 4021 73.18 -44.25 48.79
CA GLN F 4021 73.53 -42.96 48.20
C GLN F 4021 73.37 -41.84 49.20
N LYS F 4022 72.32 -41.89 50.03
CA LYS F 4022 72.13 -40.87 51.04
C LYS F 4022 73.19 -40.95 52.13
N LEU F 4023 73.65 -42.17 52.45
CA LEU F 4023 74.66 -42.31 53.48
C LEU F 4023 76.04 -41.88 52.99
N ILE F 4024 76.40 -42.25 51.77
CA ILE F 4024 77.71 -41.90 51.24
C ILE F 4024 77.83 -40.40 51.03
N LYS F 4025 76.78 -39.75 50.52
CA LYS F 4025 76.82 -38.34 50.17
C LYS F 4025 75.98 -37.54 51.16
N PRO F 4026 76.55 -37.03 52.23
CA PRO F 4026 75.76 -36.35 53.26
C PRO F 4026 75.36 -34.96 52.81
N PRO F 4027 74.39 -34.34 53.49
CA PRO F 4027 73.99 -32.97 53.12
C PRO F 4027 75.12 -31.98 53.35
N ALA F 4028 75.07 -30.88 52.60
CA ALA F 4028 76.08 -29.84 52.71
C ALA F 4028 76.06 -29.25 54.12
N PRO F 4029 77.22 -29.01 54.72
CA PRO F 4029 77.25 -28.48 56.09
C PRO F 4029 76.71 -27.05 56.14
N THR F 4030 76.12 -26.71 57.29
CA THR F 4030 75.55 -25.40 57.51
C THR F 4030 76.25 -24.60 58.59
N SER F 4031 77.24 -25.18 59.27
CA SER F 4031 77.99 -24.45 60.28
C SER F 4031 78.79 -23.33 59.65
N LYS F 4032 78.83 -22.17 60.34
CA LYS F 4032 79.50 -21.01 59.79
C LYS F 4032 81.00 -21.24 59.62
N LYS F 4033 81.59 -22.13 60.43
CA LYS F 4033 83.00 -22.44 60.27
C LYS F 4033 83.26 -23.30 59.04
N ASN F 4034 82.34 -24.21 58.71
CA ASN F 4034 82.50 -25.13 57.60
C ASN F 4034 81.55 -24.82 56.45
N LYS F 4035 81.28 -23.54 56.21
CA LYS F 4035 80.31 -23.17 55.18
C LYS F 4035 80.86 -23.35 53.77
N ASP F 4036 82.18 -23.38 53.63
CA ASP F 4036 82.82 -23.43 52.31
C ASP F 4036 83.53 -24.75 52.02
N VAL F 4037 84.17 -25.34 53.03
CA VAL F 4037 84.99 -26.54 52.84
C VAL F 4037 84.11 -27.71 52.41
N PRO F 4038 84.63 -28.66 51.64
CA PRO F 4038 83.82 -29.79 51.18
C PRO F 4038 83.82 -30.91 52.22
N VAL F 4039 83.09 -31.99 51.89
CA VAL F 4039 82.87 -33.07 52.85
C VAL F 4039 84.16 -33.84 53.11
N GLU F 4040 85.04 -33.93 52.12
CA GLU F 4040 86.29 -34.67 52.32
C GLU F 4040 87.27 -33.94 53.22
N ALA F 4041 86.99 -32.69 53.57
CA ALA F 4041 87.85 -31.89 54.43
C ALA F 4041 87.44 -31.89 55.89
N LEU F 4042 86.44 -32.70 56.26
CA LEU F 4042 85.93 -32.72 57.63
C LEU F 4042 86.23 -34.01 58.39
N THR F 4043 86.70 -35.05 57.70
CA THR F 4043 86.93 -36.33 58.36
C THR F 4043 88.03 -36.22 59.42
N THR F 4044 87.84 -36.93 60.54
CA THR F 4044 88.79 -36.92 61.63
C THR F 4044 89.82 -38.04 61.53
N VAL F 4045 89.74 -38.88 60.50
CA VAL F 4045 90.72 -39.94 60.28
C VAL F 4045 91.10 -39.93 58.81
N LYS F 4046 92.30 -40.43 58.53
CA LYS F 4046 92.82 -40.49 57.17
C LYS F 4046 92.92 -41.94 56.74
N PRO F 4047 92.19 -42.35 55.71
CA PRO F 4047 92.28 -43.75 55.26
C PRO F 4047 93.64 -44.05 54.65
N TYR F 4048 94.08 -45.29 54.83
CA TYR F 4048 95.35 -45.73 54.27
C TYR F 4048 95.25 -45.80 52.75
N CYS F 4049 96.39 -45.59 52.09
CA CYS F 4049 96.38 -45.43 50.64
C CYS F 4049 95.98 -46.73 49.95
N ASN F 4050 96.56 -47.86 50.34
CA ASN F 4050 96.39 -49.10 49.59
C ASN F 4050 95.66 -50.19 50.36
N GLU F 4051 95.08 -49.88 51.52
CA GLU F 4051 94.45 -50.89 52.36
C GLU F 4051 92.99 -50.53 52.62
N ILE F 4052 92.17 -51.56 52.77
CA ILE F 4052 90.81 -51.43 53.27
C ILE F 4052 90.73 -52.18 54.59
N HIS F 4053 90.40 -51.47 55.66
CA HIS F 4053 90.32 -52.11 56.97
C HIS F 4053 88.91 -52.58 57.31
N ALA F 4054 87.88 -51.89 56.82
CA ALA F 4054 86.53 -52.40 56.95
C ALA F 4054 86.35 -53.65 56.11
N GLN F 4055 85.70 -54.66 56.68
CA GLN F 4055 85.45 -55.93 56.02
C GLN F 4055 84.00 -56.30 56.19
N ALA F 4056 83.26 -56.34 55.07
CA ALA F 4056 81.82 -56.53 55.13
C ALA F 4056 81.43 -57.97 55.47
N GLN F 4057 82.23 -58.94 55.06
CA GLN F 4057 81.87 -60.34 55.32
C GLN F 4057 81.81 -60.63 56.82
N LEU F 4058 82.79 -60.12 57.58
CA LEU F 4058 82.75 -60.26 59.02
C LEU F 4058 81.76 -59.30 59.68
N TRP F 4059 81.59 -58.11 59.09
CA TRP F 4059 80.68 -57.13 59.67
C TRP F 4059 79.24 -57.63 59.65
N LEU F 4060 78.82 -58.26 58.56
CA LEU F 4060 77.44 -58.70 58.41
C LEU F 4060 77.12 -59.89 59.32
N LYS F 4061 78.11 -60.50 59.95
CA LYS F 4061 77.89 -61.60 60.88
C LYS F 4061 77.97 -61.16 62.33
N ARG F 4062 77.96 -59.85 62.59
CA ARG F 4062 78.03 -59.28 63.93
C ARG F 4062 79.30 -59.75 64.65
N ASP F 4063 80.44 -59.36 64.08
CA ASP F 4063 81.73 -59.67 64.68
C ASP F 4063 82.20 -58.46 65.47
N PRO F 4064 82.40 -58.58 66.80
CA PRO F 4064 82.82 -57.41 67.57
C PRO F 4064 84.16 -56.85 67.13
N LYS F 4065 85.07 -57.68 66.62
CA LYS F 4065 86.36 -57.20 66.16
C LYS F 4065 86.28 -56.47 64.83
N ALA F 4066 85.13 -56.51 64.16
CA ALA F 4066 84.93 -55.84 62.87
C ALA F 4066 83.77 -54.85 62.94
N SER F 4067 83.71 -54.09 64.02
CA SER F 4067 82.65 -53.10 64.21
C SER F 4067 83.08 -51.76 63.64
N TYR F 4068 82.27 -50.74 63.90
CA TYR F 4068 82.57 -49.39 63.41
C TYR F 4068 83.65 -48.74 64.25
N ASP F 4069 83.53 -48.83 65.58
CA ASP F 4069 84.54 -48.24 66.46
C ASP F 4069 85.89 -48.94 66.31
N ALA F 4070 85.87 -50.27 66.16
CA ALA F 4070 87.11 -51.00 65.92
C ALA F 4070 87.78 -50.54 64.64
N TRP F 4071 86.99 -50.32 63.58
CA TRP F 4071 87.54 -49.79 62.34
C TRP F 4071 88.12 -48.39 62.55
N LYS F 4072 87.41 -47.54 63.29
CA LYS F 4072 87.89 -46.18 63.50
C LYS F 4072 89.17 -46.15 64.32
N LYS F 4073 89.33 -47.11 65.23
CA LYS F 4073 90.53 -47.13 66.07
C LYS F 4073 91.78 -47.53 65.31
N CYS F 4074 91.64 -48.13 64.12
CA CYS F 4074 92.78 -48.58 63.33
C CYS F 4074 93.24 -47.54 62.33
N LEU F 4075 92.64 -46.35 62.32
CA LEU F 4075 93.02 -45.34 61.35
C LEU F 4075 93.63 -44.13 62.05
N PRO F 4076 94.74 -43.60 61.53
CA PRO F 4076 95.38 -42.44 62.17
C PRO F 4076 94.54 -41.19 62.03
N ILE F 4077 94.66 -40.31 63.02
CA ILE F 4077 93.88 -39.08 63.01
C ILE F 4077 94.41 -38.14 61.95
N ARG F 4078 93.58 -37.19 61.55
CA ARG F 4078 94.01 -36.16 60.61
C ARG F 4078 94.80 -35.11 61.35
N GLY F 4079 96.09 -34.98 61.01
CA GLY F 4079 96.96 -34.04 61.69
C GLY F 4079 96.51 -32.59 61.53
N ILE F 4080 96.37 -31.89 62.65
CA ILE F 4080 96.01 -30.48 62.63
C ILE F 4080 97.28 -29.70 62.25
N ASP F 4081 97.37 -29.29 60.99
CA ASP F 4081 98.55 -28.59 60.48
C ASP F 4081 98.53 -27.14 60.94
N GLY F 4082 98.81 -26.96 62.23
CA GLY F 4082 98.87 -25.62 62.80
C GLY F 4082 100.11 -24.84 62.40
N ASN F 4083 101.15 -25.53 61.95
CA ASN F 4083 102.40 -24.89 61.54
C ASN F 4083 102.59 -25.09 60.04
N GLY F 4084 102.79 -23.99 59.32
CA GLY F 4084 103.00 -24.02 57.90
C GLY F 4084 104.45 -24.16 57.47
N LYS F 4085 105.36 -24.37 58.40
CA LYS F 4085 106.77 -24.52 58.06
C LYS F 4085 107.00 -25.77 57.23
N ALA F 4086 107.84 -25.65 56.20
CA ALA F 4086 108.16 -26.79 55.35
C ALA F 4086 109.10 -27.73 56.09
N PRO F 4087 108.72 -28.99 56.31
CA PRO F 4087 109.60 -29.91 57.03
C PRO F 4087 110.91 -30.16 56.28
N SER F 4088 111.98 -30.33 57.04
CA SER F 4088 113.31 -30.49 56.45
C SER F 4088 113.44 -31.86 55.79
N LYS F 4089 114.56 -32.03 55.06
CA LYS F 4089 114.80 -33.27 54.33
C LYS F 4089 114.87 -34.46 55.27
N SER F 4090 115.57 -34.31 56.39
CA SER F 4090 115.67 -35.39 57.37
C SER F 4090 114.29 -35.73 57.94
N GLU F 4091 113.44 -34.72 58.12
CA GLU F 4091 112.09 -34.99 58.60
C GLU F 4091 111.31 -35.87 57.65
N LEU F 4092 111.39 -35.59 56.34
CA LEU F 4092 110.68 -36.41 55.37
C LEU F 4092 111.25 -37.82 55.30
N ARG F 4093 112.58 -37.95 55.36
CA ARG F 4093 113.17 -39.30 55.39
C ARG F 4093 112.68 -40.07 56.61
N HIS F 4094 112.69 -39.43 57.78
CA HIS F 4094 112.25 -40.09 59.00
C HIS F 4094 110.79 -40.52 58.88
N LEU F 4095 109.94 -39.63 58.37
CA LEU F 4095 108.54 -39.98 58.19
C LEU F 4095 108.39 -41.18 57.27
N TYR F 4096 109.13 -41.18 56.15
CA TYR F 4096 109.02 -42.25 55.16
C TYR F 4096 109.34 -43.60 55.78
N LEU F 4097 110.55 -43.76 56.32
CA LEU F 4097 110.89 -45.11 56.80
C LEU F 4097 110.20 -45.45 58.11
N THR F 4098 109.80 -44.47 58.91
CA THR F 4098 108.97 -44.79 60.06
C THR F 4098 107.67 -45.44 59.62
N GLU F 4099 106.99 -44.83 58.65
CA GLU F 4099 105.76 -45.42 58.12
C GLU F 4099 106.04 -46.81 57.54
N LYS F 4100 107.12 -46.92 56.76
CA LYS F 4100 107.45 -48.19 56.09
C LYS F 4100 107.64 -49.32 57.10
N TYR F 4101 108.51 -49.11 58.09
CA TYR F 4101 108.85 -50.21 58.98
C TYR F 4101 107.79 -50.43 60.06
N VAL F 4102 107.01 -49.40 60.41
CA VAL F 4102 105.85 -49.64 61.27
C VAL F 4102 104.83 -50.51 60.55
N TRP F 4103 104.60 -50.25 59.26
CA TRP F 4103 103.69 -51.10 58.50
C TRP F 4103 104.22 -52.53 58.43
N ARG F 4104 105.52 -52.70 58.21
CA ARG F 4104 106.10 -54.05 58.19
C ARG F 4104 105.95 -54.74 59.54
N TRP F 4105 106.14 -54.00 60.64
CA TRP F 4105 105.96 -54.58 61.96
C TRP F 4105 104.53 -55.05 62.18
N LYS F 4106 103.56 -54.22 61.79
CA LYS F 4106 102.16 -54.63 61.92
C LYS F 4106 101.85 -55.83 61.04
N GLN F 4107 102.43 -55.87 59.83
CA GLN F 4107 102.20 -57.01 58.94
C GLN F 4107 102.73 -58.30 59.57
N PHE F 4108 103.94 -58.26 60.14
CA PHE F 4108 104.46 -59.46 60.79
C PHE F 4108 103.61 -59.85 61.98
N LEU F 4109 103.16 -58.87 62.77
CA LEU F 4109 102.33 -59.18 63.93
C LEU F 4109 101.04 -59.87 63.48
N SER F 4110 100.42 -59.39 62.41
CA SER F 4110 99.24 -60.06 61.88
C SER F 4110 99.57 -61.44 61.34
N ARG F 4111 100.78 -61.60 60.77
CA ARG F 4111 101.17 -62.88 60.21
C ARG F 4111 101.35 -63.94 61.30
N ARG F 4112 101.87 -63.56 62.45
CA ARG F 4112 102.11 -64.51 63.54
C ARG F 4112 101.14 -64.36 64.69
N GLY F 4113 100.77 -63.15 65.08
CA GLY F 4113 99.91 -62.95 66.23
C GLY F 4113 98.43 -63.06 65.92
N LYS F 4114 97.62 -62.24 66.59
CA LYS F 4114 96.17 -62.34 66.48
C LYS F 4114 95.52 -61.10 65.88
N ARG F 4115 96.28 -60.07 65.54
CA ARG F 4115 95.70 -58.89 64.90
C ARG F 4115 95.16 -59.24 63.52
N THR F 4116 94.06 -58.59 63.17
CA THR F 4116 93.41 -58.84 61.89
C THR F 4116 94.28 -58.36 60.74
N SER F 4117 94.14 -59.01 59.59
CA SER F 4117 94.93 -58.68 58.41
C SER F 4117 94.08 -57.86 57.45
N PRO F 4118 94.42 -56.61 57.19
CA PRO F 4118 93.63 -55.81 56.25
C PRO F 4118 93.73 -56.33 54.82
N LEU F 4119 92.66 -56.10 54.06
CA LEU F 4119 92.60 -56.54 52.68
C LEU F 4119 93.39 -55.58 51.79
N ASP F 4120 93.64 -56.03 50.56
CA ASP F 4120 94.44 -55.28 49.61
C ASP F 4120 93.54 -54.58 48.61
N LEU F 4121 93.90 -53.35 48.26
CA LEU F 4121 93.08 -52.53 47.35
C LEU F 4121 93.27 -53.06 45.94
N LYS F 4122 92.50 -54.10 45.62
CA LYS F 4122 92.57 -54.76 44.31
C LYS F 4122 91.18 -55.35 44.02
N LEU F 4123 90.56 -54.84 42.97
CA LEU F 4123 89.13 -55.06 42.76
C LEU F 4123 88.88 -56.17 41.74
N GLY F 4124 87.80 -56.92 41.97
CA GLY F 4124 87.43 -57.97 41.03
C GLY F 4124 86.75 -57.40 39.80
N HIS F 4125 86.96 -58.07 38.67
CA HIS F 4125 86.44 -57.59 37.40
C HIS F 4125 85.01 -58.07 37.13
N ASN F 4126 84.51 -58.99 37.95
CA ASN F 4126 83.10 -59.37 37.90
C ASN F 4126 82.54 -59.14 39.31
N ASN F 4127 81.32 -58.60 39.37
CA ASN F 4127 80.71 -58.18 40.63
C ASN F 4127 79.25 -57.86 40.39
N TRP F 4128 78.61 -57.32 41.43
CA TRP F 4128 77.27 -56.80 41.27
C TRP F 4128 77.25 -55.42 40.63
N LEU F 4129 78.41 -54.75 40.58
CA LEU F 4129 78.46 -53.39 40.06
C LEU F 4129 78.11 -53.35 38.59
N ARG F 4130 78.65 -54.29 37.79
CA ARG F 4130 78.29 -54.34 36.38
C ARG F 4130 76.81 -54.66 36.20
N GLN F 4131 76.27 -55.53 37.05
CA GLN F 4131 74.85 -55.87 36.96
C GLN F 4131 73.98 -54.64 37.20
N VAL F 4132 74.30 -53.86 38.22
CA VAL F 4132 73.49 -52.70 38.56
C VAL F 4132 73.67 -51.59 37.53
N LEU F 4133 74.90 -51.38 37.05
CA LEU F 4133 75.21 -50.21 36.23
C LEU F 4133 74.55 -50.26 34.85
N PHE F 4134 74.13 -51.43 34.38
CA PHE F 4134 73.58 -51.57 33.04
C PHE F 4134 72.20 -52.20 33.05
N THR F 4135 71.49 -52.11 34.17
CA THR F 4135 70.19 -52.74 34.24
C THR F 4135 69.19 -52.00 33.36
N PRO F 4136 68.42 -52.70 32.53
CA PRO F 4136 67.38 -52.05 31.72
C PRO F 4136 66.01 -52.02 32.37
N ALA F 4137 65.86 -52.61 33.56
CA ALA F 4137 64.59 -52.57 34.26
C ALA F 4137 64.20 -51.14 34.63
N THR F 4138 65.16 -50.37 35.14
CA THR F 4138 64.90 -49.00 35.55
C THR F 4138 66.17 -48.18 35.39
N GLN F 4139 65.98 -46.87 35.29
CA GLN F 4139 67.08 -45.93 35.09
C GLN F 4139 67.61 -45.34 36.39
N ALA F 4140 66.75 -45.17 37.39
CA ALA F 4140 67.20 -44.62 38.67
C ALA F 4140 68.23 -45.53 39.34
N ALA F 4141 68.12 -46.85 39.14
CA ALA F 4141 69.14 -47.74 39.67
C ALA F 4141 70.49 -47.47 39.06
N ARG F 4142 70.53 -47.27 37.73
CA ARG F 4142 71.78 -46.95 37.06
C ARG F 4142 72.33 -45.62 37.55
N GLN F 4143 71.47 -44.62 37.73
CA GLN F 4143 71.94 -43.32 38.16
C GLN F 4143 72.47 -43.36 39.59
N ALA F 4144 71.79 -44.10 40.47
CA ALA F 4144 72.27 -44.25 41.85
C ALA F 4144 73.59 -45.00 41.89
N ALA F 4145 73.74 -46.03 41.05
CA ALA F 4145 75.02 -46.73 41.00
C ALA F 4145 76.13 -45.82 40.50
N CYS F 4146 75.83 -44.97 39.52
CA CYS F 4146 76.81 -44.01 39.04
C CYS F 4146 77.21 -43.04 40.14
N THR F 4147 76.24 -42.54 40.89
CA THR F 4147 76.57 -41.62 41.99
C THR F 4147 77.43 -42.33 43.04
N ILE F 4148 77.10 -43.58 43.36
CA ILE F 4148 77.85 -44.33 44.36
C ILE F 4148 79.30 -44.51 43.92
N VAL F 4149 79.50 -44.94 42.66
CA VAL F 4149 80.87 -45.20 42.22
C VAL F 4149 81.65 -43.91 42.05
N GLU F 4150 80.97 -42.82 41.66
CA GLU F 4150 81.65 -41.53 41.61
C GLU F 4150 82.11 -41.10 42.99
N ALA F 4151 81.27 -41.31 44.00
CA ALA F 4151 81.66 -40.97 45.37
C ALA F 4151 82.75 -41.88 45.89
N LEU F 4152 82.82 -43.12 45.41
CA LEU F 4152 83.86 -44.05 45.85
C LEU F 4152 85.25 -43.64 45.37
N ALA F 4153 85.35 -42.71 44.43
CA ALA F 4153 86.63 -42.34 43.84
C ALA F 4153 86.95 -40.90 44.22
N THR F 4154 87.58 -40.74 45.39
CA THR F 4154 88.01 -39.44 45.87
C THR F 4154 89.53 -39.34 45.98
N ILE F 4155 90.14 -40.24 46.74
CA ILE F 4155 91.60 -40.29 46.86
C ILE F 4155 92.13 -41.06 45.65
N PRO F 4156 93.19 -40.57 44.99
CA PRO F 4156 93.62 -41.18 43.73
C PRO F 4156 93.85 -42.68 43.77
N SER F 4157 94.21 -43.22 44.94
CA SER F 4157 94.45 -44.67 45.03
C SER F 4157 93.19 -45.47 44.70
N ARG F 4158 92.04 -45.04 45.24
CA ARG F 4158 90.79 -45.71 44.91
C ARG F 4158 90.33 -45.38 43.50
N LYS F 4159 90.63 -44.17 43.03
CA LYS F 4159 90.26 -43.79 41.67
C LYS F 4159 90.96 -44.65 40.63
N GLN F 4160 92.21 -45.05 40.91
CA GLN F 4160 92.91 -45.98 40.02
C GLN F 4160 92.08 -47.24 39.78
N GLN F 4161 91.67 -47.91 40.87
CA GLN F 4161 90.92 -49.15 40.74
C GLN F 4161 89.55 -48.90 40.12
N VAL F 4162 88.90 -47.80 40.49
CA VAL F 4162 87.59 -47.49 39.93
C VAL F 4162 87.67 -47.32 38.43
N LEU F 4163 88.67 -46.56 37.97
CA LEU F 4163 88.82 -46.33 36.54
C LEU F 4163 89.22 -47.59 35.81
N ASP F 4164 90.04 -48.45 36.45
CA ASP F 4164 90.40 -49.70 35.82
C ASP F 4164 89.18 -50.60 35.63
N LEU F 4165 88.32 -50.70 36.64
CA LEU F 4165 87.12 -51.51 36.51
C LEU F 4165 86.17 -50.93 35.47
N LEU F 4166 86.01 -49.60 35.46
CA LEU F 4166 85.13 -48.98 34.48
C LEU F 4166 85.66 -49.14 33.06
N THR F 4167 86.98 -49.17 32.89
CA THR F 4167 87.55 -49.47 31.58
C THR F 4167 87.33 -50.92 31.21
N SER F 4168 87.40 -51.82 32.19
CA SER F 4168 87.07 -53.22 31.92
C SER F 4168 85.63 -53.37 31.47
N TYR F 4169 84.74 -52.52 31.97
CA TYR F 4169 83.34 -52.53 31.55
C TYR F 4169 83.10 -51.97 30.15
N LEU F 4170 84.15 -51.72 29.37
CA LEU F 4170 83.98 -51.02 28.09
C LEU F 4170 83.26 -51.87 27.06
N ASP F 4171 83.35 -53.20 27.16
CA ASP F 4171 82.80 -54.06 26.12
C ASP F 4171 81.28 -54.18 26.18
N GLU F 4172 80.64 -53.64 27.22
CA GLU F 4172 79.20 -53.74 27.38
C GLU F 4172 78.42 -52.71 26.58
N LEU F 4173 79.10 -51.79 25.90
CA LEU F 4173 78.40 -50.75 25.16
C LEU F 4173 77.53 -51.31 24.05
N SER F 4174 77.94 -52.43 23.45
CA SER F 4174 77.18 -53.00 22.34
C SER F 4174 75.92 -53.73 22.81
N ILE F 4175 76.00 -54.42 23.96
CA ILE F 4175 74.90 -55.25 24.41
C ILE F 4175 73.78 -54.41 25.00
N ALA F 4176 74.12 -53.25 25.57
CA ALA F 4176 73.20 -52.42 26.34
C ALA F 4176 73.20 -51.00 25.80
N GLY F 4177 72.98 -50.86 24.50
CA GLY F 4177 73.22 -49.63 23.77
C GLY F 4177 72.82 -48.33 24.43
N GLU F 4178 71.53 -48.06 24.62
CA GLU F 4178 71.14 -46.79 25.22
C GLU F 4178 71.22 -46.84 26.74
N CYS F 4179 71.13 -48.03 27.32
CA CYS F 4179 71.21 -48.17 28.77
C CYS F 4179 72.56 -47.75 29.33
N ALA F 4180 73.58 -47.62 28.48
CA ALA F 4180 74.89 -47.15 28.90
C ALA F 4180 74.97 -45.63 28.99
N ALA F 4181 73.90 -44.92 28.63
CA ALA F 4181 73.94 -43.47 28.59
C ALA F 4181 74.46 -42.87 29.89
N GLU F 4182 74.05 -43.42 31.03
CA GLU F 4182 74.56 -42.94 32.31
C GLU F 4182 76.02 -43.30 32.49
N TYR F 4183 76.37 -44.57 32.26
CA TYR F 4183 77.71 -45.06 32.54
C TYR F 4183 78.76 -44.22 31.83
N LEU F 4184 78.58 -44.03 30.52
CA LEU F 4184 79.49 -43.21 29.75
C LEU F 4184 79.62 -41.82 30.36
N ALA F 4185 78.47 -41.21 30.69
CA ALA F 4185 78.48 -39.85 31.24
C ALA F 4185 79.28 -39.77 32.53
N LEU F 4186 79.47 -40.89 33.22
CA LEU F 4186 80.33 -40.87 34.39
C LEU F 4186 81.79 -41.08 34.01
N TYR F 4187 82.05 -42.05 33.12
CA TYR F 4187 83.42 -42.33 32.70
C TYR F 4187 84.11 -41.07 32.21
N GLN F 4188 83.47 -40.36 31.27
CA GLN F 4188 84.04 -39.13 30.75
C GLN F 4188 84.34 -38.13 31.84
N LYS F 4189 83.49 -38.07 32.88
CA LYS F 4189 83.75 -37.15 33.97
C LYS F 4189 84.97 -37.57 34.79
N LEU F 4190 85.16 -38.88 34.98
CA LEU F 4190 86.26 -39.34 35.83
C LEU F 4190 87.61 -39.26 35.13
N ILE F 4191 87.64 -39.14 33.82
CA ILE F 4191 88.88 -39.00 33.06
C ILE F 4191 88.99 -37.63 32.42
N THR F 4192 88.24 -36.64 32.91
CA THR F 4192 88.23 -35.32 32.28
C THR F 4192 89.55 -34.59 32.41
N SER F 4193 90.43 -35.03 33.30
CA SER F 4193 91.74 -34.42 33.44
C SER F 4193 92.77 -35.12 32.54
N ALA F 4194 93.81 -34.37 32.18
CA ALA F 4194 94.77 -34.86 31.20
C ALA F 4194 95.56 -36.06 31.72
N HIS F 4195 96.02 -36.01 32.98
CA HIS F 4195 96.89 -37.07 33.46
C HIS F 4195 96.16 -38.40 33.57
N TRP F 4196 94.86 -38.38 33.85
CA TRP F 4196 94.11 -39.63 33.85
C TRP F 4196 94.02 -40.23 32.45
N LYS F 4197 93.81 -39.38 31.44
CA LYS F 4197 93.82 -39.86 30.06
C LYS F 4197 95.16 -40.46 29.69
N VAL F 4198 96.26 -39.79 30.05
CA VAL F 4198 97.56 -40.32 29.66
C VAL F 4198 97.88 -41.59 30.45
N TYR F 4199 97.40 -41.68 31.69
CA TYR F 4199 97.56 -42.93 32.45
C TYR F 4199 96.83 -44.07 31.78
N LEU F 4200 95.58 -43.84 31.38
CA LEU F 4200 94.81 -44.90 30.72
C LEU F 4200 95.45 -45.29 29.40
N ALA F 4201 95.98 -44.31 28.65
CA ALA F 4201 96.70 -44.61 27.43
C ALA F 4201 97.93 -45.46 27.71
N ALA F 4202 98.64 -45.16 28.80
CA ALA F 4202 99.83 -45.93 29.16
C ALA F 4202 99.50 -47.38 29.51
N ARG F 4203 98.25 -47.66 29.89
CA ARG F 4203 97.84 -49.02 30.24
C ARG F 4203 97.30 -49.80 29.05
N GLY F 4204 97.24 -49.20 27.87
CA GLY F 4204 96.87 -49.92 26.67
C GLY F 4204 95.37 -50.01 26.44
N VAL F 4205 94.68 -48.87 26.49
CA VAL F 4205 93.26 -48.84 26.19
C VAL F 4205 92.97 -48.49 24.73
N LEU F 4206 93.92 -47.85 24.04
CA LEU F 4206 93.70 -47.50 22.64
C LEU F 4206 93.50 -48.71 21.74
N PRO F 4207 94.35 -49.74 21.78
CA PRO F 4207 94.04 -50.94 20.99
C PRO F 4207 92.72 -51.58 21.37
N TYR F 4208 92.35 -51.51 22.65
CA TYR F 4208 91.08 -52.08 23.09
C TYR F 4208 89.90 -51.39 22.41
N VAL F 4209 89.88 -50.06 22.45
CA VAL F 4209 88.80 -49.29 21.82
C VAL F 4209 88.81 -49.50 20.31
N GLY F 4210 90.00 -49.51 19.70
CA GLY F 4210 90.07 -49.74 18.27
C GLY F 4210 89.53 -51.10 17.87
N ASN F 4211 89.86 -52.14 18.64
CA ASN F 4211 89.34 -53.47 18.37
C ASN F 4211 87.83 -53.51 18.54
N LEU F 4212 87.31 -52.84 19.56
CA LEU F 4212 85.86 -52.78 19.74
C LEU F 4212 85.19 -52.12 18.54
N ILE F 4213 85.77 -51.02 18.06
CA ILE F 4213 85.20 -50.31 16.91
C ILE F 4213 85.21 -51.21 15.68
N THR F 4214 86.33 -51.88 15.42
CA THR F 4214 86.41 -52.76 14.25
C THR F 4214 85.40 -53.89 14.36
N LYS F 4215 85.26 -54.48 15.55
CA LYS F 4215 84.33 -55.58 15.72
C LYS F 4215 82.89 -55.14 15.47
N GLU F 4216 82.49 -53.98 16.01
CA GLU F 4216 81.12 -53.56 15.82
C GLU F 4216 80.86 -53.12 14.38
N ILE F 4217 81.87 -52.55 13.71
CA ILE F 4217 81.72 -52.22 12.29
C ILE F 4217 81.54 -53.48 11.46
N ALA F 4218 82.30 -54.53 11.78
CA ALA F 4218 82.14 -55.80 11.08
C ALA F 4218 80.73 -56.37 11.32
N ARG F 4219 80.24 -56.28 12.56
CA ARG F 4219 78.88 -56.74 12.82
C ARG F 4219 77.85 -55.93 12.03
N LEU F 4220 78.05 -54.62 11.95
CA LEU F 4220 77.14 -53.78 11.18
C LEU F 4220 77.12 -54.18 9.71
N LEU F 4221 78.30 -54.42 9.12
CA LEU F 4221 78.34 -54.84 7.73
C LEU F 4221 77.68 -56.19 7.53
N ALA F 4222 77.91 -57.13 8.45
CA ALA F 4222 77.29 -58.45 8.35
C ALA F 4222 75.78 -58.35 8.41
N LEU F 4223 75.25 -57.51 9.31
CA LEU F 4223 73.80 -57.31 9.38
C LEU F 4223 73.28 -56.64 8.13
N GLU F 4224 74.02 -55.66 7.60
CA GLU F 4224 73.57 -54.94 6.41
C GLU F 4224 73.47 -55.85 5.21
N GLU F 4225 74.40 -56.80 5.09
CA GLU F 4225 74.40 -57.69 3.92
C GLU F 4225 73.14 -58.53 3.85
N ALA F 4226 72.65 -59.04 4.99
CA ALA F 4226 71.63 -60.08 4.99
C ALA F 4226 70.21 -59.52 5.06
N THR F 4227 69.87 -58.79 6.11
CA THR F 4227 68.48 -58.44 6.40
C THR F 4227 68.21 -56.98 6.06
N LEU F 4228 66.98 -56.55 6.34
CA LEU F 4228 66.51 -55.21 6.02
C LEU F 4228 65.76 -54.57 7.20
N SER F 4229 65.81 -55.18 8.37
CA SER F 4229 65.07 -54.67 9.51
C SER F 4229 65.66 -53.34 9.99
N THR F 4230 64.84 -52.58 10.72
CA THR F 4230 65.23 -51.28 11.23
C THR F 4230 65.55 -51.38 12.72
N ASP F 4231 66.39 -50.46 13.18
CA ASP F 4231 66.79 -50.39 14.60
C ASP F 4231 67.05 -48.93 14.93
N LEU F 4232 66.17 -48.34 15.74
CA LEU F 4232 66.25 -46.92 16.04
C LEU F 4232 67.47 -46.55 16.87
N GLN F 4233 68.15 -47.51 17.48
CA GLN F 4233 69.33 -47.26 18.30
C GLN F 4233 70.62 -47.65 17.59
N GLN F 4234 70.57 -47.93 16.28
CA GLN F 4234 71.74 -48.36 15.56
C GLN F 4234 72.82 -47.29 15.56
N GLY F 4235 74.06 -47.71 15.78
CA GLY F 4235 75.20 -46.82 15.73
C GLY F 4235 75.48 -46.04 16.99
N TYR F 4236 74.68 -46.19 18.04
CA TYR F 4236 74.92 -45.45 19.27
C TYR F 4236 76.23 -45.89 19.93
N ALA F 4237 76.46 -47.19 20.01
CA ALA F 4237 77.68 -47.69 20.63
C ALA F 4237 78.91 -47.27 19.83
N LEU F 4238 78.83 -47.36 18.50
CA LEU F 4238 79.96 -46.94 17.67
C LEU F 4238 80.22 -45.45 17.81
N LYS F 4239 79.16 -44.65 17.83
CA LYS F 4239 79.31 -43.21 18.04
C LYS F 4239 80.01 -42.92 19.37
N SER F 4240 79.58 -43.61 20.42
CA SER F 4240 80.18 -43.41 21.74
C SER F 4240 81.65 -43.81 21.75
N LEU F 4241 81.97 -44.96 21.16
CA LEU F 4241 83.35 -45.44 21.15
C LEU F 4241 84.25 -44.49 20.35
N THR F 4242 83.77 -44.01 19.20
CA THR F 4242 84.57 -43.08 18.41
C THR F 4242 84.76 -41.76 19.16
N GLY F 4243 83.72 -41.27 19.83
CA GLY F 4243 83.89 -40.07 20.63
C GLY F 4243 84.88 -40.26 21.75
N LEU F 4244 84.86 -41.42 22.40
CA LEU F 4244 85.82 -41.70 23.46
C LEU F 4244 87.25 -41.76 22.92
N LEU F 4245 87.42 -42.37 21.73
CA LEU F 4245 88.74 -42.40 21.13
C LEU F 4245 89.22 -41.00 20.78
N SER F 4246 88.34 -40.15 20.26
CA SER F 4246 88.71 -38.77 19.98
C SER F 4246 89.09 -38.04 21.27
N SER F 4247 88.35 -38.30 22.35
CA SER F 4247 88.68 -37.70 23.63
C SER F 4247 90.06 -38.12 24.10
N PHE F 4248 90.41 -39.39 23.93
CA PHE F 4248 91.75 -39.85 24.26
C PHE F 4248 92.80 -39.23 23.36
N VAL F 4249 92.45 -38.94 22.11
CA VAL F 4249 93.44 -38.54 21.11
C VAL F 4249 93.76 -37.04 21.10
N GLU F 4250 92.79 -36.17 21.43
CA GLU F 4250 93.01 -34.74 21.19
C GLU F 4250 94.24 -34.22 21.92
N VAL F 4251 94.46 -34.65 23.17
CA VAL F 4251 95.62 -34.18 23.92
C VAL F 4251 96.89 -34.68 23.25
N GLU F 4252 97.95 -33.86 23.33
CA GLU F 4252 99.03 -33.94 22.34
C GLU F 4252 99.94 -35.14 22.53
N SER F 4253 100.14 -35.60 23.77
CA SER F 4253 101.14 -36.65 24.00
C SER F 4253 100.77 -37.93 23.28
N ILE F 4254 99.53 -38.39 23.44
CA ILE F 4254 99.11 -39.62 22.79
C ILE F 4254 98.99 -39.43 21.29
N LYS F 4255 98.54 -38.26 20.84
CA LYS F 4255 98.44 -38.01 19.41
C LYS F 4255 99.81 -38.11 18.74
N ARG F 4256 100.85 -37.55 19.38
CA ARG F 4256 102.19 -37.66 18.83
C ARG F 4256 102.75 -39.07 18.99
N HIS F 4257 102.35 -39.79 20.03
CA HIS F 4257 102.97 -41.06 20.36
C HIS F 4257 102.24 -42.26 19.74
N PHE F 4258 100.91 -42.18 19.61
CA PHE F 4258 100.10 -43.34 19.27
C PHE F 4258 99.55 -43.28 17.86
N LYS F 4259 100.02 -42.35 17.03
CA LYS F 4259 99.51 -42.24 15.67
C LYS F 4259 99.93 -43.41 14.80
N SER F 4260 101.16 -43.94 14.99
CA SER F 4260 101.69 -44.93 14.06
C SER F 4260 100.96 -46.27 14.13
N ARG F 4261 100.17 -46.51 15.18
CA ARG F 4261 99.46 -47.77 15.33
C ARG F 4261 97.97 -47.67 15.04
N LEU F 4262 97.39 -46.46 15.08
CA LEU F 4262 95.95 -46.30 14.93
C LEU F 4262 95.51 -45.87 13.54
N VAL F 4263 96.43 -45.63 12.61
CA VAL F 4263 96.03 -45.18 11.28
C VAL F 4263 95.32 -46.31 10.53
N GLY F 4264 95.82 -47.54 10.66
CA GLY F 4264 95.21 -48.65 9.93
C GLY F 4264 93.77 -48.90 10.37
N THR F 4265 93.55 -48.93 11.68
CA THR F 4265 92.20 -49.14 12.20
C THR F 4265 91.25 -48.05 11.75
N VAL F 4266 91.69 -46.79 11.85
CA VAL F 4266 90.83 -45.67 11.51
C VAL F 4266 90.48 -45.69 10.03
N LEU F 4267 91.48 -45.91 9.17
CA LEU F 4267 91.23 -45.90 7.74
C LEU F 4267 90.35 -47.09 7.32
N ASN F 4268 90.62 -48.27 7.87
CA ASN F 4268 89.79 -49.42 7.54
C ASN F 4268 88.35 -49.21 7.98
N GLY F 4269 88.15 -48.66 9.18
CA GLY F 4269 86.80 -48.39 9.65
C GLY F 4269 86.10 -47.35 8.78
N TYR F 4270 86.83 -46.29 8.39
CA TYR F 4270 86.23 -45.27 7.54
C TYR F 4270 85.81 -45.84 6.20
N LEU F 4271 86.65 -46.66 5.58
CA LEU F 4271 86.28 -47.25 4.30
C LEU F 4271 85.09 -48.19 4.45
N CYS F 4272 85.10 -49.03 5.49
CA CYS F 4272 84.00 -49.95 5.70
C CYS F 4272 82.68 -49.21 5.93
N LEU F 4273 82.73 -48.12 6.72
CA LEU F 4273 81.53 -47.32 6.93
C LEU F 4273 81.07 -46.65 5.64
N ARG F 4274 82.02 -46.17 4.83
CA ARG F 4274 81.66 -45.59 3.54
C ARG F 4274 80.98 -46.61 2.64
N LYS F 4275 81.35 -47.88 2.76
CA LYS F 4275 80.72 -48.93 1.94
C LYS F 4275 79.23 -49.07 2.24
N LEU F 4276 78.77 -48.67 3.42
CA LEU F 4276 77.36 -48.79 3.77
C LEU F 4276 76.48 -48.04 2.78
N VAL F 4277 75.38 -48.68 2.36
CA VAL F 4277 74.47 -48.06 1.40
C VAL F 4277 73.02 -48.09 1.84
N VAL F 4278 72.59 -48.99 2.73
CA VAL F 4278 71.18 -49.13 3.09
C VAL F 4278 70.97 -48.99 4.59
N GLN F 4279 71.78 -49.69 5.40
CA GLN F 4279 71.68 -49.62 6.85
C GLN F 4279 72.52 -48.45 7.38
N ARG F 4280 72.05 -47.25 7.07
CA ARG F 4280 72.76 -46.02 7.41
C ARG F 4280 71.83 -45.09 8.17
N THR F 4281 72.32 -44.55 9.28
CA THR F 4281 71.57 -43.61 10.11
C THR F 4281 72.40 -42.36 10.33
N LYS F 4282 71.84 -41.41 11.09
CA LYS F 4282 72.55 -40.18 11.39
C LYS F 4282 73.78 -40.46 12.25
N LEU F 4283 73.67 -41.39 13.19
CA LEU F 4283 74.80 -41.72 14.06
C LEU F 4283 75.97 -42.27 13.25
N ILE F 4284 75.68 -43.12 12.27
CA ILE F 4284 76.74 -43.66 11.43
C ILE F 4284 77.39 -42.55 10.60
N ASP F 4285 76.59 -41.61 10.10
CA ASP F 4285 77.15 -40.49 9.35
C ASP F 4285 78.05 -39.63 10.23
N GLU F 4286 77.62 -39.34 11.46
CA GLU F 4286 78.46 -38.56 12.37
C GLU F 4286 79.73 -39.32 12.70
N THR F 4287 79.64 -40.63 12.88
CA THR F 4287 80.83 -41.43 13.13
C THR F 4287 81.80 -41.37 11.96
N GLN F 4288 81.27 -41.47 10.73
CA GLN F 4288 82.13 -41.39 9.56
C GLN F 4288 82.81 -40.03 9.47
N ASP F 4289 82.08 -38.96 9.75
CA ASP F 4289 82.66 -37.62 9.74
C ASP F 4289 83.77 -37.50 10.79
N MET F 4290 83.52 -38.01 12.00
CA MET F 4290 84.53 -37.94 13.05
C MET F 4290 85.74 -38.78 12.69
N LEU F 4291 85.52 -39.93 12.07
CA LEU F 4291 86.63 -40.79 11.66
C LEU F 4291 87.48 -40.12 10.59
N LEU F 4292 86.85 -39.44 9.64
CA LEU F 4292 87.59 -38.71 8.62
C LEU F 4292 88.37 -37.56 9.25
N GLU F 4293 87.78 -36.87 10.22
CA GLU F 4293 88.51 -35.81 10.92
C GLU F 4293 89.70 -36.37 11.66
N MET F 4294 89.53 -37.55 12.28
CA MET F 4294 90.65 -38.25 12.92
C MET F 4294 91.75 -38.52 11.91
N LEU F 4295 91.38 -39.04 10.74
CA LEU F 4295 92.36 -39.37 9.72
C LEU F 4295 93.13 -38.12 9.27
N GLU F 4296 92.42 -37.01 9.07
CA GLU F 4296 93.10 -35.79 8.64
C GLU F 4296 93.98 -35.23 9.74
N ASP F 4297 93.56 -35.35 11.00
CA ASP F 4297 94.40 -34.87 12.10
C ASP F 4297 95.67 -35.70 12.23
N MET F 4298 95.55 -37.02 12.08
CA MET F 4298 96.71 -37.90 12.28
C MET F 4298 97.74 -37.76 11.17
N THR F 4299 97.30 -37.51 9.94
CA THR F 4299 98.22 -37.44 8.81
C THR F 4299 98.71 -36.02 8.56
N THR F 4300 99.31 -35.41 9.58
CA THR F 4300 99.94 -34.09 9.47
C THR F 4300 101.13 -34.09 10.41
N GLY F 4301 102.31 -34.41 9.88
CA GLY F 4301 103.50 -34.49 10.72
C GLY F 4301 104.81 -34.56 9.95
N THR F 4302 105.73 -35.39 10.46
CA THR F 4302 107.07 -35.49 9.91
C THR F 4302 107.08 -36.40 8.68
N GLU F 4303 108.28 -36.58 8.11
CA GLU F 4303 108.42 -37.39 6.91
C GLU F 4303 108.40 -38.88 7.22
N SER F 4304 109.02 -39.31 8.33
CA SER F 4304 109.06 -40.72 8.67
C SER F 4304 107.67 -41.27 8.94
N GLU F 4305 106.85 -40.51 9.68
CA GLU F 4305 105.48 -40.93 9.94
C GLU F 4305 104.67 -40.96 8.66
N THR F 4306 104.93 -40.03 7.74
CA THR F 4306 104.27 -40.05 6.43
C THR F 4306 104.63 -41.32 5.67
N LYS F 4307 105.91 -41.68 5.64
CA LYS F 4307 106.33 -42.90 4.96
C LYS F 4307 105.69 -44.14 5.58
N ALA F 4308 105.64 -44.18 6.92
CA ALA F 4308 104.98 -45.31 7.58
C ALA F 4308 103.49 -45.37 7.24
N PHE F 4309 102.84 -44.21 7.19
CA PHE F 4309 101.41 -44.19 6.88
C PHE F 4309 101.15 -44.67 5.46
N MET F 4310 102.00 -44.29 4.51
CA MET F 4310 101.79 -44.79 3.14
C MET F 4310 102.13 -46.27 3.03
N ALA F 4311 103.12 -46.73 3.80
CA ALA F 4311 103.39 -48.17 3.83
C ALA F 4311 102.16 -48.93 4.31
N VAL F 4312 101.56 -48.49 5.41
CA VAL F 4312 100.37 -49.18 5.92
C VAL F 4312 99.18 -48.98 4.98
N CYS F 4313 99.13 -47.84 4.27
CA CYS F 4313 98.04 -47.61 3.32
C CYS F 4313 98.12 -48.60 2.16
N ILE F 4314 99.33 -48.83 1.64
CA ILE F 4314 99.51 -49.87 0.63
C ILE F 4314 99.18 -51.24 1.22
N GLU F 4315 99.52 -51.45 2.49
CA GLU F 4315 99.21 -52.73 3.13
C GLU F 4315 97.71 -53.00 3.14
N THR F 4316 96.91 -52.00 3.53
CA THR F 4316 95.45 -52.19 3.52
C THR F 4316 94.89 -52.18 2.11
N ALA F 4317 95.59 -51.56 1.15
CA ALA F 4317 95.19 -51.70 -0.24
C ALA F 4317 95.38 -53.13 -0.74
N LYS F 4318 96.38 -53.82 -0.20
CA LYS F 4318 96.65 -55.19 -0.64
C LYS F 4318 95.50 -56.13 -0.32
N ARG F 4319 94.97 -56.07 0.90
CA ARG F 4319 93.98 -57.05 1.33
C ARG F 4319 92.68 -56.96 0.52
N TYR F 4320 92.36 -55.79 -0.02
CA TYR F 4320 91.19 -55.68 -0.89
C TYR F 4320 91.46 -56.42 -2.20
N ASN F 4321 90.40 -57.01 -2.75
CA ASN F 4321 90.53 -57.88 -3.91
C ASN F 4321 90.78 -57.05 -5.17
N LEU F 4322 90.76 -57.73 -6.32
CA LEU F 4322 90.92 -57.06 -7.61
C LEU F 4322 89.59 -56.67 -8.24
N ASP F 4323 88.47 -57.08 -7.66
CA ASP F 4323 87.16 -56.79 -8.26
C ASP F 4323 86.50 -55.55 -7.67
N ASP F 4324 86.70 -55.28 -6.38
CA ASP F 4324 86.15 -54.07 -5.78
C ASP F 4324 86.79 -52.84 -6.41
N TYR F 4325 85.96 -51.88 -6.82
CA TYR F 4325 86.41 -50.73 -7.60
C TYR F 4325 86.12 -49.41 -6.90
N ARG F 4326 85.91 -49.43 -5.58
CA ARG F 4326 85.55 -48.22 -4.84
C ARG F 4326 86.63 -47.80 -3.85
N THR F 4327 87.02 -48.68 -2.93
CA THR F 4327 88.03 -48.32 -1.94
C THR F 4327 89.39 -47.99 -2.54
N PRO F 4328 89.93 -48.73 -3.53
CA PRO F 4328 91.22 -48.30 -4.10
C PRO F 4328 91.15 -46.91 -4.71
N VAL F 4329 89.99 -46.50 -5.20
CA VAL F 4329 89.84 -45.15 -5.71
C VAL F 4329 90.18 -44.14 -4.61
N PHE F 4330 89.59 -44.31 -3.43
CA PHE F 4330 89.86 -43.40 -2.33
C PHE F 4330 91.31 -43.49 -1.88
N ILE F 4331 91.85 -44.71 -1.79
CA ILE F 4331 93.22 -44.88 -1.32
C ILE F 4331 94.19 -44.14 -2.25
N PHE F 4332 94.05 -44.34 -3.56
CA PHE F 4332 94.98 -43.74 -4.49
C PHE F 4332 94.73 -42.25 -4.70
N GLU F 4333 93.48 -41.78 -4.55
CA GLU F 4333 93.28 -40.32 -4.62
C GLU F 4333 93.84 -39.64 -3.39
N ARG F 4334 93.77 -40.27 -2.22
CA ARG F 4334 94.45 -39.74 -1.05
C ARG F 4334 95.97 -39.72 -1.27
N LEU F 4335 96.50 -40.81 -1.83
CA LEU F 4335 97.92 -40.84 -2.15
C LEU F 4335 98.31 -39.69 -3.07
N CYS F 4336 97.54 -39.48 -4.14
CA CYS F 4336 97.88 -38.43 -5.10
C CYS F 4336 97.71 -37.04 -4.50
N SER F 4337 96.67 -36.84 -3.68
CA SER F 4337 96.46 -35.54 -3.06
C SER F 4337 97.60 -35.18 -2.12
N ILE F 4338 98.06 -36.15 -1.32
CA ILE F 4338 99.16 -35.84 -0.41
C ILE F 4338 100.51 -35.93 -1.13
N ILE F 4339 100.53 -36.45 -2.36
CA ILE F 4339 101.75 -36.41 -3.17
C ILE F 4339 102.15 -34.97 -3.40
N TYR F 4340 101.30 -34.22 -4.08
CA TYR F 4340 101.47 -32.79 -4.29
C TYR F 4340 100.31 -32.09 -3.62
N PRO F 4341 100.53 -31.31 -2.57
CA PRO F 4341 99.41 -30.69 -1.84
C PRO F 4341 98.59 -29.82 -2.78
N GLU F 4342 97.32 -30.18 -2.95
CA GLU F 4342 96.45 -29.49 -3.88
C GLU F 4342 96.26 -28.05 -3.44
N GLU F 4343 96.29 -27.14 -4.41
CA GLU F 4343 96.07 -25.73 -4.17
C GLU F 4343 94.67 -25.38 -4.62
N ASN F 4344 93.91 -24.73 -3.74
CA ASN F 4344 92.48 -24.52 -3.96
C ASN F 4344 92.30 -23.58 -5.14
N GLU F 4345 91.94 -24.16 -6.29
CA GLU F 4345 91.63 -23.39 -7.50
C GLU F 4345 90.12 -23.32 -7.61
N VAL F 4346 89.53 -22.37 -6.89
CA VAL F 4346 88.08 -22.27 -6.80
C VAL F 4346 87.52 -21.89 -8.17
N THR F 4347 86.52 -22.66 -8.63
CA THR F 4347 85.90 -22.36 -9.91
C THR F 4347 85.07 -21.08 -9.84
N GLU F 4348 84.65 -20.68 -8.64
CA GLU F 4348 83.82 -19.48 -8.46
C GLU F 4348 84.33 -18.76 -7.21
N PHE F 4349 85.21 -17.80 -7.40
CA PHE F 4349 85.68 -16.93 -6.32
C PHE F 4349 85.24 -15.50 -6.62
N PHE F 4350 84.71 -14.83 -5.59
CA PHE F 4350 84.20 -13.48 -5.77
C PHE F 4350 85.35 -12.49 -5.96
N VAL F 4351 85.24 -11.64 -6.97
CA VAL F 4351 86.22 -10.61 -7.26
C VAL F 4351 85.54 -9.25 -7.12
N THR F 4352 86.03 -8.44 -6.19
CA THR F 4352 85.49 -7.10 -5.94
C THR F 4352 86.39 -6.07 -6.62
N LEU F 4353 85.81 -5.30 -7.53
CA LEU F 4353 86.53 -4.28 -8.27
C LEU F 4353 86.01 -2.92 -7.84
N GLU F 4354 86.79 -2.20 -7.05
CA GLU F 4354 86.38 -0.94 -6.45
C GLU F 4354 87.21 0.22 -7.00
N LYS F 4355 86.62 1.41 -7.01
CA LYS F 4355 87.30 2.59 -7.48
C LYS F 4355 88.38 3.02 -6.49
N ASP F 4356 89.34 3.79 -7.00
CA ASP F 4356 90.37 4.37 -6.14
C ASP F 4356 89.78 5.55 -5.38
N PRO F 4357 89.85 5.56 -4.05
CA PRO F 4357 89.29 6.71 -3.31
C PRO F 4357 89.91 8.03 -3.69
N GLN F 4358 91.20 8.06 -4.03
CA GLN F 4358 91.84 9.28 -4.49
C GLN F 4358 91.53 9.61 -5.94
N GLN F 4359 90.99 8.66 -6.70
CA GLN F 4359 90.63 8.87 -8.10
C GLN F 4359 89.16 8.57 -8.36
N GLU F 4360 88.32 8.61 -7.33
CA GLU F 4360 86.90 8.31 -7.51
C GLU F 4360 86.22 9.33 -8.42
N ASP F 4361 86.55 10.61 -8.25
CA ASP F 4361 85.93 11.66 -9.06
C ASP F 4361 86.29 11.51 -10.54
N PHE F 4362 87.55 11.18 -10.82
CA PHE F 4362 88.00 11.12 -12.21
C PHE F 4362 87.38 9.94 -12.95
N LEU F 4363 87.19 8.82 -12.26
CA LEU F 4363 86.61 7.64 -12.89
C LEU F 4363 85.14 7.89 -13.23
N GLN F 4364 84.72 7.36 -14.38
CA GLN F 4364 83.37 7.56 -14.89
C GLN F 4364 82.59 6.27 -14.82
N GLY F 4365 81.38 6.33 -14.24
CA GLY F 4365 80.51 5.18 -14.18
C GLY F 4365 80.80 4.24 -13.04
N ARG F 4366 79.78 3.86 -12.29
CA ARG F 4366 79.92 2.95 -11.16
C ARG F 4366 79.57 1.53 -11.58
N MET F 4367 80.28 0.57 -11.00
CA MET F 4367 80.10 -0.83 -11.34
C MET F 4367 79.24 -1.51 -10.27
N PRO F 4368 78.03 -1.94 -10.58
CA PRO F 4368 77.18 -2.59 -9.59
C PRO F 4368 77.32 -4.10 -9.50
N GLY F 4369 78.18 -4.70 -10.33
CA GLY F 4369 78.34 -6.14 -10.32
C GLY F 4369 79.25 -6.69 -9.26
N ASN F 4370 79.83 -5.84 -8.42
CA ASN F 4370 80.71 -6.32 -7.36
C ASN F 4370 79.92 -7.07 -6.30
N PRO F 4371 80.41 -8.22 -5.83
CA PRO F 4371 81.64 -8.91 -6.25
C PRO F 4371 81.44 -9.71 -7.54
N TYR F 4372 82.49 -9.86 -8.34
CA TYR F 4372 82.39 -10.52 -9.64
C TYR F 4372 82.81 -11.98 -9.51
N SER F 4373 81.97 -12.88 -10.02
CA SER F 4373 82.28 -14.29 -10.03
C SER F 4373 83.28 -14.62 -11.13
N SER F 4374 84.16 -15.59 -10.86
CA SER F 4374 85.15 -16.01 -11.84
C SER F 4374 84.49 -16.66 -13.06
N ASN F 4375 83.43 -17.43 -12.82
CA ASN F 4375 82.74 -18.09 -13.93
C ASN F 4375 82.08 -17.11 -14.88
N GLU F 4376 81.77 -15.90 -14.42
CA GLU F 4376 81.18 -14.90 -15.29
C GLU F 4376 82.18 -14.46 -16.36
N PRO F 4377 81.72 -14.16 -17.57
CA PRO F 4377 82.64 -13.71 -18.62
C PRO F 4377 83.27 -12.38 -18.27
N GLY F 4378 84.50 -12.19 -18.74
CA GLY F 4378 85.25 -10.99 -18.48
C GLY F 4378 86.11 -11.05 -17.23
N ILE F 4379 86.01 -12.11 -16.43
CA ILE F 4379 86.83 -12.29 -15.24
C ILE F 4379 87.62 -13.58 -15.44
N GLY F 4380 88.88 -13.45 -15.78
CA GLY F 4380 89.73 -14.60 -16.03
C GLY F 4380 89.75 -15.00 -17.49
N PRO F 4381 90.70 -15.86 -17.87
CA PRO F 4381 91.74 -16.47 -17.04
C PRO F 4381 92.93 -15.54 -16.82
N LEU F 4382 92.97 -14.42 -17.54
CA LEU F 4382 94.01 -13.42 -17.40
C LEU F 4382 93.38 -12.12 -16.91
N MET F 4383 94.10 -11.39 -16.06
CA MET F 4383 93.57 -10.14 -15.51
C MET F 4383 93.46 -9.05 -16.56
N ARG F 4384 94.04 -9.24 -17.75
CA ARG F 4384 93.76 -8.34 -18.86
C ARG F 4384 92.28 -8.41 -19.23
N ASP F 4385 91.69 -9.59 -19.18
CA ASP F 4385 90.24 -9.72 -19.38
C ASP F 4385 89.48 -8.97 -18.28
N ILE F 4386 89.99 -9.01 -17.05
CA ILE F 4386 89.36 -8.27 -15.96
C ILE F 4386 89.41 -6.78 -16.23
N LYS F 4387 90.56 -6.29 -16.71
CA LYS F 4387 90.68 -4.88 -17.05
C LYS F 4387 89.74 -4.50 -18.18
N ASN F 4388 89.60 -5.37 -19.18
CA ASN F 4388 88.68 -5.11 -20.28
C ASN F 4388 87.24 -5.06 -19.78
N LYS F 4389 86.88 -5.98 -18.88
CA LYS F 4389 85.53 -5.96 -18.31
C LYS F 4389 85.29 -4.69 -17.49
N ILE F 4390 86.29 -4.25 -16.74
CA ILE F 4390 86.17 -3.01 -15.99
C ILE F 4390 85.95 -1.83 -16.93
N CYS F 4391 86.73 -1.77 -18.02
CA CYS F 4391 86.58 -0.69 -18.97
C CYS F 4391 85.21 -0.70 -19.63
N GLN F 4392 84.72 -1.90 -19.99
CA GLN F 4392 83.41 -2.00 -20.64
C GLN F 4392 82.29 -1.62 -19.68
N ASP F 4393 82.36 -2.08 -18.42
CA ASP F 4393 81.33 -1.75 -17.45
C ASP F 4393 81.32 -0.25 -17.13
N CYS F 4394 82.50 0.35 -17.02
CA CYS F 4394 82.63 1.77 -16.73
C CYS F 4394 82.64 2.63 -17.98
N ASP F 4395 82.40 2.04 -19.15
CA ASP F 4395 82.38 2.76 -20.43
C ASP F 4395 83.71 3.45 -20.71
N LEU F 4396 84.81 2.79 -20.33
CA LEU F 4396 86.15 3.28 -20.61
C LEU F 4396 86.62 2.72 -21.95
N VAL F 4397 86.00 3.22 -23.01
CA VAL F 4397 86.33 2.74 -24.36
C VAL F 4397 87.76 3.12 -24.72
N ALA F 4398 88.17 4.35 -24.41
CA ALA F 4398 89.53 4.79 -24.72
C ALA F 4398 90.56 4.00 -23.92
N LEU F 4399 90.29 3.75 -22.63
CA LEU F 4399 91.23 3.04 -21.78
C LEU F 4399 91.29 1.54 -22.07
N LEU F 4400 90.29 0.99 -22.76
CA LEU F 4400 90.31 -0.42 -23.11
C LEU F 4400 91.45 -0.71 -24.08
N GLU F 4401 91.68 0.18 -25.04
CA GLU F 4401 92.74 -0.05 -26.03
C GLU F 4401 94.12 0.09 -25.39
N ASP F 4402 94.28 1.00 -24.43
CA ASP F 4402 95.57 1.24 -23.80
C ASP F 4402 95.75 0.30 -22.62
N ASP F 4403 96.70 -0.62 -22.75
CA ASP F 4403 96.95 -1.60 -21.69
C ASP F 4403 97.67 -0.97 -20.50
N SER F 4404 98.66 -0.11 -20.76
CA SER F 4404 99.47 0.46 -19.69
C SER F 4404 98.90 1.75 -19.12
N GLY F 4405 97.82 2.29 -19.70
CA GLY F 4405 97.24 3.51 -19.18
C GLY F 4405 96.49 3.35 -17.88
N MET F 4406 96.09 2.12 -17.54
CA MET F 4406 95.33 1.83 -16.34
C MET F 4406 95.92 0.60 -15.68
N GLU F 4407 95.94 0.60 -14.34
CA GLU F 4407 96.58 -0.44 -13.57
C GLU F 4407 95.65 -0.95 -12.48
N LEU F 4408 95.86 -2.21 -12.10
CA LEU F 4408 95.10 -2.85 -11.03
C LEU F 4408 96.01 -3.05 -9.82
N LEU F 4409 95.56 -2.57 -8.66
CA LEU F 4409 96.30 -2.66 -7.42
C LEU F 4409 95.66 -3.70 -6.52
N VAL F 4410 96.47 -4.62 -6.02
CA VAL F 4410 96.04 -5.66 -5.08
C VAL F 4410 96.92 -5.54 -3.85
N ASN F 4411 96.29 -5.24 -2.70
CA ASN F 4411 97.01 -5.01 -1.45
C ASN F 4411 98.11 -3.96 -1.63
N ASN F 4412 97.77 -2.89 -2.36
CA ASN F 4412 98.70 -1.81 -2.68
C ASN F 4412 99.94 -2.34 -3.39
N LYS F 4413 99.73 -3.26 -4.34
CA LYS F 4413 100.82 -3.80 -5.15
C LYS F 4413 100.36 -3.88 -6.60
N ILE F 4414 101.30 -3.62 -7.51
CA ILE F 4414 101.02 -3.61 -8.94
C ILE F 4414 101.33 -4.97 -9.52
N ILE F 4415 100.43 -5.48 -10.37
CA ILE F 4415 100.56 -6.79 -10.98
C ILE F 4415 100.47 -6.63 -12.49
N SER F 4416 101.40 -7.24 -13.21
CA SER F 4416 101.39 -7.17 -14.67
C SER F 4416 100.14 -7.83 -15.23
N LEU F 4417 99.63 -7.25 -16.33
CA LEU F 4417 98.38 -7.73 -16.92
C LEU F 4417 98.46 -9.16 -17.41
N ASP F 4418 99.66 -9.64 -17.73
CA ASP F 4418 99.82 -10.98 -18.31
C ASP F 4418 99.68 -12.10 -17.28
N LEU F 4419 99.75 -11.78 -15.99
CA LEU F 4419 99.67 -12.82 -14.97
C LEU F 4419 98.23 -13.36 -14.87
N PRO F 4420 98.05 -14.65 -14.63
CA PRO F 4420 96.71 -15.21 -14.52
C PRO F 4420 96.00 -14.72 -13.27
N VAL F 4421 94.66 -14.70 -13.35
CA VAL F 4421 93.85 -14.25 -12.22
C VAL F 4421 93.98 -15.22 -11.05
N ALA F 4422 93.87 -16.52 -11.32
CA ALA F 4422 93.90 -17.51 -10.25
C ALA F 4422 95.25 -17.51 -9.54
N GLU F 4423 96.35 -17.44 -10.29
CA GLU F 4423 97.68 -17.44 -9.69
C GLU F 4423 97.89 -16.19 -8.85
N VAL F 4424 97.44 -15.04 -9.34
CA VAL F 4424 97.58 -13.79 -8.60
C VAL F 4424 96.77 -13.86 -7.30
N TYR F 4425 95.53 -14.34 -7.39
CA TYR F 4425 94.70 -14.45 -6.20
C TYR F 4425 95.30 -15.40 -5.17
N LYS F 4426 95.87 -16.52 -5.65
CA LYS F 4426 96.43 -17.51 -4.74
C LYS F 4426 97.75 -17.04 -4.12
N LYS F 4427 98.55 -16.25 -4.85
CA LYS F 4427 99.88 -15.88 -4.40
C LYS F 4427 99.96 -14.46 -3.85
N VAL F 4428 98.91 -13.66 -3.97
CA VAL F 4428 98.94 -12.29 -3.46
C VAL F 4428 97.84 -12.09 -2.43
N TRP F 4429 96.58 -12.27 -2.85
CA TRP F 4429 95.46 -12.02 -1.96
C TRP F 4429 95.37 -13.07 -0.87
N CYS F 4430 95.63 -14.34 -1.19
CA CYS F 4430 95.53 -15.42 -0.22
C CYS F 4430 96.62 -15.38 0.83
N THR F 4431 97.68 -14.59 0.62
CA THR F 4431 98.77 -14.55 1.59
C THR F 4431 98.39 -13.78 2.84
N THR F 4432 97.50 -12.79 2.72
CA THR F 4432 97.14 -11.96 3.86
C THR F 4432 95.63 -11.92 4.08
N ASN F 4433 94.86 -12.13 3.01
CA ASN F 4433 93.40 -12.02 3.06
C ASN F 4433 92.76 -13.29 2.50
N GLU F 4434 93.24 -14.44 2.97
CA GLU F 4434 92.64 -15.71 2.57
C GLU F 4434 91.21 -15.81 3.09
N GLY F 4435 90.31 -16.29 2.24
CA GLY F 4435 88.91 -16.37 2.58
C GLY F 4435 88.13 -15.09 2.43
N GLU F 4436 88.76 -14.03 1.93
CA GLU F 4436 88.13 -12.73 1.73
C GLU F 4436 87.91 -12.47 0.25
N PRO F 4437 86.94 -11.62 -0.09
CA PRO F 4437 86.69 -11.33 -1.52
C PRO F 4437 87.91 -10.73 -2.18
N MET F 4438 88.12 -11.10 -3.45
CA MET F 4438 89.25 -10.62 -4.22
C MET F 4438 89.07 -9.15 -4.53
N ARG F 4439 89.88 -8.29 -3.91
CA ARG F 4439 89.76 -6.85 -4.06
C ARG F 4439 90.81 -6.32 -5.03
N ILE F 4440 90.37 -5.54 -6.00
CA ILE F 4440 91.24 -4.91 -6.99
C ILE F 4440 90.84 -3.45 -7.10
N VAL F 4441 91.83 -2.55 -7.04
CA VAL F 4441 91.59 -1.12 -7.17
C VAL F 4441 92.13 -0.69 -8.53
N TYR F 4442 91.24 -0.22 -9.41
CA TYR F 4442 91.64 0.21 -10.74
C TYR F 4442 91.94 1.70 -10.73
N ARG F 4443 93.14 2.08 -11.17
CA ARG F 4443 93.54 3.48 -11.18
C ARG F 4443 94.30 3.79 -12.46
N MET F 4444 94.05 4.98 -13.00
CA MET F 4444 94.69 5.41 -14.23
C MET F 4444 96.09 5.96 -13.91
N ARG F 4445 97.04 5.68 -14.80
CA ARG F 4445 98.46 5.86 -14.53
C ARG F 4445 98.91 7.24 -15.01
N GLY F 4446 99.43 8.04 -14.08
CA GLY F 4446 100.06 9.30 -14.45
C GLY F 4446 99.65 10.53 -13.66
N LEU F 4447 98.37 10.62 -13.28
CA LEU F 4447 97.89 11.82 -12.61
C LEU F 4447 98.52 12.00 -11.24
N LEU F 4448 98.65 10.91 -10.47
CA LEU F 4448 99.18 10.97 -9.12
C LEU F 4448 100.69 10.76 -9.07
N GLY F 4449 101.41 11.11 -10.13
CA GLY F 4449 102.85 10.94 -10.15
C GLY F 4449 103.26 9.51 -10.43
N ASP F 4450 104.55 9.27 -10.28
CA ASP F 4450 105.10 7.94 -10.48
C ASP F 4450 104.59 6.99 -9.40
N ALA F 4451 104.29 5.76 -9.82
CA ALA F 4451 103.76 4.77 -8.89
C ALA F 4451 104.83 4.38 -7.87
N THR F 4452 104.43 4.31 -6.59
CA THR F 4452 105.33 3.93 -5.52
C THR F 4452 105.09 2.51 -5.02
N GLU F 4453 103.98 1.88 -5.41
CA GLU F 4453 103.69 0.52 -5.00
C GLU F 4453 104.57 -0.47 -5.73
N GLU F 4454 104.80 -1.62 -5.09
CA GLU F 4454 105.62 -2.66 -5.68
C GLU F 4454 104.94 -3.26 -6.91
N PHE F 4455 105.71 -3.49 -7.96
CA PHE F 4455 105.22 -4.07 -9.20
C PHE F 4455 105.68 -5.52 -9.29
N ILE F 4456 104.73 -6.44 -9.43
CA ILE F 4456 105.04 -7.86 -9.56
C ILE F 4456 104.81 -8.29 -11.01
N GLU F 4457 105.87 -8.25 -11.82
CA GLU F 4457 105.73 -8.62 -13.23
C GLU F 4457 105.40 -10.10 -13.38
N SER F 4458 106.09 -10.96 -12.63
CA SER F 4458 105.85 -12.39 -12.68
C SER F 4458 105.80 -12.95 -11.27
N LEU F 4459 105.07 -14.05 -11.11
CA LEU F 4459 104.94 -14.68 -9.81
C LEU F 4459 105.96 -15.80 -9.64
N ASP F 4460 106.21 -16.16 -8.39
CA ASP F 4460 107.17 -17.21 -8.06
C ASP F 4460 106.51 -18.56 -8.34
N SER F 4461 106.81 -19.13 -9.50
CA SER F 4461 106.27 -20.42 -9.86
C SER F 4461 106.91 -21.53 -9.04
N THR F 4462 106.33 -22.72 -9.11
CA THR F 4462 106.90 -23.87 -8.43
C THR F 4462 108.28 -24.20 -9.00
N THR F 4463 109.13 -24.76 -8.15
CA THR F 4463 110.51 -25.05 -8.55
C THR F 4463 110.52 -26.14 -9.62
N ASP F 4464 110.76 -25.75 -10.87
CA ASP F 4464 110.73 -26.67 -11.99
C ASP F 4464 112.08 -27.32 -12.27
N GLU F 4465 113.12 -26.94 -11.56
CA GLU F 4465 114.44 -27.52 -11.77
C GLU F 4465 114.52 -28.89 -11.12
N GLU F 4466 115.70 -29.49 -11.17
CA GLU F 4466 115.96 -30.77 -10.53
C GLU F 4466 116.62 -30.59 -9.17
N GLU F 4467 115.92 -29.94 -8.23
CA GLU F 4467 116.47 -29.71 -6.91
C GLU F 4467 116.73 -31.06 -6.25
N ASP F 4468 115.64 -31.76 -5.93
CA ASP F 4468 115.56 -33.18 -5.71
C ASP F 4468 114.26 -33.65 -6.34
N GLU F 4469 114.04 -33.22 -7.59
CA GLU F 4469 112.73 -32.82 -8.12
C GLU F 4469 111.57 -33.73 -7.74
N GLU F 4470 111.85 -34.98 -7.44
CA GLU F 4470 110.86 -35.80 -6.71
C GLU F 4470 110.94 -35.53 -5.21
N GLU F 4471 110.95 -34.24 -4.86
CA GLU F 4471 111.00 -33.80 -3.47
C GLU F 4471 109.65 -33.28 -2.97
N VAL F 4472 108.94 -32.51 -3.80
CA VAL F 4472 107.51 -32.37 -3.64
C VAL F 4472 106.79 -33.64 -4.07
N TYR F 4473 107.53 -34.58 -4.65
CA TYR F 4473 107.04 -35.92 -4.95
C TYR F 4473 107.87 -36.99 -4.22
N LYS F 4474 108.42 -36.64 -3.05
CA LYS F 4474 109.16 -37.61 -2.26
C LYS F 4474 108.29 -38.79 -1.88
N MET F 4475 106.99 -38.53 -1.66
CA MET F 4475 106.00 -39.56 -1.42
C MET F 4475 105.97 -40.57 -2.56
N ALA F 4476 106.19 -40.10 -3.79
CA ALA F 4476 106.11 -40.97 -4.95
C ALA F 4476 107.23 -42.00 -5.03
N GLY F 4477 108.27 -41.86 -4.20
CA GLY F 4477 109.29 -42.87 -4.12
C GLY F 4477 109.02 -43.86 -2.99
N VAL F 4478 108.10 -43.50 -2.10
CA VAL F 4478 107.90 -44.27 -0.86
C VAL F 4478 107.35 -45.66 -1.17
N MET F 4479 106.28 -45.73 -1.98
CA MET F 4479 105.73 -47.04 -2.29
C MET F 4479 106.59 -47.82 -3.26
N ALA F 4480 107.42 -47.13 -4.06
CA ALA F 4480 108.45 -47.84 -4.83
C ALA F 4480 109.45 -48.49 -3.90
N GLN F 4481 109.85 -47.80 -2.83
CA GLN F 4481 110.73 -48.39 -1.84
C GLN F 4481 110.07 -49.58 -1.14
N CYS F 4482 108.80 -49.44 -0.76
CA CYS F 4482 108.11 -50.51 -0.05
C CYS F 4482 107.51 -51.55 -0.99
N GLY F 4483 107.61 -51.35 -2.31
CA GLY F 4483 107.07 -52.29 -3.26
C GLY F 4483 105.58 -52.12 -3.52
N GLY F 4484 105.13 -50.87 -3.58
CA GLY F 4484 103.74 -50.59 -3.85
C GLY F 4484 103.42 -50.52 -5.33
N LEU F 4485 104.47 -50.38 -6.16
CA LEU F 4485 104.27 -50.22 -7.59
C LEU F 4485 103.50 -51.40 -8.18
N GLU F 4486 103.88 -52.62 -7.79
CA GLU F 4486 103.20 -53.80 -8.30
C GLU F 4486 101.74 -53.83 -7.89
N CYS F 4487 101.39 -53.19 -6.76
CA CYS F 4487 99.99 -53.16 -6.34
C CYS F 4487 99.11 -52.45 -7.35
N MET F 4488 99.45 -51.21 -7.70
CA MET F 4488 98.65 -50.52 -8.70
C MET F 4488 98.86 -51.10 -10.09
N LEU F 4489 100.01 -51.72 -10.36
CA LEU F 4489 100.17 -52.39 -11.64
C LEU F 4489 99.18 -53.55 -11.79
N ASN F 4490 99.03 -54.36 -10.75
CA ASN F 4490 97.99 -55.38 -10.76
C ASN F 4490 96.60 -54.76 -10.77
N ARG F 4491 96.46 -53.55 -10.22
CA ARG F 4491 95.17 -52.85 -10.33
C ARG F 4491 94.84 -52.54 -11.79
N LEU F 4492 95.82 -52.07 -12.57
CA LEU F 4492 95.62 -51.97 -14.02
C LEU F 4492 95.31 -53.33 -14.62
N ALA F 4493 96.05 -54.37 -14.20
CA ALA F 4493 95.81 -55.71 -14.73
C ALA F 4493 94.40 -56.19 -14.42
N GLY F 4494 93.80 -55.70 -13.34
CA GLY F 4494 92.45 -56.08 -12.98
C GLY F 4494 91.35 -55.31 -13.67
N ILE F 4495 91.70 -54.30 -14.47
CA ILE F 4495 90.70 -53.50 -15.19
C ILE F 4495 90.31 -54.25 -16.45
N ARG F 4496 89.03 -54.58 -16.58
CA ARG F 4496 88.49 -55.19 -17.78
C ARG F 4496 87.31 -54.42 -18.36
N ASP F 4497 86.92 -53.30 -17.75
CA ASP F 4497 85.79 -52.51 -18.20
C ASP F 4497 86.18 -51.03 -18.21
N PHE F 4498 85.54 -50.27 -19.10
CA PHE F 4498 85.75 -48.83 -19.18
C PHE F 4498 84.58 -48.03 -18.61
N LYS F 4499 83.35 -48.53 -18.76
CA LYS F 4499 82.19 -47.81 -18.26
C LYS F 4499 82.22 -47.67 -16.75
N GLN F 4500 82.56 -48.75 -16.05
CA GLN F 4500 82.60 -48.76 -14.58
C GLN F 4500 83.98 -48.51 -14.02
N GLY F 4501 84.97 -48.24 -14.87
CA GLY F 4501 86.32 -48.03 -14.38
C GLY F 4501 86.93 -46.72 -14.83
N ARG F 4502 86.10 -45.72 -15.14
CA ARG F 4502 86.65 -44.43 -15.56
C ARG F 4502 87.31 -43.69 -14.41
N HIS F 4503 86.67 -43.67 -13.24
CA HIS F 4503 87.23 -42.92 -12.12
C HIS F 4503 88.49 -43.58 -11.58
N LEU F 4504 88.47 -44.90 -11.41
CA LEU F 4504 89.66 -45.59 -10.90
C LEU F 4504 90.82 -45.45 -11.87
N LEU F 4505 90.55 -45.61 -13.17
CA LEU F 4505 91.59 -45.39 -14.17
C LEU F 4505 92.11 -43.97 -14.12
N THR F 4506 91.21 -42.99 -13.97
CA THR F 4506 91.63 -41.59 -13.96
C THR F 4506 92.57 -41.29 -12.80
N VAL F 4507 92.18 -41.71 -11.59
CA VAL F 4507 93.05 -41.44 -10.45
C VAL F 4507 94.35 -42.22 -10.56
N LEU F 4508 94.32 -43.44 -11.09
CA LEU F 4508 95.56 -44.22 -11.15
C LEU F 4508 96.50 -43.66 -12.21
N LEU F 4509 95.97 -43.25 -13.38
CA LEU F 4509 96.81 -42.61 -14.38
C LEU F 4509 97.38 -41.29 -13.89
N LYS F 4510 96.58 -40.49 -13.17
CA LYS F 4510 97.13 -39.23 -12.69
C LYS F 4510 98.22 -39.47 -11.66
N LEU F 4511 98.02 -40.44 -10.77
CA LEU F 4511 99.07 -40.76 -9.81
C LEU F 4511 100.32 -41.27 -10.52
N PHE F 4512 100.15 -42.05 -11.59
CA PHE F 4512 101.29 -42.46 -12.41
C PHE F 4512 101.97 -41.24 -13.05
N SER F 4513 101.19 -40.25 -13.47
CA SER F 4513 101.77 -39.05 -14.06
C SER F 4513 102.62 -38.29 -13.06
N TYR F 4514 102.15 -38.16 -11.82
CA TYR F 4514 103.02 -37.57 -10.78
C TYR F 4514 104.24 -38.44 -10.51
N CYS F 4515 104.07 -39.77 -10.46
CA CYS F 4515 105.14 -40.64 -9.99
C CYS F 4515 106.22 -40.91 -11.04
N VAL F 4516 105.91 -40.80 -12.33
CA VAL F 4516 106.92 -41.04 -13.36
C VAL F 4516 107.99 -39.96 -13.39
N LYS F 4517 107.81 -38.87 -12.64
CA LYS F 4517 108.81 -37.83 -12.49
C LYS F 4517 109.72 -38.08 -11.30
N VAL F 4518 109.97 -39.35 -10.96
CA VAL F 4518 110.80 -39.75 -9.84
C VAL F 4518 111.94 -40.60 -10.37
N LYS F 4519 113.16 -40.28 -9.93
CA LYS F 4519 114.34 -41.01 -10.43
C LYS F 4519 114.27 -42.48 -10.09
N VAL F 4520 114.01 -42.80 -8.81
CA VAL F 4520 113.98 -44.21 -8.40
C VAL F 4520 112.81 -44.93 -9.05
N ASN F 4521 111.68 -44.24 -9.25
CA ASN F 4521 110.51 -44.89 -9.82
C ASN F 4521 110.78 -45.31 -11.26
N ARG F 4522 111.30 -44.38 -12.09
CA ARG F 4522 111.62 -44.74 -13.46
C ARG F 4522 112.76 -45.76 -13.53
N GLN F 4523 113.72 -45.68 -12.60
CA GLN F 4523 114.76 -46.69 -12.53
C GLN F 4523 114.17 -48.07 -12.28
N GLN F 4524 113.16 -48.15 -11.40
CA GLN F 4524 112.49 -49.42 -11.16
C GLN F 4524 111.72 -49.87 -12.39
N LEU F 4525 111.00 -48.95 -13.05
CA LEU F 4525 110.25 -49.32 -14.26
C LEU F 4525 111.15 -49.81 -15.37
N VAL F 4526 112.43 -49.45 -15.34
CA VAL F 4526 113.38 -50.00 -16.31
C VAL F 4526 113.41 -51.52 -16.20
N LYS F 4527 113.33 -52.05 -14.98
CA LYS F 4527 113.42 -53.49 -14.76
C LYS F 4527 112.25 -54.21 -15.42
N LEU F 4528 112.47 -55.49 -15.74
CA LEU F 4528 111.48 -56.33 -16.40
C LEU F 4528 110.62 -57.13 -15.43
N GLU F 4529 110.95 -57.13 -14.13
CA GLU F 4529 110.28 -58.01 -13.19
C GLU F 4529 108.79 -57.69 -13.09
N MET F 4530 108.42 -56.42 -13.05
CA MET F 4530 107.04 -56.00 -12.91
C MET F 4530 106.34 -55.76 -14.25
N ASN F 4531 107.04 -56.01 -15.36
CA ASN F 4531 106.47 -56.05 -16.72
C ASN F 4531 105.38 -55.01 -16.94
N THR F 4532 105.72 -53.74 -16.68
CA THR F 4532 104.76 -52.66 -16.80
C THR F 4532 104.29 -52.48 -18.24
N LEU F 4533 105.19 -52.71 -19.20
CA LEU F 4533 104.90 -52.37 -20.60
C LEU F 4533 103.68 -53.12 -21.11
N ASN F 4534 103.63 -54.44 -20.89
CA ASN F 4534 102.49 -55.22 -21.36
C ASN F 4534 101.20 -54.76 -20.69
N VAL F 4535 101.25 -54.50 -19.39
CA VAL F 4535 100.04 -54.15 -18.64
C VAL F 4535 99.46 -52.84 -19.16
N MET F 4536 100.28 -51.79 -19.24
CA MET F 4536 99.69 -50.54 -19.69
C MET F 4536 99.48 -50.50 -21.19
N LEU F 4537 100.15 -51.35 -21.98
CA LEU F 4537 99.78 -51.49 -23.38
C LEU F 4537 98.38 -52.09 -23.50
N GLY F 4538 98.07 -53.08 -22.67
CA GLY F 4538 96.71 -53.61 -22.65
C GLY F 4538 95.69 -52.57 -22.22
N THR F 4539 96.04 -51.77 -21.20
CA THR F 4539 95.12 -50.69 -20.79
C THR F 4539 94.91 -49.69 -21.91
N LEU F 4540 95.99 -49.34 -22.63
CA LEU F 4540 95.86 -48.42 -23.77
C LEU F 4540 94.98 -49.01 -24.86
N ASN F 4541 95.13 -50.30 -25.13
CA ASN F 4541 94.27 -50.95 -26.13
C ASN F 4541 92.81 -50.92 -25.70
N LEU F 4542 92.55 -51.18 -24.42
CA LEU F 4542 91.18 -51.12 -23.92
C LEU F 4542 90.62 -49.71 -24.06
N ALA F 4543 91.42 -48.69 -23.73
CA ALA F 4543 90.98 -47.31 -23.89
C ALA F 4543 90.68 -46.98 -25.36
N LEU F 4544 91.54 -47.46 -26.26
CA LEU F 4544 91.34 -47.19 -27.68
C LEU F 4544 90.07 -47.85 -28.21
N VAL F 4545 89.82 -49.11 -27.83
CA VAL F 4545 88.62 -49.77 -28.32
C VAL F 4545 87.37 -49.14 -27.71
N ALA F 4546 87.45 -48.70 -26.45
CA ALA F 4546 86.33 -47.97 -25.85
C ALA F 4546 86.07 -46.66 -26.57
N GLU F 4547 87.14 -45.95 -26.95
CA GLU F 4547 86.99 -44.70 -27.69
C GLU F 4547 86.33 -44.97 -29.04
N GLN F 4548 86.77 -46.03 -29.73
CA GLN F 4548 86.16 -46.38 -31.01
C GLN F 4548 84.68 -46.74 -30.84
N GLU F 4549 84.35 -47.45 -29.77
CA GLU F 4549 82.95 -47.83 -29.55
C GLU F 4549 82.07 -46.60 -29.33
N SER F 4550 82.53 -45.64 -28.54
CA SER F 4550 81.74 -44.45 -28.22
C SER F 4550 82.66 -43.24 -28.20
N LYS F 4551 82.28 -42.21 -28.96
CA LYS F 4551 83.07 -40.98 -29.02
C LYS F 4551 82.82 -40.11 -27.80
N ASP F 4552 83.80 -39.27 -27.49
CA ASP F 4552 83.73 -38.32 -26.37
C ASP F 4552 83.44 -39.02 -25.05
N SER F 4553 84.07 -40.18 -24.85
CA SER F 4553 83.99 -40.91 -23.60
C SER F 4553 85.22 -40.71 -22.72
N GLY F 4554 86.06 -39.74 -23.06
CA GLY F 4554 87.31 -39.52 -22.34
C GLY F 4554 88.46 -40.36 -22.81
N GLY F 4555 88.29 -41.14 -23.88
CA GLY F 4555 89.34 -42.03 -24.34
C GLY F 4555 90.57 -41.31 -24.87
N ALA F 4556 90.36 -40.17 -25.55
CA ALA F 4556 91.49 -39.46 -26.15
C ALA F 4556 92.45 -38.94 -25.07
N ALA F 4557 91.90 -38.35 -24.00
CA ALA F 4557 92.73 -37.83 -22.94
C ALA F 4557 93.56 -38.93 -22.29
N VAL F 4558 92.89 -40.01 -21.87
CA VAL F 4558 93.61 -41.11 -21.23
C VAL F 4558 94.63 -41.68 -22.20
N ALA F 4559 94.31 -41.70 -23.49
CA ALA F 4559 95.25 -42.22 -24.49
C ALA F 4559 96.52 -41.37 -24.55
N GLU F 4560 96.37 -40.04 -24.55
CA GLU F 4560 97.58 -39.21 -24.61
C GLU F 4560 98.38 -39.27 -23.31
N GLN F 4561 97.71 -39.43 -22.16
CA GLN F 4561 98.45 -39.69 -20.93
C GLN F 4561 99.23 -41.00 -20.97
N VAL F 4562 98.62 -42.08 -21.50
CA VAL F 4562 99.40 -43.29 -21.69
C VAL F 4562 100.55 -43.05 -22.65
N LEU F 4563 100.34 -42.23 -23.68
CA LEU F 4563 101.43 -41.93 -24.61
C LEU F 4563 102.58 -41.25 -23.89
N SER F 4564 102.27 -40.33 -22.97
CA SER F 4564 103.32 -39.71 -22.17
C SER F 4564 104.06 -40.74 -21.32
N ILE F 4565 103.33 -41.70 -20.73
CA ILE F 4565 104.02 -42.66 -19.89
C ILE F 4565 104.92 -43.57 -20.73
N MET F 4566 104.47 -43.96 -21.94
CA MET F 4566 105.39 -44.59 -22.89
C MET F 4566 106.64 -43.76 -23.13
N GLU F 4567 106.49 -42.49 -23.50
CA GLU F 4567 107.68 -41.75 -23.90
C GLU F 4567 108.66 -41.61 -22.75
N ILE F 4568 108.15 -41.34 -21.55
CA ILE F 4568 109.06 -41.17 -20.41
C ILE F 4568 109.70 -42.50 -20.02
N ILE F 4569 108.93 -43.59 -20.01
CA ILE F 4569 109.47 -44.88 -19.61
C ILE F 4569 110.54 -45.34 -20.60
N LEU F 4570 110.26 -45.22 -21.90
CA LEU F 4570 111.23 -45.67 -22.89
C LEU F 4570 112.46 -44.77 -22.91
N ASP F 4571 112.29 -43.46 -22.67
CA ASP F 4571 113.45 -42.58 -22.59
C ASP F 4571 114.34 -42.98 -21.43
N GLU F 4572 113.75 -43.25 -20.26
CA GLU F 4572 114.55 -43.68 -19.12
C GLU F 4572 115.21 -45.04 -19.38
N SER F 4573 114.49 -45.96 -20.03
CA SER F 4573 115.07 -47.26 -20.33
C SER F 4573 116.26 -47.13 -21.29
N ASN F 4574 116.14 -46.25 -22.28
CA ASN F 4574 117.24 -46.03 -23.21
C ASN F 4574 118.36 -45.21 -22.59
N ALA F 4575 118.09 -44.51 -21.49
CA ALA F 4575 119.15 -43.74 -20.84
C ALA F 4575 120.26 -44.64 -20.32
N GLU F 4576 119.91 -45.78 -19.76
CA GLU F 4576 120.90 -46.72 -19.23
C GLU F 4576 121.75 -47.31 -20.35
N ASN F 4584 114.43 -56.84 -23.94
CA ASN F 4584 113.45 -55.90 -24.46
C ASN F 4584 112.68 -56.48 -25.63
N LEU F 4585 113.18 -57.61 -26.16
CA LEU F 4585 112.50 -58.27 -27.28
C LEU F 4585 111.12 -58.76 -26.89
N LEU F 4586 111.01 -59.37 -25.71
CA LEU F 4586 109.72 -59.82 -25.19
C LEU F 4586 109.10 -58.84 -24.21
N LEU F 4587 109.75 -57.70 -23.96
CA LEU F 4587 109.17 -56.69 -23.07
C LEU F 4587 107.87 -56.15 -23.65
N THR F 4588 107.84 -55.88 -24.95
CA THR F 4588 106.65 -55.40 -25.61
C THR F 4588 105.84 -56.51 -26.28
N GLY F 4589 106.45 -57.65 -26.53
CA GLY F 4589 105.77 -58.78 -27.13
C GLY F 4589 106.06 -58.92 -28.61
N ASP F 4590 105.28 -59.79 -29.24
CA ASP F 4590 105.40 -60.06 -30.66
C ASP F 4590 104.65 -59.00 -31.45
N LYS F 4591 104.44 -59.24 -32.74
CA LYS F 4591 103.71 -58.32 -33.60
C LYS F 4591 102.20 -58.57 -33.61
N ASP F 4592 101.71 -59.41 -32.71
CA ASP F 4592 100.27 -59.67 -32.66
C ASP F 4592 99.50 -58.41 -32.31
N GLN F 4593 99.97 -57.67 -31.30
CA GLN F 4593 99.31 -56.41 -30.95
C GLN F 4593 99.62 -55.33 -31.98
N LEU F 4594 100.71 -55.48 -32.73
CA LEU F 4594 101.03 -54.55 -33.81
C LEU F 4594 99.89 -54.46 -34.82
N VAL F 4595 99.14 -55.55 -35.02
CA VAL F 4595 98.07 -55.55 -36.01
C VAL F 4595 97.01 -54.52 -35.66
N MET F 4596 96.29 -54.71 -34.55
CA MET F 4596 95.24 -53.75 -34.25
C MET F 4596 95.83 -52.41 -33.81
N LEU F 4597 97.11 -52.34 -33.47
CA LEU F 4597 97.73 -51.01 -33.37
C LEU F 4597 97.74 -50.32 -34.74
N LEU F 4598 98.02 -51.08 -35.81
CA LEU F 4598 97.99 -50.52 -37.14
C LEU F 4598 96.58 -50.09 -37.53
N ASP F 4599 95.56 -50.90 -37.17
CA ASP F 4599 94.19 -50.44 -37.43
C ASP F 4599 93.83 -49.20 -36.60
N GLN F 4600 94.33 -49.08 -35.37
CA GLN F 4600 94.13 -47.83 -34.63
C GLN F 4600 94.80 -46.66 -35.34
N ILE F 4601 95.98 -46.90 -35.93
CA ILE F 4601 96.63 -45.87 -36.74
C ILE F 4601 95.74 -45.48 -37.91
N ASN F 4602 95.13 -46.46 -38.57
CA ASN F 4602 94.20 -46.19 -39.66
C ASN F 4602 92.95 -45.46 -39.20
N SER F 4603 92.64 -45.48 -37.91
CA SER F 4603 91.44 -44.81 -37.40
C SER F 4603 91.64 -43.30 -37.38
N LEU F 4613 100.73 -38.58 -32.39
CA LEU F 4613 100.96 -39.39 -33.58
C LEU F 4613 102.39 -39.90 -33.64
N GLN F 4614 103.33 -39.10 -33.13
CA GLN F 4614 104.71 -39.55 -33.10
C GLN F 4614 104.93 -40.58 -32.01
N GLY F 4615 104.15 -40.51 -30.93
CA GLY F 4615 104.34 -41.42 -29.82
C GLY F 4615 104.05 -42.87 -30.18
N LEU F 4616 102.87 -43.12 -30.75
CA LEU F 4616 102.52 -44.50 -31.09
C LEU F 4616 103.34 -45.01 -32.28
N LEU F 4617 103.69 -44.14 -33.22
CA LEU F 4617 104.55 -44.56 -34.31
C LEU F 4617 105.96 -44.87 -33.85
N ARG F 4618 106.43 -44.22 -32.77
CA ARG F 4618 107.70 -44.59 -32.17
C ARG F 4618 107.59 -45.86 -31.33
N ILE F 4619 106.42 -46.12 -30.75
CA ILE F 4619 106.18 -47.37 -30.05
C ILE F 4619 106.13 -48.54 -31.04
N ILE F 4620 105.69 -48.28 -32.28
CA ILE F 4620 105.51 -49.35 -33.25
C ILE F 4620 106.75 -50.23 -33.42
N PRO F 4621 107.97 -49.68 -33.58
CA PRO F 4621 109.14 -50.57 -33.69
C PRO F 4621 109.35 -51.46 -32.47
N TYR F 4622 109.06 -50.96 -31.27
CA TYR F 4622 109.20 -51.79 -30.08
C TYR F 4622 108.22 -52.96 -30.10
N LEU F 4623 107.00 -52.73 -30.58
CA LEU F 4623 106.03 -53.81 -30.74
C LEU F 4623 106.26 -54.62 -32.01
N SER F 4624 107.23 -54.23 -32.83
CA SER F 4624 107.56 -54.94 -34.07
C SER F 4624 108.64 -56.00 -33.87
N PHE F 4625 108.71 -56.60 -32.68
CA PHE F 4625 109.63 -57.72 -32.43
C PHE F 4625 108.85 -59.04 -32.53
N GLY F 4626 108.44 -59.36 -33.76
CA GLY F 4626 107.60 -60.52 -33.98
C GLY F 4626 107.84 -61.27 -35.28
N GLU F 4627 106.76 -61.60 -35.98
CA GLU F 4627 106.80 -62.46 -37.15
C GLU F 4627 106.66 -61.64 -38.43
N VAL F 4628 107.34 -62.11 -39.49
CA VAL F 4628 107.37 -61.37 -40.75
C VAL F 4628 105.99 -61.22 -41.36
N GLU F 4629 105.10 -62.20 -41.16
CA GLU F 4629 103.76 -62.15 -41.73
C GLU F 4629 102.90 -61.04 -41.14
N LYS F 4630 103.40 -60.28 -40.17
CA LYS F 4630 102.68 -59.15 -39.63
C LYS F 4630 103.29 -57.80 -39.97
N MET F 4631 104.62 -57.72 -40.10
CA MET F 4631 105.22 -56.53 -40.69
C MET F 4631 104.88 -56.43 -42.16
N GLN F 4632 104.67 -57.57 -42.82
CA GLN F 4632 104.31 -57.55 -44.23
C GLN F 4632 102.93 -56.91 -44.44
N ILE F 4633 102.05 -57.00 -43.44
CA ILE F 4633 100.76 -56.31 -43.55
C ILE F 4633 100.98 -54.80 -43.61
N LEU F 4634 101.82 -54.28 -42.71
CA LEU F 4634 102.15 -52.86 -42.72
C LEU F 4634 102.80 -52.47 -44.04
N VAL F 4635 103.74 -53.29 -44.52
CA VAL F 4635 104.48 -52.95 -45.73
C VAL F 4635 103.55 -52.94 -46.94
N GLU F 4636 102.70 -53.95 -47.08
CA GLU F 4636 101.82 -54.07 -48.23
C GLU F 4636 100.62 -53.14 -48.14
N ARG F 4637 100.34 -52.58 -46.96
CA ARG F 4637 99.35 -51.52 -46.89
C ARG F 4637 99.95 -50.16 -47.23
N PHE F 4638 101.20 -49.94 -46.80
CA PHE F 4638 101.85 -48.64 -47.00
C PHE F 4638 102.56 -48.50 -48.33
N LYS F 4639 102.69 -49.58 -49.09
CA LYS F 4639 103.32 -49.51 -50.40
C LYS F 4639 102.41 -48.94 -51.49
N PRO F 4640 101.19 -49.47 -51.70
CA PRO F 4640 100.44 -49.08 -52.91
C PRO F 4640 100.11 -47.60 -53.01
N TYR F 4641 99.88 -46.93 -51.88
CA TYR F 4641 99.48 -45.53 -51.90
C TYR F 4641 100.66 -44.58 -52.03
N CYS F 4642 101.88 -45.09 -52.17
CA CYS F 4642 103.04 -44.27 -52.47
C CYS F 4642 103.21 -44.01 -53.96
N ASN F 4643 102.13 -44.13 -54.74
CA ASN F 4643 102.19 -43.87 -56.17
C ASN F 4643 102.28 -42.37 -56.40
N PHE F 4644 103.51 -41.85 -56.41
CA PHE F 4644 103.72 -40.41 -56.49
C PHE F 4644 103.24 -39.83 -57.81
N ASP F 4645 103.31 -40.61 -58.89
CA ASP F 4645 102.71 -40.17 -60.15
C ASP F 4645 101.21 -40.00 -60.01
N LYS F 4646 100.53 -41.01 -59.45
CA LYS F 4646 99.11 -40.90 -59.20
C LYS F 4646 98.81 -39.84 -58.15
N TYR F 4647 99.68 -39.72 -57.14
CA TYR F 4647 99.49 -38.70 -56.12
C TYR F 4647 99.49 -37.30 -56.73
N ASP F 4648 100.43 -37.02 -57.62
CA ASP F 4648 100.43 -35.74 -58.33
C ASP F 4648 99.23 -35.64 -59.25
N GLU F 4649 98.84 -36.74 -59.90
CA GLU F 4649 97.68 -36.71 -60.77
C GLU F 4649 96.40 -36.48 -59.99
N ASP F 4650 96.18 -37.25 -58.92
CA ASP F 4650 94.97 -37.10 -58.10
C ASP F 4650 95.20 -37.79 -56.77
N HIS F 4651 95.04 -37.05 -55.68
CA HIS F 4651 95.14 -37.61 -54.34
C HIS F 4651 94.15 -36.92 -53.43
N SER F 4652 93.74 -37.63 -52.37
CA SER F 4652 92.76 -37.13 -51.44
C SER F 4652 93.40 -36.85 -50.09
N GLY F 4653 92.58 -36.37 -49.14
CA GLY F 4653 93.08 -36.11 -47.80
C GLY F 4653 93.53 -37.38 -47.10
N ASP F 4654 92.80 -38.48 -47.30
CA ASP F 4654 93.22 -39.75 -46.73
C ASP F 4654 94.58 -40.16 -47.27
N ASP F 4655 94.82 -39.97 -48.57
CA ASP F 4655 96.10 -40.33 -49.15
C ASP F 4655 97.25 -39.51 -48.57
N LYS F 4656 97.03 -38.20 -48.40
CA LYS F 4656 98.10 -37.36 -47.88
C LYS F 4656 98.38 -37.66 -46.41
N VAL F 4657 97.32 -37.87 -45.61
CA VAL F 4657 97.52 -38.26 -44.21
C VAL F 4657 98.26 -39.60 -44.14
N PHE F 4658 97.92 -40.53 -45.03
CA PHE F 4658 98.56 -41.83 -45.05
C PHE F 4658 100.04 -41.70 -45.43
N LEU F 4659 100.34 -40.82 -46.38
CA LEU F 4659 101.74 -40.56 -46.74
C LEU F 4659 102.52 -39.96 -45.58
N ASP F 4660 101.93 -39.00 -44.86
CA ASP F 4660 102.61 -38.45 -43.69
C ASP F 4660 102.83 -39.51 -42.63
N CYS F 4661 101.85 -40.40 -42.44
CA CYS F 4661 102.01 -41.50 -41.49
C CYS F 4661 103.18 -42.40 -41.90
N PHE F 4662 103.27 -42.70 -43.21
CA PHE F 4662 104.39 -43.51 -43.69
C PHE F 4662 105.73 -42.82 -43.45
N CYS F 4663 105.79 -41.50 -43.71
CA CYS F 4663 107.03 -40.76 -43.50
C CYS F 4663 107.42 -40.76 -42.03
N LYS F 4664 106.46 -40.57 -41.13
CA LYS F 4664 106.76 -40.57 -39.71
C LYS F 4664 107.15 -41.95 -39.22
N ILE F 4665 106.56 -43.01 -39.77
CA ILE F 4665 106.98 -44.37 -39.43
C ILE F 4665 108.41 -44.60 -39.87
N ALA F 4666 108.76 -44.18 -41.08
CA ALA F 4666 110.13 -44.32 -41.56
C ALA F 4666 111.10 -43.55 -40.66
N ALA F 4667 110.70 -42.34 -40.25
CA ALA F 4667 111.55 -41.54 -39.36
C ALA F 4667 111.72 -42.22 -38.00
N GLY F 4668 110.66 -42.83 -37.48
CA GLY F 4668 110.67 -43.40 -36.15
C GLY F 4668 111.25 -44.79 -36.02
N ILE F 4669 111.76 -45.38 -37.09
CA ILE F 4669 112.35 -46.70 -37.01
C ILE F 4669 113.63 -46.64 -36.19
N LYS F 4670 113.70 -47.46 -35.14
CA LYS F 4670 114.85 -47.47 -34.26
C LYS F 4670 116.00 -48.25 -34.89
N ASN F 4671 117.21 -48.03 -34.36
CA ASN F 4671 118.41 -48.71 -34.83
C ASN F 4671 118.60 -49.97 -33.99
N ASN F 4672 118.06 -51.08 -34.48
CA ASN F 4672 118.17 -52.37 -33.80
C ASN F 4672 118.13 -53.47 -34.84
N SER F 4673 118.31 -54.71 -34.40
CA SER F 4673 118.35 -55.84 -35.32
C SER F 4673 117.03 -56.00 -36.05
N ASN F 4674 115.92 -56.02 -35.31
CA ASN F 4674 114.61 -56.14 -35.95
C ASN F 4674 114.25 -54.89 -36.74
N GLY F 4675 114.65 -53.71 -36.24
CA GLY F 4675 114.47 -52.50 -37.02
C GLY F 4675 115.25 -52.50 -38.31
N HIS F 4676 116.50 -52.99 -38.26
CA HIS F 4676 117.29 -53.12 -39.48
C HIS F 4676 116.66 -54.12 -40.44
N GLN F 4677 116.11 -55.22 -39.90
CA GLN F 4677 115.42 -56.18 -40.75
C GLN F 4677 114.20 -55.55 -41.42
N LEU F 4678 113.43 -54.76 -40.66
CA LEU F 4678 112.28 -54.07 -41.24
C LEU F 4678 112.70 -53.10 -42.32
N LYS F 4679 113.78 -52.34 -42.08
CA LYS F 4679 114.26 -51.40 -43.10
C LYS F 4679 114.71 -52.14 -44.35
N ASP F 4680 115.41 -53.26 -44.18
CA ASP F 4680 115.87 -54.04 -45.33
C ASP F 4680 114.69 -54.62 -46.11
N LEU F 4681 113.67 -55.10 -45.40
CA LEU F 4681 112.48 -55.63 -46.07
C LEU F 4681 111.75 -54.52 -46.84
N ILE F 4682 111.65 -53.34 -46.24
CA ILE F 4682 111.02 -52.22 -46.93
C ILE F 4682 111.81 -51.84 -48.18
N LEU F 4683 113.15 -51.81 -48.06
CA LEU F 4683 113.99 -51.49 -49.21
C LEU F 4683 113.85 -52.52 -50.31
N GLN F 4684 113.74 -53.81 -49.95
CA GLN F 4684 113.60 -54.87 -50.95
C GLN F 4684 112.31 -54.71 -51.74
N LYS F 4685 111.29 -54.06 -51.16
CA LYS F 4685 110.07 -53.79 -51.88
C LYS F 4685 110.24 -52.74 -52.97
N GLY F 4686 111.36 -52.03 -53.00
CA GLY F 4686 111.63 -51.06 -54.04
C GLY F 4686 110.92 -49.74 -53.91
N ILE F 4687 110.30 -49.45 -52.77
CA ILE F 4687 109.66 -48.16 -52.59
C ILE F 4687 110.69 -47.05 -52.57
N THR F 4688 111.88 -47.32 -52.00
CA THR F 4688 112.99 -46.39 -52.14
C THR F 4688 113.45 -46.31 -53.59
N GLN F 4689 113.49 -47.44 -54.28
CA GLN F 4689 113.78 -47.43 -55.71
C GLN F 4689 112.71 -46.67 -56.48
N ASN F 4690 111.44 -46.80 -56.07
CA ASN F 4690 110.37 -46.04 -56.69
C ASN F 4690 110.58 -44.55 -56.51
N ALA F 4691 110.96 -44.13 -55.30
CA ALA F 4691 111.23 -42.72 -55.06
C ALA F 4691 112.41 -42.23 -55.90
N LEU F 4692 113.49 -43.02 -55.97
CA LEU F 4692 114.63 -42.63 -56.77
C LEU F 4692 114.25 -42.49 -58.25
N ASP F 4693 113.44 -43.41 -58.75
CA ASP F 4693 112.96 -43.32 -60.13
C ASP F 4693 112.11 -42.07 -60.33
N TYR F 4694 111.29 -41.72 -59.34
CA TYR F 4694 110.45 -40.53 -59.46
C TYR F 4694 111.29 -39.26 -59.52
N MET F 4695 112.29 -39.13 -58.65
CA MET F 4695 113.21 -37.99 -58.74
C MET F 4695 113.94 -37.97 -60.08
N LYS F 4696 114.45 -39.12 -60.54
CA LYS F 4696 115.18 -39.12 -61.81
C LYS F 4696 114.28 -38.73 -62.97
N LYS F 4697 113.02 -39.18 -62.96
CA LYS F 4697 112.11 -38.89 -64.06
C LYS F 4697 111.61 -37.46 -64.04
N HIS F 4698 111.28 -36.92 -62.87
CA HIS F 4698 110.50 -35.69 -62.80
C HIS F 4698 111.31 -34.45 -62.45
N ILE F 4699 112.57 -34.58 -62.06
CA ILE F 4699 113.32 -33.37 -61.68
C ILE F 4699 113.66 -32.57 -62.93
N PRO F 4700 113.56 -31.24 -62.90
CA PRO F 4700 113.95 -30.44 -64.06
C PRO F 4700 115.45 -30.52 -64.30
N SER F 4701 115.82 -30.43 -65.57
CA SER F 4701 117.22 -30.43 -65.98
C SER F 4701 117.78 -29.04 -66.21
N ALA F 4702 116.98 -27.99 -65.95
CA ALA F 4702 117.45 -26.63 -66.17
C ALA F 4702 118.52 -26.26 -65.15
N LYS F 4703 119.60 -25.63 -65.64
CA LYS F 4703 120.68 -25.22 -64.75
C LYS F 4703 120.21 -24.15 -63.76
N ASN F 4704 119.44 -23.17 -64.23
CA ASN F 4704 118.94 -22.13 -63.36
C ASN F 4704 117.80 -22.66 -62.50
N LEU F 4705 117.91 -22.47 -61.19
CA LEU F 4705 116.90 -22.98 -60.25
C LEU F 4705 115.71 -22.05 -60.11
N ASP F 4706 115.74 -20.86 -60.70
CA ASP F 4706 114.64 -19.91 -60.62
C ASP F 4706 113.67 -20.03 -61.78
N ALA F 4707 113.86 -21.01 -62.66
CA ALA F 4707 112.98 -21.18 -63.80
C ALA F 4707 111.60 -21.64 -63.36
N ASP F 4708 110.60 -21.37 -64.21
CA ASP F 4708 109.23 -21.75 -63.90
C ASP F 4708 109.07 -23.27 -63.83
N ILE F 4709 109.91 -24.02 -64.55
CA ILE F 4709 109.86 -25.47 -64.48
C ILE F 4709 110.20 -25.96 -63.07
N TRP F 4710 111.22 -25.36 -62.46
CA TRP F 4710 111.59 -25.73 -61.10
C TRP F 4710 110.47 -25.40 -60.11
N LYS F 4711 109.83 -24.23 -60.27
CA LYS F 4711 108.73 -23.87 -59.39
C LYS F 4711 107.55 -24.83 -59.56
N LYS F 4712 107.25 -25.22 -60.79
CA LYS F 4712 106.18 -26.18 -61.03
C LYS F 4712 106.52 -27.53 -60.40
N PHE F 4713 107.79 -27.96 -60.50
CA PHE F 4713 108.21 -29.20 -59.87
C PHE F 4713 108.06 -29.12 -58.35
N LEU F 4714 108.44 -27.99 -57.76
CA LEU F 4714 108.28 -27.81 -56.32
C LEU F 4714 106.81 -27.77 -55.92
N SER F 4715 105.93 -27.30 -56.81
CA SER F 4715 104.51 -27.23 -56.52
C SER F 4715 103.85 -28.59 -56.40
N ARG F 4716 104.52 -29.65 -56.84
CA ARG F 4716 103.96 -30.99 -56.70
C ARG F 4716 103.94 -31.39 -55.23
N PRO F 4717 102.80 -31.79 -54.69
CA PRO F 4717 102.72 -32.06 -53.25
C PRO F 4717 103.51 -33.28 -52.80
N ALA F 4718 103.91 -34.16 -53.72
CA ALA F 4718 104.56 -35.41 -53.33
C ALA F 4718 106.00 -35.22 -52.88
N LEU F 4719 106.71 -34.25 -53.46
CA LEU F 4719 108.15 -34.13 -53.24
C LEU F 4719 108.54 -33.96 -51.78
N PRO F 4720 107.91 -33.08 -50.98
CA PRO F 4720 108.31 -33.00 -49.56
C PRO F 4720 108.12 -34.30 -48.80
N PHE F 4721 107.03 -35.02 -49.09
CA PHE F 4721 106.79 -36.30 -48.42
C PHE F 4721 107.83 -37.34 -48.86
N ILE F 4722 108.20 -37.33 -50.14
CA ILE F 4722 109.23 -38.24 -50.60
C ILE F 4722 110.56 -37.94 -49.91
N LEU F 4723 110.91 -36.66 -49.78
CA LEU F 4723 112.12 -36.29 -49.07
C LEU F 4723 112.06 -36.74 -47.61
N ARG F 4724 110.91 -36.58 -46.97
CA ARG F 4724 110.75 -37.00 -45.58
C ARG F 4724 110.96 -38.50 -45.44
N LEU F 4725 110.34 -39.29 -46.32
CA LEU F 4725 110.47 -40.74 -46.21
C LEU F 4725 111.88 -41.20 -46.55
N LEU F 4726 112.54 -40.56 -47.52
CA LEU F 4726 113.92 -40.89 -47.83
C LEU F 4726 114.83 -40.59 -46.64
N ARG F 4727 114.61 -39.45 -45.97
CA ARG F 4727 115.39 -39.13 -44.78
C ARG F 4727 115.13 -40.14 -43.67
N GLY F 4728 113.88 -40.54 -43.49
CA GLY F 4728 113.55 -41.52 -42.46
C GLY F 4728 114.17 -42.87 -42.72
N LEU F 4729 114.22 -43.29 -43.99
CA LEU F 4729 114.85 -44.56 -44.33
C LEU F 4729 116.36 -44.47 -44.41
N ALA F 4730 116.92 -43.26 -44.49
CA ALA F 4730 118.35 -43.08 -44.68
C ALA F 4730 119.11 -42.82 -43.40
N ILE F 4731 118.47 -42.86 -42.25
CA ILE F 4731 119.14 -42.66 -40.97
C ILE F 4731 119.53 -44.02 -40.40
N GLN F 4732 120.82 -44.19 -40.10
CA GLN F 4732 121.34 -45.43 -39.52
C GLN F 4732 121.02 -46.63 -40.40
N HIS F 4733 121.12 -46.46 -41.71
CA HIS F 4733 120.91 -47.54 -42.67
C HIS F 4733 121.87 -47.37 -43.84
N PRO F 4734 123.00 -48.08 -43.84
CA PRO F 4734 123.99 -47.90 -44.92
C PRO F 4734 123.45 -48.23 -46.30
N GLY F 4735 122.58 -49.24 -46.41
CA GLY F 4735 122.09 -49.64 -47.72
C GLY F 4735 121.26 -48.55 -48.39
N THR F 4736 120.33 -47.95 -47.62
CA THR F 4736 119.52 -46.87 -48.17
C THR F 4736 120.38 -45.67 -48.54
N GLN F 4737 121.37 -45.34 -47.69
CA GLN F 4737 122.26 -44.23 -47.98
C GLN F 4737 123.02 -44.47 -49.28
N VAL F 4738 123.56 -45.68 -49.45
CA VAL F 4738 124.30 -46.00 -50.68
C VAL F 4738 123.37 -45.92 -51.89
N LEU F 4739 122.16 -46.47 -51.77
CA LEU F 4739 121.23 -46.47 -52.90
C LEU F 4739 120.85 -45.05 -53.30
N ILE F 4740 120.59 -44.18 -52.32
CA ILE F 4740 120.21 -42.81 -52.64
C ILE F 4740 121.39 -42.03 -53.21
N GLY F 4741 122.58 -42.22 -52.64
CA GLY F 4741 123.75 -41.48 -53.10
C GLY F 4741 124.41 -42.02 -54.35
N THR F 4742 123.97 -43.17 -54.85
CA THR F 4742 124.56 -43.72 -56.06
C THR F 4742 124.37 -42.78 -57.25
N ASP F 4743 123.15 -42.27 -57.44
CA ASP F 4743 122.86 -41.47 -58.62
C ASP F 4743 122.05 -40.21 -58.36
N SER F 4744 121.44 -40.05 -57.20
CA SER F 4744 120.59 -38.90 -56.92
C SER F 4744 121.35 -37.75 -56.25
N ILE F 4745 122.67 -37.86 -56.13
CA ILE F 4745 123.45 -36.80 -55.48
C ILE F 4745 123.33 -35.47 -56.20
N PRO F 4746 123.52 -35.38 -57.52
CA PRO F 4746 123.36 -34.06 -58.17
C PRO F 4746 121.95 -33.50 -58.05
N ASN F 4747 120.93 -34.34 -58.19
CA ASN F 4747 119.55 -33.87 -58.07
C ASN F 4747 119.25 -33.37 -56.67
N LEU F 4748 119.71 -34.11 -55.65
CA LEU F 4748 119.49 -33.67 -54.27
C LEU F 4748 120.24 -32.39 -53.96
N HIS F 4749 121.47 -32.26 -54.48
CA HIS F 4749 122.23 -31.02 -54.28
C HIS F 4749 121.53 -29.84 -54.94
N LYS F 4750 120.99 -30.05 -56.15
CA LYS F 4750 120.25 -28.99 -56.82
C LYS F 4750 119.00 -28.61 -56.03
N LEU F 4751 118.28 -29.60 -55.50
CA LEU F 4751 117.08 -29.30 -54.72
C LEU F 4751 117.44 -28.62 -53.41
N GLU F 4752 118.64 -28.86 -52.87
CA GLU F 4752 119.05 -28.22 -51.62
C GLU F 4752 119.14 -26.71 -51.79
N GLN F 4753 119.67 -26.25 -52.91
CA GLN F 4753 119.90 -24.83 -53.12
C GLN F 4753 118.62 -24.02 -53.32
N VAL F 4754 117.48 -24.68 -53.47
CA VAL F 4754 116.21 -24.01 -53.75
C VAL F 4754 115.41 -23.91 -52.47
N SER F 4755 114.87 -22.72 -52.20
CA SER F 4755 114.02 -22.47 -51.04
C SER F 4755 112.57 -22.41 -51.48
N SER F 4756 111.69 -23.10 -50.74
CA SER F 4756 110.29 -23.18 -51.08
C SER F 4756 109.45 -22.92 -49.82
N ASP F 4757 108.19 -22.54 -50.06
CA ASP F 4757 107.27 -22.27 -48.95
C ASP F 4757 106.94 -23.53 -48.16
N GLU F 4758 107.09 -24.71 -48.76
CA GLU F 4758 106.82 -25.97 -48.08
C GLU F 4758 108.05 -26.54 -47.39
N GLY F 4759 109.15 -25.80 -47.36
CA GLY F 4759 110.37 -26.30 -46.77
C GLY F 4759 111.00 -27.46 -47.52
N ILE F 4760 110.90 -27.46 -48.85
CA ILE F 4760 111.51 -28.52 -49.64
C ILE F 4760 113.03 -28.45 -49.56
N GLY F 4761 113.59 -27.25 -49.56
CA GLY F 4761 115.03 -27.11 -49.42
C GLY F 4761 115.54 -27.58 -48.08
N THR F 4762 114.80 -27.26 -47.00
CA THR F 4762 115.18 -27.74 -45.67
C THR F 4762 115.11 -29.26 -45.61
N LEU F 4763 114.09 -29.86 -46.21
CA LEU F 4763 114.00 -31.31 -46.24
C LEU F 4763 115.13 -31.93 -47.04
N ALA F 4764 115.51 -31.29 -48.15
CA ALA F 4764 116.65 -31.78 -48.93
C ALA F 4764 117.94 -31.70 -48.12
N GLU F 4765 118.13 -30.61 -47.37
CA GLU F 4765 119.30 -30.49 -46.50
C GLU F 4765 119.30 -31.57 -45.42
N ASN F 4766 118.13 -31.84 -44.84
CA ASN F 4766 118.04 -32.90 -43.83
C ASN F 4766 118.35 -34.26 -44.42
N LEU F 4767 117.86 -34.53 -45.64
CA LEU F 4767 118.16 -35.78 -46.31
C LEU F 4767 119.66 -35.90 -46.60
N LEU F 4768 120.28 -34.80 -47.02
CA LEU F 4768 121.73 -34.80 -47.23
C LEU F 4768 122.47 -35.12 -45.94
N GLU F 4769 122.05 -34.51 -44.84
CA GLU F 4769 122.68 -34.79 -43.55
C GLU F 4769 122.50 -36.25 -43.16
N ALA F 4770 121.32 -36.80 -43.41
CA ALA F 4770 121.07 -38.20 -43.11
C ALA F 4770 121.98 -39.11 -43.94
N LEU F 4771 122.13 -38.80 -45.23
CA LEU F 4771 123.03 -39.57 -46.09
C LEU F 4771 124.49 -39.38 -45.72
N ARG F 4772 124.83 -38.27 -45.05
CA ARG F 4772 126.21 -38.00 -44.67
C ARG F 4772 126.75 -38.99 -43.64
N GLU F 4773 125.90 -39.81 -43.03
CA GLU F 4773 126.38 -40.81 -42.08
C GLU F 4773 127.34 -41.78 -42.75
N HIS F 4774 127.01 -42.24 -43.96
CA HIS F 4774 127.92 -43.10 -44.70
C HIS F 4774 129.11 -42.28 -45.19
N PRO F 4775 130.35 -42.70 -44.91
CA PRO F 4775 131.51 -41.91 -45.33
C PRO F 4775 131.60 -41.70 -46.83
N ASP F 4776 131.23 -42.70 -47.62
CA ASP F 4776 131.30 -42.56 -49.07
C ASP F 4776 130.31 -41.50 -49.57
N VAL F 4777 129.08 -41.52 -49.06
CA VAL F 4777 128.10 -40.53 -49.49
C VAL F 4777 128.49 -39.15 -48.99
N ASN F 4778 129.06 -39.07 -47.78
CA ASN F 4778 129.53 -37.78 -47.28
C ASN F 4778 130.65 -37.23 -48.16
N LYS F 4779 131.56 -38.09 -48.60
CA LYS F 4779 132.60 -37.65 -49.54
C LYS F 4779 131.98 -37.21 -50.87
N LYS F 4780 130.93 -37.92 -51.32
CA LYS F 4780 130.27 -37.54 -52.56
C LYS F 4780 129.67 -36.15 -52.48
N ILE F 4781 129.04 -35.81 -51.35
CA ILE F 4781 128.45 -34.50 -51.18
C ILE F 4781 129.53 -33.45 -50.99
ZN ZN G . 25.19 58.31 26.59
ZN ZN H . 11.33 60.44 28.57
ZN ZN I . 2.04 49.38 36.23
ZN ZN J . 3.21 48.18 19.83
ZN ZN K . 10.63 -64.70 -18.32
ZN ZN L . 9.22 -68.75 -17.33
ZN ZN M . 0.30 -69.46 -19.28
ZN ZN N . 55.92 -59.02 17.63
ZN ZN O . 18.50 -17.41 -25.42
ZN ZN P . 31.85 -25.39 -17.60
ZN ZN Q . -37.15 -43.73 -37.88
ZN ZN R . -31.78 -35.23 -47.95
ZN ZN S . -16.35 -32.04 -49.13
ZN ZN T . -24.40 -22.41 -40.07
ZN ZN U . 31.93 13.25 58.60
ZN ZN V . 35.99 14.11 60.12
ZN ZN W . 39.00 21.96 56.47
ZN ZN X . 29.85 -44.63 63.49
ZN ZN Y . -9.30 6.27 34.12
ZN ZN Z . -4.53 -7.66 43.43
#